data_6V7B
#
_entry.id   6V7B
#
_cell.length_a   1.00
_cell.length_b   1.00
_cell.length_c   1.00
_cell.angle_alpha   90.00
_cell.angle_beta   90.00
_cell.angle_gamma   90.00
#
_symmetry.space_group_name_H-M   'P 1'
#
loop_
_entity.id
_entity.type
_entity.pdbx_description
1 polymer A-DNA
2 polymer A-DNA
3 polymer 'Structural protein VP1'
4 polymer 'Structural protein VP2'
#
loop_
_entity_poly.entity_id
_entity_poly.type
_entity_poly.pdbx_seq_one_letter_code
_entity_poly.pdbx_strand_id
1 'polydeoxyribonucleotide'
;(DA)(DT)(DA)(DT)(DA)(DT)(DA)(DT)(DA)(DT)(DA)(DT)(DA)(DT)(DA)(DT)(DA)(DT)(DA)(DT)
(DA)(DT)(DA)(DT)(DA)(DT)(DA)(DT)(DA)(DT)(DA)(DT)(DA)(DT)(DA)(DT)(DA)(DT)(DA)(DT)
(DA)(DT)(DA)(DT)(DA)(DT)(DA)(DT)(DA)(DT)(DA)(DT)(DA)(DT)(DA)(DT)(DA)(DT)(DA)(DT)
(DA)(DT)(DA)(DT)(DA)(DT)(DA)(DT)(DA)(DT)(DA)(DT)(DA)(DT)(DA)(DT)(DA)(DT)(DA)(DT)
(DA)(DT)(DA)(DT)(DA)(DT)(DA)(DT)(DA)(DT)(DA)(DT)(DA)(DT)(DA)(DT)(DA)(DT)(DA)(DT)
(DA)(DT)(DA)(DT)(DA)(DT)(DA)(DT)(DA)(DT)(DA)(DT)(DA)(DT)(DA)(DT)(DA)(DT)(DA)(DT)
(DA)(DT)(DA)(DT)(DA)(DT)(DA)(DT)(DA)(DT)(DA)(DT)(DA)(DT)(DA)(DT)(DA)(DT)(DA)(DT)
(DA)(DT)(DA)(DT)(DA)(DT)(DA)(DT)(DA)(DT)(DA)(DT)(DA)(DT)(DA)(DT)(DA)(DT)(DA)(DT)
(DA)(DT)(DA)(DT)(DA)(DT)(DA)(DT)(DA)(DT)(DA)(DT)(DA)(DT)(DA)(DT)(DA)(DT)(DA)(DT)
(DA)(DT)(DA)(DT)(DA)(DT)(DA)(DT)(DA)(DT)(DA)(DT)(DA)(DT)(DA)(DT)(DA)(DT)(DA)(DT)
(DA)(DT)(DA)(DT)(DA)(DT)(DA)(DT)(DA)(DT)(DA)(DT)(DA)(DT)(DA)(DT)(DA)(DT)(DA)(DT)
(DA)(DT)(DA)(DT)(DA)(DT)(DA)(DT)(DA)(DT)(DA)(DT)(DA)(DT)(DA)(DT)(DA)(DT)(DA)(DT)
(DA)(DT)(DA)(DT)(DA)(DT)(DA)(DT)(DA)(DT)(DA)(DT)(DA)(DT)(DA)(DT)(DA)(DT)(DA)(DT)
(DA)(DT)(DA)(DT)(DA)(DT)(DA)(DT)(DA)(DT)(DA)(DT)(DA)(DT)(DA)(DT)(DA)(DT)(DA)(DT)
(DA)(DT)(DA)(DT)(DA)(DT)(DA)(DT)(DA)(DT)(DA)(DT)(DA)(DT)(DA)(DT)(DA)(DT)(DA)(DT)
(DA)(DT)(DA)(DT)(DA)(DT)(DA)(DT)(DA)(DT)(DA)(DT)(DA)(DT)(DA)(DT)(DA)(DT)(DA)(DT)
(DA)(DT)(DA)
;
1
2 'polydeoxyribonucleotide'
;(DT)(DA)(DT)(DA)(DT)(DA)(DT)(DA)(DT)(DA)(DT)(DA)(DT)(DA)(DT)(DA)(DT)(DA)(DT)(DA)
(DT)(DA)(DT)(DA)(DT)(DA)(DT)(DA)(DT)(DA)(DT)(DA)(DT)(DA)(DT)(DA)(DT)(DA)(DT)(DA)
(DT)(DA)(DT)(DA)(DT)(DA)(DT)(DA)(DT)(DA)(DT)(DA)(DT)(DA)(DT)(DA)(DT)(DA)(DT)(DA)
(DT)(DA)(DT)(DA)(DT)(DA)(DT)(DA)(DT)(DA)(DT)(DA)(DT)(DA)(DT)(DA)(DT)(DA)(DT)(DA)
(DT)(DA)(DT)(DA)(DT)(DA)(DT)(DA)(DT)(DA)(DT)(DA)(DT)(DA)(DT)(DA)(DT)(DA)(DT)(DA)
(DT)(DA)(DT)(DA)(DT)(DA)(DT)(DA)(DT)(DA)(DT)(DA)(DT)(DA)(DT)(DA)(DT)(DA)(DT)(DA)
(DT)(DA)(DT)(DA)(DT)(DA)(DT)(DA)(DT)(DA)(DT)(DA)(DT)(DA)(DT)(DA)(DT)(DA)(DT)(DA)
(DT)(DA)(DT)(DA)(DT)(DA)(DT)(DA)(DT)(DA)(DT)(DA)(DT)(DA)(DT)(DA)(DT)(DA)(DT)(DA)
(DT)(DA)(DT)(DA)(DT)(DA)(DT)(DA)(DT)(DA)(DT)(DA)(DT)(DA)(DT)(DA)(DT)(DA)(DT)(DA)
(DT)(DA)(DT)(DA)(DT)(DA)(DT)(DA)(DT)(DA)(DT)(DA)(DT)(DA)(DT)(DA)(DT)(DA)(DT)(DA)
(DT)(DA)(DT)(DA)(DT)(DA)(DT)(DA)(DT)(DA)(DT)(DA)(DT)(DA)(DT)(DA)(DT)(DA)(DT)(DA)
(DT)(DA)(DT)(DA)(DT)(DA)(DT)(DA)(DT)(DA)(DT)(DA)(DT)(DA)(DT)(DA)(DT)(DA)(DT)(DA)
(DT)(DA)(DT)(DA)(DT)(DA)(DT)(DA)(DT)(DA)(DT)(DA)(DT)(DA)(DT)(DA)(DT)(DA)(DT)(DA)
(DT)(DA)(DT)(DA)(DT)(DA)(DT)(DA)(DT)(DA)(DT)(DA)(DT)(DA)(DT)(DA)(DT)(DA)(DT)(DA)
(DT)(DA)(DT)(DA)(DT)(DA)(DT)(DA)(DT)(DA)(DT)(DA)(DT)(DA)(DT)(DA)(DT)(DA)(DT)(DA)
(DT)(DA)(DT)(DA)(DT)(DA)(DT)(DA)(DT)(DA)(DT)(DA)(DT)(DA)(DT)(DA)(DT)(DA)(DT)(DA)
(DT)(DA)(DT)
;
2
3 'polypeptide(L)'
;MSVVTTRARIAETLTEKHTLGIEKVVATDSWRVGITSREKKLERINISAEISRRIQDEAIAYARNKGIPYLPGINGIAWK
LLRLKWLGYTDQINVVMRTVPAEWRDFLTQIMENTQMESMYSELRKVRV
;
A,B,C,D,E,F,G,H,I,J,K,L,M,N,O,P,Q,R,S,T,U,V,W
4 'polypeptide(L)'
;MSVEVYRQKIEKGGYSAAYEATRRYEREEIEVLSWSSRWESAWSKFGEAVKALGKIEGAPRALVIAKVQEALAYMSKPLP
NMKLAMAAAVQAVRACEQLPGMNRERCLDAVAGALGVAKDWIRREMTGGGGGGGGGGGGGGGAVV
;
a,b,c,d,e,f,g,h,i,j,k,l,m,n,o,p,q,r,s,t,u,v,w
#
loop_
_chem_comp.id
_chem_comp.type
_chem_comp.name
_chem_comp.formula
DA DNA linking 2'-DEOXYADENOSINE-5'-MONOPHOSPHATE 'C10 H14 N5 O6 P'
DT DNA linking THYMIDINE-5'-MONOPHOSPHATE 'C10 H15 N2 O8 P'
#
# COMPACT_ATOMS: atom_id res chain seq x y z
N ILE C 10 4.45 -38.47 -59.94
CA ILE C 10 3.34 -39.39 -60.10
C ILE C 10 2.95 -39.46 -61.58
N ALA C 11 2.61 -38.31 -62.16
CA ALA C 11 2.13 -38.27 -63.53
C ALA C 11 2.91 -37.22 -64.31
N GLU C 12 2.99 -37.43 -65.62
CA GLU C 12 3.85 -36.63 -66.48
C GLU C 12 3.23 -36.33 -67.84
N THR C 13 1.96 -36.65 -68.07
CA THR C 13 1.39 -36.59 -69.39
C THR C 13 1.15 -35.15 -69.83
N LEU C 14 0.66 -35.01 -71.08
CA LEU C 14 0.63 -33.70 -71.73
C LEU C 14 -0.42 -32.79 -71.12
N THR C 15 -1.50 -33.36 -70.59
CA THR C 15 -2.48 -32.55 -69.89
C THR C 15 -1.91 -31.99 -68.60
N GLU C 16 -1.00 -32.74 -67.97
CA GLU C 16 -0.34 -32.25 -66.77
C GLU C 16 0.89 -31.44 -67.08
N LYS C 17 1.48 -31.63 -68.25
CA LYS C 17 2.59 -30.76 -68.66
C LYS C 17 2.07 -29.37 -68.96
N HIS C 18 0.87 -29.29 -69.54
CA HIS C 18 0.27 -28.00 -69.84
C HIS C 18 -0.16 -27.29 -68.58
N THR C 19 -0.63 -28.04 -67.58
CA THR C 19 -1.09 -27.45 -66.33
C THR C 19 0.08 -26.89 -65.53
N LEU C 20 1.12 -27.71 -65.33
CA LEU C 20 2.25 -27.29 -64.51
C LEU C 20 3.09 -26.21 -65.18
N GLY C 21 2.90 -26.00 -66.48
CA GLY C 21 3.46 -24.80 -67.10
C GLY C 21 2.70 -23.56 -66.69
N ILE C 22 1.38 -23.67 -66.56
CA ILE C 22 0.56 -22.54 -66.16
C ILE C 22 0.74 -22.24 -64.68
N GLU C 23 0.84 -23.29 -63.86
CA GLU C 23 1.02 -23.11 -62.42
C GLU C 23 2.37 -22.50 -62.11
N LYS C 24 3.37 -22.73 -62.96
CA LYS C 24 4.66 -22.10 -62.78
C LYS C 24 4.60 -20.62 -63.12
N VAL C 25 3.77 -20.24 -64.08
CA VAL C 25 3.70 -18.85 -64.53
C VAL C 25 3.01 -17.99 -63.50
N VAL C 26 1.89 -18.47 -62.96
CA VAL C 26 1.13 -17.68 -61.99
C VAL C 26 1.83 -17.65 -60.64
N ALA C 27 2.81 -18.52 -60.43
CA ALA C 27 3.57 -18.49 -59.19
C ALA C 27 4.65 -17.41 -59.25
N THR C 28 5.40 -17.37 -60.34
CA THR C 28 6.53 -16.48 -60.45
C THR C 28 6.21 -15.15 -61.12
N ASP C 29 4.96 -14.97 -61.58
CA ASP C 29 4.47 -13.77 -62.27
C ASP C 29 5.33 -13.46 -63.49
N SER C 30 5.32 -14.40 -64.45
CA SER C 30 6.12 -14.26 -65.65
C SER C 30 5.36 -13.72 -66.84
N TRP C 31 4.03 -13.68 -66.77
CA TRP C 31 3.25 -13.19 -67.91
C TRP C 31 3.36 -11.68 -68.05
N ARG C 32 3.17 -10.96 -66.94
CA ARG C 32 3.18 -9.51 -67.02
C ARG C 32 4.60 -8.99 -67.19
N VAL C 33 5.60 -9.72 -66.71
CA VAL C 33 6.98 -9.32 -66.96
C VAL C 33 7.45 -9.84 -68.31
N GLY C 34 6.68 -10.73 -68.93
CA GLY C 34 6.98 -11.10 -70.30
C GLY C 34 6.62 -10.01 -71.28
N ILE C 35 5.61 -9.21 -70.95
CA ILE C 35 5.19 -8.12 -71.82
C ILE C 35 6.01 -6.87 -71.53
N THR C 36 6.11 -6.50 -70.26
CA THR C 36 6.70 -5.23 -69.86
C THR C 36 8.22 -5.23 -69.93
N SER C 37 8.86 -6.35 -70.22
CA SER C 37 10.30 -6.34 -70.45
C SER C 37 10.67 -6.20 -71.91
N ARG C 38 9.74 -6.43 -72.83
CA ARG C 38 10.08 -6.32 -74.24
C ARG C 38 10.11 -4.87 -74.68
N GLU C 39 8.95 -4.22 -74.72
CA GLU C 39 8.76 -2.78 -74.94
C GLU C 39 9.29 -2.23 -76.27
N LYS C 40 9.84 -3.08 -77.12
CA LYS C 40 10.20 -2.77 -78.49
C LYS C 40 9.35 -3.54 -79.47
N LYS C 41 9.01 -4.77 -79.10
CA LYS C 41 8.07 -5.57 -79.87
C LYS C 41 6.66 -5.02 -79.80
N LEU C 42 6.35 -4.20 -78.80
CA LEU C 42 4.98 -3.74 -78.60
C LEU C 42 4.60 -2.66 -79.58
N GLU C 43 5.56 -2.09 -80.30
CA GLU C 43 5.23 -1.08 -81.30
C GLU C 43 4.67 -1.71 -82.56
N ARG C 44 4.73 -3.04 -82.68
CA ARG C 44 4.14 -3.72 -83.83
C ARG C 44 2.62 -3.66 -83.78
N ILE C 45 2.05 -3.49 -82.60
CA ILE C 45 0.61 -3.35 -82.45
C ILE C 45 0.14 -2.04 -83.07
N ASN C 46 0.98 -1.01 -82.98
CA ASN C 46 0.65 0.28 -83.57
C ASN C 46 0.65 0.22 -85.09
N ILE C 47 1.66 -0.45 -85.66
CA ILE C 47 1.76 -0.52 -87.11
C ILE C 47 0.75 -1.51 -87.68
N SER C 48 0.32 -2.47 -86.86
CA SER C 48 -0.73 -3.38 -87.30
C SER C 48 -2.07 -2.67 -87.36
N ALA C 49 -2.37 -1.84 -86.37
CA ALA C 49 -3.64 -1.12 -86.34
C ALA C 49 -3.69 -0.02 -87.38
N GLU C 50 -2.52 0.38 -87.90
CA GLU C 50 -2.48 1.38 -88.95
C GLU C 50 -2.90 0.81 -90.29
N ILE C 51 -2.38 -0.36 -90.65
CA ILE C 51 -2.75 -1.00 -91.92
C ILE C 51 -4.17 -1.53 -91.82
N SER C 52 -4.63 -1.80 -90.60
CA SER C 52 -5.99 -2.26 -90.36
C SER C 52 -7.01 -1.22 -90.80
N ARG C 53 -6.71 0.05 -90.55
CA ARG C 53 -7.60 1.12 -90.98
C ARG C 53 -7.40 1.45 -92.44
N ARG C 54 -6.17 1.32 -92.93
CA ARG C 54 -5.87 1.70 -94.31
C ARG C 54 -6.47 0.72 -95.31
N ILE C 55 -6.78 -0.49 -94.85
CA ILE C 55 -7.50 -1.44 -95.71
C ILE C 55 -9.00 -1.22 -95.60
N GLN C 56 -9.48 -0.89 -94.40
CA GLN C 56 -10.91 -0.80 -94.15
C GLN C 56 -11.53 0.42 -94.82
N ASP C 57 -10.80 1.54 -94.84
CA ASP C 57 -11.34 2.76 -95.44
C ASP C 57 -11.41 2.63 -96.95
N GLU C 58 -10.51 1.86 -97.55
CA GLU C 58 -10.57 1.66 -99.00
C GLU C 58 -11.69 0.73 -99.38
N ALA C 59 -12.06 -0.19 -98.49
CA ALA C 59 -13.10 -1.16 -98.81
C ALA C 59 -14.47 -0.51 -98.89
N ILE C 60 -14.67 0.59 -98.16
CA ILE C 60 -15.93 1.30 -98.23
C ILE C 60 -15.94 2.27 -99.39
N ALA C 61 -14.78 2.82 -99.73
CA ALA C 61 -14.68 3.68 -100.90
C ALA C 61 -14.85 2.87 -102.18
N TYR C 62 -14.35 1.64 -102.17
CA TYR C 62 -14.58 0.72 -103.27
C TYR C 62 -16.05 0.31 -103.35
N ALA C 63 -16.73 0.29 -102.20
CA ALA C 63 -18.13 -0.11 -102.18
C ALA C 63 -19.04 0.96 -102.74
N ARG C 64 -18.71 2.24 -102.58
CA ARG C 64 -19.57 3.29 -103.09
C ARG C 64 -19.21 3.75 -104.49
N ASN C 65 -18.01 3.47 -104.97
CA ASN C 65 -17.69 3.79 -106.35
C ASN C 65 -18.42 2.86 -107.31
N LYS C 66 -18.67 1.63 -106.89
CA LYS C 66 -19.29 0.63 -107.73
C LYS C 66 -20.73 0.34 -107.35
N GLY C 67 -21.24 0.94 -106.29
CA GLY C 67 -22.62 0.76 -105.91
C GLY C 67 -22.97 -0.60 -105.36
N ILE C 68 -21.98 -1.39 -104.98
CA ILE C 68 -22.23 -2.72 -104.42
C ILE C 68 -22.26 -2.57 -102.90
N PRO C 69 -22.94 -3.45 -102.16
CA PRO C 69 -22.93 -3.32 -100.71
C PRO C 69 -21.57 -3.66 -100.13
N TYR C 70 -21.29 -3.09 -98.96
CA TYR C 70 -20.03 -3.39 -98.29
C TYR C 70 -20.05 -4.80 -97.74
N LEU C 71 -19.05 -5.57 -98.10
CA LEU C 71 -18.99 -6.98 -97.73
C LEU C 71 -18.06 -7.13 -96.55
N PRO C 72 -18.55 -7.39 -95.34
CA PRO C 72 -17.67 -7.49 -94.18
C PRO C 72 -16.82 -8.75 -94.24
N GLY C 73 -15.58 -8.62 -93.80
CA GLY C 73 -14.63 -9.69 -93.92
C GLY C 73 -13.73 -9.61 -95.13
N ILE C 74 -14.05 -8.76 -96.11
CA ILE C 74 -13.16 -8.58 -97.24
C ILE C 74 -11.95 -7.74 -96.85
N ASN C 75 -12.02 -7.04 -95.72
CA ASN C 75 -10.83 -6.42 -95.16
C ASN C 75 -9.96 -7.47 -94.48
N GLY C 76 -10.58 -8.54 -93.98
CA GLY C 76 -9.80 -9.61 -93.40
C GLY C 76 -9.12 -10.46 -94.46
N ILE C 77 -9.80 -10.72 -95.56
CA ILE C 77 -9.24 -11.52 -96.65
C ILE C 77 -8.08 -10.77 -97.30
N ALA C 78 -8.24 -9.47 -97.49
CA ALA C 78 -7.22 -8.68 -98.18
C ALA C 78 -6.00 -8.46 -97.30
N TRP C 79 -6.12 -8.68 -95.99
CA TRP C 79 -4.96 -8.58 -95.12
C TRP C 79 -4.17 -9.88 -95.12
N LYS C 80 -4.86 -11.01 -95.25
CA LYS C 80 -4.17 -12.29 -95.36
C LYS C 80 -3.38 -12.36 -96.65
N LEU C 81 -3.97 -11.90 -97.75
CA LEU C 81 -3.31 -11.99 -99.04
C LEU C 81 -2.14 -11.02 -99.15
N LEU C 82 -2.15 -9.96 -98.34
CA LEU C 82 -1.01 -9.07 -98.30
C LEU C 82 0.20 -9.75 -97.67
N ARG C 83 -0.03 -10.58 -96.66
CA ARG C 83 1.07 -11.20 -95.95
C ARG C 83 1.64 -12.40 -96.70
N LEU C 84 0.78 -13.14 -97.40
CA LEU C 84 1.25 -14.29 -98.18
C LEU C 84 2.01 -13.83 -99.41
N LYS C 85 1.62 -12.68 -99.97
CA LYS C 85 2.37 -12.07 -101.05
C LYS C 85 3.76 -11.66 -100.58
N TRP C 86 3.86 -11.22 -99.32
CA TRP C 86 5.14 -10.83 -98.76
C TRP C 86 6.06 -12.04 -98.55
N LEU C 87 5.48 -13.19 -98.23
CA LEU C 87 6.28 -14.40 -98.07
C LEU C 87 6.55 -15.07 -99.40
N GLY C 88 5.51 -15.26 -100.21
CA GLY C 88 5.69 -15.86 -101.52
C GLY C 88 4.82 -17.06 -101.76
N TYR C 89 3.73 -17.19 -101.02
CA TYR C 89 2.83 -18.33 -101.18
C TYR C 89 1.82 -17.95 -102.25
N THR C 90 2.23 -18.05 -103.50
CA THR C 90 1.44 -17.53 -104.61
C THR C 90 0.31 -18.46 -105.03
N ASP C 91 0.48 -19.77 -104.89
CA ASP C 91 -0.58 -20.70 -105.25
C ASP C 91 -1.65 -20.74 -104.16
N GLN C 92 -1.29 -20.28 -102.96
CA GLN C 92 -2.29 -20.02 -101.94
C GLN C 92 -3.22 -18.89 -102.37
N ILE C 93 -2.68 -17.89 -103.06
CA ILE C 93 -3.47 -16.71 -103.45
C ILE C 93 -4.49 -17.07 -104.51
N ASN C 94 -4.10 -17.94 -105.45
CA ASN C 94 -4.91 -18.17 -106.64
C ASN C 94 -6.19 -18.91 -106.31
N VAL C 95 -6.17 -19.72 -105.25
CA VAL C 95 -7.38 -20.42 -104.84
C VAL C 95 -8.28 -19.50 -104.04
N VAL C 96 -7.69 -18.56 -103.30
CA VAL C 96 -8.49 -17.60 -102.54
C VAL C 96 -9.15 -16.61 -103.48
N MET C 97 -8.48 -16.25 -104.58
CA MET C 97 -9.04 -15.33 -105.56
C MET C 97 -10.22 -15.96 -106.30
N ARG C 98 -10.26 -17.30 -106.38
CA ARG C 98 -11.43 -17.95 -106.97
C ARG C 98 -12.58 -18.05 -105.98
N THR C 99 -12.32 -17.78 -104.70
CA THR C 99 -13.34 -18.02 -103.67
C THR C 99 -14.20 -16.79 -103.45
N VAL C 100 -13.63 -15.60 -103.58
CA VAL C 100 -14.31 -14.33 -103.31
C VAL C 100 -15.23 -14.02 -104.49
N PRO C 101 -16.22 -13.13 -104.36
CA PRO C 101 -17.09 -12.84 -105.51
C PRO C 101 -16.39 -12.00 -106.57
N ALA C 102 -17.08 -11.83 -107.69
CA ALA C 102 -16.46 -11.31 -108.91
C ALA C 102 -16.13 -9.83 -108.78
N GLU C 103 -17.06 -9.04 -108.24
CA GLU C 103 -16.85 -7.60 -108.17
C GLU C 103 -15.82 -7.19 -107.12
N TRP C 104 -15.42 -8.10 -106.25
CA TRP C 104 -14.44 -7.81 -105.21
C TRP C 104 -13.05 -8.32 -105.53
N ARG C 105 -12.86 -8.98 -106.67
CA ARG C 105 -11.54 -9.50 -107.01
C ARG C 105 -10.59 -8.37 -107.37
N ASP C 106 -11.12 -7.30 -107.94
CA ASP C 106 -10.28 -6.17 -108.30
C ASP C 106 -9.86 -5.38 -107.07
N PHE C 107 -10.62 -5.49 -105.98
CA PHE C 107 -10.21 -4.85 -104.74
C PHE C 107 -9.06 -5.58 -104.09
N LEU C 108 -9.04 -6.91 -104.20
CA LEU C 108 -8.01 -7.69 -103.53
C LEU C 108 -6.66 -7.53 -104.22
N THR C 109 -6.66 -7.40 -105.55
CA THR C 109 -5.43 -7.10 -106.25
C THR C 109 -5.07 -5.63 -106.16
N GLN C 110 -6.00 -4.80 -105.70
CA GLN C 110 -5.69 -3.41 -105.40
C GLN C 110 -4.91 -3.28 -104.10
N ILE C 111 -5.26 -4.10 -103.12
CA ILE C 111 -4.53 -4.13 -101.86
C ILE C 111 -3.13 -4.70 -102.06
N MET C 112 -2.97 -5.66 -102.97
CA MET C 112 -1.66 -6.26 -103.17
C MET C 112 -0.78 -5.39 -104.07
N GLU C 113 -1.25 -5.12 -105.29
CA GLU C 113 -0.42 -4.47 -106.30
C GLU C 113 -0.48 -2.96 -106.26
N ASN C 114 -1.68 -2.38 -106.29
CA ASN C 114 -1.83 -0.96 -106.58
C ASN C 114 -1.41 -0.07 -105.41
N THR C 115 -1.32 -0.62 -104.21
CA THR C 115 -0.78 0.09 -103.06
C THR C 115 0.48 -0.60 -102.54
N GLN C 116 1.32 -1.02 -103.48
CA GLN C 116 2.64 -1.56 -103.16
C GLN C 116 3.53 -0.54 -102.48
N MET C 117 3.31 0.74 -102.75
CA MET C 117 4.07 1.79 -102.10
C MET C 117 3.73 1.86 -100.61
N GLU C 118 2.47 2.10 -100.29
CA GLU C 118 2.13 2.42 -98.91
C GLU C 118 2.05 1.17 -98.04
N SER C 119 1.13 0.25 -98.37
CA SER C 119 0.82 -0.87 -97.48
C SER C 119 1.90 -1.93 -97.45
N MET C 120 2.57 -2.19 -98.57
CA MET C 120 3.56 -3.27 -98.59
C MET C 120 4.84 -2.85 -97.89
N TYR C 121 5.11 -1.54 -97.83
CA TYR C 121 6.24 -1.08 -97.03
C TYR C 121 5.95 -1.18 -95.54
N SER C 122 4.68 -1.05 -95.16
CA SER C 122 4.34 -1.04 -93.74
C SER C 122 4.50 -2.42 -93.11
N GLU C 123 4.18 -3.46 -93.86
CA GLU C 123 4.47 -4.82 -93.39
C GLU C 123 5.98 -5.06 -93.35
N LEU C 124 6.71 -4.44 -94.27
CA LEU C 124 8.16 -4.57 -94.29
C LEU C 124 8.81 -3.88 -93.10
N ARG C 125 8.17 -2.84 -92.56
CA ARG C 125 8.66 -2.18 -91.37
C ARG C 125 8.18 -2.83 -90.10
N LYS C 126 7.07 -3.57 -90.15
CA LYS C 126 6.54 -4.20 -88.96
C LYS C 126 7.38 -5.40 -88.54
N VAL C 127 7.90 -6.14 -89.51
CA VAL C 127 8.65 -7.35 -89.21
C VAL C 127 10.11 -7.03 -88.95
N ARG C 128 10.43 -5.75 -88.79
CA ARG C 128 11.77 -5.33 -88.46
C ARG C 128 11.78 -4.73 -87.04
N ILE D 10 21.03 -45.51 -48.70
CA ILE D 10 20.22 -46.69 -48.99
C ILE D 10 20.42 -47.12 -50.43
N ALA D 11 20.18 -46.21 -51.37
CA ALA D 11 20.18 -46.57 -52.78
C ALA D 11 20.85 -45.48 -53.60
N GLU D 12 21.37 -45.87 -54.78
CA GLU D 12 22.33 -45.03 -55.48
C GLU D 12 22.24 -45.00 -57.00
N THR D 13 21.12 -45.42 -57.61
CA THR D 13 21.13 -45.61 -59.06
C THR D 13 21.08 -44.27 -59.78
N LEU D 14 21.08 -44.34 -61.13
CA LEU D 14 21.26 -43.14 -61.93
C LEU D 14 20.02 -42.26 -61.94
N THR D 15 18.87 -42.83 -61.58
CA THR D 15 17.67 -42.00 -61.46
C THR D 15 17.75 -41.12 -60.22
N GLU D 16 18.16 -41.69 -59.08
CA GLU D 16 18.20 -40.90 -57.86
C GLU D 16 19.52 -40.16 -57.72
N LYS D 17 20.50 -40.45 -58.57
CA LYS D 17 21.65 -39.57 -58.65
C LYS D 17 21.26 -38.26 -59.33
N HIS D 18 20.37 -38.35 -60.32
CA HIS D 18 19.87 -37.16 -61.00
C HIS D 18 18.99 -36.33 -60.07
N THR D 19 18.24 -37.00 -59.20
CA THR D 19 17.37 -36.30 -58.27
C THR D 19 18.16 -35.57 -57.20
N LEU D 20 19.11 -36.27 -56.57
CA LEU D 20 19.87 -35.67 -55.48
C LEU D 20 20.85 -34.61 -55.96
N GLY D 21 21.12 -34.55 -57.27
CA GLY D 21 21.85 -33.41 -57.79
C GLY D 21 20.98 -32.18 -57.93
N ILE D 22 19.68 -32.39 -58.13
CA ILE D 22 18.75 -31.28 -58.27
C ILE D 22 18.40 -30.70 -56.90
N GLU D 23 18.30 -31.56 -55.89
CA GLU D 23 17.85 -31.12 -54.57
C GLU D 23 18.90 -30.26 -53.88
N LYS D 24 20.17 -30.48 -54.19
CA LYS D 24 21.19 -29.59 -53.63
C LYS D 24 21.37 -28.34 -54.48
N VAL D 25 20.78 -28.31 -55.68
CA VAL D 25 20.76 -27.06 -56.44
C VAL D 25 19.69 -26.13 -55.91
N VAL D 26 18.51 -26.68 -55.62
CA VAL D 26 17.40 -25.86 -55.12
C VAL D 26 17.61 -25.50 -53.65
N ALA D 27 18.59 -26.11 -52.99
CA ALA D 27 18.89 -25.76 -51.61
C ALA D 27 19.87 -24.61 -51.54
N THR D 28 21.01 -24.74 -52.22
CA THR D 28 22.05 -23.72 -52.19
C THR D 28 21.76 -22.54 -53.11
N ASP D 29 20.74 -22.66 -53.98
CA ASP D 29 20.42 -21.70 -55.03
C ASP D 29 21.66 -21.46 -55.90
N SER D 30 22.05 -22.52 -56.60
CA SER D 30 23.24 -22.48 -57.43
C SER D 30 22.94 -22.15 -58.87
N TRP D 31 21.68 -22.24 -59.29
CA TRP D 31 21.33 -21.94 -60.68
C TRP D 31 21.39 -20.44 -60.94
N ARG D 32 20.77 -19.64 -60.07
CA ARG D 32 20.71 -18.21 -60.29
C ARG D 32 22.06 -17.56 -60.04
N VAL D 33 22.85 -18.11 -59.12
CA VAL D 33 24.20 -17.60 -58.94
C VAL D 33 25.14 -18.24 -59.96
N GLY D 34 24.69 -19.28 -60.64
CA GLY D 34 25.47 -19.81 -61.75
C GLY D 34 25.46 -18.91 -62.96
N ILE D 35 24.38 -18.14 -63.13
CA ILE D 35 24.28 -17.25 -64.28
C ILE D 35 24.83 -15.88 -63.93
N THR D 36 24.44 -15.35 -62.78
CA THR D 36 24.79 -13.98 -62.42
C THR D 36 26.24 -13.82 -62.00
N SER D 37 26.98 -14.90 -61.83
CA SER D 37 28.41 -14.81 -61.59
C SER D 37 29.23 -14.85 -62.86
N ARG D 38 28.65 -15.31 -63.97
CA ARG D 38 29.43 -15.38 -65.19
C ARG D 38 29.55 -14.01 -65.84
N GLU D 39 28.43 -13.47 -66.34
CA GLU D 39 28.26 -12.08 -66.77
C GLU D 39 29.18 -11.61 -67.89
N LYS D 40 30.03 -12.49 -68.40
CA LYS D 40 30.89 -12.26 -69.54
C LYS D 40 30.56 -13.21 -70.67
N LYS D 41 30.18 -14.43 -70.32
CA LYS D 41 29.70 -15.37 -71.32
C LYS D 41 28.31 -15.00 -71.83
N LEU D 42 27.61 -14.10 -71.13
CA LEU D 42 26.22 -13.84 -71.47
C LEU D 42 26.07 -13.01 -72.72
N GLU D 43 27.13 -12.31 -73.14
CA GLU D 43 27.04 -11.51 -74.36
C GLU D 43 27.13 -12.38 -75.62
N ARG D 44 27.35 -13.68 -75.46
CA ARG D 44 27.25 -14.60 -76.59
C ARG D 44 25.80 -14.72 -77.06
N ILE D 45 24.85 -14.47 -76.16
CA ILE D 45 23.44 -14.46 -76.53
C ILE D 45 23.16 -13.26 -77.44
N ASN D 46 23.86 -12.15 -77.20
CA ASN D 46 23.69 -10.96 -78.01
C ASN D 46 24.22 -11.16 -79.42
N ILE D 47 25.30 -11.91 -79.56
CA ILE D 47 25.88 -12.16 -80.88
C ILE D 47 25.10 -13.26 -81.59
N SER D 48 24.57 -14.21 -80.83
CA SER D 48 23.73 -15.26 -81.42
C SER D 48 22.41 -14.69 -81.92
N ALA D 49 21.90 -13.68 -81.25
CA ALA D 49 20.67 -13.03 -81.72
C ALA D 49 20.93 -12.17 -82.94
N GLU D 50 22.19 -11.84 -83.19
CA GLU D 50 22.53 -11.03 -84.35
C GLU D 50 22.59 -11.86 -85.62
N ILE D 51 23.26 -13.02 -85.57
CA ILE D 51 23.47 -13.81 -86.77
C ILE D 51 22.17 -14.50 -87.19
N SER D 52 21.27 -14.72 -86.23
CA SER D 52 19.96 -15.26 -86.57
C SER D 52 19.16 -14.26 -87.37
N ARG D 53 19.31 -12.98 -87.06
CA ARG D 53 18.60 -11.94 -87.80
C ARG D 53 19.19 -11.75 -89.18
N ARG D 54 20.51 -11.88 -89.29
CA ARG D 54 21.17 -11.65 -90.58
C ARG D 54 20.86 -12.76 -91.58
N ILE D 55 20.74 -14.00 -91.09
CA ILE D 55 20.44 -15.12 -91.96
C ILE D 55 18.98 -15.06 -92.41
N GLN D 56 18.09 -14.64 -91.51
CA GLN D 56 16.67 -14.63 -91.80
C GLN D 56 16.32 -13.53 -92.81
N ASP D 57 17.00 -12.39 -92.74
CA ASP D 57 16.72 -11.30 -93.67
C ASP D 57 17.19 -11.63 -95.08
N GLU D 58 18.26 -12.41 -95.19
CA GLU D 58 18.72 -12.82 -96.52
C GLU D 58 17.82 -13.87 -97.11
N ALA D 59 17.26 -14.75 -96.28
CA ALA D 59 16.47 -15.87 -96.76
C ALA D 59 15.15 -15.40 -97.35
N ILE D 60 14.65 -14.25 -96.90
CA ILE D 60 13.45 -13.67 -97.49
C ILE D 60 13.80 -12.93 -98.77
N ALA D 61 14.95 -12.26 -98.78
CA ALA D 61 15.37 -11.53 -99.97
C ALA D 61 15.79 -12.49 -101.08
N TYR D 62 16.34 -13.65 -100.71
CA TYR D 62 16.62 -14.69 -101.68
C TYR D 62 15.33 -15.28 -102.22
N ALA D 63 14.27 -15.27 -101.41
CA ALA D 63 13.01 -15.86 -101.83
C ALA D 63 12.27 -14.98 -102.81
N ARG D 64 12.46 -13.67 -102.77
CA ARG D 64 11.75 -12.80 -103.70
C ARG D 64 12.53 -12.50 -104.96
N ASN D 65 13.85 -12.67 -104.95
CA ASN D 65 14.60 -12.46 -106.18
C ASN D 65 14.40 -13.63 -107.14
N LYS D 66 14.18 -14.82 -106.62
CA LYS D 66 14.03 -16.01 -107.44
C LYS D 66 12.59 -16.50 -107.52
N GLY D 67 11.63 -15.73 -106.98
CA GLY D 67 10.22 -16.03 -107.16
C GLY D 67 9.70 -17.26 -106.46
N ILE D 68 10.47 -17.85 -105.55
CA ILE D 68 10.08 -19.08 -104.89
C ILE D 68 9.43 -18.74 -103.55
N PRO D 69 8.58 -19.60 -102.99
CA PRO D 69 8.05 -19.34 -101.65
C PRO D 69 9.14 -19.44 -100.60
N TYR D 70 8.97 -18.67 -99.53
CA TYR D 70 9.93 -18.72 -98.44
C TYR D 70 9.77 -20.03 -97.68
N LEU D 71 10.87 -20.74 -97.51
CA LEU D 71 10.85 -22.06 -96.91
C LEU D 71 11.29 -21.94 -95.46
N PRO D 72 10.40 -22.11 -94.49
CA PRO D 72 10.79 -21.95 -93.09
C PRO D 72 11.69 -23.08 -92.62
N GLY D 73 12.60 -22.74 -91.71
CA GLY D 73 13.59 -23.68 -91.26
C GLY D 73 14.84 -23.73 -92.10
N ILE D 74 14.88 -23.02 -93.23
CA ILE D 74 16.10 -22.93 -94.00
C ILE D 74 17.07 -21.94 -93.35
N ASN D 75 16.58 -21.10 -92.43
CA ASN D 75 17.50 -20.31 -91.63
C ASN D 75 18.16 -21.16 -90.56
N GLY D 76 17.53 -22.28 -90.20
CA GLY D 76 18.16 -23.20 -89.28
C GLY D 76 19.22 -24.05 -89.94
N ILE D 77 18.95 -24.51 -91.16
CA ILE D 77 19.90 -25.36 -91.88
C ILE D 77 21.14 -24.55 -92.27
N ALA D 78 20.95 -23.29 -92.62
CA ALA D 78 22.07 -22.44 -93.02
C ALA D 78 22.94 -22.08 -91.83
N TRP D 79 22.42 -22.20 -90.62
CA TRP D 79 23.22 -21.88 -89.44
C TRP D 79 24.00 -23.09 -88.95
N LYS D 80 23.41 -24.28 -89.09
CA LYS D 80 24.16 -25.48 -88.76
C LYS D 80 25.33 -25.66 -89.70
N LEU D 81 25.12 -25.40 -90.99
CA LEU D 81 26.19 -25.58 -91.96
C LEU D 81 27.26 -24.50 -91.82
N LEU D 82 26.92 -23.38 -91.19
CA LEU D 82 27.92 -22.36 -90.91
C LEU D 82 28.88 -22.83 -89.83
N ARG D 83 28.36 -23.47 -88.79
CA ARG D 83 29.19 -23.83 -87.64
C ARG D 83 30.04 -25.07 -87.92
N LEU D 84 29.54 -25.97 -88.76
CA LEU D 84 30.33 -27.14 -89.13
C LEU D 84 31.42 -26.76 -90.11
N LYS D 85 31.20 -25.72 -90.91
CA LYS D 85 32.25 -25.16 -91.74
C LYS D 85 33.35 -24.54 -90.89
N TRP D 86 32.96 -23.99 -89.73
CA TRP D 86 33.92 -23.39 -88.81
C TRP D 86 34.82 -24.46 -88.20
N LEU D 87 34.23 -25.58 -87.78
CA LEU D 87 35.00 -26.66 -87.19
C LEU D 87 35.74 -27.45 -88.26
N GLY D 88 35.03 -27.86 -89.31
CA GLY D 88 35.67 -28.56 -90.40
C GLY D 88 35.02 -29.88 -90.73
N TYR D 89 33.80 -30.09 -90.23
CA TYR D 89 33.08 -31.33 -90.50
C TYR D 89 32.47 -31.20 -91.89
N THR D 90 33.26 -31.51 -92.91
CA THR D 90 32.90 -31.18 -94.27
C THR D 90 32.13 -32.27 -95.00
N ASP D 91 32.29 -33.53 -94.61
CA ASP D 91 31.46 -34.59 -95.18
C ASP D 91 30.08 -34.61 -94.54
N GLN D 92 29.97 -33.96 -93.38
CA GLN D 92 28.66 -33.64 -92.82
C GLN D 92 27.91 -32.68 -93.74
N ILE D 93 28.64 -31.76 -94.39
CA ILE D 93 28.00 -30.73 -95.21
C ILE D 93 27.43 -31.34 -96.49
N ASN D 94 28.17 -32.27 -97.10
CA ASN D 94 27.86 -32.71 -98.45
C ASN D 94 26.58 -33.54 -98.49
N VAL D 95 26.26 -34.21 -97.39
CA VAL D 95 25.03 -35.01 -97.37
C VAL D 95 23.83 -34.12 -97.10
N VAL D 96 24.04 -33.02 -96.37
CA VAL D 96 22.95 -32.09 -96.10
C VAL D 96 22.63 -31.29 -97.36
N MET D 97 23.65 -31.03 -98.19
CA MET D 97 23.42 -30.30 -99.43
C MET D 97 22.63 -31.14 -100.43
N ARG D 98 22.73 -32.46 -100.34
CA ARG D 98 21.88 -33.32 -101.17
C ARG D 98 20.47 -33.41 -100.63
N THR D 99 20.27 -33.02 -99.38
CA THR D 99 18.97 -33.20 -98.73
C THR D 99 18.01 -32.07 -99.06
N VAL D 100 18.52 -30.85 -99.19
CA VAL D 100 17.71 -29.65 -99.37
C VAL D 100 17.22 -29.57 -100.81
N PRO D 101 16.21 -28.76 -101.15
CA PRO D 101 15.78 -28.66 -102.54
C PRO D 101 16.80 -27.92 -103.40
N ALA D 102 16.56 -27.98 -104.71
CA ALA D 102 17.57 -27.57 -105.68
C ALA D 102 17.74 -26.06 -105.72
N GLU D 103 16.65 -25.32 -105.71
CA GLU D 103 16.73 -23.86 -105.80
C GLU D 103 17.27 -23.23 -104.52
N TRP D 104 17.28 -23.97 -103.41
CA TRP D 104 17.80 -23.45 -102.16
C TRP D 104 19.23 -23.86 -101.88
N ARG D 105 19.89 -24.57 -102.80
CA ARG D 105 21.27 -24.97 -102.58
C ARG D 105 22.21 -23.79 -102.71
N ASP D 106 21.84 -22.80 -103.51
CA ASP D 106 22.72 -21.66 -103.73
C ASP D 106 22.71 -20.75 -102.52
N PHE D 107 21.58 -20.71 -101.80
CA PHE D 107 21.51 -19.89 -100.59
C PHE D 107 22.35 -20.49 -99.47
N LEU D 108 22.46 -21.82 -99.44
CA LEU D 108 23.24 -22.46 -98.38
C LEU D 108 24.73 -22.22 -98.59
N THR D 109 25.18 -22.26 -99.83
CA THR D 109 26.58 -21.90 -100.10
C THR D 109 26.75 -20.39 -100.21
N GLN D 110 25.67 -19.63 -100.13
CA GLN D 110 25.81 -18.18 -99.99
C GLN D 110 26.15 -17.82 -98.56
N ILE D 111 25.60 -18.54 -97.59
CA ILE D 111 25.89 -18.28 -96.18
C ILE D 111 27.32 -18.69 -95.83
N MET D 112 27.78 -19.83 -96.34
CA MET D 112 29.13 -20.30 -96.01
C MET D 112 30.19 -19.52 -96.78
N GLU D 113 30.02 -19.37 -98.09
CA GLU D 113 31.05 -18.77 -98.92
C GLU D 113 30.92 -17.26 -99.07
N ASN D 114 29.77 -16.76 -99.55
CA ASN D 114 29.74 -15.39 -100.06
C ASN D 114 29.73 -14.33 -98.96
N THR D 115 29.31 -14.70 -97.75
CA THR D 115 29.34 -13.78 -96.62
C THR D 115 30.28 -14.26 -95.52
N GLN D 116 31.42 -14.80 -95.94
CA GLN D 116 32.45 -15.19 -94.98
C GLN D 116 33.03 -13.98 -94.25
N MET D 117 33.07 -12.83 -94.92
CA MET D 117 33.64 -11.64 -94.33
C MET D 117 32.76 -11.14 -93.19
N GLU D 118 31.46 -11.21 -93.37
CA GLU D 118 30.57 -10.69 -92.33
C GLU D 118 30.21 -11.77 -91.32
N SER D 119 29.54 -12.83 -91.77
CA SER D 119 28.91 -13.77 -90.84
C SER D 119 29.91 -14.72 -90.19
N MET D 120 30.94 -15.15 -90.91
CA MET D 120 31.87 -16.12 -90.36
C MET D 120 32.82 -15.47 -89.35
N TYR D 121 32.97 -14.14 -89.44
CA TYR D 121 33.70 -13.43 -88.40
C TYR D 121 32.91 -13.35 -87.10
N SER D 122 31.58 -13.29 -87.22
CA SER D 122 30.74 -13.13 -86.05
C SER D 122 30.67 -14.42 -85.23
N GLU D 123 30.74 -15.57 -85.90
CA GLU D 123 30.91 -16.82 -85.17
C GLU D 123 32.32 -16.90 -84.59
N LEU D 124 33.30 -16.39 -85.31
CA LEU D 124 34.68 -16.40 -84.83
C LEU D 124 34.86 -15.49 -83.62
N ARG D 125 34.06 -14.44 -83.51
CA ARG D 125 34.11 -13.57 -82.35
C ARG D 125 33.25 -14.07 -81.20
N LYS D 126 32.41 -15.06 -81.44
CA LYS D 126 31.54 -15.57 -80.38
C LYS D 126 32.23 -16.65 -79.57
N VAL D 127 32.95 -17.55 -80.23
CA VAL D 127 33.61 -18.67 -79.55
C VAL D 127 34.85 -18.15 -78.84
N ARG D 128 35.29 -16.94 -79.20
CA ARG D 128 36.32 -16.25 -78.45
C ARG D 128 35.69 -15.40 -77.36
N ILE E 10 -13.82 -28.41 -63.36
CA ILE E 10 -14.92 -29.36 -63.28
C ILE E 10 -15.76 -29.27 -64.53
N ALA E 11 -16.29 -28.07 -64.80
CA ALA E 11 -17.25 -27.89 -65.87
C ALA E 11 -16.91 -26.64 -66.66
N GLU E 12 -17.32 -26.63 -67.93
CA GLU E 12 -16.76 -25.68 -68.89
C GLU E 12 -17.78 -25.16 -69.91
N THR E 13 -19.07 -25.40 -69.73
CA THR E 13 -20.02 -25.10 -70.81
C THR E 13 -20.27 -23.60 -70.92
N LEU E 14 -21.13 -23.24 -71.87
CA LEU E 14 -21.25 -21.85 -72.28
C LEU E 14 -21.93 -20.99 -71.24
N THR E 15 -22.75 -21.60 -70.38
CA THR E 15 -23.33 -20.86 -69.27
C THR E 15 -22.27 -20.51 -68.23
N GLU E 16 -21.28 -21.38 -68.08
CA GLU E 16 -20.26 -21.13 -67.07
C GLU E 16 -19.06 -20.39 -67.65
N LYS E 17 -18.89 -20.43 -68.97
CA LYS E 17 -17.89 -19.58 -69.59
C LYS E 17 -18.33 -18.13 -69.52
N HIS E 18 -19.63 -17.90 -69.66
CA HIS E 18 -20.18 -16.54 -69.54
C HIS E 18 -20.05 -16.03 -68.12
N THR E 19 -20.22 -16.91 -67.13
CA THR E 19 -20.13 -16.51 -65.74
C THR E 19 -18.69 -16.20 -65.35
N LEU E 20 -17.77 -17.11 -65.64
CA LEU E 20 -16.37 -16.93 -65.25
C LEU E 20 -15.69 -15.82 -66.03
N GLY E 21 -16.27 -15.40 -67.15
CA GLY E 21 -15.77 -14.22 -67.83
C GLY E 21 -16.21 -12.95 -67.15
N ILE E 22 -17.31 -13.01 -66.39
CA ILE E 22 -17.80 -11.85 -65.66
C ILE E 22 -17.09 -11.74 -64.31
N GLU E 23 -16.82 -12.88 -63.69
CA GLU E 23 -16.19 -12.89 -62.37
C GLU E 23 -14.76 -12.36 -62.43
N LYS E 24 -14.09 -12.53 -63.57
CA LYS E 24 -12.77 -11.94 -63.71
C LYS E 24 -12.85 -10.45 -63.99
N VAL E 25 -14.00 -9.95 -64.45
CA VAL E 25 -14.13 -8.53 -64.73
C VAL E 25 -14.34 -7.75 -63.44
N VAL E 26 -15.22 -8.25 -62.57
CA VAL E 26 -15.47 -7.59 -61.30
C VAL E 26 -14.32 -7.80 -60.33
N ALA E 27 -13.40 -8.70 -60.64
CA ALA E 27 -12.22 -8.90 -59.81
C ALA E 27 -11.15 -7.86 -60.13
N THR E 28 -10.86 -7.68 -61.41
CA THR E 28 -9.75 -6.82 -61.78
C THR E 28 -10.17 -5.40 -62.15
N ASP E 29 -11.49 -5.12 -62.10
CA ASP E 29 -12.08 -3.83 -62.47
C ASP E 29 -11.68 -3.44 -63.90
N SER E 30 -12.07 -4.28 -64.84
CA SER E 30 -11.74 -4.05 -66.24
C SER E 30 -12.79 -3.25 -66.98
N TRP E 31 -13.98 -3.06 -66.38
CA TRP E 31 -15.02 -2.31 -67.06
C TRP E 31 -14.78 -0.82 -66.96
N ARG E 32 -14.54 -0.32 -65.75
CA ARG E 32 -14.38 1.12 -65.57
C ARG E 32 -13.02 1.60 -66.06
N VAL E 33 -12.04 0.70 -66.12
CA VAL E 33 -10.80 1.06 -66.80
C VAL E 33 -10.93 0.78 -68.28
N GLY E 34 -11.96 0.04 -68.70
CA GLY E 34 -12.20 -0.14 -70.11
C GLY E 34 -12.83 1.07 -70.75
N ILE E 35 -13.52 1.89 -69.97
CA ILE E 35 -14.14 3.09 -70.51
C ILE E 35 -13.16 4.26 -70.44
N THR E 36 -12.49 4.42 -69.29
CA THR E 36 -11.64 5.57 -69.05
C THR E 36 -10.30 5.50 -69.77
N SER E 37 -9.93 4.36 -70.35
CA SER E 37 -8.67 4.27 -71.06
C SER E 37 -8.78 4.63 -72.52
N ARG E 38 -9.96 4.59 -73.12
CA ARG E 38 -10.03 5.01 -74.52
C ARG E 38 -10.02 6.53 -74.63
N GLU E 39 -11.08 7.19 -74.14
CA GLU E 39 -11.26 8.65 -74.11
C GLU E 39 -11.22 9.32 -75.50
N LYS E 40 -11.23 8.52 -76.55
CA LYS E 40 -11.22 8.97 -77.93
C LYS E 40 -12.40 8.41 -78.70
N LYS E 41 -12.88 7.23 -78.32
CA LYS E 41 -14.12 6.71 -78.88
C LYS E 41 -15.32 7.44 -78.30
N LEU E 42 -15.14 8.15 -77.19
CA LEU E 42 -16.31 8.66 -76.45
C LEU E 42 -16.87 9.92 -77.10
N GLU E 43 -16.12 10.56 -78.01
CA GLU E 43 -16.68 11.71 -78.71
C GLU E 43 -17.74 11.28 -79.72
N ARG E 44 -17.84 9.98 -80.03
CA ARG E 44 -18.90 9.49 -80.89
C ARG E 44 -20.26 9.62 -80.21
N ILE E 45 -20.27 9.61 -78.87
CA ILE E 45 -21.52 9.77 -78.14
C ILE E 45 -22.02 11.21 -78.27
N ASN E 46 -21.10 12.15 -78.44
CA ASN E 46 -21.49 13.53 -78.69
C ASN E 46 -22.06 13.70 -80.08
N ILE E 47 -21.43 13.06 -81.07
CA ILE E 47 -21.86 13.22 -82.46
C ILE E 47 -23.15 12.47 -82.72
N SER E 48 -23.32 11.31 -82.07
CA SER E 48 -24.55 10.54 -82.23
C SER E 48 -25.73 11.26 -81.61
N ALA E 49 -25.50 12.00 -80.52
CA ALA E 49 -26.59 12.77 -79.93
C ALA E 49 -26.89 14.02 -80.74
N GLU E 50 -25.97 14.42 -81.63
CA GLU E 50 -26.19 15.58 -82.46
C GLU E 50 -27.09 15.27 -83.65
N ILE E 51 -26.82 14.16 -84.35
CA ILE E 51 -27.64 13.76 -85.48
C ILE E 51 -29.01 13.29 -84.99
N SER E 52 -29.06 12.85 -83.74
CA SER E 52 -30.31 12.40 -83.14
C SER E 52 -31.30 13.54 -83.02
N ARG E 53 -30.83 14.71 -82.61
CA ARG E 53 -31.71 15.87 -82.48
C ARG E 53 -32.08 16.41 -83.85
N ARG E 54 -31.15 16.36 -84.80
CA ARG E 54 -31.37 16.96 -86.11
C ARG E 54 -32.45 16.24 -86.91
N ILE E 55 -32.53 14.93 -86.74
CA ILE E 55 -33.59 14.16 -87.39
C ILE E 55 -34.92 14.43 -86.72
N GLN E 56 -34.90 14.61 -85.40
CA GLN E 56 -36.12 14.79 -84.62
C GLN E 56 -36.77 16.13 -84.92
N ASP E 57 -35.96 17.18 -85.08
CA ASP E 57 -36.51 18.50 -85.38
C ASP E 57 -37.08 18.56 -86.78
N GLU E 58 -36.52 17.78 -87.70
CA GLU E 58 -37.06 17.76 -89.06
C GLU E 58 -38.38 17.00 -89.12
N ALA E 59 -38.57 16.04 -88.22
CA ALA E 59 -39.79 15.24 -88.25
C ALA E 59 -40.99 16.02 -87.74
N ILE E 60 -40.75 17.00 -86.88
CA ILE E 60 -41.85 17.83 -86.39
C ILE E 60 -42.17 18.93 -87.39
N ALA E 61 -41.13 19.44 -88.06
CA ALA E 61 -41.34 20.45 -89.09
C ALA E 61 -42.03 19.85 -90.31
N TYR E 62 -41.75 18.57 -90.60
CA TYR E 62 -42.46 17.86 -91.64
C TYR E 62 -43.91 17.64 -91.25
N ALA E 63 -44.17 17.43 -89.95
CA ALA E 63 -45.50 17.08 -89.50
C ALA E 63 -46.45 18.28 -89.49
N ARG E 64 -45.93 19.48 -89.32
CA ARG E 64 -46.79 20.65 -89.29
C ARG E 64 -46.94 21.32 -90.64
N ASN E 65 -46.06 21.02 -91.60
CA ASN E 65 -46.25 21.54 -92.94
C ASN E 65 -47.37 20.81 -93.66
N LYS E 66 -47.46 19.50 -93.46
CA LYS E 66 -48.48 18.69 -94.12
C LYS E 66 -49.70 18.45 -93.24
N GLY E 67 -49.69 18.94 -92.00
CA GLY E 67 -50.85 18.78 -91.14
C GLY E 67 -51.12 17.38 -90.66
N ILE E 68 -50.16 16.47 -90.80
CA ILE E 68 -50.33 15.09 -90.37
C ILE E 68 -49.87 15.00 -88.92
N PRO E 69 -50.39 14.06 -88.13
CA PRO E 69 -49.91 13.91 -86.75
C PRO E 69 -48.47 13.43 -86.71
N TYR E 70 -47.77 13.80 -85.65
CA TYR E 70 -46.39 13.36 -85.49
C TYR E 70 -46.35 11.89 -85.13
N LEU E 71 -45.63 11.11 -85.93
CA LEU E 71 -45.55 9.68 -85.75
C LEU E 71 -44.29 9.34 -84.98
N PRO E 72 -44.38 8.93 -83.72
CA PRO E 72 -43.17 8.60 -82.98
C PRO E 72 -42.55 7.31 -83.48
N GLY E 73 -41.23 7.24 -83.41
CA GLY E 73 -40.50 6.14 -83.96
C GLY E 73 -40.12 6.29 -85.41
N ILE E 74 -40.51 7.39 -86.06
CA ILE E 74 -40.01 7.68 -87.39
C ILE E 74 -38.62 8.27 -87.32
N ASN E 75 -38.16 8.65 -86.12
CA ASN E 75 -36.77 9.06 -85.95
C ASN E 75 -35.84 7.88 -86.14
N GLY E 76 -36.20 6.73 -85.57
CA GLY E 76 -35.35 5.57 -85.67
C GLY E 76 -35.36 4.95 -87.05
N ILE E 77 -36.53 4.98 -87.71
CA ILE E 77 -36.63 4.46 -89.07
C ILE E 77 -35.81 5.31 -90.02
N ALA E 78 -35.83 6.63 -89.83
CA ALA E 78 -35.05 7.52 -90.68
C ALA E 78 -33.56 7.42 -90.37
N TRP E 79 -33.20 6.86 -89.22
CA TRP E 79 -31.79 6.72 -88.89
C TRP E 79 -31.22 5.40 -89.37
N LYS E 80 -32.01 4.33 -89.29
CA LYS E 80 -31.53 3.06 -89.80
C LYS E 80 -31.37 3.13 -91.31
N LEU E 81 -32.25 3.85 -92.00
CA LEU E 81 -32.11 4.02 -93.44
C LEU E 81 -30.91 4.91 -93.77
N LEU E 82 -30.50 5.76 -92.83
CA LEU E 82 -29.34 6.61 -93.07
C LEU E 82 -28.04 5.81 -92.98
N ARG E 83 -27.99 4.85 -92.06
CA ARG E 83 -26.76 4.09 -91.85
C ARG E 83 -26.59 3.01 -92.91
N LEU E 84 -27.68 2.40 -93.37
CA LEU E 84 -27.59 1.40 -94.40
C LEU E 84 -27.29 2.02 -95.76
N LYS E 85 -27.64 3.30 -95.92
CA LYS E 85 -27.27 4.06 -97.11
C LYS E 85 -25.76 4.23 -97.18
N TRP E 86 -25.12 4.37 -96.02
CA TRP E 86 -23.67 4.53 -95.97
C TRP E 86 -22.96 3.24 -96.34
N LEU E 87 -23.48 2.11 -95.88
CA LEU E 87 -22.85 0.83 -96.16
C LEU E 87 -23.16 0.38 -97.58
N GLY E 88 -24.42 0.38 -97.96
CA GLY E 88 -24.79 0.05 -99.31
C GLY E 88 -25.83 -1.04 -99.40
N TYR E 89 -26.53 -1.29 -98.30
CA TYR E 89 -27.57 -2.32 -98.29
C TYR E 89 -28.85 -1.68 -98.83
N THR E 90 -28.96 -1.65 -100.16
CA THR E 90 -29.98 -0.85 -100.82
C THR E 90 -31.32 -1.54 -100.94
N ASP E 91 -31.35 -2.87 -101.05
CA ASP E 91 -32.64 -3.54 -101.12
C ASP E 91 -33.30 -3.64 -99.75
N GLN E 92 -32.52 -3.47 -98.69
CA GLN E 92 -33.12 -3.31 -97.37
C GLN E 92 -33.85 -1.99 -97.28
N ILE E 93 -33.38 -0.98 -97.99
CA ILE E 93 -34.03 0.34 -97.98
C ILE E 93 -35.38 0.25 -98.69
N ASN E 94 -35.47 -0.62 -99.71
CA ASN E 94 -36.65 -0.67 -100.56
C ASN E 94 -37.83 -1.30 -99.83
N VAL E 95 -37.57 -2.22 -98.91
CA VAL E 95 -38.67 -2.90 -98.24
C VAL E 95 -39.18 -2.07 -97.07
N VAL E 96 -38.30 -1.32 -96.41
CA VAL E 96 -38.74 -0.44 -95.33
C VAL E 96 -39.53 0.73 -95.89
N MET E 97 -39.19 1.18 -97.10
CA MET E 97 -39.95 2.27 -97.72
C MET E 97 -41.34 1.82 -98.13
N ARG E 98 -41.54 0.52 -98.33
CA ARG E 98 -42.88 0.01 -98.54
C ARG E 98 -43.62 -0.18 -97.22
N THR E 99 -42.90 -0.22 -96.11
CA THR E 99 -43.50 -0.56 -94.83
C THR E 99 -44.07 0.66 -94.12
N VAL E 100 -43.43 1.81 -94.29
CA VAL E 100 -43.84 3.07 -93.67
C VAL E 100 -45.08 3.59 -94.38
N PRO E 101 -45.88 4.50 -93.78
CA PRO E 101 -47.06 4.99 -94.49
C PRO E 101 -46.70 5.94 -95.61
N ALA E 102 -47.73 6.38 -96.33
CA ALA E 102 -47.53 7.05 -97.62
C ALA E 102 -47.01 8.47 -97.44
N GLU E 103 -47.57 9.21 -96.49
CA GLU E 103 -47.18 10.61 -96.31
C GLU E 103 -45.80 10.77 -95.70
N TRP E 104 -45.23 9.71 -95.11
CA TRP E 104 -43.93 9.81 -94.49
C TRP E 104 -42.81 9.27 -95.36
N ARG E 105 -43.10 8.78 -96.57
CA ARG E 105 -42.05 8.24 -97.43
C ARG E 105 -41.19 9.36 -97.99
N ASP E 106 -41.76 10.55 -98.13
CA ASP E 106 -40.99 11.69 -98.63
C ASP E 106 -40.06 12.23 -97.55
N PHE E 107 -40.40 11.98 -96.29
CA PHE E 107 -39.52 12.40 -95.20
C PHE E 107 -38.30 11.51 -95.10
N LEU E 108 -38.46 10.22 -95.40
CA LEU E 108 -37.35 9.28 -95.23
C LEU E 108 -36.30 9.50 -96.31
N THR E 109 -36.72 9.83 -97.52
CA THR E 109 -35.75 10.19 -98.54
C THR E 109 -35.24 11.61 -98.37
N GLN E 110 -35.91 12.42 -97.55
CA GLN E 110 -35.38 13.72 -97.20
C GLN E 110 -34.18 13.60 -96.28
N ILE E 111 -34.17 12.59 -95.40
CA ILE E 111 -33.03 12.35 -94.53
C ILE E 111 -31.86 11.76 -95.30
N MET E 112 -32.12 10.89 -96.27
CA MET E 112 -31.01 10.24 -96.98
C MET E 112 -30.43 11.15 -98.06
N GLU E 113 -31.24 11.60 -99.00
CA GLU E 113 -30.73 12.32 -100.16
C GLU E 113 -30.66 13.82 -99.95
N ASN E 114 -31.72 14.45 -99.42
CA ASN E 114 -31.82 15.90 -99.48
C ASN E 114 -30.93 16.60 -98.46
N THR E 115 -30.57 15.92 -97.37
CA THR E 115 -29.60 16.45 -96.42
C THR E 115 -28.33 15.62 -96.45
N GLN E 116 -27.92 15.26 -97.68
CA GLN E 116 -26.61 14.66 -97.93
C GLN E 116 -25.48 15.55 -97.45
N MET E 117 -25.66 16.87 -97.54
CA MET E 117 -24.63 17.80 -97.14
C MET E 117 -24.42 17.80 -95.63
N GLU E 118 -25.49 17.90 -94.84
CA GLU E 118 -25.30 18.03 -93.40
C GLU E 118 -25.19 16.67 -92.71
N SER E 119 -26.27 15.88 -92.72
CA SER E 119 -26.38 14.70 -91.88
C SER E 119 -25.46 13.57 -92.33
N MET E 120 -25.24 13.40 -93.62
CA MET E 120 -24.43 12.30 -94.10
C MET E 120 -22.95 12.56 -93.86
N TYR E 121 -22.58 13.84 -93.71
CA TYR E 121 -21.21 14.16 -93.31
C TYR E 121 -20.96 13.77 -91.86
N SER E 122 -21.95 13.94 -91.00
CA SER E 122 -21.75 13.73 -89.56
C SER E 122 -21.55 12.26 -89.23
N GLU E 123 -22.16 11.37 -90.01
CA GLU E 123 -21.83 9.95 -89.87
C GLU E 123 -20.42 9.68 -90.36
N LEU E 124 -19.99 10.36 -91.41
CA LEU E 124 -18.65 10.17 -91.94
C LEU E 124 -17.57 10.65 -90.99
N ARG E 125 -17.87 11.63 -90.14
CA ARG E 125 -16.93 12.00 -89.08
C ARG E 125 -17.02 11.08 -87.87
N LYS E 126 -18.16 10.44 -87.66
CA LYS E 126 -18.32 9.60 -86.49
C LYS E 126 -17.60 8.28 -86.65
N VAL E 127 -17.68 7.67 -87.83
CA VAL E 127 -17.07 6.37 -88.07
C VAL E 127 -15.56 6.55 -88.24
N ARG E 128 -15.14 7.79 -88.49
CA ARG E 128 -13.72 8.13 -88.47
C ARG E 128 -13.28 8.47 -87.04
N ILE F 10 32.89 -49.61 -31.51
CA ILE F 10 32.26 -50.84 -31.96
C ILE F 10 32.99 -51.36 -33.19
N ALA F 11 33.07 -50.54 -34.24
CA ALA F 11 33.59 -50.99 -35.52
C ALA F 11 34.46 -49.90 -36.13
N GLU F 12 35.39 -50.33 -36.99
CA GLU F 12 36.49 -49.45 -37.38
C GLU F 12 36.94 -49.60 -38.83
N THR F 13 36.19 -50.29 -39.68
CA THR F 13 36.70 -50.67 -41.00
C THR F 13 36.75 -49.47 -41.94
N LEU F 14 37.19 -49.75 -43.18
CA LEU F 14 37.54 -48.67 -44.11
C LEU F 14 36.31 -47.94 -44.63
N THR F 15 35.16 -48.62 -44.65
CA THR F 15 33.93 -47.94 -45.03
C THR F 15 33.50 -46.96 -43.96
N GLU F 16 33.67 -47.33 -42.69
CA GLU F 16 33.27 -46.44 -41.62
C GLU F 16 34.37 -45.44 -41.28
N LYS F 17 35.62 -45.74 -41.62
CA LYS F 17 36.67 -44.74 -41.44
C LYS F 17 36.51 -43.62 -42.45
N HIS F 18 36.03 -43.96 -43.65
CA HIS F 18 35.71 -42.93 -44.63
C HIS F 18 34.51 -42.11 -44.19
N THR F 19 33.51 -42.78 -43.61
CA THR F 19 32.28 -42.11 -43.21
C THR F 19 32.50 -41.18 -42.04
N LEU F 20 33.22 -41.64 -41.01
CA LEU F 20 33.45 -40.82 -39.84
C LEU F 20 34.44 -39.69 -40.11
N GLY F 21 35.18 -39.77 -41.22
CA GLY F 21 35.99 -38.64 -41.62
C GLY F 21 35.15 -37.51 -42.20
N ILE F 22 34.08 -37.86 -42.93
CA ILE F 22 33.22 -36.86 -43.53
C ILE F 22 32.40 -36.15 -42.46
N GLU F 23 32.04 -36.88 -41.39
CA GLU F 23 31.12 -36.35 -40.38
C GLU F 23 31.77 -35.26 -39.54
N LYS F 24 33.10 -35.23 -39.48
CA LYS F 24 33.75 -34.12 -38.78
C LYS F 24 34.00 -32.95 -39.69
N VAL F 25 33.94 -33.15 -41.02
CA VAL F 25 34.02 -32.03 -41.94
C VAL F 25 32.72 -31.25 -41.92
N VAL F 26 31.60 -31.97 -41.86
CA VAL F 26 30.29 -31.32 -41.84
C VAL F 26 29.98 -30.78 -40.46
N ALA F 27 30.79 -31.11 -39.46
CA ALA F 27 30.62 -30.56 -38.13
C ALA F 27 31.40 -29.28 -37.97
N THR F 28 32.71 -29.33 -38.20
CA THR F 28 33.59 -28.20 -37.96
C THR F 28 33.63 -27.20 -39.10
N ASP F 29 33.03 -27.54 -40.25
CA ASP F 29 33.13 -26.78 -41.50
C ASP F 29 34.60 -26.56 -41.87
N SER F 30 35.28 -27.67 -42.11
CA SER F 30 36.68 -27.62 -42.49
C SER F 30 36.88 -27.55 -43.99
N TRP F 31 35.83 -27.76 -44.77
CA TRP F 31 35.98 -27.69 -46.22
C TRP F 31 36.05 -26.25 -46.69
N ARG F 32 35.08 -25.43 -46.30
CA ARG F 32 35.02 -24.06 -46.76
C ARG F 32 36.12 -23.21 -46.14
N VAL F 33 36.64 -23.62 -44.98
CA VAL F 33 37.78 -22.91 -44.42
C VAL F 33 39.09 -23.52 -44.95
N GLY F 34 39.02 -24.71 -45.57
CA GLY F 34 40.19 -25.24 -46.23
C GLY F 34 40.49 -24.53 -47.53
N ILE F 35 39.46 -24.01 -48.19
CA ILE F 35 39.65 -23.29 -49.45
C ILE F 35 39.98 -21.83 -49.18
N THR F 36 39.25 -21.20 -48.27
CA THR F 36 39.37 -19.77 -48.06
C THR F 36 40.57 -19.38 -47.20
N SER F 37 41.26 -20.34 -46.61
CA SER F 37 42.49 -20.02 -45.89
C SER F 37 43.73 -20.14 -46.76
N ARG F 38 43.64 -20.78 -47.92
CA ARG F 38 44.83 -20.91 -48.74
C ARG F 38 45.12 -19.61 -49.48
N GLU F 39 44.24 -19.24 -50.43
CA GLU F 39 44.24 -17.97 -51.14
C GLU F 39 45.52 -17.64 -51.93
N LYS F 40 46.41 -18.60 -52.02
CA LYS F 40 47.67 -18.51 -52.75
C LYS F 40 47.81 -19.65 -53.74
N LYS F 41 47.28 -20.82 -53.38
CA LYS F 41 47.17 -21.91 -54.34
C LYS F 41 46.04 -21.65 -55.34
N LEU F 42 45.15 -20.71 -55.03
CA LEU F 42 43.95 -20.54 -55.86
C LEU F 42 44.25 -19.86 -57.17
N GLU F 43 45.39 -19.19 -57.29
CA GLU F 43 45.73 -18.58 -58.59
C GLU F 43 46.23 -19.62 -59.57
N ARG F 44 46.43 -20.87 -59.14
CA ARG F 44 46.80 -21.94 -60.05
C ARG F 44 45.65 -22.28 -60.98
N ILE F 45 44.41 -22.00 -60.55
CA ILE F 45 43.25 -22.17 -61.42
C ILE F 45 43.30 -21.17 -62.56
N ASN F 46 43.82 -19.98 -62.28
CA ASN F 46 43.89 -18.93 -63.30
C ASN F 46 44.92 -19.27 -64.37
N ILE F 47 46.06 -19.82 -63.96
CA ILE F 47 47.07 -20.21 -64.93
C ILE F 47 46.65 -21.49 -65.65
N SER F 48 45.82 -22.30 -65.00
CA SER F 48 45.31 -23.50 -65.67
C SER F 48 44.29 -23.16 -66.73
N ALA F 49 43.48 -22.12 -66.50
CA ALA F 49 42.45 -21.75 -67.46
C ALA F 49 43.06 -21.05 -68.66
N GLU F 50 44.30 -20.57 -68.54
CA GLU F 50 44.97 -19.91 -69.65
C GLU F 50 45.53 -20.91 -70.64
N ILE F 51 46.25 -21.92 -70.16
CA ILE F 51 46.88 -22.89 -71.05
C ILE F 51 45.83 -23.79 -71.68
N SER F 52 44.68 -23.92 -71.03
CA SER F 52 43.55 -24.60 -71.64
C SER F 52 43.07 -23.84 -72.86
N ARG F 53 43.10 -22.51 -72.80
CA ARG F 53 42.69 -21.70 -73.93
C ARG F 53 43.77 -21.68 -75.01
N ARG F 54 45.04 -21.61 -74.59
CA ARG F 54 46.13 -21.46 -75.55
C ARG F 54 46.34 -22.74 -76.37
N ILE F 55 46.02 -23.89 -75.77
CA ILE F 55 46.11 -25.15 -76.50
C ILE F 55 44.92 -25.30 -77.44
N GLN F 56 43.75 -24.82 -77.00
CA GLN F 56 42.53 -25.01 -77.77
C GLN F 56 42.52 -24.17 -79.05
N ASP F 57 43.01 -22.93 -78.96
CA ASP F 57 43.01 -22.05 -80.12
C ASP F 57 44.00 -22.51 -81.18
N GLU F 58 45.10 -23.12 -80.74
CA GLU F 58 46.07 -23.65 -81.70
C GLU F 58 45.53 -24.90 -82.39
N ALA F 59 44.66 -25.64 -81.71
CA ALA F 59 44.17 -26.90 -82.25
C ALA F 59 43.19 -26.66 -83.39
N ILE F 60 42.48 -25.54 -83.35
CA ILE F 60 41.55 -25.24 -84.44
C ILE F 60 42.28 -24.57 -85.59
N ALA F 61 43.33 -23.81 -85.28
CA ALA F 61 44.13 -23.19 -86.34
C ALA F 61 44.95 -24.25 -87.07
N TYR F 62 45.38 -25.28 -86.36
CA TYR F 62 46.05 -26.41 -86.99
C TYR F 62 45.09 -27.19 -87.87
N ALA F 63 43.80 -27.19 -87.50
CA ALA F 63 42.82 -27.93 -88.28
C ALA F 63 42.48 -27.25 -89.59
N ARG F 64 42.65 -25.95 -89.69
CA ARG F 64 42.31 -25.24 -90.91
C ARG F 64 43.45 -25.17 -91.91
N ASN F 65 44.69 -25.14 -91.44
CA ASN F 65 45.83 -25.09 -92.35
C ASN F 65 45.98 -26.40 -93.10
N LYS F 66 45.73 -27.52 -92.43
CA LYS F 66 45.82 -28.83 -93.06
C LYS F 66 44.47 -29.36 -93.51
N GLY F 67 43.40 -28.60 -93.32
CA GLY F 67 42.10 -28.96 -93.87
C GLY F 67 41.40 -30.14 -93.25
N ILE F 68 41.88 -30.61 -92.10
CA ILE F 68 41.29 -31.78 -91.45
C ILE F 68 40.19 -31.30 -90.50
N PRO F 69 39.19 -32.13 -90.20
CA PRO F 69 38.18 -31.72 -89.21
C PRO F 69 38.77 -31.62 -87.82
N TYR F 70 38.16 -30.77 -87.00
CA TYR F 70 38.62 -30.58 -85.64
C TYR F 70 38.32 -31.81 -84.81
N LEU F 71 39.35 -32.35 -84.18
CA LEU F 71 39.23 -33.59 -83.43
C LEU F 71 39.14 -33.26 -81.96
N PRO F 72 37.98 -33.42 -81.31
CA PRO F 72 37.87 -33.05 -79.90
C PRO F 72 38.63 -34.02 -79.01
N GLY F 73 39.09 -33.50 -77.87
CA GLY F 73 39.90 -34.27 -76.97
C GLY F 73 41.38 -34.27 -77.32
N ILE F 74 41.76 -33.72 -78.46
CA ILE F 74 43.18 -33.57 -78.76
C ILE F 74 43.78 -32.41 -77.98
N ASN F 75 42.94 -31.53 -77.42
CA ASN F 75 43.45 -30.51 -76.53
C ASN F 75 43.79 -31.10 -75.17
N GLY F 76 43.01 -32.09 -74.74
CA GLY F 76 43.33 -32.75 -73.47
C GLY F 76 44.53 -33.67 -73.60
N ILE F 77 44.68 -34.30 -74.77
CA ILE F 77 45.82 -35.20 -74.99
C ILE F 77 47.12 -34.41 -75.02
N ALA F 78 47.11 -33.26 -75.69
CA ALA F 78 48.32 -32.46 -75.82
C ALA F 78 48.66 -31.75 -74.50
N TRP F 79 47.72 -31.74 -73.55
CA TRP F 79 48.03 -31.16 -72.26
C TRP F 79 48.72 -32.18 -71.34
N LYS F 80 48.36 -33.45 -71.47
CA LYS F 80 49.01 -34.46 -70.66
C LYS F 80 50.46 -34.63 -71.08
N LEU F 81 50.72 -34.57 -72.38
CA LEU F 81 52.08 -34.71 -72.88
C LEU F 81 52.92 -33.48 -72.55
N LEU F 82 52.26 -32.34 -72.33
CA LEU F 82 52.96 -31.15 -71.89
C LEU F 82 53.44 -31.29 -70.46
N ARG F 83 52.68 -31.99 -69.63
CA ARG F 83 53.02 -32.12 -68.22
C ARG F 83 53.98 -33.28 -67.97
N LEU F 84 53.82 -34.37 -68.73
CA LEU F 84 54.69 -35.53 -68.54
C LEU F 84 56.11 -35.25 -69.02
N LYS F 85 56.23 -34.42 -70.07
CA LYS F 85 57.55 -33.99 -70.53
C LYS F 85 58.25 -33.13 -69.49
N TRP F 86 57.48 -32.36 -68.73
CA TRP F 86 58.04 -31.51 -67.69
C TRP F 86 58.64 -32.33 -66.56
N LEU F 87 58.01 -33.44 -66.21
CA LEU F 87 58.57 -34.34 -65.22
C LEU F 87 59.69 -35.17 -65.83
N GLY F 88 59.42 -35.78 -66.97
CA GLY F 88 60.44 -36.54 -67.66
C GLY F 88 60.00 -37.94 -68.01
N TYR F 89 58.70 -38.20 -67.96
CA TYR F 89 58.18 -39.53 -68.28
C TYR F 89 58.13 -39.65 -69.80
N THR F 90 59.29 -39.91 -70.39
CA THR F 90 59.46 -39.81 -71.84
C THR F 90 59.05 -41.07 -72.58
N ASP F 91 58.89 -42.19 -71.88
CA ASP F 91 58.46 -43.41 -72.57
C ASP F 91 56.94 -43.55 -72.51
N GLN F 92 56.27 -42.73 -71.71
CA GLN F 92 54.84 -42.58 -71.87
C GLN F 92 54.50 -41.84 -73.15
N ILE F 93 55.34 -40.89 -73.54
CA ILE F 93 55.04 -40.02 -74.67
C ILE F 93 55.08 -40.80 -75.97
N ASN F 94 55.97 -41.78 -76.05
CA ASN F 94 56.17 -42.51 -77.29
C ASN F 94 54.99 -43.42 -77.60
N VAL F 95 54.35 -43.96 -76.56
CA VAL F 95 53.24 -44.87 -76.79
C VAL F 95 51.97 -44.09 -77.13
N VAL F 96 51.82 -42.90 -76.55
CA VAL F 96 50.65 -42.08 -76.85
C VAL F 96 50.78 -41.45 -78.23
N MET F 97 52.01 -41.16 -78.66
CA MET F 97 52.20 -40.62 -80.00
C MET F 97 51.91 -41.65 -81.07
N ARG F 98 52.08 -42.94 -80.76
CA ARG F 98 51.66 -43.98 -81.68
C ARG F 98 50.14 -44.16 -81.67
N THR F 99 49.48 -43.67 -80.63
CA THR F 99 48.06 -43.96 -80.45
C THR F 99 47.19 -42.99 -81.26
N VAL F 100 47.64 -41.76 -81.45
CA VAL F 100 46.89 -40.71 -82.11
C VAL F 100 46.95 -40.90 -83.63
N PRO F 101 46.11 -40.24 -84.44
CA PRO F 101 46.25 -40.38 -85.89
C PRO F 101 47.49 -39.68 -86.42
N ALA F 102 47.72 -39.86 -87.72
CA ALA F 102 48.97 -39.45 -88.34
C ALA F 102 49.06 -37.93 -88.50
N GLU F 103 47.96 -37.31 -88.91
CA GLU F 103 47.97 -35.88 -89.16
C GLU F 103 48.01 -35.05 -87.89
N TRP F 104 47.78 -35.67 -86.73
CA TRP F 104 47.79 -34.95 -85.47
C TRP F 104 49.06 -35.17 -84.67
N ARG F 105 50.01 -35.95 -85.18
CA ARG F 105 51.27 -36.16 -84.48
C ARG F 105 52.12 -34.89 -84.52
N ASP F 106 51.96 -34.10 -85.57
CA ASP F 106 52.73 -32.87 -85.71
C ASP F 106 52.19 -31.80 -84.74
N PHE F 107 50.92 -31.89 -84.39
CA PHE F 107 50.35 -30.93 -83.45
C PHE F 107 50.81 -31.22 -82.03
N LEU F 108 50.98 -32.50 -81.69
CA LEU F 108 51.34 -32.86 -80.33
C LEU F 108 52.79 -32.51 -80.04
N THR F 109 53.66 -32.64 -81.05
CA THR F 109 55.03 -32.20 -80.88
C THR F 109 55.16 -30.69 -81.05
N GLN F 110 54.11 -30.03 -81.54
CA GLN F 110 54.09 -28.58 -81.57
C GLN F 110 53.82 -27.99 -80.21
N ILE F 111 52.95 -28.64 -79.42
CA ILE F 111 52.66 -28.18 -78.07
C ILE F 111 53.87 -28.35 -77.15
N MET F 112 54.62 -29.43 -77.32
CA MET F 112 55.78 -29.66 -76.45
C MET F 112 56.97 -28.77 -76.85
N GLU F 113 57.28 -28.75 -78.14
CA GLU F 113 58.52 -28.11 -78.59
C GLU F 113 58.36 -26.66 -79.01
N ASN F 114 57.50 -26.38 -80.01
CA ASN F 114 57.56 -25.09 -80.69
C ASN F 114 56.95 -23.97 -79.87
N THR F 115 56.20 -24.28 -78.82
CA THR F 115 55.70 -23.26 -77.90
C THR F 115 56.24 -23.49 -76.49
N GLN F 116 57.54 -23.79 -76.40
CA GLN F 116 58.16 -23.97 -75.10
C GLN F 116 58.30 -22.65 -74.34
N MET F 117 58.43 -21.55 -75.08
CA MET F 117 58.62 -20.24 -74.46
C MET F 117 57.32 -19.82 -73.80
N GLU F 118 56.20 -20.17 -74.41
CA GLU F 118 54.92 -19.75 -73.86
C GLU F 118 54.35 -20.80 -72.92
N SER F 119 54.15 -22.02 -73.40
CA SER F 119 53.38 -23.01 -72.66
C SER F 119 54.20 -23.71 -71.57
N MET F 120 55.46 -24.04 -71.83
CA MET F 120 56.26 -24.73 -70.83
C MET F 120 56.64 -23.80 -69.69
N TYR F 121 56.81 -22.51 -70.00
CA TYR F 121 57.08 -21.53 -68.96
C TYR F 121 55.86 -21.32 -68.06
N SER F 122 54.66 -21.45 -68.64
CA SER F 122 53.44 -21.25 -67.86
C SER F 122 53.22 -22.39 -66.89
N GLU F 123 53.59 -23.61 -67.28
CA GLU F 123 53.57 -24.72 -66.34
C GLU F 123 54.68 -24.56 -65.30
N LEU F 124 55.81 -23.98 -65.72
CA LEU F 124 56.90 -23.71 -64.78
C LEU F 124 56.50 -22.69 -63.73
N ARG F 125 55.59 -21.78 -64.06
CA ARG F 125 55.13 -20.80 -63.09
C ARG F 125 54.00 -21.32 -62.22
N LYS F 126 53.25 -22.31 -62.70
CA LYS F 126 52.12 -22.80 -61.93
C LYS F 126 52.56 -23.70 -60.78
N VAL F 127 53.51 -24.58 -61.03
CA VAL F 127 53.95 -25.54 -60.02
C VAL F 127 54.80 -24.81 -58.99
N ARG F 128 55.33 -23.66 -59.36
CA ARG F 128 56.00 -22.79 -58.41
C ARG F 128 54.98 -21.89 -57.70
N ILE G 10 -31.63 -17.25 -58.61
CA ILE G 10 -32.64 -18.18 -58.12
C ILE G 10 -33.89 -18.03 -58.97
N ALA G 11 -34.53 -16.87 -58.89
CA ALA G 11 -35.76 -16.60 -59.63
C ALA G 11 -35.68 -15.21 -60.23
N GLU G 12 -36.20 -15.07 -61.46
CA GLU G 12 -36.03 -13.83 -62.21
C GLU G 12 -37.31 -13.33 -62.88
N THR G 13 -38.41 -13.18 -62.14
CA THR G 13 -39.58 -12.59 -62.77
C THR G 13 -39.42 -11.08 -62.86
N LEU G 14 -40.46 -10.43 -63.41
CA LEU G 14 -40.39 -8.98 -63.61
C LEU G 14 -40.53 -8.23 -62.30
N THR G 15 -41.09 -8.89 -61.28
CA THR G 15 -41.17 -8.27 -59.96
C THR G 15 -39.80 -8.14 -59.33
N GLU G 16 -38.98 -9.18 -59.45
CA GLU G 16 -37.65 -9.14 -58.84
C GLU G 16 -36.66 -8.38 -59.69
N LYS G 17 -36.99 -8.13 -60.96
CA LYS G 17 -36.13 -7.28 -61.77
C LYS G 17 -36.33 -5.82 -61.40
N HIS G 18 -37.57 -5.46 -61.05
CA HIS G 18 -37.85 -4.09 -60.62
C HIS G 18 -37.22 -3.81 -59.27
N THR G 19 -37.14 -4.83 -58.42
CA THR G 19 -36.50 -4.66 -57.11
C THR G 19 -34.99 -4.53 -57.25
N LEU G 20 -34.37 -5.43 -58.01
CA LEU G 20 -32.91 -5.42 -58.15
C LEU G 20 -32.42 -4.22 -58.97
N GLY G 21 -33.31 -3.54 -59.68
CA GLY G 21 -32.93 -2.26 -60.26
C GLY G 21 -32.87 -1.17 -59.20
N ILE G 22 -33.77 -1.24 -58.23
CA ILE G 22 -33.84 -0.22 -57.18
C ILE G 22 -32.71 -0.43 -56.17
N GLU G 23 -32.32 -1.69 -55.94
CA GLU G 23 -31.25 -1.99 -55.00
C GLU G 23 -29.90 -1.52 -55.53
N LYS G 24 -29.72 -1.52 -56.84
CA LYS G 24 -28.48 -1.00 -57.37
C LYS G 24 -28.46 0.51 -57.42
N VAL G 25 -29.63 1.15 -57.29
CA VAL G 25 -29.69 2.61 -57.34
C VAL G 25 -29.33 3.22 -55.99
N VAL G 26 -29.92 2.69 -54.91
CA VAL G 26 -29.66 3.23 -53.59
C VAL G 26 -28.28 2.80 -53.10
N ALA G 27 -27.67 1.82 -53.75
CA ALA G 27 -26.30 1.45 -53.42
C ALA G 27 -25.32 2.46 -53.99
N THR G 28 -25.43 2.74 -55.27
CA THR G 28 -24.45 3.58 -55.94
C THR G 28 -24.83 5.06 -55.93
N ASP G 29 -26.01 5.39 -55.40
CA ASP G 29 -26.57 6.76 -55.35
C ASP G 29 -26.63 7.37 -56.75
N SER G 30 -27.38 6.71 -57.62
CA SER G 30 -27.53 7.16 -58.99
C SER G 30 -28.68 8.14 -59.17
N TRP G 31 -29.54 8.27 -58.17
CA TRP G 31 -30.70 9.15 -58.31
C TRP G 31 -30.30 10.61 -58.14
N ARG G 32 -29.60 10.93 -57.06
CA ARG G 32 -29.22 12.31 -56.80
C ARG G 32 -28.15 12.79 -57.76
N VAL G 33 -27.30 11.89 -58.24
CA VAL G 33 -26.35 12.28 -59.27
C VAL G 33 -27.00 12.22 -60.64
N GLY G 34 -28.20 11.63 -60.74
CA GLY G 34 -28.94 11.72 -61.99
C GLY G 34 -29.55 13.08 -62.21
N ILE G 35 -29.83 13.82 -61.13
CA ILE G 35 -30.43 15.13 -61.28
C ILE G 35 -29.36 16.22 -61.29
N THR G 36 -28.39 16.12 -60.39
CA THR G 36 -27.38 17.14 -60.24
C THR G 36 -26.36 17.15 -61.36
N SER G 37 -26.30 16.11 -62.18
CA SER G 37 -25.39 16.11 -63.32
C SER G 37 -26.05 16.64 -64.59
N ARG G 38 -27.37 16.71 -64.64
CA ARG G 38 -28.00 17.21 -65.86
C ARG G 38 -27.95 18.73 -65.91
N GLU G 39 -28.67 19.39 -65.00
CA GLU G 39 -28.62 20.83 -64.73
C GLU G 39 -28.96 21.75 -65.91
N LYS G 40 -29.28 21.17 -67.06
CA LYS G 40 -29.72 21.87 -68.26
C LYS G 40 -31.17 21.57 -68.56
N LYS G 41 -31.62 20.35 -68.27
CA LYS G 41 -33.02 20.04 -68.39
C LYS G 41 -33.82 20.58 -67.20
N LEU G 42 -33.14 21.03 -66.14
CA LEU G 42 -33.86 21.43 -64.95
C LEU G 42 -34.52 22.79 -65.12
N GLU G 43 -34.10 23.57 -66.10
CA GLU G 43 -34.75 24.87 -66.33
C GLU G 43 -36.07 24.72 -67.07
N ARG G 44 -36.40 23.50 -67.51
CA ARG G 44 -37.72 23.25 -68.09
C ARG G 44 -38.81 23.38 -67.05
N ILE G 45 -38.47 23.15 -65.78
CA ILE G 45 -39.43 23.33 -64.69
C ILE G 45 -39.77 24.81 -64.52
N ASN G 46 -38.80 25.67 -64.82
CA ASN G 46 -39.05 27.11 -64.79
C ASN G 46 -40.02 27.51 -65.88
N ILE G 47 -39.87 26.94 -67.06
CA ILE G 47 -40.73 27.30 -68.19
C ILE G 47 -42.12 26.70 -68.03
N SER G 48 -42.19 25.51 -67.42
CA SER G 48 -43.49 24.88 -67.20
C SER G 48 -44.29 25.63 -66.14
N ALA G 49 -43.62 26.13 -65.10
CA ALA G 49 -44.32 26.87 -64.05
C ALA G 49 -44.75 28.24 -64.53
N GLU G 50 -44.19 28.70 -65.65
CA GLU G 50 -44.60 29.97 -66.23
C GLU G 50 -45.88 29.84 -67.02
N ILE G 51 -45.98 28.83 -67.88
CA ILE G 51 -47.19 28.61 -68.67
C ILE G 51 -48.33 28.17 -67.77
N SER G 52 -48.00 27.49 -66.68
CA SER G 52 -48.99 27.06 -65.72
C SER G 52 -49.70 28.24 -65.06
N ARG G 53 -48.95 29.30 -64.79
CA ARG G 53 -49.56 30.48 -64.21
C ARG G 53 -50.34 31.28 -65.25
N ARG G 54 -49.82 31.30 -66.49
CA ARG G 54 -50.42 32.13 -67.53
C ARG G 54 -51.78 31.59 -67.97
N ILE G 55 -51.95 30.28 -67.91
CA ILE G 55 -53.24 29.69 -68.28
C ILE G 55 -54.24 29.90 -67.16
N GLN G 56 -53.78 29.82 -65.91
CA GLN G 56 -54.69 29.91 -64.77
C GLN G 56 -55.19 31.33 -64.57
N ASP G 57 -54.34 32.32 -64.87
CA ASP G 57 -54.75 33.72 -64.72
C ASP G 57 -55.83 34.10 -65.74
N GLU G 58 -55.77 33.51 -66.93
CA GLU G 58 -56.77 33.83 -67.93
C GLU G 58 -58.10 33.16 -67.64
N ALA G 59 -58.07 31.99 -66.99
CA ALA G 59 -59.29 31.25 -66.71
C ALA G 59 -60.13 31.95 -65.65
N ILE G 60 -59.48 32.68 -64.74
CA ILE G 60 -60.24 33.48 -63.79
C ILE G 60 -60.73 34.75 -64.45
N ALA G 61 -59.95 35.29 -65.39
CA ALA G 61 -60.38 36.48 -66.11
C ALA G 61 -61.50 36.14 -67.07
N TYR G 62 -61.46 34.94 -67.66
CA TYR G 62 -62.55 34.48 -68.52
C TYR G 62 -63.81 34.23 -67.72
N ALA G 63 -63.66 33.81 -66.47
CA ALA G 63 -64.83 33.49 -65.66
C ALA G 63 -65.56 34.73 -65.17
N ARG G 64 -64.90 35.87 -65.09
CA ARG G 64 -65.55 37.07 -64.59
C ARG G 64 -66.08 37.96 -65.70
N ASN G 65 -65.66 37.75 -66.94
CA ASN G 65 -66.27 38.49 -68.03
C ASN G 65 -67.65 37.95 -68.37
N LYS G 66 -67.84 36.64 -68.21
CA LYS G 66 -69.10 36.00 -68.55
C LYS G 66 -69.96 35.71 -67.33
N GLY G 67 -69.45 35.99 -66.12
CA GLY G 67 -70.24 35.74 -64.92
C GLY G 67 -70.43 34.28 -64.58
N ILE G 68 -69.66 33.38 -65.17
CA ILE G 68 -69.77 31.96 -64.89
C ILE G 68 -68.87 31.64 -63.71
N PRO G 69 -69.15 30.61 -62.92
CA PRO G 69 -68.23 30.24 -61.85
C PRO G 69 -66.93 29.67 -62.42
N TYR G 70 -65.85 29.85 -61.67
CA TYR G 70 -64.58 29.32 -62.10
C TYR G 70 -64.58 27.81 -61.96
N LEU G 71 -64.37 27.11 -63.08
CA LEU G 71 -64.38 25.67 -63.11
C LEU G 71 -62.97 25.17 -62.86
N PRO G 72 -62.68 24.56 -61.71
CA PRO G 72 -61.33 24.06 -61.47
C PRO G 72 -61.06 22.82 -62.31
N GLY G 73 -59.81 22.67 -62.71
CA GLY G 73 -59.42 21.60 -63.58
C GLY G 73 -59.52 21.91 -65.06
N ILE G 74 -60.00 23.11 -65.42
CA ILE G 74 -59.95 23.54 -66.80
C ILE G 74 -58.55 24.04 -67.14
N ASN G 75 -57.72 24.21 -66.12
CA ASN G 75 -56.32 24.59 -66.33
C ASN G 75 -55.57 23.48 -67.04
N GLY G 76 -55.70 22.25 -66.54
CA GLY G 76 -55.00 21.13 -67.14
C GLY G 76 -55.61 20.70 -68.45
N ILE G 77 -56.93 20.87 -68.60
CA ILE G 77 -57.58 20.57 -69.87
C ILE G 77 -57.08 21.51 -70.95
N ALA G 78 -56.90 22.78 -70.61
CA ALA G 78 -56.39 23.74 -71.58
C ALA G 78 -54.92 23.52 -71.87
N TRP G 79 -54.20 22.84 -70.97
CA TRP G 79 -52.78 22.61 -71.19
C TRP G 79 -52.55 21.31 -71.96
N LYS G 80 -53.42 20.32 -71.76
CA LYS G 80 -53.32 19.10 -72.56
C LYS G 80 -53.63 19.40 -74.02
N LEU G 81 -54.63 20.24 -74.28
CA LEU G 81 -54.97 20.59 -75.66
C LEU G 81 -53.91 21.46 -76.29
N LEU G 82 -53.15 22.19 -75.48
CA LEU G 82 -52.05 23.00 -76.02
C LEU G 82 -50.92 22.12 -76.52
N ARG G 83 -50.64 21.02 -75.81
CA ARG G 83 -49.51 20.18 -76.16
C ARG G 83 -49.84 19.24 -77.31
N LEU G 84 -51.11 18.84 -77.43
CA LEU G 84 -51.50 17.99 -78.55
C LEU G 84 -51.61 18.78 -79.84
N LYS G 85 -51.95 20.07 -79.72
CA LYS G 85 -51.95 20.96 -80.88
C LYS G 85 -50.53 21.14 -81.42
N TRP G 86 -49.55 21.11 -80.53
CA TRP G 86 -48.16 21.22 -80.94
C TRP G 86 -47.69 19.96 -81.65
N LEU G 87 -48.23 18.81 -81.27
CA LEU G 87 -47.83 17.55 -81.88
C LEU G 87 -48.56 17.33 -83.20
N GLY G 88 -49.89 17.41 -83.18
CA GLY G 88 -50.68 17.22 -84.37
C GLY G 88 -51.76 16.20 -84.18
N TYR G 89 -52.09 15.87 -82.94
CA TYR G 89 -53.14 14.90 -82.64
C TYR G 89 -54.46 15.67 -82.64
N THR G 90 -54.98 15.94 -83.83
CA THR G 90 -56.05 16.90 -83.99
C THR G 90 -57.44 16.35 -83.73
N ASP G 91 -57.65 15.04 -83.88
CA ASP G 91 -58.99 14.51 -83.60
C ASP G 91 -59.10 14.05 -82.15
N GLN G 92 -57.99 14.02 -81.43
CA GLN G 92 -58.09 13.92 -79.98
C GLN G 92 -58.60 15.23 -79.40
N ILE G 93 -58.27 16.35 -80.05
CA ILE G 93 -58.77 17.65 -79.64
C ILE G 93 -60.28 17.72 -79.85
N ASN G 94 -60.77 17.11 -80.93
CA ASN G 94 -62.16 17.29 -81.34
C ASN G 94 -63.13 16.58 -80.40
N VAL G 95 -62.65 15.55 -79.69
CA VAL G 95 -63.53 14.86 -78.76
C VAL G 95 -63.58 15.58 -77.41
N VAL G 96 -62.46 16.19 -77.01
CA VAL G 96 -62.44 16.91 -75.74
C VAL G 96 -63.24 18.21 -75.83
N MET G 97 -63.31 18.80 -77.03
CA MET G 97 -64.14 19.99 -77.21
C MET G 97 -65.62 19.67 -77.08
N ARG G 98 -66.00 18.42 -77.35
CA ARG G 98 -67.37 18.00 -77.10
C ARG G 98 -67.61 17.66 -75.65
N THR G 99 -66.54 17.48 -74.87
CA THR G 99 -66.69 16.95 -73.52
C THR G 99 -66.84 18.05 -72.48
N VAL G 100 -66.14 19.17 -72.67
CA VAL G 100 -66.18 20.33 -71.79
C VAL G 100 -67.53 21.03 -71.96
N PRO G 101 -68.00 21.85 -71.01
CA PRO G 101 -69.30 22.50 -71.21
C PRO G 101 -69.22 23.61 -72.24
N ALA G 102 -70.40 24.21 -72.49
CA ALA G 102 -70.56 25.05 -73.68
C ALA G 102 -69.82 26.37 -73.56
N GLU G 103 -69.95 27.05 -72.42
CA GLU G 103 -69.37 28.37 -72.27
C GLU G 103 -67.86 28.34 -72.06
N TRP G 104 -67.26 27.17 -71.89
CA TRP G 104 -65.82 27.05 -71.74
C TRP G 104 -65.12 26.60 -73.01
N ARG G 105 -65.86 26.33 -74.08
CA ARG G 105 -65.22 25.90 -75.32
C ARG G 105 -64.48 27.04 -76.00
N ASP G 106 -64.92 28.27 -75.75
CA ASP G 106 -64.25 29.42 -76.34
C ASP G 106 -62.96 29.73 -75.59
N PHE G 107 -62.86 29.29 -74.34
CA PHE G 107 -61.62 29.48 -73.60
C PHE G 107 -60.55 28.50 -74.06
N LEU G 108 -60.95 27.28 -74.41
CA LEU G 108 -59.97 26.27 -74.80
C LEU G 108 -59.37 26.58 -76.16
N THR G 109 -60.17 27.14 -77.07
CA THR G 109 -59.61 27.60 -78.32
C THR G 109 -58.88 28.91 -78.17
N GLN G 110 -59.12 29.65 -77.07
CA GLN G 110 -58.34 30.85 -76.79
C GLN G 110 -56.92 30.50 -76.39
N ILE G 111 -56.75 29.41 -75.63
CA ILE G 111 -55.41 28.98 -75.24
C ILE G 111 -54.67 28.39 -76.44
N MET G 112 -55.36 27.69 -77.33
CA MET G 112 -54.69 27.02 -78.44
C MET G 112 -54.21 28.00 -79.49
N GLU G 113 -55.11 28.78 -80.07
CA GLU G 113 -54.76 29.60 -81.22
C GLU G 113 -54.54 31.07 -80.90
N ASN G 114 -55.31 31.64 -79.96
CA ASN G 114 -55.32 33.10 -79.82
C ASN G 114 -54.08 33.62 -79.10
N THR G 115 -53.39 32.79 -78.33
CA THR G 115 -52.18 33.19 -77.64
C THR G 115 -50.98 32.41 -78.16
N GLN G 116 -50.86 32.36 -79.49
CA GLN G 116 -49.78 31.62 -80.15
C GLN G 116 -48.42 32.25 -79.87
N MET G 117 -48.37 33.57 -79.72
CA MET G 117 -47.10 34.25 -79.49
C MET G 117 -46.60 33.94 -78.09
N GLU G 118 -47.49 34.02 -77.11
CA GLU G 118 -47.04 33.85 -75.74
C GLU G 118 -46.95 32.38 -75.35
N SER G 119 -48.09 31.69 -75.32
CA SER G 119 -48.13 30.35 -74.75
C SER G 119 -47.55 29.29 -75.67
N MET G 120 -47.74 29.42 -76.98
CA MET G 120 -47.33 28.34 -77.87
C MET G 120 -45.84 28.39 -78.16
N TYR G 121 -45.26 29.59 -78.17
CA TYR G 121 -43.81 29.70 -78.30
C TYR G 121 -43.11 29.24 -77.03
N SER G 122 -43.79 29.35 -75.89
CA SER G 122 -43.18 28.95 -74.63
C SER G 122 -43.01 27.43 -74.55
N GLU G 123 -43.95 26.68 -75.12
CA GLU G 123 -43.75 25.24 -75.26
C GLU G 123 -42.67 24.96 -76.29
N LEU G 124 -42.60 25.78 -77.34
CA LEU G 124 -41.61 25.60 -78.39
C LEU G 124 -40.19 25.86 -77.89
N ARG G 125 -40.03 26.71 -76.89
CA ARG G 125 -38.73 26.87 -76.26
C ARG G 125 -38.46 25.80 -75.21
N LYS G 126 -39.50 25.19 -74.66
CA LYS G 126 -39.31 24.23 -73.60
C LYS G 126 -38.82 22.90 -74.13
N VAL G 127 -39.29 22.49 -75.31
CA VAL G 127 -38.95 21.18 -75.86
C VAL G 127 -37.56 21.30 -76.49
N ARG G 128 -37.12 22.53 -76.74
CA ARG G 128 -35.75 22.78 -77.19
C ARG G 128 -34.82 22.92 -75.99
N ILE H 10 37.55 -50.15 -10.99
CA ILE H 10 37.25 -51.49 -11.48
C ILE H 10 38.50 -52.07 -12.14
N ALA H 11 38.95 -51.44 -13.23
CA ALA H 11 40.04 -52.00 -14.03
C ALA H 11 41.02 -50.90 -14.41
N GLU H 12 42.20 -51.33 -14.86
CA GLU H 12 43.32 -50.41 -14.98
C GLU H 12 44.22 -50.66 -16.19
N THR H 13 43.82 -51.48 -17.15
CA THR H 13 44.74 -51.94 -18.18
C THR H 13 45.06 -50.85 -19.19
N LEU H 14 45.95 -51.18 -20.12
CA LEU H 14 46.56 -50.17 -20.98
C LEU H 14 45.59 -49.63 -22.01
N THR H 15 44.57 -50.41 -22.36
CA THR H 15 43.55 -49.92 -23.26
C THR H 15 42.68 -48.87 -22.58
N GLU H 16 42.34 -49.09 -21.31
CA GLU H 16 41.54 -48.12 -20.59
C GLU H 16 42.35 -46.92 -20.16
N LYS H 17 43.67 -47.09 -19.97
CA LYS H 17 44.50 -45.95 -19.64
C LYS H 17 44.64 -45.02 -20.83
N HIS H 18 44.68 -45.58 -22.03
CA HIS H 18 44.67 -44.77 -23.24
C HIS H 18 43.33 -44.07 -23.40
N THR H 19 42.25 -44.75 -23.03
CA THR H 19 40.92 -44.16 -23.15
C THR H 19 40.70 -43.08 -22.11
N LEU H 20 40.95 -43.38 -20.83
CA LEU H 20 40.72 -42.42 -19.77
C LEU H 20 41.71 -41.26 -19.81
N GLY H 21 42.85 -41.45 -20.49
CA GLY H 21 43.75 -40.33 -20.70
C GLY H 21 43.25 -39.40 -21.79
N ILE H 22 42.45 -39.92 -22.70
CA ILE H 22 41.87 -39.10 -23.76
C ILE H 22 40.73 -38.25 -23.21
N GLU H 23 40.00 -38.80 -22.23
CA GLU H 23 38.75 -38.18 -21.77
C GLU H 23 39.03 -36.90 -20.96
N LYS H 24 40.22 -36.77 -20.40
CA LYS H 24 40.53 -35.52 -19.72
C LYS H 24 40.98 -34.45 -20.70
N VAL H 25 41.36 -34.84 -21.91
CA VAL H 25 41.71 -33.84 -22.93
C VAL H 25 40.45 -33.18 -23.45
N VAL H 26 39.39 -33.96 -23.66
CA VAL H 26 38.15 -33.42 -24.18
C VAL H 26 37.35 -32.74 -23.08
N ALA H 27 37.78 -32.89 -21.83
CA ALA H 27 37.13 -32.19 -20.73
C ALA H 27 37.79 -30.84 -20.46
N THR H 28 39.11 -30.85 -20.31
CA THR H 28 39.85 -29.64 -19.98
C THR H 28 40.19 -28.79 -21.20
N ASP H 29 39.89 -29.28 -22.41
CA ASP H 29 40.26 -28.65 -23.68
C ASP H 29 41.75 -28.36 -23.73
N SER H 30 42.53 -29.41 -23.52
CA SER H 30 43.97 -29.27 -23.42
C SER H 30 44.69 -29.52 -24.74
N TRP H 31 43.99 -29.99 -25.77
CA TRP H 31 44.64 -30.13 -27.06
C TRP H 31 44.83 -28.77 -27.71
N ARG H 32 43.78 -27.95 -27.71
CA ARG H 32 43.86 -26.65 -28.35
C ARG H 32 44.73 -25.68 -27.57
N VAL H 33 44.69 -25.77 -26.23
CA VAL H 33 45.52 -24.89 -25.43
C VAL H 33 46.93 -25.45 -25.30
N GLY H 34 47.15 -26.69 -25.74
CA GLY H 34 48.51 -27.18 -25.86
C GLY H 34 49.24 -26.56 -27.02
N ILE H 35 48.52 -26.18 -28.07
CA ILE H 35 49.15 -25.61 -29.26
C ILE H 35 49.28 -24.10 -29.11
N THR H 36 48.20 -23.44 -28.68
CA THR H 36 48.15 -22.00 -28.63
C THR H 36 48.92 -21.40 -27.46
N SER H 37 49.38 -22.21 -26.52
CA SER H 37 50.23 -21.70 -25.46
C SER H 37 51.70 -21.80 -25.81
N ARG H 38 52.07 -22.64 -26.78
CA ARG H 38 53.47 -22.75 -27.14
C ARG H 38 53.91 -21.56 -27.98
N GLU H 39 53.38 -21.46 -29.21
CA GLU H 39 53.50 -20.30 -30.10
C GLU H 39 54.92 -19.87 -30.48
N LYS H 40 55.92 -20.60 -30.03
CA LYS H 40 57.33 -20.39 -30.32
C LYS H 40 57.91 -21.58 -31.04
N LYS H 41 57.45 -22.79 -30.71
CA LYS H 41 57.81 -23.97 -31.47
C LYS H 41 57.12 -24.01 -32.82
N LEU H 42 56.12 -23.16 -33.04
CA LEU H 42 55.30 -23.28 -34.24
C LEU H 42 56.02 -22.77 -35.48
N GLU H 43 57.10 -22.01 -35.32
CA GLU H 43 57.85 -21.58 -36.49
C GLU H 43 58.73 -22.70 -37.04
N ARG H 44 58.81 -23.82 -36.34
CA ARG H 44 59.50 -24.99 -36.88
C ARG H 44 58.74 -25.56 -38.07
N ILE H 45 57.43 -25.36 -38.11
CA ILE H 45 56.64 -25.74 -39.28
C ILE H 45 57.05 -24.89 -40.49
N ASN H 46 57.36 -23.62 -40.24
CA ASN H 46 57.72 -22.70 -41.30
C ASN H 46 59.08 -23.04 -41.91
N ILE H 47 60.04 -23.41 -41.06
CA ILE H 47 61.35 -23.79 -41.56
C ILE H 47 61.29 -25.16 -42.23
N SER H 48 60.39 -26.02 -41.75
CA SER H 48 60.20 -27.33 -42.37
C SER H 48 59.55 -27.19 -43.74
N ALA H 49 58.67 -26.22 -43.89
CA ALA H 49 58.02 -26.02 -45.18
C ALA H 49 58.98 -25.44 -46.20
N GLU H 50 60.07 -24.82 -45.72
CA GLU H 50 61.06 -24.25 -46.62
C GLU H 50 61.94 -25.33 -47.23
N ILE H 51 62.45 -26.24 -46.40
CA ILE H 51 63.41 -27.23 -46.88
C ILE H 51 62.71 -28.30 -47.71
N SER H 52 61.41 -28.48 -47.50
CA SER H 52 60.64 -29.36 -48.38
C SER H 52 60.55 -28.78 -49.77
N ARG H 53 60.52 -27.45 -49.87
CA ARG H 53 60.51 -26.81 -51.18
C ARG H 53 61.91 -26.78 -51.78
N ARG H 54 62.92 -26.56 -50.95
CA ARG H 54 64.28 -26.41 -51.45
C ARG H 54 64.85 -27.74 -51.94
N ILE H 55 64.44 -28.84 -51.33
CA ILE H 55 64.90 -30.15 -51.76
C ILE H 55 64.16 -30.57 -53.04
N GLN H 56 62.87 -30.25 -53.12
CA GLN H 56 62.05 -30.68 -54.24
C GLN H 56 62.43 -29.95 -55.52
N ASP H 57 62.78 -28.66 -55.42
CA ASP H 57 63.09 -27.88 -56.61
C ASP H 57 64.38 -28.33 -57.27
N GLU H 58 65.31 -28.89 -56.48
CA GLU H 58 66.53 -29.41 -57.08
C GLU H 58 66.30 -30.76 -57.73
N ALA H 59 65.38 -31.56 -57.18
CA ALA H 59 65.18 -32.92 -57.66
C ALA H 59 64.52 -32.93 -59.03
N ILE H 60 63.75 -31.90 -59.35
CA ILE H 60 63.19 -31.80 -60.69
C ILE H 60 64.22 -31.19 -61.64
N ALA H 61 65.15 -30.39 -61.10
CA ALA H 61 66.21 -29.84 -61.91
C ALA H 61 67.27 -30.88 -62.21
N TYR H 62 67.59 -31.72 -61.21
CA TYR H 62 68.59 -32.76 -61.39
C TYR H 62 68.09 -33.84 -62.34
N ALA H 63 66.79 -34.06 -62.38
CA ALA H 63 66.23 -35.00 -63.35
C ALA H 63 66.24 -34.44 -64.75
N ARG H 64 66.31 -33.12 -64.90
CA ARG H 64 66.34 -32.49 -66.21
C ARG H 64 67.76 -32.32 -66.76
N ASN H 65 68.74 -32.19 -65.88
CA ASN H 65 70.12 -32.10 -66.34
C ASN H 65 70.63 -33.44 -66.82
N LYS H 66 70.30 -34.51 -66.12
CA LYS H 66 70.75 -35.84 -66.50
C LYS H 66 69.75 -36.59 -67.38
N GLY H 67 68.64 -35.96 -67.75
CA GLY H 67 67.71 -36.54 -68.69
C GLY H 67 66.94 -37.74 -68.20
N ILE H 68 66.90 -37.99 -66.90
CA ILE H 68 66.25 -39.16 -66.35
C ILE H 68 64.83 -38.78 -65.92
N PRO H 69 63.88 -39.71 -65.86
CA PRO H 69 62.56 -39.37 -65.35
C PRO H 69 62.60 -39.06 -63.86
N TYR H 70 61.70 -38.18 -63.43
CA TYR H 70 61.67 -37.76 -62.04
C TYR H 70 61.13 -38.86 -61.15
N LEU H 71 61.82 -39.10 -60.04
CA LEU H 71 61.47 -40.19 -59.14
C LEU H 71 60.81 -39.62 -57.89
N PRO H 72 59.52 -39.84 -57.67
CA PRO H 72 58.88 -39.31 -56.47
C PRO H 72 59.33 -40.05 -55.22
N GLY H 73 59.34 -39.35 -54.10
CA GLY H 73 59.81 -39.90 -52.87
C GLY H 73 61.29 -39.81 -52.66
N ILE H 74 62.05 -39.39 -53.68
CA ILE H 74 63.47 -39.16 -53.49
C ILE H 74 63.72 -37.86 -52.74
N ASN H 75 62.72 -36.98 -52.66
CA ASN H 75 62.81 -35.84 -51.76
C ASN H 75 62.61 -36.29 -50.32
N GLY H 76 61.81 -37.33 -50.13
CA GLY H 76 61.63 -37.87 -48.78
C GLY H 76 62.86 -38.62 -48.31
N ILE H 77 63.54 -39.29 -49.22
CA ILE H 77 64.77 -40.01 -48.87
C ILE H 77 65.87 -39.02 -48.51
N ALA H 78 65.99 -37.95 -49.30
CA ALA H 78 67.08 -37.00 -49.11
C ALA H 78 66.86 -36.13 -47.88
N TRP H 79 65.64 -36.11 -47.35
CA TRP H 79 65.39 -35.34 -46.14
C TRP H 79 65.76 -36.14 -44.90
N LYS H 80 65.54 -37.46 -44.95
CA LYS H 80 65.98 -38.30 -43.84
C LYS H 80 67.48 -38.32 -43.74
N LEU H 81 68.16 -38.41 -44.88
CA LEU H 81 69.62 -38.49 -44.88
C LEU H 81 70.25 -37.17 -44.47
N LEU H 82 69.53 -36.07 -44.66
CA LEU H 82 70.01 -34.78 -44.17
C LEU H 82 69.98 -34.73 -42.65
N ARG H 83 68.98 -35.36 -42.04
CA ARG H 83 68.81 -35.28 -40.60
C ARG H 83 69.71 -36.28 -39.87
N LEU H 84 69.92 -37.46 -40.47
CA LEU H 84 70.79 -38.45 -39.84
C LEU H 84 72.25 -38.05 -39.93
N LYS H 85 72.60 -37.32 -40.99
CA LYS H 85 73.94 -36.77 -41.09
C LYS H 85 74.19 -35.73 -40.00
N TRP H 86 73.15 -34.99 -39.63
CA TRP H 86 73.25 -34.03 -38.55
C TRP H 86 73.46 -34.72 -37.21
N LEU H 87 72.84 -35.88 -37.01
CA LEU H 87 72.97 -36.59 -35.75
C LEU H 87 74.27 -37.39 -35.70
N GLY H 88 74.55 -38.15 -36.74
CA GLY H 88 75.79 -38.90 -36.81
C GLY H 88 75.57 -40.36 -37.08
N TYR H 89 74.37 -40.73 -37.49
CA TYR H 89 74.05 -42.13 -37.77
C TYR H 89 74.51 -42.41 -39.19
N THR H 90 75.81 -42.70 -39.34
CA THR H 90 76.41 -42.78 -40.66
C THR H 90 76.36 -44.16 -41.27
N ASP H 91 76.26 -45.21 -40.46
CA ASP H 91 76.05 -46.55 -41.02
C ASP H 91 74.60 -46.75 -41.41
N GLN H 92 73.71 -45.92 -40.86
CA GLN H 92 72.36 -45.81 -41.37
C GLN H 92 72.36 -45.29 -42.80
N ILE H 93 73.30 -44.39 -43.12
CA ILE H 93 73.31 -43.75 -44.43
C ILE H 93 73.77 -44.73 -45.50
N ASN H 94 74.78 -45.54 -45.18
CA ASN H 94 75.47 -46.33 -46.19
C ASN H 94 74.58 -47.44 -46.76
N VAL H 95 73.61 -47.90 -45.98
CA VAL H 95 72.71 -48.94 -46.47
C VAL H 95 71.63 -48.34 -47.36
N VAL H 96 71.23 -47.09 -47.07
CA VAL H 96 70.23 -46.43 -47.89
C VAL H 96 70.83 -46.01 -49.23
N MET H 97 72.11 -45.68 -49.24
CA MET H 97 72.79 -45.33 -50.49
C MET H 97 72.93 -46.55 -51.40
N ARG H 98 72.98 -47.75 -50.82
CA ARG H 98 72.95 -48.96 -51.62
C ARG H 98 71.56 -49.27 -52.13
N THR H 99 70.54 -48.65 -51.55
CA THR H 99 69.16 -49.03 -51.83
C THR H 99 68.58 -48.29 -53.01
N VAL H 100 68.96 -47.02 -53.18
CA VAL H 100 68.43 -46.16 -54.24
C VAL H 100 69.07 -46.54 -55.58
N PRO H 101 68.54 -46.13 -56.73
CA PRO H 101 69.21 -46.42 -57.99
C PRO H 101 70.52 -45.66 -58.14
N ALA H 102 71.25 -46.02 -59.20
CA ALA H 102 72.62 -45.57 -59.35
C ALA H 102 72.69 -44.10 -59.74
N GLU H 103 71.80 -43.66 -60.63
CA GLU H 103 71.85 -42.27 -61.08
C GLU H 103 71.35 -41.29 -60.04
N TRP H 104 70.72 -41.76 -58.97
CA TRP H 104 70.22 -40.87 -57.93
C TRP H 104 71.11 -40.83 -56.70
N ARG H 105 72.22 -41.58 -56.69
CA ARG H 105 73.14 -41.49 -55.56
C ARG H 105 73.88 -40.17 -55.57
N ASP H 106 74.05 -39.58 -56.75
CA ASP H 106 74.74 -38.31 -56.87
C ASP H 106 73.87 -37.18 -56.33
N PHE H 107 72.55 -37.37 -56.36
CA PHE H 107 71.66 -36.35 -55.82
C PHE H 107 71.65 -36.38 -54.29
N LEU H 108 71.78 -37.57 -53.70
CA LEU H 108 71.69 -37.69 -52.26
C LEU H 108 72.93 -37.13 -51.58
N THR H 109 74.09 -37.31 -52.20
CA THR H 109 75.30 -36.66 -51.67
C THR H 109 75.35 -35.19 -52.04
N GLN H 110 74.52 -34.75 -52.98
CA GLN H 110 74.38 -33.33 -53.27
C GLN H 110 73.57 -32.63 -52.19
N ILE H 111 72.55 -33.30 -51.67
CA ILE H 111 71.73 -32.74 -50.59
C ILE H 111 72.54 -32.61 -49.31
N MET H 112 73.34 -33.62 -48.97
CA MET H 112 74.16 -33.55 -47.76
C MET H 112 75.31 -32.58 -47.93
N GLU H 113 76.18 -32.84 -48.91
CA GLU H 113 77.46 -32.14 -49.00
C GLU H 113 77.42 -30.89 -49.87
N ASN H 114 76.93 -30.98 -51.10
CA ASN H 114 77.00 -29.82 -51.99
C ASN H 114 75.98 -28.75 -51.64
N THR H 115 75.02 -29.08 -50.78
CA THR H 115 74.15 -28.09 -50.15
C THR H 115 74.30 -28.22 -48.63
N GLN H 116 75.55 -28.26 -48.17
CA GLN H 116 75.81 -28.25 -46.74
C GLN H 116 75.45 -26.90 -46.12
N MET H 117 75.86 -25.83 -46.78
CA MET H 117 75.74 -24.50 -46.19
C MET H 117 74.30 -24.03 -46.15
N GLU H 118 73.51 -24.33 -47.17
CA GLU H 118 72.15 -23.82 -47.19
C GLU H 118 71.21 -24.69 -46.36
N SER H 119 71.27 -26.01 -46.55
CA SER H 119 70.24 -26.87 -45.96
C SER H 119 70.56 -27.30 -44.54
N MET H 120 71.82 -27.63 -44.24
CA MET H 120 72.15 -28.11 -42.90
C MET H 120 72.11 -26.97 -41.89
N TYR H 121 72.42 -25.75 -42.33
CA TYR H 121 72.23 -24.59 -41.47
C TYR H 121 70.76 -24.34 -41.21
N SER H 122 69.90 -24.63 -42.18
CA SER H 122 68.47 -24.44 -42.00
C SER H 122 67.91 -25.44 -41.00
N GLU H 123 68.49 -26.63 -40.93
CA GLU H 123 68.13 -27.58 -39.88
C GLU H 123 68.62 -27.09 -38.53
N LEU H 124 69.78 -26.46 -38.50
CA LEU H 124 70.37 -26.00 -37.25
C LEU H 124 69.60 -24.85 -36.62
N ARG H 125 68.86 -24.08 -37.40
CA ARG H 125 67.96 -23.11 -36.82
C ARG H 125 66.62 -23.72 -36.44
N LYS H 126 66.29 -24.90 -36.99
CA LYS H 126 65.01 -25.52 -36.66
C LYS H 126 65.09 -26.25 -35.34
N VAL H 127 66.21 -26.90 -35.06
CA VAL H 127 66.36 -27.69 -33.84
C VAL H 127 66.68 -26.74 -32.69
N ARG H 128 67.10 -25.52 -33.04
CA ARG H 128 67.34 -24.50 -32.05
C ARG H 128 66.10 -23.59 -31.89
N ILE I 10 -44.22 -5.82 -46.58
CA ILE I 10 -45.18 -6.69 -45.91
C ILE I 10 -46.59 -6.21 -46.20
N ALA I 11 -46.86 -4.92 -46.01
CA ALA I 11 -48.21 -4.40 -46.18
C ALA I 11 -48.16 -2.98 -46.73
N GLU I 12 -49.27 -2.58 -47.38
CA GLU I 12 -49.27 -1.34 -48.15
C GLU I 12 -50.59 -0.57 -48.11
N THR I 13 -51.44 -0.77 -47.11
CA THR I 13 -52.74 -0.14 -47.13
C THR I 13 -52.64 1.35 -46.78
N LEU I 14 -53.77 2.04 -46.85
CA LEU I 14 -53.78 3.50 -46.84
C LEU I 14 -53.54 4.05 -45.45
N THR I 15 -53.80 3.26 -44.42
CA THR I 15 -53.42 3.65 -43.06
C THR I 15 -51.91 3.66 -42.92
N GLU I 16 -51.24 2.72 -43.58
CA GLU I 16 -49.82 2.54 -43.38
C GLU I 16 -49.02 3.25 -44.45
N LYS I 17 -49.68 3.70 -45.51
CA LYS I 17 -49.05 4.60 -46.46
C LYS I 17 -48.92 6.00 -45.87
N HIS I 18 -49.90 6.38 -45.05
CA HIS I 18 -49.85 7.67 -44.36
C HIS I 18 -48.74 7.68 -43.32
N THR I 19 -48.51 6.54 -42.68
CA THR I 19 -47.47 6.45 -41.66
C THR I 19 -46.08 6.50 -42.28
N LEU I 20 -45.85 5.70 -43.33
CA LEU I 20 -44.54 5.65 -43.95
C LEU I 20 -44.19 6.92 -44.71
N GLY I 21 -45.18 7.77 -44.99
CA GLY I 21 -44.87 9.09 -45.51
C GLY I 21 -44.38 10.02 -44.41
N ILE I 22 -44.97 9.91 -43.22
CA ILE I 22 -44.55 10.73 -42.09
C ILE I 22 -43.17 10.31 -41.61
N GLU I 23 -42.87 9.01 -41.72
CA GLU I 23 -41.59 8.49 -41.26
C GLU I 23 -40.43 9.01 -42.09
N LYS I 24 -40.66 9.21 -43.40
CA LYS I 24 -39.59 9.75 -44.23
C LYS I 24 -39.47 11.25 -44.03
N VAL I 25 -40.51 11.92 -43.53
CA VAL I 25 -40.45 13.36 -43.34
C VAL I 25 -39.59 13.70 -42.14
N VAL I 26 -39.78 12.99 -41.03
CA VAL I 26 -38.98 13.23 -39.85
C VAL I 26 -37.57 12.68 -40.02
N ALA I 27 -37.37 11.82 -41.01
CA ALA I 27 -36.03 11.29 -41.27
C ALA I 27 -35.19 12.31 -42.03
N THR I 28 -35.74 12.87 -43.09
CA THR I 28 -34.95 13.76 -43.93
C THR I 28 -35.17 15.24 -43.61
N ASP I 29 -36.04 15.54 -42.64
CA ASP I 29 -36.37 16.90 -42.20
C ASP I 29 -36.90 17.75 -43.35
N SER I 30 -38.01 17.32 -43.92
CA SER I 30 -38.58 17.99 -45.07
C SER I 30 -39.66 19.00 -44.71
N TRP I 31 -40.10 19.03 -43.46
CA TRP I 31 -41.11 20.00 -43.06
C TRP I 31 -40.50 21.38 -42.91
N ARG I 32 -39.43 21.50 -42.13
CA ARG I 32 -38.85 22.81 -41.86
C ARG I 32 -38.05 23.32 -43.05
N VAL I 33 -37.56 22.42 -43.90
CA VAL I 33 -36.93 22.90 -45.13
C VAL I 33 -37.98 23.09 -46.21
N GLY I 34 -39.20 22.60 -45.97
CA GLY I 34 -40.29 22.93 -46.87
C GLY I 34 -40.78 24.34 -46.71
N ILE I 35 -40.65 24.89 -45.50
CA ILE I 35 -41.12 26.24 -45.23
C ILE I 35 -40.03 27.26 -45.54
N THR I 36 -38.84 27.05 -45.01
CA THR I 36 -37.74 28.00 -45.12
C THR I 36 -37.17 28.12 -46.52
N SER I 37 -37.39 27.14 -47.39
CA SER I 37 -36.95 27.27 -48.76
C SER I 37 -37.92 28.04 -49.62
N ARG I 38 -39.16 28.21 -49.18
CA ARG I 38 -40.10 28.97 -49.99
C ARG I 38 -39.87 30.46 -49.82
N GLU I 39 -40.15 30.99 -48.62
CA GLU I 39 -39.86 32.36 -48.20
C GLU I 39 -40.50 33.46 -49.03
N LYS I 40 -41.28 33.11 -50.03
CA LYS I 40 -42.03 34.02 -50.89
C LYS I 40 -43.52 33.92 -50.66
N LYS I 41 -44.03 32.70 -50.47
CA LYS I 41 -45.44 32.53 -50.17
C LYS I 41 -45.76 32.90 -48.74
N LEU I 42 -44.76 33.13 -47.90
CA LEU I 42 -45.03 33.35 -46.49
C LEU I 42 -45.58 34.74 -46.23
N GLU I 43 -45.46 35.65 -47.20
CA GLU I 43 -46.04 36.98 -47.01
C GLU I 43 -47.54 36.99 -47.26
N ARG I 44 -48.11 35.86 -47.68
CA ARG I 44 -49.56 35.75 -47.75
C ARG I 44 -50.17 35.72 -46.37
N ILE I 45 -49.39 35.30 -45.36
CA ILE I 45 -49.84 35.34 -43.98
C ILE I 45 -49.95 36.79 -43.52
N ASN I 46 -49.12 37.67 -44.07
CA ASN I 46 -49.21 39.09 -43.76
C ASN I 46 -50.48 39.70 -44.31
N ILE I 47 -50.81 39.37 -45.56
CA ILE I 47 -51.97 39.98 -46.20
C ILE I 47 -53.26 39.43 -45.61
N SER I 48 -53.25 38.16 -45.22
CA SER I 48 -54.43 37.57 -44.58
C SER I 48 -54.64 38.14 -43.19
N ALA I 49 -53.55 38.51 -42.52
CA ALA I 49 -53.67 39.12 -41.20
C ALA I 49 -54.26 40.52 -41.29
N GLU I 50 -54.10 41.17 -42.44
CA GLU I 50 -54.59 42.53 -42.61
C GLU I 50 -56.09 42.54 -42.89
N ILE I 51 -56.55 41.63 -43.75
CA ILE I 51 -57.97 41.60 -44.11
C ILE I 51 -58.81 41.12 -42.94
N SER I 52 -58.24 40.26 -42.10
CA SER I 52 -58.94 39.82 -40.89
C SER I 52 -59.09 40.96 -39.90
N ARG I 53 -58.10 41.85 -39.85
CA ARG I 53 -58.21 43.01 -38.98
C ARG I 53 -59.17 44.04 -39.58
N ARG I 54 -59.22 44.13 -40.90
CA ARG I 54 -60.06 45.13 -41.55
C ARG I 54 -61.53 44.75 -41.47
N ILE I 55 -61.84 43.46 -41.63
CA ILE I 55 -63.23 43.01 -41.60
C ILE I 55 -63.78 43.10 -40.18
N GLN I 56 -62.93 42.81 -39.19
CA GLN I 56 -63.40 42.76 -37.81
C GLN I 56 -63.69 44.16 -37.27
N ASP I 57 -62.91 45.16 -37.71
CA ASP I 57 -63.15 46.53 -37.27
C ASP I 57 -64.44 47.08 -37.86
N GLU I 58 -64.76 46.70 -39.09
CA GLU I 58 -66.02 47.14 -39.68
C GLU I 58 -67.20 46.40 -39.07
N ALA I 59 -66.97 45.23 -38.50
CA ALA I 59 -68.05 44.49 -37.86
C ALA I 59 -68.42 45.10 -36.52
N ILE I 60 -67.45 45.70 -35.83
CA ILE I 60 -67.74 46.30 -34.54
C ILE I 60 -68.40 47.66 -34.73
N ALA I 61 -67.91 48.43 -35.69
CA ALA I 61 -68.47 49.76 -35.95
C ALA I 61 -69.88 49.65 -36.51
N TYR I 62 -70.17 48.57 -37.22
CA TYR I 62 -71.54 48.29 -37.67
C TYR I 62 -72.45 48.03 -36.48
N ALA I 63 -71.92 47.36 -35.46
CA ALA I 63 -72.72 47.02 -34.30
C ALA I 63 -73.04 48.22 -33.42
N ARG I 64 -72.23 49.28 -33.50
CA ARG I 64 -72.47 50.44 -32.66
C ARG I 64 -73.30 51.51 -33.37
N ASN I 65 -73.33 51.51 -34.69
CA ASN I 65 -74.14 52.50 -35.39
C ASN I 65 -75.60 52.10 -35.41
N LYS I 66 -75.88 50.80 -35.28
CA LYS I 66 -77.24 50.31 -35.30
C LYS I 66 -77.71 49.78 -33.96
N GLY I 67 -76.84 49.74 -32.96
CA GLY I 67 -77.25 49.31 -31.64
C GLY I 67 -77.51 47.84 -31.49
N ILE I 68 -77.05 47.01 -32.42
CA ILE I 68 -77.19 45.57 -32.28
C ILE I 68 -75.96 45.06 -31.54
N PRO I 69 -76.04 43.98 -30.79
CA PRO I 69 -74.84 43.44 -30.14
C PRO I 69 -73.89 42.85 -31.16
N TYR I 70 -72.61 42.82 -30.80
CA TYR I 70 -71.61 42.26 -31.71
C TYR I 70 -71.77 40.76 -31.80
N LEU I 71 -71.99 40.28 -33.01
CA LEU I 71 -72.29 38.87 -33.24
C LEU I 71 -71.00 38.18 -33.63
N PRO I 72 -70.38 37.38 -32.76
CA PRO I 72 -69.08 36.80 -33.08
C PRO I 72 -69.20 35.70 -34.13
N GLY I 73 -68.15 35.55 -34.91
CA GLY I 73 -68.17 34.67 -36.04
C GLY I 73 -68.75 35.27 -37.29
N ILE I 74 -69.17 36.53 -37.25
CA ILE I 74 -69.59 37.22 -38.46
C ILE I 74 -68.39 37.71 -39.25
N ASN I 75 -67.21 37.69 -38.64
CA ASN I 75 -65.98 37.97 -39.38
C ASN I 75 -65.70 36.85 -40.38
N GLY I 76 -65.84 35.60 -39.93
CA GLY I 76 -65.53 34.48 -40.79
C GLY I 76 -66.57 34.28 -41.88
N ILE I 77 -67.83 34.59 -41.58
CA ILE I 77 -68.88 34.49 -42.59
C ILE I 77 -68.66 35.53 -43.68
N ALA I 78 -68.29 36.75 -43.29
CA ALA I 78 -68.03 37.80 -44.27
C ALA I 78 -66.75 37.55 -45.05
N TRP I 79 -65.84 36.74 -44.50
CA TRP I 79 -64.59 36.48 -45.21
C TRP I 79 -64.75 35.35 -46.19
N LYS I 80 -65.64 34.40 -45.91
CA LYS I 80 -65.90 33.35 -46.88
C LYS I 80 -66.60 33.92 -48.10
N LEU I 81 -67.55 34.84 -47.89
CA LEU I 81 -68.31 35.39 -49.00
C LEU I 81 -67.45 36.31 -49.86
N LEU I 82 -66.40 36.89 -49.28
CA LEU I 82 -65.46 37.69 -50.06
C LEU I 82 -64.67 36.81 -51.02
N ARG I 83 -64.32 35.60 -50.58
CA ARG I 83 -63.48 34.73 -51.41
C ARG I 83 -64.29 34.04 -52.49
N LEU I 84 -65.57 33.75 -52.22
CA LEU I 84 -66.42 33.10 -53.22
C LEU I 84 -66.88 34.09 -54.28
N LYS I 85 -66.98 35.37 -53.90
CA LYS I 85 -67.30 36.41 -54.86
C LYS I 85 -66.17 36.57 -55.88
N TRP I 86 -64.94 36.31 -55.45
CA TRP I 86 -63.81 36.35 -56.35
C TRP I 86 -63.84 35.19 -57.33
N LEU I 87 -64.25 34.02 -56.88
CA LEU I 87 -64.26 32.84 -57.74
C LEU I 87 -65.44 32.87 -58.70
N GLY I 88 -66.64 33.05 -58.18
CA GLY I 88 -67.82 33.12 -59.01
C GLY I 88 -68.92 32.19 -58.58
N TYR I 89 -68.85 31.71 -57.35
CA TYR I 89 -69.87 30.81 -56.81
C TYR I 89 -70.97 31.66 -56.20
N THR I 90 -71.87 32.15 -57.05
CA THR I 90 -72.87 33.12 -56.62
C THR I 90 -74.09 32.48 -55.96
N ASP I 91 -74.47 31.27 -56.37
CA ASP I 91 -75.56 30.59 -55.69
C ASP I 91 -75.09 29.98 -54.38
N GLN I 92 -73.78 29.86 -54.20
CA GLN I 92 -73.24 29.63 -52.87
C GLN I 92 -73.54 30.81 -51.96
N ILE I 93 -73.45 32.03 -52.49
CA ILE I 93 -73.65 33.24 -51.68
C ILE I 93 -75.11 33.37 -51.29
N ASN I 94 -76.02 33.00 -52.19
CA ASN I 94 -77.44 33.34 -52.02
C ASN I 94 -78.08 32.56 -50.87
N VAL I 95 -77.57 31.36 -50.60
CA VAL I 95 -78.14 30.57 -49.51
C VAL I 95 -77.62 31.05 -48.16
N VAL I 96 -76.37 31.52 -48.12
CA VAL I 96 -75.79 32.00 -46.87
C VAL I 96 -76.39 33.34 -46.48
N MET I 97 -76.80 34.14 -47.47
CA MET I 97 -77.47 35.41 -47.17
C MET I 97 -78.85 35.18 -46.58
N ARG I 98 -79.47 34.03 -46.87
CA ARG I 98 -80.71 33.68 -46.20
C ARG I 98 -80.46 33.14 -44.79
N THR I 99 -79.22 32.73 -44.50
CA THR I 99 -78.96 32.02 -43.25
C THR I 99 -78.61 32.97 -42.12
N VAL I 100 -77.91 34.06 -42.41
CA VAL I 100 -77.52 35.07 -41.43
C VAL I 100 -78.75 35.87 -41.00
N PRO I 101 -78.78 36.53 -39.85
CA PRO I 101 -79.98 37.27 -39.46
C PRO I 101 -80.14 38.54 -40.27
N ALA I 102 -81.25 39.24 -40.01
CA ALA I 102 -81.72 40.27 -40.91
C ALA I 102 -80.83 41.51 -40.88
N GLU I 103 -80.45 41.95 -39.68
CA GLU I 103 -79.69 43.19 -39.54
C GLU I 103 -78.25 43.06 -40.00
N TRP I 104 -77.76 41.83 -40.23
CA TRP I 104 -76.38 41.63 -40.64
C TRP I 104 -76.23 41.34 -42.13
N ARG I 105 -77.34 41.25 -42.87
CA ARG I 105 -77.24 41.00 -44.31
C ARG I 105 -76.69 42.23 -45.02
N ASP I 106 -76.94 43.42 -44.47
CA ASP I 106 -76.42 44.62 -45.11
C ASP I 106 -74.94 44.78 -44.85
N PHE I 107 -74.44 44.17 -43.77
CA PHE I 107 -73.01 44.20 -43.51
C PHE I 107 -72.26 43.27 -44.44
N LEU I 108 -72.88 42.13 -44.78
CA LEU I 108 -72.19 41.15 -45.61
C LEU I 108 -72.06 41.64 -47.05
N THR I 109 -73.08 42.34 -47.54
CA THR I 109 -72.95 42.95 -48.86
C THR I 109 -72.13 44.23 -48.81
N GLN I 110 -71.91 44.79 -47.62
CA GLN I 110 -71.00 45.92 -47.48
C GLN I 110 -69.55 45.48 -47.66
N ILE I 111 -69.21 44.27 -47.22
CA ILE I 111 -67.87 43.75 -47.42
C ILE I 111 -67.65 43.38 -48.88
N MET I 112 -68.64 42.75 -49.52
CA MET I 112 -68.47 42.32 -50.90
C MET I 112 -68.47 43.50 -51.87
N GLU I 113 -69.57 44.23 -51.93
CA GLU I 113 -69.72 45.27 -52.95
C GLU I 113 -69.17 46.62 -52.53
N ASN I 114 -69.53 47.09 -51.34
CA ASN I 114 -69.22 48.47 -50.97
C ASN I 114 -67.75 48.64 -50.56
N THR I 115 -67.07 47.56 -50.20
CA THR I 115 -65.64 47.59 -49.91
C THR I 115 -64.93 46.75 -50.96
N GLN I 116 -65.32 46.94 -52.23
CA GLN I 116 -64.67 46.24 -53.32
C GLN I 116 -63.34 46.91 -53.65
N MET I 117 -63.19 48.18 -53.27
CA MET I 117 -61.96 48.91 -53.54
C MET I 117 -60.81 48.35 -52.73
N GLU I 118 -60.89 48.43 -51.40
CA GLU I 118 -59.74 48.06 -50.58
C GLU I 118 -59.63 46.56 -50.39
N SER I 119 -60.73 45.91 -50.05
CA SER I 119 -60.68 44.52 -49.60
C SER I 119 -60.55 43.52 -50.75
N MET I 120 -61.22 43.77 -51.87
CA MET I 120 -61.15 42.81 -52.97
C MET I 120 -59.81 42.90 -53.68
N TYR I 121 -59.18 44.07 -53.66
CA TYR I 121 -57.85 44.21 -54.25
C TYR I 121 -56.80 43.48 -53.44
N SER I 122 -57.04 43.32 -52.13
CA SER I 122 -56.09 42.60 -51.30
C SER I 122 -56.12 41.11 -51.57
N GLU I 123 -57.32 40.55 -51.79
CA GLU I 123 -57.40 39.16 -52.23
C GLU I 123 -56.88 39.02 -53.65
N LEU I 124 -57.05 40.04 -54.48
CA LEU I 124 -56.47 40.04 -55.81
C LEU I 124 -54.95 40.10 -55.76
N ARG I 125 -54.39 40.67 -54.70
CA ARG I 125 -52.95 40.72 -54.53
C ARG I 125 -52.40 39.51 -53.79
N LYS I 126 -53.24 38.83 -53.01
CA LYS I 126 -52.75 37.72 -52.21
C LYS I 126 -52.61 36.45 -53.04
N VAL I 127 -53.59 36.18 -53.90
CA VAL I 127 -53.58 34.96 -54.72
C VAL I 127 -52.59 35.15 -55.86
N ARG I 128 -52.19 36.38 -56.12
CA ARG I 128 -51.10 36.64 -57.04
C ARG I 128 -49.76 36.55 -56.31
N ILE J 10 34.93 -46.97 9.78
CA ILE J 10 34.85 -48.40 9.53
C ILE J 10 36.25 -48.98 9.35
N ALA J 11 36.97 -48.48 8.35
CA ALA J 11 38.23 -49.11 7.95
C ALA J 11 39.32 -48.05 7.82
N GLU J 12 40.57 -48.51 7.94
CA GLU J 12 41.68 -47.59 8.17
C GLU J 12 42.98 -47.96 7.45
N THR J 13 42.95 -48.88 6.48
CA THR J 13 44.20 -49.36 5.92
C THR J 13 44.82 -48.35 4.97
N LEU J 14 45.99 -48.70 4.44
CA LEU J 14 46.80 -47.73 3.70
C LEU J 14 46.23 -47.44 2.33
N THR J 15 45.40 -48.34 1.80
CA THR J 15 44.75 -48.08 0.52
C THR J 15 43.67 -47.02 0.69
N GLU J 16 42.96 -47.05 1.80
CA GLU J 16 41.88 -46.08 1.99
C GLU J 16 42.41 -44.75 2.52
N LYS J 17 43.56 -44.76 3.18
CA LYS J 17 44.19 -43.50 3.57
C LYS J 17 44.69 -42.75 2.35
N HIS J 18 45.12 -43.49 1.33
CA HIS J 18 45.49 -42.87 0.07
C HIS J 18 44.25 -42.33 -0.65
N THR J 19 43.14 -43.06 -0.55
CA THR J 19 41.92 -42.65 -1.22
C THR J 19 41.28 -41.45 -0.52
N LEU J 20 41.15 -41.52 0.80
CA LEU J 20 40.48 -40.45 1.53
C LEU J 20 41.34 -39.19 1.61
N GLY J 21 42.64 -39.32 1.34
CA GLY J 21 43.46 -38.12 1.23
C GLY J 21 43.31 -37.46 -0.13
N ILE J 22 42.87 -38.21 -1.12
CA ILE J 22 42.63 -37.62 -2.43
C ILE J 22 41.30 -36.88 -2.45
N GLU J 23 40.31 -37.42 -1.72
CA GLU J 23 38.97 -36.85 -1.75
C GLU J 23 38.89 -35.51 -1.03
N LYS J 24 39.78 -35.28 -0.05
CA LYS J 24 39.82 -33.97 0.56
C LYS J 24 40.51 -32.96 -0.35
N VAL J 25 41.30 -33.42 -1.31
CA VAL J 25 41.97 -32.50 -2.23
C VAL J 25 41.00 -32.04 -3.30
N VAL J 26 40.20 -32.97 -3.83
CA VAL J 26 39.25 -32.62 -4.88
C VAL J 26 38.04 -31.89 -4.31
N ALA J 27 37.89 -31.87 -2.99
CA ALA J 27 36.80 -31.11 -2.38
C ALA J 27 37.21 -29.66 -2.17
N THR J 28 38.31 -29.44 -1.47
CA THR J 28 38.76 -28.09 -1.14
C THR J 28 39.47 -27.40 -2.31
N ASP J 29 39.74 -28.12 -3.39
CA ASP J 29 40.57 -27.67 -4.51
C ASP J 29 41.92 -27.18 -4.00
N SER J 30 42.65 -28.11 -3.39
CA SER J 30 43.92 -27.79 -2.77
C SER J 30 45.09 -28.01 -3.71
N TRP J 31 44.89 -28.66 -4.85
CA TRP J 31 45.99 -28.85 -5.78
C TRP J 31 46.29 -27.56 -6.53
N ARG J 32 45.25 -26.88 -7.00
CA ARG J 32 45.48 -25.67 -7.78
C ARG J 32 45.88 -24.50 -6.90
N VAL J 33 45.45 -24.50 -5.64
CA VAL J 33 45.88 -23.45 -4.72
C VAL J 33 47.22 -23.84 -4.08
N GLY J 34 47.66 -25.08 -4.27
CA GLY J 34 48.98 -25.44 -3.80
C GLY J 34 50.08 -24.94 -4.71
N ILE J 35 49.76 -24.64 -5.96
CA ILE J 35 50.76 -24.19 -6.92
C ILE J 35 50.75 -22.67 -6.99
N THR J 36 49.59 -22.06 -7.12
CA THR J 36 49.50 -20.61 -7.28
C THR J 36 49.76 -19.84 -6.01
N SER J 37 49.76 -20.49 -4.85
CA SER J 37 50.19 -19.81 -3.64
C SER J 37 51.70 -19.83 -3.47
N ARG J 38 52.40 -20.72 -4.17
CA ARG J 38 53.85 -20.74 -4.03
C ARG J 38 54.48 -19.63 -4.86
N GLU J 39 54.42 -19.77 -6.19
CA GLU J 39 54.76 -18.74 -7.19
C GLU J 39 56.20 -18.22 -7.13
N LYS J 40 57.01 -18.72 -6.22
CA LYS J 40 58.41 -18.38 -6.05
C LYS J 40 59.30 -19.56 -6.31
N LYS J 41 58.82 -20.76 -5.98
CA LYS J 41 59.52 -21.98 -6.38
C LYS J 41 59.31 -22.29 -7.85
N LEU J 42 58.41 -21.58 -8.53
CA LEU J 42 58.09 -21.93 -9.90
C LEU J 42 59.19 -21.52 -10.86
N GLU J 43 60.08 -20.61 -10.46
CA GLU J 43 61.19 -20.26 -11.32
C GLU J 43 62.29 -21.31 -11.28
N ARG J 44 62.14 -22.34 -10.45
CA ARG J 44 63.04 -23.48 -10.52
C ARG J 44 62.86 -24.27 -11.79
N ILE J 45 61.64 -24.22 -12.35
CA ILE J 45 61.37 -24.87 -13.64
C ILE J 45 62.08 -24.13 -14.76
N ASN J 46 62.27 -22.82 -14.58
CA ASN J 46 62.98 -22.02 -15.57
C ASN J 46 64.46 -22.36 -15.61
N ILE J 47 65.08 -22.46 -14.43
CA ILE J 47 66.52 -22.76 -14.36
C ILE J 47 66.77 -24.21 -14.74
N SER J 48 65.80 -25.09 -14.47
CA SER J 48 65.92 -26.47 -14.87
C SER J 48 65.82 -26.62 -16.39
N ALA J 49 65.01 -25.79 -17.02
CA ALA J 49 64.86 -25.88 -18.48
C ALA J 49 66.06 -25.28 -19.18
N GLU J 50 66.86 -24.50 -18.46
CA GLU J 50 68.06 -23.92 -19.04
C GLU J 50 69.20 -24.93 -19.13
N ILE J 51 69.45 -25.65 -18.04
CA ILE J 51 70.60 -26.56 -17.99
C ILE J 51 70.36 -27.78 -18.85
N SER J 52 69.08 -28.13 -19.07
CA SER J 52 68.78 -29.21 -19.98
C SER J 52 69.10 -28.82 -21.42
N ARG J 53 68.89 -27.54 -21.75
CA ARG J 53 69.27 -27.07 -23.08
C ARG J 53 70.78 -26.94 -23.19
N ARG J 54 71.44 -26.52 -22.12
CA ARG J 54 72.88 -26.30 -22.17
C ARG J 54 73.64 -27.62 -22.24
N ILE J 55 73.14 -28.66 -21.57
CA ILE J 55 73.79 -29.97 -21.62
C ILE J 55 73.60 -30.61 -22.98
N GLN J 56 72.40 -30.45 -23.55
CA GLN J 56 72.07 -31.10 -24.81
C GLN J 56 72.83 -30.51 -25.97
N ASP J 57 73.04 -29.19 -25.96
CA ASP J 57 73.71 -28.53 -27.07
C ASP J 57 75.19 -28.89 -27.12
N GLU J 58 75.77 -29.21 -25.97
CA GLU J 58 77.15 -29.70 -25.97
C GLU J 58 77.24 -31.14 -26.42
N ALA J 59 76.19 -31.92 -26.16
CA ALA J 59 76.24 -33.36 -26.43
C ALA J 59 76.20 -33.65 -27.91
N ILE J 60 75.55 -32.80 -28.69
CA ILE J 60 75.56 -32.96 -30.14
C ILE J 60 76.84 -32.38 -30.73
N ALA J 61 77.39 -31.37 -30.07
CA ALA J 61 78.66 -30.80 -30.53
C ALA J 61 79.81 -31.74 -30.23
N TYR J 62 79.74 -32.43 -29.09
CA TYR J 62 80.76 -33.42 -28.75
C TYR J 62 80.69 -34.62 -29.68
N ALA J 63 79.49 -34.94 -30.17
CA ALA J 63 79.36 -36.04 -31.10
C ALA J 63 79.88 -35.68 -32.48
N ARG J 64 79.95 -34.39 -32.81
CA ARG J 64 80.41 -33.98 -34.13
C ARG J 64 81.90 -33.72 -34.18
N ASN J 65 82.53 -33.41 -33.05
CA ASN J 65 83.98 -33.22 -33.07
C ASN J 65 84.71 -34.55 -33.16
N LYS J 66 84.08 -35.63 -32.72
CA LYS J 66 84.69 -36.95 -32.73
C LYS J 66 84.12 -37.87 -33.81
N GLY J 67 83.07 -37.44 -34.50
CA GLY J 67 82.49 -38.25 -35.55
C GLY J 67 81.68 -39.44 -35.08
N ILE J 68 81.49 -39.60 -33.77
CA ILE J 68 80.73 -40.73 -33.23
C ILE J 68 79.26 -40.37 -33.32
N PRO J 69 78.35 -41.34 -33.40
CA PRO J 69 76.93 -41.00 -33.45
C PRO J 69 76.43 -40.45 -32.12
N TYR J 70 75.39 -39.63 -32.20
CA TYR J 70 74.81 -39.05 -30.99
C TYR J 70 74.09 -40.12 -30.20
N LEU J 71 74.40 -40.19 -28.91
CA LEU J 71 73.82 -41.19 -28.04
C LEU J 71 72.73 -40.55 -27.21
N PRO J 72 71.46 -40.86 -27.42
CA PRO J 72 70.40 -40.28 -26.60
C PRO J 72 70.41 -40.86 -25.22
N GLY J 73 70.09 -40.03 -24.23
CA GLY J 73 70.14 -40.43 -22.85
C GLY J 73 71.43 -40.11 -22.14
N ILE J 74 72.49 -39.77 -22.87
CA ILE J 74 73.72 -39.32 -22.24
C ILE J 74 73.57 -37.90 -21.72
N ASN J 75 72.56 -37.17 -22.19
CA ASN J 75 72.22 -35.90 -21.55
C ASN J 75 71.53 -36.13 -20.21
N GLY J 76 70.78 -37.24 -20.10
CA GLY J 76 70.15 -37.55 -18.83
C GLY J 76 71.13 -38.09 -17.82
N ILE J 77 72.15 -38.82 -18.29
CA ILE J 77 73.19 -39.34 -17.39
C ILE J 77 74.02 -38.19 -16.84
N ALA J 78 74.35 -37.23 -17.69
CA ALA J 78 75.28 -36.16 -17.30
C ALA J 78 74.62 -35.17 -16.36
N TRP J 79 73.30 -35.20 -16.25
CA TRP J 79 72.62 -34.31 -15.32
C TRP J 79 72.53 -34.93 -13.94
N LYS J 80 72.35 -36.24 -13.87
CA LYS J 80 72.40 -36.90 -12.57
C LYS J 80 73.78 -36.82 -11.96
N LEU J 81 74.81 -36.99 -12.79
CA LEU J 81 76.19 -36.92 -12.29
C LEU J 81 76.56 -35.51 -11.87
N LEU J 82 75.90 -34.51 -12.43
CA LEU J 82 76.13 -33.14 -12.00
C LEU J 82 75.53 -32.88 -10.64
N ARG J 83 74.40 -33.53 -10.34
CA ARG J 83 73.71 -33.28 -9.08
C ARG J 83 74.35 -34.03 -7.92
N LEU J 84 74.83 -35.24 -8.17
CA LEU J 84 75.47 -36.01 -7.10
C LEU J 84 76.84 -35.45 -6.77
N LYS J 85 77.49 -34.83 -7.76
CA LYS J 85 78.75 -34.15 -7.52
C LYS J 85 78.55 -32.96 -6.60
N TRP J 86 77.39 -32.31 -6.70
CA TRP J 86 77.06 -31.19 -5.83
C TRP J 86 76.86 -31.66 -4.39
N LEU J 87 76.19 -32.79 -4.21
CA LEU J 87 75.92 -33.30 -2.87
C LEU J 87 77.15 -33.93 -2.26
N GLY J 88 77.80 -34.83 -3.00
CA GLY J 88 79.01 -35.45 -2.52
C GLY J 88 78.98 -36.95 -2.65
N TYR J 89 77.98 -37.48 -3.35
CA TYR J 89 77.85 -38.93 -3.51
C TYR J 89 78.81 -39.35 -4.60
N THR J 90 80.06 -39.60 -4.21
CA THR J 90 81.13 -39.72 -5.17
C THR J 90 81.34 -41.14 -5.70
N ASP J 91 80.81 -42.15 -5.03
CA ASP J 91 80.97 -43.51 -5.57
C ASP J 91 79.71 -44.00 -6.25
N GLN J 92 78.68 -43.17 -6.37
CA GLN J 92 77.77 -43.38 -7.49
C GLN J 92 78.42 -42.91 -8.79
N ILE J 93 79.28 -41.89 -8.71
CA ILE J 93 79.92 -41.37 -9.90
C ILE J 93 80.92 -42.38 -10.45
N ASN J 94 81.59 -43.11 -9.56
CA ASN J 94 82.66 -43.99 -9.99
C ASN J 94 82.12 -45.22 -10.71
N VAL J 95 80.90 -45.63 -10.38
CA VAL J 95 80.37 -46.85 -10.97
C VAL J 95 79.65 -46.54 -12.28
N VAL J 96 78.98 -45.39 -12.37
CA VAL J 96 78.31 -45.01 -13.62
C VAL J 96 79.34 -44.62 -14.67
N MET J 97 80.49 -44.09 -14.26
CA MET J 97 81.54 -43.79 -15.22
C MET J 97 82.16 -45.06 -15.78
N ARG J 98 82.06 -46.17 -15.07
CA ARG J 98 82.42 -47.46 -15.66
C ARG J 98 81.31 -47.99 -16.56
N THR J 99 80.09 -47.48 -16.43
CA THR J 99 78.95 -48.10 -17.08
C THR J 99 78.78 -47.60 -18.51
N VAL J 100 79.14 -46.34 -18.76
CA VAL J 100 78.94 -45.67 -20.05
C VAL J 100 79.99 -46.16 -21.05
N PRO J 101 79.82 -45.94 -22.36
CA PRO J 101 80.87 -46.33 -23.31
C PRO J 101 82.12 -45.48 -23.17
N ALA J 102 83.16 -45.92 -23.87
CA ALA J 102 84.51 -45.40 -23.64
C ALA J 102 84.67 -43.99 -24.18
N GLU J 103 84.11 -43.71 -25.34
CA GLU J 103 84.27 -42.39 -25.95
C GLU J 103 83.38 -41.33 -25.33
N TRP J 104 82.47 -41.71 -24.41
CA TRP J 104 81.60 -40.76 -23.77
C TRP J 104 81.99 -40.46 -22.33
N ARG J 105 83.05 -41.09 -21.82
CA ARG J 105 83.49 -40.81 -20.46
C ARG J 105 84.09 -39.42 -20.35
N ASP J 106 84.67 -38.94 -21.44
CA ASP J 106 85.27 -37.60 -21.44
C ASP J 106 84.18 -36.54 -21.43
N PHE J 107 83.01 -36.85 -22.02
CA PHE J 107 81.92 -35.88 -22.03
C PHE J 107 81.31 -35.73 -20.64
N LEU J 108 81.24 -36.82 -19.89
CA LEU J 108 80.60 -36.76 -18.57
C LEU J 108 81.46 -35.99 -17.58
N THR J 109 82.78 -36.17 -17.64
CA THR J 109 83.64 -35.38 -16.77
C THR J 109 83.79 -33.95 -17.26
N GLN J 110 83.43 -33.68 -18.51
CA GLN J 110 83.39 -32.31 -19.02
C GLN J 110 82.20 -31.56 -18.43
N ILE J 111 81.08 -32.27 -18.18
CA ILE J 111 79.92 -31.65 -17.59
C ILE J 111 80.13 -31.34 -16.12
N MET J 112 80.69 -32.29 -15.36
CA MET J 112 80.84 -32.13 -13.92
C MET J 112 81.88 -31.08 -13.57
N GLU J 113 83.07 -31.19 -14.15
CA GLU J 113 84.16 -30.28 -13.84
C GLU J 113 84.24 -29.08 -14.76
N ASN J 114 84.38 -29.30 -16.06
CA ASN J 114 84.85 -28.25 -16.96
C ASN J 114 83.78 -27.22 -17.30
N THR J 115 82.56 -27.39 -16.78
CA THR J 115 81.51 -26.40 -16.92
C THR J 115 81.10 -25.96 -15.51
N GLN J 116 82.09 -25.61 -14.71
CA GLN J 116 81.83 -25.24 -13.32
C GLN J 116 81.19 -23.86 -13.20
N MET J 117 81.61 -22.92 -14.04
CA MET J 117 81.12 -21.55 -13.91
C MET J 117 79.69 -21.48 -14.45
N GLU J 118 79.40 -22.29 -15.46
CA GLU J 118 78.09 -22.19 -16.09
C GLU J 118 77.10 -23.18 -15.47
N SER J 119 77.42 -24.48 -15.51
CA SER J 119 76.44 -25.48 -15.12
C SER J 119 76.39 -25.71 -13.62
N MET J 120 77.56 -25.75 -12.97
CA MET J 120 77.61 -26.03 -11.54
C MET J 120 77.08 -24.84 -10.73
N TYR J 121 77.29 -23.63 -11.22
CA TYR J 121 76.73 -22.45 -10.57
C TYR J 121 75.22 -22.36 -10.77
N SER J 122 74.73 -22.86 -11.89
CA SER J 122 73.29 -22.76 -12.17
C SER J 122 72.50 -23.71 -11.27
N GLU J 123 73.10 -24.84 -10.89
CA GLU J 123 72.49 -25.69 -9.87
C GLU J 123 72.54 -25.01 -8.51
N LEU J 124 73.65 -24.34 -8.21
CA LEU J 124 73.79 -23.64 -6.93
C LEU J 124 72.86 -22.44 -6.84
N ARG J 125 72.42 -21.89 -7.96
CA ARG J 125 71.42 -20.84 -7.93
C ARG J 125 70.01 -21.38 -7.83
N LYS J 126 69.78 -22.62 -8.26
CA LYS J 126 68.43 -23.15 -8.25
C LYS J 126 68.00 -23.60 -6.86
N VAL J 127 68.87 -24.33 -6.16
CA VAL J 127 68.55 -24.93 -4.87
C VAL J 127 68.42 -23.83 -3.83
N ARG J 128 69.09 -22.71 -4.06
CA ARG J 128 68.88 -21.51 -3.26
C ARG J 128 67.62 -20.79 -3.73
N ILE K 10 -50.85 4.07 -28.89
CA ILE K 10 -51.78 3.07 -28.41
C ILE K 10 -53.20 3.62 -28.45
N ALA K 11 -53.40 4.79 -27.86
CA ALA K 11 -54.73 5.36 -27.74
C ALA K 11 -54.66 6.88 -27.86
N GLU K 12 -55.85 7.51 -28.00
CA GLU K 12 -55.88 8.90 -28.41
C GLU K 12 -56.97 9.75 -27.76
N THR K 13 -57.47 9.40 -26.57
CA THR K 13 -58.62 10.09 -26.02
C THR K 13 -58.25 11.50 -25.54
N LEU K 14 -59.28 12.26 -25.13
CA LEU K 14 -59.13 13.70 -24.96
C LEU K 14 -58.35 14.04 -23.70
N THR K 15 -58.26 13.12 -22.75
CA THR K 15 -57.40 13.32 -21.59
C THR K 15 -55.94 13.31 -22.00
N GLU K 16 -55.56 12.29 -22.77
CA GLU K 16 -54.15 12.12 -23.10
C GLU K 16 -53.79 12.84 -24.38
N LYS K 17 -54.75 13.51 -25.02
CA LYS K 17 -54.40 14.48 -26.05
C LYS K 17 -53.93 15.77 -25.41
N HIS K 18 -54.55 16.15 -24.29
CA HIS K 18 -54.13 17.34 -23.55
C HIS K 18 -52.75 17.12 -22.95
N THR K 19 -52.45 15.89 -22.54
CA THR K 19 -51.13 15.57 -22.00
C THR K 19 -50.06 15.66 -23.08
N LEU K 20 -50.28 14.99 -24.21
CA LEU K 20 -49.28 14.94 -25.26
C LEU K 20 -49.06 16.29 -25.93
N GLY K 21 -50.00 17.21 -25.80
CA GLY K 21 -49.77 18.56 -26.27
C GLY K 21 -48.88 19.34 -25.32
N ILE K 22 -48.91 18.98 -24.03
CA ILE K 22 -48.05 19.63 -23.06
C ILE K 22 -46.62 19.13 -23.20
N GLU K 23 -46.46 17.84 -23.49
CA GLU K 23 -45.14 17.23 -23.58
C GLU K 23 -44.36 17.77 -24.77
N LYS K 24 -45.06 18.17 -25.83
CA LYS K 24 -44.36 18.80 -26.94
C LYS K 24 -44.04 20.25 -26.64
N VAL K 25 -44.66 20.84 -25.63
CA VAL K 25 -44.34 22.23 -25.28
C VAL K 25 -43.10 22.28 -24.40
N VAL K 26 -43.03 21.41 -23.40
CA VAL K 26 -41.89 21.43 -22.50
C VAL K 26 -40.65 20.85 -23.16
N ALA K 27 -40.82 20.14 -24.27
CA ALA K 27 -39.67 19.61 -25.00
C ALA K 27 -39.00 20.71 -25.81
N THR K 28 -39.79 21.47 -26.55
CA THR K 28 -39.19 22.44 -27.46
C THR K 28 -39.25 23.86 -26.93
N ASP K 29 -39.80 24.07 -25.74
CA ASP K 29 -39.87 25.38 -25.05
C ASP K 29 -40.64 26.40 -25.89
N SER K 30 -41.91 26.11 -26.09
CA SER K 30 -42.76 26.99 -26.90
C SER K 30 -43.54 28.00 -26.07
N TRP K 31 -43.53 27.86 -24.74
CA TRP K 31 -44.25 28.82 -23.91
C TRP K 31 -43.50 30.13 -23.79
N ARG K 32 -42.21 30.07 -23.47
CA ARG K 32 -41.44 31.28 -23.27
C ARG K 32 -41.14 31.98 -24.58
N VAL K 33 -40.95 31.21 -25.66
CA VAL K 33 -40.77 31.85 -26.96
C VAL K 33 -42.11 32.28 -27.53
N GLY K 34 -43.22 31.79 -26.98
CA GLY K 34 -44.51 32.30 -27.36
C GLY K 34 -44.78 33.68 -26.77
N ILE K 35 -44.15 34.00 -25.65
CA ILE K 35 -44.35 35.31 -25.04
C ILE K 35 -43.37 36.31 -25.63
N THR K 36 -42.09 35.97 -25.64
CA THR K 36 -41.06 36.92 -26.03
C THR K 36 -41.01 37.23 -27.51
N SER K 37 -41.66 36.42 -28.36
CA SER K 37 -41.72 36.76 -29.76
C SER K 37 -42.85 37.71 -30.09
N ARG K 38 -43.86 37.83 -29.21
CA ARG K 38 -44.95 38.74 -29.51
C ARG K 38 -44.54 40.17 -29.21
N GLU K 39 -44.39 40.51 -27.93
CA GLU K 39 -43.80 41.75 -27.42
C GLU K 39 -44.46 43.05 -27.86
N LYS K 40 -45.52 42.97 -28.66
CA LYS K 40 -46.39 44.06 -29.02
C LYS K 40 -47.71 43.97 -28.28
N LYS K 41 -48.20 42.74 -28.08
CA LYS K 41 -49.42 42.55 -27.32
C LYS K 41 -49.19 42.71 -25.82
N LEU K 42 -47.93 42.81 -25.39
CA LEU K 42 -47.67 42.87 -23.97
C LEU K 42 -47.98 44.22 -23.37
N GLU K 43 -48.09 45.27 -24.19
CA GLU K 43 -48.46 46.57 -23.63
C GLU K 43 -49.94 46.68 -23.33
N ARG K 44 -50.72 45.63 -23.63
CA ARG K 44 -52.11 45.58 -23.17
C ARG K 44 -52.15 45.41 -21.67
N ILE K 45 -51.12 44.79 -21.10
CA ILE K 45 -51.03 44.63 -19.64
C ILE K 45 -50.83 45.99 -18.99
N ASN K 46 -50.13 46.90 -19.68
CA ASN K 46 -49.92 48.24 -19.15
C ASN K 46 -51.23 49.03 -19.14
N ILE K 47 -52.02 48.91 -20.20
CA ILE K 47 -53.25 49.69 -20.30
C ILE K 47 -54.31 49.13 -19.37
N SER K 48 -54.30 47.82 -19.17
CA SER K 48 -55.29 47.18 -18.30
C SER K 48 -55.03 47.53 -16.84
N ALA K 49 -53.76 47.68 -16.46
CA ALA K 49 -53.44 48.09 -15.10
C ALA K 49 -53.76 49.56 -14.89
N GLU K 50 -53.77 50.33 -15.98
CA GLU K 50 -54.08 51.75 -15.88
C GLU K 50 -55.58 51.96 -15.67
N ILE K 51 -56.40 51.17 -16.35
CA ILE K 51 -57.85 51.30 -16.22
C ILE K 51 -58.29 50.88 -14.84
N SER K 52 -57.73 49.77 -14.35
CA SER K 52 -58.13 49.21 -13.06
C SER K 52 -57.76 50.13 -11.90
N ARG K 53 -56.68 50.89 -12.07
CA ARG K 53 -56.33 51.90 -11.08
C ARG K 53 -57.34 53.04 -11.12
N ARG K 54 -57.79 53.41 -12.32
CA ARG K 54 -58.74 54.51 -12.47
C ARG K 54 -60.11 54.12 -11.96
N ILE K 55 -60.45 52.84 -12.02
CA ILE K 55 -61.75 52.39 -11.53
C ILE K 55 -61.74 52.31 -10.01
N GLN K 56 -60.63 51.85 -9.45
CA GLN K 56 -60.52 51.68 -8.01
C GLN K 56 -60.52 53.02 -7.28
N ASP K 57 -59.86 54.02 -7.86
CA ASP K 57 -59.74 55.32 -7.20
C ASP K 57 -61.08 56.05 -7.15
N GLU K 58 -61.89 55.90 -8.19
CA GLU K 58 -63.21 56.53 -8.16
C GLU K 58 -64.18 55.74 -7.29
N ALA K 59 -63.87 54.46 -7.03
CA ALA K 59 -64.73 53.66 -6.18
C ALA K 59 -64.61 54.07 -4.73
N ILE K 60 -63.41 54.44 -4.30
CA ILE K 60 -63.21 54.83 -2.91
C ILE K 60 -63.68 56.27 -2.70
N ALA K 61 -63.54 57.11 -3.74
CA ALA K 61 -64.03 58.48 -3.64
C ALA K 61 -65.55 58.50 -3.61
N TYR K 62 -66.19 57.57 -4.31
CA TYR K 62 -67.63 57.43 -4.27
C TYR K 62 -68.12 56.97 -2.90
N ALA K 63 -67.30 56.17 -2.21
CA ALA K 63 -67.68 55.70 -0.89
C ALA K 63 -67.60 56.82 0.15
N ARG K 64 -66.67 57.75 0.00
CA ARG K 64 -66.55 58.82 0.97
C ARG K 64 -67.43 60.03 0.65
N ASN K 65 -67.85 60.19 -0.60
CA ASN K 65 -68.72 61.31 -0.92
C ASN K 65 -70.13 61.08 -0.39
N LYS K 66 -70.56 59.82 -0.31
CA LYS K 66 -71.91 59.50 0.12
C LYS K 66 -71.96 58.81 1.47
N GLY K 67 -70.81 58.56 2.09
CA GLY K 67 -70.80 57.97 3.41
C GLY K 67 -71.15 56.51 3.49
N ILE K 68 -71.03 55.79 2.38
CA ILE K 68 -71.29 54.35 2.38
C ILE K 68 -69.96 53.64 2.58
N PRO K 69 -69.93 52.43 3.12
CA PRO K 69 -68.66 51.70 3.20
C PRO K 69 -68.18 51.27 1.82
N TYR K 70 -66.87 51.12 1.68
CA TYR K 70 -66.31 50.66 0.43
C TYR K 70 -66.66 49.20 0.22
N LEU K 71 -67.30 48.90 -0.91
CA LEU K 71 -67.78 47.56 -1.19
C LEU K 71 -66.78 46.87 -2.10
N PRO K 72 -65.98 45.92 -1.62
CA PRO K 72 -64.96 45.31 -2.47
C PRO K 72 -65.59 44.39 -3.50
N GLY K 73 -64.98 44.35 -4.68
CA GLY K 73 -65.55 43.65 -5.80
C GLY K 73 -66.49 44.48 -6.64
N ILE K 74 -66.70 45.75 -6.28
CA ILE K 74 -67.45 46.64 -7.14
C ILE K 74 -66.56 47.19 -8.25
N ASN K 75 -65.25 46.98 -8.14
CA ASN K 75 -64.35 47.28 -9.25
C ASN K 75 -64.58 46.32 -10.40
N GLY K 76 -64.70 45.03 -10.08
CA GLY K 76 -64.84 44.03 -11.12
C GLY K 76 -66.17 44.08 -11.81
N ILE K 77 -67.23 44.43 -11.08
CA ILE K 77 -68.55 44.57 -11.69
C ILE K 77 -68.56 45.76 -12.63
N ALA K 78 -67.95 46.88 -12.20
CA ALA K 78 -67.91 48.06 -13.05
C ALA K 78 -66.96 47.88 -14.23
N TRP K 79 -66.02 46.95 -14.13
CA TRP K 79 -65.11 46.72 -15.25
C TRP K 79 -65.70 45.75 -16.24
N LYS K 80 -66.57 44.85 -15.79
CA LYS K 80 -67.25 43.98 -16.74
C LYS K 80 -68.23 44.77 -17.57
N LEU K 81 -68.96 45.69 -16.93
CA LEU K 81 -69.98 46.46 -17.64
C LEU K 81 -69.37 47.46 -18.60
N LEU K 82 -68.10 47.82 -18.38
CA LEU K 82 -67.41 48.70 -19.32
C LEU K 82 -67.12 47.97 -20.63
N ARG K 83 -66.86 46.68 -20.56
CA ARG K 83 -66.48 45.93 -21.76
C ARG K 83 -67.71 45.43 -22.51
N LEU K 84 -68.80 45.16 -21.80
CA LEU K 84 -70.02 44.73 -22.47
C LEU K 84 -70.72 45.91 -23.15
N LYS K 85 -70.55 47.10 -22.59
CA LYS K 85 -71.04 48.32 -23.24
C LYS K 85 -70.32 48.56 -24.55
N TRP K 86 -69.05 48.14 -24.61
CA TRP K 86 -68.28 48.24 -25.84
C TRP K 86 -68.80 47.28 -26.90
N LEU K 87 -69.09 46.03 -26.53
CA LEU K 87 -69.57 45.05 -27.49
C LEU K 87 -71.02 45.31 -27.86
N GLY K 88 -71.89 45.47 -26.86
CA GLY K 88 -73.27 45.80 -27.11
C GLY K 88 -74.25 44.87 -26.42
N TYR K 89 -73.78 44.11 -25.44
CA TYR K 89 -74.63 43.18 -24.71
C TYR K 89 -75.34 43.98 -23.62
N THR K 90 -76.48 44.58 -23.96
CA THR K 90 -77.12 45.52 -23.06
C THR K 90 -78.12 44.87 -22.11
N ASP K 91 -78.76 43.78 -22.51
CA ASP K 91 -79.60 43.07 -21.54
C ASP K 91 -78.76 42.20 -20.62
N GLN K 92 -77.50 42.00 -20.98
CA GLN K 92 -76.50 41.57 -20.00
C GLN K 92 -76.34 42.61 -18.90
N ILE K 93 -76.38 43.90 -19.26
CA ILE K 93 -76.20 44.96 -18.28
C ILE K 93 -77.41 45.08 -17.38
N ASN K 94 -78.61 44.91 -17.95
CA ASN K 94 -79.83 45.27 -17.24
C ASN K 94 -80.10 44.33 -16.07
N VAL K 95 -79.70 43.07 -16.20
CA VAL K 95 -79.88 42.14 -15.09
C VAL K 95 -78.84 42.40 -14.01
N VAL K 96 -77.66 42.84 -14.39
CA VAL K 96 -76.59 43.08 -13.42
C VAL K 96 -76.88 44.35 -12.61
N MET K 97 -77.52 45.34 -13.25
CA MET K 97 -77.83 46.58 -12.55
C MET K 97 -78.91 46.38 -11.49
N ARG K 98 -79.77 45.37 -11.67
CA ARG K 98 -80.72 45.04 -10.60
C ARG K 98 -80.06 44.23 -9.51
N THR K 99 -78.89 43.66 -9.77
CA THR K 99 -78.30 42.70 -8.86
C THR K 99 -77.43 43.39 -7.80
N VAL K 100 -76.78 44.50 -8.17
CA VAL K 100 -75.97 45.30 -7.26
C VAL K 100 -76.90 46.08 -6.33
N PRO K 101 -76.45 46.60 -5.19
CA PRO K 101 -77.38 47.33 -4.31
C PRO K 101 -77.73 48.70 -4.86
N ALA K 102 -78.56 49.41 -4.10
CA ALA K 102 -79.21 50.61 -4.61
C ALA K 102 -78.24 51.77 -4.75
N GLU K 103 -77.46 52.04 -3.70
CA GLU K 103 -76.61 53.22 -3.69
C GLU K 103 -75.37 53.07 -4.57
N TRP K 104 -75.13 51.91 -5.14
CA TRP K 104 -73.99 51.70 -6.01
C TRP K 104 -74.36 51.65 -7.49
N ARG K 105 -75.64 51.77 -7.83
CA ARG K 105 -76.04 51.74 -9.24
C ARG K 105 -75.59 53.00 -9.96
N ASP K 106 -75.57 54.13 -9.26
CA ASP K 106 -75.18 55.39 -9.88
C ASP K 106 -73.69 55.43 -10.14
N PHE K 107 -72.92 54.67 -9.35
CA PHE K 107 -71.49 54.54 -9.62
C PHE K 107 -71.24 53.70 -10.87
N LEU K 108 -72.09 52.69 -11.10
CA LEU K 108 -71.88 51.78 -12.22
C LEU K 108 -72.19 52.47 -13.54
N THR K 109 -73.20 53.35 -13.55
CA THR K 109 -73.44 54.15 -14.75
C THR K 109 -72.50 55.34 -14.83
N GLN K 110 -71.77 55.64 -13.76
CA GLN K 110 -70.76 56.69 -13.82
C GLN K 110 -69.53 56.24 -14.57
N ILE K 111 -69.16 54.96 -14.43
CA ILE K 111 -68.06 54.41 -15.20
C ILE K 111 -68.43 54.27 -16.66
N MET K 112 -69.67 53.89 -16.95
CA MET K 112 -70.08 53.60 -18.32
C MET K 112 -70.21 54.86 -19.16
N GLU K 113 -70.99 55.85 -18.70
CA GLU K 113 -71.23 57.01 -19.54
C GLU K 113 -70.66 58.31 -18.98
N ASN K 114 -70.55 58.47 -17.66
CA ASN K 114 -70.10 59.74 -17.13
C ASN K 114 -68.58 59.83 -17.12
N THR K 115 -67.89 58.70 -17.04
CA THR K 115 -66.47 58.61 -17.32
C THR K 115 -66.30 57.75 -18.56
N GLN K 116 -67.12 58.03 -19.57
CA GLN K 116 -67.01 57.33 -20.84
C GLN K 116 -65.72 57.68 -21.55
N MET K 117 -65.50 58.98 -21.77
CA MET K 117 -64.46 59.48 -22.66
C MET K 117 -63.05 59.09 -22.24
N GLU K 118 -62.75 59.14 -20.94
CA GLU K 118 -61.45 58.68 -20.49
C GLU K 118 -61.32 57.17 -20.56
N SER K 119 -62.37 56.46 -20.15
CA SER K 119 -62.25 55.01 -19.99
C SER K 119 -62.56 54.23 -21.26
N MET K 120 -63.52 54.66 -22.06
CA MET K 120 -63.84 53.91 -23.27
C MET K 120 -62.76 54.09 -24.33
N TYR K 121 -62.03 55.21 -24.28
CA TYR K 121 -60.91 55.40 -25.19
C TYR K 121 -59.79 54.43 -24.90
N SER K 122 -59.59 54.09 -23.63
CA SER K 122 -58.51 53.20 -23.27
C SER K 122 -58.82 51.76 -23.65
N GLU K 123 -60.09 51.36 -23.60
CA GLU K 123 -60.47 50.06 -24.15
C GLU K 123 -60.43 50.09 -25.68
N LEU K 124 -60.76 51.24 -26.26
CA LEU K 124 -60.64 51.40 -27.70
C LEU K 124 -59.18 51.40 -28.16
N ARG K 125 -58.27 51.77 -27.26
CA ARG K 125 -56.84 51.67 -27.55
C ARG K 125 -56.28 50.30 -27.24
N LYS K 126 -56.79 49.62 -26.22
CA LYS K 126 -56.23 48.33 -25.82
C LYS K 126 -56.56 47.23 -26.82
N VAL K 127 -57.79 47.21 -27.32
CA VAL K 127 -58.23 46.12 -28.20
C VAL K 127 -57.68 46.41 -29.60
N ARG K 128 -57.22 47.63 -29.82
CA ARG K 128 -56.51 47.97 -31.04
C ARG K 128 -55.01 47.70 -30.88
N ILE L 10 24.72 -41.88 27.42
CA ILE L 10 24.71 -43.33 27.47
C ILE L 10 26.06 -43.83 27.96
N ALA L 11 27.13 -43.43 27.26
CA ALA L 11 28.45 -43.98 27.51
C ALA L 11 29.46 -42.84 27.63
N GLU L 12 30.65 -43.18 28.17
CA GLU L 12 31.56 -42.14 28.63
C GLU L 12 33.04 -42.43 28.41
N THR L 13 33.42 -43.41 27.60
CA THR L 13 34.82 -43.83 27.58
C THR L 13 35.69 -42.84 26.82
N LEU L 14 36.99 -43.13 26.77
CA LEU L 14 37.94 -42.16 26.24
C LEU L 14 37.91 -42.10 24.72
N THR L 15 37.39 -43.14 24.08
CA THR L 15 37.30 -43.12 22.61
C THR L 15 36.23 -42.15 22.15
N GLU L 16 35.07 -42.16 22.81
CA GLU L 16 34.01 -41.26 22.38
C GLU L 16 34.24 -39.84 22.87
N LYS L 17 35.04 -39.66 23.92
CA LYS L 17 35.40 -38.31 24.34
C LYS L 17 36.27 -37.64 23.30
N HIS L 18 37.11 -38.44 22.62
CA HIS L 18 37.84 -37.93 21.48
C HIS L 18 36.90 -37.68 20.31
N THR L 19 35.91 -38.55 20.13
CA THR L 19 34.95 -38.39 19.04
C THR L 19 34.05 -37.19 19.27
N LEU L 20 33.46 -37.07 20.46
CA LEU L 20 32.59 -35.95 20.75
C LEU L 20 33.36 -34.66 20.94
N GLY L 21 34.67 -34.74 21.12
CA GLY L 21 35.48 -33.54 21.13
C GLY L 21 35.68 -32.98 19.74
N ILE L 22 35.67 -33.85 18.73
CA ILE L 22 35.80 -33.40 17.35
C ILE L 22 34.49 -32.79 16.86
N GLU L 23 33.36 -33.28 17.38
CA GLU L 23 32.05 -32.91 16.85
C GLU L 23 31.71 -31.47 17.21
N LYS L 24 32.20 -30.97 18.33
CA LYS L 24 31.97 -29.57 18.64
C LYS L 24 32.90 -28.66 17.85
N VAL L 25 33.99 -29.21 17.30
CA VAL L 25 34.88 -28.39 16.49
C VAL L 25 34.29 -28.16 15.11
N VAL L 26 33.76 -29.22 14.49
CA VAL L 26 33.21 -29.08 13.14
C VAL L 26 31.84 -28.41 13.18
N ALA L 27 31.23 -28.32 14.35
CA ALA L 27 29.95 -27.62 14.45
C ALA L 27 30.16 -26.12 14.58
N THR L 28 30.93 -25.71 15.58
CA THR L 28 31.17 -24.30 15.84
C THR L 28 32.18 -23.67 14.91
N ASP L 29 32.87 -24.48 14.09
CA ASP L 29 33.99 -24.06 13.24
C ASP L 29 35.04 -23.35 14.10
N SER L 30 35.64 -24.13 14.98
CA SER L 30 36.57 -23.58 15.95
C SER L 30 38.02 -23.83 15.59
N TRP L 31 38.29 -24.68 14.60
CA TRP L 31 39.68 -24.90 14.19
C TRP L 31 40.21 -23.70 13.43
N ARG L 32 39.41 -23.16 12.51
CA ARG L 32 39.87 -22.06 11.70
C ARG L 32 39.91 -20.76 12.49
N VAL L 33 38.99 -20.58 13.44
CA VAL L 33 39.02 -19.39 14.26
C VAL L 33 40.01 -19.55 15.40
N GLY L 34 40.54 -20.76 15.61
CA GLY L 34 41.64 -20.92 16.52
C GLY L 34 42.96 -20.45 15.95
N ILE L 35 43.05 -20.39 14.62
CA ILE L 35 44.29 -19.94 13.97
C ILE L 35 44.21 -18.47 13.65
N THR L 36 43.12 -18.04 13.02
CA THR L 36 42.98 -16.67 12.56
C THR L 36 42.69 -15.68 13.69
N SER L 37 42.47 -16.13 14.91
CA SER L 37 42.37 -15.20 16.03
C SER L 37 43.69 -14.99 16.73
N ARG L 38 44.69 -15.84 16.49
CA ARG L 38 45.95 -15.64 17.19
C ARG L 38 46.77 -14.55 16.53
N GLU L 39 47.26 -14.80 15.30
CA GLU L 39 47.95 -13.85 14.42
C GLU L 39 49.23 -13.22 14.99
N LYS L 40 49.60 -13.60 16.20
CA LYS L 40 50.81 -13.18 16.89
C LYS L 40 51.75 -14.33 17.11
N LYS L 41 51.19 -15.52 17.35
CA LYS L 41 52.01 -16.73 17.40
C LYS L 41 52.41 -17.18 16.01
N LEU L 42 51.81 -16.62 14.96
CA LEU L 42 52.02 -17.15 13.62
C LEU L 42 53.35 -16.71 13.04
N GLU L 43 54.00 -15.70 13.62
CA GLU L 43 55.33 -15.32 13.15
C GLU L 43 56.40 -16.30 13.61
N ARG L 44 56.04 -17.25 14.47
CA ARG L 44 56.97 -18.28 14.88
C ARG L 44 57.23 -19.25 13.73
N ILE L 45 56.29 -19.37 12.80
CA ILE L 45 56.50 -20.22 11.62
C ILE L 45 57.54 -19.59 10.70
N ASN L 46 57.59 -18.25 10.67
CA ASN L 46 58.56 -17.53 9.86
C ASN L 46 59.97 -17.73 10.38
N ILE L 47 60.15 -17.62 11.69
CA ILE L 47 61.48 -17.78 12.29
C ILE L 47 61.91 -19.23 12.23
N SER L 48 60.95 -20.15 12.33
CA SER L 48 61.26 -21.57 12.21
C SER L 48 61.66 -21.93 10.78
N ALA L 49 61.11 -21.21 9.80
CA ALA L 49 61.47 -21.49 8.42
C ALA L 49 62.83 -20.90 8.09
N GLU L 50 63.32 -20.00 8.93
CA GLU L 50 64.62 -19.37 8.70
C GLU L 50 65.76 -20.26 9.17
N ILE L 51 65.66 -20.79 10.39
CA ILE L 51 66.77 -21.54 10.99
C ILE L 51 66.88 -22.91 10.32
N SER L 52 65.79 -23.40 9.74
CA SER L 52 65.88 -24.61 8.93
C SER L 52 66.73 -24.37 7.69
N ARG L 53 66.64 -23.16 7.14
CA ARG L 53 67.48 -22.82 5.99
C ARG L 53 68.91 -22.55 6.44
N ARG L 54 69.09 -21.93 7.59
CA ARG L 54 70.42 -21.56 8.05
C ARG L 54 71.22 -22.78 8.49
N ILE L 55 70.53 -23.80 9.00
CA ILE L 55 71.22 -25.03 9.39
C ILE L 55 71.60 -25.83 8.15
N GLN L 56 70.70 -25.85 7.16
CA GLN L 56 70.89 -26.67 5.97
C GLN L 56 72.03 -26.14 5.11
N ASP L 57 72.15 -24.82 5.00
CA ASP L 57 73.14 -24.22 4.12
C ASP L 57 74.56 -24.40 4.66
N GLU L 58 74.70 -24.53 5.97
CA GLU L 58 76.01 -24.89 6.52
C GLU L 58 76.26 -26.39 6.41
N ALA L 59 75.20 -27.19 6.34
CA ALA L 59 75.35 -28.63 6.32
C ALA L 59 75.92 -29.11 5.00
N ILE L 60 75.59 -28.42 3.91
CA ILE L 60 76.18 -28.77 2.62
C ILE L 60 77.54 -28.11 2.46
N ALA L 61 77.75 -27.00 3.17
CA ALA L 61 79.05 -26.34 3.11
C ALA L 61 80.09 -27.11 3.91
N TYR L 62 79.69 -27.65 5.07
CA TYR L 62 80.59 -28.46 5.87
C TYR L 62 80.90 -29.78 5.18
N ALA L 63 79.96 -30.29 4.41
CA ALA L 63 80.19 -31.55 3.71
C ALA L 63 81.08 -31.37 2.49
N ARG L 64 81.18 -30.15 1.97
CA ARG L 64 81.99 -29.92 0.78
C ARG L 64 83.41 -29.51 1.11
N ASN L 65 83.65 -28.95 2.29
CA ASN L 65 85.02 -28.63 2.67
C ASN L 65 85.79 -29.90 3.06
N LYS L 66 85.11 -30.88 3.61
CA LYS L 66 85.75 -32.12 4.03
C LYS L 66 85.65 -33.23 3.01
N GLY L 67 84.98 -33.00 1.89
CA GLY L 67 84.92 -34.01 0.83
C GLY L 67 84.06 -35.21 1.13
N ILE L 68 83.32 -35.20 2.23
CA ILE L 68 82.49 -36.33 2.63
C ILE L 68 81.13 -36.18 1.98
N PRO L 69 80.39 -37.26 1.74
CA PRO L 69 79.04 -37.11 1.18
C PRO L 69 78.10 -36.48 2.17
N TYR L 70 77.13 -35.73 1.65
CA TYR L 70 76.16 -35.06 2.49
C TYR L 70 75.23 -36.07 3.13
N LEU L 71 75.12 -36.01 4.46
CA LEU L 71 74.32 -36.94 5.22
C LEU L 71 72.96 -36.32 5.47
N PRO L 72 71.89 -36.78 4.82
CA PRO L 72 70.57 -36.20 5.06
C PRO L 72 70.04 -36.63 6.42
N GLY L 73 69.23 -35.75 7.01
CA GLY L 73 68.73 -35.97 8.34
C GLY L 73 69.63 -35.49 9.44
N ILE L 74 70.81 -34.95 9.10
CA ILE L 74 71.66 -34.31 10.10
C ILE L 74 71.14 -32.91 10.42
N ASN L 75 70.15 -32.43 9.66
CA ASN L 75 69.57 -31.13 9.95
C ASN L 75 68.72 -31.19 11.21
N GLY L 76 67.89 -32.22 11.32
CA GLY L 76 67.04 -32.34 12.49
C GLY L 76 67.81 -32.71 13.73
N ILE L 77 68.92 -33.45 13.56
CA ILE L 77 69.79 -33.75 14.69
C ILE L 77 70.45 -32.48 15.21
N ALA L 78 70.90 -31.63 14.28
CA ALA L 78 71.53 -30.38 14.68
C ALA L 78 70.51 -29.37 15.19
N TRP L 79 69.23 -29.57 14.87
CA TRP L 79 68.21 -28.67 15.38
C TRP L 79 67.65 -29.14 16.71
N LYS L 80 67.65 -30.45 16.95
CA LYS L 80 67.21 -30.94 18.24
C LYS L 80 68.19 -30.53 19.33
N LEU L 81 69.49 -30.60 19.03
CA LEU L 81 70.49 -30.27 20.05
C LEU L 81 70.54 -28.77 20.32
N LEU L 82 70.11 -27.96 19.36
CA LEU L 82 70.03 -26.52 19.59
C LEU L 82 68.93 -26.17 20.58
N ARG L 83 67.82 -26.92 20.53
CA ARG L 83 66.72 -26.65 21.45
C ARG L 83 67.02 -27.21 22.85
N LEU L 84 67.66 -28.36 22.92
CA LEU L 84 67.97 -28.97 24.22
C LEU L 84 69.08 -28.22 24.93
N LYS L 85 69.95 -27.57 24.17
CA LYS L 85 70.97 -26.70 24.77
C LYS L 85 70.32 -25.49 25.42
N TRP L 86 69.22 -25.02 24.83
CA TRP L 86 68.51 -23.86 25.37
C TRP L 86 67.82 -24.19 26.68
N LEU L 87 67.28 -25.40 26.79
CA LEU L 87 66.56 -25.78 28.00
C LEU L 87 67.52 -26.22 29.10
N GLY L 88 68.53 -27.01 28.76
CA GLY L 88 69.54 -27.38 29.72
C GLY L 88 69.71 -28.87 29.82
N TYR L 89 69.13 -29.61 28.89
CA TYR L 89 69.16 -31.07 28.92
C TYR L 89 70.48 -31.50 28.31
N THR L 90 71.52 -31.54 29.14
CA THR L 90 72.88 -31.67 28.65
C THR L 90 73.36 -33.10 28.51
N ASP L 91 72.79 -34.06 29.25
CA ASP L 91 73.20 -35.43 29.07
C ASP L 91 72.38 -36.12 27.99
N GLN L 92 71.32 -35.46 27.52
CA GLN L 92 70.69 -35.90 26.28
C GLN L 92 71.56 -35.52 25.08
N ILE L 93 72.38 -34.48 25.24
CA ILE L 93 73.32 -34.11 24.18
C ILE L 93 74.41 -35.16 24.05
N ASN L 94 74.88 -35.69 25.18
CA ASN L 94 76.07 -36.54 25.18
C ASN L 94 75.81 -37.88 24.53
N VAL L 95 74.59 -38.41 24.69
CA VAL L 95 74.28 -39.70 24.12
C VAL L 95 74.00 -39.58 22.63
N VAL L 96 73.47 -38.42 22.20
CA VAL L 96 73.21 -38.21 20.78
C VAL L 96 74.52 -37.97 20.04
N MET L 97 75.48 -37.31 20.68
CA MET L 97 76.76 -37.05 20.04
C MET L 97 77.58 -38.32 19.87
N ARG L 98 77.31 -39.34 20.68
CA ARG L 98 77.94 -40.63 20.46
C ARG L 98 77.25 -41.43 19.36
N THR L 99 76.06 -40.99 18.94
CA THR L 99 75.25 -41.77 18.01
C THR L 99 75.57 -41.41 16.55
N VAL L 100 75.96 -40.18 16.29
CA VAL L 100 76.24 -39.68 14.94
C VAL L 100 77.60 -40.23 14.48
N PRO L 101 77.93 -40.19 13.19
CA PRO L 101 79.27 -40.61 12.77
C PRO L 101 80.35 -39.64 13.23
N ALA L 102 81.60 -40.08 13.08
CA ALA L 102 82.72 -39.41 13.72
C ALA L 102 83.04 -38.08 13.05
N GLU L 103 82.93 -38.02 11.73
CA GLU L 103 83.26 -36.79 11.02
C GLU L 103 82.16 -35.75 11.10
N TRP L 104 80.98 -36.08 11.61
CA TRP L 104 79.92 -35.09 11.76
C TRP L 104 79.75 -34.58 13.17
N ARG L 105 80.61 -35.01 14.11
CA ARG L 105 80.49 -34.52 15.50
C ARG L 105 80.90 -33.06 15.59
N ASP L 106 81.80 -32.63 14.72
CA ASP L 106 82.28 -31.24 14.76
C ASP L 106 81.19 -30.32 14.23
N PHE L 107 80.33 -30.83 13.35
CA PHE L 107 79.25 -29.99 12.82
C PHE L 107 78.20 -29.71 13.87
N LEU L 108 77.95 -30.66 14.77
CA LEU L 108 76.90 -30.47 15.76
C LEU L 108 77.32 -29.48 16.83
N THR L 109 78.61 -29.47 17.19
CA THR L 109 79.08 -28.43 18.09
C THR L 109 79.33 -27.12 17.35
N GLN L 110 79.36 -27.15 16.03
CA GLN L 110 79.41 -25.91 15.25
C GLN L 110 78.06 -25.21 15.27
N ILE L 111 76.97 -25.99 15.22
CA ILE L 111 75.63 -25.41 15.32
C ILE L 111 75.37 -24.85 16.70
N MET L 112 75.74 -25.59 17.75
CA MET L 112 75.41 -25.18 19.11
C MET L 112 76.28 -24.01 19.58
N GLU L 113 77.59 -24.16 19.50
CA GLU L 113 78.50 -23.17 20.05
C GLU L 113 79.01 -22.17 19.03
N ASN L 114 79.49 -22.63 17.88
CA ASN L 114 80.10 -21.69 16.93
C ASN L 114 79.05 -20.91 16.14
N THR L 115 77.78 -21.24 16.28
CA THR L 115 76.69 -20.41 15.80
C THR L 115 75.79 -20.07 16.98
N GLN L 116 76.42 -19.60 18.06
CA GLN L 116 75.69 -19.14 19.24
C GLN L 116 74.94 -17.86 18.94
N MET L 117 75.64 -16.87 18.39
CA MET L 117 75.08 -15.54 18.20
C MET L 117 74.01 -15.51 17.12
N GLU L 118 74.17 -16.32 16.08
CA GLU L 118 73.20 -16.26 15.00
C GLU L 118 72.04 -17.19 15.26
N SER L 119 72.31 -18.47 15.50
CA SER L 119 71.23 -19.45 15.57
C SER L 119 70.50 -19.45 16.91
N MET L 120 71.22 -19.37 18.03
CA MET L 120 70.56 -19.52 19.31
C MET L 120 69.82 -18.25 19.71
N TYR L 121 70.29 -17.09 19.24
CA TYR L 121 69.51 -15.87 19.44
C TYR L 121 68.22 -15.89 18.63
N SER L 122 68.24 -16.56 17.47
CA SER L 122 67.02 -16.66 16.67
C SER L 122 66.00 -17.57 17.35
N GLU L 123 66.48 -18.56 18.10
CA GLU L 123 65.58 -19.34 18.95
C GLU L 123 65.07 -18.48 20.10
N LEU L 124 65.92 -17.59 20.62
CA LEU L 124 65.54 -16.78 21.76
C LEU L 124 64.49 -15.73 21.43
N ARG L 125 64.34 -15.40 20.15
CA ARG L 125 63.22 -14.55 19.73
C ARG L 125 61.97 -15.33 19.43
N LYS L 126 62.11 -16.61 19.05
CA LYS L 126 60.94 -17.38 18.67
C LYS L 126 60.12 -17.79 19.89
N VAL L 127 60.79 -18.12 20.99
CA VAL L 127 60.10 -18.54 22.20
C VAL L 127 59.60 -17.28 22.92
N ARG L 128 60.12 -16.13 22.54
CA ARG L 128 59.69 -14.86 23.14
C ARG L 128 58.57 -14.22 22.33
N ILE M 10 -50.51 11.53 -9.42
CA ILE M 10 -51.27 10.48 -8.76
C ILE M 10 -52.49 11.08 -8.08
N ALA M 11 -52.28 12.17 -7.35
CA ALA M 11 -53.33 12.76 -6.55
C ALA M 11 -53.18 14.28 -6.54
N GLU M 12 -54.28 14.97 -6.20
CA GLU M 12 -54.32 16.41 -6.45
C GLU M 12 -55.02 17.21 -5.34
N THR M 13 -55.03 16.73 -4.09
CA THR M 13 -55.79 17.41 -3.06
C THR M 13 -55.10 18.71 -2.63
N LEU M 14 -55.79 19.46 -1.76
CA LEU M 14 -55.37 20.82 -1.46
C LEU M 14 -54.15 20.85 -0.55
N THR M 15 -53.85 19.75 0.12
CA THR M 15 -52.64 19.68 0.93
C THR M 15 -51.41 19.65 0.03
N GLU M 16 -51.42 18.77 -0.96
CA GLU M 16 -50.24 18.64 -1.81
C GLU M 16 -50.30 19.58 -2.99
N LYS M 17 -51.42 20.27 -3.20
CA LYS M 17 -51.40 21.39 -4.13
C LYS M 17 -50.62 22.55 -3.52
N HIS M 18 -50.72 22.70 -2.20
CA HIS M 18 -49.96 23.73 -1.50
C HIS M 18 -48.48 23.40 -1.50
N THR M 19 -48.15 22.10 -1.49
CA THR M 19 -46.76 21.68 -1.51
C THR M 19 -46.11 21.92 -2.86
N LEU M 20 -46.78 21.48 -3.93
CA LEU M 20 -46.19 21.55 -5.27
C LEU M 20 -46.09 22.99 -5.77
N GLY M 21 -46.83 23.91 -5.17
CA GLY M 21 -46.59 25.31 -5.46
C GLY M 21 -45.35 25.83 -4.78
N ILE M 22 -45.05 25.28 -3.60
CA ILE M 22 -43.85 25.68 -2.86
C ILE M 22 -42.60 25.09 -3.52
N GLU M 23 -42.72 23.89 -4.08
CA GLU M 23 -41.60 23.23 -4.73
C GLU M 23 -41.19 23.96 -6.00
N LYS M 24 -42.14 24.58 -6.70
CA LYS M 24 -41.78 25.31 -7.90
C LYS M 24 -41.23 26.69 -7.56
N VAL M 25 -41.38 27.14 -6.31
CA VAL M 25 -40.81 28.42 -5.92
C VAL M 25 -39.33 28.28 -5.61
N VAL M 26 -38.99 27.25 -4.83
CA VAL M 26 -37.60 27.06 -4.44
C VAL M 26 -36.78 26.50 -5.59
N ALA M 27 -37.44 25.98 -6.63
CA ALA M 27 -36.73 25.46 -7.78
C ALA M 27 -36.22 26.59 -8.66
N THR M 28 -37.07 27.54 -8.97
CA THR M 28 -36.70 28.59 -9.91
C THR M 28 -36.41 29.92 -9.23
N ASP M 29 -36.48 29.97 -7.88
CA ASP M 29 -36.18 31.14 -7.06
C ASP M 29 -37.08 32.33 -7.43
N SER M 30 -38.38 32.14 -7.23
CA SER M 30 -39.35 33.17 -7.55
C SER M 30 -39.64 34.09 -6.38
N TRP M 31 -39.19 33.75 -5.18
CA TRP M 31 -39.43 34.61 -4.02
C TRP M 31 -38.52 35.82 -4.04
N ARG M 32 -37.21 35.59 -4.17
CA ARG M 32 -36.26 36.69 -4.05
C ARG M 32 -36.28 37.57 -5.30
N VAL M 33 -36.72 37.02 -6.44
CA VAL M 33 -36.92 37.86 -7.61
C VAL M 33 -38.30 38.49 -7.58
N GLY M 34 -39.18 37.98 -6.71
CA GLY M 34 -40.48 38.62 -6.57
C GLY M 34 -40.42 39.89 -5.74
N ILE M 35 -39.41 39.99 -4.86
CA ILE M 35 -39.27 41.18 -4.04
C ILE M 35 -38.42 42.23 -4.75
N THR M 36 -37.28 41.81 -5.29
CA THR M 36 -36.33 42.73 -5.89
C THR M 36 -36.82 43.35 -7.19
N SER M 37 -37.76 42.72 -7.87
CA SER M 37 -38.28 43.28 -9.12
C SER M 37 -39.37 44.31 -8.91
N ARG M 38 -39.94 44.39 -7.71
CA ARG M 38 -40.98 45.39 -7.49
C ARG M 38 -40.36 46.76 -7.29
N GLU M 39 -39.61 46.95 -6.19
CA GLU M 39 -38.71 48.08 -5.92
C GLU M 39 -39.42 49.44 -5.83
N LYS M 40 -40.72 49.47 -6.06
CA LYS M 40 -41.59 50.64 -5.96
C LYS M 40 -42.64 50.45 -4.89
N LYS M 41 -43.12 49.21 -4.72
CA LYS M 41 -44.03 48.90 -3.62
C LYS M 41 -43.33 48.92 -2.28
N LEU M 42 -41.99 48.91 -2.27
CA LEU M 42 -41.28 48.72 -1.01
C LEU M 42 -41.24 49.98 -0.17
N GLU M 43 -41.54 51.14 -0.74
CA GLU M 43 -41.56 52.36 0.07
C GLU M 43 -42.80 52.44 0.95
N ARG M 44 -43.73 51.49 0.82
CA ARG M 44 -44.86 51.43 1.75
C ARG M 44 -44.40 51.02 3.14
N ILE M 45 -43.28 50.29 3.22
CA ILE M 45 -42.72 49.91 4.52
C ILE M 45 -42.18 51.13 5.24
N ASN M 46 -41.65 52.08 4.47
CA ASN M 46 -41.12 53.32 5.05
C ASN M 46 -42.24 54.17 5.63
N ILE M 47 -43.38 54.24 4.94
CA ILE M 47 -44.46 55.10 5.40
C ILE M 47 -45.19 54.45 6.58
N SER M 48 -45.29 53.12 6.57
CA SER M 48 -45.88 52.40 7.70
C SER M 48 -45.01 52.52 8.93
N ALA M 49 -43.69 52.65 8.73
CA ALA M 49 -42.78 52.85 9.86
C ALA M 49 -42.99 54.21 10.49
N GLU M 50 -43.41 55.19 9.68
CA GLU M 50 -43.57 56.55 10.17
C GLU M 50 -44.83 56.69 11.01
N ILE M 51 -45.94 56.11 10.55
CA ILE M 51 -47.20 56.24 11.27
C ILE M 51 -47.18 55.43 12.55
N SER M 52 -46.42 54.34 12.58
CA SER M 52 -46.26 53.58 13.81
C SER M 52 -45.49 54.37 14.85
N ARG M 53 -44.52 55.15 14.40
CA ARG M 53 -43.77 55.99 15.32
C ARG M 53 -44.59 57.20 15.75
N ARG M 54 -45.43 57.71 14.85
CA ARG M 54 -46.20 58.90 15.15
C ARG M 54 -47.35 58.59 16.11
N ILE M 55 -47.89 57.38 16.03
CA ILE M 55 -49.00 57.01 16.90
C ILE M 55 -48.49 56.71 18.31
N GLN M 56 -47.36 56.03 18.39
CA GLN M 56 -46.84 55.58 19.68
C GLN M 56 -46.36 56.75 20.54
N ASP M 57 -45.82 57.78 19.91
CA ASP M 57 -45.37 58.95 20.66
C ASP M 57 -46.54 59.74 21.21
N GLU M 58 -47.67 59.71 20.51
CA GLU M 58 -48.87 60.37 21.03
C GLU M 58 -49.47 59.58 22.18
N ALA M 59 -49.26 58.26 22.19
CA ALA M 59 -49.85 57.41 23.21
C ALA M 59 -49.20 57.62 24.56
N ILE M 60 -47.89 57.91 24.57
CA ILE M 60 -47.20 58.10 25.84
C ILE M 60 -47.39 59.52 26.33
N ALA M 61 -47.54 60.47 25.42
CA ALA M 61 -47.85 61.84 25.81
C ALA M 61 -49.27 61.92 26.38
N TYR M 62 -50.18 61.13 25.84
CA TYR M 62 -51.53 61.05 26.36
C TYR M 62 -51.53 60.40 27.75
N ALA M 63 -50.65 59.42 27.95
CA ALA M 63 -50.58 58.77 29.25
C ALA M 63 -49.91 59.66 30.28
N ARG M 64 -49.09 60.61 29.87
CA ARG M 64 -48.40 61.46 30.81
C ARG M 64 -49.17 62.74 31.11
N ASN M 65 -50.02 63.19 30.20
CA ASN M 65 -50.82 64.39 30.45
C ASN M 65 -51.95 64.10 31.42
N LYS M 66 -52.53 62.90 31.36
CA LYS M 66 -53.65 62.55 32.20
C LYS M 66 -53.27 61.65 33.37
N GLY M 67 -52.00 61.28 33.48
CA GLY M 67 -51.53 60.53 34.63
C GLY M 67 -51.93 59.08 34.67
N ILE M 68 -52.49 58.56 33.58
CA ILE M 68 -52.91 57.16 33.52
C ILE M 68 -51.71 56.33 33.06
N PRO M 69 -51.60 55.06 33.43
CA PRO M 69 -50.47 54.26 32.96
C PRO M 69 -50.57 53.98 31.47
N TYR M 70 -49.42 53.82 30.84
CA TYR M 70 -49.38 53.54 29.41
C TYR M 70 -49.87 52.13 29.15
N LEU M 71 -50.77 51.99 28.18
CA LEU M 71 -51.44 50.74 27.92
C LEU M 71 -50.91 50.15 26.63
N PRO M 72 -50.13 49.06 26.67
CA PRO M 72 -49.57 48.53 25.44
C PRO M 72 -50.64 47.88 24.57
N GLY M 73 -50.49 48.07 23.27
CA GLY M 73 -51.48 47.63 22.32
C GLY M 73 -52.54 48.64 22.00
N ILE M 74 -52.55 49.80 22.67
CA ILE M 74 -53.48 50.85 22.31
C ILE M 74 -53.00 51.59 21.07
N ASN M 75 -51.71 51.46 20.74
CA ASN M 75 -51.22 51.99 19.47
C ASN M 75 -51.63 51.09 18.31
N GLY M 76 -51.72 49.78 18.55
CA GLY M 76 -52.18 48.88 17.52
C GLY M 76 -53.67 48.99 17.27
N ILE M 77 -54.44 49.27 18.32
CA ILE M 77 -55.88 49.44 18.18
C ILE M 77 -56.19 50.69 17.39
N ALA M 78 -55.48 51.79 17.70
CA ALA M 78 -55.75 53.06 17.04
C ALA M 78 -55.29 53.06 15.59
N TRP M 79 -54.44 52.10 15.21
CA TRP M 79 -54.03 52.01 13.82
C TRP M 79 -55.09 51.30 12.99
N LYS M 80 -55.81 50.36 13.59
CA LYS M 80 -56.89 49.72 12.86
C LYS M 80 -58.04 50.68 12.63
N LEU M 81 -58.34 51.53 13.62
CA LEU M 81 -59.44 52.48 13.47
C LEU M 81 -59.09 53.58 12.49
N LEU M 82 -57.80 53.81 12.24
CA LEU M 82 -57.40 54.78 11.23
C LEU M 82 -57.70 54.25 9.83
N ARG M 83 -57.52 52.95 9.63
CA ARG M 83 -57.70 52.37 8.30
C ARG M 83 -59.16 52.05 8.01
N LEU M 84 -59.92 51.67 9.04
CA LEU M 84 -61.34 51.41 8.85
C LEU M 84 -62.11 52.71 8.62
N LYS M 85 -61.61 53.80 9.18
CA LYS M 85 -62.17 55.11 8.88
C LYS M 85 -61.92 55.49 7.43
N TRP M 86 -60.79 55.03 6.88
CA TRP M 86 -60.44 55.33 5.50
C TRP M 86 -61.34 54.57 4.54
N LEU M 87 -61.72 53.35 4.89
CA LEU M 87 -62.62 52.58 4.03
C LEU M 87 -64.07 53.03 4.22
N GLY M 88 -64.53 53.13 5.45
CA GLY M 88 -65.88 53.54 5.73
C GLY M 88 -66.63 52.56 6.59
N TYR M 89 -65.89 51.73 7.34
CA TYR M 89 -66.50 50.67 8.13
C TYR M 89 -66.80 51.23 9.52
N THR M 90 -67.75 52.16 9.59
CA THR M 90 -67.97 52.91 10.81
C THR M 90 -68.71 52.13 11.88
N ASP M 91 -69.49 51.12 11.50
CA ASP M 91 -70.17 50.32 12.52
C ASP M 91 -69.22 49.36 13.20
N GLN M 92 -68.09 49.06 12.56
CA GLN M 92 -67.04 48.32 13.25
C GLN M 92 -66.28 49.24 14.19
N ILE M 93 -66.22 50.53 13.86
CA ILE M 93 -65.55 51.50 14.71
C ILE M 93 -66.28 51.64 16.04
N ASN M 94 -67.61 51.59 16.01
CA ASN M 94 -68.41 51.90 17.19
C ASN M 94 -68.32 50.81 18.24
N VAL M 95 -68.09 49.57 17.83
CA VAL M 95 -68.07 48.48 18.79
C VAL M 95 -66.72 48.43 19.50
N VAL M 96 -65.64 48.77 18.79
CA VAL M 96 -64.33 48.82 19.41
C VAL M 96 -64.23 50.03 20.34
N MET M 97 -64.99 51.09 20.06
CA MET M 97 -65.02 52.23 20.97
C MET M 97 -65.72 51.87 22.28
N ARG M 98 -66.66 50.94 22.24
CA ARG M 98 -67.25 50.44 23.49
C ARG M 98 -66.34 49.45 24.19
N THR M 99 -65.34 48.93 23.48
CA THR M 99 -64.52 47.85 24.02
C THR M 99 -63.30 48.38 24.76
N VAL M 100 -62.75 49.49 24.29
CA VAL M 100 -61.59 50.18 24.87
C VAL M 100 -62.03 50.79 26.19
N PRO M 101 -61.17 50.97 27.21
CA PRO M 101 -61.62 51.62 28.43
C PRO M 101 -61.89 53.11 28.24
N ALA M 102 -62.39 53.72 29.31
CA ALA M 102 -63.06 55.01 29.21
C ALA M 102 -62.07 56.14 28.97
N GLU M 103 -60.95 56.15 29.67
CA GLU M 103 -59.99 57.24 29.54
C GLU M 103 -59.24 57.20 28.22
N TRP M 104 -59.28 56.09 27.50
CA TRP M 104 -58.59 55.98 26.23
C TRP M 104 -59.49 56.17 25.03
N ARG M 105 -60.78 56.46 25.23
CA ARG M 105 -61.66 56.67 24.09
C ARG M 105 -61.36 58.01 23.42
N ASP M 106 -60.90 58.99 24.21
CA ASP M 106 -60.63 60.31 23.66
C ASP M 106 -59.36 60.28 22.82
N PHE M 107 -58.44 59.36 23.14
CA PHE M 107 -57.25 59.20 22.32
C PHE M 107 -57.58 58.56 20.99
N LEU M 108 -58.58 57.67 20.96
CA LEU M 108 -58.87 56.95 19.73
C LEU M 108 -59.58 57.84 18.73
N THR M 109 -60.40 58.78 19.21
CA THR M 109 -60.96 59.78 18.32
C THR M 109 -59.99 60.91 18.07
N GLN M 110 -58.90 60.99 18.84
CA GLN M 110 -57.86 61.97 18.55
C GLN M 110 -57.07 61.57 17.31
N ILE M 111 -56.77 60.29 17.17
CA ILE M 111 -56.01 59.82 16.01
C ILE M 111 -56.83 59.93 14.73
N MET M 112 -58.11 59.58 14.77
CA MET M 112 -58.93 59.63 13.56
C MET M 112 -59.28 61.06 13.17
N GLU M 113 -59.66 61.89 14.14
CA GLU M 113 -60.15 63.22 13.82
C GLU M 113 -59.13 64.32 14.06
N ASN M 114 -58.55 64.42 15.26
CA ASN M 114 -57.81 65.62 15.62
C ASN M 114 -56.44 65.70 14.95
N THR M 115 -55.84 64.56 14.62
CA THR M 115 -54.67 64.53 13.73
C THR M 115 -55.01 63.79 12.45
N GLN M 116 -56.19 64.08 11.91
CA GLN M 116 -56.57 63.55 10.60
C GLN M 116 -55.62 64.03 9.52
N MET M 117 -55.36 65.33 9.47
CA MET M 117 -54.60 65.97 8.41
C MET M 117 -53.19 65.41 8.27
N GLU M 118 -52.54 65.12 9.39
CA GLU M 118 -51.23 64.50 9.30
C GLU M 118 -51.34 63.01 9.01
N SER M 119 -52.22 62.30 9.71
CA SER M 119 -52.20 60.85 9.66
C SER M 119 -53.08 60.26 8.56
N MET M 120 -54.22 60.87 8.23
CA MET M 120 -55.02 60.31 7.13
C MET M 120 -54.36 60.57 5.79
N TYR M 121 -53.55 61.62 5.70
CA TYR M 121 -52.81 61.84 4.47
C TYR M 121 -51.71 60.81 4.30
N SER M 122 -51.10 60.37 5.40
CA SER M 122 -50.02 59.39 5.31
C SER M 122 -50.54 58.03 4.86
N GLU M 123 -51.76 57.67 5.27
CA GLU M 123 -52.40 56.49 4.71
C GLU M 123 -52.80 56.74 3.27
N LEU M 124 -53.22 57.97 2.96
CA LEU M 124 -53.67 58.28 1.61
C LEU M 124 -52.53 58.29 0.61
N ARG M 125 -51.30 58.56 1.06
CA ARG M 125 -50.16 58.45 0.16
C ARG M 125 -49.59 57.05 0.11
N LYS M 126 -49.87 56.23 1.12
CA LYS M 126 -49.28 54.90 1.15
C LYS M 126 -49.97 53.97 0.18
N VAL M 127 -51.30 54.02 0.12
CA VAL M 127 -52.08 53.10 -0.70
C VAL M 127 -51.97 53.51 -2.17
N ARG M 128 -51.55 54.74 -2.41
CA ARG M 128 -51.28 55.18 -3.78
C ARG M 128 -49.82 54.94 -4.14
N ILE N 10 8.65 -35.81 39.41
CA ILE N 10 8.76 -37.22 39.74
C ILE N 10 9.86 -37.44 40.75
N ALA N 11 11.08 -37.05 40.40
CA ALA N 11 12.25 -37.38 41.21
C ALA N 11 13.06 -36.10 41.46
N GLU N 12 13.96 -36.20 42.45
CA GLU N 12 14.57 -35.01 43.03
C GLU N 12 16.06 -35.16 43.41
N THR N 13 16.75 -36.21 42.96
CA THR N 13 18.08 -36.46 43.49
C THR N 13 19.10 -35.51 42.88
N LEU N 14 20.35 -35.62 43.36
CA LEU N 14 21.37 -34.63 43.03
C LEU N 14 21.87 -34.79 41.59
N THR N 15 21.70 -35.97 41.01
CA THR N 15 22.13 -36.17 39.63
C THR N 15 21.24 -35.40 38.66
N GLU N 16 19.93 -35.46 38.85
CA GLU N 16 19.04 -34.77 37.94
C GLU N 16 18.92 -33.29 38.28
N LYS N 17 19.29 -32.91 39.50
CA LYS N 17 19.36 -31.48 39.83
C LYS N 17 20.50 -30.84 39.08
N HIS N 18 21.61 -31.57 38.91
CA HIS N 18 22.69 -31.10 38.06
C HIS N 18 22.23 -31.05 36.60
N THR N 19 21.42 -32.02 36.19
CA THR N 19 20.94 -32.07 34.82
C THR N 19 19.94 -30.94 34.55
N LEU N 20 18.92 -30.81 35.38
CA LEU N 20 17.91 -29.78 35.18
C LEU N 20 18.45 -28.38 35.39
N GLY N 21 19.56 -28.25 36.10
CA GLY N 21 20.22 -26.95 36.18
C GLY N 21 20.95 -26.61 34.91
N ILE N 22 21.45 -27.63 34.21
CA ILE N 22 22.08 -27.40 32.91
C ILE N 22 21.03 -27.10 31.86
N GLU N 23 19.85 -27.73 31.98
CA GLU N 23 18.83 -27.65 30.94
C GLU N 23 18.22 -26.27 30.86
N LYS N 24 18.17 -25.54 31.97
CA LYS N 24 17.68 -24.17 31.90
C LYS N 24 18.73 -23.25 31.31
N VAL N 25 20.01 -23.64 31.37
CA VAL N 25 21.09 -22.77 30.91
C VAL N 25 21.15 -22.76 29.38
N VAL N 26 21.03 -23.94 28.78
CA VAL N 26 21.01 -24.01 27.33
C VAL N 26 19.67 -23.54 26.77
N ALA N 27 18.66 -23.40 27.63
CA ALA N 27 17.36 -22.89 27.17
C ALA N 27 17.39 -21.37 27.10
N THR N 28 17.72 -20.72 28.20
CA THR N 28 17.65 -19.28 28.27
C THR N 28 18.94 -18.59 27.84
N ASP N 29 19.97 -19.37 27.51
CA ASP N 29 21.29 -18.90 27.05
C ASP N 29 21.92 -17.97 28.10
N SER N 30 22.19 -18.55 29.26
CA SER N 30 22.75 -17.80 30.36
C SER N 30 24.26 -17.86 30.43
N TRP N 31 24.88 -18.80 29.71
CA TRP N 31 26.33 -18.94 29.78
C TRP N 31 27.02 -17.82 29.01
N ARG N 32 26.57 -17.57 27.78
CA ARG N 32 27.19 -16.54 26.97
C ARG N 32 26.84 -15.15 27.48
N VAL N 33 25.65 -14.99 28.06
CA VAL N 33 25.32 -13.70 28.65
C VAL N 33 25.91 -13.62 30.06
N GLY N 34 26.41 -14.73 30.59
CA GLY N 34 27.13 -14.66 31.85
C GLY N 34 28.54 -14.14 31.70
N ILE N 35 29.14 -14.30 30.52
CA ILE N 35 30.49 -13.80 30.30
C ILE N 35 30.46 -12.38 29.78
N THR N 36 29.54 -12.10 28.87
CA THR N 36 29.50 -10.82 28.19
C THR N 36 28.88 -9.71 29.02
N SER N 37 28.17 -10.02 30.10
CA SER N 37 27.54 -8.99 30.89
C SER N 37 28.39 -8.53 32.07
N ARG N 38 29.36 -9.32 32.51
CA ARG N 38 30.28 -8.77 33.50
C ARG N 38 31.28 -7.84 32.84
N GLU N 39 32.16 -8.40 31.99
CA GLU N 39 33.14 -7.76 31.09
C GLU N 39 34.07 -6.75 31.76
N LYS N 40 34.03 -6.65 33.09
CA LYS N 40 34.98 -5.93 33.92
C LYS N 40 35.95 -6.87 34.58
N LYS N 41 35.48 -8.07 34.94
CA LYS N 41 36.34 -9.08 35.55
C LYS N 41 37.26 -9.72 34.52
N LEU N 42 37.09 -9.42 33.24
CA LEU N 42 37.86 -10.14 32.23
C LEU N 42 39.29 -9.64 32.13
N GLU N 43 39.62 -8.52 32.78
CA GLU N 43 41.02 -8.10 32.83
C GLU N 43 41.81 -8.97 33.79
N ARG N 44 41.15 -9.79 34.60
CA ARG N 44 41.86 -10.72 35.46
C ARG N 44 42.49 -11.83 34.65
N ILE N 45 41.98 -12.08 33.45
CA ILE N 45 42.65 -13.00 32.53
C ILE N 45 43.96 -12.38 32.04
N ASN N 46 43.95 -11.07 31.85
CA ASN N 46 45.12 -10.38 31.28
C ASN N 46 46.26 -10.31 32.28
N ILE N 47 45.95 -10.02 33.54
CA ILE N 47 46.99 -9.94 34.57
C ILE N 47 47.49 -11.33 34.92
N SER N 48 46.63 -12.34 34.73
CA SER N 48 47.06 -13.72 34.93
C SER N 48 48.03 -14.16 33.84
N ALA N 49 47.75 -13.77 32.59
CA ALA N 49 48.62 -14.15 31.49
C ALA N 49 49.91 -13.34 31.52
N GLU N 50 49.92 -12.25 32.28
CA GLU N 50 51.14 -11.47 32.45
C GLU N 50 52.08 -12.10 33.46
N ILE N 51 51.54 -12.50 34.62
CA ILE N 51 52.37 -12.97 35.73
C ILE N 51 53.02 -14.30 35.39
N SER N 52 52.30 -15.15 34.66
CA SER N 52 52.84 -16.44 34.24
C SER N 52 54.00 -16.27 33.28
N ARG N 53 53.98 -15.20 32.48
CA ARG N 53 55.11 -14.90 31.62
C ARG N 53 56.26 -14.33 32.43
N ARG N 54 55.96 -13.63 33.52
CA ARG N 54 57.02 -13.10 34.38
C ARG N 54 57.76 -14.22 35.09
N ILE N 55 57.04 -15.28 35.44
CA ILE N 55 57.64 -16.39 36.18
C ILE N 55 58.43 -17.28 35.24
N GLN N 56 57.89 -17.51 34.04
CA GLN N 56 58.49 -18.48 33.12
C GLN N 56 59.83 -18.01 32.57
N ASP N 57 59.91 -16.74 32.18
CA ASP N 57 61.16 -16.20 31.66
C ASP N 57 62.21 -16.09 32.74
N GLU N 58 61.77 -15.96 33.99
CA GLU N 58 62.70 -15.94 35.11
C GLU N 58 63.17 -17.35 35.44
N ALA N 59 62.32 -18.35 35.20
CA ALA N 59 62.64 -19.72 35.56
C ALA N 59 63.68 -20.33 34.63
N ILE N 60 63.72 -19.87 33.38
CA ILE N 60 64.73 -20.37 32.46
C ILE N 60 66.04 -19.61 32.67
N ALA N 61 65.95 -18.36 33.09
CA ALA N 61 67.15 -17.60 33.40
C ALA N 61 67.83 -18.14 34.64
N TYR N 62 67.04 -18.63 35.59
CA TYR N 62 67.60 -19.26 36.78
C TYR N 62 68.25 -20.60 36.44
N ALA N 63 67.75 -21.25 35.40
CA ALA N 63 68.27 -22.56 35.02
C ALA N 63 69.56 -22.46 34.24
N ARG N 64 69.84 -21.32 33.59
CA ARG N 64 71.08 -21.20 32.85
C ARG N 64 72.21 -20.56 33.64
N ASN N 65 71.91 -19.88 34.73
CA ASN N 65 72.99 -19.35 35.56
C ASN N 65 73.62 -20.45 36.40
N LYS N 66 72.86 -21.49 36.72
CA LYS N 66 73.35 -22.57 37.56
C LYS N 66 73.73 -23.82 36.78
N GLY N 67 73.45 -23.85 35.48
CA GLY N 67 73.79 -25.02 34.68
C GLY N 67 72.89 -26.22 34.88
N ILE N 68 71.82 -26.10 35.65
CA ILE N 68 70.92 -27.20 35.91
C ILE N 68 69.92 -27.27 34.75
N PRO N 69 69.35 -28.44 34.44
CA PRO N 69 68.32 -28.49 33.40
C PRO N 69 67.03 -27.86 33.88
N TYR N 70 66.30 -27.25 32.94
CA TYR N 70 65.05 -26.60 33.27
C TYR N 70 64.00 -27.62 33.67
N LEU N 71 63.36 -27.37 34.81
CA LEU N 71 62.41 -28.30 35.39
C LEU N 71 61.00 -27.80 35.11
N PRO N 72 60.24 -28.42 34.22
CA PRO N 72 58.88 -27.95 33.95
C PRO N 72 57.95 -28.29 35.09
N GLY N 73 56.95 -27.45 35.28
CA GLY N 73 56.07 -27.55 36.40
C GLY N 73 56.52 -26.78 37.62
N ILE N 74 57.71 -26.18 37.56
CA ILE N 74 58.15 -25.27 38.62
C ILE N 74 57.45 -23.92 38.51
N ASN N 75 56.77 -23.68 37.39
CA ASN N 75 55.98 -22.46 37.25
C ASN N 75 54.76 -22.51 38.14
N GLY N 76 54.07 -23.66 38.14
CA GLY N 76 52.86 -23.79 38.91
C GLY N 76 53.12 -23.85 40.40
N ILE N 77 54.27 -24.39 40.79
CA ILE N 77 54.64 -24.40 42.20
C ILE N 77 54.95 -22.99 42.67
N ALA N 78 55.66 -22.22 41.85
CA ALA N 78 56.01 -20.86 42.23
C ALA N 78 54.81 -19.93 42.19
N TRP N 79 53.78 -20.28 41.43
CA TRP N 79 52.59 -19.44 41.40
C TRP N 79 51.59 -19.85 42.48
N LYS N 80 51.62 -21.12 42.88
CA LYS N 80 50.80 -21.52 44.01
C LYS N 80 51.30 -20.87 45.29
N LEU N 81 52.62 -20.82 45.48
CA LEU N 81 53.17 -20.23 46.70
C LEU N 81 53.07 -18.72 46.68
N LEU N 82 52.93 -18.12 45.51
CA LEU N 82 52.73 -16.68 45.43
C LEU N 82 51.35 -16.29 45.93
N ARG N 83 50.38 -17.18 45.74
CA ARG N 83 49.02 -16.88 46.17
C ARG N 83 48.81 -17.24 47.64
N LEU N 84 49.50 -18.27 48.11
CA LEU N 84 49.35 -18.67 49.51
C LEU N 84 50.06 -17.70 50.44
N LYS N 85 51.14 -17.10 49.97
CA LYS N 85 51.82 -16.06 50.74
C LYS N 85 50.94 -14.84 50.90
N TRP N 86 50.13 -14.55 49.88
CA TRP N 86 49.22 -13.42 49.95
C TRP N 86 48.09 -13.67 50.95
N LEU N 87 47.59 -14.90 51.00
CA LEU N 87 46.52 -15.22 51.93
C LEU N 87 47.05 -15.43 53.34
N GLY N 88 48.19 -16.11 53.47
CA GLY N 88 48.81 -16.25 54.76
C GLY N 88 48.95 -17.70 55.19
N TYR N 89 48.76 -18.61 54.25
CA TYR N 89 48.81 -20.04 54.56
C TYR N 89 50.28 -20.43 54.57
N THR N 90 50.92 -20.29 55.73
CA THR N 90 52.37 -20.32 55.81
C THR N 90 52.94 -21.70 56.08
N ASP N 91 52.22 -22.58 56.79
CA ASP N 91 52.71 -23.94 56.93
C ASP N 91 52.26 -24.82 55.78
N GLN N 92 51.36 -24.31 54.95
CA GLN N 92 51.17 -24.89 53.62
C GLN N 92 52.42 -24.69 52.77
N ILE N 93 53.14 -23.59 52.99
CA ILE N 93 54.35 -23.28 52.22
C ILE N 93 55.47 -24.24 52.58
N ASN N 94 55.66 -24.50 53.88
CA ASN N 94 56.88 -25.15 54.36
C ASN N 94 56.94 -26.61 53.94
N VAL N 95 55.78 -27.24 53.74
CA VAL N 95 55.79 -28.64 53.34
C VAL N 95 56.01 -28.78 51.85
N VAL N 96 55.59 -27.77 51.07
CA VAL N 96 55.89 -27.77 49.64
C VAL N 96 57.36 -27.44 49.42
N MET N 97 57.95 -26.63 50.31
CA MET N 97 59.36 -26.28 50.17
C MET N 97 60.27 -27.46 50.48
N ARG N 98 59.77 -28.44 51.23
CA ARG N 98 60.54 -29.68 51.40
C ARG N 98 60.32 -30.64 50.24
N THR N 99 59.35 -30.36 49.39
CA THR N 99 58.97 -31.33 48.36
C THR N 99 59.76 -31.14 47.08
N VAL N 100 60.10 -29.91 46.74
CA VAL N 100 60.84 -29.57 45.51
C VAL N 100 62.30 -29.98 45.69
N PRO N 101 63.10 -30.11 44.63
CA PRO N 101 64.52 -30.45 44.82
C PRO N 101 65.29 -29.29 45.46
N ALA N 102 66.55 -29.59 45.76
CA ALA N 102 67.34 -28.73 46.64
C ALA N 102 67.74 -27.43 45.94
N GLU N 103 68.17 -27.53 44.68
CA GLU N 103 68.67 -26.34 43.98
C GLU N 103 67.55 -25.41 43.54
N TRP N 104 66.30 -25.83 43.60
CA TRP N 104 65.19 -24.98 43.21
C TRP N 104 64.48 -24.33 44.38
N ARG N 105 64.94 -24.56 45.61
CA ARG N 105 64.33 -23.91 46.76
C ARG N 105 64.63 -22.42 46.76
N ASP N 106 65.77 -22.04 46.20
CA ASP N 106 66.15 -20.63 46.18
C ASP N 106 65.34 -19.87 45.13
N PHE N 107 64.83 -20.58 44.12
CA PHE N 107 63.99 -19.94 43.13
C PHE N 107 62.61 -19.64 43.70
N LEU N 108 62.12 -20.51 44.58
CA LEU N 108 60.77 -20.35 45.11
C LEU N 108 60.70 -19.19 46.10
N THR N 109 61.75 -18.99 46.90
CA THR N 109 61.81 -17.82 47.75
C THR N 109 62.15 -16.57 46.96
N GLN N 110 62.64 -16.73 45.73
CA GLN N 110 62.89 -15.58 44.87
C GLN N 110 61.61 -15.06 44.25
N ILE N 111 60.68 -15.96 43.92
CA ILE N 111 59.38 -15.56 43.42
C ILE N 111 58.56 -14.87 44.50
N MET N 112 58.56 -15.42 45.71
CA MET N 112 57.71 -14.90 46.79
C MET N 112 58.26 -13.58 47.33
N GLU N 113 59.57 -13.50 47.55
CA GLU N 113 60.17 -12.36 48.22
C GLU N 113 61.01 -11.48 47.31
N ASN N 114 61.90 -12.06 46.51
CA ASN N 114 62.80 -11.22 45.71
C ASN N 114 62.12 -10.68 44.46
N THR N 115 60.87 -11.06 44.21
CA THR N 115 59.99 -10.34 43.30
C THR N 115 58.70 -9.96 44.02
N GLN N 116 58.86 -9.42 45.23
CA GLN N 116 57.73 -8.88 45.96
C GLN N 116 57.13 -7.67 45.26
N MET N 117 57.98 -6.75 44.83
CA MET N 117 57.54 -5.46 44.33
C MET N 117 56.84 -5.58 42.99
N GLU N 118 57.19 -6.59 42.20
CA GLU N 118 56.58 -6.72 40.88
C GLU N 118 55.45 -7.73 40.90
N SER N 119 55.72 -8.96 41.33
CA SER N 119 54.77 -10.06 41.18
C SER N 119 53.65 -10.01 42.22
N MET N 120 53.97 -9.71 43.48
CA MET N 120 52.93 -9.68 44.50
C MET N 120 52.03 -8.45 44.33
N TYR N 121 52.61 -7.35 43.84
CA TYR N 121 51.81 -6.17 43.52
C TYR N 121 50.85 -6.43 42.37
N SER N 122 51.28 -7.26 41.41
CA SER N 122 50.40 -7.57 40.28
C SER N 122 49.27 -8.50 40.70
N GLU N 123 49.49 -9.30 41.74
CA GLU N 123 48.40 -10.10 42.31
C GLU N 123 47.39 -9.21 43.01
N LEU N 124 47.88 -8.16 43.69
CA LEU N 124 47.00 -7.27 44.44
C LEU N 124 46.08 -6.45 43.54
N ARG N 125 46.47 -6.24 42.29
CA ARG N 125 45.58 -5.61 41.33
C ARG N 125 44.68 -6.62 40.64
N LYS N 126 45.07 -7.89 40.62
CA LYS N 126 44.24 -8.90 39.99
C LYS N 126 43.02 -9.22 40.84
N VAL N 127 43.15 -9.11 42.16
CA VAL N 127 42.03 -9.40 43.06
C VAL N 127 41.24 -8.12 43.32
N ARG N 128 41.48 -7.09 42.51
CA ARG N 128 40.79 -5.83 42.68
C ARG N 128 40.13 -5.42 41.36
N ILE O 10 -42.09 15.52 9.32
CA ILE O 10 -42.63 14.47 10.17
C ILE O 10 -43.52 15.09 11.24
N ALA O 11 -42.91 15.88 12.12
CA ALA O 11 -43.62 16.43 13.26
C ALA O 11 -43.27 17.90 13.41
N GLU O 12 -44.04 18.60 14.26
CA GLU O 12 -44.10 20.05 14.18
C GLU O 12 -44.22 20.78 15.51
N THR O 13 -43.96 20.13 16.65
CA THR O 13 -44.31 20.73 17.93
C THR O 13 -43.35 21.88 18.28
N LEU O 14 -43.64 22.51 19.43
CA LEU O 14 -43.02 23.80 19.76
C LEU O 14 -41.56 23.63 20.13
N THR O 15 -41.18 22.44 20.61
CA THR O 15 -39.77 22.19 20.92
C THR O 15 -38.93 22.20 19.66
N GLU O 16 -39.37 21.47 18.64
CA GLU O 16 -38.59 21.40 17.41
C GLU O 16 -38.93 22.53 16.47
N LYS O 17 -39.94 23.34 16.78
CA LYS O 17 -40.10 24.59 16.05
C LYS O 17 -39.02 25.57 16.45
N HIS O 18 -38.61 25.51 17.72
CA HIS O 18 -37.52 26.35 18.20
C HIS O 18 -36.19 25.91 17.60
N THR O 19 -36.01 24.59 17.45
CA THR O 19 -34.77 24.06 16.90
C THR O 19 -34.63 24.41 15.42
N LEU O 20 -35.70 24.22 14.64
CA LEU O 20 -35.64 24.50 13.21
C LEU O 20 -35.56 25.98 12.91
N GLY O 21 -35.88 26.83 13.88
CA GLY O 21 -35.64 28.25 13.69
C GLY O 21 -34.18 28.61 13.91
N ILE O 22 -33.51 27.88 14.80
CA ILE O 22 -32.09 28.12 15.05
C ILE O 22 -31.25 27.59 13.90
N GLU O 23 -31.70 26.51 13.28
CA GLU O 23 -30.93 25.85 12.23
C GLU O 23 -30.84 26.70 10.99
N LYS O 24 -31.84 27.52 10.71
CA LYS O 24 -31.76 28.40 9.56
C LYS O 24 -30.96 29.66 9.87
N VAL O 25 -30.82 30.01 11.14
CA VAL O 25 -30.04 31.19 11.48
C VAL O 25 -28.55 30.91 11.31
N VAL O 26 -28.10 29.74 11.78
CA VAL O 26 -26.71 29.36 11.60
C VAL O 26 -26.42 28.98 10.16
N ALA O 27 -27.47 28.69 9.37
CA ALA O 27 -27.26 28.32 7.98
C ALA O 27 -26.92 29.54 7.14
N THR O 28 -27.69 30.61 7.28
CA THR O 28 -27.52 31.75 6.40
C THR O 28 -26.89 32.96 7.09
N ASP O 29 -26.53 32.82 8.37
CA ASP O 29 -25.88 33.87 9.18
C ASP O 29 -26.75 35.13 9.25
N SER O 30 -27.92 34.96 9.86
CA SER O 30 -28.84 36.07 10.04
C SER O 30 -28.62 36.81 11.35
N TRP O 31 -27.79 36.27 12.24
CA TRP O 31 -27.55 36.92 13.52
C TRP O 31 -26.59 38.07 13.39
N ARG O 32 -25.42 37.82 12.79
CA ARG O 32 -24.41 38.86 12.68
C ARG O 32 -24.79 39.92 11.66
N VAL O 33 -25.64 39.56 10.68
CA VAL O 33 -26.14 40.59 9.78
C VAL O 33 -27.36 41.26 10.39
N GLY O 34 -27.96 40.67 11.44
CA GLY O 34 -29.03 41.33 12.13
C GLY O 34 -28.55 42.46 13.00
N ILE O 35 -27.30 42.40 13.43
CA ILE O 35 -26.74 43.46 14.27
C ILE O 35 -26.12 44.55 13.41
N THR O 36 -25.31 44.16 12.42
CA THR O 36 -24.56 45.10 11.63
C THR O 36 -25.39 45.86 10.61
N SER O 37 -26.62 45.44 10.35
CA SER O 37 -27.51 46.19 9.46
C SER O 37 -28.27 47.28 10.18
N ARG O 38 -28.36 47.22 11.50
CA ARG O 38 -29.09 48.26 12.22
C ARG O 38 -28.25 49.53 12.35
N GLU O 39 -27.16 49.45 13.13
CA GLU O 39 -26.11 50.47 13.26
C GLU O 39 -26.57 51.84 13.76
N LYS O 40 -27.85 51.99 14.04
CA LYS O 40 -28.43 53.17 14.67
C LYS O 40 -29.01 52.85 16.02
N LYS O 41 -29.64 51.67 16.13
CA LYS O 41 -30.16 51.18 17.40
C LYS O 41 -29.03 50.83 18.38
N LEU O 42 -27.81 50.69 17.89
CA LEU O 42 -26.71 50.31 18.78
C LEU O 42 -26.27 51.48 19.65
N GLU O 43 -26.68 52.70 19.31
CA GLU O 43 -26.30 53.85 20.12
C GLU O 43 -27.10 53.91 21.41
N ARG O 44 -28.08 53.03 21.59
CA ARG O 44 -28.78 52.94 22.86
C ARG O 44 -27.90 52.31 23.93
N ILE O 45 -26.92 51.52 23.52
CA ILE O 45 -26.01 50.87 24.47
C ILE O 45 -25.10 51.91 25.12
N ASN O 46 -24.75 52.95 24.36
CA ASN O 46 -23.94 54.03 24.89
C ASN O 46 -24.69 54.80 25.96
N ILE O 47 -25.95 55.12 25.71
CA ILE O 47 -26.73 55.91 26.65
C ILE O 47 -27.15 55.07 27.84
N SER O 48 -27.17 53.74 27.66
CA SER O 48 -27.48 52.85 28.76
C SER O 48 -26.36 52.82 29.79
N ALA O 49 -25.12 52.81 29.31
CA ALA O 49 -23.97 52.77 30.22
C ALA O 49 -23.79 54.12 30.91
N GLU O 50 -24.22 55.19 30.26
CA GLU O 50 -24.03 56.53 30.82
C GLU O 50 -25.00 56.78 31.97
N ILE O 51 -26.25 56.30 31.84
CA ILE O 51 -27.21 56.42 32.93
C ILE O 51 -26.80 55.51 34.08
N SER O 52 -26.23 54.34 33.74
CA SER O 52 -25.79 53.37 34.74
C SER O 52 -24.69 53.93 35.62
N ARG O 53 -23.79 54.71 35.02
CA ARG O 53 -22.71 55.30 35.80
C ARG O 53 -23.21 56.44 36.66
N ARG O 54 -24.19 57.19 36.17
CA ARG O 54 -24.72 58.32 36.92
C ARG O 54 -25.53 57.86 38.13
N ILE O 55 -26.13 56.68 38.04
CA ILE O 55 -26.85 56.12 39.18
C ILE O 55 -25.87 55.57 40.21
N GLN O 56 -24.82 54.91 39.74
CA GLN O 56 -23.89 54.23 40.64
C GLN O 56 -23.06 55.22 41.43
N ASP O 57 -22.61 56.31 40.79
CA ASP O 57 -21.83 57.32 41.49
C ASP O 57 -22.70 58.10 42.47
N GLU O 58 -24.01 58.19 42.20
CA GLU O 58 -24.90 58.86 43.14
C GLU O 58 -25.17 57.99 44.36
N ALA O 59 -25.02 56.67 44.21
CA ALA O 59 -25.29 55.77 45.32
C ALA O 59 -24.20 55.83 46.37
N ILE O 60 -22.93 55.86 45.93
CA ILE O 60 -21.82 55.84 46.87
C ILE O 60 -21.62 57.21 47.49
N ALA O 61 -22.08 58.25 46.80
CA ALA O 61 -22.11 59.57 47.42
C ALA O 61 -23.16 59.62 48.52
N TYR O 62 -24.28 58.93 48.30
CA TYR O 62 -25.34 58.87 49.29
C TYR O 62 -24.91 58.06 50.51
N ALA O 63 -24.11 57.03 50.29
CA ALA O 63 -23.69 56.17 51.39
C ALA O 63 -22.65 56.83 52.27
N ARG O 64 -21.84 57.75 51.74
CA ARG O 64 -20.85 58.42 52.57
C ARG O 64 -21.35 59.74 53.15
N ASN O 65 -22.42 60.31 52.61
CA ASN O 65 -22.99 61.48 53.26
C ASN O 65 -23.72 61.10 54.54
N LYS O 66 -24.38 59.94 54.54
CA LYS O 66 -25.15 59.48 55.69
C LYS O 66 -24.42 58.42 56.49
N GLY O 67 -23.25 57.98 56.05
CA GLY O 67 -22.46 57.04 56.83
C GLY O 67 -22.99 55.64 56.89
N ILE O 68 -23.94 55.28 56.03
CA ILE O 68 -24.49 53.94 55.99
C ILE O 68 -23.63 53.12 55.03
N PRO O 69 -23.57 51.79 55.17
CA PRO O 69 -22.80 51.00 54.20
C PRO O 69 -23.47 50.99 52.84
N TYR O 70 -22.65 50.85 51.80
CA TYR O 70 -23.16 50.83 50.43
C TYR O 70 -23.91 49.53 50.17
N LEU O 71 -25.11 49.64 49.65
CA LEU O 71 -25.97 48.49 49.43
C LEU O 71 -25.88 48.07 47.97
N PRO O 72 -25.28 46.94 47.64
CA PRO O 72 -25.21 46.51 46.25
C PRO O 72 -26.58 46.05 45.77
N GLY O 73 -26.88 46.37 44.52
CA GLY O 73 -28.17 46.11 43.95
C GLY O 73 -29.18 47.20 44.18
N ILE O 74 -28.82 48.29 44.84
CA ILE O 74 -29.69 49.45 44.94
C ILE O 74 -29.63 50.26 43.66
N ASN O 75 -28.64 49.99 42.80
CA ASN O 75 -28.60 50.60 41.49
C ASN O 75 -29.72 50.06 40.61
N GLY O 76 -29.97 48.76 40.69
CA GLY O 76 -30.97 48.15 39.84
C GLY O 76 -32.38 48.52 40.24
N ILE O 77 -32.61 48.68 41.55
CA ILE O 77 -33.93 49.11 42.02
C ILE O 77 -34.21 50.53 41.59
N ALA O 78 -33.21 51.41 41.70
CA ALA O 78 -33.38 52.81 41.32
C ALA O 78 -33.49 52.97 39.82
N TRP O 79 -32.97 52.01 39.05
CA TRP O 79 -33.05 52.11 37.60
C TRP O 79 -34.39 51.59 37.09
N LYS O 80 -34.93 50.58 37.76
CA LYS O 80 -36.25 50.09 37.37
C LYS O 80 -37.32 51.13 37.66
N LEU O 81 -37.20 51.81 38.81
CA LEU O 81 -38.18 52.83 39.17
C LEU O 81 -38.06 54.05 38.27
N LEU O 82 -36.91 54.26 37.65
CA LEU O 82 -36.75 55.35 36.70
C LEU O 82 -37.57 55.08 35.44
N ARG O 83 -37.60 53.82 34.99
CA ARG O 83 -38.28 53.49 33.75
C ARG O 83 -39.77 53.29 33.96
N LEU O 84 -40.18 52.83 35.13
CA LEU O 84 -41.59 52.63 35.41
C LEU O 84 -42.29 53.96 35.63
N LYS O 85 -41.56 54.95 36.16
CA LYS O 85 -42.08 56.31 36.25
C LYS O 85 -42.28 56.90 34.86
N TRP O 86 -41.45 56.48 33.90
CA TRP O 86 -41.57 56.97 32.54
C TRP O 86 -42.82 56.42 31.85
N LEU O 87 -43.13 55.15 32.08
CA LEU O 87 -44.36 54.57 31.54
C LEU O 87 -45.56 55.08 32.32
N GLY O 88 -45.51 55.00 33.64
CA GLY O 88 -46.58 55.54 34.46
C GLY O 88 -47.18 54.52 35.40
N TYR O 89 -46.42 53.47 35.72
CA TYR O 89 -46.92 52.39 36.57
C TYR O 89 -46.63 52.78 38.01
N THR O 90 -47.51 53.57 38.60
CA THR O 90 -47.20 54.17 39.90
C THR O 90 -47.44 53.25 41.08
N ASP O 91 -48.45 52.38 41.03
CA ASP O 91 -48.62 51.43 42.14
C ASP O 91 -47.62 50.30 42.06
N GLN O 92 -46.99 50.13 40.90
CA GLN O 92 -45.77 49.34 40.84
C GLN O 92 -44.67 49.94 41.69
N ILE O 93 -44.59 51.28 41.72
CA ILE O 93 -43.54 51.96 42.48
C ILE O 93 -43.80 51.85 43.98
N ASN O 94 -45.07 51.94 44.38
CA ASN O 94 -45.41 52.11 45.79
C ASN O 94 -45.14 50.84 46.59
N VAL O 95 -45.22 49.68 45.95
CA VAL O 95 -44.93 48.44 46.65
C VAL O 95 -43.43 48.23 46.75
N VAL O 96 -42.68 48.66 45.73
CA VAL O 96 -41.23 48.53 45.76
C VAL O 96 -40.63 49.49 46.78
N MET O 97 -41.27 50.64 46.98
CA MET O 97 -40.75 51.64 47.91
C MET O 97 -40.87 51.17 49.36
N ARG O 98 -41.86 50.33 49.66
CA ARG O 98 -41.93 49.77 51.01
C ARG O 98 -40.99 48.59 51.18
N THR O 99 -40.49 48.03 50.09
CA THR O 99 -39.70 46.82 50.16
C THR O 99 -38.24 47.10 50.54
N VAL O 100 -37.74 48.27 50.18
CA VAL O 100 -36.35 48.67 50.43
C VAL O 100 -36.23 49.14 51.87
N PRO O 101 -35.04 49.25 52.46
CA PRO O 101 -34.95 49.76 53.84
C PRO O 101 -35.21 51.26 53.91
N ALA O 102 -35.22 51.76 55.14
CA ALA O 102 -35.74 53.10 55.40
C ALA O 102 -34.78 54.19 54.94
N GLU O 103 -33.48 53.99 55.17
CA GLU O 103 -32.51 55.03 54.84
C GLU O 103 -32.28 55.18 53.34
N TRP O 104 -32.71 54.21 52.54
CA TRP O 104 -32.51 54.27 51.10
C TRP O 104 -33.74 54.75 50.34
N ARG O 105 -34.83 55.08 51.03
CA ARG O 105 -36.04 55.52 50.34
C ARG O 105 -35.86 56.93 49.79
N ASP O 106 -35.04 57.73 50.45
CA ASP O 106 -34.82 59.10 50.00
C ASP O 106 -33.91 59.10 48.77
N PHE O 107 -33.07 58.08 48.65
CA PHE O 107 -32.24 57.96 47.45
C PHE O 107 -33.07 57.51 46.26
N LEU O 108 -34.09 56.69 46.49
CA LEU O 108 -34.89 56.17 45.38
C LEU O 108 -35.79 57.25 44.80
N THR O 109 -36.30 58.15 45.65
CA THR O 109 -37.02 59.29 45.12
C THR O 109 -36.07 60.36 44.60
N GLN O 110 -34.79 60.27 44.93
CA GLN O 110 -33.83 61.21 44.39
C GLN O 110 -33.52 60.92 42.94
N ILE O 111 -33.49 59.65 42.56
CA ILE O 111 -33.20 59.28 41.18
C ILE O 111 -34.40 59.58 40.28
N MET O 112 -35.62 59.40 40.77
CA MET O 112 -36.77 59.72 39.95
C MET O 112 -37.00 61.23 39.89
N GLU O 113 -37.27 61.85 41.03
CA GLU O 113 -37.71 63.24 41.05
C GLU O 113 -36.57 64.24 40.93
N ASN O 114 -35.61 64.21 41.85
CA ASN O 114 -34.70 65.35 42.01
C ASN O 114 -33.64 65.42 40.92
N THR O 115 -33.48 64.38 40.12
CA THR O 115 -32.67 64.46 38.91
C THR O 115 -33.51 64.13 37.67
N GLN O 116 -34.72 64.71 37.64
CA GLN O 116 -35.57 64.67 36.46
C GLN O 116 -34.89 65.33 35.27
N MET O 117 -34.13 66.38 35.52
CA MET O 117 -33.46 67.14 34.47
C MET O 117 -32.43 66.30 33.73
N GLU O 118 -31.62 65.55 34.46
CA GLU O 118 -30.55 64.81 33.80
C GLU O 118 -31.00 63.41 33.38
N SER O 119 -31.53 62.63 34.32
CA SER O 119 -31.76 61.21 34.08
C SER O 119 -33.01 60.94 33.24
N MET O 120 -34.10 61.68 33.46
CA MET O 120 -35.31 61.43 32.68
C MET O 120 -35.16 61.95 31.25
N TYR O 121 -34.30 62.94 31.05
CA TYR O 121 -34.03 63.41 29.70
C TYR O 121 -33.24 62.38 28.91
N SER O 122 -32.42 61.59 29.58
CA SER O 122 -31.62 60.59 28.89
C SER O 122 -32.48 59.40 28.44
N GLU O 123 -33.46 59.03 29.26
CA GLU O 123 -34.40 57.98 28.85
C GLU O 123 -35.32 58.49 27.75
N LEU O 124 -35.61 59.80 27.75
CA LEU O 124 -36.35 60.40 26.65
C LEU O 124 -35.57 60.38 25.36
N ARG O 125 -34.24 60.35 25.43
CA ARG O 125 -33.41 60.22 24.24
C ARG O 125 -33.13 58.78 23.87
N LYS O 126 -33.11 57.88 24.85
CA LYS O 126 -32.74 56.49 24.57
C LYS O 126 -33.88 55.75 23.90
N VAL O 127 -35.13 56.05 24.25
CA VAL O 127 -36.28 55.36 23.72
C VAL O 127 -36.70 56.11 22.44
N ARG O 128 -35.97 57.16 22.11
CA ARG O 128 -36.14 57.84 20.84
C ARG O 128 -34.99 57.48 19.89
N ILE P 10 -10.98 -29.94 43.98
CA ILE P 10 -10.95 -31.27 44.56
C ILE P 10 -10.28 -31.21 45.92
N ALA P 11 -9.01 -30.79 45.94
CA ALA P 11 -8.21 -30.83 47.15
C ALA P 11 -7.56 -29.46 47.37
N GLU P 12 -7.14 -29.23 48.63
CA GLU P 12 -6.77 -27.88 49.05
C GLU P 12 -5.57 -27.81 49.99
N THR P 13 -4.74 -28.86 50.09
CA THR P 13 -3.71 -28.85 51.11
C THR P 13 -2.54 -27.94 50.73
N LEU P 14 -1.56 -27.84 51.64
CA LEU P 14 -0.53 -26.82 51.53
C LEU P 14 0.45 -27.12 50.41
N THR P 15 0.59 -28.39 50.04
CA THR P 15 1.43 -28.72 48.89
C THR P 15 0.77 -28.25 47.60
N GLU P 16 -0.53 -28.49 47.46
CA GLU P 16 -1.23 -28.04 46.27
C GLU P 16 -1.51 -26.55 46.31
N LYS P 17 -1.52 -25.95 47.49
CA LYS P 17 -1.63 -24.50 47.56
C LYS P 17 -0.32 -23.84 47.12
N HIS P 18 0.80 -24.50 47.39
CA HIS P 18 2.08 -23.98 46.92
C HIS P 18 2.21 -24.15 45.41
N THR P 19 1.67 -25.26 44.88
CA THR P 19 1.79 -25.52 43.45
C THR P 19 0.94 -24.56 42.63
N LEU P 20 -0.33 -24.39 43.01
CA LEU P 20 -1.22 -23.48 42.28
C LEU P 20 -0.80 -22.03 42.46
N GLY P 21 -0.03 -21.72 43.50
CA GLY P 21 0.54 -20.40 43.61
C GLY P 21 1.66 -20.17 42.63
N ILE P 22 2.37 -21.24 42.27
CA ILE P 22 3.42 -21.13 41.24
C ILE P 22 2.79 -21.03 39.87
N GLU P 23 1.67 -21.75 39.66
CA GLU P 23 1.08 -21.89 38.33
C GLU P 23 0.49 -20.57 37.84
N LYS P 24 0.05 -19.71 38.76
CA LYS P 24 -0.47 -18.42 38.32
C LYS P 24 0.66 -17.45 38.02
N VAL P 25 1.84 -17.64 38.61
CA VAL P 25 2.96 -16.74 38.37
C VAL P 25 3.52 -16.94 36.97
N VAL P 26 3.65 -18.20 36.55
CA VAL P 26 4.13 -18.47 35.20
C VAL P 26 3.06 -18.18 34.17
N ALA P 27 1.80 -18.02 34.60
CA ALA P 27 0.73 -17.73 33.66
C ALA P 27 0.63 -16.24 33.41
N THR P 28 0.64 -15.44 34.47
CA THR P 28 0.44 -14.01 34.33
C THR P 28 1.75 -13.24 34.23
N ASP P 29 2.89 -13.93 34.34
CA ASP P 29 4.24 -13.36 34.29
C ASP P 29 4.43 -12.27 35.34
N SER P 30 4.26 -12.66 36.59
CA SER P 30 4.35 -11.70 37.68
C SER P 30 5.72 -11.65 38.33
N TRP P 31 6.58 -12.63 38.07
CA TRP P 31 7.91 -12.63 38.68
C TRP P 31 8.79 -11.57 38.04
N ARG P 32 8.74 -11.46 36.72
CA ARG P 32 9.59 -10.50 36.03
C ARG P 32 9.04 -9.09 36.16
N VAL P 33 7.72 -8.93 36.18
CA VAL P 33 7.15 -7.61 36.37
C VAL P 33 7.14 -7.24 37.85
N GLY P 34 7.42 -8.20 38.73
CA GLY P 34 7.62 -7.87 40.13
C GLY P 34 8.96 -7.21 40.39
N ILE P 35 9.95 -7.49 39.55
CA ILE P 35 11.25 -6.85 39.70
C ILE P 35 11.32 -5.57 38.90
N THR P 36 10.80 -5.60 37.67
CA THR P 36 10.94 -4.47 36.76
C THR P 36 9.94 -3.36 37.02
N SER P 37 9.10 -3.47 38.05
CA SER P 37 8.26 -2.36 38.45
C SER P 37 8.76 -1.68 39.71
N ARG P 38 9.75 -2.24 40.38
CA ARG P 38 10.22 -1.62 41.62
C ARG P 38 11.17 -0.46 41.35
N GLU P 39 12.34 -0.75 40.77
CA GLU P 39 13.38 0.23 40.41
C GLU P 39 13.86 1.13 41.54
N LYS P 40 13.58 0.76 42.77
CA LYS P 40 13.99 1.48 43.97
C LYS P 40 14.61 0.55 45.00
N LYS P 41 14.03 -0.64 45.15
CA LYS P 41 14.61 -1.67 45.99
C LYS P 41 15.89 -2.23 45.38
N LEU P 42 16.08 -2.05 44.07
CA LEU P 42 17.24 -2.65 43.42
C LEU P 42 18.53 -1.91 43.75
N GLU P 43 18.42 -0.68 44.25
CA GLU P 43 19.61 0.06 44.65
C GLU P 43 20.22 -0.54 45.92
N ARG P 44 19.44 -1.34 46.65
CA ARG P 44 19.95 -1.99 47.86
C ARG P 44 20.96 -3.08 47.52
N ILE P 45 20.94 -3.58 46.28
CA ILE P 45 21.94 -4.57 45.86
C ILE P 45 23.30 -3.89 45.70
N ASN P 46 23.29 -2.62 45.28
CA ASN P 46 24.54 -1.89 45.09
C ASN P 46 25.19 -1.55 46.41
N ILE P 47 24.38 -1.13 47.39
CA ILE P 47 24.92 -0.79 48.70
C ILE P 47 25.34 -2.05 49.45
N SER P 48 24.66 -3.16 49.20
CA SER P 48 25.07 -4.44 49.77
C SER P 48 26.41 -4.89 49.20
N ALA P 49 26.59 -4.71 47.89
CA ALA P 49 27.82 -5.16 47.26
C ALA P 49 28.98 -4.22 47.57
N GLU P 50 28.68 -3.05 48.14
CA GLU P 50 29.72 -2.14 48.57
C GLU P 50 30.28 -2.53 49.93
N ILE P 51 29.39 -2.86 50.88
CA ILE P 51 29.81 -3.14 52.25
C ILE P 51 30.56 -4.45 52.31
N SER P 52 30.20 -5.40 51.46
CA SER P 52 30.89 -6.68 51.40
C SER P 52 32.32 -6.52 50.90
N ARG P 53 32.54 -5.54 50.01
CA ARG P 53 33.89 -5.24 49.58
C ARG P 53 34.65 -4.50 50.68
N ARG P 54 33.94 -3.70 51.47
CA ARG P 54 34.60 -2.95 52.53
C ARG P 54 35.04 -3.87 53.67
N ILE P 55 34.22 -4.87 53.98
CA ILE P 55 34.55 -5.80 55.06
C ILE P 55 35.71 -6.69 54.65
N GLN P 56 35.75 -7.08 53.38
CA GLN P 56 36.70 -8.09 52.93
C GLN P 56 38.12 -7.55 52.87
N ASP P 57 38.28 -6.30 52.44
CA ASP P 57 39.62 -5.74 52.32
C ASP P 57 40.24 -5.46 53.68
N GLU P 58 39.41 -5.17 54.68
CA GLU P 58 39.93 -5.08 56.04
C GLU P 58 40.22 -6.45 56.61
N ALA P 59 39.50 -7.48 56.14
CA ALA P 59 39.68 -8.82 56.67
C ALA P 59 41.02 -9.41 56.24
N ILE P 60 41.47 -9.08 55.04
CA ILE P 60 42.77 -9.55 54.58
C ILE P 60 43.88 -8.68 55.14
N ALA P 61 43.58 -7.40 55.36
CA ALA P 61 44.57 -6.50 55.94
C ALA P 61 44.82 -6.82 57.41
N TYR P 62 43.78 -7.25 58.11
CA TYR P 62 43.91 -7.62 59.52
C TYR P 62 44.71 -8.90 59.68
N ALA P 63 44.65 -9.78 58.69
CA ALA P 63 45.39 -11.02 58.76
C ALA P 63 46.87 -10.82 58.44
N ARG P 64 47.22 -9.79 57.70
CA ARG P 64 48.61 -9.58 57.33
C ARG P 64 49.39 -8.77 58.34
N ASN P 65 48.70 -7.99 59.18
CA ASN P 65 49.40 -7.28 60.24
C ASN P 65 49.75 -8.21 61.39
N LYS P 66 48.98 -9.27 61.58
CA LYS P 66 49.18 -10.17 62.71
C LYS P 66 49.87 -11.46 62.32
N GLY P 67 50.08 -11.71 61.03
CA GLY P 67 50.72 -12.94 60.61
C GLY P 67 49.84 -14.17 60.66
N ILE P 68 48.56 -14.02 61.00
CA ILE P 68 47.64 -15.13 61.07
C ILE P 68 47.10 -15.40 59.67
N PRO P 69 46.78 -16.65 59.33
CA PRO P 69 46.23 -16.92 58.00
C PRO P 69 44.81 -16.38 57.88
N TYR P 70 44.44 -16.04 56.65
CA TYR P 70 43.11 -15.50 56.41
C TYR P 70 42.05 -16.58 56.60
N LEU P 71 41.15 -16.34 57.53
CA LEU P 71 40.09 -17.27 57.86
C LEU P 71 38.86 -16.93 57.03
N PRO P 72 38.45 -17.76 56.07
CA PRO P 72 37.28 -17.42 55.26
C PRO P 72 36.01 -17.61 56.07
N GLY P 73 35.00 -16.80 55.76
CA GLY P 73 33.78 -16.79 56.51
C GLY P 73 33.73 -15.78 57.63
N ILE P 74 34.87 -15.16 57.96
CA ILE P 74 34.85 -14.09 58.95
C ILE P 74 34.32 -12.80 58.35
N ASN P 75 34.29 -12.71 57.02
CA ASN P 75 33.60 -11.58 56.39
C ASN P 75 32.10 -11.74 56.48
N GLY P 76 31.62 -12.99 56.56
CA GLY P 76 30.20 -13.21 56.71
C GLY P 76 29.72 -13.06 58.13
N ILE P 77 30.57 -13.44 59.10
CA ILE P 77 30.21 -13.30 60.51
C ILE P 77 30.15 -11.82 60.88
N ALA P 78 31.12 -11.03 60.38
CA ALA P 78 31.19 -9.63 60.73
C ALA P 78 30.07 -8.83 60.08
N TRP P 79 29.44 -9.38 59.04
CA TRP P 79 28.31 -8.70 58.44
C TRP P 79 27.01 -9.04 59.16
N LYS P 80 26.93 -10.23 59.73
CA LYS P 80 25.77 -10.54 60.55
C LYS P 80 25.79 -9.75 61.84
N LEU P 81 26.96 -9.58 62.43
CA LEU P 81 27.06 -8.83 63.69
C LEU P 81 26.86 -7.34 63.48
N LEU P 82 27.06 -6.87 62.25
CA LEU P 82 26.77 -5.47 61.95
C LEU P 82 25.28 -5.24 61.86
N ARG P 83 24.53 -6.24 61.39
CA ARG P 83 23.09 -6.07 61.25
C ARG P 83 22.38 -6.26 62.58
N LEU P 84 22.89 -7.14 63.44
CA LEU P 84 22.26 -7.36 64.72
C LEU P 84 22.55 -6.23 65.69
N LYS P 85 23.73 -5.60 65.55
CA LYS P 85 24.04 -4.41 66.34
C LYS P 85 23.10 -3.27 65.97
N TRP P 86 22.73 -3.19 64.70
CA TRP P 86 21.81 -2.16 64.24
C TRP P 86 20.41 -2.36 64.81
N LEU P 87 20.01 -3.61 65.01
CA LEU P 87 18.69 -3.88 65.53
C LEU P 87 18.67 -3.86 67.05
N GLY P 88 19.72 -4.37 67.68
CA GLY P 88 19.84 -4.30 69.12
C GLY P 88 19.88 -5.65 69.78
N TYR P 89 20.02 -6.70 69.00
CA TYR P 89 20.04 -8.06 69.53
C TYR P 89 21.43 -8.29 70.09
N THR P 90 21.63 -7.91 71.35
CA THR P 90 22.98 -7.84 71.90
C THR P 90 23.45 -9.13 72.55
N ASP P 91 22.57 -9.95 73.10
CA ASP P 91 23.02 -11.22 73.65
C ASP P 91 23.08 -12.29 72.57
N GLN P 92 22.57 -11.99 71.38
CA GLN P 92 22.95 -12.75 70.20
C GLN P 92 24.42 -12.52 69.87
N ILE P 93 24.93 -11.31 70.11
CA ILE P 93 26.32 -10.98 69.80
C ILE P 93 27.27 -11.70 70.74
N ASN P 94 26.89 -11.80 72.02
CA ASN P 94 27.82 -12.27 73.05
C ASN P 94 28.14 -13.75 72.90
N VAL P 95 27.22 -14.51 72.32
CA VAL P 95 27.47 -15.94 72.15
C VAL P 95 28.32 -16.19 70.91
N VAL P 96 28.16 -15.38 69.88
CA VAL P 96 28.97 -15.53 68.67
C VAL P 96 30.41 -15.08 68.93
N MET P 97 30.59 -14.11 69.82
CA MET P 97 31.94 -13.65 70.13
C MET P 97 32.71 -14.68 70.94
N ARG P 98 32.00 -15.60 71.61
CA ARG P 98 32.66 -16.73 72.25
C ARG P 98 32.92 -17.85 71.27
N THR P 99 32.36 -17.77 70.06
CA THR P 99 32.43 -18.88 69.13
C THR P 99 33.61 -18.76 68.18
N VAL P 100 33.98 -17.54 67.80
CA VAL P 100 35.08 -17.28 66.88
C VAL P 100 36.41 -17.50 67.60
N PRO P 101 37.54 -17.64 66.90
CA PRO P 101 38.82 -17.77 67.60
C PRO P 101 39.24 -16.47 68.28
N ALA P 102 40.33 -16.58 69.04
CA ALA P 102 40.70 -15.51 69.96
C ALA P 102 41.27 -14.30 69.23
N GLU P 103 42.09 -14.53 68.22
CA GLU P 103 42.71 -13.43 67.51
C GLU P 103 41.76 -12.72 66.55
N TRP P 104 40.61 -13.32 66.26
CA TRP P 104 39.65 -12.69 65.38
C TRP P 104 38.51 -12.00 66.12
N ARG P 105 38.54 -12.01 67.45
CA ARG P 105 37.52 -11.30 68.22
C ARG P 105 37.69 -9.79 68.07
N ASP P 106 38.94 -9.34 67.91
CA ASP P 106 39.20 -7.91 67.81
C ASP P 106 38.82 -7.39 66.43
N PHE P 107 38.73 -8.28 65.44
CA PHE P 107 38.29 -7.85 64.12
C PHE P 107 36.79 -7.60 64.11
N LEU P 108 36.03 -8.39 64.86
CA LEU P 108 34.58 -8.30 64.83
C LEU P 108 34.11 -7.02 65.52
N THR P 109 34.79 -6.61 66.58
CA THR P 109 34.47 -5.32 67.19
C THR P 109 35.05 -4.16 66.40
N GLN P 110 35.97 -4.43 65.48
CA GLN P 110 36.48 -3.38 64.60
C GLN P 110 35.47 -3.04 63.51
N ILE P 111 34.75 -4.05 63.03
CA ILE P 111 33.66 -3.82 62.09
C ILE P 111 32.51 -3.08 62.75
N MET P 112 32.15 -3.46 63.98
CA MET P 112 30.98 -2.89 64.64
C MET P 112 31.26 -1.48 65.14
N GLU P 113 32.41 -1.26 65.77
CA GLU P 113 32.68 0.02 66.42
C GLU P 113 33.77 0.83 65.75
N ASN P 114 34.90 0.21 65.37
CA ASN P 114 35.98 1.00 64.81
C ASN P 114 35.75 1.34 63.35
N THR P 115 34.74 0.74 62.71
CA THR P 115 34.20 1.24 61.46
C THR P 115 32.70 1.50 61.66
N GLN P 116 32.39 2.20 62.75
CA GLN P 116 31.01 2.63 62.97
C GLN P 116 30.60 3.69 61.95
N MET P 117 31.47 4.66 61.72
CA MET P 117 31.13 5.83 60.93
C MET P 117 30.92 5.49 59.46
N GLU P 118 31.65 4.50 58.95
CA GLU P 118 31.54 4.18 57.53
C GLU P 118 30.52 3.06 57.30
N SER P 119 30.67 1.95 58.02
CA SER P 119 29.90 0.75 57.71
C SER P 119 28.48 0.81 58.25
N MET P 120 28.28 1.31 59.46
CA MET P 120 26.92 1.35 60.02
C MET P 120 26.10 2.45 59.35
N TYR P 121 26.77 3.49 58.85
CA TYR P 121 26.07 4.52 58.08
C TYR P 121 25.56 3.97 56.75
N SER P 122 26.29 3.01 56.17
CA SER P 122 25.85 2.43 54.90
C SER P 122 24.68 1.49 55.10
N GLU P 123 24.64 0.79 56.24
CA GLU P 123 23.46 -0.01 56.56
C GLU P 123 22.27 0.89 56.88
N LEU P 124 22.53 2.05 57.48
CA LEU P 124 21.45 2.99 57.76
C LEU P 124 20.85 3.58 56.49
N ARG P 125 21.64 3.69 55.43
CA ARG P 125 21.12 4.17 54.15
C ARG P 125 20.54 3.07 53.30
N LYS P 126 20.86 1.81 53.59
CA LYS P 126 20.28 0.73 52.81
C LYS P 126 18.85 0.44 53.23
N VAL P 127 18.58 0.44 54.53
CA VAL P 127 17.26 0.12 55.05
C VAL P 127 16.35 1.33 54.84
N ARG P 128 16.96 2.50 54.71
CA ARG P 128 16.25 3.71 54.34
C ARG P 128 16.09 3.79 52.84
N ILE Q 10 -27.56 16.48 24.36
CA ILE Q 10 -27.91 15.34 25.21
C ILE Q 10 -28.22 15.83 26.62
N ALA Q 11 -27.19 16.29 27.32
CA ALA Q 11 -27.31 16.66 28.72
C ALA Q 11 -26.89 18.11 28.90
N GLU Q 12 -27.16 18.64 30.09
CA GLU Q 12 -27.26 20.09 30.23
C GLU Q 12 -26.69 20.65 31.54
N THR Q 13 -26.07 19.85 32.39
CA THR Q 13 -25.84 20.27 33.77
C THR Q 13 -24.72 21.30 33.86
N LEU Q 14 -24.48 21.76 35.09
CA LEU Q 14 -23.61 22.91 35.30
C LEU Q 14 -22.15 22.55 35.09
N THR Q 15 -21.81 21.27 35.27
CA THR Q 15 -20.47 20.80 34.95
C THR Q 15 -20.22 20.90 33.44
N GLU Q 16 -21.18 20.46 32.65
CA GLU Q 16 -21.05 20.53 31.21
C GLU Q 16 -21.29 21.95 30.70
N LYS Q 17 -22.05 22.75 31.44
CA LYS Q 17 -22.28 24.13 31.02
C LYS Q 17 -21.01 24.96 31.19
N HIS Q 18 -20.23 24.65 32.22
CA HIS Q 18 -18.94 25.31 32.38
C HIS Q 18 -17.96 24.83 31.31
N THR Q 19 -18.12 23.59 30.85
CA THR Q 19 -17.22 23.05 29.84
C THR Q 19 -17.50 23.63 28.47
N LEU Q 20 -18.78 23.64 28.07
CA LEU Q 20 -19.14 24.10 26.73
C LEU Q 20 -19.00 25.60 26.57
N GLY Q 21 -18.86 26.34 27.67
CA GLY Q 21 -18.51 27.74 27.56
C GLY Q 21 -17.03 27.93 27.32
N ILE Q 22 -16.21 27.01 27.85
CA ILE Q 22 -14.77 27.09 27.63
C ILE Q 22 -14.42 26.66 26.21
N GLU Q 23 -15.15 25.67 25.69
CA GLU Q 23 -14.89 25.14 24.36
C GLU Q 23 -15.19 26.16 23.27
N LYS Q 24 -16.17 27.04 23.52
CA LYS Q 24 -16.48 28.05 22.53
C LYS Q 24 -15.57 29.27 22.67
N VAL Q 25 -14.95 29.46 23.83
CA VAL Q 25 -14.02 30.58 24.01
C VAL Q 25 -12.74 30.32 23.23
N VAL Q 26 -12.20 29.10 23.33
CA VAL Q 26 -10.97 28.77 22.64
C VAL Q 26 -11.22 28.57 21.15
N ALA Q 27 -12.47 28.40 20.75
CA ALA Q 27 -12.79 28.24 19.33
C ALA Q 27 -12.77 29.58 18.62
N THR Q 28 -13.42 30.59 19.20
CA THR Q 28 -13.54 31.88 18.54
C THR Q 28 -12.56 32.91 19.07
N ASP Q 29 -11.68 32.53 20.01
CA ASP Q 29 -10.60 33.36 20.54
C ASP Q 29 -11.12 34.63 21.19
N SER Q 30 -11.87 34.45 22.28
CA SER Q 30 -12.50 35.58 22.94
C SER Q 30 -11.75 36.05 24.18
N TRP Q 31 -10.76 35.30 24.65
CA TRP Q 31 -9.99 35.73 25.81
C TRP Q 31 -9.02 36.84 25.44
N ARG Q 32 -8.24 36.63 24.39
CA ARG Q 32 -7.21 37.60 24.02
C ARG Q 32 -7.83 38.85 23.40
N VAL Q 33 -8.99 38.71 22.76
CA VAL Q 33 -9.68 39.89 22.26
C VAL Q 33 -10.54 40.49 23.35
N GLY Q 34 -10.77 39.77 24.45
CA GLY Q 34 -11.49 40.33 25.56
C GLY Q 34 -10.69 41.37 26.31
N ILE Q 35 -9.37 41.26 26.26
CA ILE Q 35 -8.50 42.20 26.98
C ILE Q 35 -8.09 43.33 26.05
N THR Q 36 -7.65 42.99 24.85
CA THR Q 36 -7.11 43.97 23.92
C THR Q 36 -8.17 44.91 23.34
N SER Q 37 -9.45 44.61 23.51
CA SER Q 37 -10.50 45.52 23.10
C SER Q 37 -10.89 46.48 24.20
N ARG Q 38 -10.53 46.20 25.45
CA ARG Q 38 -10.91 47.11 26.53
C ARG Q 38 -9.99 48.32 26.56
N GLU Q 39 -8.71 48.11 26.86
CA GLU Q 39 -7.62 49.10 26.78
C GLU Q 39 -7.79 50.36 27.62
N LYS Q 40 -8.87 50.45 28.39
CA LYS Q 40 -9.14 51.52 29.33
C LYS Q 40 -9.23 51.00 30.75
N LYS Q 41 -9.68 49.75 30.90
CA LYS Q 41 -9.63 49.08 32.19
C LYS Q 41 -8.21 48.75 32.60
N LEU Q 42 -7.28 48.71 31.64
CA LEU Q 42 -5.97 48.16 31.92
C LEU Q 42 -5.10 49.13 32.69
N GLU Q 43 -5.47 50.41 32.76
CA GLU Q 43 -4.69 51.34 33.57
C GLU Q 43 -5.03 51.23 35.03
N ARG Q 44 -6.05 50.44 35.39
CA ARG Q 44 -6.35 50.18 36.79
C ARG Q 44 -5.27 49.32 37.43
N ILE Q 45 -4.56 48.53 36.61
CA ILE Q 45 -3.45 47.72 37.10
C ILE Q 45 -2.28 48.61 37.52
N ASN Q 46 -2.11 49.72 36.80
CA ASN Q 46 -1.06 50.68 37.14
C ASN Q 46 -1.32 51.34 38.48
N ILE Q 47 -2.57 51.72 38.74
CA ILE Q 47 -2.88 52.44 39.97
C ILE Q 47 -2.86 51.49 41.15
N SER Q 48 -3.14 50.21 40.90
CA SER Q 48 -3.11 49.23 41.98
C SER Q 48 -1.68 48.95 42.42
N ALA Q 49 -0.74 48.95 41.48
CA ALA Q 49 0.65 48.71 41.83
C ALA Q 49 1.25 49.90 42.55
N GLU Q 50 0.70 51.09 42.32
CA GLU Q 50 1.19 52.28 43.00
C GLU Q 50 0.78 52.28 44.47
N ILE Q 51 -0.48 51.94 44.76
CA ILE Q 51 -0.94 51.87 46.15
C ILE Q 51 -0.26 50.72 46.88
N SER Q 52 0.00 49.63 46.14
CA SER Q 52 0.64 48.46 46.74
C SER Q 52 2.06 48.76 47.21
N ARG Q 53 2.77 49.58 46.44
CA ARG Q 53 4.11 49.97 46.84
C ARG Q 53 4.05 50.98 47.98
N ARG Q 54 3.06 51.87 47.96
CA ARG Q 54 2.96 52.91 48.97
C ARG Q 54 2.58 52.34 50.32
N ILE Q 55 1.84 51.22 50.33
CA ILE Q 55 1.47 50.58 51.59
C ILE Q 55 2.66 49.84 52.16
N GLN Q 56 3.47 49.24 51.28
CA GLN Q 56 4.59 48.41 51.73
C GLN Q 56 5.69 49.24 52.35
N ASP Q 57 5.95 50.43 51.81
CA ASP Q 57 7.02 51.27 52.32
C ASP Q 57 6.66 51.87 53.68
N GLU Q 58 5.38 52.13 53.91
CA GLU Q 58 4.97 52.64 55.22
C GLU Q 58 4.99 51.55 56.27
N ALA Q 59 4.86 50.29 55.84
CA ALA Q 59 4.90 49.19 56.79
C ALA Q 59 6.31 48.96 57.30
N ILE Q 60 7.29 49.09 56.43
CA ILE Q 60 8.68 48.85 56.84
C ILE Q 60 9.21 50.03 57.62
N ALA Q 61 8.74 51.24 57.30
CA ALA Q 61 9.13 52.41 58.07
C ALA Q 61 8.51 52.37 59.46
N TYR Q 62 7.32 51.78 59.58
CA TYR Q 62 6.67 51.64 60.88
C TYR Q 62 7.41 50.63 61.73
N ALA Q 63 7.99 49.60 61.11
CA ALA Q 63 8.67 48.57 61.86
C ALA Q 63 10.01 49.03 62.41
N ARG Q 64 10.66 49.99 61.77
CA ARG Q 64 11.95 50.45 62.25
C ARG Q 64 11.86 51.66 63.17
N ASN Q 65 10.74 52.38 63.16
CA ASN Q 65 10.59 53.46 64.14
C ASN Q 65 10.28 52.90 65.52
N LYS Q 66 9.64 51.75 65.59
CA LYS Q 66 9.27 51.14 66.85
C LYS Q 66 10.11 49.92 67.20
N GLY Q 67 11.02 49.51 66.31
CA GLY Q 67 11.90 48.40 66.60
C GLY Q 67 11.25 47.03 66.61
N ILE Q 68 10.03 46.92 66.09
CA ILE Q 68 9.31 45.65 66.07
C ILE Q 68 9.67 44.95 64.77
N PRO Q 69 9.61 43.61 64.71
CA PRO Q 69 9.89 42.93 63.45
C PRO Q 69 8.79 43.16 62.43
N TYR Q 70 9.19 43.16 61.15
CA TYR Q 70 8.23 43.38 60.08
C TYR Q 70 7.32 42.18 59.95
N LEU Q 71 6.02 42.43 59.93
CA LEU Q 71 5.03 41.37 59.93
C LEU Q 71 4.48 41.22 58.53
N PRO Q 72 4.82 40.15 57.80
CA PRO Q 72 4.34 40.04 56.42
C PRO Q 72 2.86 39.69 56.37
N GLY Q 73 2.18 40.27 55.40
CA GLY Q 73 0.76 40.18 55.31
C GLY Q 73 0.02 41.33 55.95
N ILE Q 74 0.72 42.19 56.69
CA ILE Q 74 0.07 43.36 57.27
C ILE Q 74 -0.14 44.44 56.22
N ASN Q 75 0.54 44.35 55.08
CA ASN Q 75 0.27 45.27 53.99
C ASN Q 75 -0.99 44.84 53.24
N GLY Q 76 -1.20 43.53 53.12
CA GLY Q 76 -2.40 43.06 52.47
C GLY Q 76 -3.63 43.23 53.34
N ILE Q 77 -3.45 43.17 54.65
CA ILE Q 77 -4.56 43.40 55.58
C ILE Q 77 -5.00 44.86 55.51
N ALA Q 78 -4.02 45.77 55.47
CA ALA Q 78 -4.32 47.20 55.46
C ALA Q 78 -4.92 47.65 54.13
N TRP Q 79 -4.78 46.84 53.09
CA TRP Q 79 -5.39 47.19 51.82
C TRP Q 79 -6.87 46.83 51.82
N LYS Q 80 -7.25 45.78 52.54
CA LYS Q 80 -8.67 45.47 52.64
C LYS Q 80 -9.40 46.51 53.45
N LEU Q 81 -8.77 47.00 54.53
CA LEU Q 81 -9.41 47.99 55.38
C LEU Q 81 -9.52 49.34 54.70
N LEU Q 82 -8.68 49.59 53.69
CA LEU Q 82 -8.81 50.81 52.91
C LEU Q 82 -10.03 50.75 52.01
N ARG Q 83 -10.31 49.58 51.42
CA ARG Q 83 -11.40 49.48 50.46
C ARG Q 83 -12.75 49.36 51.17
N LEU Q 84 -12.78 48.76 52.37
CA LEU Q 84 -14.03 48.68 53.11
C LEU Q 84 -14.39 50.03 53.72
N LYS Q 85 -13.37 50.83 54.05
CA LYS Q 85 -13.60 52.21 54.46
C LYS Q 85 -14.22 53.01 53.32
N TRP Q 86 -13.85 52.69 52.08
CA TRP Q 86 -14.41 53.35 50.92
C TRP Q 86 -15.88 52.99 50.75
N LEU Q 87 -16.22 51.71 50.91
CA LEU Q 87 -17.61 51.29 50.77
C LEU Q 87 -18.43 51.70 51.97
N GLY Q 88 -17.91 51.46 53.17
CA GLY Q 88 -18.61 51.84 54.38
C GLY Q 88 -18.89 50.68 55.29
N TYR Q 89 -18.10 49.60 55.17
CA TYR Q 89 -18.36 48.39 55.94
C TYR Q 89 -17.56 48.48 57.22
N THR Q 90 -17.95 49.41 58.09
CA THR Q 90 -17.19 49.72 59.29
C THR Q 90 -17.25 48.63 60.34
N ASP Q 91 -18.29 47.80 60.31
CA ASP Q 91 -18.39 46.73 61.30
C ASP Q 91 -17.61 45.50 60.87
N GLN Q 92 -17.13 45.47 59.63
CA GLN Q 92 -16.03 44.56 59.31
C GLN Q 92 -14.72 45.10 59.86
N ILE Q 93 -14.57 46.42 59.87
CA ILE Q 93 -13.31 47.03 60.29
C ILE Q 93 -13.11 46.83 61.79
N ASN Q 94 -14.20 46.85 62.55
CA ASN Q 94 -14.11 46.79 64.01
C ASN Q 94 -13.66 45.42 64.48
N VAL Q 95 -13.92 44.38 63.69
CA VAL Q 95 -13.54 43.03 64.11
C VAL Q 95 -12.11 42.73 63.71
N VAL Q 96 -11.67 43.24 62.55
CA VAL Q 96 -10.33 42.95 62.06
C VAL Q 96 -9.30 43.70 62.90
N MET Q 97 -9.66 44.89 63.40
CA MET Q 97 -8.75 45.64 64.25
C MET Q 97 -8.53 44.94 65.60
N ARG Q 98 -9.49 44.13 66.04
CA ARG Q 98 -9.30 43.34 67.23
C ARG Q 98 -8.52 42.06 66.94
N THR Q 99 -8.35 41.72 65.67
CA THR Q 99 -7.73 40.45 65.31
C THR Q 99 -6.21 40.60 65.14
N VAL Q 100 -5.75 41.74 64.65
CA VAL Q 100 -4.32 42.02 64.48
C VAL Q 100 -3.66 42.22 65.83
N PRO Q 101 -2.33 42.11 65.98
CA PRO Q 101 -1.72 42.39 67.28
C PRO Q 101 -1.72 43.88 67.59
N ALA Q 102 -1.33 44.20 68.82
CA ALA Q 102 -1.60 45.52 69.38
C ALA Q 102 -0.72 46.60 68.78
N GLU Q 103 0.56 46.30 68.57
CA GLU Q 103 1.48 47.31 68.07
C GLU Q 103 1.25 47.65 66.61
N TRP Q 104 0.52 46.83 65.86
CA TRP Q 104 0.23 47.11 64.47
C TRP Q 104 -1.11 47.77 64.24
N ARG Q 105 -1.88 48.03 65.31
CA ARG Q 105 -3.20 48.64 65.13
C ARG Q 105 -3.08 50.12 64.80
N ASP Q 106 -2.00 50.75 65.25
CA ASP Q 106 -1.80 52.16 64.94
C ASP Q 106 -1.37 52.35 63.49
N PHE Q 107 -0.83 51.30 62.88
CA PHE Q 107 -0.48 51.36 61.47
C PHE Q 107 -1.73 51.24 60.60
N LEU Q 108 -2.70 50.45 61.04
CA LEU Q 108 -3.88 50.21 60.20
C LEU Q 108 -4.80 51.42 60.21
N THR Q 109 -4.84 52.17 61.32
CA THR Q 109 -5.55 53.44 61.29
C THR Q 109 -4.73 54.54 60.64
N GLN Q 110 -3.43 54.32 60.48
CA GLN Q 110 -2.60 55.28 59.76
C GLN Q 110 -2.89 55.25 58.27
N ILE Q 111 -3.21 54.06 57.74
CA ILE Q 111 -3.54 53.94 56.33
C ILE Q 111 -4.91 54.54 56.02
N MET Q 112 -5.88 54.33 56.91
CA MET Q 112 -7.23 54.85 56.66
C MET Q 112 -7.30 56.36 56.82
N GLU Q 113 -6.79 56.87 57.94
CA GLU Q 113 -6.99 58.28 58.27
C GLU Q 113 -5.78 59.16 58.02
N ASN Q 114 -4.59 58.73 58.43
CA ASN Q 114 -3.44 59.63 58.40
C ASN Q 114 -2.87 59.79 57.00
N THR Q 115 -3.24 58.90 56.08
CA THR Q 115 -3.05 59.15 54.64
C THR Q 115 -4.37 59.03 53.91
N GLN Q 116 -5.40 59.67 54.48
CA GLN Q 116 -6.67 59.88 53.79
C GLN Q 116 -6.49 60.76 52.56
N MET Q 117 -5.50 61.66 52.60
CA MET Q 117 -5.23 62.53 51.47
C MET Q 117 -4.75 61.75 50.25
N GLU Q 118 -3.70 60.94 50.40
CA GLU Q 118 -3.08 60.34 49.24
C GLU Q 118 -3.75 59.03 48.85
N SER Q 119 -3.77 58.06 49.77
CA SER Q 119 -4.14 56.68 49.42
C SER Q 119 -5.63 56.50 49.18
N MET Q 120 -6.48 57.30 49.82
CA MET Q 120 -7.90 57.24 49.50
C MET Q 120 -8.19 57.82 48.13
N TYR Q 121 -7.45 58.87 47.76
CA TYR Q 121 -7.65 59.52 46.46
C TYR Q 121 -7.22 58.61 45.32
N SER Q 122 -6.22 57.76 45.56
CA SER Q 122 -5.79 56.84 44.51
C SER Q 122 -6.81 55.73 44.29
N GLU Q 123 -7.47 55.29 45.37
CA GLU Q 123 -8.54 54.32 45.22
C GLU Q 123 -9.77 54.97 44.58
N LEU Q 124 -10.06 56.21 44.97
CA LEU Q 124 -11.18 56.93 44.39
C LEU Q 124 -10.97 57.26 42.92
N ARG Q 125 -9.71 57.30 42.48
CA ARG Q 125 -9.40 57.38 41.07
C ARG Q 125 -9.49 56.03 40.38
N LYS Q 126 -9.12 54.94 41.06
CA LYS Q 126 -9.04 53.64 40.42
C LYS Q 126 -10.42 53.09 40.09
N VAL Q 127 -11.40 53.28 40.97
CA VAL Q 127 -12.75 52.78 40.73
C VAL Q 127 -13.46 53.68 39.72
N ARG Q 128 -12.91 54.89 39.53
CA ARG Q 128 -13.39 55.78 38.49
C ARG Q 128 -12.71 55.48 37.15
N ILE R 10 -31.33 -25.69 40.47
CA ILE R 10 -31.33 -26.95 41.22
C ILE R 10 -31.06 -26.65 42.68
N ALA R 11 -29.96 -25.95 42.95
CA ALA R 11 -29.50 -25.74 44.32
C ALA R 11 -29.22 -24.26 44.55
N GLU R 12 -29.26 -23.86 45.82
CA GLU R 12 -29.25 -22.44 46.15
C GLU R 12 -28.45 -22.08 47.40
N THR R 13 -27.70 -23.03 47.99
CA THR R 13 -27.16 -22.78 49.31
C THR R 13 -25.95 -21.84 49.26
N LEU R 14 -25.40 -21.56 50.45
CA LEU R 14 -24.40 -20.50 50.56
C LEU R 14 -23.07 -20.90 49.98
N THR R 15 -22.82 -22.20 49.82
CA THR R 15 -21.61 -22.62 49.13
C THR R 15 -21.70 -22.30 47.64
N GLU R 16 -22.85 -22.58 47.02
CA GLU R 16 -22.98 -22.26 45.61
C GLU R 16 -23.31 -20.79 45.39
N LYS R 17 -23.85 -20.11 46.40
CA LYS R 17 -24.08 -18.68 46.24
C LYS R 17 -22.77 -17.92 46.22
N HIS R 18 -21.78 -18.41 46.96
CA HIS R 18 -20.44 -17.83 46.88
C HIS R 18 -19.78 -18.21 45.55
N THR R 19 -20.10 -19.40 45.04
CA THR R 19 -19.49 -19.86 43.80
C THR R 19 -20.03 -19.11 42.59
N LEU R 20 -21.36 -19.05 42.44
CA LEU R 20 -21.96 -18.39 41.30
C LEU R 20 -21.77 -16.87 41.35
N GLY R 21 -21.52 -16.33 42.54
CA GLY R 21 -21.16 -14.93 42.63
C GLY R 21 -19.76 -14.66 42.10
N ILE R 22 -18.88 -15.65 42.20
CA ILE R 22 -17.55 -15.52 41.61
C ILE R 22 -17.62 -15.66 40.09
N GLU R 23 -18.55 -16.50 39.62
CA GLU R 23 -18.62 -16.84 38.20
C GLU R 23 -19.06 -15.65 37.35
N LYS R 24 -19.80 -14.73 37.93
CA LYS R 24 -20.16 -13.54 37.16
C LYS R 24 -19.04 -12.53 37.15
N VAL R 25 -18.10 -12.63 38.10
CA VAL R 25 -16.96 -11.72 38.10
C VAL R 25 -15.99 -12.07 36.99
N VAL R 26 -15.72 -13.36 36.81
CA VAL R 26 -14.77 -13.77 35.78
C VAL R 26 -15.41 -13.70 34.41
N ALA R 27 -16.73 -13.59 34.33
CA ALA R 27 -17.40 -13.48 33.05
C ALA R 27 -17.43 -12.03 32.58
N THR R 28 -17.85 -11.12 33.46
CA THR R 28 -17.96 -9.72 33.11
C THR R 28 -16.67 -8.94 33.29
N ASP R 29 -15.63 -9.55 33.88
CA ASP R 29 -14.36 -8.91 34.23
C ASP R 29 -14.63 -7.68 35.08
N SER R 30 -15.27 -7.90 36.22
CA SER R 30 -15.65 -6.80 37.08
C SER R 30 -14.66 -6.53 38.19
N TRP R 31 -13.70 -7.43 38.41
CA TRP R 31 -12.68 -7.20 39.42
C TRP R 31 -11.69 -6.15 38.94
N ARG R 32 -11.28 -6.25 37.68
CA ARG R 32 -10.28 -5.31 37.17
C ARG R 32 -10.91 -3.96 36.87
N VAL R 33 -12.16 -3.94 36.41
CA VAL R 33 -12.80 -2.66 36.14
C VAL R 33 -13.39 -2.09 37.43
N GLY R 34 -13.38 -2.87 38.51
CA GLY R 34 -13.74 -2.32 39.81
C GLY R 34 -12.66 -1.44 40.39
N ILE R 35 -11.41 -1.70 40.04
CA ILE R 35 -10.29 -0.93 40.59
C ILE R 35 -9.98 0.25 39.69
N THR R 36 -10.00 0.04 38.38
CA THR R 36 -9.66 1.10 37.44
C THR R 36 -10.80 2.07 37.18
N SER R 37 -11.92 1.93 37.86
CA SER R 37 -12.99 2.93 37.78
C SER R 37 -13.03 3.83 39.00
N ARG R 38 -12.43 3.42 40.11
CA ARG R 38 -12.47 4.27 41.29
C ARG R 38 -11.46 5.41 41.19
N GLU R 39 -10.16 5.06 41.20
CA GLU R 39 -9.02 5.95 40.96
C GLU R 39 -8.91 7.15 41.91
N LYS R 40 -9.71 7.17 42.97
CA LYS R 40 -9.61 8.10 44.07
C LYS R 40 -9.36 7.38 45.39
N LYS R 41 -9.99 6.21 45.55
CA LYS R 41 -9.72 5.36 46.70
C LYS R 41 -8.30 4.82 46.70
N LEU R 42 -7.64 4.80 45.54
CA LEU R 42 -6.31 4.22 45.47
C LEU R 42 -5.26 5.13 46.08
N GLU R 43 -5.60 6.40 46.32
CA GLU R 43 -4.68 7.31 47.00
C GLU R 43 -4.54 6.93 48.47
N ARG R 44 -5.51 6.20 49.01
CA ARG R 44 -5.42 5.75 50.40
C ARG R 44 -4.33 4.71 50.60
N ILE R 45 -3.88 4.07 49.52
CA ILE R 45 -2.72 3.18 49.62
C ILE R 45 -1.46 4.00 49.83
N ASN R 46 -1.41 5.20 49.25
CA ASN R 46 -0.24 6.06 49.38
C ASN R 46 -0.14 6.66 50.77
N ILE R 47 -1.27 7.11 51.31
CA ILE R 47 -1.27 7.71 52.64
C ILE R 47 -1.06 6.65 53.70
N SER R 48 -1.45 5.41 53.39
CA SER R 48 -1.19 4.30 54.31
C SER R 48 0.29 3.97 54.40
N ALA R 49 0.97 3.94 53.25
CA ALA R 49 2.37 3.54 53.24
C ALA R 49 3.27 4.65 53.78
N GLU R 50 2.72 5.86 53.94
CA GLU R 50 3.46 6.93 54.59
C GLU R 50 3.47 6.75 56.10
N ILE R 51 2.31 6.47 56.68
CA ILE R 51 2.23 6.27 58.13
C ILE R 51 2.90 4.96 58.52
N SER R 52 2.91 4.01 57.59
CA SER R 52 3.62 2.75 57.80
C SER R 52 5.11 2.98 57.98
N ARG R 53 5.68 3.85 57.16
CA ARG R 53 7.11 4.11 57.24
C ARG R 53 7.44 5.00 58.43
N ARG R 54 6.47 5.80 58.88
CA ARG R 54 6.73 6.74 59.95
C ARG R 54 6.81 6.05 61.30
N ILE R 55 5.93 5.08 61.54
CA ILE R 55 5.90 4.37 62.81
C ILE R 55 7.12 3.48 62.94
N GLN R 56 7.58 2.93 61.82
CA GLN R 56 8.71 2.01 61.84
C GLN R 56 10.01 2.72 62.18
N ASP R 57 10.21 3.93 61.64
CA ASP R 57 11.45 4.66 61.87
C ASP R 57 11.54 5.16 63.30
N GLU R 58 10.40 5.46 63.92
CA GLU R 58 10.42 5.84 65.33
C GLU R 58 10.50 4.61 66.23
N ALA R 59 10.15 3.44 65.69
CA ALA R 59 10.24 2.22 66.49
C ALA R 59 11.68 1.80 66.70
N ILE R 60 12.53 2.04 65.69
CA ILE R 60 13.95 1.68 65.83
C ILE R 60 14.70 2.79 66.55
N ALA R 61 14.23 4.03 66.40
CA ALA R 61 14.83 5.13 67.14
C ALA R 61 14.52 5.03 68.63
N TYR R 62 13.34 4.49 68.95
CA TYR R 62 13.01 4.25 70.35
C TYR R 62 13.84 3.12 70.93
N ALA R 63 14.13 2.11 70.11
CA ALA R 63 14.88 0.96 70.60
C ALA R 63 16.36 1.30 70.81
N ARG R 64 16.90 2.23 70.04
CA ARG R 64 18.31 2.58 70.18
C ARG R 64 18.56 3.59 71.28
N ASN R 65 17.53 4.26 71.78
CA ASN R 65 17.73 5.23 72.84
C ASN R 65 17.71 4.60 74.22
N LYS R 66 16.96 3.50 74.38
CA LYS R 66 16.86 2.84 75.66
C LYS R 66 17.68 1.57 75.75
N GLY R 67 18.34 1.16 74.67
CA GLY R 67 19.14 -0.04 74.71
C GLY R 67 18.36 -1.33 74.73
N ILE R 68 17.06 -1.28 74.44
CA ILE R 68 16.24 -2.48 74.35
C ILE R 68 16.25 -2.94 72.90
N PRO R 69 16.19 -4.24 72.63
CA PRO R 69 16.17 -4.70 71.24
C PRO R 69 14.84 -4.38 70.57
N TYR R 70 14.91 -4.19 69.25
CA TYR R 70 13.71 -3.84 68.50
C TYR R 70 12.76 -5.03 68.45
N LEU R 71 11.53 -4.81 68.89
CA LEU R 71 10.53 -5.85 68.97
C LEU R 71 9.63 -5.77 67.75
N PRO R 72 9.72 -6.70 66.80
CA PRO R 72 8.89 -6.61 65.60
C PRO R 72 7.45 -6.95 65.91
N GLY R 73 6.54 -6.30 65.19
CA GLY R 73 5.14 -6.40 65.49
C GLY R 73 4.61 -5.32 66.39
N ILE R 74 5.49 -4.46 66.93
CA ILE R 74 5.06 -3.28 67.64
C ILE R 74 4.61 -2.20 66.67
N ASN R 75 4.85 -2.40 65.38
CA ASN R 75 4.32 -1.49 64.36
C ASN R 75 2.82 -1.61 64.26
N GLY R 76 2.31 -2.84 64.17
CA GLY R 76 0.90 -3.04 64.00
C GLY R 76 0.11 -2.73 65.26
N ILE R 77 0.73 -2.93 66.42
CA ILE R 77 0.09 -2.55 67.68
C ILE R 77 -0.04 -1.04 67.76
N ALA R 78 0.99 -0.33 67.33
CA ALA R 78 0.95 1.13 67.36
C ALA R 78 0.01 1.68 66.29
N TRP R 79 -0.28 0.88 65.26
CA TRP R 79 -1.17 1.35 64.21
C TRP R 79 -2.62 1.00 64.50
N LYS R 80 -2.84 -0.12 65.19
CA LYS R 80 -4.19 -0.42 65.65
C LYS R 80 -4.63 0.58 66.70
N LEU R 81 -3.72 0.93 67.61
CA LEU R 81 -4.07 1.89 68.66
C LEU R 81 -4.16 3.31 68.12
N LEU R 82 -3.61 3.55 66.93
CA LEU R 82 -3.83 4.83 66.27
C LEU R 82 -5.22 4.91 65.67
N ARG R 83 -5.72 3.78 65.16
CA ARG R 83 -7.04 3.75 64.55
C ARG R 83 -8.14 3.69 65.59
N LEU R 84 -7.88 3.02 66.71
CA LEU R 84 -8.91 2.88 67.74
C LEU R 84 -9.06 4.15 68.54
N LYS R 85 -7.96 4.88 68.73
CA LYS R 85 -8.04 6.20 69.37
C LYS R 85 -8.82 7.17 68.48
N TRP R 86 -8.72 7.00 67.17
CA TRP R 86 -9.43 7.84 66.23
C TRP R 86 -10.94 7.62 66.30
N LEU R 87 -11.35 6.38 66.53
CA LEU R 87 -12.77 6.07 66.59
C LEU R 87 -13.34 6.29 67.98
N GLY R 88 -12.54 6.02 69.01
CA GLY R 88 -12.98 6.28 70.36
C GLY R 88 -13.12 5.01 71.18
N TYR R 89 -12.63 3.90 70.65
CA TYR R 89 -12.74 2.62 71.35
C TYR R 89 -11.62 2.60 72.38
N THR R 90 -11.89 3.23 73.53
CA THR R 90 -10.84 3.52 74.50
C THR R 90 -10.60 2.38 75.47
N ASP R 91 -11.56 1.48 75.67
CA ASP R 91 -11.33 0.39 76.60
C ASP R 91 -10.78 -0.85 75.90
N GLN R 92 -10.59 -0.80 74.58
CA GLN R 92 -9.65 -1.73 73.98
C GLN R 92 -8.21 -1.29 74.23
N ILE R 93 -8.00 0.02 74.39
CA ILE R 93 -6.65 0.54 74.57
C ILE R 93 -6.09 0.09 75.92
N ASN R 94 -6.94 0.07 76.95
CA ASN R 94 -6.48 -0.22 78.29
C ASN R 94 -6.12 -1.69 78.45
N VAL R 95 -6.67 -2.55 77.61
CA VAL R 95 -6.35 -3.97 77.69
C VAL R 95 -5.11 -4.27 76.87
N VAL R 96 -4.95 -3.60 75.74
CA VAL R 96 -3.77 -3.82 74.89
C VAL R 96 -2.53 -3.21 75.53
N MET R 97 -2.70 -2.11 76.26
CA MET R 97 -1.56 -1.48 76.94
C MET R 97 -1.04 -2.33 78.08
N ARG R 98 -1.89 -3.18 78.66
CA ARG R 98 -1.41 -4.13 79.66
C ARG R 98 -0.76 -5.34 79.02
N THR R 99 -0.95 -5.53 77.72
CA THR R 99 -0.51 -6.75 77.06
C THR R 99 0.94 -6.66 76.57
N VAL R 100 1.36 -5.48 76.13
CA VAL R 100 2.71 -5.24 75.63
C VAL R 100 3.68 -5.23 76.80
N PRO R 101 5.00 -5.38 76.59
CA PRO R 101 5.93 -5.29 77.73
C PRO R 101 6.04 -3.88 78.26
N ALA R 102 6.74 -3.76 79.39
CA ALA R 102 6.69 -2.54 80.18
C ALA R 102 7.48 -1.41 79.52
N GLU R 103 8.61 -1.75 78.91
CA GLU R 103 9.47 -0.73 78.31
C GLU R 103 8.91 -0.18 77.01
N TRP R 104 7.92 -0.83 76.41
CA TRP R 104 7.34 -0.34 75.17
C TRP R 104 6.02 0.39 75.36
N ARG R 105 5.58 0.59 76.60
CA ARG R 105 4.30 1.27 76.83
C ARG R 105 4.43 2.77 76.55
N ASP R 106 5.64 3.30 76.65
CA ASP R 106 5.84 4.72 76.36
C ASP R 106 5.91 4.97 74.86
N PHE R 107 6.28 3.94 74.09
CA PHE R 107 6.28 4.08 72.65
C PHE R 107 4.86 4.11 72.11
N LEU R 108 3.97 3.35 72.74
CA LEU R 108 2.60 3.24 72.23
C LEU R 108 1.83 4.53 72.46
N THR R 109 2.07 5.19 73.60
CA THR R 109 1.41 6.47 73.84
C THR R 109 2.08 7.60 73.09
N GLN R 110 3.27 7.36 72.53
CA GLN R 110 3.93 8.35 71.69
C GLN R 110 3.28 8.45 70.32
N ILE R 111 2.77 7.32 69.82
CA ILE R 111 2.07 7.33 68.53
C ILE R 111 0.69 7.95 68.68
N MET R 112 0.03 7.73 69.82
CA MET R 112 -1.33 8.25 70.00
C MET R 112 -1.31 9.74 70.29
N GLU R 113 -0.46 10.18 71.22
CA GLU R 113 -0.52 11.56 71.68
C GLU R 113 0.64 12.43 71.21
N ASN R 114 1.88 11.96 71.36
CA ASN R 114 3.03 12.82 71.06
C ASN R 114 3.25 12.97 69.56
N THR R 115 2.64 12.13 68.75
CA THR R 115 2.60 12.31 67.31
C THR R 115 1.14 12.44 66.87
N GLN R 116 0.36 13.21 67.63
CA GLN R 116 -1.02 13.48 67.24
C GLN R 116 -1.06 14.41 66.03
N MET R 117 -0.20 15.42 66.02
CA MET R 117 -0.21 16.45 65.00
C MET R 117 0.21 15.90 63.64
N GLU R 118 1.04 14.84 63.65
CA GLU R 118 1.53 14.31 62.39
C GLU R 118 0.78 13.05 61.98
N SER R 119 0.75 12.04 62.87
CA SER R 119 0.20 10.75 62.49
C SER R 119 -1.32 10.72 62.51
N MET R 120 -1.96 11.33 63.50
CA MET R 120 -3.42 11.32 63.56
C MET R 120 -4.02 12.24 62.51
N TYR R 121 -3.25 13.23 62.05
CA TYR R 121 -3.74 14.11 60.99
C TYR R 121 -3.76 13.41 59.65
N SER R 122 -2.88 12.43 59.46
CA SER R 122 -2.83 11.73 58.18
C SER R 122 -3.92 10.67 58.09
N GLU R 123 -4.32 10.10 59.23
CA GLU R 123 -5.48 9.22 59.24
C GLU R 123 -6.76 10.01 59.01
N LEU R 124 -6.79 11.26 59.48
CA LEU R 124 -7.92 12.13 59.18
C LEU R 124 -7.99 12.48 57.71
N ARG R 125 -6.86 12.49 57.02
CA ARG R 125 -6.81 12.73 55.59
C ARG R 125 -7.05 11.46 54.79
N LYS R 126 -6.65 10.31 55.33
CA LYS R 126 -6.82 9.05 54.61
C LYS R 126 -8.30 8.69 54.47
N VAL R 127 -9.09 8.93 55.51
CA VAL R 127 -10.51 8.59 55.49
C VAL R 127 -11.33 9.69 54.82
N ARG R 128 -10.67 10.68 54.24
CA ARG R 128 -11.35 11.82 53.66
C ARG R 128 -11.14 11.85 52.16
N ILE S 10 -8.60 13.82 32.99
CA ILE S 10 -8.74 12.56 33.71
C ILE S 10 -8.47 12.79 35.18
N ALA S 11 -7.23 13.15 35.50
CA ALA S 11 -6.80 13.28 36.89
C ALA S 11 -6.21 14.67 37.10
N GLU S 12 -6.05 15.04 38.38
CA GLU S 12 -5.88 16.45 38.72
C GLU S 12 -4.89 16.73 39.86
N THR S 13 -4.10 15.75 40.31
CA THR S 13 -3.39 15.91 41.57
C THR S 13 -2.20 16.86 41.44
N LEU S 14 -1.53 17.09 42.57
CA LEU S 14 -0.51 18.14 42.64
C LEU S 14 0.75 17.76 41.88
N THR S 15 1.03 16.46 41.77
CA THR S 15 2.12 16.01 40.92
C THR S 15 1.82 16.31 39.47
N GLU S 16 0.57 16.11 39.07
CA GLU S 16 0.16 16.37 37.70
C GLU S 16 -0.06 17.85 37.46
N LYS S 17 -0.39 18.60 38.50
CA LYS S 17 -0.59 20.03 38.32
C LYS S 17 0.74 20.74 38.14
N HIS S 18 1.80 20.20 38.73
CA HIS S 18 3.14 20.73 38.53
C HIS S 18 3.60 20.47 37.10
N THR S 19 3.28 19.29 36.57
CA THR S 19 3.70 18.92 35.22
C THR S 19 2.98 19.74 34.17
N LEU S 20 1.64 19.81 34.26
CA LEU S 20 0.84 20.50 33.26
C LEU S 20 1.07 22.01 33.26
N GLY S 21 1.66 22.55 34.32
CA GLY S 21 2.09 23.94 34.28
C GLY S 21 3.39 24.10 33.51
N ILE S 22 4.23 23.07 33.53
CA ILE S 22 5.53 23.15 32.85
C ILE S 22 5.35 22.94 31.35
N GLU S 23 4.40 22.08 30.97
CA GLU S 23 4.16 21.80 29.55
C GLU S 23 3.65 23.03 28.82
N LYS S 24 2.89 23.87 29.51
CA LYS S 24 2.39 25.07 28.85
C LYS S 24 3.38 26.22 28.94
N VAL S 25 4.44 26.08 29.74
CA VAL S 25 5.49 27.10 29.75
C VAL S 25 6.37 26.93 28.51
N VAL S 26 6.76 25.70 28.21
CA VAL S 26 7.63 25.46 27.06
C VAL S 26 6.84 25.51 25.77
N ALA S 27 5.52 25.42 25.84
CA ALA S 27 4.71 25.49 24.63
C ALA S 27 4.62 26.91 24.10
N THR S 28 4.50 27.89 25.00
CA THR S 28 4.35 29.26 24.55
C THR S 28 5.57 30.11 24.84
N ASP S 29 6.63 29.52 25.39
CA ASP S 29 7.92 30.18 25.69
C ASP S 29 7.72 31.36 26.63
N SER S 30 7.25 31.04 27.83
CA SER S 30 6.95 32.07 28.82
C SER S 30 8.12 32.35 29.75
N TRP S 31 9.14 31.49 29.77
CA TRP S 31 10.28 31.71 30.65
C TRP S 31 11.19 32.81 30.11
N ARG S 32 11.55 32.71 28.82
CA ARG S 32 12.47 33.68 28.24
C ARG S 32 11.80 35.03 28.04
N VAL S 33 10.48 35.05 27.86
CA VAL S 33 9.80 36.34 27.81
C VAL S 33 9.49 36.81 29.22
N GLY S 34 9.59 35.92 30.21
CA GLY S 34 9.43 36.36 31.58
C GLY S 34 10.61 37.15 32.09
N ILE S 35 11.80 36.89 31.55
CA ILE S 35 12.99 37.60 31.99
C ILE S 35 13.21 38.84 31.14
N THR S 36 13.03 38.72 29.83
CA THR S 36 13.37 39.80 28.92
C THR S 36 12.35 40.93 28.94
N SER S 37 11.13 40.70 29.42
CA SER S 37 10.14 41.77 29.48
C SER S 37 10.21 42.57 30.76
N ARG S 38 10.96 42.12 31.76
CA ARG S 38 11.07 42.90 32.98
C ARG S 38 12.08 44.02 32.82
N GLU S 39 13.36 43.68 32.63
CA GLU S 39 14.46 44.55 32.22
C GLU S 39 14.79 45.66 33.23
N LYS S 40 14.05 45.74 34.33
CA LYS S 40 14.29 46.67 35.43
C LYS S 40 14.63 45.94 36.72
N LYS S 41 14.02 44.77 36.94
CA LYS S 41 14.38 43.92 38.06
C LYS S 41 15.78 43.35 37.90
N LEU S 42 16.32 43.33 36.68
CA LEU S 42 17.59 42.66 36.45
C LEU S 42 18.76 43.48 36.98
N GLU S 43 18.53 44.75 37.30
CA GLU S 43 19.60 45.55 37.89
C GLU S 43 19.85 45.19 39.35
N ARG S 44 18.94 44.41 39.95
CA ARG S 44 19.16 43.93 41.31
C ARG S 44 20.30 42.92 41.37
N ILE S 45 20.56 42.24 40.25
CA ILE S 45 21.66 41.28 40.19
C ILE S 45 23.00 42.02 40.20
N ASN S 46 23.00 43.25 39.70
CA ASN S 46 24.19 44.09 39.77
C ASN S 46 24.51 44.48 41.19
N ILE S 47 23.49 44.94 41.93
CA ILE S 47 23.72 45.50 43.26
C ILE S 47 24.05 44.39 44.26
N SER S 48 23.49 43.20 44.05
CA SER S 48 23.81 42.08 44.93
C SER S 48 25.23 41.60 44.70
N ALA S 49 25.71 41.68 43.46
CA ALA S 49 27.08 41.31 43.17
C ALA S 49 28.06 42.31 43.77
N GLU S 50 27.62 43.55 43.93
CA GLU S 50 28.49 44.59 44.49
C GLU S 50 28.63 44.42 46.00
N ILE S 51 27.53 44.12 46.68
CA ILE S 51 27.59 43.91 48.13
C ILE S 51 28.35 42.64 48.44
N SER S 52 28.24 41.64 47.56
CA SER S 52 28.87 40.34 47.79
C SER S 52 30.38 40.44 47.78
N ARG S 53 30.92 41.32 46.93
CA ARG S 53 32.36 41.50 46.89
C ARG S 53 32.85 42.26 48.11
N ARG S 54 32.08 43.25 48.55
CA ARG S 54 32.50 44.11 49.65
C ARG S 54 32.52 43.36 50.98
N ILE S 55 31.71 42.31 51.10
CA ILE S 55 31.74 41.49 52.30
C ILE S 55 32.96 40.57 52.28
N GLN S 56 33.31 40.07 51.10
CA GLN S 56 34.43 39.16 50.98
C GLN S 56 35.76 39.87 51.20
N ASP S 57 35.87 41.11 50.74
CA ASP S 57 37.10 41.86 50.91
C ASP S 57 37.34 42.23 52.36
N GLU S 58 36.27 42.53 53.11
CA GLU S 58 36.44 42.84 54.52
C GLU S 58 36.71 41.59 55.33
N ALA S 59 36.32 40.43 54.83
CA ALA S 59 36.55 39.19 55.56
C ALA S 59 38.03 38.81 55.53
N ILE S 60 38.69 38.98 54.39
CA ILE S 60 40.12 38.67 54.32
C ILE S 60 40.93 39.80 54.95
N ALA S 61 40.37 41.01 54.97
CA ALA S 61 41.03 42.10 55.68
C ALA S 61 40.94 41.87 57.18
N TYR S 62 39.83 41.28 57.64
CA TYR S 62 39.68 40.97 59.05
C TYR S 62 40.59 39.83 59.47
N ALA S 63 40.68 38.80 58.62
CA ALA S 63 41.46 37.62 58.95
C ALA S 63 42.96 37.87 58.91
N ARG S 64 43.40 38.90 58.19
CA ARG S 64 44.82 39.20 58.12
C ARG S 64 45.26 40.12 59.25
N ASN S 65 44.35 40.92 59.80
CA ASN S 65 44.74 41.83 60.87
C ASN S 65 44.93 41.10 62.19
N LYS S 66 44.12 40.08 62.45
CA LYS S 66 44.22 39.33 63.70
C LYS S 66 44.95 38.01 63.53
N GLY S 67 45.42 37.68 62.34
CA GLY S 67 46.19 36.48 62.13
C GLY S 67 45.41 35.18 62.16
N ILE S 68 44.09 35.26 62.16
CA ILE S 68 43.25 34.07 62.22
C ILE S 68 43.11 33.52 60.80
N PRO S 69 42.91 32.23 60.62
CA PRO S 69 42.68 31.71 59.26
C PRO S 69 41.33 32.17 58.73
N TYR S 70 41.28 32.37 57.42
CA TYR S 70 40.04 32.81 56.80
C TYR S 70 39.02 31.69 56.80
N LEU S 71 37.82 32.00 57.29
CA LEU S 71 36.78 31.01 57.47
C LEU S 71 35.79 31.12 56.32
N PRO S 72 35.73 30.16 55.40
CA PRO S 72 34.81 30.27 54.28
C PRO S 72 33.38 30.02 54.71
N GLY S 73 32.47 30.82 54.18
CA GLY S 73 31.09 30.80 54.60
C GLY S 73 30.75 31.85 55.62
N ILE S 74 31.74 32.58 56.14
CA ILE S 74 31.45 33.66 57.08
C ILE S 74 30.99 34.91 56.34
N ASN S 75 31.21 34.98 55.03
CA ASN S 75 30.63 36.05 54.25
C ASN S 75 29.18 35.75 53.92
N GLY S 76 28.84 34.47 53.82
CA GLY S 76 27.45 34.10 53.63
C GLY S 76 26.63 34.29 54.89
N ILE S 77 27.25 34.05 56.05
CA ILE S 77 26.57 34.28 57.33
C ILE S 77 26.33 35.76 57.54
N ALA S 78 27.34 36.58 57.23
CA ALA S 78 27.27 38.01 57.50
C ALA S 78 26.30 38.71 56.55
N TRP S 79 25.95 38.07 55.43
CA TRP S 79 24.98 38.67 54.53
C TRP S 79 23.55 38.45 55.02
N LYS S 80 23.29 37.28 55.59
CA LYS S 80 21.96 37.01 56.11
C LYS S 80 21.67 37.88 57.32
N LEU S 81 22.69 38.14 58.14
CA LEU S 81 22.52 38.99 59.30
C LEU S 81 22.32 40.45 58.90
N LEU S 82 22.79 40.82 57.71
CA LEU S 82 22.53 42.17 57.22
C LEU S 82 21.08 42.34 56.80
N ARG S 83 20.50 41.30 56.18
CA ARG S 83 19.15 41.40 55.66
C ARG S 83 18.11 41.29 56.78
N LEU S 84 18.40 40.49 57.81
CA LEU S 84 17.45 40.37 58.91
C LEU S 84 17.51 41.60 59.80
N LYS S 85 18.66 42.26 59.86
CA LYS S 85 18.75 43.55 60.53
C LYS S 85 17.89 44.59 59.81
N TRP S 86 17.82 44.49 58.47
CA TRP S 86 16.95 45.36 57.70
C TRP S 86 15.48 45.05 57.95
N LEU S 87 15.15 43.77 58.10
CA LEU S 87 13.76 43.41 58.38
C LEU S 87 13.42 43.67 59.84
N GLY S 88 14.28 43.23 60.75
CA GLY S 88 14.07 43.46 62.16
C GLY S 88 13.92 42.19 62.96
N TYR S 89 14.54 41.11 62.52
CA TYR S 89 14.39 39.82 63.18
C TYR S 89 15.57 39.65 64.12
N THR S 90 15.56 40.42 65.20
CA THR S 90 16.73 40.56 66.06
C THR S 90 17.00 39.35 66.93
N ASP S 91 15.98 38.60 67.34
CA ASP S 91 16.23 37.42 68.15
C ASP S 91 16.79 36.28 67.32
N GLN S 92 16.57 36.31 66.00
CA GLN S 92 17.27 35.36 65.14
C GLN S 92 18.73 35.73 65.02
N ILE S 93 19.06 37.03 65.12
CA ILE S 93 20.45 37.46 65.12
C ILE S 93 21.16 36.99 66.38
N ASN S 94 20.43 36.97 67.49
CA ASN S 94 21.05 36.69 68.79
C ASN S 94 21.47 35.24 68.91
N VAL S 95 20.83 34.35 68.16
CA VAL S 95 21.18 32.94 68.21
C VAL S 95 22.40 32.65 67.33
N VAL S 96 22.44 33.26 66.14
CA VAL S 96 23.54 33.00 65.22
C VAL S 96 24.83 33.65 65.74
N MET S 97 24.71 34.71 66.53
CA MET S 97 25.88 35.32 67.14
C MET S 97 26.55 34.39 68.15
N ARG S 98 25.78 33.47 68.74
CA ARG S 98 26.38 32.46 69.60
C ARG S 98 26.88 31.27 68.81
N THR S 99 26.34 31.05 67.62
CA THR S 99 26.67 29.84 66.85
C THR S 99 28.03 29.96 66.19
N VAL S 100 28.39 31.15 65.72
CA VAL S 100 29.68 31.40 65.08
C VAL S 100 30.77 31.42 66.15
N PRO S 101 32.06 31.26 65.82
CA PRO S 101 33.09 31.28 66.87
C PRO S 101 33.31 32.68 67.42
N ALA S 102 34.19 32.74 68.41
CA ALA S 102 34.30 33.93 69.25
C ALA S 102 34.97 35.08 68.50
N GLU S 103 36.09 34.82 67.85
CA GLU S 103 36.85 35.88 67.21
C GLU S 103 36.17 36.44 65.97
N TRP S 104 35.19 35.74 65.41
CA TRP S 104 34.48 36.22 64.25
C TRP S 104 33.21 36.98 64.58
N ARG S 105 32.86 37.12 65.86
CA ARG S 105 31.65 37.84 66.23
C ARG S 105 31.81 39.34 66.01
N ASP S 106 33.04 39.84 66.14
CA ASP S 106 33.29 41.25 65.96
C ASP S 106 33.22 41.60 64.48
N PHE S 107 33.53 40.64 63.61
CA PHE S 107 33.35 40.85 62.19
C PHE S 107 31.87 40.89 61.81
N LEU S 108 31.04 40.12 62.52
CA LEU S 108 29.64 40.02 62.15
C LEU S 108 28.87 41.27 62.56
N THR S 109 29.27 41.90 63.66
CA THR S 109 28.67 43.19 64.01
C THR S 109 29.31 44.33 63.24
N GLN S 110 30.41 44.08 62.55
CA GLN S 110 31.01 45.10 61.71
C GLN S 110 30.26 45.26 60.40
N ILE S 111 29.77 44.15 59.85
CA ILE S 111 28.94 44.23 58.64
C ILE S 111 27.59 44.86 58.96
N MET S 112 27.06 44.66 60.16
CA MET S 112 25.77 45.22 60.50
C MET S 112 25.88 46.68 60.92
N GLU S 113 26.74 46.97 61.90
CA GLU S 113 26.81 48.31 62.47
C GLU S 113 27.92 49.18 61.88
N ASN S 114 29.14 48.66 61.74
CA ASN S 114 30.24 49.55 61.43
C ASN S 114 30.35 49.87 59.94
N THR S 115 29.55 49.21 59.11
CA THR S 115 29.30 49.70 57.75
C THR S 115 27.80 49.88 57.53
N GLN S 116 27.16 50.50 58.52
CA GLN S 116 25.77 50.94 58.42
C GLN S 116 25.59 51.95 57.29
N MET S 117 26.62 52.75 57.01
CA MET S 117 26.54 53.70 55.93
C MET S 117 26.50 53.00 54.58
N GLU S 118 27.56 52.26 54.24
CA GLU S 118 27.71 51.81 52.85
C GLU S 118 26.87 50.58 52.56
N SER S 119 26.86 49.62 53.46
CA SER S 119 26.24 48.33 53.15
C SER S 119 24.73 48.35 53.30
N MET S 120 24.20 49.04 54.31
CA MET S 120 22.75 49.07 54.50
C MET S 120 22.09 49.93 53.43
N TYR S 121 22.75 51.00 53.00
CA TYR S 121 22.24 51.80 51.89
C TYR S 121 22.21 51.00 50.59
N SER S 122 23.20 50.14 50.38
CA SER S 122 23.24 49.36 49.16
C SER S 122 22.14 48.30 49.15
N GLU S 123 21.78 47.78 50.31
CA GLU S 123 20.62 46.89 50.39
C GLU S 123 19.34 47.67 50.22
N LEU S 124 19.26 48.87 50.79
CA LEU S 124 18.05 49.65 50.75
C LEU S 124 17.75 50.19 49.35
N ARG S 125 18.78 50.40 48.53
CA ARG S 125 18.52 50.76 47.15
C ARG S 125 18.21 49.57 46.27
N LYS S 126 18.52 48.36 46.74
CA LYS S 126 18.20 47.18 45.94
C LYS S 126 16.73 46.83 46.08
N VAL S 127 16.19 46.85 47.29
CA VAL S 127 14.82 46.40 47.56
C VAL S 127 13.85 47.44 47.03
N ARG S 128 14.31 48.67 46.88
CA ARG S 128 13.54 49.68 46.15
C ARG S 128 13.85 49.60 44.65
N ILE T 10 -49.43 -23.84 29.43
CA ILE T 10 -49.63 -24.97 30.31
C ILE T 10 -49.91 -24.47 31.72
N ALA T 11 -48.97 -23.71 32.29
CA ALA T 11 -49.01 -23.36 33.69
C ALA T 11 -48.77 -21.86 33.87
N GLU T 12 -49.26 -21.33 34.99
CA GLU T 12 -49.46 -19.89 35.10
C GLU T 12 -49.17 -19.29 36.47
N THR T 13 -48.64 -20.04 37.44
CA THR T 13 -48.65 -19.54 38.81
C THR T 13 -47.52 -18.54 39.03
N LEU T 14 -47.38 -18.11 40.28
CA LEU T 14 -46.55 -16.94 40.58
C LEU T 14 -45.07 -17.27 40.55
N THR T 15 -44.71 -18.53 40.81
CA THR T 15 -43.30 -18.91 40.70
C THR T 15 -42.88 -19.04 39.24
N GLU T 16 -43.85 -19.23 38.35
CA GLU T 16 -43.53 -19.31 36.93
C GLU T 16 -43.77 -17.99 36.22
N LYS T 17 -44.65 -17.15 36.78
CA LYS T 17 -44.82 -15.82 36.21
C LYS T 17 -43.62 -14.95 36.52
N HIS T 18 -42.95 -15.20 37.63
CA HIS T 18 -41.72 -14.48 37.95
C HIS T 18 -40.60 -14.90 37.01
N THR T 19 -40.60 -16.16 36.59
CA THR T 19 -39.58 -16.63 35.65
C THR T 19 -39.78 -16.01 34.28
N LEU T 20 -40.99 -16.09 33.74
CA LEU T 20 -41.27 -15.60 32.39
C LEU T 20 -41.17 -14.07 32.32
N GLY T 21 -41.28 -13.39 33.45
CA GLY T 21 -40.97 -11.97 33.46
C GLY T 21 -39.49 -11.72 33.33
N ILE T 22 -38.67 -12.64 33.85
CA ILE T 22 -37.22 -12.48 33.76
C ILE T 22 -36.72 -12.92 32.39
N GLU T 23 -37.34 -13.97 31.83
CA GLU T 23 -36.85 -14.55 30.58
C GLU T 23 -37.04 -13.60 29.41
N LYS T 24 -38.02 -12.70 29.49
CA LYS T 24 -38.20 -11.74 28.41
C LYS T 24 -37.24 -10.58 28.54
N VAL T 25 -36.73 -10.32 29.76
CA VAL T 25 -35.79 -9.23 29.96
C VAL T 25 -34.45 -9.56 29.32
N VAL T 26 -33.99 -10.79 29.52
CA VAL T 26 -32.72 -11.20 28.93
C VAL T 26 -32.85 -11.41 27.43
N ALA T 27 -34.07 -11.53 26.92
CA ALA T 27 -34.26 -11.66 25.48
C ALA T 27 -34.15 -10.31 24.80
N THR T 28 -34.81 -9.30 25.34
CA THR T 28 -34.91 -8.00 24.70
C THR T 28 -33.94 -6.97 25.25
N ASP T 29 -33.18 -7.30 26.30
CA ASP T 29 -32.20 -6.43 26.95
C ASP T 29 -32.85 -5.13 27.43
N SER T 30 -33.76 -5.28 28.37
CA SER T 30 -34.48 -4.12 28.89
C SER T 30 -33.88 -3.57 30.17
N TRP T 31 -33.03 -4.34 30.84
CA TRP T 31 -32.42 -3.86 32.08
C TRP T 31 -31.36 -2.81 31.78
N ARG T 32 -30.55 -3.03 30.74
CA ARG T 32 -29.52 -2.07 30.42
C ARG T 32 -30.09 -0.86 29.70
N VAL T 33 -31.16 -1.03 28.94
CA VAL T 33 -31.74 0.13 28.29
C VAL T 33 -32.75 0.81 29.20
N GLY T 34 -33.14 0.14 30.29
CA GLY T 34 -33.99 0.80 31.27
C GLY T 34 -33.24 1.81 32.12
N ILE T 35 -31.92 1.67 32.18
CA ILE T 35 -31.11 2.61 32.95
C ILE T 35 -30.60 3.72 32.04
N THR T 36 -30.07 3.34 30.87
CA THR T 36 -29.47 4.32 29.98
C THR T 36 -30.48 5.14 29.19
N SER T 37 -31.78 4.90 29.35
CA SER T 37 -32.78 5.80 28.78
C SER T 37 -33.28 6.82 29.77
N ARG T 38 -33.05 6.62 31.07
CA ARG T 38 -33.50 7.60 32.04
C ARG T 38 -32.53 8.77 32.12
N GLU T 39 -31.31 8.52 32.61
CA GLU T 39 -30.18 9.45 32.66
C GLU T 39 -30.43 10.76 33.37
N LYS T 40 -31.55 10.88 34.08
CA LYS T 40 -31.87 12.02 34.92
C LYS T 40 -32.15 11.56 36.35
N LYS T 41 -32.75 10.38 36.49
CA LYS T 41 -32.92 9.77 37.81
C LYS T 41 -31.59 9.38 38.43
N LEU T 42 -30.53 9.26 37.63
CA LEU T 42 -29.25 8.81 38.17
C LEU T 42 -28.56 9.92 38.96
N GLU T 43 -29.02 11.17 38.83
CA GLU T 43 -28.51 12.24 39.67
C GLU T 43 -28.99 12.08 41.11
N ARG T 44 -30.05 11.29 41.34
CA ARG T 44 -30.49 11.01 42.70
C ARG T 44 -29.50 10.13 43.43
N ILE T 45 -28.61 9.45 42.71
CA ILE T 45 -27.51 8.74 43.36
C ILE T 45 -26.50 9.73 43.90
N ASN T 46 -26.27 10.82 43.17
CA ASN T 46 -25.27 11.80 43.55
C ASN T 46 -25.68 12.57 44.80
N ILE T 47 -26.95 12.96 44.87
CA ILE T 47 -27.43 13.68 46.04
C ILE T 47 -27.57 12.74 47.22
N SER T 48 -27.73 11.44 46.95
CA SER T 48 -27.77 10.45 48.02
C SER T 48 -26.42 10.31 48.69
N ALA T 49 -25.36 10.22 47.88
CA ALA T 49 -24.01 10.01 48.42
C ALA T 49 -23.47 11.28 49.06
N GLU T 50 -24.10 12.43 48.78
CA GLU T 50 -23.71 13.67 49.42
C GLU T 50 -24.25 13.76 50.83
N ILE T 51 -25.51 13.39 51.03
CA ILE T 51 -26.11 13.42 52.36
C ILE T 51 -25.49 12.34 53.23
N SER T 52 -25.12 11.22 52.61
CA SER T 52 -24.53 10.10 53.34
C SER T 52 -23.18 10.46 53.93
N ARG T 53 -22.41 11.27 53.20
CA ARG T 53 -21.13 11.72 53.70
C ARG T 53 -21.30 12.81 54.74
N ARG T 54 -22.40 13.55 54.66
CA ARG T 54 -22.63 14.63 55.62
C ARG T 54 -23.01 14.09 56.99
N ILE T 55 -23.85 13.04 57.01
CA ILE T 55 -24.29 12.45 58.27
C ILE T 55 -23.13 11.75 58.96
N GLN T 56 -22.23 11.16 58.16
CA GLN T 56 -21.15 10.36 58.73
C GLN T 56 -20.11 11.23 59.42
N ASP T 57 -19.76 12.37 58.82
CA ASP T 57 -18.71 13.21 59.40
C ASP T 57 -19.19 13.92 60.67
N GLU T 58 -20.48 14.21 60.76
CA GLU T 58 -21.00 14.78 62.00
C GLU T 58 -21.18 13.70 63.06
N ALA T 59 -21.30 12.44 62.64
CA ALA T 59 -21.47 11.35 63.59
C ALA T 59 -20.19 11.08 64.36
N ILE T 60 -19.04 11.34 63.74
CA ILE T 60 -17.78 11.16 64.43
C ILE T 60 -17.41 12.42 65.19
N ALA T 61 -17.82 13.58 64.69
CA ALA T 61 -17.59 14.83 65.40
C ALA T 61 -18.44 14.90 66.65
N TYR T 62 -19.60 14.26 66.64
CA TYR T 62 -20.42 14.14 67.84
C TYR T 62 -19.76 13.19 68.84
N ALA T 63 -19.03 12.20 68.34
CA ALA T 63 -18.45 11.19 69.22
C ALA T 63 -17.25 11.72 69.99
N ARG T 64 -16.57 12.73 69.47
CA ARG T 64 -15.37 13.24 70.13
C ARG T 64 -15.65 14.31 71.17
N ASN T 65 -16.74 15.06 71.01
CA ASN T 65 -17.03 16.11 71.96
C ASN T 65 -17.56 15.54 73.26
N LYS T 66 -18.23 14.40 73.19
CA LYS T 66 -18.80 13.78 74.38
C LYS T 66 -17.96 12.63 74.90
N GLY T 67 -16.91 12.25 74.19
CA GLY T 67 -16.06 11.17 74.67
C GLY T 67 -16.65 9.79 74.56
N ILE T 68 -17.72 9.64 73.78
CA ILE T 68 -18.36 8.33 73.61
C ILE T 68 -17.77 7.66 72.38
N PRO T 69 -17.65 6.34 72.36
CA PRO T 69 -17.13 5.67 71.16
C PRO T 69 -18.13 5.73 70.03
N TYR T 70 -17.62 5.73 68.80
CA TYR T 70 -18.48 5.86 67.63
C TYR T 70 -19.30 4.60 67.43
N LEU T 71 -20.62 4.78 67.36
CA LEU T 71 -21.55 3.68 67.26
C LEU T 71 -21.95 3.51 65.80
N PRO T 72 -21.52 2.45 65.12
CA PRO T 72 -21.89 2.27 63.71
C PRO T 72 -23.33 1.85 63.59
N GLY T 73 -23.97 2.32 62.51
CA GLY T 73 -25.37 2.11 62.33
C GLY T 73 -26.24 3.26 62.80
N ILE T 74 -25.66 4.23 63.50
CA ILE T 74 -26.37 5.47 63.81
C ILE T 74 -26.43 6.37 62.59
N ASN T 75 -25.68 6.03 61.54
CA ASN T 75 -25.83 6.73 60.27
C ASN T 75 -27.17 6.42 59.64
N GLY T 76 -27.52 5.13 59.59
CA GLY T 76 -28.77 4.74 58.96
C GLY T 76 -29.97 5.09 59.79
N ILE T 77 -29.82 5.11 61.11
CA ILE T 77 -30.89 5.56 61.99
C ILE T 77 -31.18 7.03 61.74
N ALA T 78 -30.12 7.84 61.65
CA ALA T 78 -30.30 9.28 61.45
C ALA T 78 -30.79 9.59 60.04
N TRP T 79 -30.55 8.69 59.10
CA TRP T 79 -31.00 8.93 57.73
C TRP T 79 -32.44 8.50 57.53
N LYS T 80 -32.85 7.43 58.21
CA LYS T 80 -34.26 7.05 58.16
C LYS T 80 -35.13 8.09 58.84
N LEU T 81 -34.65 8.65 59.95
CA LEU T 81 -35.42 9.67 60.65
C LEU T 81 -35.42 10.98 59.89
N LEU T 82 -34.49 11.16 58.96
CA LEU T 82 -34.55 12.32 58.07
C LEU T 82 -35.64 12.15 57.03
N ARG T 83 -35.85 10.91 56.57
CA ARG T 83 -36.81 10.67 55.50
C ARG T 83 -38.23 10.64 56.03
N LEU T 84 -38.43 10.15 57.26
CA LEU T 84 -39.77 10.07 57.81
C LEU T 84 -40.26 11.43 58.27
N LYS T 85 -39.34 12.27 58.75
CA LYS T 85 -39.69 13.63 59.14
C LYS T 85 -40.11 14.46 57.93
N TRP T 86 -39.52 14.14 56.77
CA TRP T 86 -39.93 14.77 55.51
C TRP T 86 -41.36 14.38 55.15
N LEU T 87 -41.75 13.15 55.44
CA LEU T 87 -43.09 12.69 55.11
C LEU T 87 -44.08 13.03 56.21
N GLY T 88 -43.68 12.86 57.47
CA GLY T 88 -44.52 13.26 58.57
C GLY T 88 -44.94 12.12 59.45
N TYR T 89 -44.22 10.99 59.40
CA TYR T 89 -44.57 9.83 60.20
C TYR T 89 -43.95 10.02 61.56
N THR T 90 -44.59 10.84 62.40
CA THR T 90 -43.98 11.31 63.63
C THR T 90 -44.13 10.35 64.80
N ASP T 91 -45.16 9.48 64.80
CA ASP T 91 -45.24 8.48 65.85
C ASP T 91 -44.37 7.28 65.51
N GLN T 92 -43.96 7.16 64.25
CA GLN T 92 -42.87 6.26 63.91
C GLN T 92 -41.56 6.77 64.50
N ILE T 93 -41.41 8.09 64.60
CA ILE T 93 -40.18 8.68 65.13
C ILE T 93 -40.03 8.39 66.62
N ASN T 94 -41.14 8.50 67.36
CA ASN T 94 -41.08 8.53 68.82
C ASN T 94 -40.69 7.18 69.41
N VAL T 95 -40.93 6.10 68.66
CA VAL T 95 -40.55 4.79 69.17
C VAL T 95 -39.07 4.52 68.92
N VAL T 96 -38.52 5.09 67.85
CA VAL T 96 -37.11 4.88 67.56
C VAL T 96 -36.23 5.71 68.48
N MET T 97 -36.74 6.86 68.94
CA MET T 97 -35.98 7.69 69.87
C MET T 97 -35.88 7.05 71.25
N ARG T 98 -36.82 6.16 71.58
CA ARG T 98 -36.70 5.40 72.81
C ARG T 98 -35.81 4.18 72.62
N THR T 99 -35.45 3.87 71.39
CA THR T 99 -34.73 2.63 71.10
C THR T 99 -33.22 2.81 71.15
N VAL T 100 -32.71 3.93 70.65
CA VAL T 100 -31.28 4.24 70.60
C VAL T 100 -30.80 4.57 72.01
N PRO T 101 -29.50 4.54 72.32
CA PRO T 101 -29.06 4.89 73.67
C PRO T 101 -29.23 6.37 73.97
N ALA T 102 -28.95 6.70 75.24
CA ALA T 102 -29.34 8.00 75.79
C ALA T 102 -28.50 9.13 75.22
N GLU T 103 -27.18 8.92 75.12
CA GLU T 103 -26.30 9.98 74.66
C GLU T 103 -26.41 10.26 73.18
N TRP T 104 -26.98 9.34 72.40
CA TRP T 104 -27.12 9.56 70.97
C TRP T 104 -28.48 10.12 70.58
N ARG T 105 -29.35 10.41 71.54
CA ARG T 105 -30.64 11.00 71.21
C ARG T 105 -30.48 12.46 70.77
N ASP T 106 -29.44 13.12 71.27
CA ASP T 106 -29.20 14.51 70.90
C ASP T 106 -28.61 14.60 69.50
N PHE T 107 -27.97 13.52 69.05
CA PHE T 107 -27.44 13.50 67.69
C PHE T 107 -28.56 13.39 66.67
N LEU T 108 -29.58 12.60 66.98
CA LEU T 108 -30.65 12.36 66.02
C LEU T 108 -31.51 13.59 65.84
N THR T 109 -31.76 14.32 66.92
CA THR T 109 -32.48 15.58 66.78
C THR T 109 -31.60 16.69 66.22
N GLN T 110 -30.27 16.49 66.21
CA GLN T 110 -29.39 17.42 65.53
C GLN T 110 -29.43 17.20 64.03
N ILE T 111 -29.65 15.96 63.60
CA ILE T 111 -29.80 15.66 62.19
C ILE T 111 -31.14 16.17 61.66
N MET T 112 -32.22 15.96 62.42
CA MET T 112 -33.55 16.34 61.96
C MET T 112 -33.76 17.85 62.00
N GLU T 113 -33.62 18.44 63.18
CA GLU T 113 -33.94 19.86 63.36
C GLU T 113 -32.77 20.79 63.11
N ASN T 114 -31.62 20.53 63.74
CA ASN T 114 -30.55 21.53 63.72
C ASN T 114 -29.78 21.54 62.40
N THR T 115 -29.96 20.52 61.56
CA THR T 115 -29.42 20.55 60.21
C THR T 115 -30.60 20.39 59.23
N GLN T 116 -31.71 21.04 59.56
CA GLN T 116 -32.83 21.07 58.62
C GLN T 116 -32.53 22.04 57.48
N MET T 117 -31.68 23.02 57.73
CA MET T 117 -31.30 23.97 56.70
C MET T 117 -30.51 23.30 55.60
N GLU T 118 -29.63 22.37 55.97
CA GLU T 118 -28.79 21.73 54.96
C GLU T 118 -29.37 20.41 54.50
N SER T 119 -29.57 19.48 55.44
CA SER T 119 -29.84 18.09 55.08
C SER T 119 -31.26 17.88 54.59
N MET T 120 -32.24 18.62 55.13
CA MET T 120 -33.61 18.48 54.63
C MET T 120 -33.77 19.12 53.25
N TYR T 121 -32.95 20.13 52.95
CA TYR T 121 -33.06 20.81 51.66
C TYR T 121 -32.54 19.94 50.53
N SER T 122 -31.58 19.06 50.83
CA SER T 122 -31.08 18.17 49.79
C SER T 122 -32.06 17.04 49.53
N GLU T 123 -32.77 16.58 50.57
CA GLU T 123 -33.83 15.60 50.37
C GLU T 123 -35.01 16.23 49.63
N LEU T 124 -35.24 17.52 49.85
CA LEU T 124 -36.24 18.23 49.07
C LEU T 124 -35.81 18.38 47.61
N ARG T 125 -34.51 18.36 47.35
CA ARG T 125 -33.97 18.46 46.01
C ARG T 125 -33.86 17.11 45.33
N LYS T 126 -33.58 16.05 46.09
CA LYS T 126 -33.41 14.72 45.52
C LYS T 126 -34.71 14.18 44.94
N VAL T 127 -35.84 14.51 45.57
CA VAL T 127 -37.13 14.02 45.11
C VAL T 127 -37.64 14.80 43.89
N ARG T 128 -36.88 15.81 43.46
CA ARG T 128 -37.21 16.56 42.27
C ARG T 128 -36.32 16.18 41.09
N ILE U 10 11.75 8.96 34.07
CA ILE U 10 11.81 7.59 34.58
C ILE U 10 12.63 7.56 35.86
N ALA U 11 13.94 7.77 35.74
CA ALA U 11 14.84 7.63 36.87
C ALA U 11 15.66 8.91 37.02
N GLU U 12 16.25 9.08 38.21
CA GLU U 12 16.76 10.40 38.59
C GLU U 12 18.06 10.37 39.40
N THR U 13 18.81 9.26 39.41
CA THR U 13 19.94 9.16 40.32
C THR U 13 21.10 10.06 39.90
N LEU U 14 22.11 10.13 40.76
CA LEU U 14 23.20 11.09 40.57
C LEU U 14 24.06 10.75 39.37
N THR U 15 24.06 9.48 38.96
CA THR U 15 24.73 9.12 37.71
C THR U 15 24.00 9.71 36.51
N GLU U 16 22.67 9.57 36.49
CA GLU U 16 21.91 10.10 35.37
C GLU U 16 21.75 11.61 35.46
N LYS U 17 21.86 12.17 36.66
CA LYS U 17 21.76 13.62 36.79
C LYS U 17 22.99 14.30 36.23
N HIS U 18 24.14 13.62 36.29
CA HIS U 18 25.35 14.16 35.70
C HIS U 18 25.29 14.10 34.19
N THR U 19 24.63 13.08 33.65
CA THR U 19 24.54 12.91 32.20
C THR U 19 23.61 13.94 31.58
N LEU U 20 22.42 14.11 32.17
CA LEU U 20 21.44 15.05 31.63
C LEU U 20 21.87 16.50 31.77
N GLY U 21 22.83 16.78 32.65
CA GLY U 21 23.41 18.11 32.69
C GLY U 21 24.43 18.32 31.58
N ILE U 22 24.96 17.23 31.03
CA ILE U 22 25.91 17.34 29.94
C ILE U 22 25.17 17.43 28.60
N GLU U 23 24.05 16.71 28.48
CA GLU U 23 23.24 16.78 27.28
C GLU U 23 22.62 18.17 27.12
N LYS U 24 22.35 18.85 28.23
CA LYS U 24 21.79 20.19 28.12
C LYS U 24 22.86 21.23 27.79
N VAL U 25 24.14 20.85 27.85
CA VAL U 25 25.20 21.80 27.53
C VAL U 25 25.54 21.73 26.05
N VAL U 26 25.68 20.50 25.52
CA VAL U 26 26.06 20.33 24.13
C VAL U 26 24.89 20.61 23.20
N ALA U 27 23.66 20.62 23.74
CA ALA U 27 22.51 20.95 22.93
C ALA U 27 22.46 22.44 22.62
N THR U 28 22.72 23.26 23.62
CA THR U 28 22.57 24.69 23.43
C THR U 28 23.89 25.44 23.43
N ASP U 29 25.02 24.73 23.47
CA ASP U 29 26.38 25.27 23.32
C ASP U 29 26.69 26.31 24.40
N SER U 30 26.69 25.84 25.64
CA SER U 30 26.88 26.75 26.76
C SER U 30 28.31 26.77 27.28
N TRP U 31 29.16 25.87 26.82
CA TRP U 31 30.56 25.89 27.25
C TRP U 31 31.32 27.01 26.56
N ARG U 32 31.17 27.13 25.24
CA ARG U 32 31.94 28.13 24.52
C ARG U 32 31.38 29.52 24.74
N VAL U 33 30.09 29.63 25.04
CA VAL U 33 29.55 30.94 25.39
C VAL U 33 29.71 31.18 26.88
N GLY U 34 30.06 30.14 27.64
CA GLY U 34 30.40 30.36 29.04
C GLY U 34 31.76 30.99 29.21
N ILE U 35 32.67 30.72 28.29
CA ILE U 35 34.02 31.28 28.38
C ILE U 35 34.06 32.65 27.72
N THR U 36 33.53 32.75 26.50
CA THR U 36 33.68 33.95 25.70
C THR U 36 32.82 35.12 26.19
N SER U 37 31.89 34.88 27.10
CA SER U 37 31.10 35.96 27.67
C SER U 37 31.74 36.57 28.90
N ARG U 38 32.69 35.89 29.53
CA ARG U 38 33.27 36.42 30.75
C ARG U 38 34.30 37.51 30.43
N GLU U 39 35.43 37.13 29.80
CA GLU U 39 36.42 38.02 29.21
C GLU U 39 37.09 39.03 30.15
N LYS U 40 36.75 38.98 31.43
CA LYS U 40 37.41 39.74 32.49
C LYS U 40 38.12 38.81 33.45
N LYS U 41 37.52 37.65 33.72
CA LYS U 41 38.18 36.61 34.48
C LYS U 41 39.31 35.96 33.70
N LEU U 42 39.35 36.16 32.38
CA LEU U 42 40.34 35.47 31.57
C LEU U 42 41.74 36.01 31.80
N GLU U 43 41.85 37.26 32.27
CA GLU U 43 43.18 37.83 32.49
C GLU U 43 43.85 37.27 33.75
N ARG U 44 43.14 36.44 34.52
CA ARG U 44 43.78 35.75 35.63
C ARG U 44 44.72 34.66 35.13
N ILE U 45 44.51 34.19 33.90
CA ILE U 45 45.39 33.18 33.32
C ILE U 45 46.74 33.79 33.00
N ASN U 46 46.75 35.07 32.61
CA ASN U 46 48.00 35.75 32.31
C ASN U 46 48.84 35.95 33.55
N ILE U 47 48.22 36.36 34.66
CA ILE U 47 48.95 36.63 35.88
C ILE U 47 49.42 35.33 36.52
N SER U 48 48.64 34.27 36.31
CA SER U 48 49.05 32.96 36.82
C SER U 48 50.28 32.45 36.07
N ALA U 49 50.36 32.76 34.78
CA ALA U 49 51.54 32.36 34.01
C ALA U 49 52.74 33.23 34.34
N GLU U 50 52.49 34.41 34.92
CA GLU U 50 53.57 35.31 35.27
C GLU U 50 54.25 34.87 36.56
N ILE U 51 53.44 34.56 37.59
CA ILE U 51 54.00 34.13 38.88
C ILE U 51 54.66 32.77 38.73
N SER U 52 54.12 31.94 37.83
CA SER U 52 54.69 30.62 37.55
C SER U 52 56.10 30.71 37.02
N ARG U 53 56.35 31.67 36.14
CA ARG U 53 57.69 31.83 35.58
C ARG U 53 58.65 32.39 36.62
N ARG U 54 58.16 33.31 37.47
CA ARG U 54 59.03 33.96 38.44
C ARG U 54 59.46 32.99 39.54
N ILE U 55 58.60 32.03 39.86
CA ILE U 55 58.94 31.02 40.87
C ILE U 55 59.98 30.06 40.31
N GLN U 56 59.85 29.72 39.03
CA GLN U 56 60.73 28.73 38.43
C GLN U 56 62.16 29.24 38.27
N ASP U 57 62.30 30.53 37.95
CA ASP U 57 63.64 31.09 37.76
C ASP U 57 64.38 31.22 39.08
N GLU U 58 63.65 31.44 40.17
CA GLU U 58 64.30 31.52 41.48
C GLU U 58 64.69 30.15 41.99
N ALA U 59 64.05 29.09 41.47
CA ALA U 59 64.42 27.74 41.85
C ALA U 59 65.78 27.38 41.28
N ILE U 60 66.02 27.71 40.02
CA ILE U 60 67.30 27.37 39.39
C ILE U 60 68.36 28.36 39.82
N ALA U 61 67.95 29.56 40.22
CA ALA U 61 68.90 30.49 40.83
C ALA U 61 69.37 29.95 42.18
N TYR U 62 68.44 29.38 42.95
CA TYR U 62 68.77 28.81 44.25
C TYR U 62 69.65 27.58 44.10
N ALA U 63 69.40 26.78 43.05
CA ALA U 63 70.10 25.52 42.91
C ALA U 63 71.55 25.69 42.48
N ARG U 64 71.89 26.81 41.83
CA ARG U 64 73.25 26.95 41.33
C ARG U 64 74.17 27.67 42.29
N ASN U 65 73.66 28.50 43.20
CA ASN U 65 74.54 29.15 44.15
C ASN U 65 74.98 28.20 45.24
N LYS U 66 74.18 27.18 45.53
CA LYS U 66 74.50 26.21 46.57
C LYS U 66 74.91 24.86 46.02
N GLY U 67 74.89 24.70 44.70
CA GLY U 67 75.41 23.49 44.08
C GLY U 67 74.55 22.26 44.23
N ILE U 68 73.34 22.39 44.78
CA ILE U 68 72.46 21.26 44.96
C ILE U 68 71.76 20.99 43.64
N PRO U 69 71.36 19.75 43.34
CA PRO U 69 70.63 19.51 42.10
C PRO U 69 69.24 20.10 42.17
N TYR U 70 68.75 20.57 41.01
CA TYR U 70 67.44 21.16 40.95
C TYR U 70 66.37 20.11 41.15
N LEU U 71 65.43 20.40 42.04
CA LEU U 71 64.46 19.41 42.48
C LEU U 71 63.12 19.72 41.83
N PRO U 72 62.69 18.95 40.83
CA PRO U 72 61.45 19.28 40.13
C PRO U 72 60.23 19.02 40.97
N GLY U 73 59.26 19.92 40.85
CA GLY U 73 58.10 19.89 41.70
C GLY U 73 58.23 20.73 42.95
N ILE U 74 59.34 21.44 43.11
CA ILE U 74 59.47 22.39 44.21
C ILE U 74 58.84 23.72 43.84
N ASN U 75 58.48 23.91 42.57
CA ASN U 75 57.69 25.07 42.17
C ASN U 75 56.29 24.97 42.74
N GLY U 76 55.69 23.79 42.64
CA GLY U 76 54.33 23.63 43.11
C GLY U 76 54.21 23.70 44.61
N ILE U 77 55.25 23.24 45.32
CA ILE U 77 55.27 23.39 46.77
C ILE U 77 55.39 24.86 47.15
N ALA U 78 56.24 25.60 46.42
CA ALA U 78 56.46 27.00 46.74
C ALA U 78 55.26 27.86 46.35
N TRP U 79 54.43 27.38 45.42
CA TRP U 79 53.27 28.17 45.01
C TRP U 79 52.10 27.94 45.95
N LYS U 80 51.93 26.71 46.43
CA LYS U 80 50.83 26.42 47.33
C LYS U 80 51.03 27.14 48.66
N LEU U 81 52.26 27.15 49.17
CA LEU U 81 52.53 27.83 50.43
C LEU U 81 52.50 29.34 50.29
N LEU U 82 52.58 29.84 49.06
CA LEU U 82 52.33 31.26 48.84
C LEU U 82 50.84 31.57 48.98
N ARG U 83 50.00 30.69 48.46
CA ARG U 83 48.55 30.95 48.48
C ARG U 83 47.95 30.71 49.85
N LEU U 84 48.48 29.76 50.61
CA LEU U 84 47.94 29.49 51.94
C LEU U 84 48.36 30.57 52.92
N LYS U 85 49.53 31.16 52.71
CA LYS U 85 49.96 32.32 53.47
C LYS U 85 49.02 33.50 53.24
N TRP U 86 48.50 33.61 52.03
CA TRP U 86 47.51 34.64 51.72
C TRP U 86 46.20 34.39 52.41
N LEU U 87 45.76 33.13 52.47
CA LEU U 87 44.51 32.81 53.15
C LEU U 87 44.69 32.88 54.66
N GLY U 88 45.76 32.30 55.18
CA GLY U 88 46.05 32.35 56.59
C GLY U 88 46.10 30.99 57.25
N TYR U 89 46.46 29.96 56.49
CA TYR U 89 46.45 28.59 57.00
C TYR U 89 47.87 28.24 57.42
N THR U 90 48.26 28.69 58.61
CA THR U 90 49.65 28.64 59.03
C THR U 90 50.10 27.27 59.50
N ASP U 91 49.24 26.50 60.15
CA ASP U 91 49.65 25.15 60.55
C ASP U 91 49.59 24.18 59.39
N GLN U 92 48.94 24.57 58.30
CA GLN U 92 49.13 23.86 57.04
C GLN U 92 50.55 24.04 56.54
N ILE U 93 51.13 25.23 56.73
CA ILE U 93 52.49 25.51 56.28
C ILE U 93 53.50 24.73 57.11
N ASN U 94 53.22 24.57 58.41
CA ASN U 94 54.20 24.06 59.34
C ASN U 94 54.50 22.59 59.11
N VAL U 95 53.54 21.85 58.56
CA VAL U 95 53.77 20.43 58.30
C VAL U 95 54.55 20.24 57.00
N VAL U 96 54.27 21.08 55.99
CA VAL U 96 54.93 20.93 54.70
C VAL U 96 56.40 21.33 54.80
N MET U 97 56.72 22.27 55.69
CA MET U 97 58.10 22.69 55.85
C MET U 97 58.96 21.60 56.50
N ARG U 98 58.32 20.66 57.21
CA ARG U 98 59.06 19.50 57.68
C ARG U 98 59.16 18.42 56.61
N THR U 99 58.26 18.43 55.64
CA THR U 99 58.18 17.34 54.68
C THR U 99 59.24 17.48 53.58
N VAL U 100 59.56 18.70 53.20
CA VAL U 100 60.57 19.00 52.18
C VAL U 100 61.96 18.79 52.78
N PRO U 101 63.02 18.59 51.98
CA PRO U 101 64.35 18.40 52.56
C PRO U 101 64.91 19.68 53.16
N ALA U 102 66.10 19.55 53.75
CA ALA U 102 66.64 20.60 54.59
C ALA U 102 67.16 21.78 53.77
N GLU U 103 67.89 21.50 52.69
CA GLU U 103 68.49 22.58 51.91
C GLU U 103 67.47 23.39 51.13
N TRP U 104 66.30 22.83 50.85
CA TRP U 104 65.28 23.55 50.12
C TRP U 104 64.30 24.28 51.02
N ARG U 105 64.48 24.23 52.34
CA ARG U 105 63.54 24.90 53.24
C ARG U 105 63.69 26.40 53.18
N ASP U 106 64.92 26.88 52.98
CA ASP U 106 65.16 28.33 53.00
C ASP U 106 64.69 28.95 51.69
N PHE U 107 64.54 28.13 50.65
CA PHE U 107 63.93 28.62 49.43
C PHE U 107 62.43 28.79 49.58
N LEU U 108 61.80 27.92 50.38
CA LEU U 108 60.34 27.96 50.50
C LEU U 108 59.90 29.16 51.32
N THR U 109 60.72 29.58 52.29
CA THR U 109 60.41 30.82 52.99
C THR U 109 60.85 32.04 52.21
N GLN U 110 61.65 31.86 51.17
CA GLN U 110 62.02 32.98 50.32
C GLN U 110 60.84 33.43 49.48
N ILE U 111 60.03 32.49 49.00
CA ILE U 111 58.85 32.83 48.21
C ILE U 111 57.79 33.52 49.06
N MET U 112 57.62 33.08 50.31
CA MET U 112 56.64 33.72 51.18
C MET U 112 57.14 35.08 51.67
N GLU U 113 58.35 35.13 52.20
CA GLU U 113 58.82 36.32 52.89
C GLU U 113 59.80 37.16 52.09
N ASN U 114 60.82 36.56 51.47
CA ASN U 114 61.86 37.38 50.87
C ASN U 114 61.47 37.93 49.49
N THR U 115 60.35 37.46 48.93
CA THR U 115 59.67 38.20 47.88
C THR U 115 58.21 38.43 48.27
N GLN U 116 58.03 38.95 49.49
CA GLN U 116 56.74 39.47 49.94
C GLN U 116 56.26 40.59 49.03
N MET U 117 57.18 41.40 48.53
CA MET U 117 56.81 42.52 47.68
C MET U 117 56.24 42.05 46.34
N GLU U 118 57.07 41.38 45.54
CA GLU U 118 56.70 41.15 44.14
C GLU U 118 55.65 40.06 44.00
N SER U 119 55.85 38.93 44.68
CA SER U 119 54.99 37.78 44.45
C SER U 119 53.62 37.90 45.12
N MET U 120 53.56 38.42 46.35
CA MET U 120 52.27 38.49 47.04
C MET U 120 51.38 39.58 46.46
N TYR U 121 51.98 40.67 45.97
CA TYR U 121 51.19 41.70 45.30
C TYR U 121 50.58 41.18 44.00
N SER U 122 51.22 40.21 43.36
CA SER U 122 50.66 39.68 42.13
C SER U 122 49.46 38.79 42.41
N GLU U 123 49.53 37.98 43.48
CA GLU U 123 48.39 37.16 43.85
C GLU U 123 47.27 38.03 44.41
N LEU U 124 47.63 39.09 45.13
CA LEU U 124 46.63 40.03 45.64
C LEU U 124 45.97 40.82 44.52
N ARG U 125 46.63 40.93 43.37
CA ARG U 125 46.02 41.48 42.18
C ARG U 125 45.22 40.45 41.40
N LYS U 126 45.67 39.19 41.42
CA LYS U 126 45.03 38.16 40.61
C LYS U 126 43.65 37.79 41.14
N VAL U 127 43.49 37.72 42.46
CA VAL U 127 42.23 37.30 43.05
C VAL U 127 41.30 38.51 43.04
N ARG U 128 41.89 39.70 42.90
CA ARG U 128 41.13 40.93 42.74
C ARG U 128 40.69 41.09 41.29
N ILE V 10 -62.19 -25.47 12.75
CA ILE V 10 -62.68 -26.50 13.66
C ILE V 10 -63.47 -25.85 14.79
N ALA V 11 -62.80 -24.97 15.54
CA ALA V 11 -63.33 -24.49 16.81
C ALA V 11 -63.29 -22.97 16.85
N GLU V 12 -64.23 -22.38 17.60
CA GLU V 12 -64.55 -20.97 17.44
C GLU V 12 -64.88 -20.22 18.73
N THR V 13 -64.67 -20.81 19.90
CA THR V 13 -65.13 -20.20 21.15
C THR V 13 -64.28 -18.99 21.53
N LEU V 14 -64.67 -18.34 22.63
CA LEU V 14 -64.09 -17.04 22.94
C LEU V 14 -62.69 -17.17 23.54
N THR V 15 -62.34 -18.35 24.05
CA THR V 15 -60.97 -18.57 24.50
C THR V 15 -60.02 -18.62 23.33
N GLU V 16 -60.38 -19.40 22.31
CA GLU V 16 -59.52 -19.57 21.15
C GLU V 16 -59.71 -18.46 20.13
N LYS V 17 -60.81 -17.69 20.22
CA LYS V 17 -60.90 -16.48 19.41
C LYS V 17 -59.95 -15.42 19.93
N HIS V 18 -59.67 -15.44 21.24
CA HIS V 18 -58.70 -14.52 21.80
C HIS V 18 -57.29 -14.92 21.41
N THR V 19 -57.06 -16.21 21.20
CA THR V 19 -55.74 -16.69 20.80
C THR V 19 -55.41 -16.28 19.38
N LEU V 20 -56.30 -16.58 18.43
CA LEU V 20 -56.03 -16.31 17.02
C LEU V 20 -56.02 -14.82 16.72
N GLY V 21 -56.61 -14.00 17.59
CA GLY V 21 -56.46 -12.57 17.46
C GLY V 21 -55.06 -12.11 17.85
N ILE V 22 -54.39 -12.88 18.70
CA ILE V 22 -53.03 -12.53 19.10
C ILE V 22 -52.03 -13.03 18.08
N GLU V 23 -52.30 -14.17 17.46
CA GLU V 23 -51.36 -14.78 16.52
C GLU V 23 -51.24 -13.98 15.23
N LYS V 24 -52.28 -13.22 14.88
CA LYS V 24 -52.17 -12.37 13.70
C LYS V 24 -51.42 -11.08 14.02
N VAL V 25 -51.29 -10.72 15.29
CA VAL V 25 -50.50 -9.56 15.67
C VAL V 25 -49.02 -9.86 15.56
N VAL V 26 -48.60 -11.01 16.08
CA VAL V 26 -47.18 -11.36 16.09
C VAL V 26 -46.72 -11.75 14.70
N ALA V 27 -47.65 -12.05 13.79
CA ALA V 27 -47.27 -12.30 12.40
C ALA V 27 -47.02 -11.00 11.66
N THR V 28 -47.99 -10.10 11.68
CA THR V 28 -47.92 -8.87 10.90
C THR V 28 -47.14 -7.77 11.58
N ASP V 29 -46.73 -7.96 12.84
CA ASP V 29 -46.04 -6.97 13.68
C ASP V 29 -46.87 -5.69 13.76
N SER V 30 -48.13 -5.85 14.13
CA SER V 30 -49.06 -4.74 14.16
C SER V 30 -49.05 -4.01 15.49
N TRP V 31 -48.41 -4.58 16.52
CA TRP V 31 -48.35 -3.90 17.80
C TRP V 31 -47.39 -2.73 17.75
N ARG V 32 -46.21 -2.95 17.19
CA ARG V 32 -45.21 -1.89 17.15
C ARG V 32 -45.55 -0.83 16.12
N VAL V 33 -46.17 -1.23 14.99
CA VAL V 33 -46.54 -0.24 14.00
C VAL V 33 -47.87 0.41 14.37
N GLY V 34 -48.60 -0.17 15.31
CA GLY V 34 -49.77 0.52 15.84
C GLY V 34 -49.43 1.68 16.72
N ILE V 35 -48.29 1.60 17.41
CA ILE V 35 -47.87 2.70 18.27
C ILE V 35 -47.15 3.77 17.47
N THR V 36 -46.22 3.36 16.61
CA THR V 36 -45.37 4.29 15.89
C THR V 36 -46.07 4.98 14.72
N SER V 37 -47.32 4.65 14.43
CA SER V 37 -48.04 5.35 13.38
C SER V 37 -48.96 6.45 13.92
N ARG V 38 -49.21 6.47 15.23
CA ARG V 38 -50.10 7.49 15.77
C ARG V 38 -49.35 8.81 15.94
N GLU V 39 -48.37 8.85 16.85
CA GLU V 39 -47.43 9.96 17.07
C GLU V 39 -48.06 11.31 17.38
N LYS V 40 -49.35 11.32 17.68
CA LYS V 40 -50.07 12.46 18.20
C LYS V 40 -50.80 12.12 19.48
N LYS V 41 -51.27 10.87 19.58
CA LYS V 41 -51.81 10.35 20.81
C LYS V 41 -50.75 10.21 21.89
N LEU V 42 -49.48 10.05 21.50
CA LEU V 42 -48.45 9.75 22.47
C LEU V 42 -48.09 10.96 23.32
N GLU V 43 -48.49 12.16 22.90
CA GLU V 43 -48.24 13.35 23.71
C GLU V 43 -49.26 13.48 24.82
N ARG V 44 -50.23 12.58 24.90
CA ARG V 44 -51.10 12.51 26.07
C ARG V 44 -50.36 11.93 27.26
N ILE V 45 -49.29 11.18 27.00
CA ILE V 45 -48.46 10.66 28.08
C ILE V 45 -47.67 11.79 28.73
N ASN V 46 -47.31 12.80 27.94
CA ASN V 46 -46.58 13.94 28.46
C ASN V 46 -47.45 14.79 29.37
N ILE V 47 -48.70 15.02 28.96
CA ILE V 47 -49.60 15.83 29.77
C ILE V 47 -50.04 15.05 31.00
N SER V 48 -50.10 13.73 30.89
CA SER V 48 -50.48 12.89 32.04
C SER V 48 -49.39 12.91 33.11
N ALA V 49 -48.12 12.89 32.69
CA ALA V 49 -47.03 12.89 33.65
C ALA V 49 -46.85 14.26 34.27
N GLU V 50 -47.46 15.29 33.67
CA GLU V 50 -47.39 16.63 34.25
C GLU V 50 -48.39 16.80 35.37
N ILE V 51 -49.61 16.31 35.17
CA ILE V 51 -50.66 16.47 36.20
C ILE V 51 -50.39 15.55 37.37
N SER V 52 -49.77 14.40 37.12
CA SER V 52 -49.43 13.48 38.19
C SER V 52 -48.37 14.08 39.11
N ARG V 53 -47.43 14.82 38.54
CA ARG V 53 -46.44 15.52 39.36
C ARG V 53 -47.07 16.71 40.07
N ARG V 54 -48.05 17.33 39.44
CA ARG V 54 -48.65 18.54 39.99
C ARG V 54 -49.53 18.21 41.19
N ILE V 55 -50.22 17.07 41.16
CA ILE V 55 -51.06 16.67 42.29
C ILE V 55 -50.18 16.18 43.43
N GLN V 56 -49.09 15.49 43.10
CA GLN V 56 -48.25 14.85 44.11
C GLN V 56 -47.50 15.88 44.95
N ASP V 57 -47.10 17.00 44.34
CA ASP V 57 -46.34 18.00 45.07
C ASP V 57 -47.23 18.77 46.06
N GLU V 58 -48.50 18.96 45.72
CA GLU V 58 -49.40 19.63 46.66
C GLU V 58 -49.87 18.70 47.75
N ALA V 59 -49.83 17.39 47.50
CA ALA V 59 -50.26 16.42 48.50
C ALA V 59 -49.31 16.39 49.68
N ILE V 60 -48.04 16.69 49.44
CA ILE V 60 -47.08 16.80 50.54
C ILE V 60 -47.07 18.21 51.09
N ALA V 61 -47.44 19.19 50.26
CA ALA V 61 -47.58 20.56 50.75
C ALA V 61 -48.79 20.69 51.66
N TYR V 62 -49.85 19.96 51.36
CA TYR V 62 -51.02 19.92 52.22
C TYR V 62 -50.72 19.18 53.52
N ALA V 63 -49.79 18.22 53.47
CA ALA V 63 -49.51 17.40 54.63
C ALA V 63 -48.75 18.15 55.71
N ARG V 64 -47.90 19.09 55.33
CA ARG V 64 -47.10 19.80 56.32
C ARG V 64 -47.84 20.97 56.95
N ASN V 65 -48.80 21.55 56.26
CA ASN V 65 -49.48 22.71 56.79
C ASN V 65 -50.43 22.33 57.92
N LYS V 66 -50.97 21.13 57.87
CA LYS V 66 -51.91 20.67 58.87
C LYS V 66 -51.31 19.67 59.84
N GLY V 67 -50.03 19.33 59.69
CA GLY V 67 -49.38 18.44 60.62
C GLY V 67 -49.81 16.99 60.54
N ILE V 68 -50.51 16.61 59.48
CA ILE V 68 -50.98 15.25 59.31
C ILE V 68 -49.96 14.49 58.47
N PRO V 69 -49.78 13.18 58.69
CA PRO V 69 -48.83 12.43 57.86
C PRO V 69 -49.36 12.23 56.45
N TYR V 70 -48.44 12.13 55.51
CA TYR V 70 -48.80 11.98 54.10
C TYR V 70 -49.45 10.63 53.87
N LEU V 71 -50.66 10.65 53.31
CA LEU V 71 -51.42 9.44 53.06
C LEU V 71 -51.25 9.04 51.61
N PRO V 72 -50.50 7.98 51.31
CA PRO V 72 -50.28 7.61 49.90
C PRO V 72 -51.52 7.00 49.29
N GLY V 73 -51.68 7.22 47.99
CA GLY V 73 -52.88 6.83 47.31
C GLY V 73 -53.92 7.93 47.23
N ILE V 74 -53.73 9.03 47.94
CA ILE V 74 -54.62 10.17 47.83
C ILE V 74 -54.36 10.93 46.54
N ASN V 75 -53.27 10.62 45.83
CA ASN V 75 -53.07 11.16 44.49
C ASN V 75 -54.07 10.56 43.52
N GLY V 76 -54.32 9.25 43.64
CA GLY V 76 -55.21 8.59 42.70
C GLY V 76 -56.66 8.94 42.96
N ILE V 77 -57.01 9.18 44.22
CA ILE V 77 -58.36 9.64 44.55
C ILE V 77 -58.56 11.04 44.00
N ALA V 78 -57.54 11.88 44.11
CA ALA V 78 -57.66 13.26 43.65
C ALA V 78 -57.69 13.35 42.14
N TRP V 79 -57.17 12.33 41.44
CA TRP V 79 -57.17 12.37 39.99
C TRP V 79 -58.43 11.74 39.41
N LYS V 80 -58.98 10.73 40.09
CA LYS V 80 -60.25 10.18 39.63
C LYS V 80 -61.36 11.20 39.81
N LEU V 81 -61.34 11.93 40.91
CA LEU V 81 -62.35 12.98 41.12
C LEU V 81 -62.08 14.19 40.24
N LEU V 82 -60.88 14.31 39.70
CA LEU V 82 -60.62 15.34 38.70
C LEU V 82 -61.22 14.96 37.36
N ARG V 83 -61.33 13.66 37.08
CA ARG V 83 -61.84 13.22 35.80
C ARG V 83 -63.35 13.12 35.79
N LEU V 84 -63.94 12.69 36.91
CA LEU V 84 -65.40 12.55 36.97
C LEU V 84 -66.08 13.90 37.07
N LYS V 85 -65.39 14.88 37.67
CA LYS V 85 -65.88 16.26 37.67
C LYS V 85 -65.93 16.82 36.26
N TRP V 86 -64.98 16.40 35.41
CA TRP V 86 -64.96 16.81 34.02
C TRP V 86 -66.13 16.21 33.26
N LEU V 87 -66.47 14.95 33.55
CA LEU V 87 -67.56 14.30 32.85
C LEU V 87 -68.90 14.66 33.45
N GLY V 88 -68.96 14.78 34.77
CA GLY V 88 -70.17 15.23 35.42
C GLY V 88 -70.80 14.17 36.30
N TYR V 89 -70.03 13.17 36.69
CA TYR V 89 -70.57 12.07 37.48
C TYR V 89 -70.54 12.47 38.95
N THR V 90 -71.40 13.41 39.31
CA THR V 90 -71.33 14.06 40.61
C THR V 90 -71.87 13.23 41.75
N ASP V 91 -72.74 12.27 41.48
CA ASP V 91 -73.24 11.41 42.56
C ASP V 91 -72.27 10.28 42.85
N GLN V 92 -71.29 10.06 41.96
CA GLN V 92 -70.15 9.24 42.33
C GLN V 92 -69.17 10.04 43.20
N ILE V 93 -69.15 11.36 43.03
CA ILE V 93 -68.22 12.21 43.77
C ILE V 93 -68.60 12.24 45.24
N ASN V 94 -69.91 12.25 45.53
CA ASN V 94 -70.37 12.44 46.90
C ASN V 94 -70.06 11.23 47.76
N VAL V 95 -70.00 10.04 47.17
CA VAL V 95 -69.79 8.83 47.96
C VAL V 95 -68.31 8.66 48.29
N VAL V 96 -67.41 9.14 47.43
CA VAL V 96 -65.99 9.04 47.71
C VAL V 96 -65.58 10.05 48.78
N MET V 97 -66.26 11.19 48.83
CA MET V 97 -65.95 12.18 49.84
C MET V 97 -66.36 11.72 51.23
N ARG V 98 -67.33 10.80 51.31
CA ARG V 98 -67.65 10.19 52.59
C ARG V 98 -66.66 9.11 52.97
N THR V 99 -65.79 8.70 52.04
CA THR V 99 -64.98 7.51 52.25
C THR V 99 -63.59 7.84 52.78
N VAL V 100 -63.01 8.96 52.34
CA VAL V 100 -61.67 9.39 52.74
C VAL V 100 -61.72 9.94 54.16
N PRO V 101 -60.60 10.07 54.89
CA PRO V 101 -60.67 10.63 56.23
C PRO V 101 -60.98 12.12 56.21
N ALA V 102 -61.31 12.65 57.38
CA ALA V 102 -61.89 13.98 57.48
C ALA V 102 -60.87 15.06 57.19
N GLU V 103 -59.62 14.85 57.55
CA GLU V 103 -58.59 15.85 57.35
C GLU V 103 -58.14 15.94 55.89
N TRP V 104 -58.53 15.01 55.03
CA TRP V 104 -58.17 15.06 53.63
C TRP V 104 -59.32 15.40 52.72
N ARG V 105 -60.51 15.67 53.27
CA ARG V 105 -61.64 16.06 52.43
C ARG V 105 -61.43 17.45 51.85
N ASP V 106 -60.67 18.30 52.54
CA ASP V 106 -60.42 19.64 52.05
C ASP V 106 -59.36 19.64 50.97
N PHE V 107 -58.51 18.61 50.95
CA PHE V 107 -57.52 18.50 49.89
C PHE V 107 -58.19 18.12 48.58
N LEU V 108 -59.21 17.27 48.64
CA LEU V 108 -59.82 16.75 47.42
C LEU V 108 -60.60 17.83 46.70
N THR V 109 -61.26 18.71 47.45
CA THR V 109 -61.95 19.82 46.80
C THR V 109 -60.99 20.91 46.36
N GLN V 110 -59.77 20.89 46.84
CA GLN V 110 -58.75 21.82 46.35
C GLN V 110 -58.28 21.42 44.96
N ILE V 111 -58.23 20.13 44.68
CA ILE V 111 -57.90 19.67 43.34
C ILE V 111 -59.05 19.93 42.38
N MET V 112 -60.28 19.68 42.81
CA MET V 112 -61.43 19.81 41.92
C MET V 112 -61.77 21.26 41.64
N GLU V 113 -62.01 22.03 42.70
CA GLU V 113 -62.53 23.38 42.54
C GLU V 113 -61.47 24.46 42.61
N ASN V 114 -60.59 24.42 43.61
CA ASN V 114 -59.63 25.51 43.79
C ASN V 114 -58.47 25.44 42.79
N THR V 115 -58.33 24.31 42.09
CA THR V 115 -57.37 24.19 41.01
C THR V 115 -58.15 23.98 39.71
N GLN V 116 -59.19 24.79 39.53
CA GLN V 116 -59.97 24.75 38.30
C GLN V 116 -59.15 25.29 37.13
N MET V 117 -58.41 26.36 37.37
CA MET V 117 -57.69 27.04 36.30
C MET V 117 -56.49 26.25 35.81
N GLU V 118 -55.83 25.51 36.71
CA GLU V 118 -54.59 24.86 36.31
C GLU V 118 -54.81 23.42 35.92
N SER V 119 -55.33 22.60 36.84
CA SER V 119 -55.38 21.16 36.64
C SER V 119 -56.50 20.75 35.69
N MET V 120 -57.65 21.43 35.76
CA MET V 120 -58.76 21.05 34.90
C MET V 120 -58.55 21.54 33.47
N TYR V 121 -57.78 22.61 33.31
CA TYR V 121 -57.46 23.08 31.96
C TYR V 121 -56.51 22.13 31.26
N SER V 122 -55.69 21.42 32.03
CA SER V 122 -54.77 20.45 31.44
C SER V 122 -55.53 19.21 30.98
N GLU V 123 -56.56 18.81 31.73
CA GLU V 123 -57.41 17.70 31.29
C GLU V 123 -58.24 18.11 30.08
N LEU V 124 -58.61 19.40 29.99
CA LEU V 124 -59.28 19.89 28.79
C LEU V 124 -58.37 19.85 27.57
N ARG V 125 -57.06 19.84 27.77
CA ARG V 125 -56.12 19.76 26.66
C ARG V 125 -55.68 18.33 26.37
N LYS V 126 -55.60 17.47 27.38
CA LYS V 126 -55.16 16.10 27.18
C LYS V 126 -56.16 15.30 26.36
N VAL V 127 -57.45 15.52 26.60
CA VAL V 127 -58.49 14.82 25.85
C VAL V 127 -58.61 15.47 24.47
N ARG V 128 -58.13 16.69 24.34
CA ARG V 128 -58.19 17.41 23.09
C ARG V 128 -57.00 17.07 22.21
N ILE W 10 30.97 2.59 27.38
CA ILE W 10 30.95 1.14 27.50
C ILE W 10 32.17 0.69 28.29
N ALA W 11 33.35 0.79 27.66
CA ALA W 11 34.59 0.34 28.27
C ALA W 11 35.59 1.49 28.27
N GLU W 12 36.29 1.64 29.39
CA GLU W 12 37.07 2.85 29.64
C GLU W 12 38.51 2.58 30.07
N THR W 13 39.18 1.55 29.55
CA THR W 13 40.56 1.32 29.96
C THR W 13 41.49 2.29 29.25
N LEU W 14 42.79 2.18 29.58
CA LEU W 14 43.75 3.17 29.10
C LEU W 14 44.10 2.97 27.64
N THR W 15 43.84 1.77 27.11
CA THR W 15 44.02 1.56 25.67
C THR W 15 42.99 2.36 24.89
N GLU W 16 41.74 2.36 25.35
CA GLU W 16 40.71 3.11 24.68
C GLU W 16 40.75 4.58 25.05
N LYS W 17 41.34 4.91 26.20
CA LYS W 17 41.45 6.31 26.59
C LYS W 17 42.47 7.03 25.71
N HIS W 18 43.54 6.34 25.33
CA HIS W 18 44.51 6.92 24.42
C HIS W 18 43.93 7.07 23.03
N THR W 19 43.04 6.16 22.63
CA THR W 19 42.44 6.23 21.30
C THR W 19 41.44 7.37 21.21
N LEU W 20 40.52 7.45 22.18
CA LEU W 20 39.48 8.49 22.14
C LEU W 20 40.06 9.88 22.35
N GLY W 21 41.27 9.98 22.88
CA GLY W 21 41.94 11.27 22.90
C GLY W 21 42.52 11.65 21.55
N ILE W 22 42.81 10.63 20.73
CA ILE W 22 43.34 10.89 19.40
C ILE W 22 42.21 11.23 18.43
N GLU W 23 41.04 10.63 18.65
CA GLU W 23 39.90 10.84 17.77
C GLU W 23 39.37 12.27 17.85
N LYS W 24 39.57 12.94 18.99
CA LYS W 24 39.11 14.31 19.07
C LYS W 24 40.11 15.28 18.45
N VAL W 25 41.38 14.90 18.35
CA VAL W 25 42.39 15.79 17.74
C VAL W 25 42.16 15.88 16.23
N VAL W 26 41.98 14.73 15.58
CA VAL W 26 41.80 14.74 14.14
C VAL W 26 40.43 15.24 13.76
N ALA W 27 39.49 15.25 14.71
CA ALA W 27 38.16 15.76 14.43
C ALA W 27 38.15 17.29 14.42
N THR W 28 38.80 17.90 15.40
CA THR W 28 38.74 19.35 15.52
C THR W 28 39.98 20.06 15.01
N ASP W 29 40.98 19.30 14.53
CA ASP W 29 42.25 19.82 14.00
C ASP W 29 42.97 20.67 15.04
N SER W 30 43.35 20.02 16.14
CA SER W 30 44.03 20.71 17.21
C SER W 30 45.55 20.57 17.15
N TRP W 31 46.06 19.71 16.27
CA TRP W 31 47.50 19.55 16.16
C TRP W 31 48.13 20.71 15.42
N ARG W 32 47.60 21.02 14.23
CA ARG W 32 48.18 22.08 13.43
C ARG W 32 47.89 23.45 14.02
N VAL W 33 46.79 23.58 14.77
CA VAL W 33 46.54 24.84 15.45
C VAL W 33 47.26 24.87 16.80
N GLY W 34 47.75 23.73 17.27
CA GLY W 34 48.58 23.75 18.46
C GLY W 34 49.97 24.27 18.17
N ILE W 35 50.46 24.04 16.96
CA ILE W 35 51.79 24.50 16.58
C ILE W 35 51.75 25.95 16.16
N THR W 36 50.85 26.28 15.24
CA THR W 36 50.81 27.59 14.61
C THR W 36 50.30 28.69 15.52
N SER W 37 49.72 28.36 16.67
CA SER W 37 49.30 29.39 17.60
C SER W 37 50.39 29.77 18.59
N ARG W 38 51.43 28.96 18.73
CA ARG W 38 52.49 29.28 19.69
C ARG W 38 53.40 30.37 19.15
N GLU W 39 54.14 30.08 18.07
CA GLU W 39 54.93 31.02 17.25
C GLU W 39 56.07 31.72 18.01
N LYS W 40 56.21 31.45 19.30
CA LYS W 40 57.29 31.99 20.13
C LYS W 40 58.20 30.89 20.61
N LYS W 41 57.65 29.72 20.93
CA LYS W 41 58.48 28.58 21.29
C LYS W 41 59.14 27.95 20.08
N LEU W 42 58.70 28.31 18.86
CA LEU W 42 59.29 27.69 17.68
C LEU W 42 60.68 28.23 17.39
N GLU W 43 61.06 29.33 18.03
CA GLU W 43 62.42 29.83 17.87
C GLU W 43 63.42 29.02 18.67
N ARG W 44 62.96 28.13 19.54
CA ARG W 44 63.87 27.26 20.27
C ARG W 44 64.50 26.22 19.35
N ILE W 45 63.83 25.90 18.24
CA ILE W 45 64.38 24.96 17.27
C ILE W 45 65.57 25.59 16.55
N ASN W 46 65.52 26.90 16.37
CA ASN W 46 66.63 27.63 15.77
C ASN W 46 67.86 27.60 16.67
N ILE W 47 67.66 27.84 17.97
CA ILE W 47 68.79 27.91 18.89
C ILE W 47 69.36 26.52 19.13
N SER W 48 68.50 25.50 19.06
CA SER W 48 68.94 24.13 19.27
C SER W 48 69.81 23.65 18.11
N ALA W 49 69.46 24.05 16.89
CA ALA W 49 70.25 23.66 15.74
C ALA W 49 71.56 24.44 15.68
N GLU W 50 71.64 25.55 16.42
CA GLU W 50 72.88 26.31 16.48
C GLU W 50 73.90 25.64 17.40
N ILE W 51 73.46 25.19 18.57
CA ILE W 51 74.35 24.50 19.50
C ILE W 51 74.73 23.14 18.95
N SER W 52 73.83 22.55 18.14
CA SER W 52 74.09 21.25 17.54
C SER W 52 75.25 21.31 16.56
N ARG W 53 75.32 22.37 15.77
CA ARG W 53 76.41 22.52 14.83
C ARG W 53 77.70 22.90 15.53
N ARG W 54 77.58 23.71 16.59
CA ARG W 54 78.77 24.21 17.28
C ARG W 54 79.47 23.09 18.04
N ILE W 55 78.71 22.13 18.55
CA ILE W 55 79.29 20.98 19.24
C ILE W 55 79.96 20.05 18.25
N GLN W 56 79.36 19.92 17.07
CA GLN W 56 79.83 18.96 16.07
C GLN W 56 81.17 19.36 15.48
N ASP W 57 81.38 20.66 15.25
CA ASP W 57 82.61 21.12 14.63
C ASP W 57 83.78 21.05 15.59
N GLU W 58 83.50 21.12 16.90
CA GLU W 58 84.59 20.98 17.86
C GLU W 58 85.05 19.54 17.97
N ALA W 59 84.19 18.59 17.60
CA ALA W 59 84.58 17.19 17.67
C ALA W 59 85.57 16.83 16.59
N ILE W 60 85.33 17.31 15.36
CA ILE W 60 86.25 17.02 14.26
C ILE W 60 87.50 17.88 14.38
N ALA W 61 87.39 19.04 15.04
CA ALA W 61 88.59 19.79 15.39
C ALA W 61 89.40 19.03 16.42
N TYR W 62 88.73 18.40 17.38
CA TYR W 62 89.41 17.63 18.42
C TYR W 62 90.09 16.40 17.83
N ALA W 63 89.38 15.70 16.95
CA ALA W 63 89.91 14.45 16.43
C ALA W 63 91.02 14.65 15.41
N ARG W 64 91.19 15.87 14.90
CA ARG W 64 92.24 16.11 13.92
C ARG W 64 93.54 16.56 14.55
N ASN W 65 93.49 17.29 15.67
CA ASN W 65 94.73 17.71 16.31
C ASN W 65 95.40 16.58 17.06
N LYS W 66 94.63 15.57 17.46
CA LYS W 66 95.16 14.46 18.25
C LYS W 66 95.24 13.16 17.47
N GLY W 67 94.85 13.15 16.21
CA GLY W 67 95.02 11.98 15.37
C GLY W 67 94.11 10.81 15.67
N ILE W 68 93.15 10.97 16.57
CA ILE W 68 92.23 9.89 16.92
C ILE W 68 91.13 9.86 15.89
N PRO W 69 90.52 8.71 15.61
CA PRO W 69 89.38 8.69 14.69
C PRO W 69 88.17 9.35 15.32
N TYR W 70 87.35 9.96 14.48
CA TYR W 70 86.16 10.65 14.96
C TYR W 70 85.13 9.64 15.43
N LEU W 71 84.59 9.86 16.62
CA LEU W 71 83.67 8.91 17.23
C LEU W 71 82.25 9.41 17.07
N PRO W 72 81.44 8.82 16.18
CA PRO W 72 80.08 9.31 16.00
C PRO W 72 79.20 8.95 17.18
N GLY W 73 78.40 9.93 17.60
CA GLY W 73 77.63 9.80 18.81
C GLY W 73 78.27 10.44 20.01
N ILE W 74 79.43 11.07 19.86
CA ILE W 74 80.02 11.83 20.95
C ILE W 74 79.46 13.25 20.97
N ASN W 75 78.70 13.62 19.94
CA ASN W 75 77.93 14.86 19.99
C ASN W 75 76.84 14.76 21.03
N GLY W 76 76.12 13.64 21.03
CA GLY W 76 74.97 13.50 21.91
C GLY W 76 75.36 13.36 23.36
N ILE W 77 76.51 12.74 23.62
CA ILE W 77 77.02 12.67 24.98
C ILE W 77 77.43 14.06 25.45
N ALA W 78 78.05 14.83 24.56
CA ALA W 78 78.52 16.17 24.94
C ALA W 78 77.36 17.15 25.09
N TRP W 79 76.20 16.83 24.50
CA TRP W 79 75.06 17.72 24.62
C TRP W 79 74.25 17.41 25.88
N LYS W 80 74.21 16.14 26.26
CA LYS W 80 73.50 15.79 27.49
C LYS W 80 74.23 16.32 28.70
N LEU W 81 75.56 16.23 28.70
CA LEU W 81 76.34 16.67 29.85
C LEU W 81 76.41 18.19 29.92
N LEU W 82 76.09 18.88 28.83
CA LEU W 82 75.94 20.32 28.89
C LEU W 82 74.64 20.69 29.59
N ARG W 83 73.58 19.94 29.34
CA ARG W 83 72.29 20.25 29.93
C ARG W 83 72.20 19.80 31.37
N LEU W 84 72.87 18.70 31.72
CA LEU W 84 72.86 18.24 33.10
C LEU W 84 73.74 19.11 33.97
N LYS W 85 74.76 19.73 33.37
CA LYS W 85 75.54 20.76 34.05
C LYS W 85 74.66 21.95 34.42
N TRP W 86 73.70 22.27 33.55
CA TRP W 86 72.80 23.40 33.78
C TRP W 86 71.83 23.12 34.90
N LEU W 87 71.31 21.89 34.97
CA LEU W 87 70.37 21.56 36.03
C LEU W 87 71.08 21.34 37.35
N GLY W 88 72.22 20.67 37.32
CA GLY W 88 73.00 20.44 38.51
C GLY W 88 73.06 18.98 38.90
N TYR W 89 72.96 18.09 37.90
CA TYR W 89 72.96 16.66 38.18
C TYR W 89 74.38 16.16 38.00
N THR W 90 75.24 16.53 38.93
CA THR W 90 76.67 16.30 38.77
C THR W 90 77.08 14.87 39.03
N ASP W 91 76.34 14.12 39.82
CA ASP W 91 76.68 12.72 40.04
C ASP W 91 76.27 11.85 38.87
N GLN W 92 75.41 12.36 37.99
CA GLN W 92 75.19 11.70 36.71
C GLN W 92 76.36 11.95 35.77
N ILE W 93 77.02 13.10 35.90
CA ILE W 93 78.17 13.41 35.06
C ILE W 93 79.33 12.48 35.38
N ASN W 94 79.47 12.12 36.65
CA ASN W 94 80.64 11.39 37.11
C ASN W 94 80.67 9.96 36.59
N VAL W 95 79.51 9.42 36.22
CA VAL W 95 79.46 8.05 35.75
C VAL W 95 79.69 7.99 34.25
N VAL W 96 79.19 8.98 33.51
CA VAL W 96 79.34 8.99 32.05
C VAL W 96 80.79 9.27 31.67
N MET W 97 81.49 10.05 32.49
CA MET W 97 82.90 10.33 32.22
C MET W 97 83.76 9.07 32.38
N ARG W 98 83.31 8.13 33.21
CA ARG W 98 83.99 6.84 33.28
C ARG W 98 83.59 5.93 32.14
N THR W 99 82.51 6.24 31.44
CA THR W 99 81.99 5.35 30.42
C THR W 99 82.60 5.61 29.04
N VAL W 100 82.93 6.87 28.75
CA VAL W 100 83.56 7.27 27.50
C VAL W 100 85.01 6.83 27.52
N PRO W 101 85.71 6.69 26.39
CA PRO W 101 87.12 6.29 26.44
C PRO W 101 88.01 7.41 26.98
N ALA W 102 89.31 7.10 27.06
CA ALA W 102 90.23 7.96 27.79
C ALA W 102 90.54 9.24 27.03
N GLU W 103 90.84 9.12 25.74
CA GLU W 103 91.25 10.28 24.95
C GLU W 103 90.10 11.23 24.65
N TRP W 104 88.86 10.80 24.82
CA TRP W 104 87.70 11.64 24.56
C TRP W 104 87.13 12.27 25.82
N ARG W 105 87.72 12.01 26.99
CA ARG W 105 87.21 12.60 28.22
C ARG W 105 87.52 14.09 28.28
N ASP W 106 88.62 14.50 27.66
CA ASP W 106 89.03 15.90 27.73
C ASP W 106 88.19 16.76 26.81
N PHE W 107 87.56 16.13 25.81
CA PHE W 107 86.62 16.86 24.97
C PHE W 107 85.32 17.14 25.69
N LEU W 108 84.90 16.22 26.56
CA LEU W 108 83.60 16.37 27.22
C LEU W 108 83.65 17.45 28.27
N THR W 109 84.80 17.62 28.93
CA THR W 109 84.96 18.73 29.85
C THR W 109 85.34 20.01 29.13
N GLN W 110 85.63 19.93 27.83
CA GLN W 110 85.79 21.15 27.04
C GLN W 110 84.45 21.78 26.73
N ILE W 111 83.44 20.96 26.44
CA ILE W 111 82.10 21.46 26.15
C ILE W 111 81.47 22.10 27.37
N MET W 112 81.63 21.49 28.55
CA MET W 112 81.05 22.06 29.76
C MET W 112 81.77 23.34 30.20
N GLU W 113 83.09 23.27 30.31
CA GLU W 113 83.85 24.32 30.97
C GLU W 113 84.65 25.19 30.02
N ASN W 114 85.32 24.61 29.02
CA ASN W 114 86.19 25.43 28.19
C ASN W 114 85.42 26.23 27.15
N THR W 115 84.14 25.90 26.93
CA THR W 115 83.20 26.83 26.31
C THR W 115 81.98 27.01 27.20
N GLN W 116 82.27 27.25 28.49
CA GLN W 116 81.24 27.68 29.43
C GLN W 116 80.61 29.00 29.00
N MET W 117 81.40 29.89 28.41
CA MET W 117 80.85 31.16 28.01
C MET W 117 79.92 31.01 26.81
N GLU W 118 80.38 30.38 25.73
CA GLU W 118 79.62 30.44 24.48
C GLU W 118 78.42 29.52 24.51
N SER W 119 78.61 28.26 24.91
CA SER W 119 77.57 27.26 24.75
C SER W 119 76.53 27.30 25.86
N MET W 120 76.94 27.58 27.10
CA MET W 120 75.99 27.59 28.20
C MET W 120 75.14 28.85 28.18
N TYR W 121 75.64 29.93 27.56
CA TYR W 121 74.79 31.10 27.33
C TYR W 121 73.68 30.79 26.34
N SER W 122 73.95 29.90 25.38
CA SER W 122 72.95 29.59 24.37
C SER W 122 71.83 28.73 24.96
N GLU W 123 72.18 27.78 25.82
CA GLU W 123 71.17 26.97 26.48
C GLU W 123 70.40 27.80 27.49
N LEU W 124 71.08 28.72 28.17
CA LEU W 124 70.41 29.58 29.14
C LEU W 124 69.49 30.57 28.44
N ARG W 125 69.77 30.88 27.18
CA ARG W 125 68.86 31.67 26.36
C ARG W 125 67.70 30.85 25.82
N LYS W 126 67.95 29.59 25.48
CA LYS W 126 66.91 28.76 24.86
C LYS W 126 65.79 28.43 25.85
N VAL W 127 66.15 28.12 27.08
CA VAL W 127 65.17 27.71 28.09
C VAL W 127 64.45 28.96 28.58
N ARG W 128 65.10 30.11 28.41
CA ARG W 128 64.48 31.40 28.68
C ARG W 128 63.62 31.79 27.47
N ILE X 10 -68.14 -30.47 -6.55
CA ILE X 10 -68.94 -31.52 -5.95
C ILE X 10 -70.28 -30.93 -5.51
N ALA X 11 -70.21 -29.91 -4.65
CA ALA X 11 -71.41 -29.28 -4.12
C ALA X 11 -71.24 -27.77 -4.16
N GLU X 12 -72.38 -27.08 -4.22
CA GLU X 12 -72.35 -25.64 -4.41
C GLU X 12 -73.28 -24.92 -3.43
N THR X 13 -73.29 -25.32 -2.16
CA THR X 13 -74.14 -24.67 -1.18
C THR X 13 -73.51 -23.36 -0.71
N LEU X 14 -74.26 -22.64 0.14
CA LEU X 14 -73.87 -21.28 0.49
C LEU X 14 -72.74 -21.26 1.51
N THR X 15 -72.54 -22.35 2.24
CA THR X 15 -71.38 -22.43 3.12
C THR X 15 -70.10 -22.57 2.30
N GLU X 16 -70.10 -23.47 1.32
CA GLU X 16 -68.92 -23.67 0.50
C GLU X 16 -68.73 -22.57 -0.52
N LYS X 17 -69.79 -21.85 -0.86
CA LYS X 17 -69.65 -20.73 -1.79
C LYS X 17 -68.98 -19.55 -1.12
N HIS X 18 -69.22 -19.38 0.18
CA HIS X 18 -68.56 -18.32 0.93
C HIS X 18 -67.08 -18.65 1.11
N THR X 19 -66.76 -19.93 1.27
CA THR X 19 -65.36 -20.34 1.45
C THR X 19 -64.56 -20.13 0.17
N LEU X 20 -65.06 -20.64 -0.96
CA LEU X 20 -64.35 -20.53 -2.22
C LEU X 20 -64.31 -19.09 -2.72
N GLY X 21 -65.22 -18.24 -2.24
CA GLY X 21 -65.12 -16.82 -2.55
C GLY X 21 -63.98 -16.17 -1.80
N ILE X 22 -63.64 -16.69 -0.61
CA ILE X 22 -62.53 -16.14 0.15
C ILE X 22 -61.20 -16.66 -0.41
N GLU X 23 -61.19 -17.89 -0.92
CA GLU X 23 -59.96 -18.54 -1.34
C GLU X 23 -59.36 -17.89 -2.57
N LYS X 24 -60.19 -17.27 -3.41
CA LYS X 24 -59.65 -16.58 -4.56
C LYS X 24 -59.14 -15.19 -4.19
N VAL X 25 -59.56 -14.66 -3.04
CA VAL X 25 -59.05 -13.37 -2.60
C VAL X 25 -57.62 -13.51 -2.08
N VAL X 26 -57.34 -14.56 -1.33
CA VAL X 26 -56.00 -14.77 -0.84
C VAL X 26 -55.09 -15.26 -1.95
N ALA X 27 -55.65 -15.74 -3.05
CA ALA X 27 -54.85 -16.14 -4.20
C ALA X 27 -54.41 -14.91 -4.99
N THR X 28 -55.37 -14.10 -5.42
CA THR X 28 -55.10 -12.96 -6.28
C THR X 28 -54.61 -11.74 -5.53
N ASP X 29 -54.67 -11.76 -4.19
CA ASP X 29 -54.39 -10.62 -3.30
C ASP X 29 -55.26 -9.42 -3.71
N SER X 30 -56.56 -9.63 -3.66
CA SER X 30 -57.49 -8.64 -4.16
C SER X 30 -58.05 -7.76 -3.06
N TRP X 31 -57.86 -8.13 -1.79
CA TRP X 31 -58.32 -7.28 -0.71
C TRP X 31 -57.45 -6.04 -0.59
N ARG X 32 -56.13 -6.21 -0.73
CA ARG X 32 -55.23 -5.08 -0.60
C ARG X 32 -55.25 -4.21 -1.86
N VAL X 33 -55.34 -4.82 -3.04
CA VAL X 33 -55.33 -4.02 -4.25
C VAL X 33 -56.71 -3.42 -4.49
N GLY X 34 -57.75 -3.95 -3.85
CA GLY X 34 -59.04 -3.31 -3.91
C GLY X 34 -59.11 -2.02 -3.13
N ILE X 35 -58.24 -1.86 -2.14
CA ILE X 35 -58.21 -0.62 -1.37
C ILE X 35 -57.27 0.38 -2.01
N THR X 36 -56.08 -0.06 -2.38
CA THR X 36 -55.06 0.85 -2.89
C THR X 36 -55.31 1.31 -4.32
N SER X 37 -56.28 0.73 -5.02
CA SER X 37 -56.64 1.21 -6.34
C SER X 37 -57.80 2.19 -6.31
N ARG X 38 -58.51 2.31 -5.19
CA ARG X 38 -59.61 3.27 -5.15
C ARG X 38 -59.07 4.67 -4.88
N GLU X 39 -58.59 4.91 -3.66
CA GLU X 39 -57.84 6.11 -3.24
C GLU X 39 -58.54 7.46 -3.45
N LYS X 40 -59.80 7.45 -3.86
CA LYS X 40 -60.69 8.59 -3.85
C LYS X 40 -61.81 8.42 -2.85
N LYS X 41 -62.20 7.16 -2.61
CA LYS X 41 -63.15 6.87 -1.55
C LYS X 41 -62.55 7.07 -0.17
N LEU X 42 -61.22 7.00 -0.05
CA LEU X 42 -60.62 6.89 1.28
C LEU X 42 -60.62 8.22 2.02
N GLU X 43 -60.94 9.32 1.34
CA GLU X 43 -61.10 10.59 2.05
C GLU X 43 -62.43 10.68 2.76
N ARG X 44 -63.30 9.69 2.59
CA ARG X 44 -64.53 9.63 3.38
C ARG X 44 -64.22 9.21 4.81
N ILE X 45 -63.07 8.57 5.03
CA ILE X 45 -62.64 8.28 6.39
C ILE X 45 -62.16 9.56 7.08
N ASN X 46 -61.70 10.53 6.29
CA ASN X 46 -61.30 11.81 6.84
C ASN X 46 -62.50 12.61 7.31
N ILE X 47 -63.55 12.66 6.48
CA ILE X 47 -64.72 13.47 6.83
C ILE X 47 -65.53 12.79 7.94
N SER X 48 -65.48 11.47 8.00
CA SER X 48 -66.16 10.75 9.06
C SER X 48 -65.48 10.98 10.41
N ALA X 49 -64.15 11.15 10.39
CA ALA X 49 -63.45 11.42 11.64
C ALA X 49 -63.68 12.85 12.10
N GLU X 50 -64.10 13.72 11.18
CA GLU X 50 -64.34 15.11 11.52
C GLU X 50 -65.69 15.30 12.20
N ILE X 51 -66.73 14.64 11.69
CA ILE X 51 -68.07 14.82 12.25
C ILE X 51 -68.20 14.08 13.57
N SER X 52 -67.46 12.98 13.72
CA SER X 52 -67.44 12.28 14.99
C SER X 52 -66.73 13.10 16.06
N ARG X 53 -65.72 13.86 15.64
CA ARG X 53 -65.05 14.76 16.57
C ARG X 53 -65.92 15.98 16.87
N ARG X 54 -66.70 16.41 15.89
CA ARG X 54 -67.48 17.63 16.04
C ARG X 54 -68.70 17.38 16.94
N ILE X 55 -69.31 16.20 16.82
CA ILE X 55 -70.48 15.88 17.62
C ILE X 55 -70.08 15.63 19.08
N GLN X 56 -68.95 14.96 19.27
CA GLN X 56 -68.50 14.56 20.60
C GLN X 56 -68.15 15.77 21.47
N ASP X 57 -67.60 16.81 20.85
CA ASP X 57 -67.22 18.01 21.60
C ASP X 57 -68.46 18.78 22.07
N GLU X 58 -69.51 18.80 21.26
CA GLU X 58 -70.74 19.48 21.67
C GLU X 58 -71.52 18.65 22.67
N ALA X 59 -71.31 17.33 22.69
CA ALA X 59 -72.03 16.47 23.60
C ALA X 59 -71.57 16.67 25.04
N ILE X 60 -70.34 17.13 25.22
CA ILE X 60 -69.86 17.44 26.57
C ILE X 60 -70.16 18.89 26.93
N ALA X 61 -70.17 19.76 25.92
CA ALA X 61 -70.52 21.15 26.16
C ALA X 61 -72.00 21.29 26.50
N TYR X 62 -72.84 20.46 25.90
CA TYR X 62 -74.24 20.42 26.27
C TYR X 62 -74.42 19.78 27.65
N ALA X 63 -73.52 18.87 28.02
CA ALA X 63 -73.63 18.19 29.29
C ALA X 63 -73.23 19.08 30.46
N ARG X 64 -72.25 19.96 30.27
CA ARG X 64 -71.80 20.81 31.37
C ARG X 64 -72.66 22.04 31.56
N ASN X 65 -73.47 22.41 30.58
CA ASN X 65 -74.30 23.60 30.74
C ASN X 65 -75.57 23.30 31.53
N LYS X 66 -76.11 22.09 31.39
CA LYS X 66 -77.36 21.75 32.02
C LYS X 66 -77.20 20.94 33.29
N GLY X 67 -75.96 20.70 33.74
CA GLY X 67 -75.74 19.98 34.97
C GLY X 67 -76.02 18.50 34.91
N ILE X 68 -76.22 17.94 33.74
CA ILE X 68 -76.52 16.53 33.59
C ILE X 68 -75.23 15.79 33.27
N PRO X 69 -75.05 14.56 33.72
CA PRO X 69 -73.82 13.83 33.41
C PRO X 69 -73.80 13.40 31.95
N TYR X 70 -72.59 13.31 31.40
CA TYR X 70 -72.43 12.97 30.00
C TYR X 70 -72.82 11.51 29.77
N LEU X 71 -73.74 11.30 28.84
CA LEU X 71 -74.27 9.98 28.57
C LEU X 71 -73.55 9.40 27.36
N PRO X 72 -72.70 8.38 27.54
CA PRO X 72 -71.97 7.83 26.40
C PRO X 72 -72.87 7.01 25.51
N GLY X 73 -72.58 7.04 24.22
CA GLY X 73 -73.42 6.41 23.25
C GLY X 73 -74.49 7.31 22.67
N ILE X 74 -74.61 8.54 23.19
CA ILE X 74 -75.48 9.53 22.58
C ILE X 74 -74.81 10.11 21.34
N ASN X 75 -73.53 9.82 21.13
CA ASN X 75 -72.86 10.17 19.88
C ASN X 75 -73.46 9.38 18.73
N GLY X 76 -73.71 8.09 18.95
CA GLY X 76 -74.24 7.25 17.88
C GLY X 76 -75.69 7.54 17.58
N ILE X 77 -76.45 7.91 18.61
CA ILE X 77 -77.84 8.30 18.39
C ILE X 77 -77.88 9.61 17.60
N ALA X 78 -77.01 10.54 17.94
CA ALA X 78 -77.03 11.85 17.29
C ALA X 78 -76.53 11.77 15.85
N TRP X 79 -75.71 10.77 15.54
CA TRP X 79 -75.18 10.66 14.19
C TRP X 79 -76.11 9.85 13.30
N LYS X 80 -76.77 8.85 13.87
CA LYS X 80 -77.75 8.10 13.09
C LYS X 80 -78.91 8.98 12.68
N LEU X 81 -79.38 9.86 13.58
CA LEU X 81 -80.48 10.75 13.25
C LEU X 81 -80.05 11.83 12.28
N LEU X 82 -78.75 12.09 12.19
CA LEU X 82 -78.26 13.03 11.18
C LEU X 82 -78.35 12.43 9.79
N ARG X 83 -78.11 11.11 9.67
CA ARG X 83 -78.12 10.49 8.36
C ARG X 83 -79.53 10.19 7.89
N LEU X 84 -80.44 9.84 8.80
CA LEU X 84 -81.81 9.54 8.40
C LEU X 84 -82.56 10.81 8.04
N LYS X 85 -82.19 11.92 8.65
CA LYS X 85 -82.74 13.21 8.25
C LYS X 85 -82.28 13.57 6.84
N TRP X 86 -81.07 13.15 6.47
CA TRP X 86 -80.57 13.41 5.13
C TRP X 86 -81.29 12.58 4.09
N LEU X 87 -81.71 11.36 4.44
CA LEU X 87 -82.45 10.53 3.50
C LEU X 87 -83.93 10.82 3.58
N GLY X 88 -84.45 11.10 4.77
CA GLY X 88 -85.83 11.49 4.90
C GLY X 88 -86.67 10.50 5.66
N TYR X 89 -86.03 9.62 6.43
CA TYR X 89 -86.75 8.58 7.16
C TYR X 89 -87.24 9.18 8.47
N THR X 90 -88.24 10.05 8.38
CA THR X 90 -88.65 10.86 9.51
C THR X 90 -89.54 10.13 10.50
N ASP X 91 -90.20 9.05 10.08
CA ASP X 91 -91.00 8.27 11.01
C ASP X 91 -90.12 7.35 11.85
N GLN X 92 -88.91 7.07 11.36
CA GLN X 92 -87.93 6.41 12.22
C GLN X 92 -87.41 7.37 13.27
N ILE X 93 -87.38 8.67 12.96
CA ILE X 93 -86.82 9.66 13.88
C ILE X 93 -87.71 9.81 15.11
N ASN X 94 -89.02 9.80 14.91
CA ASN X 94 -89.96 10.16 15.97
C ASN X 94 -90.01 9.11 17.07
N VAL X 95 -89.64 7.87 16.73
CA VAL X 95 -89.66 6.81 17.73
C VAL X 95 -88.39 6.86 18.57
N VAL X 96 -87.27 7.27 17.97
CA VAL X 96 -86.01 7.35 18.70
C VAL X 96 -86.00 8.55 19.64
N MET X 97 -86.71 9.62 19.27
CA MET X 97 -86.83 10.77 20.16
C MET X 97 -87.66 10.42 21.40
N ARG X 98 -88.55 9.44 21.28
CA ARG X 98 -89.29 8.97 22.45
C ARG X 98 -88.51 7.93 23.24
N THR X 99 -87.30 7.60 22.81
CA THR X 99 -86.54 6.54 23.44
C THR X 99 -85.44 7.07 24.35
N VAL X 100 -84.78 8.16 23.95
CA VAL X 100 -83.72 8.79 24.73
C VAL X 100 -84.35 9.52 25.92
N PRO X 101 -83.60 9.90 26.96
CA PRO X 101 -84.20 10.66 28.06
C PRO X 101 -84.61 12.07 27.63
N ALA X 102 -85.34 12.73 28.52
CA ALA X 102 -86.02 13.97 28.18
C ALA X 102 -85.04 15.11 28.03
N GLU X 103 -83.99 15.13 28.85
CA GLU X 103 -83.04 16.24 28.82
C GLU X 103 -82.12 16.19 27.61
N TRP X 104 -82.05 15.07 26.90
CA TRP X 104 -81.23 15.00 25.71
C TRP X 104 -82.02 15.09 24.43
N ARG X 105 -83.34 15.28 24.50
CA ARG X 105 -84.12 15.49 23.29
C ARG X 105 -83.82 16.84 22.67
N ASP X 106 -83.39 17.79 23.49
CA ASP X 106 -83.00 19.10 22.99
C ASP X 106 -81.66 19.03 22.27
N PHE X 107 -80.85 18.03 22.60
CA PHE X 107 -79.55 17.90 21.97
C PHE X 107 -79.65 17.26 20.60
N LEU X 108 -80.56 16.29 20.45
CA LEU X 108 -80.67 15.56 19.20
C LEU X 108 -81.25 16.46 18.11
N THR X 109 -82.11 17.41 18.49
CA THR X 109 -82.58 18.37 17.51
C THR X 109 -81.57 19.49 17.29
N GLN X 110 -80.57 19.61 18.16
CA GLN X 110 -79.50 20.58 17.96
C GLN X 110 -78.50 20.08 16.93
N ILE X 111 -78.27 18.77 16.88
CA ILE X 111 -77.43 18.19 15.85
C ILE X 111 -78.13 18.26 14.49
N MET X 112 -79.44 18.09 14.47
CA MET X 112 -80.16 18.04 13.20
C MET X 112 -80.37 19.44 12.62
N GLU X 113 -81.08 20.30 13.36
CA GLU X 113 -81.48 21.60 12.84
C GLU X 113 -80.52 22.73 13.19
N ASN X 114 -80.09 22.80 14.45
CA ASN X 114 -79.29 23.96 14.86
C ASN X 114 -77.83 23.83 14.40
N THR X 115 -77.41 22.65 13.99
CA THR X 115 -76.13 22.45 13.32
C THR X 115 -76.41 21.86 11.95
N GLN X 116 -77.35 22.47 11.23
CA GLN X 116 -77.64 22.05 9.88
C GLN X 116 -76.54 22.52 8.93
N MET X 117 -76.11 23.76 9.08
CA MET X 117 -75.19 24.37 8.14
C MET X 117 -73.80 23.76 8.25
N GLU X 118 -73.42 23.32 9.45
CA GLU X 118 -72.08 22.78 9.62
C GLU X 118 -72.05 21.27 9.41
N SER X 119 -72.87 20.54 10.15
CA SER X 119 -72.78 19.08 10.18
C SER X 119 -73.41 18.43 8.96
N MET X 120 -74.56 18.93 8.50
CA MET X 120 -75.22 18.28 7.37
C MET X 120 -74.52 18.61 6.06
N TYR X 121 -73.79 19.73 6.01
CA TYR X 121 -73.01 20.05 4.82
C TYR X 121 -71.80 19.14 4.71
N SER X 122 -71.32 18.62 5.84
CA SER X 122 -70.18 17.70 5.80
C SER X 122 -70.64 16.31 5.35
N GLU X 123 -71.84 15.90 5.75
CA GLU X 123 -72.40 14.66 5.24
C GLU X 123 -72.76 14.81 3.76
N LEU X 124 -73.17 16.01 3.36
CA LEU X 124 -73.45 16.26 1.95
C LEU X 124 -72.20 16.20 1.09
N ARG X 125 -71.03 16.43 1.69
CA ARG X 125 -69.78 16.26 0.98
C ARG X 125 -69.23 14.84 1.12
N LYS X 126 -69.54 14.15 2.21
CA LYS X 126 -69.04 12.79 2.42
C LYS X 126 -69.63 11.83 1.41
N VAL X 127 -70.83 12.11 0.91
CA VAL X 127 -71.46 11.23 -0.06
C VAL X 127 -71.06 11.62 -1.49
N ARG X 128 -70.04 12.45 -1.62
CA ARG X 128 -69.51 12.81 -2.94
C ARG X 128 -67.98 12.66 -3.01
N ILE Y 10 45.33 -3.43 12.80
CA ILE Y 10 45.26 -4.89 12.87
C ILE Y 10 46.62 -5.45 13.27
N ALA Y 11 47.59 -5.35 12.37
CA ALA Y 11 48.88 -6.02 12.52
C ALA Y 11 50.02 -5.02 12.37
N GLU Y 12 51.17 -5.35 12.97
CA GLU Y 12 52.20 -4.34 13.22
C GLU Y 12 53.64 -4.80 12.96
N THR Y 13 53.90 -5.60 11.94
CA THR Y 13 55.30 -5.94 11.70
C THR Y 13 55.98 -4.79 10.94
N LEU Y 14 57.29 -4.95 10.72
CA LEU Y 14 58.07 -3.86 10.14
C LEU Y 14 57.85 -3.74 8.64
N THR Y 15 57.32 -4.79 8.01
CA THR Y 15 56.97 -4.72 6.59
C THR Y 15 55.85 -3.72 6.36
N GLU Y 16 54.75 -3.89 7.09
CA GLU Y 16 53.61 -2.99 6.95
C GLU Y 16 53.83 -1.69 7.69
N LYS Y 17 54.85 -1.61 8.55
CA LYS Y 17 55.27 -0.31 9.06
C LYS Y 17 55.97 0.49 7.97
N HIS Y 18 56.70 -0.20 7.10
CA HIS Y 18 57.37 0.46 5.98
C HIS Y 18 56.37 0.90 4.92
N THR Y 19 55.29 0.14 4.75
CA THR Y 19 54.28 0.46 3.75
C THR Y 19 53.46 1.68 4.18
N LEU Y 20 53.03 1.71 5.44
CA LEU Y 20 52.21 2.82 5.92
C LEU Y 20 53.01 4.10 6.05
N GLY Y 21 54.34 4.02 6.08
CA GLY Y 21 55.13 5.23 6.01
C GLY Y 21 55.25 5.76 4.59
N ILE Y 22 55.09 4.87 3.61
CA ILE Y 22 55.14 5.29 2.21
C ILE Y 22 53.79 5.86 1.79
N GLU Y 23 52.70 5.24 2.26
CA GLU Y 23 51.36 5.66 1.88
C GLU Y 23 51.02 7.03 2.44
N LYS Y 24 51.68 7.44 3.52
CA LYS Y 24 51.46 8.79 4.03
C LYS Y 24 52.30 9.81 3.28
N VAL Y 25 53.35 9.37 2.58
CA VAL Y 25 54.21 10.31 1.85
C VAL Y 25 53.55 10.72 0.56
N VAL Y 26 53.04 9.74 -0.20
CA VAL Y 26 52.43 10.02 -1.48
C VAL Y 26 51.04 10.63 -1.30
N ALA Y 27 50.47 10.52 -0.09
CA ALA Y 27 49.19 11.16 0.19
C ALA Y 27 49.36 12.66 0.33
N THR Y 28 50.29 13.08 1.18
CA THR Y 28 50.43 14.49 1.50
C THR Y 28 51.51 15.19 0.69
N ASP Y 29 52.19 14.46 -0.21
CA ASP Y 29 53.23 15.00 -1.10
C ASP Y 29 54.39 15.59 -0.29
N SER Y 30 55.08 14.73 0.44
CA SER Y 30 56.18 15.17 1.29
C SER Y 30 57.54 14.99 0.64
N TRP Y 31 57.64 14.20 -0.43
CA TRP Y 31 58.92 13.98 -1.07
C TRP Y 31 59.35 15.21 -1.86
N ARG Y 32 58.42 15.80 -2.61
CA ARG Y 32 58.78 16.96 -3.43
C ARG Y 32 58.89 18.22 -2.59
N VAL Y 33 58.13 18.31 -1.51
CA VAL Y 33 58.27 19.46 -0.62
C VAL Y 33 59.42 19.25 0.35
N GLY Y 34 59.94 18.02 0.45
CA GLY Y 34 61.13 17.81 1.24
C GLY Y 34 62.37 18.30 0.54
N ILE Y 35 62.37 18.31 -0.79
CA ILE Y 35 63.53 18.76 -1.53
C ILE Y 35 63.48 20.27 -1.74
N THR Y 36 62.36 20.76 -2.25
CA THR Y 36 62.23 22.16 -2.63
C THR Y 36 62.17 23.12 -1.45
N SER Y 37 61.95 22.64 -0.24
CA SER Y 37 62.01 23.50 0.93
C SER Y 37 63.41 23.67 1.48
N ARG Y 38 64.35 22.82 1.06
CA ARG Y 38 65.70 22.93 1.59
C ARG Y 38 66.49 24.01 0.88
N GLU Y 39 66.79 23.80 -0.41
CA GLU Y 39 67.39 24.77 -1.33
C GLU Y 39 68.75 25.32 -0.94
N LYS Y 40 69.31 24.87 0.18
CA LYS Y 40 70.64 25.20 0.65
C LYS Y 40 71.55 23.99 0.68
N LYS Y 41 70.99 22.84 1.05
CA LYS Y 41 71.72 21.59 0.95
C LYS Y 41 71.91 21.14 -0.48
N LEU Y 42 71.13 21.68 -1.42
CA LEU Y 42 71.21 21.23 -2.80
C LEU Y 42 72.48 21.72 -3.48
N GLU Y 43 73.17 22.71 -2.89
CA GLU Y 43 74.44 23.16 -3.45
C GLU Y 43 75.56 22.19 -3.14
N ARG Y 44 75.31 21.18 -2.32
CA ARG Y 44 76.31 20.14 -2.08
C ARG Y 44 76.47 19.22 -3.29
N ILE Y 45 75.45 19.19 -4.15
CA ILE Y 45 75.53 18.37 -5.36
C ILE Y 45 76.51 18.98 -6.34
N ASN Y 46 76.53 20.31 -6.43
CA ASN Y 46 77.40 21.00 -7.36
C ASN Y 46 78.86 20.86 -6.96
N ILE Y 47 79.15 20.87 -5.66
CA ILE Y 47 80.52 20.69 -5.21
C ILE Y 47 80.94 19.24 -5.35
N SER Y 48 79.98 18.32 -5.23
CA SER Y 48 80.28 16.91 -5.39
C SER Y 48 80.63 16.57 -6.84
N ALA Y 49 80.00 17.26 -7.78
CA ALA Y 49 80.36 17.05 -9.19
C ALA Y 49 81.68 17.70 -9.52
N GLU Y 50 82.11 18.67 -8.70
CA GLU Y 50 83.36 19.36 -8.95
C GLU Y 50 84.56 18.49 -8.59
N ILE Y 51 84.51 17.85 -7.42
CA ILE Y 51 85.59 16.97 -6.99
C ILE Y 51 85.60 15.72 -7.86
N SER Y 52 84.42 15.28 -8.30
CA SER Y 52 84.31 14.10 -9.14
C SER Y 52 85.02 14.29 -10.47
N ARG Y 53 84.89 15.47 -11.05
CA ARG Y 53 85.56 15.75 -12.32
C ARG Y 53 87.06 15.91 -12.10
N ARG Y 54 87.44 16.49 -10.97
CA ARG Y 54 88.86 16.77 -10.72
C ARG Y 54 89.64 15.49 -10.46
N ILE Y 55 89.02 14.50 -9.83
CA ILE Y 55 89.70 13.24 -9.55
C ILE Y 55 89.88 12.44 -10.83
N GLN Y 56 88.89 12.53 -11.72
CA GLN Y 56 88.90 11.73 -12.95
C GLN Y 56 89.96 12.20 -13.93
N ASP Y 57 90.19 13.51 -14.01
CA ASP Y 57 91.17 14.03 -14.96
C ASP Y 57 92.59 13.73 -14.52
N GLU Y 58 92.85 13.73 -13.21
CA GLU Y 58 94.17 13.34 -12.76
C GLU Y 58 94.39 11.84 -12.88
N ALA Y 59 93.31 11.07 -12.95
CA ALA Y 59 93.45 9.63 -13.17
C ALA Y 59 93.92 9.33 -14.58
N ILE Y 60 93.38 10.04 -15.56
CA ILE Y 60 93.80 9.83 -16.95
C ILE Y 60 95.17 10.47 -17.17
N ALA Y 61 95.44 11.59 -16.49
CA ALA Y 61 96.76 12.22 -16.60
C ALA Y 61 97.84 11.35 -15.98
N TYR Y 62 97.51 10.62 -14.91
CA TYR Y 62 98.45 9.70 -14.29
C TYR Y 62 98.77 8.55 -15.22
N ALA Y 63 97.75 8.00 -15.89
CA ALA Y 63 97.95 6.80 -16.69
C ALA Y 63 98.68 7.08 -17.99
N ARG Y 64 98.74 8.33 -18.43
CA ARG Y 64 99.45 8.63 -19.66
C ARG Y 64 100.91 8.97 -19.43
N ASN Y 65 101.29 9.36 -18.23
CA ASN Y 65 102.69 9.64 -17.95
C ASN Y 65 103.45 8.36 -17.62
N LYS Y 66 102.74 7.32 -17.19
CA LYS Y 66 103.36 6.05 -16.87
C LYS Y 66 103.06 4.96 -17.89
N GLY Y 67 102.18 5.23 -18.85
CA GLY Y 67 101.89 4.25 -19.88
C GLY Y 67 101.08 3.06 -19.45
N ILE Y 68 100.45 3.12 -18.28
CA ILE Y 68 99.62 2.04 -17.77
C ILE Y 68 98.20 2.28 -18.27
N PRO Y 69 97.39 1.23 -18.47
CA PRO Y 69 96.01 1.45 -18.88
C PRO Y 69 95.20 2.06 -17.75
N TYR Y 70 94.22 2.89 -18.12
CA TYR Y 70 93.37 3.53 -17.13
C TYR Y 70 92.47 2.50 -16.49
N LEU Y 71 92.49 2.47 -15.15
CA LEU Y 71 91.76 1.47 -14.40
C LEU Y 71 90.44 2.06 -13.94
N PRO Y 72 89.31 1.68 -14.53
CA PRO Y 72 88.04 2.28 -14.11
C PRO Y 72 87.61 1.78 -12.76
N GLY Y 73 87.07 2.69 -11.95
CA GLY Y 73 86.78 2.41 -10.57
C GLY Y 73 87.85 2.85 -9.60
N ILE Y 74 88.95 3.40 -10.09
CA ILE Y 74 89.96 3.96 -9.20
C ILE Y 74 89.60 5.38 -8.81
N ASN Y 75 88.59 5.97 -9.45
CA ASN Y 75 88.05 7.24 -8.99
C ASN Y 75 87.41 7.08 -7.62
N GLY Y 76 86.49 6.12 -7.51
CA GLY Y 76 85.73 5.97 -6.28
C GLY Y 76 86.56 5.43 -5.14
N ILE Y 77 87.62 4.69 -5.46
CA ILE Y 77 88.58 4.29 -4.42
C ILE Y 77 89.28 5.52 -3.87
N ALA Y 78 89.74 6.40 -4.76
CA ALA Y 78 90.47 7.60 -4.32
C ALA Y 78 89.55 8.63 -3.71
N TRP Y 79 88.24 8.52 -3.95
CA TRP Y 79 87.32 9.47 -3.35
C TRP Y 79 86.92 9.03 -1.95
N LYS Y 80 86.83 7.73 -1.72
CA LYS Y 80 86.55 7.26 -0.38
C LYS Y 80 87.72 7.54 0.54
N LEU Y 81 88.94 7.38 0.04
CA LEU Y 81 90.12 7.62 0.86
C LEU Y 81 90.31 9.11 1.13
N LEU Y 82 89.72 9.97 0.29
CA LEU Y 82 89.70 11.39 0.60
C LEU Y 82 88.77 11.67 1.77
N ARG Y 83 87.65 10.96 1.84
CA ARG Y 83 86.67 11.20 2.89
C ARG Y 83 87.11 10.59 4.21
N LEU Y 84 87.77 9.43 4.16
CA LEU Y 84 88.18 8.77 5.39
C LEU Y 84 89.39 9.46 6.00
N LYS Y 85 90.22 10.08 5.16
CA LYS Y 85 91.31 10.91 5.68
C LYS Y 85 90.75 12.11 6.43
N TRP Y 86 89.62 12.64 5.97
CA TRP Y 86 88.97 13.74 6.66
C TRP Y 86 88.42 13.32 8.01
N LEU Y 87 87.87 12.10 8.10
CA LEU Y 87 87.30 11.64 9.35
C LEU Y 87 88.38 11.17 10.31
N GLY Y 88 89.35 10.42 9.82
CA GLY Y 88 90.44 9.97 10.65
C GLY Y 88 90.53 8.45 10.76
N TYR Y 89 90.00 7.75 9.76
CA TYR Y 89 89.94 6.30 9.80
C TYR Y 89 91.13 5.74 9.04
N THR Y 90 92.29 5.75 9.69
CA THR Y 90 93.55 5.45 9.02
C THR Y 90 93.80 3.96 8.82
N ASP Y 91 93.29 3.10 9.69
CA ASP Y 91 93.46 1.67 9.44
C ASP Y 91 92.45 1.16 8.43
N GLN Y 92 91.41 1.95 8.16
CA GLN Y 92 90.61 1.71 6.96
C GLN Y 92 91.44 2.01 5.71
N ILE Y 93 92.30 3.02 5.78
CA ILE Y 93 93.14 3.40 4.65
C ILE Y 93 94.18 2.32 4.38
N ASN Y 94 94.74 1.76 5.45
CA ASN Y 94 95.93 0.92 5.34
C ASN Y 94 95.63 -0.41 4.65
N VAL Y 95 94.40 -0.90 4.79
CA VAL Y 95 94.06 -2.17 4.16
C VAL Y 95 93.68 -1.94 2.70
N VAL Y 96 93.12 -0.77 2.38
CA VAL Y 96 92.76 -0.47 1.00
C VAL Y 96 94.01 -0.27 0.15
N MET Y 97 95.06 0.32 0.75
CA MET Y 97 96.31 0.54 0.03
C MET Y 97 97.02 -0.78 -0.28
N ARG Y 98 96.76 -1.82 0.51
CA ARG Y 98 97.32 -3.13 0.19
C ARG Y 98 96.53 -3.82 -0.92
N THR Y 99 95.30 -3.39 -1.17
CA THR Y 99 94.42 -4.12 -2.09
C THR Y 99 94.68 -3.75 -3.54
N VAL Y 100 94.90 -2.47 -3.83
CA VAL Y 100 95.03 -1.94 -5.18
C VAL Y 100 96.33 -2.41 -5.82
N PRO Y 101 96.47 -2.39 -7.16
CA PRO Y 101 97.75 -2.75 -7.77
C PRO Y 101 98.85 -1.75 -7.44
N ALA Y 102 100.09 -2.19 -7.68
CA ALA Y 102 101.25 -1.49 -7.13
C ALA Y 102 101.54 -0.19 -7.85
N GLU Y 103 101.29 -0.15 -9.16
CA GLU Y 103 101.54 1.08 -9.91
C GLU Y 103 100.50 2.16 -9.66
N TRP Y 104 99.38 1.82 -9.03
CA TRP Y 104 98.32 2.79 -8.76
C TRP Y 104 98.28 3.27 -7.32
N ARG Y 105 99.20 2.83 -6.47
CA ARG Y 105 99.19 3.25 -5.08
C ARG Y 105 99.66 4.69 -4.92
N ASP Y 106 100.55 5.12 -5.81
CA ASP Y 106 101.10 6.46 -5.71
C ASP Y 106 100.08 7.50 -6.16
N PHE Y 107 99.12 7.07 -6.98
CA PHE Y 107 98.02 7.95 -7.33
C PHE Y 107 97.07 8.12 -6.15
N LEU Y 108 96.91 7.08 -5.32
CA LEU Y 108 95.97 7.16 -4.22
C LEU Y 108 96.51 8.05 -3.11
N THR Y 109 97.83 8.08 -2.93
CA THR Y 109 98.40 9.04 -2.00
C THR Y 109 98.58 10.40 -2.64
N GLN Y 110 98.37 10.50 -3.96
CA GLN Y 110 98.40 11.81 -4.62
C GLN Y 110 97.11 12.56 -4.39
N ILE Y 111 95.98 11.86 -4.39
CA ILE Y 111 94.69 12.51 -4.09
C ILE Y 111 94.64 12.96 -2.65
N MET Y 112 95.20 12.17 -1.73
CA MET Y 112 95.20 12.53 -0.31
C MET Y 112 96.12 13.71 -0.02
N GLU Y 113 97.40 13.58 -0.37
CA GLU Y 113 98.40 14.52 0.11
C GLU Y 113 98.86 15.52 -0.95
N ASN Y 114 99.08 15.08 -2.19
CA ASN Y 114 99.69 15.96 -3.17
C ASN Y 114 98.70 16.99 -3.70
N THR Y 115 97.41 16.72 -3.64
CA THR Y 115 96.38 17.73 -3.86
C THR Y 115 95.52 17.90 -2.62
N GLN Y 116 96.18 17.89 -1.46
CA GLN Y 116 95.52 18.20 -0.20
C GLN Y 116 94.96 19.60 -0.18
N MET Y 117 95.67 20.55 -0.79
CA MET Y 117 95.22 21.94 -0.73
C MET Y 117 93.97 22.16 -1.57
N GLU Y 118 93.85 21.48 -2.71
CA GLU Y 118 92.70 21.72 -3.58
C GLU Y 118 91.50 20.88 -3.15
N SER Y 119 91.71 19.59 -2.91
CA SER Y 119 90.59 18.67 -2.76
C SER Y 119 90.04 18.63 -1.34
N MET Y 120 90.90 18.68 -0.31
CA MET Y 120 90.42 18.65 1.06
C MET Y 120 89.73 19.96 1.43
N TYR Y 121 90.13 21.06 0.77
CA TYR Y 121 89.43 22.32 0.96
C TYR Y 121 88.02 22.26 0.40
N SER Y 122 87.80 21.43 -0.62
CA SER Y 122 86.46 21.29 -1.19
C SER Y 122 85.57 20.45 -0.27
N GLU Y 123 86.12 19.38 0.29
CA GLU Y 123 85.34 18.56 1.22
C GLU Y 123 85.11 19.30 2.53
N LEU Y 124 86.08 20.11 2.97
CA LEU Y 124 85.85 20.98 4.12
C LEU Y 124 84.77 22.01 3.84
N ARG Y 125 84.58 22.39 2.58
CA ARG Y 125 83.53 23.31 2.21
C ARG Y 125 82.19 22.61 2.04
N LYS Y 126 82.19 21.38 1.54
CA LYS Y 126 80.95 20.69 1.23
C LYS Y 126 80.20 20.28 2.49
N VAL Y 127 80.90 19.76 3.49
CA VAL Y 127 80.25 19.29 4.70
C VAL Y 127 79.88 20.49 5.56
N ARG Y 128 80.52 21.62 5.30
CA ARG Y 128 80.15 22.88 5.93
C ARG Y 128 79.02 23.53 5.14
N SER Z 2 18.38 -9.90 -77.21
CA SER Z 2 18.99 -9.05 -76.20
C SER Z 2 19.09 -9.84 -74.90
N VAL Z 3 20.07 -9.51 -74.07
CA VAL Z 3 20.20 -10.17 -72.77
C VAL Z 3 19.46 -9.44 -71.67
N GLU Z 4 18.88 -8.27 -71.96
CA GLU Z 4 18.13 -7.56 -70.94
C GLU Z 4 16.77 -8.22 -70.73
N VAL Z 5 16.19 -8.76 -71.78
CA VAL Z 5 14.95 -9.53 -71.63
C VAL Z 5 15.27 -10.88 -71.02
N TYR Z 6 16.52 -11.34 -71.18
CA TYR Z 6 16.96 -12.57 -70.53
C TYR Z 6 17.06 -12.40 -69.03
N ARG Z 7 17.70 -11.32 -68.57
CA ARG Z 7 17.96 -11.12 -67.15
C ARG Z 7 16.69 -10.84 -66.36
N GLN Z 8 15.67 -10.30 -67.02
CA GLN Z 8 14.44 -9.99 -66.29
C GLN Z 8 13.60 -11.22 -66.06
N LYS Z 9 13.85 -12.30 -66.80
CA LYS Z 9 13.12 -13.54 -66.57
C LYS Z 9 13.90 -14.51 -65.70
N ILE Z 10 15.23 -14.35 -65.64
CA ILE Z 10 16.04 -15.21 -64.79
C ILE Z 10 15.83 -14.86 -63.33
N GLU Z 11 15.75 -13.57 -63.01
CA GLU Z 11 15.64 -13.14 -61.62
C GLU Z 11 14.28 -13.43 -61.00
N LYS Z 12 13.30 -13.86 -61.78
CA LYS Z 12 12.02 -14.26 -61.25
C LYS Z 12 12.03 -15.64 -60.62
N GLY Z 13 13.12 -16.39 -60.76
CA GLY Z 13 13.25 -17.69 -60.12
C GLY Z 13 12.34 -18.75 -60.69
N GLY Z 14 12.58 -19.16 -61.93
CA GLY Z 14 11.72 -20.13 -62.56
C GLY Z 14 12.15 -21.57 -62.35
N TYR Z 15 13.44 -21.80 -62.11
CA TYR Z 15 13.94 -23.15 -61.90
C TYR Z 15 13.46 -23.72 -60.58
N SER Z 16 13.44 -22.89 -59.55
CA SER Z 16 12.97 -23.34 -58.24
C SER Z 16 11.46 -23.47 -58.22
N ALA Z 17 10.76 -22.55 -58.90
CA ALA Z 17 9.31 -22.56 -58.86
C ALA Z 17 8.73 -23.70 -59.69
N ALA Z 18 9.46 -24.13 -60.72
CA ALA Z 18 9.01 -25.28 -61.49
C ALA Z 18 9.24 -26.57 -60.73
N TYR Z 19 10.32 -26.64 -59.95
CA TYR Z 19 10.58 -27.80 -59.12
C TYR Z 19 9.57 -27.89 -57.98
N GLU Z 20 9.19 -26.75 -57.41
CA GLU Z 20 8.31 -26.77 -56.24
C GLU Z 20 6.87 -27.08 -56.64
N ALA Z 21 6.43 -26.60 -57.81
CA ALA Z 21 5.09 -26.91 -58.26
C ALA Z 21 4.98 -28.38 -58.68
N THR Z 22 6.09 -28.99 -59.05
CA THR Z 22 6.10 -30.41 -59.36
C THR Z 22 5.85 -31.24 -58.12
N ARG Z 23 6.48 -30.85 -57.01
CA ARG Z 23 6.34 -31.58 -55.75
C ARG Z 23 4.93 -31.50 -55.20
N ARG Z 24 4.26 -30.37 -55.43
CA ARG Z 24 2.87 -30.22 -54.98
C ARG Z 24 1.94 -31.12 -55.78
N TYR Z 25 2.28 -31.41 -57.02
CA TYR Z 25 1.45 -32.32 -57.80
C TYR Z 25 1.58 -33.75 -57.29
N GLU Z 26 2.81 -34.16 -56.96
CA GLU Z 26 3.02 -35.51 -56.44
C GLU Z 26 2.47 -35.68 -55.04
N ARG Z 27 2.36 -34.61 -54.27
CA ARG Z 27 1.74 -34.65 -52.96
C ARG Z 27 0.25 -34.34 -53.02
N GLU Z 28 -0.35 -34.52 -54.21
CA GLU Z 28 -1.78 -34.48 -54.48
C GLU Z 28 -2.45 -33.18 -54.07
N GLU Z 29 -1.72 -32.07 -54.06
CA GLU Z 29 -2.26 -30.80 -53.65
C GLU Z 29 -2.75 -29.95 -54.80
N ILE Z 30 -2.58 -30.40 -56.04
CA ILE Z 30 -2.92 -29.61 -57.21
C ILE Z 30 -3.63 -30.54 -58.20
N GLU Z 31 -4.81 -30.11 -58.64
CA GLU Z 31 -5.56 -30.87 -59.62
C GLU Z 31 -5.36 -30.27 -61.00
N VAL Z 32 -5.80 -31.02 -62.01
CA VAL Z 32 -5.64 -30.63 -63.41
C VAL Z 32 -6.54 -29.44 -63.70
N LEU Z 33 -5.94 -28.38 -64.24
CA LEU Z 33 -6.66 -27.15 -64.54
C LEU Z 33 -7.70 -27.38 -65.62
N SER Z 34 -8.79 -26.61 -65.58
CA SER Z 34 -9.87 -26.80 -66.54
C SER Z 34 -9.51 -26.28 -67.92
N TRP Z 35 -8.46 -25.46 -68.02
CA TRP Z 35 -7.99 -25.05 -69.34
C TRP Z 35 -7.30 -26.20 -70.04
N SER Z 36 -6.61 -27.06 -69.28
CA SER Z 36 -5.93 -28.20 -69.86
C SER Z 36 -6.91 -29.24 -70.35
N SER Z 37 -8.07 -29.34 -69.70
CA SER Z 37 -9.08 -30.29 -70.14
C SER Z 37 -9.72 -29.83 -71.45
N ARG Z 38 -9.90 -28.52 -71.61
CA ARG Z 38 -10.44 -28.00 -72.85
C ARG Z 38 -9.39 -27.98 -73.94
N TRP Z 39 -8.11 -28.00 -73.56
CA TRP Z 39 -7.04 -27.95 -74.54
C TRP Z 39 -6.89 -29.28 -75.26
N GLU Z 40 -6.78 -30.37 -74.52
CA GLU Z 40 -6.51 -31.67 -75.14
C GLU Z 40 -7.74 -32.21 -75.85
N SER Z 41 -8.93 -31.69 -75.52
CA SER Z 41 -10.12 -32.10 -76.27
C SER Z 41 -10.10 -31.54 -77.67
N ALA Z 42 -9.56 -30.35 -77.86
CA ALA Z 42 -9.54 -29.73 -79.18
C ALA Z 42 -8.26 -30.02 -79.94
N TRP Z 43 -7.16 -30.27 -79.25
CA TRP Z 43 -5.87 -30.37 -79.92
C TRP Z 43 -5.56 -31.77 -80.43
N SER Z 44 -6.14 -32.82 -79.85
CA SER Z 44 -5.70 -34.20 -80.11
C SER Z 44 -5.95 -34.62 -81.55
N LYS Z 45 -6.87 -33.96 -82.23
CA LYS Z 45 -7.09 -34.22 -83.65
C LYS Z 45 -5.98 -33.59 -84.50
N PHE Z 46 -5.31 -32.57 -83.97
CA PHE Z 46 -4.23 -31.94 -84.72
C PHE Z 46 -2.91 -32.66 -84.50
N GLY Z 47 -2.80 -33.43 -83.42
CA GLY Z 47 -1.54 -34.06 -83.12
C GLY Z 47 -1.29 -35.30 -83.97
N GLU Z 48 -2.35 -36.05 -84.24
CA GLU Z 48 -2.19 -37.32 -84.94
C GLU Z 48 -2.05 -37.12 -86.44
N ALA Z 49 -2.52 -35.99 -86.96
CA ALA Z 49 -2.42 -35.75 -88.39
C ALA Z 49 -1.01 -35.36 -88.80
N VAL Z 50 -0.28 -34.69 -87.91
CA VAL Z 50 1.11 -34.34 -88.19
C VAL Z 50 1.98 -35.58 -88.14
N LYS Z 51 1.66 -36.54 -87.26
CA LYS Z 51 2.42 -37.79 -87.22
C LYS Z 51 2.11 -38.67 -88.43
N ALA Z 52 1.02 -38.40 -89.14
CA ALA Z 52 0.73 -39.08 -90.39
C ALA Z 52 1.50 -38.50 -91.57
N LEU Z 53 2.33 -37.49 -91.35
CA LEU Z 53 3.26 -36.99 -92.36
C LEU Z 53 4.65 -37.59 -92.18
N GLY Z 54 4.74 -38.82 -91.69
CA GLY Z 54 6.03 -39.38 -91.36
C GLY Z 54 6.80 -39.86 -92.58
N LYS Z 55 6.08 -40.25 -93.64
CA LYS Z 55 6.71 -40.83 -94.82
C LYS Z 55 7.12 -39.79 -95.86
N ILE Z 56 7.04 -38.50 -95.53
CA ILE Z 56 7.66 -37.46 -96.35
C ILE Z 56 9.10 -37.30 -95.86
N GLU Z 57 10.06 -37.44 -96.77
CA GLU Z 57 11.45 -37.51 -96.41
C GLU Z 57 12.25 -36.38 -97.03
N GLY Z 58 13.30 -35.97 -96.32
CA GLY Z 58 14.26 -35.05 -96.89
C GLY Z 58 14.56 -33.80 -96.09
N ALA Z 59 14.26 -32.67 -96.69
CA ALA Z 59 14.69 -31.32 -96.36
C ALA Z 59 13.94 -30.78 -95.14
N PRO Z 60 14.13 -29.49 -94.74
CA PRO Z 60 13.14 -28.86 -93.86
C PRO Z 60 11.70 -29.03 -94.31
N ARG Z 61 10.93 -29.80 -93.54
CA ARG Z 61 9.56 -30.14 -93.85
C ARG Z 61 8.56 -29.31 -93.07
N ALA Z 62 8.95 -28.10 -92.65
CA ALA Z 62 8.09 -27.32 -91.78
C ALA Z 62 6.90 -26.74 -92.53
N LEU Z 63 7.08 -26.37 -93.80
CA LEU Z 63 6.00 -25.75 -94.56
C LEU Z 63 4.92 -26.77 -94.92
N VAL Z 64 5.32 -28.02 -95.12
CA VAL Z 64 4.34 -29.08 -95.36
C VAL Z 64 3.55 -29.35 -94.08
N ILE Z 65 4.22 -29.26 -92.94
CA ILE Z 65 3.59 -29.55 -91.65
C ILE Z 65 2.66 -28.41 -91.25
N ALA Z 66 3.07 -27.18 -91.55
CA ALA Z 66 2.27 -26.02 -91.15
C ALA Z 66 0.99 -25.91 -91.96
N LYS Z 67 1.06 -26.14 -93.27
CA LYS Z 67 -0.09 -25.92 -94.12
C LYS Z 67 -1.09 -27.07 -94.04
N VAL Z 68 -0.70 -28.20 -93.48
CA VAL Z 68 -1.67 -29.23 -93.15
C VAL Z 68 -2.45 -28.86 -91.90
N GLN Z 69 -1.76 -28.28 -90.91
CA GLN Z 69 -2.45 -27.79 -89.72
C GLN Z 69 -3.35 -26.60 -90.05
N GLU Z 70 -2.97 -25.81 -91.05
CA GLU Z 70 -3.82 -24.72 -91.49
C GLU Z 70 -5.03 -25.23 -92.26
N ALA Z 71 -4.89 -26.40 -92.90
CA ALA Z 71 -5.99 -26.94 -93.68
C ALA Z 71 -7.02 -27.62 -92.80
N LEU Z 72 -6.58 -28.24 -91.72
CA LEU Z 72 -7.51 -28.87 -90.78
C LEU Z 72 -8.31 -27.84 -90.01
N ALA Z 73 -7.73 -26.65 -89.80
CA ALA Z 73 -8.37 -25.63 -88.98
C ALA Z 73 -9.61 -25.07 -89.65
N TYR Z 74 -9.64 -25.07 -90.98
CA TYR Z 74 -10.83 -24.63 -91.69
C TYR Z 74 -11.90 -25.72 -91.70
N MET Z 75 -11.47 -26.99 -91.71
CA MET Z 75 -12.44 -28.07 -91.72
C MET Z 75 -13.12 -28.24 -90.37
N SER Z 76 -12.49 -27.77 -89.30
CA SER Z 76 -12.94 -28.04 -87.94
C SER Z 76 -13.73 -26.90 -87.34
N LYS Z 77 -14.08 -25.88 -88.13
CA LYS Z 77 -14.91 -24.79 -87.64
C LYS Z 77 -16.35 -25.27 -87.46
N PRO Z 78 -17.18 -24.51 -86.74
CA PRO Z 78 -18.62 -24.82 -86.74
C PRO Z 78 -19.27 -24.69 -88.10
N LEU Z 79 -18.76 -23.81 -88.96
CA LEU Z 79 -19.18 -23.69 -90.35
C LEU Z 79 -17.96 -23.96 -91.21
N PRO Z 80 -17.69 -25.22 -91.56
CA PRO Z 80 -16.43 -25.55 -92.24
C PRO Z 80 -16.41 -25.05 -93.67
N ASN Z 81 -15.31 -24.40 -94.04
CA ASN Z 81 -15.13 -23.81 -95.36
C ASN Z 81 -14.18 -24.69 -96.14
N MET Z 82 -14.73 -25.57 -96.97
CA MET Z 82 -13.91 -26.50 -97.73
C MET Z 82 -13.23 -25.83 -98.92
N LYS Z 83 -13.60 -24.60 -99.25
CA LYS Z 83 -12.91 -23.91 -100.33
C LYS Z 83 -11.57 -23.33 -99.85
N LEU Z 84 -11.58 -22.66 -98.70
CA LEU Z 84 -10.35 -22.11 -98.16
C LEU Z 84 -9.47 -23.19 -97.55
N ALA Z 85 -10.04 -24.34 -97.22
CA ALA Z 85 -9.22 -25.45 -96.75
C ALA Z 85 -8.41 -26.04 -97.89
N MET Z 86 -8.98 -26.06 -99.10
CA MET Z 86 -8.23 -26.53 -100.25
C MET Z 86 -7.22 -25.50 -100.73
N ALA Z 87 -7.37 -24.24 -100.31
CA ALA Z 87 -6.40 -23.22 -100.66
C ALA Z 87 -5.07 -23.46 -99.96
N ALA Z 88 -5.11 -23.84 -98.68
CA ALA Z 88 -3.87 -24.08 -97.95
C ALA Z 88 -3.30 -25.45 -98.26
N ALA Z 89 -4.16 -26.38 -98.70
CA ALA Z 89 -3.71 -27.74 -98.95
C ALA Z 89 -2.83 -27.81 -100.20
N VAL Z 90 -3.18 -27.05 -101.24
CA VAL Z 90 -2.42 -27.10 -102.49
C VAL Z 90 -1.07 -26.40 -102.33
N GLN Z 91 -0.96 -25.51 -101.35
CA GLN Z 91 0.35 -24.96 -101.04
C GLN Z 91 1.23 -26.00 -100.35
N ALA Z 92 0.62 -26.90 -99.58
CA ALA Z 92 1.38 -27.96 -98.94
C ALA Z 92 1.85 -29.00 -99.94
N VAL Z 93 1.08 -29.26 -100.99
CA VAL Z 93 1.50 -30.21 -102.01
C VAL Z 93 2.62 -29.62 -102.86
N ARG Z 94 2.52 -28.33 -103.20
CA ARG Z 94 3.56 -27.71 -104.01
C ARG Z 94 4.83 -27.50 -103.20
N ALA Z 95 4.71 -27.32 -101.89
CA ALA Z 95 5.90 -27.26 -101.04
C ALA Z 95 6.51 -28.63 -100.85
N CYS Z 96 5.72 -29.69 -100.98
CA CYS Z 96 6.22 -31.04 -100.73
C CYS Z 96 7.05 -31.55 -101.89
N GLU Z 97 6.66 -31.21 -103.13
CA GLU Z 97 7.25 -31.87 -104.29
C GLU Z 97 8.63 -31.31 -104.63
N GLN Z 98 9.04 -30.23 -103.99
CA GLN Z 98 10.37 -29.70 -104.19
C GLN Z 98 11.43 -30.49 -103.45
N LEU Z 99 11.05 -31.32 -102.48
CA LEU Z 99 12.01 -32.09 -101.74
C LEU Z 99 12.54 -33.23 -102.60
N PRO Z 100 13.81 -33.59 -102.46
CA PRO Z 100 14.37 -34.69 -103.26
C PRO Z 100 13.78 -36.03 -102.84
N GLY Z 101 13.27 -36.76 -103.81
CA GLY Z 101 12.65 -38.05 -103.58
C GLY Z 101 11.15 -38.05 -103.65
N MET Z 102 10.51 -36.89 -103.58
CA MET Z 102 9.06 -36.81 -103.58
C MET Z 102 8.54 -36.47 -104.97
N ASN Z 103 7.62 -37.30 -105.46
CA ASN Z 103 6.87 -37.04 -106.66
C ASN Z 103 5.62 -36.25 -106.30
N ARG Z 104 4.90 -35.78 -107.32
CA ARG Z 104 3.67 -35.05 -107.07
C ARG Z 104 2.58 -35.99 -106.57
N GLU Z 105 2.59 -37.23 -107.03
CA GLU Z 105 1.56 -38.19 -106.62
C GLU Z 105 1.83 -38.69 -105.20
N ARG Z 106 3.09 -38.78 -104.80
CA ARG Z 106 3.41 -39.23 -103.46
C ARG Z 106 3.14 -38.12 -102.45
N CYS Z 107 3.24 -36.86 -102.87
CA CYS Z 107 2.83 -35.76 -102.00
C CYS Z 107 1.32 -35.69 -101.91
N LEU Z 108 0.63 -36.05 -102.99
CA LEU Z 108 -0.83 -36.12 -102.95
C LEU Z 108 -1.29 -37.31 -102.13
N ASP Z 109 -0.43 -38.31 -101.96
CA ASP Z 109 -0.72 -39.42 -101.06
C ASP Z 109 -0.71 -38.98 -99.62
N ALA Z 110 0.34 -38.26 -99.21
CA ALA Z 110 0.57 -38.00 -97.79
C ALA Z 110 -0.37 -36.93 -97.27
N VAL Z 111 -0.63 -35.89 -98.07
CA VAL Z 111 -1.45 -34.78 -97.61
C VAL Z 111 -2.91 -35.21 -97.54
N ALA Z 112 -3.39 -35.93 -98.55
CA ALA Z 112 -4.77 -36.41 -98.52
C ALA Z 112 -4.96 -37.52 -97.51
N GLY Z 113 -3.89 -38.25 -97.17
CA GLY Z 113 -3.99 -39.22 -96.10
C GLY Z 113 -4.00 -38.58 -94.73
N ALA Z 114 -3.30 -37.46 -94.58
CA ALA Z 114 -3.28 -36.76 -93.30
C ALA Z 114 -4.58 -36.02 -93.07
N LEU Z 115 -5.07 -35.30 -94.08
CA LEU Z 115 -6.33 -34.58 -93.95
C LEU Z 115 -7.54 -35.51 -93.92
N GLY Z 116 -7.42 -36.71 -94.47
CA GLY Z 116 -8.53 -37.62 -94.49
C GLY Z 116 -9.58 -37.29 -95.52
N VAL Z 117 -9.18 -36.81 -96.69
CA VAL Z 117 -10.12 -36.51 -97.77
C VAL Z 117 -9.67 -37.24 -99.03
N ALA Z 118 -10.47 -37.15 -100.08
CA ALA Z 118 -10.14 -37.78 -101.35
C ALA Z 118 -9.02 -37.04 -102.05
N LYS Z 119 -8.27 -37.77 -102.88
CA LYS Z 119 -7.13 -37.17 -103.55
C LYS Z 119 -7.56 -36.30 -104.72
N ASP Z 120 -8.76 -36.51 -105.25
CA ASP Z 120 -9.22 -35.70 -106.38
C ASP Z 120 -9.57 -34.28 -106.00
N TRP Z 121 -9.87 -34.02 -104.72
CA TRP Z 121 -10.21 -32.67 -104.30
C TRP Z 121 -9.00 -31.76 -104.29
N ILE Z 122 -7.83 -32.29 -103.98
CA ILE Z 122 -6.62 -31.49 -104.02
C ILE Z 122 -6.06 -31.42 -105.44
N ARG Z 123 -6.36 -32.41 -106.27
CA ARG Z 123 -5.91 -32.41 -107.66
C ARG Z 123 -6.63 -31.34 -108.47
N ARG Z 124 -7.86 -31.01 -108.09
CA ARG Z 124 -8.66 -30.04 -108.86
C ARG Z 124 -8.08 -28.64 -108.77
N GLU Z 125 -7.68 -28.22 -107.57
CA GLU Z 125 -7.28 -26.83 -107.38
C GLU Z 125 -5.84 -26.59 -107.82
N MET Z 126 -5.09 -27.64 -108.14
CA MET Z 126 -3.71 -27.48 -108.57
C MET Z 126 -3.65 -26.83 -109.96
N THR Z 127 -4.47 -27.32 -110.89
CA THR Z 127 -4.55 -26.92 -112.30
C THR Z 127 -3.19 -26.84 -113.01
N SER AA 2 38.43 -18.81 -64.25
CA SER AA 2 38.66 -17.70 -63.34
C SER AA 2 38.35 -18.13 -61.92
N VAL AA 3 38.89 -17.40 -60.94
CA VAL AA 3 38.66 -17.72 -59.55
C VAL AA 3 37.43 -16.97 -59.02
N GLU AA 4 37.05 -15.86 -59.65
CA GLU AA 4 35.92 -15.08 -59.18
C GLU AA 4 34.61 -15.83 -59.38
N VAL AA 5 34.54 -16.62 -60.44
CA VAL AA 5 33.38 -17.48 -60.65
C VAL AA 5 33.50 -18.73 -59.77
N TYR AA 6 34.73 -19.09 -59.41
CA TYR AA 6 34.95 -20.23 -58.53
C TYR AA 6 34.52 -19.93 -57.11
N ARG AA 7 34.89 -18.74 -56.62
CA ARG AA 7 34.64 -18.40 -55.22
C ARG AA 7 33.16 -18.20 -54.93
N GLN AA 8 32.39 -17.77 -55.91
CA GLN AA 8 30.98 -17.49 -55.67
C GLN AA 8 30.17 -18.76 -55.53
N LYS AA 9 30.61 -19.86 -56.13
CA LYS AA 9 29.89 -21.11 -55.97
C LYS AA 9 30.39 -21.91 -54.78
N ILE AA 10 31.55 -21.54 -54.24
CA ILE AA 10 32.04 -22.18 -53.03
C ILE AA 10 31.26 -21.72 -51.81
N GLU AA 11 30.94 -20.42 -51.76
CA GLU AA 11 30.33 -19.84 -50.57
C GLU AA 11 28.88 -20.23 -50.36
N LYS AA 12 28.26 -20.91 -51.31
CA LYS AA 12 26.90 -21.38 -51.14
C LYS AA 12 26.82 -22.69 -50.38
N GLY AA 13 27.96 -23.30 -50.05
CA GLY AA 13 27.98 -24.52 -49.27
C GLY AA 13 27.48 -25.73 -50.01
N GLY AA 14 28.17 -26.11 -51.08
CA GLY AA 14 27.74 -27.26 -51.86
C GLY AA 14 28.09 -28.58 -51.24
N TYR AA 15 29.17 -28.62 -50.45
CA TYR AA 15 29.63 -29.88 -49.88
C TYR AA 15 28.74 -30.31 -48.73
N SER AA 16 28.26 -29.35 -47.94
CA SER AA 16 27.40 -29.68 -46.82
C SER AA 16 26.00 -30.06 -47.29
N ALA AA 17 25.45 -29.31 -48.23
CA ALA AA 17 24.05 -29.53 -48.62
C ALA AA 17 23.91 -30.76 -49.49
N ALA AA 18 24.97 -31.16 -50.18
CA ALA AA 18 24.92 -32.43 -50.89
C ALA AA 18 25.00 -33.59 -49.90
N TYR AA 19 25.67 -33.38 -48.78
CA TYR AA 19 25.69 -34.38 -47.73
C TYR AA 19 24.33 -34.47 -47.04
N GLU AA 20 23.68 -33.33 -46.84
CA GLU AA 20 22.41 -33.31 -46.13
C GLU AA 20 21.29 -33.93 -46.96
N ALA AA 21 21.31 -33.72 -48.27
CA ALA AA 21 20.25 -34.26 -49.11
C ALA AA 21 20.39 -35.77 -49.26
N THR AA 22 21.60 -36.29 -49.07
CA THR AA 22 21.80 -37.74 -49.08
C THR AA 22 21.16 -38.37 -47.85
N ARG AA 23 21.26 -37.70 -46.71
CA ARG AA 23 20.72 -38.23 -45.47
C ARG AA 23 19.19 -38.26 -45.50
N ARG AA 24 18.58 -37.26 -46.12
CA ARG AA 24 17.12 -37.23 -46.23
C ARG AA 24 16.60 -38.34 -47.12
N TYR AA 25 17.39 -38.74 -48.10
CA TYR AA 25 17.02 -39.89 -48.91
C TYR AA 25 17.10 -41.17 -48.10
N GLU AA 26 18.13 -41.31 -47.26
CA GLU AA 26 18.27 -42.50 -46.45
C GLU AA 26 17.26 -42.54 -45.30
N ARG AA 27 16.70 -41.40 -44.91
CA ARG AA 27 15.66 -41.35 -43.90
C ARG AA 27 14.27 -41.23 -44.53
N GLU AA 28 14.14 -41.64 -45.80
CA GLU AA 28 12.90 -41.77 -46.55
C GLU AA 28 12.09 -40.48 -46.61
N GLU AA 29 12.74 -39.33 -46.63
CA GLU AA 29 12.03 -38.05 -46.70
C GLU AA 29 12.04 -37.44 -48.09
N ILE AA 30 12.63 -38.11 -49.07
CA ILE AA 30 12.72 -37.59 -50.43
C ILE AA 30 12.39 -38.71 -51.38
N GLU AA 31 11.45 -38.45 -52.29
CA GLU AA 31 11.09 -39.40 -53.32
C GLU AA 31 11.78 -39.02 -54.63
N VAL AA 32 11.63 -39.88 -55.62
CA VAL AA 32 12.21 -39.65 -56.94
C VAL AA 32 11.42 -38.56 -57.64
N LEU AA 33 12.12 -37.50 -58.06
CA LEU AA 33 11.49 -36.40 -58.76
C LEU AA 33 10.96 -36.86 -60.11
N SER AA 34 9.88 -36.24 -60.58
CA SER AA 34 9.26 -36.68 -61.83
C SER AA 34 10.08 -36.25 -63.03
N TRP AA 35 10.99 -35.30 -62.86
CA TRP AA 35 11.94 -34.98 -63.92
C TRP AA 35 12.90 -36.13 -64.14
N SER AA 36 13.22 -36.85 -63.07
CA SER AA 36 14.16 -37.96 -63.16
C SER AA 36 13.54 -39.16 -63.87
N SER AA 37 12.26 -39.40 -63.65
CA SER AA 37 11.62 -40.54 -64.28
C SER AA 37 11.38 -40.28 -65.76
N ARG AA 38 11.20 -39.02 -66.15
CA ARG AA 38 11.12 -38.69 -67.56
C ARG AA 38 12.50 -38.71 -68.20
N TRP AA 39 13.55 -38.55 -67.41
CA TRP AA 39 14.89 -38.51 -67.96
C TRP AA 39 15.38 -39.91 -68.31
N GLU AA 40 15.24 -40.85 -67.37
CA GLU AA 40 15.81 -42.18 -67.56
C GLU AA 40 15.02 -42.98 -68.59
N SER AA 41 13.76 -42.60 -68.83
CA SER AA 41 12.98 -43.29 -69.85
C SER AA 41 13.41 -42.87 -71.25
N ALA AA 42 13.91 -41.64 -71.41
CA ALA AA 42 14.26 -41.16 -72.74
C ALA AA 42 15.73 -41.36 -73.03
N TRP AA 43 16.59 -41.28 -72.03
CA TRP AA 43 18.03 -41.32 -72.23
C TRP AA 43 18.57 -42.73 -72.42
N SER AA 44 17.82 -43.75 -71.98
CA SER AA 44 18.36 -45.11 -71.84
C SER AA 44 18.73 -45.73 -73.18
N LYS AA 45 18.19 -45.22 -74.28
CA LYS AA 45 18.57 -45.73 -75.59
C LYS AA 45 19.93 -45.17 -76.01
N PHE AA 46 20.34 -44.04 -75.42
CA PHE AA 46 21.62 -43.44 -75.78
C PHE AA 46 22.74 -43.99 -74.92
N GLY AA 47 22.39 -44.64 -73.81
CA GLY AA 47 23.41 -45.10 -72.90
C GLY AA 47 24.04 -46.39 -73.34
N GLU AA 48 23.21 -47.30 -73.87
CA GLU AA 48 23.72 -48.61 -74.25
C GLU AA 48 24.28 -48.62 -75.67
N ALA AA 49 23.97 -47.58 -76.46
CA ALA AA 49 24.52 -47.49 -77.80
C ALA AA 49 25.97 -47.03 -77.77
N VAL AA 50 26.32 -46.18 -76.81
CA VAL AA 50 27.70 -45.73 -76.69
C VAL AA 50 28.58 -46.86 -76.17
N LYS AA 51 28.03 -47.73 -75.32
CA LYS AA 51 28.76 -48.90 -74.87
C LYS AA 51 28.96 -49.92 -75.98
N ALA AA 52 28.19 -49.84 -77.06
CA ALA AA 52 28.38 -50.70 -78.23
C ALA AA 52 29.47 -50.19 -79.16
N LEU AA 53 30.09 -49.05 -78.85
CA LEU AA 53 31.27 -48.58 -79.55
C LEU AA 53 32.55 -48.97 -78.83
N GLY AA 54 32.50 -50.06 -78.07
CA GLY AA 54 33.62 -50.39 -77.19
C GLY AA 54 34.80 -51.01 -77.92
N LYS AA 55 34.53 -51.64 -79.07
CA LYS AA 55 35.57 -52.32 -79.82
C LYS AA 55 36.27 -51.41 -80.83
N ILE AA 56 36.10 -50.10 -80.72
CA ILE AA 56 36.92 -49.15 -81.46
C ILE AA 56 38.10 -48.78 -80.59
N GLU AA 57 39.31 -48.93 -81.11
CA GLU AA 57 40.51 -48.80 -80.31
C GLU AA 57 41.32 -47.59 -80.73
N GLY AA 58 42.08 -47.06 -79.79
CA GLY AA 58 43.11 -46.08 -80.12
C GLY AA 58 42.98 -44.71 -79.50
N ALA AA 59 42.85 -43.72 -80.36
CA ALA AA 59 43.07 -42.30 -80.14
C ALA AA 59 41.92 -41.66 -79.36
N PRO AA 60 41.91 -40.31 -79.15
CA PRO AA 60 40.64 -39.64 -78.79
C PRO AA 60 39.45 -40.06 -79.64
N ARG AA 61 38.49 -40.73 -79.00
CA ARG AA 61 37.32 -41.27 -79.68
C ARG AA 61 36.07 -40.45 -79.40
N ALA AA 62 36.21 -39.15 -79.13
CA ALA AA 62 35.05 -38.35 -78.79
C ALA AA 62 34.21 -38.04 -80.02
N LEU AA 63 34.85 -37.89 -81.18
CA LEU AA 63 34.12 -37.53 -82.39
C LEU AA 63 33.30 -38.70 -82.90
N VAL AA 64 33.75 -39.92 -82.64
CA VAL AA 64 32.96 -41.10 -83.01
C VAL AA 64 31.74 -41.21 -82.11
N ILE AA 65 31.91 -40.89 -80.83
CA ILE AA 65 30.83 -41.05 -79.86
C ILE AA 65 29.78 -39.96 -80.04
N ALA AA 66 30.24 -38.75 -80.34
CA ALA AA 66 29.33 -37.60 -80.41
C ALA AA 66 28.45 -37.68 -81.65
N LYS AA 67 29.01 -38.07 -82.79
CA LYS AA 67 28.22 -38.09 -84.02
C LYS AA 67 27.33 -39.32 -84.11
N VAL AA 68 27.57 -40.32 -83.28
CA VAL AA 68 26.65 -41.45 -83.22
C VAL AA 68 25.46 -41.11 -82.33
N GLN AA 69 25.70 -40.39 -81.23
CA GLN AA 69 24.60 -39.87 -80.42
C GLN AA 69 23.79 -38.83 -81.19
N GLU AA 70 24.45 -38.10 -82.08
CA GLU AA 70 23.73 -37.16 -82.94
C GLU AA 70 22.93 -37.90 -84.00
N ALA AA 71 23.40 -39.08 -84.39
CA ALA AA 71 22.69 -39.85 -85.42
C ALA AA 71 21.45 -40.51 -84.85
N LEU AA 72 21.51 -40.94 -83.59
CA LEU AA 72 20.34 -41.56 -82.97
C LEU AA 72 19.26 -40.53 -82.66
N ALA AA 73 19.65 -39.27 -82.51
CA ALA AA 73 18.68 -38.23 -82.18
C ALA AA 73 17.71 -37.98 -83.33
N TYR AA 74 18.19 -38.12 -84.56
CA TYR AA 74 17.32 -37.87 -85.71
C TYR AA 74 16.40 -39.07 -85.97
N MET AA 75 16.88 -40.28 -85.66
CA MET AA 75 16.03 -41.45 -85.85
C MET AA 75 14.93 -41.52 -84.81
N SER AA 76 15.15 -40.94 -83.64
CA SER AA 76 14.23 -41.07 -82.52
C SER AA 76 13.24 -39.92 -82.41
N LYS AA 77 13.16 -39.07 -83.42
CA LYS AA 77 12.20 -37.98 -83.44
C LYS AA 77 10.78 -38.52 -83.63
N PRO AA 78 9.75 -37.73 -83.32
CA PRO AA 78 8.39 -38.14 -83.68
C PRO AA 78 8.15 -38.25 -85.17
N LEU AA 79 8.91 -37.51 -85.98
CA LEU AA 79 8.96 -37.67 -87.43
C LEU AA 79 10.42 -37.92 -87.79
N PRO AA 80 10.83 -39.18 -87.94
CA PRO AA 80 12.27 -39.47 -88.07
C PRO AA 80 12.80 -39.10 -89.44
N ASN AA 81 13.94 -38.42 -89.44
CA ASN AA 81 14.57 -37.95 -90.66
C ASN AA 81 15.80 -38.80 -90.91
N MET AA 82 15.64 -39.85 -91.73
CA MET AA 82 16.75 -40.75 -92.00
C MET AA 82 17.78 -40.14 -92.93
N LYS AA 83 17.45 -39.05 -93.61
CA LYS AA 83 18.42 -38.39 -94.47
C LYS AA 83 19.47 -37.65 -93.65
N LEU AA 84 19.02 -36.84 -92.69
CA LEU AA 84 19.96 -36.11 -91.84
C LEU AA 84 20.64 -37.02 -90.83
N ALA AA 85 20.04 -38.18 -90.54
CA ALA AA 85 20.68 -39.11 -89.62
C ALA AA 85 21.89 -39.76 -90.26
N MET AA 86 21.82 -40.02 -91.56
CA MET AA 86 22.96 -40.60 -92.26
C MET AA 86 24.05 -39.58 -92.51
N ALA AA 87 23.69 -38.28 -92.45
CA ALA AA 87 24.67 -37.23 -92.66
C ALA AA 87 25.67 -37.16 -91.52
N ALA AA 88 25.21 -37.38 -90.29
CA ALA AA 88 26.13 -37.36 -89.16
C ALA AA 88 26.88 -38.67 -89.04
N ALA AA 89 26.27 -39.76 -89.52
CA ALA AA 89 26.89 -41.08 -89.37
C ALA AA 89 28.09 -41.25 -90.27
N VAL AA 90 28.04 -40.69 -91.48
CA VAL AA 90 29.19 -40.78 -92.39
C VAL AA 90 30.33 -39.90 -91.91
N GLN AA 91 30.04 -38.91 -91.07
CA GLN AA 91 31.12 -38.17 -90.42
C GLN AA 91 31.75 -39.00 -89.32
N ALA AA 92 30.93 -39.77 -88.59
CA ALA AA 92 31.47 -40.64 -87.54
C ALA AA 92 32.27 -41.79 -88.13
N VAL AA 93 31.91 -42.23 -89.34
CA VAL AA 93 32.67 -43.29 -89.99
C VAL AA 93 34.01 -42.76 -90.47
N ARG AA 94 34.02 -41.57 -91.08
CA ARG AA 94 35.27 -41.00 -91.57
C ARG AA 94 36.16 -40.55 -90.43
N ALA AA 95 35.59 -40.19 -89.29
CA ALA AA 95 36.40 -39.90 -88.11
C ALA AA 95 36.97 -41.18 -87.52
N CYS AA 96 36.28 -42.30 -87.71
CA CYS AA 96 36.71 -43.56 -87.11
C CYS AA 96 37.93 -44.13 -87.82
N GLU AA 97 37.99 -43.98 -89.14
CA GLU AA 97 39.01 -44.68 -89.93
C GLU AA 97 40.37 -44.02 -89.83
N GLN AA 98 40.45 -42.84 -89.24
CA GLN AA 98 41.72 -42.16 -89.04
C GLN AA 98 42.55 -42.76 -87.91
N LEU AA 99 41.93 -43.53 -87.03
CA LEU AA 99 42.63 -44.03 -85.86
C LEU AA 99 43.53 -45.19 -86.26
N PRO AA 100 44.65 -45.37 -85.57
CA PRO AA 100 45.51 -46.52 -85.87
C PRO AA 100 44.88 -47.83 -85.44
N GLY AA 101 44.95 -48.82 -86.32
CA GLY AA 101 44.34 -50.10 -86.09
C GLY AA 101 42.96 -50.25 -86.68
N MET AA 102 42.34 -49.17 -87.14
CA MET AA 102 40.98 -49.22 -87.63
C MET AA 102 40.95 -49.12 -89.15
N ASN AA 103 40.19 -50.00 -89.77
CA ASN AA 103 39.95 -50.01 -91.20
C ASN AA 103 38.62 -49.33 -91.49
N ARG AA 104 38.32 -49.15 -92.78
CA ARG AA 104 37.04 -48.56 -93.15
C ARG AA 104 35.90 -49.55 -92.93
N GLU AA 105 36.16 -50.84 -93.13
CA GLU AA 105 35.11 -51.83 -92.98
C GLU AA 105 34.90 -52.20 -91.52
N ARG AA 106 35.94 -52.09 -90.70
CA ARG AA 106 35.78 -52.31 -89.27
C ARG AA 106 35.02 -51.17 -88.62
N CYS AA 107 35.07 -49.98 -89.22
CA CYS AA 107 34.33 -48.86 -88.67
C CYS AA 107 32.86 -48.93 -89.07
N LEU AA 108 32.57 -49.48 -90.26
CA LEU AA 108 31.17 -49.68 -90.64
C LEU AA 108 30.54 -50.82 -89.85
N ASP AA 109 31.36 -51.69 -89.25
CA ASP AA 109 30.84 -52.66 -88.29
C ASP AA 109 30.29 -51.99 -87.05
N ALA AA 110 31.06 -51.08 -86.46
CA ALA AA 110 30.75 -50.57 -85.14
C ALA AA 110 29.64 -49.52 -85.20
N VAL AA 111 29.70 -48.64 -86.18
CA VAL AA 111 28.74 -47.54 -86.25
C VAL AA 111 27.38 -48.05 -86.67
N ALA AA 112 27.33 -48.92 -87.68
CA ALA AA 112 26.05 -49.50 -88.09
C ALA AA 112 25.53 -50.50 -87.07
N GLY AA 113 26.42 -51.06 -86.25
CA GLY AA 113 25.96 -51.93 -85.18
C GLY AA 113 25.38 -51.16 -84.01
N ALA AA 114 25.93 -49.97 -83.73
CA ALA AA 114 25.43 -49.17 -82.61
C ALA AA 114 24.12 -48.50 -82.95
N LEU AA 115 24.00 -47.96 -84.17
CA LEU AA 115 22.73 -47.40 -84.61
C LEU AA 115 21.69 -48.47 -84.90
N GLY AA 116 22.11 -49.71 -85.10
CA GLY AA 116 21.16 -50.78 -85.32
C GLY AA 116 20.56 -50.80 -86.70
N VAL AA 117 21.25 -50.22 -87.68
CA VAL AA 117 20.75 -50.22 -89.05
C VAL AA 117 21.68 -51.06 -89.90
N ALA AA 118 21.32 -51.24 -91.17
CA ALA AA 118 22.13 -52.02 -92.08
C ALA AA 118 23.38 -51.26 -92.49
N LYS AA 119 24.43 -52.00 -92.83
CA LYS AA 119 25.71 -51.40 -93.18
C LYS AA 119 25.64 -50.70 -94.54
N ASP AA 120 24.78 -51.17 -95.44
CA ASP AA 120 24.75 -50.62 -96.79
C ASP AA 120 24.15 -49.21 -96.85
N TRP AA 121 23.41 -48.81 -95.82
CA TRP AA 121 22.86 -47.46 -95.79
C TRP AA 121 23.95 -46.42 -95.61
N ILE AA 122 24.89 -46.68 -94.72
CA ILE AA 122 25.97 -45.73 -94.49
C ILE AA 122 26.97 -45.75 -95.64
N ARG AA 123 27.03 -46.85 -96.40
CA ARG AA 123 27.92 -46.93 -97.54
C ARG AA 123 27.45 -46.04 -98.69
N ARG AA 124 26.15 -45.80 -98.79
CA ARG AA 124 25.60 -45.03 -99.90
C ARG AA 124 26.01 -43.57 -99.83
N GLU AA 125 25.92 -42.95 -98.66
CA GLU AA 125 26.24 -41.54 -98.56
C GLU AA 125 27.73 -41.29 -98.35
N MET AA 126 28.56 -42.33 -98.38
CA MET AA 126 30.00 -42.12 -98.25
C MET AA 126 30.57 -41.51 -99.52
N THR AA 127 30.45 -42.23 -100.64
CA THR AA 127 30.95 -41.85 -101.97
C THR AA 127 32.43 -41.43 -102.01
N SER BA 2 -3.92 0.96 -80.50
CA SER BA 2 -2.87 1.69 -79.80
C SER BA 2 -2.28 0.84 -78.69
N VAL BA 3 -1.13 1.27 -78.16
CA VAL BA 3 -0.45 0.51 -77.12
C VAL BA 3 -0.83 1.00 -75.73
N GLU BA 4 -1.17 2.28 -75.59
CA GLU BA 4 -1.50 2.81 -74.28
C GLU BA 4 -2.87 2.33 -73.83
N VAL BA 5 -3.74 2.02 -74.78
CA VAL BA 5 -5.00 1.38 -74.43
C VAL BA 5 -4.76 -0.10 -74.16
N TYR BA 6 -3.67 -0.65 -74.71
CA TYR BA 6 -3.31 -2.03 -74.46
C TYR BA 6 -2.66 -2.20 -73.10
N ARG BA 7 -1.84 -1.23 -72.69
CA ARG BA 7 -1.05 -1.37 -71.47
C ARG BA 7 -1.92 -1.29 -70.22
N GLN BA 8 -2.97 -0.48 -70.25
CA GLN BA 8 -3.74 -0.27 -69.03
C GLN BA 8 -4.64 -1.45 -68.72
N LYS BA 9 -4.87 -2.34 -69.68
CA LYS BA 9 -5.56 -3.58 -69.40
C LYS BA 9 -4.59 -4.69 -69.03
N ILE BA 10 -3.34 -4.57 -69.47
CA ILE BA 10 -2.33 -5.57 -69.14
C ILE BA 10 -1.95 -5.48 -67.66
N GLU BA 11 -1.74 -4.27 -67.16
CA GLU BA 11 -1.29 -4.07 -65.79
C GLU BA 11 -2.35 -4.38 -64.75
N LYS BA 12 -3.59 -4.60 -65.17
CA LYS BA 12 -4.65 -4.99 -64.27
C LYS BA 12 -4.60 -6.47 -63.90
N GLY BA 13 -3.72 -7.26 -64.51
CA GLY BA 13 -3.54 -8.64 -64.14
C GLY BA 13 -4.69 -9.55 -64.52
N GLY BA 14 -4.88 -9.78 -65.82
CA GLY BA 14 -6.01 -10.59 -66.25
C GLY BA 14 -5.69 -12.06 -66.37
N TYR BA 15 -4.44 -12.41 -66.65
CA TYR BA 15 -4.07 -13.81 -66.78
C TYR BA 15 -4.01 -14.48 -65.42
N SER BA 16 -3.61 -13.73 -64.40
CA SER BA 16 -3.57 -14.28 -63.05
C SER BA 16 -4.97 -14.40 -62.47
N ALA BA 17 -5.79 -13.36 -62.63
CA ALA BA 17 -7.09 -13.31 -61.97
C ALA BA 17 -8.09 -14.26 -62.61
N ALA BA 18 -7.93 -14.55 -63.90
CA ALA BA 18 -8.83 -15.53 -64.52
C ALA BA 18 -8.46 -16.94 -64.12
N TYR BA 19 -7.21 -17.17 -63.74
CA TYR BA 19 -6.79 -18.46 -63.23
C TYR BA 19 -7.40 -18.72 -61.86
N GLU BA 20 -7.51 -17.67 -61.04
CA GLU BA 20 -8.04 -17.84 -59.69
C GLU BA 20 -9.55 -18.04 -59.71
N ALA BA 21 -10.24 -17.47 -60.69
CA ALA BA 21 -11.67 -17.68 -60.79
C ALA BA 21 -11.98 -19.09 -61.30
N THR BA 22 -11.06 -19.67 -62.06
CA THR BA 22 -11.25 -21.03 -62.56
C THR BA 22 -11.09 -22.03 -61.42
N ARG BA 23 -10.14 -21.78 -60.52
CA ARG BA 23 -9.93 -22.66 -59.37
C ARG BA 23 -11.08 -22.57 -58.40
N ARG BA 24 -11.66 -21.38 -58.23
CA ARG BA 24 -12.76 -21.20 -57.28
C ARG BA 24 -14.02 -21.90 -57.75
N TYR BA 25 -14.20 -22.02 -59.06
CA TYR BA 25 -15.36 -22.74 -59.57
C TYR BA 25 -15.25 -24.22 -59.28
N GLU BA 26 -14.05 -24.78 -59.42
CA GLU BA 26 -13.83 -26.20 -59.17
C GLU BA 26 -13.91 -26.55 -57.70
N ARG BA 27 -13.67 -25.59 -56.81
CA ARG BA 27 -13.76 -25.81 -55.38
C ARG BA 27 -15.13 -25.39 -54.83
N GLU BA 28 -16.15 -25.36 -55.70
CA GLU BA 28 -17.54 -25.05 -55.39
C GLU BA 28 -17.75 -23.72 -54.69
N GLU BA 29 -16.86 -22.75 -54.88
CA GLU BA 29 -17.00 -21.47 -54.22
C GLU BA 29 -17.71 -20.44 -55.07
N ILE BA 30 -18.07 -20.79 -56.30
CA ILE BA 30 -18.79 -19.89 -57.18
C ILE BA 30 -19.93 -20.65 -57.83
N GLU BA 31 -21.13 -20.10 -57.73
CA GLU BA 31 -22.27 -20.65 -58.44
C GLU BA 31 -22.46 -19.89 -59.75
N VAL BA 32 -23.30 -20.44 -60.62
CA VAL BA 32 -23.58 -19.85 -61.92
C VAL BA 32 -24.40 -18.59 -61.72
N LEU BA 33 -23.92 -17.48 -62.29
CA LEU BA 33 -24.55 -16.18 -62.13
C LEU BA 33 -25.94 -16.18 -62.77
N SER BA 34 -26.83 -15.35 -62.23
CA SER BA 34 -28.20 -15.33 -62.72
C SER BA 34 -28.32 -14.64 -64.06
N TRP BA 35 -27.32 -13.87 -64.46
CA TRP BA 35 -27.32 -13.26 -65.79
C TRP BA 35 -27.07 -14.30 -66.87
N SER BA 36 -26.27 -15.32 -66.55
CA SER BA 36 -25.95 -16.34 -67.53
C SER BA 36 -27.13 -17.26 -67.78
N SER BA 37 -28.01 -17.41 -66.80
CA SER BA 37 -29.20 -18.23 -67.00
C SER BA 37 -30.18 -17.53 -67.92
N ARG BA 38 -30.29 -16.21 -67.81
CA ARG BA 38 -31.15 -15.45 -68.70
C ARG BA 38 -30.53 -15.30 -70.07
N TRP BA 39 -29.21 -15.38 -70.16
CA TRP BA 39 -28.54 -15.29 -71.44
C TRP BA 39 -28.76 -16.55 -72.26
N GLU BA 40 -28.49 -17.70 -71.68
CA GLU BA 40 -28.51 -18.95 -72.43
C GLU BA 40 -29.94 -19.37 -72.72
N SER BA 41 -30.91 -18.87 -71.95
CA SER BA 41 -32.31 -19.14 -72.28
C SER BA 41 -32.74 -18.35 -73.50
N ALA BA 42 -32.16 -17.18 -73.73
CA ALA BA 42 -32.61 -16.32 -74.82
C ALA BA 42 -31.76 -16.46 -76.07
N TRP BA 43 -30.48 -16.78 -75.91
CA TRP BA 43 -29.56 -16.80 -77.04
C TRP BA 43 -29.67 -18.06 -77.88
N SER BA 44 -30.18 -19.16 -77.30
CA SER BA 44 -29.98 -20.50 -77.87
C SER BA 44 -30.72 -20.68 -79.19
N LYS BA 45 -31.74 -19.85 -79.44
CA LYS BA 45 -32.43 -19.93 -80.73
C LYS BA 45 -31.63 -19.27 -81.82
N PHE BA 46 -30.69 -18.39 -81.45
CA PHE BA 46 -29.86 -17.73 -82.44
C PHE BA 46 -28.62 -18.56 -82.75
N GLY BA 47 -28.30 -19.52 -81.88
CA GLY BA 47 -27.07 -20.27 -82.08
C GLY BA 47 -27.29 -21.48 -82.97
N GLU BA 48 -28.44 -22.13 -82.85
CA GLU BA 48 -28.70 -23.30 -83.67
C GLU BA 48 -29.10 -22.89 -85.09
N ALA BA 49 -29.54 -21.65 -85.28
CA ALA BA 49 -29.99 -21.22 -86.60
C ALA BA 49 -28.82 -20.79 -87.47
N VAL BA 50 -27.76 -20.26 -86.87
CA VAL BA 50 -26.61 -19.85 -87.67
C VAL BA 50 -25.80 -21.08 -88.07
N LYS BA 51 -25.92 -22.17 -87.32
CA LYS BA 51 -25.29 -23.42 -87.74
C LYS BA 51 -26.03 -24.08 -88.89
N ALA BA 52 -27.27 -23.66 -89.16
CA ALA BA 52 -28.01 -24.18 -90.31
C ALA BA 52 -27.63 -23.48 -91.61
N LEU BA 53 -26.72 -22.52 -91.58
CA LEU BA 53 -26.13 -21.94 -92.78
C LEU BA 53 -24.81 -22.60 -93.14
N GLY BA 54 -24.67 -23.89 -92.84
CA GLY BA 54 -23.40 -24.55 -93.04
C GLY BA 54 -23.11 -24.86 -94.50
N LYS BA 55 -24.15 -25.16 -95.27
CA LYS BA 55 -24.00 -25.57 -96.66
C LYS BA 55 -23.94 -24.39 -97.63
N ILE BA 56 -23.79 -23.17 -97.13
CA ILE BA 56 -23.43 -22.04 -97.97
C ILE BA 56 -21.91 -22.01 -98.06
N GLU BA 57 -21.39 -22.05 -99.28
CA GLU BA 57 -19.96 -22.22 -99.48
C GLU BA 57 -19.34 -21.04 -100.21
N GLY BA 58 -18.10 -20.75 -99.86
CA GLY BA 58 -17.31 -19.78 -100.62
C GLY BA 58 -16.63 -18.68 -99.82
N ALA BA 59 -17.05 -17.46 -100.10
CA ALA BA 59 -16.37 -16.23 -99.72
C ALA BA 59 -16.58 -15.95 -98.23
N PRO BA 60 -16.08 -14.78 -97.71
CA PRO BA 60 -16.62 -14.27 -96.44
C PRO BA 60 -18.12 -14.27 -96.34
N ARG BA 61 -18.66 -15.08 -95.44
CA ARG BA 61 -20.09 -15.29 -95.31
C ARG BA 61 -20.70 -14.53 -94.13
N ALA BA 62 -20.08 -13.42 -93.73
CA ALA BA 62 -20.56 -12.70 -92.56
C ALA BA 62 -21.86 -11.95 -92.85
N LEU BA 63 -22.03 -11.47 -94.09
CA LEU BA 63 -23.22 -10.69 -94.42
C LEU BA 63 -24.44 -11.59 -94.53
N VAL BA 64 -24.25 -12.85 -94.89
CA VAL BA 64 -25.34 -13.81 -94.87
C VAL BA 64 -25.70 -14.16 -93.44
N ILE BA 65 -24.68 -14.23 -92.58
CA ILE BA 65 -24.89 -14.65 -91.20
C ILE BA 65 -25.54 -13.53 -90.40
N ALA BA 66 -25.12 -12.29 -90.66
CA ALA BA 66 -25.63 -11.15 -89.89
C ALA BA 66 -27.07 -10.84 -90.23
N LYS BA 67 -27.42 -10.84 -91.52
CA LYS BA 67 -28.78 -10.46 -91.91
C LYS BA 67 -29.78 -11.59 -91.67
N VAL BA 68 -29.29 -12.79 -91.38
CA VAL BA 68 -30.18 -13.84 -90.90
C VAL BA 68 -30.39 -13.71 -89.40
N GLN BA 69 -29.33 -13.37 -88.66
CA GLN BA 69 -29.46 -13.12 -87.22
C GLN BA 69 -30.28 -11.87 -86.96
N GLU BA 70 -30.20 -10.88 -87.85
CA GLU BA 70 -31.03 -9.70 -87.73
C GLU BA 70 -32.48 -10.02 -88.04
N ALA BA 71 -32.73 -11.03 -88.86
CA ALA BA 71 -34.10 -11.35 -89.25
C ALA BA 71 -34.82 -12.11 -88.15
N LEU BA 72 -34.09 -12.91 -87.37
CA LEU BA 72 -34.71 -13.65 -86.27
C LEU BA 72 -35.03 -12.74 -85.10
N ALA BA 73 -34.34 -11.60 -85.01
CA ALA BA 73 -34.57 -10.69 -83.89
C ALA BA 73 -35.94 -10.06 -83.96
N TYR BA 74 -36.43 -9.81 -85.16
CA TYR BA 74 -37.75 -9.19 -85.30
C TYR BA 74 -38.87 -10.18 -85.06
N MET BA 75 -38.67 -11.44 -85.46
CA MET BA 75 -39.69 -12.45 -85.23
C MET BA 75 -39.83 -12.80 -83.76
N SER BA 76 -38.76 -12.66 -82.99
CA SER BA 76 -38.74 -13.05 -81.60
C SER BA 76 -39.13 -11.94 -80.64
N LYS BA 77 -39.69 -10.84 -81.15
CA LYS BA 77 -40.15 -9.77 -80.30
C LYS BA 77 -41.45 -10.18 -79.59
N PRO BA 78 -41.84 -9.47 -78.53
CA PRO BA 78 -43.19 -9.68 -77.99
C PRO BA 78 -44.29 -9.29 -78.95
N LEU BA 79 -44.02 -8.33 -79.85
CA LEU BA 79 -44.90 -7.97 -80.96
C LEU BA 79 -44.08 -8.16 -82.23
N PRO BA 80 -44.17 -9.30 -82.89
CA PRO BA 80 -43.26 -9.57 -84.01
C PRO BA 80 -43.66 -8.82 -85.26
N ASN BA 81 -42.65 -8.31 -85.96
CA ASN BA 81 -42.86 -7.53 -87.17
C ASN BA 81 -42.33 -8.33 -88.35
N MET BA 82 -43.24 -9.02 -89.03
CA MET BA 82 -42.85 -9.84 -90.16
C MET BA 82 -42.47 -9.02 -91.38
N LYS BA 83 -42.85 -7.75 -91.45
CA LYS BA 83 -42.50 -6.93 -92.59
C LYS BA 83 -41.06 -6.45 -92.48
N LEU BA 84 -40.65 -6.00 -91.29
CA LEU BA 84 -39.27 -5.57 -91.10
C LEU BA 84 -38.33 -6.76 -90.97
N ALA BA 85 -38.86 -7.94 -90.68
CA ALA BA 85 -38.02 -9.14 -90.71
C ALA BA 85 -37.71 -9.55 -92.14
N MET BA 86 -38.68 -9.35 -93.06
CA MET BA 86 -38.45 -9.71 -94.45
C MET BA 86 -37.53 -8.72 -95.14
N ALA BA 87 -37.38 -7.52 -94.58
CA ALA BA 87 -36.48 -6.53 -95.15
C ALA BA 87 -35.02 -6.96 -95.00
N ALA BA 88 -34.68 -7.58 -93.86
CA ALA BA 88 -33.31 -8.02 -93.66
C ALA BA 88 -33.06 -9.36 -94.34
N ALA BA 89 -34.12 -10.12 -94.60
CA ALA BA 89 -33.96 -11.44 -95.21
C ALA BA 89 -33.59 -11.33 -96.68
N VAL BA 90 -34.14 -10.34 -97.38
CA VAL BA 90 -33.85 -10.20 -98.80
C VAL BA 90 -32.45 -9.63 -99.01
N GLN BA 91 -31.91 -8.91 -98.03
CA GLN BA 91 -30.51 -8.51 -98.13
C GLN BA 91 -29.60 -9.72 -97.93
N ALA BA 92 -30.02 -10.69 -97.12
CA ALA BA 92 -29.24 -11.90 -96.94
C ALA BA 92 -29.27 -12.76 -98.19
N VAL BA 93 -30.40 -12.80 -98.89
CA VAL BA 93 -30.51 -13.61 -100.10
C VAL BA 93 -29.71 -12.99 -101.24
N ARG BA 94 -29.76 -11.66 -101.37
CA ARG BA 94 -28.96 -10.98 -102.39
C ARG BA 94 -27.47 -11.07 -102.08
N ALA BA 95 -27.09 -11.06 -100.80
CA ALA BA 95 -25.68 -11.20 -100.44
C ALA BA 95 -25.21 -12.63 -100.64
N CYS BA 96 -26.12 -13.60 -100.63
CA CYS BA 96 -25.73 -14.98 -100.73
C CYS BA 96 -25.42 -15.38 -102.17
N GLU BA 97 -26.17 -14.83 -103.13
CA GLU BA 97 -26.12 -15.36 -104.49
C GLU BA 97 -24.91 -14.86 -105.25
N GLN BA 98 -24.24 -13.84 -104.77
CA GLN BA 98 -23.04 -13.36 -105.44
C GLN BA 98 -21.82 -14.21 -105.13
N LEU BA 99 -21.92 -15.13 -104.17
CA LEU BA 99 -20.81 -16.02 -103.88
C LEU BA 99 -20.68 -17.04 -105.01
N PRO BA 100 -19.46 -17.44 -105.35
CA PRO BA 100 -19.27 -18.40 -106.46
C PRO BA 100 -19.73 -19.79 -106.07
N GLY BA 101 -20.63 -20.33 -106.88
CA GLY BA 101 -21.19 -21.64 -106.63
C GLY BA 101 -22.63 -21.63 -106.15
N MET BA 102 -23.08 -20.53 -105.57
CA MET BA 102 -24.45 -20.43 -105.08
C MET BA 102 -25.37 -19.86 -106.15
N ASN BA 103 -26.58 -20.40 -106.20
CA ASN BA 103 -27.62 -19.94 -107.10
C ASN BA 103 -28.57 -19.01 -106.35
N ARG BA 104 -29.51 -18.43 -107.09
CA ARG BA 104 -30.56 -17.66 -106.43
C ARG BA 104 -31.51 -18.57 -105.69
N GLU BA 105 -31.79 -19.75 -106.25
CA GLU BA 105 -32.73 -20.66 -105.61
C GLU BA 105 -32.10 -21.39 -104.44
N ARG BA 106 -30.80 -21.70 -104.53
CA ARG BA 106 -30.15 -22.43 -103.46
C ARG BA 106 -29.93 -21.57 -102.22
N CYS BA 107 -29.87 -20.25 -102.40
CA CYS BA 107 -29.83 -19.36 -101.24
C CYS BA 107 -31.20 -19.24 -100.60
N LEU BA 108 -32.25 -19.48 -101.37
CA LEU BA 108 -33.59 -19.39 -100.81
C LEU BA 108 -33.92 -20.60 -99.94
N ASP BA 109 -33.20 -21.71 -100.14
CA ASP BA 109 -33.36 -22.84 -99.23
C ASP BA 109 -32.66 -22.56 -97.90
N ALA BA 110 -31.43 -22.04 -97.97
CA ALA BA 110 -30.61 -21.92 -96.77
C ALA BA 110 -31.12 -20.83 -95.85
N VAL BA 111 -31.67 -19.76 -96.42
CA VAL BA 111 -32.16 -18.66 -95.60
C VAL BA 111 -33.50 -19.02 -94.99
N ALA BA 112 -34.43 -19.51 -95.82
CA ALA BA 112 -35.75 -19.87 -95.30
C ALA BA 112 -35.71 -21.11 -94.43
N GLY BA 113 -34.74 -22.00 -94.66
CA GLY BA 113 -34.58 -23.14 -93.79
C GLY BA 113 -34.05 -22.76 -92.42
N ALA BA 114 -33.17 -21.76 -92.37
CA ALA BA 114 -32.65 -21.28 -91.10
C ALA BA 114 -33.69 -20.48 -90.34
N LEU BA 115 -34.41 -19.59 -91.03
CA LEU BA 115 -35.43 -18.79 -90.37
C LEU BA 115 -36.67 -19.61 -90.03
N GLY BA 116 -36.89 -20.73 -90.69
CA GLY BA 116 -38.07 -21.52 -90.42
C GLY BA 116 -39.34 -20.96 -91.01
N VAL BA 117 -39.27 -20.35 -92.18
CA VAL BA 117 -40.46 -19.81 -92.84
C VAL BA 117 -40.59 -20.42 -94.23
N ALA BA 118 -41.70 -20.13 -94.89
CA ALA BA 118 -41.91 -20.58 -96.26
C ALA BA 118 -40.99 -19.83 -97.21
N LYS BA 119 -40.68 -20.47 -98.33
CA LYS BA 119 -39.75 -19.88 -99.28
C LYS BA 119 -40.39 -18.74 -100.05
N ASP BA 120 -41.72 -18.76 -100.20
CA ASP BA 120 -42.40 -17.72 -100.96
C ASP BA 120 -42.46 -16.39 -100.24
N TRP BA 121 -42.26 -16.37 -98.92
CA TRP BA 121 -42.29 -15.10 -98.19
C TRP BA 121 -41.07 -14.24 -98.53
N ILE BA 122 -39.93 -14.86 -98.76
CA ILE BA 122 -38.75 -14.11 -99.16
C ILE BA 122 -38.78 -13.83 -100.66
N ARG BA 123 -39.45 -14.68 -101.44
CA ARG BA 123 -39.52 -14.47 -102.88
C ARG BA 123 -40.42 -13.28 -103.24
N ARG BA 124 -41.44 -13.02 -102.44
CA ARG BA 124 -42.36 -11.91 -102.72
C ARG BA 124 -41.65 -10.57 -102.58
N GLU BA 125 -40.73 -10.47 -101.62
CA GLU BA 125 -40.12 -9.18 -101.34
C GLU BA 125 -38.90 -8.93 -102.21
N MET BA 126 -38.49 -9.92 -103.02
CA MET BA 126 -37.32 -9.74 -103.87
C MET BA 126 -37.61 -8.76 -105.00
N THR BA 127 -38.66 -9.04 -105.78
CA THR BA 127 -39.14 -8.25 -106.94
C THR BA 127 -38.05 -7.83 -107.93
N SER CA 2 53.13 -23.15 -44.12
CA SER CA 2 52.76 -21.92 -43.42
C SER CA 2 52.04 -22.25 -42.14
N VAL CA 3 52.11 -21.33 -41.17
CA VAL CA 3 51.44 -21.51 -39.90
C VAL CA 3 50.06 -20.86 -39.91
N GLU CA 4 49.85 -19.86 -40.77
CA GLU CA 4 48.56 -19.20 -40.83
C GLU CA 4 47.50 -20.13 -41.42
N VAL CA 5 47.91 -21.03 -42.31
CA VAL CA 5 47.00 -22.07 -42.78
C VAL CA 5 46.80 -23.10 -41.68
N TYR CA 6 47.83 -23.30 -40.85
CA TYR CA 6 47.77 -24.30 -39.79
C TYR CA 6 46.84 -23.86 -38.66
N ARG CA 7 46.87 -22.57 -38.31
CA ARG CA 7 46.10 -22.09 -37.17
C ARG CA 7 44.60 -22.08 -37.45
N GLN CA 8 44.21 -21.80 -38.69
CA GLN CA 8 42.79 -21.68 -38.98
C GLN CA 8 42.10 -23.03 -39.03
N LYS CA 9 42.87 -24.12 -39.19
CA LYS CA 9 42.28 -25.45 -39.09
C LYS CA 9 42.33 -25.97 -37.66
N ILE CA 10 43.24 -25.45 -36.84
CA ILE CA 10 43.31 -25.87 -35.44
C ILE CA 10 42.13 -25.29 -34.67
N GLU CA 11 41.73 -24.06 -34.99
CA GLU CA 11 40.72 -23.37 -34.20
C GLU CA 11 39.31 -23.89 -34.43
N LYS CA 12 39.12 -24.84 -35.34
CA LYS CA 12 37.82 -25.48 -35.49
C LYS CA 12 37.61 -26.61 -34.50
N GLY CA 13 38.67 -27.08 -33.86
CA GLY CA 13 38.55 -28.15 -32.88
C GLY CA 13 38.22 -29.49 -33.51
N GLY CA 14 39.14 -30.02 -34.30
CA GLY CA 14 38.88 -31.30 -34.94
C GLY CA 14 39.17 -32.50 -34.07
N TYR CA 15 39.96 -32.31 -33.01
CA TYR CA 15 40.24 -33.40 -32.08
C TYR CA 15 39.01 -33.72 -31.25
N SER CA 16 38.28 -32.69 -30.84
CA SER CA 16 37.08 -32.90 -30.04
C SER CA 16 35.94 -33.45 -30.88
N ALA CA 17 35.83 -32.98 -32.12
CA ALA CA 17 34.70 -33.37 -32.96
C ALA CA 17 34.89 -34.77 -33.53
N ALA CA 18 36.13 -35.21 -33.70
CA ALA CA 18 36.36 -36.58 -34.13
C ALA CA 18 36.10 -37.55 -32.98
N TYR CA 19 36.39 -37.13 -31.75
CA TYR CA 19 36.05 -37.95 -30.60
C TYR CA 19 34.54 -38.01 -30.39
N GLU CA 20 33.86 -36.90 -30.69
CA GLU CA 20 32.41 -36.85 -30.48
C GLU CA 20 31.65 -37.63 -31.54
N ALA CA 21 32.15 -37.61 -32.78
CA ALA CA 21 31.48 -38.36 -33.84
C ALA CA 21 31.73 -39.86 -33.69
N THR CA 22 32.82 -40.24 -33.02
CA THR CA 22 33.06 -41.65 -32.77
C THR CA 22 32.09 -42.19 -31.73
N ARG CA 23 31.72 -41.36 -30.76
CA ARG CA 23 30.79 -41.79 -29.72
C ARG CA 23 29.40 -41.98 -30.27
N ARG CA 24 29.00 -41.14 -31.23
CA ARG CA 24 27.67 -41.26 -31.84
C ARG CA 24 27.55 -42.54 -32.65
N TYR CA 25 28.66 -42.99 -33.23
CA TYR CA 25 28.62 -44.22 -34.01
C TYR CA 25 28.43 -45.43 -33.11
N GLU CA 26 29.14 -45.46 -31.98
CA GLU CA 26 29.04 -46.58 -31.06
C GLU CA 26 27.71 -46.63 -30.33
N ARG CA 27 27.02 -45.49 -30.22
CA ARG CA 27 25.67 -45.45 -29.68
C ARG CA 27 24.61 -45.52 -30.76
N GLU CA 28 24.98 -46.06 -31.93
CA GLU CA 28 24.09 -46.36 -33.05
C GLU CA 28 23.31 -45.16 -33.58
N GLU CA 29 23.88 -43.96 -33.48
CA GLU CA 29 23.21 -42.76 -33.93
C GLU CA 29 23.61 -42.34 -35.33
N ILE CA 30 24.57 -43.03 -35.93
CA ILE CA 30 25.08 -42.67 -37.25
C ILE CA 30 25.15 -43.93 -38.08
N GLU CA 31 24.56 -43.88 -39.27
CA GLU CA 31 24.63 -44.99 -40.20
C GLU CA 31 25.70 -44.71 -41.25
N VAL CA 32 25.99 -45.72 -42.06
CA VAL CA 32 27.00 -45.62 -43.09
C VAL CA 32 26.49 -44.73 -44.22
N LEU CA 33 27.26 -43.69 -44.55
CA LEU CA 33 26.88 -42.77 -45.61
C LEU CA 33 26.90 -43.46 -46.96
N SER CA 34 26.04 -43.00 -47.86
CA SER CA 34 25.92 -43.63 -49.17
C SER CA 34 27.11 -43.31 -50.06
N TRP CA 35 27.89 -42.29 -49.71
CA TRP CA 35 29.11 -42.00 -50.46
C TRP CA 35 30.17 -43.04 -50.19
N SER CA 36 30.15 -43.63 -48.99
CA SER CA 36 31.14 -44.64 -48.64
C SER CA 36 30.82 -45.97 -49.29
N SER CA 37 29.55 -46.27 -49.49
CA SER CA 37 29.18 -47.52 -50.13
C SER CA 37 29.51 -47.49 -51.61
N ARG CA 38 29.45 -46.31 -52.22
CA ARG CA 38 29.87 -46.18 -53.60
C ARG CA 38 31.39 -46.15 -53.70
N TRP CA 39 32.06 -45.83 -52.60
CA TRP CA 39 33.52 -45.72 -52.62
C TRP CA 39 34.17 -47.10 -52.61
N GLU CA 40 33.77 -47.94 -51.66
CA GLU CA 40 34.45 -49.23 -51.48
C GLU CA 40 34.10 -50.21 -52.58
N SER CA 41 33.03 -49.94 -53.33
CA SER CA 41 32.74 -50.78 -54.48
C SER CA 41 33.69 -50.49 -55.63
N ALA CA 42 34.14 -49.24 -55.76
CA ALA CA 42 35.00 -48.89 -56.88
C ALA CA 42 36.47 -48.99 -56.54
N TRP CA 43 36.86 -48.59 -55.33
CA TRP CA 43 38.27 -48.51 -54.98
C TRP CA 43 38.92 -49.87 -54.76
N SER CA 44 38.15 -50.86 -54.32
CA SER CA 44 38.73 -52.09 -53.76
C SER CA 44 39.47 -52.92 -54.80
N LYS CA 45 39.21 -52.67 -56.09
CA LYS CA 45 40.00 -53.34 -57.12
C LYS CA 45 41.38 -52.71 -57.24
N PHE CA 46 41.50 -51.44 -56.84
CA PHE CA 46 42.81 -50.78 -56.87
C PHE CA 46 43.58 -51.08 -55.60
N GLY CA 47 42.90 -51.55 -54.56
CA GLY CA 47 43.57 -51.81 -53.31
C GLY CA 47 44.31 -53.12 -53.32
N GLU CA 48 43.73 -54.14 -53.95
CA GLU CA 48 44.35 -55.45 -53.94
C GLU CA 48 45.43 -55.55 -55.01
N ALA CA 49 45.38 -54.68 -56.03
CA ALA CA 49 46.39 -54.74 -57.08
C ALA CA 49 47.69 -54.09 -56.63
N VAL CA 50 47.60 -53.10 -55.76
CA VAL CA 50 48.80 -52.45 -55.26
C VAL CA 50 49.45 -53.29 -54.18
N LYS CA 51 48.73 -54.26 -53.62
CA LYS CA 51 49.35 -55.19 -52.69
C LYS CA 51 50.07 -56.30 -53.41
N ALA CA 52 49.82 -56.46 -54.71
CA ALA CA 52 50.49 -57.48 -55.50
C ALA CA 52 51.88 -57.07 -55.95
N LEU CA 53 52.32 -55.86 -55.63
CA LEU CA 53 53.68 -55.41 -55.90
C LEU CA 53 54.58 -55.58 -54.68
N GLY CA 54 54.31 -56.58 -53.85
CA GLY CA 54 55.07 -56.73 -52.62
C GLY CA 54 56.48 -57.23 -52.84
N LYS CA 55 56.71 -57.94 -53.95
CA LYS CA 55 58.00 -58.56 -54.22
C LYS CA 55 58.95 -57.66 -54.98
N ILE CA 56 58.61 -56.39 -55.18
CA ILE CA 56 59.55 -55.42 -55.73
C ILE CA 56 60.30 -54.80 -54.56
N GLU CA 57 61.62 -54.85 -54.61
CA GLU CA 57 62.44 -54.57 -53.45
C GLU CA 57 63.33 -53.35 -53.66
N GLY CA 58 63.47 -52.56 -52.61
CA GLY CA 58 64.49 -51.53 -52.59
C GLY CA 58 64.07 -50.10 -52.34
N ALA CA 59 64.23 -49.29 -53.37
CA ALA CA 59 64.25 -47.84 -53.38
C ALA CA 59 62.85 -47.24 -53.23
N PRO CA 60 62.67 -45.90 -53.32
CA PRO CA 60 61.33 -45.37 -53.63
C PRO CA 60 60.63 -46.09 -54.77
N ARG CA 61 59.55 -46.79 -54.42
CA ARG CA 61 58.75 -47.54 -55.38
C ARG CA 61 57.42 -46.86 -55.67
N ALA CA 62 57.35 -45.54 -55.48
CA ALA CA 62 56.11 -44.84 -55.71
C ALA CA 62 55.78 -44.74 -57.19
N LEU CA 63 56.80 -44.67 -58.04
CA LEU CA 63 56.57 -44.54 -59.47
C LEU CA 63 56.07 -45.85 -60.07
N VAL CA 64 56.49 -46.98 -59.52
CA VAL CA 64 55.96 -48.26 -59.94
C VAL CA 64 54.53 -48.41 -59.43
N ILE CA 65 54.26 -47.87 -58.24
CA ILE CA 65 52.96 -48.01 -57.62
C ILE CA 65 51.93 -47.11 -58.30
N ALA CA 66 52.35 -45.89 -58.64
CA ALA CA 66 51.43 -44.92 -59.23
C ALA CA 66 51.06 -45.31 -60.65
N LYS CA 67 52.02 -45.79 -61.43
CA LYS CA 67 51.76 -46.02 -62.85
C LYS CA 67 50.97 -47.30 -63.08
N VAL CA 68 51.08 -48.27 -62.19
CA VAL CA 68 50.23 -49.46 -62.33
C VAL CA 68 48.82 -49.15 -61.82
N GLN CA 69 48.67 -48.11 -61.00
CA GLN CA 69 47.35 -47.65 -60.63
C GLN CA 69 46.74 -46.80 -61.74
N GLU CA 70 47.58 -46.12 -62.51
CA GLU CA 70 47.08 -45.36 -63.66
C GLU CA 70 46.69 -46.30 -64.79
N ALA CA 71 47.42 -47.42 -64.94
CA ALA CA 71 47.14 -48.35 -66.02
C ALA CA 71 45.90 -49.17 -65.73
N LEU CA 72 45.63 -49.43 -64.46
CA LEU CA 72 44.41 -50.15 -64.09
C LEU CA 72 43.19 -49.24 -64.23
N ALA CA 73 43.38 -47.93 -64.10
CA ALA CA 73 42.27 -47.01 -64.20
C ALA CA 73 41.73 -46.92 -65.61
N TYR CA 74 42.60 -47.09 -66.60
CA TYR CA 74 42.15 -47.04 -68.00
C TYR CA 74 41.38 -48.30 -68.37
N MET CA 75 41.74 -49.43 -67.77
CA MET CA 75 41.05 -50.67 -68.10
C MET CA 75 39.65 -50.72 -67.49
N SER CA 76 39.41 -49.93 -66.44
CA SER CA 76 38.15 -49.96 -65.73
C SER CA 76 37.14 -48.95 -66.26
N LYS CA 77 37.43 -48.32 -67.40
CA LYS CA 77 36.50 -47.37 -67.98
C LYS CA 77 35.28 -48.11 -68.54
N PRO CA 78 34.17 -47.40 -68.77
CA PRO CA 78 33.07 -48.02 -69.52
C PRO CA 78 33.41 -48.35 -70.95
N LEU CA 79 34.37 -47.63 -71.54
CA LEU CA 79 34.95 -47.96 -72.83
C LEU CA 79 36.45 -48.10 -72.59
N PRO CA 80 36.95 -49.32 -72.35
CA PRO CA 80 38.34 -49.47 -71.92
C PRO CA 80 39.32 -49.22 -73.05
N ASN CA 81 40.36 -48.45 -72.75
CA ASN CA 81 41.36 -48.03 -73.72
C ASN CA 81 42.63 -48.80 -73.42
N MET CA 82 42.81 -49.94 -74.09
CA MET CA 82 43.97 -50.78 -73.84
C MET CA 82 45.23 -50.24 -74.50
N LYS CA 83 45.13 -49.24 -75.37
CA LYS CA 83 46.33 -48.62 -75.92
C LYS CA 83 46.94 -47.64 -74.93
N LEU CA 84 46.12 -46.82 -74.29
CA LEU CA 84 46.63 -45.87 -73.31
C LEU CA 84 47.01 -46.56 -72.01
N ALA CA 85 46.42 -47.72 -71.71
CA ALA CA 85 46.76 -48.43 -70.49
C ALA CA 85 48.14 -49.05 -70.58
N MET CA 86 48.59 -49.35 -71.80
CA MET CA 86 49.93 -49.89 -71.96
C MET CA 86 50.98 -48.80 -71.85
N ALA CA 87 50.59 -47.54 -72.04
CA ALA CA 87 51.54 -46.44 -71.98
C ALA CA 87 52.01 -46.20 -70.56
N ALA CA 88 51.10 -46.26 -69.59
CA ALA CA 88 51.50 -46.09 -68.20
C ALA CA 88 52.24 -47.32 -67.70
N ALA CA 89 51.93 -48.48 -68.26
CA ALA CA 89 52.53 -49.72 -67.79
C ALA CA 89 53.99 -49.82 -68.19
N VAL CA 90 54.34 -49.42 -69.43
CA VAL CA 90 55.72 -49.49 -69.86
C VAL CA 90 56.56 -48.42 -69.17
N GLN CA 91 55.93 -47.39 -68.61
CA GLN CA 91 56.65 -46.48 -67.73
C GLN CA 91 56.89 -47.12 -66.38
N ALA CA 92 55.95 -47.96 -65.91
CA ALA CA 92 56.11 -48.62 -64.62
C ALA CA 92 57.20 -49.67 -64.67
N VAL CA 93 57.37 -50.34 -65.81
CA VAL CA 93 58.43 -51.32 -65.95
C VAL CA 93 59.79 -50.65 -66.05
N ARG CA 94 59.88 -49.57 -66.82
CA ARG CA 94 61.15 -48.88 -66.99
C ARG CA 94 61.58 -48.18 -65.71
N ALA CA 95 60.63 -47.78 -64.87
CA ALA CA 95 60.99 -47.27 -63.55
C ALA CA 95 61.46 -48.40 -62.64
N CYS CA 96 60.94 -49.60 -62.85
CA CYS CA 96 61.24 -50.73 -61.98
C CYS CA 96 62.65 -51.28 -62.22
N GLU CA 97 63.19 -51.07 -63.42
CA GLU CA 97 64.46 -51.70 -63.79
C GLU CA 97 65.64 -51.15 -63.01
N GLN CA 98 65.65 -49.86 -62.71
CA GLN CA 98 66.83 -49.25 -62.11
C GLN CA 98 66.95 -49.53 -60.61
N LEU CA 99 66.00 -50.22 -60.02
CA LEU CA 99 66.12 -50.56 -58.61
C LEU CA 99 67.15 -51.68 -58.44
N PRO CA 100 68.00 -51.58 -57.42
CA PRO CA 100 69.01 -52.62 -57.21
C PRO CA 100 68.36 -53.91 -56.71
N GLY CA 101 68.63 -54.99 -57.42
CA GLY CA 101 67.98 -56.25 -57.18
C GLY CA 101 66.96 -56.64 -58.23
N MET CA 102 66.60 -55.73 -59.12
CA MET CA 102 65.56 -55.99 -60.11
C MET CA 102 66.15 -56.16 -61.51
N ASN CA 103 65.75 -57.22 -62.17
CA ASN CA 103 66.05 -57.44 -63.58
C ASN CA 103 64.93 -56.85 -64.42
N ARG CA 104 65.06 -56.94 -65.74
CA ARG CA 104 63.98 -56.50 -66.59
C ARG CA 104 62.82 -57.49 -66.56
N GLU CA 105 63.12 -58.79 -66.59
CA GLU CA 105 62.07 -59.78 -66.69
C GLU CA 105 61.32 -59.94 -65.38
N ARG CA 106 61.96 -59.63 -64.26
CA ARG CA 106 61.27 -59.68 -62.98
C ARG CA 106 60.31 -58.51 -62.83
N CYS CA 107 60.53 -57.43 -63.58
CA CYS CA 107 59.59 -56.32 -63.55
C CYS CA 107 58.37 -56.62 -64.40
N LEU CA 108 58.52 -57.41 -65.47
CA LEU CA 108 57.35 -57.83 -66.23
C LEU CA 108 56.55 -58.88 -65.47
N ASP CA 109 57.18 -59.53 -64.48
CA ASP CA 109 56.43 -60.44 -63.62
C ASP CA 109 55.43 -59.69 -62.76
N ALA CA 110 55.88 -58.63 -62.09
CA ALA CA 110 55.05 -57.97 -61.08
C ALA CA 110 53.97 -57.12 -61.73
N VAL CA 111 54.31 -56.42 -62.82
CA VAL CA 111 53.37 -55.49 -63.43
C VAL CA 111 52.27 -56.24 -64.16
N ALA CA 112 52.63 -57.27 -64.93
CA ALA CA 112 51.61 -58.06 -65.61
C ALA CA 112 50.84 -58.95 -64.65
N GLY CA 113 51.41 -59.26 -63.49
CA GLY CA 113 50.67 -59.98 -62.48
C GLY CA 113 49.67 -59.10 -61.76
N ALA CA 114 50.02 -57.81 -61.59
CA ALA CA 114 49.12 -56.89 -60.90
C ALA CA 114 47.99 -56.44 -61.82
N LEU CA 115 48.32 -56.10 -63.06
CA LEU CA 115 47.30 -55.73 -64.03
C LEU CA 115 46.44 -56.91 -64.45
N GLY CA 116 46.95 -58.12 -64.35
CA GLY CA 116 46.18 -59.28 -64.75
C GLY CA 116 46.14 -59.51 -66.24
N VAL CA 117 47.18 -59.11 -66.96
CA VAL CA 117 47.22 -59.30 -68.40
C VAL CA 117 48.39 -60.21 -68.76
N ALA CA 118 48.53 -60.52 -70.04
CA ALA CA 118 49.65 -61.33 -70.50
C ALA CA 118 50.94 -60.53 -70.42
N LYS CA 119 52.05 -61.26 -70.32
CA LYS CA 119 53.36 -60.59 -70.22
C LYS CA 119 53.78 -60.00 -71.56
N ASP CA 120 53.32 -60.59 -72.67
CA ASP CA 120 53.73 -60.13 -73.99
C ASP CA 120 53.09 -58.80 -74.36
N TRP CA 121 52.02 -58.39 -73.68
CA TRP CA 121 51.36 -57.14 -74.01
C TRP CA 121 52.20 -55.95 -73.62
N ILE CA 122 52.94 -56.05 -72.51
CA ILE CA 122 53.87 -54.99 -72.13
C ILE CA 122 55.13 -55.05 -72.99
N ARG CA 123 55.53 -56.25 -73.42
CA ARG CA 123 56.78 -56.42 -74.17
C ARG CA 123 56.73 -55.79 -75.55
N ARG CA 124 55.55 -55.78 -76.18
CA ARG CA 124 55.41 -55.19 -77.51
C ARG CA 124 55.63 -53.69 -77.48
N GLU CA 125 55.13 -53.03 -76.44
CA GLU CA 125 55.22 -51.58 -76.39
C GLU CA 125 56.52 -51.10 -75.77
N MET CA 126 57.35 -52.02 -75.27
CA MET CA 126 58.60 -51.62 -74.63
C MET CA 126 59.61 -51.13 -75.66
N THR CA 127 59.95 -51.98 -76.63
CA THR CA 127 60.96 -51.75 -77.68
C THR CA 127 62.30 -51.27 -77.15
N SER DA 2 -24.72 13.86 -74.14
CA SER DA 2 -23.41 14.43 -73.84
C SER DA 2 -22.53 13.42 -73.13
N VAL DA 3 -21.23 13.68 -73.15
CA VAL DA 3 -20.27 12.78 -72.54
C VAL DA 3 -20.08 13.08 -71.05
N GLU DA 4 -20.21 14.33 -70.65
CA GLU DA 4 -19.95 14.69 -69.26
C GLU DA 4 -21.06 14.18 -68.35
N VAL DA 5 -22.28 14.08 -68.88
CA VAL DA 5 -23.36 13.45 -68.12
C VAL DA 5 -23.22 11.94 -68.17
N TYR DA 6 -22.55 11.43 -69.21
CA TYR DA 6 -22.28 10.00 -69.31
C TYR DA 6 -21.24 9.56 -68.29
N ARG DA 7 -20.19 10.38 -68.10
CA ARG DA 7 -19.06 9.98 -67.28
C ARG DA 7 -19.41 9.94 -65.80
N GLN DA 8 -20.35 10.80 -65.37
CA GLN DA 8 -20.66 10.86 -63.95
C GLN DA 8 -21.49 9.67 -63.49
N LYS DA 9 -22.18 9.01 -64.41
CA LYS DA 9 -22.88 7.79 -64.07
C LYS DA 9 -21.97 6.58 -64.17
N ILE DA 10 -20.88 6.69 -64.93
CA ILE DA 10 -19.92 5.61 -65.06
C ILE DA 10 -19.07 5.51 -63.80
N GLU DA 11 -18.63 6.64 -63.27
CA GLU DA 11 -17.75 6.64 -62.12
C GLU DA 11 -18.46 6.27 -60.82
N LYS DA 12 -19.77 6.12 -60.85
CA LYS DA 12 -20.52 5.60 -59.72
C LYS DA 12 -20.44 4.09 -59.61
N GLY DA 13 -19.86 3.41 -60.61
CA GLY DA 13 -19.63 1.98 -60.54
C GLY DA 13 -20.89 1.13 -60.59
N GLY DA 14 -21.63 1.21 -61.70
CA GLY DA 14 -22.89 0.52 -61.77
C GLY DA 14 -22.80 -0.95 -62.12
N TYR DA 15 -21.72 -1.34 -62.82
CA TYR DA 15 -21.57 -2.72 -63.26
C TYR DA 15 -21.29 -3.64 -62.08
N SER DA 16 -20.36 -3.22 -61.21
CA SER DA 16 -20.00 -4.05 -60.07
C SER DA 16 -21.12 -4.07 -59.05
N ALA DA 17 -21.78 -2.93 -58.83
CA ALA DA 17 -22.83 -2.85 -57.83
C ALA DA 17 -24.06 -3.64 -58.22
N ALA DA 18 -24.30 -3.79 -59.52
CA ALA DA 18 -25.40 -4.64 -59.96
C ALA DA 18 -25.03 -6.11 -59.87
N TYR DA 19 -23.74 -6.41 -59.90
CA TYR DA 19 -23.31 -7.80 -59.74
C TYR DA 19 -23.44 -8.24 -58.29
N GLU DA 20 -23.13 -7.35 -57.35
CA GLU DA 20 -23.18 -7.71 -55.93
C GLU DA 20 -24.62 -7.82 -55.44
N ALA DA 21 -25.53 -7.04 -56.02
CA ALA DA 21 -26.92 -7.14 -55.62
C ALA DA 21 -27.56 -8.40 -56.16
N THR DA 22 -27.04 -8.93 -57.28
CA THR DA 22 -27.54 -10.19 -57.80
C THR DA 22 -27.11 -11.34 -56.92
N ARG DA 23 -25.89 -11.28 -56.39
CA ARG DA 23 -25.37 -12.34 -55.53
C ARG DA 23 -26.07 -12.35 -54.19
N ARG DA 24 -26.46 -11.17 -53.69
CA ARG DA 24 -27.18 -11.09 -52.42
C ARG DA 24 -28.57 -11.70 -52.55
N TYR DA 25 -29.18 -11.56 -53.72
CA TYR DA 25 -30.50 -12.18 -53.93
C TYR DA 25 -30.38 -13.69 -53.99
N GLU DA 26 -29.29 -14.21 -54.56
CA GLU DA 26 -29.07 -15.64 -54.60
C GLU DA 26 -28.71 -16.20 -53.22
N ARG DA 27 -28.10 -15.39 -52.36
CA ARG DA 27 -27.78 -15.79 -50.99
C ARG DA 27 -28.86 -15.38 -50.01
N GLU DA 28 -30.08 -15.14 -50.51
CA GLU DA 28 -31.30 -14.91 -49.74
C GLU DA 28 -31.21 -13.74 -48.77
N GLU DA 29 -30.37 -12.76 -49.05
CA GLU DA 29 -30.24 -11.59 -48.17
C GLU DA 29 -31.09 -10.42 -48.62
N ILE DA 30 -31.82 -10.55 -49.72
CA ILE DA 30 -32.69 -9.49 -50.20
C ILE DA 30 -34.06 -10.08 -50.45
N GLU DA 31 -35.06 -9.50 -49.81
CA GLU DA 31 -36.45 -9.86 -50.07
C GLU DA 31 -37.03 -8.88 -51.09
N VAL DA 32 -38.18 -9.23 -51.62
CA VAL DA 32 -38.85 -8.42 -52.63
C VAL DA 32 -39.41 -7.16 -51.96
N LEU DA 33 -39.03 -6.01 -52.50
CA LEU DA 33 -39.44 -4.72 -51.95
C LEU DA 33 -40.95 -4.54 -52.11
N SER DA 34 -41.54 -3.77 -51.20
CA SER DA 34 -42.99 -3.60 -51.21
C SER DA 34 -43.46 -2.70 -52.35
N TRP DA 35 -42.54 -1.95 -52.97
CA TRP DA 35 -42.90 -1.15 -54.12
C TRP DA 35 -43.13 -2.05 -55.33
N SER DA 36 -42.43 -3.17 -55.39
CA SER DA 36 -42.56 -4.08 -56.53
C SER DA 36 -43.88 -4.81 -56.50
N SER DA 37 -44.45 -5.01 -55.31
CA SER DA 37 -45.74 -5.68 -55.22
C SER DA 37 -46.87 -4.77 -55.65
N ARG DA 38 -46.77 -3.48 -55.32
CA ARG DA 38 -47.77 -2.52 -55.76
C ARG DA 38 -47.63 -2.23 -57.25
N TRP DA 39 -46.43 -2.40 -57.79
CA TRP DA 39 -46.21 -2.18 -59.20
C TRP DA 39 -46.82 -3.29 -60.04
N GLU DA 40 -46.53 -4.54 -59.67
CA GLU DA 40 -46.96 -5.67 -60.49
C GLU DA 40 -48.46 -5.90 -60.38
N SER DA 41 -49.07 -5.43 -59.29
CA SER DA 41 -50.52 -5.55 -59.18
C SER DA 41 -51.23 -4.53 -60.06
N ALA DA 42 -50.57 -3.40 -60.35
CA ALA DA 42 -51.24 -2.35 -61.10
C ALA DA 42 -50.87 -2.36 -62.57
N TRP DA 43 -49.64 -2.72 -62.91
CA TRP DA 43 -49.19 -2.70 -64.29
C TRP DA 43 -49.72 -3.86 -65.12
N SER DA 44 -50.12 -4.97 -64.47
CA SER DA 44 -50.36 -6.22 -65.17
C SER DA 44 -51.53 -6.16 -66.14
N LYS DA 45 -52.44 -5.21 -65.93
CA LYS DA 45 -53.54 -5.04 -66.87
C LYS DA 45 -53.08 -4.30 -68.12
N PHE DA 46 -51.96 -3.59 -68.03
CA PHE DA 46 -51.45 -2.86 -69.19
C PHE DA 46 -50.54 -3.74 -70.03
N GLY DA 47 -50.08 -4.85 -69.46
CA GLY DA 47 -49.14 -5.69 -70.18
C GLY DA 47 -49.82 -6.57 -71.20
N GLU DA 48 -51.05 -6.98 -70.91
CA GLU DA 48 -51.75 -7.87 -71.83
C GLU DA 48 -52.50 -7.08 -72.90
N ALA DA 49 -52.75 -5.80 -72.66
CA ALA DA 49 -53.43 -4.99 -73.67
C ALA DA 49 -52.49 -4.64 -74.81
N VAL DA 50 -51.19 -4.57 -74.54
CA VAL DA 50 -50.24 -4.25 -75.58
C VAL DA 50 -49.93 -5.48 -76.42
N LYS DA 51 -49.86 -6.66 -75.79
CA LYS DA 51 -49.64 -7.89 -76.53
C LYS DA 51 -50.86 -8.31 -77.34
N ALA DA 52 -52.03 -7.72 -77.06
CA ALA DA 52 -53.22 -7.95 -77.86
C ALA DA 52 -53.25 -7.13 -79.13
N LEU DA 53 -52.22 -6.33 -79.40
CA LEU DA 53 -52.07 -5.62 -80.66
C LEU DA 53 -51.12 -6.33 -81.60
N GLY DA 54 -51.07 -7.66 -81.54
CA GLY DA 54 -50.08 -8.40 -82.29
C GLY DA 54 -50.35 -8.44 -83.77
N LYS DA 55 -51.62 -8.40 -84.16
CA LYS DA 55 -52.00 -8.53 -85.56
C LYS DA 55 -52.06 -7.20 -86.30
N ILE DA 56 -51.46 -6.15 -85.75
CA ILE DA 56 -51.27 -4.90 -86.48
C ILE DA 56 -49.87 -4.94 -87.08
N GLU DA 57 -49.77 -4.86 -88.41
CA GLU DA 57 -48.51 -5.02 -89.09
C GLU DA 57 -48.09 -3.74 -89.78
N GLY DA 58 -46.79 -3.59 -89.97
CA GLY DA 58 -46.27 -2.53 -90.81
C GLY DA 58 -45.29 -1.58 -90.17
N ALA DA 59 -45.69 -0.33 -90.07
CA ALA DA 59 -44.87 0.84 -89.81
C ALA DA 59 -44.41 0.93 -88.37
N PRO DA 60 -43.68 2.00 -87.97
CA PRO DA 60 -43.62 2.35 -86.54
C PRO DA 60 -44.99 2.39 -85.86
N ARG DA 61 -45.19 1.47 -84.92
CA ARG DA 61 -46.48 1.25 -84.31
C ARG DA 61 -46.56 1.77 -82.88
N ALA DA 62 -45.74 2.76 -82.54
CA ALA DA 62 -45.77 3.28 -81.17
C ALA DA 62 -47.03 4.07 -80.89
N LEU DA 63 -47.57 4.75 -81.90
CA LEU DA 63 -48.68 5.66 -81.68
C LEU DA 63 -49.98 4.91 -81.41
N VAL DA 64 -50.16 3.76 -82.06
CA VAL DA 64 -51.32 2.93 -81.76
C VAL DA 64 -51.11 2.23 -80.42
N ILE DA 65 -49.85 1.95 -80.07
CA ILE DA 65 -49.55 1.31 -78.79
C ILE DA 65 -49.74 2.30 -77.65
N ALA DA 66 -49.30 3.55 -77.85
CA ALA DA 66 -49.38 4.55 -76.80
C ALA DA 66 -50.82 4.98 -76.54
N LYS DA 67 -51.59 5.20 -77.61
CA LYS DA 67 -52.94 5.72 -77.42
C LYS DA 67 -53.91 4.65 -76.94
N VAL DA 68 -53.54 3.38 -77.07
CA VAL DA 68 -54.31 2.33 -76.39
C VAL DA 68 -54.01 2.34 -74.90
N GLN DA 69 -52.74 2.53 -74.52
CA GLN DA 69 -52.38 2.59 -73.11
C GLN DA 69 -52.92 3.85 -72.46
N GLU DA 70 -53.03 4.94 -73.21
CA GLU DA 70 -53.59 6.17 -72.66
C GLU DA 70 -55.10 6.02 -72.47
N ALA DA 71 -55.76 5.24 -73.34
CA ALA DA 71 -57.20 5.13 -73.28
C ALA DA 71 -57.64 4.18 -72.16
N LEU DA 72 -56.83 3.17 -71.88
CA LEU DA 72 -57.22 2.20 -70.85
C LEU DA 72 -56.97 2.76 -69.47
N ALA DA 73 -56.12 3.79 -69.37
CA ALA DA 73 -55.81 4.38 -68.08
C ALA DA 73 -56.99 5.16 -67.52
N TYR DA 74 -57.81 5.75 -68.39
CA TYR DA 74 -58.98 6.49 -67.94
C TYR DA 74 -60.06 5.56 -67.44
N MET DA 75 -60.09 4.32 -67.94
CA MET DA 75 -61.08 3.36 -67.47
C MET DA 75 -60.72 2.78 -66.12
N SER DA 76 -59.46 2.92 -65.71
CA SER DA 76 -58.95 2.31 -64.49
C SER DA 76 -58.92 3.27 -63.31
N LYS DA 77 -59.46 4.46 -63.46
CA LYS DA 77 -59.50 5.40 -62.36
C LYS DA 77 -60.55 4.96 -61.34
N PRO DA 78 -60.49 5.49 -60.11
CA PRO DA 78 -61.60 5.26 -59.17
C PRO DA 78 -62.91 5.85 -59.63
N LEU DA 79 -62.86 6.95 -60.40
CA LEU DA 79 -64.02 7.47 -61.11
C LEU DA 79 -63.67 7.41 -62.60
N PRO DA 80 -64.13 6.40 -63.32
CA PRO DA 80 -63.73 6.23 -64.71
C PRO DA 80 -64.42 7.24 -65.61
N ASN DA 81 -63.70 7.66 -66.64
CA ASN DA 81 -64.18 8.67 -67.58
C ASN DA 81 -64.15 8.06 -68.98
N MET DA 82 -65.30 7.54 -69.42
CA MET DA 82 -65.37 6.94 -70.75
C MET DA 82 -65.36 7.97 -71.86
N LYS DA 83 -65.66 9.23 -71.57
CA LYS DA 83 -65.65 10.25 -72.62
C LYS DA 83 -64.24 10.63 -72.99
N LEU DA 84 -63.37 10.86 -72.00
CA LEU DA 84 -61.97 11.16 -72.29
C LEU DA 84 -61.20 9.90 -72.69
N ALA DA 85 -61.73 8.73 -72.37
CA ALA DA 85 -61.10 7.50 -72.83
C ALA DA 85 -61.32 7.29 -74.32
N MET DA 86 -62.47 7.70 -74.82
CA MET DA 86 -62.75 7.56 -76.25
C MET DA 86 -62.02 8.63 -77.06
N ALA DA 87 -61.55 9.68 -76.39
CA ALA DA 87 -60.77 10.71 -77.08
C ALA DA 87 -59.43 10.16 -77.51
N ALA DA 88 -58.81 9.33 -76.68
CA ALA DA 88 -57.53 8.74 -77.05
C ALA DA 88 -57.71 7.51 -77.92
N ALA DA 89 -58.90 6.91 -77.88
CA ALA DA 89 -59.13 5.70 -78.65
C ALA DA 89 -59.26 6.00 -80.14
N VAL DA 90 -59.90 7.11 -80.49
CA VAL DA 90 -60.05 7.46 -81.91
C VAL DA 90 -58.73 7.95 -82.48
N GLN DA 91 -57.80 8.36 -81.64
CA GLN DA 91 -56.47 8.70 -82.14
C GLN DA 91 -55.71 7.45 -82.52
N ALA DA 92 -55.93 6.35 -81.80
CA ALA DA 92 -55.26 5.10 -82.13
C ALA DA 92 -55.83 4.48 -83.41
N VAL DA 93 -57.13 4.64 -83.64
CA VAL DA 93 -57.75 4.11 -84.84
C VAL DA 93 -57.28 4.87 -86.07
N ARG DA 94 -57.18 6.20 -85.96
CA ARG DA 94 -56.69 7.00 -87.07
C ARG DA 94 -55.21 6.73 -87.34
N ALA DA 95 -54.44 6.48 -86.28
CA ALA DA 95 -53.03 6.16 -86.47
C ALA DA 95 -52.84 4.76 -87.04
N CYS DA 96 -53.74 3.84 -86.70
CA CYS DA 96 -53.65 2.49 -87.25
C CYS DA 96 -54.08 2.45 -88.71
N GLU DA 97 -54.98 3.36 -89.10
CA GLU DA 97 -55.62 3.27 -90.41
C GLU DA 97 -54.64 3.61 -91.54
N GLN DA 98 -53.68 4.47 -91.27
CA GLN DA 98 -52.75 4.92 -92.29
C GLN DA 98 -51.61 3.94 -92.53
N LEU DA 99 -51.53 2.87 -91.76
CA LEU DA 99 -50.46 1.89 -91.95
C LEU DA 99 -50.76 1.05 -93.19
N PRO DA 100 -49.73 0.62 -93.92
CA PRO DA 100 -49.96 -0.17 -95.12
C PRO DA 100 -50.39 -1.59 -94.78
N GLY DA 101 -51.58 -1.97 -95.23
CA GLY DA 101 -52.12 -3.27 -94.97
C GLY DA 101 -53.29 -3.28 -94.01
N MET DA 102 -53.62 -2.14 -93.41
CA MET DA 102 -54.70 -2.09 -92.42
C MET DA 102 -55.89 -1.32 -92.97
N ASN DA 103 -57.08 -1.84 -92.70
CA ASN DA 103 -58.35 -1.20 -93.00
C ASN DA 103 -58.86 -0.48 -91.76
N ARG DA 104 -59.92 0.29 -91.93
CA ARG DA 104 -60.53 0.95 -90.78
C ARG DA 104 -61.25 -0.06 -89.89
N GLU DA 105 -61.86 -1.09 -90.49
CA GLU DA 105 -62.56 -2.09 -89.69
C GLU DA 105 -61.59 -3.04 -89.00
N ARG DA 106 -60.42 -3.27 -89.60
CA ARG DA 106 -59.43 -4.12 -88.96
C ARG DA 106 -58.74 -3.39 -87.82
N CYS DA 107 -58.72 -2.06 -87.87
CA CYS DA 107 -58.15 -1.29 -86.77
C CYS DA 107 -59.18 -1.07 -85.67
N LEU DA 108 -60.46 -1.08 -86.03
CA LEU DA 108 -61.50 -1.07 -85.00
C LEU DA 108 -61.58 -2.41 -84.29
N ASP DA 109 -61.10 -3.47 -84.95
CA ASP DA 109 -61.03 -4.79 -84.33
C ASP DA 109 -59.98 -4.83 -83.23
N ALA DA 110 -58.78 -4.35 -83.53
CA ALA DA 110 -57.65 -4.52 -82.62
C ALA DA 110 -57.76 -3.59 -81.42
N VAL DA 111 -58.26 -2.37 -81.65
CA VAL DA 111 -58.32 -1.39 -80.58
C VAL DA 111 -59.42 -1.74 -79.58
N ALA DA 112 -60.62 -2.03 -80.08
CA ALA DA 112 -61.71 -2.42 -79.19
C ALA DA 112 -61.50 -3.81 -78.60
N GLY DA 113 -60.72 -4.65 -79.28
CA GLY DA 113 -60.38 -5.94 -78.71
C GLY DA 113 -59.39 -5.82 -77.57
N ALA DA 114 -58.48 -4.85 -77.65
CA ALA DA 114 -57.50 -4.66 -76.60
C ALA DA 114 -58.10 -3.97 -75.39
N LEU DA 115 -58.86 -2.90 -75.62
CA LEU DA 115 -59.52 -2.21 -74.53
C LEU DA 115 -60.66 -3.02 -73.93
N GLY DA 116 -61.25 -3.94 -74.69
CA GLY DA 116 -62.32 -4.75 -74.18
C GLY DA 116 -63.67 -4.07 -74.17
N VAL DA 117 -63.96 -3.24 -75.17
CA VAL DA 117 -65.26 -2.62 -75.28
C VAL DA 117 -65.88 -2.98 -76.63
N ALA DA 118 -67.13 -2.54 -76.85
CA ALA DA 118 -67.80 -2.78 -78.11
C ALA DA 118 -67.18 -1.92 -79.21
N LYS DA 119 -67.39 -2.37 -80.46
CA LYS DA 119 -66.81 -1.65 -81.59
C LYS DA 119 -67.57 -0.36 -81.88
N ASP DA 120 -68.85 -0.29 -81.52
CA ASP DA 120 -69.65 0.89 -81.82
C ASP DA 120 -69.30 2.09 -80.96
N TRP DA 121 -68.68 1.88 -79.80
CA TRP DA 121 -68.35 2.99 -78.91
C TRP DA 121 -67.24 3.85 -79.47
N ILE DA 122 -66.38 3.29 -80.30
CA ILE DA 122 -65.35 4.06 -80.95
C ILE DA 122 -65.88 4.64 -82.27
N ARG DA 123 -66.78 3.91 -82.94
CA ARG DA 123 -67.35 4.37 -84.20
C ARG DA 123 -68.23 5.61 -84.03
N ARG DA 124 -68.83 5.78 -82.85
CA ARG DA 124 -69.64 6.97 -82.58
C ARG DA 124 -68.77 8.22 -82.55
N GLU DA 125 -67.54 8.10 -82.02
CA GLU DA 125 -66.69 9.27 -81.88
C GLU DA 125 -65.85 9.51 -83.11
N MET DA 126 -65.93 8.63 -84.11
CA MET DA 126 -65.09 8.79 -85.30
C MET DA 126 -65.60 9.91 -86.18
N THR DA 127 -66.89 9.84 -86.56
CA THR DA 127 -67.60 10.83 -87.39
C THR DA 127 -66.91 11.18 -88.71
N SER EA 2 59.82 -23.24 -19.68
CA SER EA 2 59.20 -21.98 -19.33
C SER EA 2 58.04 -22.21 -18.39
N VAL EA 3 57.76 -21.23 -17.55
CA VAL EA 3 56.68 -21.35 -16.58
C VAL EA 3 55.35 -20.88 -17.14
N GLU EA 4 55.38 -19.96 -18.12
CA GLU EA 4 54.14 -19.45 -18.67
C GLU EA 4 53.42 -20.51 -19.49
N VAL EA 5 54.18 -21.40 -20.12
CA VAL EA 5 53.56 -22.54 -20.80
C VAL EA 5 53.13 -23.58 -19.77
N TYR EA 6 53.78 -23.57 -18.60
CA TYR EA 6 53.41 -24.49 -17.54
C TYR EA 6 52.11 -24.07 -16.87
N ARG EA 7 51.91 -22.76 -16.68
CA ARG EA 7 50.79 -22.27 -15.89
C ARG EA 7 49.47 -22.45 -16.61
N GLN EA 8 49.47 -22.37 -17.93
CA GLN EA 8 48.20 -22.38 -18.66
C GLN EA 8 47.58 -23.76 -18.71
N LYS EA 9 48.38 -24.81 -18.55
CA LYS EA 9 47.81 -26.15 -18.47
C LYS EA 9 47.36 -26.48 -17.05
N ILE EA 10 47.87 -25.76 -16.05
CA ILE EA 10 47.46 -25.97 -14.68
C ILE EA 10 46.05 -25.43 -14.46
N GLU EA 11 45.74 -24.28 -15.05
CA GLU EA 11 44.47 -23.63 -14.80
C GLU EA 11 43.28 -24.31 -15.46
N LYS EA 12 43.50 -25.38 -16.21
CA LYS EA 12 42.41 -26.17 -16.75
C LYS EA 12 41.88 -27.20 -15.76
N GLY EA 13 42.58 -27.43 -14.66
CA GLY EA 13 42.14 -28.38 -13.67
C GLY EA 13 42.24 -29.82 -14.11
N GLY EA 14 43.46 -30.30 -14.35
CA GLY EA 14 43.63 -31.67 -14.81
C GLY EA 14 43.61 -32.69 -13.70
N TYR EA 15 43.86 -32.28 -12.46
CA TYR EA 15 43.86 -33.23 -11.35
C TYR EA 15 42.45 -33.64 -10.97
N SER EA 16 41.52 -32.68 -11.00
CA SER EA 16 40.13 -33.00 -10.71
C SER EA 16 39.49 -33.74 -11.87
N ALA EA 17 39.78 -33.33 -13.11
CA ALA EA 17 39.09 -33.88 -14.27
C ALA EA 17 39.53 -35.31 -14.57
N ALA EA 18 40.78 -35.64 -14.25
CA ALA EA 18 41.19 -37.03 -14.36
C ALA EA 18 40.60 -37.87 -13.24
N TYR EA 19 40.29 -37.23 -12.12
CA TYR EA 19 39.67 -37.95 -11.02
C TYR EA 19 38.20 -38.23 -11.29
N GLU EA 20 37.50 -37.28 -11.91
CA GLU EA 20 36.09 -37.48 -12.20
C GLU EA 20 35.89 -38.47 -13.34
N ALA EA 21 36.78 -38.45 -14.33
CA ALA EA 21 36.66 -39.38 -15.44
C ALA EA 21 36.99 -40.80 -15.00
N THR EA 22 37.80 -40.93 -13.95
CA THR EA 22 38.07 -42.25 -13.39
C THR EA 22 36.85 -42.79 -12.66
N ARG EA 23 36.14 -41.91 -11.95
CA ARG EA 23 34.94 -42.32 -11.22
C ARG EA 23 33.83 -42.74 -12.16
N ARG EA 24 33.71 -42.07 -13.31
CA ARG EA 24 32.66 -42.38 -14.27
C ARG EA 24 32.88 -43.73 -14.92
N TYR EA 25 34.15 -44.14 -15.05
CA TYR EA 25 34.43 -45.46 -15.61
C TYR EA 25 34.03 -46.55 -14.63
N GLU EA 26 34.30 -46.34 -13.35
CA GLU EA 26 33.94 -47.32 -12.33
C GLU EA 26 32.43 -47.38 -12.09
N ARG EA 27 31.72 -46.29 -12.37
CA ARG EA 27 30.26 -46.28 -12.29
C ARG EA 27 29.61 -46.66 -13.61
N GLU EA 28 30.38 -47.29 -14.51
CA GLU EA 28 29.94 -47.84 -15.79
C GLU EA 28 29.24 -46.83 -16.68
N GLU EA 29 29.74 -45.59 -16.71
CA GLU EA 29 29.19 -44.58 -17.60
C GLU EA 29 30.06 -44.31 -18.81
N ILE EA 30 31.22 -44.95 -18.91
CA ILE EA 30 32.14 -44.74 -20.01
C ILE EA 30 32.53 -46.10 -20.58
N GLU EA 31 32.35 -46.26 -21.88
CA GLU EA 31 32.79 -47.45 -22.58
C GLU EA 31 34.13 -47.17 -23.25
N VAL EA 32 34.73 -48.22 -23.80
CA VAL EA 32 36.07 -48.14 -24.39
C VAL EA 32 35.96 -47.46 -25.75
N LEU EA 33 36.82 -46.46 -25.96
CA LEU EA 33 36.83 -45.71 -27.21
C LEU EA 33 37.35 -46.58 -28.34
N SER EA 34 36.89 -46.28 -29.56
CA SER EA 34 37.28 -47.07 -30.71
C SER EA 34 38.68 -46.74 -31.19
N TRP EA 35 39.27 -45.65 -30.69
CA TRP EA 35 40.65 -45.35 -31.01
C TRP EA 35 41.58 -46.26 -30.24
N SER EA 36 41.20 -46.65 -29.02
CA SER EA 36 42.05 -47.50 -28.21
C SER EA 36 42.00 -48.94 -28.69
N SER EA 37 40.89 -49.35 -29.31
CA SER EA 37 40.81 -50.70 -29.84
C SER EA 37 41.68 -50.86 -31.07
N ARG EA 38 41.77 -49.81 -31.88
CA ARG EA 38 42.69 -49.83 -33.01
C ARG EA 38 44.13 -49.68 -32.55
N TRP EA 39 44.33 -49.13 -31.36
CA TRP EA 39 45.69 -48.86 -30.89
C TRP EA 39 46.39 -50.15 -30.47
N GLU EA 40 45.81 -50.88 -29.52
CA GLU EA 40 46.50 -52.02 -28.94
C GLU EA 40 46.53 -53.21 -29.88
N SER EA 41 45.72 -53.18 -30.94
CA SER EA 41 45.86 -54.21 -31.97
C SER EA 41 47.10 -53.98 -32.82
N ALA EA 42 47.56 -52.73 -32.92
CA ALA EA 42 48.75 -52.45 -33.71
C ALA EA 42 50.00 -52.41 -32.86
N TRP EA 43 49.90 -51.95 -31.62
CA TRP EA 43 51.06 -51.71 -30.80
C TRP EA 43 51.62 -52.96 -30.14
N SER EA 44 50.84 -54.04 -30.08
CA SER EA 44 51.21 -55.20 -29.27
C SER EA 44 52.45 -55.92 -29.81
N LYS EA 45 52.76 -55.73 -31.09
CA LYS EA 45 53.98 -56.33 -31.63
C LYS EA 45 55.20 -55.53 -31.23
N PHE EA 46 55.03 -54.23 -30.96
CA PHE EA 46 56.17 -53.40 -30.59
C PHE EA 46 56.44 -53.48 -29.10
N GLY EA 47 55.43 -53.83 -28.31
CA GLY EA 47 55.59 -53.78 -26.87
C GLY EA 47 56.32 -54.99 -26.33
N GLU EA 48 56.09 -56.15 -26.93
CA GLU EA 48 56.75 -57.36 -26.44
C GLU EA 48 58.09 -57.57 -27.12
N ALA EA 49 58.36 -56.83 -28.20
CA ALA EA 49 59.64 -56.96 -28.86
C ALA EA 49 60.71 -56.13 -28.19
N VAL EA 50 60.33 -55.04 -27.53
CA VAL EA 50 61.31 -54.25 -26.80
C VAL EA 50 61.65 -54.91 -25.47
N LYS EA 51 60.74 -55.73 -24.94
CA LYS EA 51 61.03 -56.45 -23.70
C LYS EA 51 61.97 -57.61 -23.93
N ALA EA 52 62.21 -57.99 -25.19
CA ALA EA 52 63.21 -59.00 -25.52
C ALA EA 52 64.62 -58.44 -25.56
N LEU EA 53 64.80 -57.14 -25.36
CA LEU EA 53 66.11 -56.54 -25.22
C LEU EA 53 66.54 -56.41 -23.76
N GLY EA 54 66.08 -57.32 -22.91
CA GLY EA 54 66.34 -57.18 -21.49
C GLY EA 54 67.75 -57.60 -21.11
N LYS EA 55 68.36 -58.46 -21.92
CA LYS EA 55 69.68 -59.00 -21.63
C LYS EA 55 70.81 -58.07 -22.07
N ILE EA 56 70.51 -56.97 -22.73
CA ILE EA 56 71.53 -55.98 -23.08
C ILE EA 56 71.80 -55.14 -21.84
N GLU EA 57 73.05 -55.09 -21.41
CA GLU EA 57 73.38 -54.56 -20.10
C GLU EA 57 74.23 -53.31 -20.20
N GLY EA 58 74.01 -52.38 -19.27
CA GLY EA 58 74.91 -51.28 -19.08
C GLY EA 58 74.36 -49.87 -19.20
N ALA EA 59 74.83 -49.16 -20.21
CA ALA EA 59 74.76 -47.73 -20.42
C ALA EA 59 73.36 -47.30 -20.87
N PRO EA 60 73.11 -45.99 -21.18
CA PRO EA 60 71.90 -45.64 -21.94
C PRO EA 60 71.67 -46.47 -23.19
N ARG EA 61 70.61 -47.27 -23.18
CA ARG EA 61 70.29 -48.19 -24.25
C ARG EA 61 69.14 -47.69 -25.12
N ALA EA 62 68.96 -46.38 -25.21
CA ALA EA 62 67.83 -45.85 -25.97
C ALA EA 62 68.05 -46.01 -27.47
N LEU EA 63 69.29 -45.92 -27.92
CA LEU EA 63 69.57 -46.02 -29.35
C LEU EA 63 69.39 -47.45 -29.85
N VAL EA 64 69.65 -48.43 -28.98
CA VAL EA 64 69.40 -49.81 -29.34
C VAL EA 64 67.90 -50.08 -29.39
N ILE EA 65 67.17 -49.45 -28.48
CA ILE EA 65 65.73 -49.67 -28.38
C ILE EA 65 65.01 -48.98 -29.53
N ALA EA 66 65.44 -47.76 -29.88
CA ALA EA 66 64.75 -46.99 -30.90
C ALA EA 66 64.96 -47.56 -32.29
N LYS EA 67 66.17 -48.00 -32.60
CA LYS EA 67 66.44 -48.47 -33.95
C LYS EA 67 65.88 -49.86 -34.20
N VAL EA 68 65.63 -50.62 -33.13
CA VAL EA 68 64.91 -51.88 -33.28
C VAL EA 68 63.44 -51.62 -33.57
N GLN EA 69 62.85 -50.64 -32.87
CA GLN EA 69 61.46 -50.27 -33.13
C GLN EA 69 61.29 -49.62 -34.49
N GLU EA 70 62.32 -48.92 -34.96
CA GLU EA 70 62.30 -48.40 -36.32
C GLU EA 70 62.40 -49.52 -37.35
N ALA EA 71 63.10 -50.60 -36.99
CA ALA EA 71 63.29 -51.69 -37.94
C ALA EA 71 62.04 -52.56 -38.04
N LEU EA 72 61.24 -52.61 -36.99
CA LEU EA 72 59.99 -53.37 -37.05
C LEU EA 72 58.93 -52.64 -37.86
N ALA EA 73 59.01 -51.31 -37.92
CA ALA EA 73 58.00 -50.55 -38.61
C ALA EA 73 58.10 -50.73 -40.11
N TYR EA 74 59.30 -50.97 -40.62
CA TYR EA 74 59.44 -51.20 -42.06
C TYR EA 74 58.99 -52.60 -42.44
N MET EA 75 59.07 -53.55 -41.49
CA MET EA 75 58.62 -54.90 -41.80
C MET EA 75 57.11 -55.01 -41.76
N SER EA 76 56.44 -54.10 -41.05
CA SER EA 76 55.02 -54.20 -40.81
C SER EA 76 54.18 -53.33 -41.73
N LYS EA 77 54.78 -52.77 -42.76
CA LYS EA 77 54.02 -52.04 -43.76
C LYS EA 77 53.19 -53.01 -44.60
N PRO EA 78 52.18 -52.52 -45.33
CA PRO EA 78 51.52 -53.38 -46.32
C PRO EA 78 52.44 -53.83 -47.44
N LEU EA 79 53.48 -53.06 -47.75
CA LEU EA 79 54.55 -53.45 -48.66
C LEU EA 79 55.85 -53.39 -47.89
N PRO EA 80 56.28 -54.49 -47.26
CA PRO EA 80 57.44 -54.43 -46.36
C PRO EA 80 58.73 -54.23 -47.12
N ASN EA 81 59.60 -53.40 -46.55
CA ASN EA 81 60.88 -53.04 -47.15
C ASN EA 81 61.97 -53.61 -46.27
N MET EA 82 62.46 -54.80 -46.62
CA MET EA 82 63.52 -55.43 -45.84
C MET EA 82 64.88 -54.79 -46.09
N LYS EA 83 65.03 -53.99 -47.14
CA LYS EA 83 66.28 -53.28 -47.34
C LYS EA 83 66.45 -52.15 -46.34
N LEU EA 84 65.41 -51.32 -46.18
CA LEU EA 84 65.48 -50.24 -45.21
C LEU EA 84 65.35 -50.75 -43.79
N ALA EA 85 64.73 -51.92 -43.59
CA ALA EA 85 64.63 -52.47 -42.25
C ALA EA 85 65.98 -52.97 -41.77
N MET EA 86 66.83 -53.41 -42.69
CA MET EA 86 68.18 -53.80 -42.32
C MET EA 86 69.06 -52.58 -42.11
N ALA EA 87 68.65 -51.43 -42.65
CA ALA EA 87 69.45 -50.22 -42.55
C ALA EA 87 69.49 -49.70 -41.12
N ALA EA 88 68.33 -49.64 -40.47
CA ALA EA 88 68.30 -49.18 -39.08
C ALA EA 88 68.84 -50.25 -38.15
N ALA EA 89 68.74 -51.53 -38.55
CA ALA EA 89 69.12 -52.62 -37.66
C ALA EA 89 70.64 -52.71 -37.52
N VAL EA 90 71.39 -52.44 -38.59
CA VAL EA 90 72.84 -52.44 -38.47
C VAL EA 90 73.34 -51.21 -37.72
N GLN EA 91 72.51 -50.18 -37.62
CA GLN EA 91 72.83 -49.07 -36.72
C GLN EA 91 72.66 -49.49 -35.27
N ALA EA 92 71.66 -50.33 -34.99
CA ALA EA 92 71.43 -50.78 -33.62
C ALA EA 92 72.49 -51.77 -33.18
N VAL EA 93 73.00 -52.59 -34.11
CA VAL EA 93 74.09 -53.50 -33.77
C VAL EA 93 75.37 -52.72 -33.53
N ARG EA 94 75.63 -51.70 -34.34
CA ARG EA 94 76.82 -50.88 -34.15
C ARG EA 94 76.70 -50.00 -32.90
N ALA EA 95 75.48 -49.64 -32.52
CA ALA EA 95 75.30 -48.89 -31.28
C ALA EA 95 75.45 -49.78 -30.06
N CYS EA 96 75.13 -51.06 -30.21
CA CYS EA 96 75.16 -51.98 -29.07
C CYS EA 96 76.58 -52.38 -28.70
N GLU EA 97 77.52 -52.21 -29.62
CA GLU EA 97 78.88 -52.72 -29.43
C GLU EA 97 79.65 -51.90 -28.40
N GLN EA 98 79.34 -50.61 -28.27
CA GLN EA 98 80.12 -49.73 -27.41
C GLN EA 98 79.82 -49.91 -25.94
N LEU EA 99 78.78 -50.65 -25.58
CA LEU EA 99 78.46 -50.81 -24.18
C LEU EA 99 79.42 -51.82 -23.54
N PRO EA 100 79.87 -51.54 -22.32
CA PRO EA 100 80.84 -52.44 -21.68
C PRO EA 100 80.17 -53.74 -21.26
N GLY EA 101 80.68 -54.85 -21.82
CA GLY EA 101 80.09 -56.14 -21.61
C GLY EA 101 79.45 -56.75 -22.83
N MET EA 102 79.34 -56.01 -23.92
CA MET EA 102 78.70 -56.51 -25.13
C MET EA 102 79.71 -56.77 -26.24
N ASN EA 103 79.56 -57.91 -26.89
CA ASN EA 103 80.35 -58.27 -28.07
C ASN EA 103 79.52 -58.02 -29.32
N ARG EA 104 80.16 -58.18 -30.48
CA ARG EA 104 79.44 -58.03 -31.73
C ARG EA 104 78.49 -59.20 -31.96
N GLU EA 105 78.84 -60.38 -31.45
CA GLU EA 105 77.97 -61.54 -31.62
C GLU EA 105 76.80 -61.50 -30.66
N ARG EA 106 77.01 -60.97 -29.45
CA ARG EA 106 75.93 -60.90 -28.48
C ARG EA 106 74.90 -59.85 -28.85
N CYS EA 107 75.33 -58.81 -29.56
CA CYS EA 107 74.38 -57.81 -30.04
C CYS EA 107 73.61 -58.32 -31.25
N LEU EA 108 74.23 -59.20 -32.05
CA LEU EA 108 73.49 -59.85 -33.12
C LEU EA 108 72.51 -60.87 -32.57
N ASP EA 109 72.76 -61.38 -31.35
CA ASP EA 109 71.81 -62.27 -30.71
C ASP EA 109 70.54 -61.53 -30.30
N ALA EA 110 70.71 -60.36 -29.68
CA ALA EA 110 69.56 -59.64 -29.14
C ALA EA 110 68.75 -58.98 -30.24
N VAL EA 111 69.42 -58.39 -31.23
CA VAL EA 111 68.72 -57.61 -32.24
C VAL EA 111 67.98 -58.53 -33.22
N ALA EA 112 68.67 -59.55 -33.73
CA ALA EA 112 68.03 -60.45 -34.69
C ALA EA 112 67.01 -61.36 -34.00
N GLY EA 113 67.12 -61.56 -32.70
CA GLY EA 113 66.09 -62.29 -31.98
C GLY EA 113 64.85 -61.44 -31.74
N ALA EA 114 65.04 -60.14 -31.52
CA ALA EA 114 63.90 -59.25 -31.26
C ALA EA 114 63.10 -58.99 -32.52
N LEU EA 115 63.79 -58.77 -33.64
CA LEU EA 115 63.09 -58.65 -34.92
C LEU EA 115 62.54 -59.98 -35.41
N GLY EA 116 63.06 -61.10 -34.91
CA GLY EA 116 62.57 -62.38 -35.34
C GLY EA 116 63.06 -62.83 -36.70
N VAL EA 117 64.22 -62.34 -37.11
CA VAL EA 117 64.77 -62.72 -38.41
C VAL EA 117 66.07 -63.47 -38.19
N ALA EA 118 66.66 -63.98 -39.27
CA ALA EA 118 67.91 -64.70 -39.19
C ALA EA 118 69.06 -63.75 -38.90
N LYS EA 119 70.12 -64.30 -38.30
CA LYS EA 119 71.27 -63.46 -37.94
C LYS EA 119 72.09 -63.07 -39.15
N ASP EA 120 72.08 -63.91 -40.19
CA ASP EA 120 72.89 -63.66 -41.38
C ASP EA 120 72.41 -62.48 -42.20
N TRP EA 121 71.16 -62.04 -42.03
CA TRP EA 121 70.68 -60.86 -42.75
C TRP EA 121 71.33 -59.60 -42.23
N ILE EA 122 71.59 -59.52 -40.93
CA ILE EA 122 72.23 -58.34 -40.37
C ILE EA 122 73.74 -58.42 -40.52
N ARG EA 123 74.31 -59.62 -40.61
CA ARG EA 123 75.75 -59.77 -40.79
C ARG EA 123 76.22 -59.28 -42.15
N ARG EA 124 75.39 -59.45 -43.18
CA ARG EA 124 75.77 -59.06 -44.53
C ARG EA 124 75.91 -57.55 -44.67
N GLU EA 125 74.94 -56.81 -44.14
CA GLU EA 125 74.97 -55.35 -44.31
C GLU EA 125 75.86 -54.67 -43.29
N MET EA 126 76.45 -55.42 -42.36
CA MET EA 126 77.29 -54.81 -41.34
C MET EA 126 78.60 -54.30 -41.92
N THR EA 127 79.34 -55.18 -42.60
CA THR EA 127 80.66 -54.93 -43.20
C THR EA 127 81.66 -54.35 -42.21
N SER FA 2 -40.31 26.98 -59.59
CA SER FA 2 -38.92 27.40 -59.48
C SER FA 2 -38.02 26.19 -59.26
N VAL FA 3 -36.77 26.32 -59.67
CA VAL FA 3 -35.78 25.27 -59.51
C VAL FA 3 -35.11 25.34 -58.13
N GLU FA 4 -35.01 26.54 -57.56
CA GLU FA 4 -34.29 26.70 -56.30
C GLU FA 4 -35.08 26.11 -55.15
N VAL FA 5 -36.41 26.08 -55.28
CA VAL FA 5 -37.23 25.40 -54.28
C VAL FA 5 -37.23 23.90 -54.56
N TYR FA 6 -36.94 23.53 -55.81
CA TYR FA 6 -36.87 22.11 -56.18
C TYR FA 6 -35.60 21.48 -55.65
N ARG FA 7 -34.48 22.19 -55.73
CA ARG FA 7 -33.18 21.60 -55.43
C ARG FA 7 -32.97 21.34 -53.95
N GLN FA 8 -33.57 22.15 -53.10
CA GLN FA 8 -33.33 22.01 -51.67
C GLN FA 8 -34.04 20.79 -51.10
N LYS FA 9 -35.06 20.29 -51.79
CA LYS FA 9 -35.71 19.05 -51.35
C LYS FA 9 -35.00 17.84 -51.93
N ILE FA 10 -34.29 18.01 -53.04
CA ILE FA 10 -33.56 16.91 -53.66
C ILE FA 10 -32.33 16.56 -52.85
N GLU FA 11 -31.60 17.58 -52.38
CA GLU FA 11 -30.40 17.33 -51.60
C GLU FA 11 -30.68 16.78 -50.22
N LYS FA 12 -31.93 16.80 -49.78
CA LYS FA 12 -32.31 16.14 -48.54
C LYS FA 12 -32.42 14.63 -48.68
N GLY FA 13 -32.39 14.12 -49.91
CA GLY FA 13 -32.33 12.68 -50.14
C GLY FA 13 -33.59 11.92 -49.75
N GLY FA 14 -34.69 12.17 -50.46
CA GLY FA 14 -35.94 11.53 -50.10
C GLY FA 14 -36.13 10.16 -50.69
N TYR FA 15 -35.41 9.85 -51.77
CA TYR FA 15 -35.58 8.56 -52.43
C TYR FA 15 -34.95 7.44 -51.62
N SER FA 16 -33.75 7.70 -51.09
CA SER FA 16 -33.07 6.70 -50.27
C SER FA 16 -33.76 6.55 -48.93
N ALA FA 17 -34.21 7.66 -48.35
CA ALA FA 17 -34.81 7.63 -47.02
C ALA FA 17 -36.16 6.94 -47.03
N ALA FA 18 -36.90 7.04 -48.14
CA ALA FA 18 -38.17 6.34 -48.23
C ALA FA 18 -37.96 4.86 -48.47
N TYR FA 19 -36.81 4.48 -49.02
CA TYR FA 19 -36.50 3.08 -49.21
C TYR FA 19 -36.15 2.42 -47.88
N GLU FA 20 -35.40 3.12 -47.04
CA GLU FA 20 -35.04 2.56 -45.74
C GLU FA 20 -36.23 2.55 -44.79
N ALA FA 21 -37.18 3.48 -44.98
CA ALA FA 21 -38.38 3.47 -44.16
C ALA FA 21 -39.27 2.29 -44.51
N THR FA 22 -39.23 1.85 -45.77
CA THR FA 22 -40.01 0.69 -46.17
C THR FA 22 -39.37 -0.59 -45.67
N ARG FA 23 -38.03 -0.66 -45.72
CA ARG FA 23 -37.33 -1.86 -45.26
C ARG FA 23 -37.42 -2.02 -43.75
N ARG FA 24 -37.45 -0.90 -43.02
CA ARG FA 24 -37.65 -0.95 -41.58
C ARG FA 24 -39.03 -1.45 -41.23
N TYR FA 25 -40.01 -1.16 -42.08
CA TYR FA 25 -41.36 -1.64 -41.84
C TYR FA 25 -41.47 -3.14 -42.03
N GLU FA 26 -40.81 -3.67 -43.06
CA GLU FA 26 -40.88 -5.09 -43.34
C GLU FA 26 -40.10 -5.92 -42.33
N ARG FA 27 -39.12 -5.32 -41.66
CA ARG FA 27 -38.40 -5.94 -40.56
C ARG FA 27 -39.02 -5.57 -39.21
N GLU FA 28 -40.29 -5.15 -39.23
CA GLU FA 28 -41.15 -4.96 -38.05
C GLU FA 28 -40.59 -3.97 -37.03
N GLU FA 29 -39.77 -3.02 -37.45
CA GLU FA 29 -39.24 -2.02 -36.53
C GLU FA 29 -40.08 -0.76 -36.49
N ILE FA 30 -41.15 -0.68 -37.25
CA ILE FA 30 -42.01 0.49 -37.29
C ILE FA 30 -43.45 0.01 -37.14
N GLU FA 31 -44.16 0.58 -36.18
CA GLU FA 31 -45.56 0.29 -36.02
C GLU FA 31 -46.38 1.48 -36.54
N VAL FA 32 -47.69 1.27 -36.64
CA VAL FA 32 -48.60 2.27 -37.19
C VAL FA 32 -48.73 3.41 -36.19
N LEU FA 33 -48.46 4.63 -36.67
CA LEU FA 33 -48.58 5.83 -35.85
C LEU FA 33 -50.02 6.08 -35.47
N SER FA 34 -50.24 6.68 -34.31
CA SER FA 34 -51.60 6.93 -33.86
C SER FA 34 -52.22 8.12 -34.57
N TRP FA 35 -51.42 8.91 -35.28
CA TRP FA 35 -51.99 9.94 -36.15
C TRP FA 35 -52.73 9.30 -37.31
N SER FA 36 -52.25 8.15 -37.78
CA SER FA 36 -52.90 7.47 -38.90
C SER FA 36 -54.18 6.79 -38.47
N SER FA 37 -54.25 6.36 -37.20
CA SER FA 37 -55.47 5.74 -36.72
C SER FA 37 -56.56 6.77 -36.51
N ARG FA 38 -56.17 8.01 -36.18
CA ARG FA 38 -57.15 9.08 -36.10
C ARG FA 38 -57.54 9.58 -37.49
N TRP FA 39 -56.65 9.39 -38.46
CA TRP FA 39 -56.94 9.85 -39.82
C TRP FA 39 -57.92 8.93 -40.51
N GLU FA 40 -57.67 7.62 -40.47
CA GLU FA 40 -58.47 6.68 -41.24
C GLU FA 40 -59.83 6.48 -40.59
N SER FA 41 -59.94 6.76 -39.29
CA SER FA 41 -61.24 6.68 -38.64
C SER FA 41 -62.14 7.84 -39.06
N ALA FA 42 -61.55 8.97 -39.42
CA ALA FA 42 -62.35 10.15 -39.73
C ALA FA 42 -62.57 10.33 -41.22
N TRP FA 43 -61.55 10.04 -42.04
CA TRP FA 43 -61.62 10.31 -43.47
C TRP FA 43 -62.50 9.33 -44.23
N SER FA 44 -62.76 8.15 -43.67
CA SER FA 44 -63.30 7.03 -44.44
C SER FA 44 -64.72 7.29 -44.94
N LYS FA 45 -65.44 8.22 -44.31
CA LYS FA 45 -66.75 8.58 -44.81
C LYS FA 45 -66.66 9.51 -46.00
N PHE FA 46 -65.53 10.20 -46.14
CA PHE FA 46 -65.34 11.06 -47.30
C PHE FA 46 -64.80 10.29 -48.49
N GLY FA 47 -64.26 9.10 -48.23
CA GLY FA 47 -63.66 8.34 -49.31
C GLY FA 47 -64.70 7.63 -50.15
N GLU FA 48 -65.72 7.07 -49.51
CA GLU FA 48 -66.72 6.31 -50.24
C GLU FA 48 -67.81 7.22 -50.79
N ALA FA 49 -67.91 8.44 -50.28
CA ALA FA 49 -68.89 9.37 -50.80
C ALA FA 49 -68.46 9.95 -52.15
N VAL FA 50 -67.16 10.10 -52.35
CA VAL FA 50 -66.65 10.60 -53.63
C VAL FA 50 -66.79 9.53 -54.70
N LYS FA 51 -66.64 8.26 -54.32
CA LYS FA 51 -66.81 7.17 -55.28
C LYS FA 51 -68.26 6.99 -55.69
N ALA FA 52 -69.20 7.56 -54.95
CA ALA FA 52 -70.61 7.50 -55.30
C ALA FA 52 -71.01 8.49 -56.37
N LEU FA 53 -70.09 9.35 -56.82
CA LEU FA 53 -70.32 10.23 -57.96
C LEU FA 53 -69.74 9.66 -59.24
N GLY FA 54 -69.75 8.34 -59.39
CA GLY FA 54 -69.05 7.72 -60.50
C GLY FA 54 -69.80 7.85 -61.81
N LYS FA 55 -71.13 7.96 -61.75
CA LYS FA 55 -71.96 7.98 -62.94
C LYS FA 55 -72.17 9.38 -63.51
N ILE FA 56 -71.41 10.37 -63.04
CA ILE FA 56 -71.39 11.68 -63.67
C ILE FA 56 -70.32 11.67 -64.75
N GLU FA 57 -70.69 12.07 -65.96
CA GLU FA 57 -69.79 11.99 -67.10
C GLU FA 57 -69.49 13.36 -67.66
N GLY FA 58 -68.34 13.48 -68.30
CA GLY FA 58 -68.05 14.67 -69.08
C GLY FA 58 -66.83 15.47 -68.66
N ALA FA 59 -67.09 16.67 -68.16
CA ALA FA 59 -66.12 17.74 -68.02
C ALA FA 59 -65.19 17.47 -66.84
N PRO FA 60 -64.24 18.40 -66.55
CA PRO FA 60 -63.65 18.43 -65.21
C PRO FA 60 -64.69 18.41 -64.11
N ARG FA 61 -64.77 17.29 -63.40
CA ARG FA 61 -65.77 17.06 -62.37
C ARG FA 61 -65.27 17.43 -60.99
N ALA FA 62 -64.24 18.26 -60.91
CA ALA FA 62 -63.64 18.59 -59.63
C ALA FA 62 -64.53 19.47 -58.79
N LEU FA 63 -65.34 20.32 -59.43
CA LEU FA 63 -66.22 21.21 -58.69
C LEU FA 63 -67.39 20.45 -58.08
N VAL FA 64 -67.81 19.37 -58.72
CA VAL FA 64 -68.86 18.53 -58.16
C VAL FA 64 -68.32 17.72 -57.00
N ILE FA 65 -67.06 17.31 -57.09
CA ILE FA 65 -66.45 16.49 -56.05
C ILE FA 65 -66.13 17.34 -54.83
N ALA FA 66 -65.65 18.56 -55.06
CA ALA FA 66 -65.24 19.41 -53.94
C ALA FA 66 -66.43 19.94 -53.17
N LYS FA 67 -67.50 20.31 -53.86
CA LYS FA 67 -68.66 20.87 -53.16
C LYS FA 67 -69.46 19.79 -52.47
N VAL FA 68 -69.32 18.54 -52.89
CA VAL FA 68 -69.94 17.45 -52.16
C VAL FA 68 -69.13 17.13 -50.89
N GLN FA 69 -67.81 17.19 -51.00
CA GLN FA 69 -66.95 17.00 -49.84
C GLN FA 69 -67.10 18.13 -48.83
N GLU FA 70 -67.36 19.34 -49.31
CA GLU FA 70 -67.61 20.46 -48.41
C GLU FA 70 -68.97 20.32 -47.74
N ALA FA 71 -69.95 19.78 -48.46
CA ALA FA 71 -71.29 19.65 -47.90
C ALA FA 71 -71.36 18.51 -46.90
N LEU FA 72 -70.56 17.47 -47.11
CA LEU FA 72 -70.56 16.35 -46.17
C LEU FA 72 -69.87 16.73 -44.88
N ALA FA 73 -68.89 17.63 -44.95
CA ALA FA 73 -68.10 17.98 -43.78
C ALA FA 73 -68.91 18.82 -42.80
N TYR FA 74 -69.90 19.55 -43.30
CA TYR FA 74 -70.74 20.35 -42.42
C TYR FA 74 -71.68 19.48 -41.61
N MET FA 75 -72.08 18.34 -42.16
CA MET FA 75 -72.98 17.45 -41.45
C MET FA 75 -72.24 16.63 -40.39
N SER FA 76 -70.91 16.63 -40.43
CA SER FA 76 -70.12 15.81 -39.54
C SER FA 76 -69.57 16.58 -38.34
N LYS FA 77 -70.03 17.81 -38.11
CA LYS FA 77 -69.60 18.55 -36.95
C LYS FA 77 -70.28 17.99 -35.70
N PRO FA 78 -69.73 18.26 -34.52
CA PRO FA 78 -70.46 17.93 -33.29
C PRO FA 78 -71.78 18.67 -33.16
N LEU FA 79 -71.86 19.88 -33.71
CA LEU FA 79 -73.11 20.61 -33.88
C LEU FA 79 -73.31 20.78 -35.38
N PRO FA 80 -74.06 19.91 -36.02
CA PRO FA 80 -74.17 19.96 -37.48
C PRO FA 80 -75.07 21.10 -37.94
N ASN FA 81 -74.71 21.67 -39.08
CA ASN FA 81 -75.43 22.80 -39.67
C ASN FA 81 -75.91 22.38 -41.05
N MET FA 82 -77.18 21.99 -41.14
CA MET FA 82 -77.74 21.60 -42.42
C MET FA 82 -78.08 22.79 -43.30
N LYS FA 83 -78.10 24.00 -42.73
CA LYS FA 83 -78.36 25.18 -43.54
C LYS FA 83 -77.16 25.53 -44.41
N LEU FA 84 -75.97 25.57 -43.81
CA LEU FA 84 -74.77 25.83 -44.59
C LEU FA 84 -74.36 24.63 -45.41
N ALA FA 85 -74.86 23.44 -45.07
CA ALA FA 85 -74.54 22.26 -45.87
C ALA FA 85 -75.31 22.25 -47.18
N MET FA 86 -76.55 22.76 -47.17
CA MET FA 86 -77.30 22.86 -48.42
C MET FA 86 -76.81 24.01 -49.26
N ALA FA 87 -76.12 24.96 -48.65
CA ALA FA 87 -75.50 26.05 -49.40
C ALA FA 87 -74.39 25.54 -50.30
N ALA FA 88 -73.58 24.62 -49.79
CA ALA FA 88 -72.53 24.02 -50.61
C ALA FA 88 -73.11 22.96 -51.54
N ALA FA 89 -74.29 22.45 -51.22
CA ALA FA 89 -74.86 21.38 -52.03
C ALA FA 89 -75.46 21.92 -53.33
N VAL FA 90 -76.10 23.09 -53.28
CA VAL FA 90 -76.73 23.64 -54.48
C VAL FA 90 -75.69 24.18 -55.43
N GLN FA 91 -74.48 24.44 -54.95
CA GLN FA 91 -73.40 24.80 -55.86
C GLN FA 91 -72.94 23.58 -56.64
N ALA FA 92 -73.03 22.40 -56.03
CA ALA FA 92 -72.67 21.17 -56.73
C ALA FA 92 -73.71 20.80 -57.78
N VAL FA 93 -74.98 21.10 -57.52
CA VAL FA 93 -76.04 20.76 -58.48
C VAL FA 93 -75.98 21.68 -59.68
N ARG FA 94 -75.71 22.97 -59.46
CA ARG FA 94 -75.58 23.90 -60.58
C ARG FA 94 -74.33 23.61 -61.39
N ALA FA 95 -73.24 23.20 -60.75
CA ALA FA 95 -72.01 22.88 -61.47
C ALA FA 95 -72.15 21.59 -62.25
N CYS FA 96 -73.03 20.69 -61.82
CA CYS FA 96 -73.16 19.41 -62.49
C CYS FA 96 -74.07 19.51 -63.71
N GLU FA 97 -75.05 20.40 -63.69
CA GLU FA 97 -76.08 20.36 -64.73
C GLU FA 97 -75.62 21.02 -66.02
N GLN FA 98 -74.52 21.75 -65.98
CA GLN FA 98 -73.99 22.36 -67.19
C GLN FA 98 -73.11 21.41 -67.99
N LEU FA 99 -72.84 20.22 -67.47
CA LEU FA 99 -71.98 19.28 -68.18
C LEU FA 99 -72.77 18.63 -69.31
N PRO FA 100 -72.10 18.24 -70.40
CA PRO FA 100 -72.80 17.57 -71.49
C PRO FA 100 -73.26 16.18 -71.09
N GLY FA 101 -74.57 15.96 -71.15
CA GLY FA 101 -75.16 14.69 -70.82
C GLY FA 101 -75.95 14.65 -69.54
N MET FA 102 -75.78 15.64 -68.67
CA MET FA 102 -76.44 15.62 -67.37
C MET FA 102 -77.67 16.51 -67.36
N ASN FA 103 -78.63 16.13 -66.55
CA ASN FA 103 -79.88 16.85 -66.33
C ASN FA 103 -79.87 17.50 -64.96
N ARG FA 104 -80.91 18.26 -64.65
CA ARG FA 104 -81.03 18.82 -63.30
C ARG FA 104 -81.40 17.75 -62.30
N GLU FA 105 -82.24 16.79 -62.70
CA GLU FA 105 -82.68 15.76 -61.78
C GLU FA 105 -81.64 14.67 -61.64
N ARG FA 106 -80.88 14.41 -62.70
CA ARG FA 106 -79.83 13.39 -62.61
C ARG FA 106 -78.65 13.88 -61.78
N CYS FA 107 -78.45 15.20 -61.72
CA CYS FA 107 -77.47 15.74 -60.77
C CYS FA 107 -78.08 15.85 -59.38
N LEU FA 108 -79.40 15.99 -59.30
CA LEU FA 108 -80.07 15.90 -58.01
C LEU FA 108 -80.06 14.46 -57.51
N ASP FA 109 -79.96 13.49 -58.42
CA ASP FA 109 -79.84 12.10 -58.03
C ASP FA 109 -78.47 11.80 -57.45
N ALA FA 110 -77.41 12.31 -58.10
CA ALA FA 110 -76.06 11.96 -57.71
C ALA FA 110 -75.65 12.67 -56.42
N VAL FA 111 -76.11 13.90 -56.23
CA VAL FA 111 -75.70 14.66 -55.05
C VAL FA 111 -76.41 14.15 -53.81
N ALA FA 112 -77.74 14.01 -53.88
CA ALA FA 112 -78.50 13.56 -52.72
C ALA FA 112 -78.24 12.09 -52.40
N GLY FA 113 -77.82 11.31 -53.40
CA GLY FA 113 -77.44 9.94 -53.12
C GLY FA 113 -76.08 9.85 -52.44
N ALA FA 114 -75.17 10.76 -52.78
CA ALA FA 114 -73.84 10.74 -52.17
C ALA FA 114 -73.89 11.27 -50.75
N LEU FA 115 -74.59 12.38 -50.53
CA LEU FA 115 -74.72 12.92 -49.18
C LEU FA 115 -75.66 12.09 -48.33
N GLY FA 116 -76.51 11.28 -48.94
CA GLY FA 116 -77.41 10.44 -48.18
C GLY FA 116 -78.60 11.17 -47.60
N VAL FA 117 -79.08 12.20 -48.27
CA VAL FA 117 -80.26 12.92 -47.82
C VAL FA 117 -81.36 12.80 -48.87
N ALA FA 118 -82.53 13.35 -48.57
CA ALA FA 118 -83.63 13.35 -49.53
C ALA FA 118 -83.35 14.35 -50.64
N LYS FA 119 -84.02 14.14 -51.78
CA LYS FA 119 -83.81 15.03 -52.92
C LYS FA 119 -84.53 16.36 -52.74
N ASP FA 120 -85.56 16.40 -51.92
CA ASP FA 120 -86.36 17.62 -51.76
C ASP FA 120 -85.65 18.67 -50.91
N TRP FA 121 -84.67 18.29 -50.10
CA TRP FA 121 -83.95 19.27 -49.30
C TRP FA 121 -83.10 20.18 -50.17
N ILE FA 122 -82.52 19.63 -51.22
CA ILE FA 122 -81.69 20.44 -52.12
C ILE FA 122 -82.56 21.20 -53.11
N ARG FA 123 -83.72 20.65 -53.48
CA ARG FA 123 -84.62 21.31 -54.41
C ARG FA 123 -85.24 22.57 -53.81
N ARG FA 124 -85.42 22.61 -52.49
CA ARG FA 124 -85.98 23.79 -51.84
C ARG FA 124 -85.02 24.96 -51.91
N GLU FA 125 -83.73 24.70 -51.77
CA GLU FA 125 -82.76 25.79 -51.78
C GLU FA 125 -82.38 26.21 -53.20
N MET FA 126 -82.75 25.41 -54.19
CA MET FA 126 -82.32 25.69 -55.56
C MET FA 126 -83.04 26.92 -56.12
N THR FA 127 -84.34 27.01 -55.89
CA THR FA 127 -85.26 28.07 -56.39
C THR FA 127 -85.10 28.40 -57.87
N SER GA 2 57.20 -19.56 5.32
CA SER GA 2 56.38 -18.37 5.12
C SER GA 2 54.97 -18.60 5.62
N VAL GA 3 54.35 -17.56 6.15
CA VAL GA 3 52.99 -17.66 6.69
C VAL GA 3 51.95 -17.40 5.62
N GLU GA 4 52.27 -16.64 4.57
CA GLU GA 4 51.29 -16.33 3.55
C GLU GA 4 50.93 -17.57 2.74
N VAL GA 5 51.90 -18.44 2.50
CA VAL GA 5 51.61 -19.71 1.83
C VAL GA 5 50.92 -20.65 2.81
N TYR GA 6 51.13 -20.45 4.11
CA TYR GA 6 50.44 -21.25 5.12
C TYR GA 6 48.98 -20.88 5.21
N ARG GA 7 48.68 -19.57 5.16
CA ARG GA 7 47.31 -19.10 5.37
C ARG GA 7 46.39 -19.48 4.23
N GLN GA 8 46.93 -19.58 3.01
CA GLN GA 8 46.08 -19.84 1.86
C GLN GA 8 45.61 -21.28 1.82
N LYS GA 9 46.29 -22.19 2.51
CA LYS GA 9 45.81 -23.56 2.58
C LYS GA 9 44.94 -23.79 3.79
N ILE GA 10 44.99 -22.88 4.76
CA ILE GA 10 44.15 -22.99 5.94
C ILE GA 10 42.72 -22.57 5.62
N GLU GA 11 42.55 -21.52 4.83
CA GLU GA 11 41.24 -20.99 4.53
C GLU GA 11 40.44 -21.87 3.58
N LYS GA 12 41.02 -22.95 3.05
CA LYS GA 12 40.27 -23.90 2.26
C LYS GA 12 39.45 -24.86 3.10
N GLY GA 13 39.67 -24.90 4.41
CA GLY GA 13 38.89 -25.75 5.28
C GLY GA 13 39.20 -27.22 5.11
N GLY GA 14 40.45 -27.61 5.36
CA GLY GA 14 40.82 -29.00 5.18
C GLY GA 14 40.47 -29.89 6.36
N TYR GA 15 40.21 -29.29 7.52
CA TYR GA 15 39.87 -30.09 8.70
C TYR GA 15 38.45 -30.61 8.59
N SER GA 16 37.54 -29.76 8.13
CA SER GA 16 36.14 -30.17 7.99
C SER GA 16 35.96 -31.13 6.84
N ALA GA 17 36.65 -30.89 5.73
CA ALA GA 17 36.45 -31.72 4.55
C ALA GA 17 37.07 -33.09 4.70
N ALA GA 18 38.13 -33.21 5.50
CA ALA GA 18 38.66 -34.53 5.82
C ALA GA 18 37.72 -35.26 6.75
N TYR GA 19 36.98 -34.51 7.58
CA TYR GA 19 36.02 -35.13 8.48
C TYR GA 19 34.77 -35.56 7.73
N GLU GA 20 34.35 -34.80 6.73
CA GLU GA 20 33.17 -35.16 5.96
C GLU GA 20 33.45 -36.33 5.04
N ALA GA 21 34.63 -36.36 4.43
CA ALA GA 21 34.96 -37.47 3.53
C ALA GA 21 35.18 -38.76 4.29
N THR GA 22 35.55 -38.66 5.56
CA THR GA 22 35.67 -39.86 6.38
C THR GA 22 34.31 -40.43 6.72
N ARG GA 23 33.34 -39.56 7.02
CA ARG GA 23 32.00 -40.02 7.34
C ARG GA 23 31.31 -40.61 6.13
N ARG GA 24 31.63 -40.10 4.93
CA ARG GA 24 31.04 -40.61 3.71
C ARG GA 24 31.55 -42.01 3.41
N TYR GA 25 32.77 -42.32 3.85
CA TYR GA 25 33.28 -43.66 3.67
C TYR GA 25 32.56 -44.65 4.57
N GLU GA 26 32.26 -44.25 5.80
CA GLU GA 26 31.61 -45.15 6.74
C GLU GA 26 30.14 -45.35 6.44
N ARG GA 27 29.50 -44.39 5.77
CA ARG GA 27 28.12 -44.53 5.33
C ARG GA 27 28.02 -45.08 3.92
N GLU GA 28 29.08 -45.75 3.44
CA GLU GA 28 29.16 -46.48 2.19
C GLU GA 28 28.86 -45.61 0.96
N GLU GA 29 29.35 -44.38 0.94
CA GLU GA 29 29.16 -43.50 -0.20
C GLU GA 29 30.43 -43.31 -1.02
N ILE GA 30 31.51 -43.97 -0.66
CA ILE GA 30 32.79 -43.82 -1.35
C ILE GA 30 33.39 -45.20 -1.51
N GLU GA 31 33.78 -45.51 -2.74
CA GLU GA 31 34.49 -46.74 -3.03
C GLU GA 31 35.97 -46.43 -3.20
N VAL GA 32 36.79 -47.48 -3.28
CA VAL GA 32 38.23 -47.34 -3.37
C VAL GA 32 38.59 -46.91 -4.79
N LEU GA 33 39.45 -45.91 -4.90
CA LEU GA 33 39.82 -45.38 -6.20
C LEU GA 33 40.80 -46.30 -6.88
N SER GA 34 40.78 -46.31 -8.22
CA SER GA 34 41.70 -47.18 -8.95
C SER GA 34 43.10 -46.62 -8.97
N TRP GA 35 43.28 -45.36 -8.59
CA TRP GA 35 44.62 -44.84 -8.37
C TRP GA 35 45.25 -45.50 -7.14
N SER GA 36 44.44 -45.81 -6.13
CA SER GA 36 44.96 -46.43 -4.93
C SER GA 36 45.22 -47.92 -5.14
N SER GA 37 44.50 -48.54 -6.06
CA SER GA 37 44.69 -49.96 -6.31
C SER GA 37 45.96 -50.19 -7.11
N ARG GA 38 46.27 -49.31 -8.04
CA ARG GA 38 47.53 -49.40 -8.77
C ARG GA 38 48.70 -49.02 -7.89
N TRP GA 39 48.45 -48.21 -6.86
CA TRP GA 39 49.52 -47.76 -5.98
C TRP GA 39 49.97 -48.87 -5.06
N GLU GA 40 49.02 -49.58 -4.45
CA GLU GA 40 49.36 -50.55 -3.42
C GLU GA 40 50.00 -51.80 -4.01
N SER GA 41 49.77 -52.05 -5.30
CA SER GA 41 50.42 -53.19 -5.93
C SER GA 41 51.89 -52.93 -6.20
N ALA GA 42 52.22 -51.72 -6.65
CA ALA GA 42 53.60 -51.42 -7.00
C ALA GA 42 54.45 -51.11 -5.77
N TRP GA 43 53.85 -50.50 -4.76
CA TRP GA 43 54.62 -50.02 -3.62
C TRP GA 43 54.91 -51.09 -2.58
N SER GA 44 54.16 -52.20 -2.59
CA SER GA 44 54.24 -53.18 -1.51
C SER GA 44 55.59 -53.89 -1.46
N LYS GA 45 56.32 -53.89 -2.57
CA LYS GA 45 57.66 -54.46 -2.56
C LYS GA 45 58.67 -53.47 -1.99
N PHE GA 46 58.34 -52.17 -2.04
CA PHE GA 46 59.24 -51.17 -1.50
C PHE GA 46 59.03 -51.00 -0.01
N GLY GA 47 57.86 -51.37 0.49
CA GLY GA 47 57.57 -51.17 1.90
C GLY GA 47 58.27 -52.19 2.76
N GLU GA 48 58.33 -53.44 2.29
CA GLU GA 48 58.93 -54.49 3.10
C GLU GA 48 60.45 -54.42 3.06
N ALA GA 49 61.01 -53.76 2.06
CA ALA GA 49 62.46 -53.67 1.96
C ALA GA 49 63.03 -52.70 2.98
N VAL GA 50 62.29 -51.63 3.29
CA VAL GA 50 62.74 -50.67 4.28
C VAL GA 50 62.64 -51.27 5.67
N LYS GA 51 61.64 -52.12 5.90
CA LYS GA 51 61.48 -52.76 7.21
C LYS GA 51 62.52 -53.85 7.46
N ALA GA 52 63.25 -54.27 6.42
CA ALA GA 52 64.34 -55.23 6.59
C ALA GA 52 65.65 -54.56 7.00
N LEU GA 53 65.70 -53.23 7.10
CA LEU GA 53 66.86 -52.52 7.60
C LEU GA 53 66.75 -52.21 9.09
N GLY GA 54 66.03 -53.05 9.83
CA GLY GA 54 65.79 -52.74 11.23
C GLY GA 54 67.00 -52.93 12.11
N LYS GA 55 67.94 -53.78 11.68
CA LYS GA 55 69.11 -54.10 12.48
C LYS GA 55 70.21 -53.07 12.37
N ILE GA 56 70.17 -52.20 11.36
CA ILE GA 56 71.16 -51.13 11.24
C ILE GA 56 70.85 -50.09 12.31
N GLU GA 57 71.83 -49.79 13.15
CA GLU GA 57 71.60 -49.02 14.36
C GLU GA 57 72.34 -47.69 14.32
N GLY GA 58 71.79 -46.72 15.04
CA GLY GA 58 72.54 -45.52 15.34
C GLY GA 58 72.02 -44.20 14.78
N ALA GA 59 72.78 -43.64 13.87
CA ALA GA 59 72.77 -42.27 13.40
C ALA GA 59 71.57 -41.95 12.51
N PRO GA 60 71.47 -40.73 11.94
CA PRO GA 60 70.64 -40.55 10.74
C PRO GA 60 70.87 -41.63 9.69
N ARG GA 61 69.85 -42.46 9.48
CA ARG GA 61 69.92 -43.59 8.59
C ARG GA 61 69.17 -43.37 7.29
N ALA GA 62 68.94 -42.10 6.92
CA ALA GA 62 68.16 -41.81 5.73
C ALA GA 62 68.91 -42.15 4.46
N LEU GA 63 70.24 -42.05 4.49
CA LEU GA 63 71.02 -42.32 3.29
C LEU GA 63 71.08 -43.81 2.99
N VAL GA 64 71.02 -44.64 4.02
CA VAL GA 64 70.95 -46.08 3.80
C VAL GA 64 69.58 -46.45 3.28
N ILE GA 65 68.53 -45.80 3.79
CA ILE GA 65 67.16 -46.13 3.41
C ILE GA 65 66.87 -45.67 2.00
N ALA GA 66 67.36 -44.48 1.64
CA ALA GA 66 67.03 -43.91 0.34
C ALA GA 66 67.78 -44.62 -0.78
N LYS GA 67 69.01 -45.03 -0.53
CA LYS GA 67 69.80 -45.63 -1.60
C LYS GA 67 69.41 -47.08 -1.86
N VAL GA 68 68.86 -47.76 -0.86
CA VAL GA 68 68.39 -49.13 -1.10
C VAL GA 68 67.02 -49.09 -1.77
N GLN GA 69 66.31 -47.96 -1.65
CA GLN GA 69 65.06 -47.79 -2.38
C GLN GA 69 65.33 -47.39 -3.82
N GLU GA 70 66.40 -46.63 -4.05
CA GLU GA 70 66.80 -46.30 -5.41
C GLU GA 70 67.36 -47.52 -6.12
N ALA GA 71 68.02 -48.40 -5.38
CA ALA GA 71 68.63 -49.59 -5.99
C ALA GA 71 67.56 -50.62 -6.33
N LEU GA 72 66.51 -50.69 -5.52
CA LEU GA 72 65.43 -51.63 -5.81
C LEU GA 72 64.58 -51.16 -6.97
N ALA GA 73 64.51 -49.83 -7.16
CA ALA GA 73 63.68 -49.29 -8.23
C ALA GA 73 64.30 -49.55 -9.60
N TYR GA 74 65.61 -49.71 -9.65
CA TYR GA 74 66.27 -50.00 -10.91
C TYR GA 74 66.03 -51.43 -11.35
N MET GA 75 65.90 -52.35 -10.40
CA MET GA 75 65.70 -53.75 -10.75
C MET GA 75 64.27 -54.01 -11.17
N SER GA 76 63.35 -53.13 -10.82
CA SER GA 76 61.94 -53.35 -11.07
C SER GA 76 61.45 -52.67 -12.34
N LYS GA 77 62.35 -52.18 -13.18
CA LYS GA 77 61.96 -51.65 -14.47
C LYS GA 77 61.56 -52.80 -15.40
N PRO GA 78 60.81 -52.50 -16.47
CA PRO GA 78 60.57 -53.55 -17.48
C PRO GA 78 61.82 -54.04 -18.18
N LEU GA 79 62.85 -53.20 -18.28
CA LEU GA 79 64.17 -53.62 -18.74
C LEU GA 79 65.12 -53.32 -17.59
N PRO GA 80 65.34 -54.27 -16.68
CA PRO GA 80 66.10 -53.98 -15.46
C PRO GA 80 67.57 -53.77 -15.77
N ASN GA 81 68.14 -52.74 -15.12
CA ASN GA 81 69.53 -52.37 -15.31
C ASN GA 81 70.26 -52.63 -14.01
N MET GA 82 70.97 -53.77 -13.94
CA MET GA 82 71.66 -54.14 -12.72
C MET GA 82 72.94 -53.35 -12.51
N LYS GA 83 73.46 -52.69 -13.55
CA LYS GA 83 74.71 -51.95 -13.38
C LYS GA 83 74.45 -50.64 -12.64
N LEU GA 84 73.40 -49.92 -13.00
CA LEU GA 84 73.04 -48.72 -12.26
C LEU GA 84 72.40 -49.05 -10.93
N ALA GA 85 71.91 -50.29 -10.77
CA ALA GA 85 71.40 -50.71 -9.47
C ALA GA 85 72.54 -50.96 -8.50
N MET GA 86 73.67 -51.43 -9.00
CA MET GA 86 74.82 -51.67 -8.12
C MET GA 86 75.51 -50.35 -7.76
N ALA GA 87 75.28 -49.31 -8.56
CA ALA GA 87 75.92 -48.02 -8.29
C ALA GA 87 75.32 -47.37 -7.05
N ALA GA 88 74.01 -47.45 -6.90
CA ALA GA 88 73.38 -46.86 -5.71
C ALA GA 88 73.63 -47.72 -4.48
N ALA GA 89 73.83 -49.03 -4.67
CA ALA GA 89 73.95 -49.93 -3.54
C ALA GA 89 75.31 -49.80 -2.87
N VAL GA 90 76.37 -49.58 -3.64
CA VAL GA 90 77.69 -49.40 -3.03
C VAL GA 90 77.80 -48.04 -2.37
N GLN GA 91 76.91 -47.11 -2.73
CA GLN GA 91 76.80 -45.87 -1.97
C GLN GA 91 76.13 -46.13 -0.63
N ALA GA 92 75.18 -47.06 -0.60
CA ALA GA 92 74.49 -47.39 0.66
C ALA GA 92 75.41 -48.14 1.61
N VAL GA 93 76.30 -48.97 1.08
CA VAL GA 93 77.23 -49.71 1.94
C VAL GA 93 78.29 -48.77 2.50
N ARG GA 94 78.72 -47.80 1.71
CA ARG GA 94 79.68 -46.81 2.21
C ARG GA 94 79.05 -45.89 3.24
N ALA GA 95 77.79 -45.53 3.06
CA ALA GA 95 77.11 -44.68 4.03
C ALA GA 95 76.82 -45.43 5.32
N CYS GA 96 76.67 -46.75 5.22
CA CYS GA 96 76.38 -47.55 6.41
C CYS GA 96 77.61 -47.72 7.29
N GLU GA 97 78.80 -47.61 6.69
CA GLU GA 97 80.04 -47.94 7.39
C GLU GA 97 80.38 -46.93 8.47
N GLN GA 98 80.02 -45.67 8.26
CA GLN GA 98 80.44 -44.59 9.14
C GLN GA 98 79.68 -44.55 10.45
N LEU GA 99 78.57 -45.28 10.56
CA LEU GA 99 77.78 -45.24 11.78
C LEU GA 99 78.48 -46.02 12.89
N PRO GA 100 78.35 -45.58 14.14
CA PRO GA 100 78.99 -46.31 15.23
C PRO GA 100 78.28 -47.63 15.49
N GLY GA 101 79.06 -48.71 15.47
CA GLY GA 101 78.53 -50.03 15.65
C GLY GA 101 78.39 -50.84 14.38
N MET GA 102 78.76 -50.28 13.23
CA MET GA 102 78.62 -50.99 11.96
C MET GA 102 79.98 -51.29 11.35
N ASN GA 103 80.13 -52.52 10.89
CA ASN GA 103 81.31 -52.97 10.15
C ASN GA 103 80.99 -53.01 8.67
N ARG GA 104 82.01 -53.25 7.86
CA ARG GA 104 81.79 -53.36 6.41
C ARG GA 104 81.07 -54.66 6.08
N GLU GA 105 81.25 -55.69 6.90
CA GLU GA 105 80.59 -56.96 6.63
C GLU GA 105 79.14 -56.94 7.06
N ARG GA 106 78.83 -56.26 8.17
CA ARG GA 106 77.46 -56.23 8.66
C ARG GA 106 76.59 -55.32 7.79
N CYS GA 107 77.20 -54.34 7.14
CA CYS GA 107 76.45 -53.52 6.20
C CYS GA 107 76.16 -54.27 4.91
N LEU GA 108 77.06 -55.18 4.52
CA LEU GA 108 76.78 -56.04 3.37
C LEU GA 108 75.67 -57.03 3.68
N ASP GA 109 75.48 -57.38 4.95
CA ASP GA 109 74.38 -58.24 5.32
C ASP GA 109 73.03 -57.55 5.13
N ALA GA 110 72.91 -56.33 5.63
CA ALA GA 110 71.61 -55.66 5.63
C ALA GA 110 71.23 -55.16 4.25
N VAL GA 111 72.22 -54.67 3.50
CA VAL GA 111 71.93 -54.11 2.18
C VAL GA 111 71.58 -55.21 1.19
N ALA GA 112 72.39 -56.25 1.12
CA ALA GA 112 72.14 -57.33 0.16
C ALA GA 112 70.97 -58.20 0.59
N GLY GA 113 70.61 -58.16 1.87
CA GLY GA 113 69.42 -58.87 2.31
C GLY GA 113 68.14 -58.19 1.87
N ALA GA 114 68.16 -56.86 1.79
CA ALA GA 114 66.97 -56.11 1.39
C ALA GA 114 66.76 -56.17 -0.12
N LEU GA 115 67.86 -56.09 -0.88
CA LEU GA 115 67.75 -56.22 -2.32
C LEU GA 115 67.50 -57.67 -2.76
N GLY GA 116 67.71 -58.63 -1.88
CA GLY GA 116 67.52 -60.02 -2.23
C GLY GA 116 68.56 -60.57 -3.18
N VAL GA 117 69.75 -60.00 -3.17
CA VAL GA 117 70.80 -60.41 -4.10
C VAL GA 117 71.96 -60.99 -3.32
N ALA GA 118 72.93 -61.55 -4.05
CA ALA GA 118 74.12 -62.11 -3.42
C ALA GA 118 75.01 -61.01 -2.88
N LYS GA 119 75.79 -61.35 -1.86
CA LYS GA 119 76.69 -60.38 -1.27
C LYS GA 119 77.85 -60.04 -2.19
N ASP GA 120 78.28 -61.00 -3.02
CA ASP GA 120 79.43 -60.78 -3.88
C ASP GA 120 79.14 -59.84 -5.04
N TRP GA 121 77.87 -59.58 -5.35
CA TRP GA 121 77.55 -58.62 -6.40
C TRP GA 121 77.91 -57.21 -5.97
N ILE GA 122 77.74 -56.89 -4.70
CA ILE GA 122 78.08 -55.57 -4.20
C ILE GA 122 79.57 -55.47 -3.90
N ARG GA 123 80.23 -56.58 -3.60
CA ARG GA 123 81.65 -56.54 -3.24
C ARG GA 123 82.54 -56.26 -4.45
N ARG GA 124 82.12 -56.69 -5.65
CA ARG GA 124 82.89 -56.41 -6.85
C ARG GA 124 82.91 -54.93 -7.17
N GLU GA 125 81.77 -54.26 -6.98
CA GLU GA 125 81.67 -52.86 -7.36
C GLU GA 125 82.22 -51.93 -6.28
N MET GA 126 82.52 -52.48 -5.10
CA MET GA 126 82.91 -51.65 -3.96
C MET GA 126 84.31 -51.08 -4.15
N THR GA 127 85.30 -51.98 -4.32
CA THR GA 127 86.74 -51.67 -4.41
C THR GA 127 87.24 -50.82 -3.24
N SER HA 2 -48.45 38.09 -38.37
CA SER HA 2 -47.14 38.52 -38.85
C SER HA 2 -46.28 37.30 -39.14
N VAL HA 3 -45.32 37.47 -40.05
CA VAL HA 3 -44.46 36.36 -40.45
C VAL HA 3 -43.35 36.10 -39.44
N GLU HA 4 -42.85 37.13 -38.77
CA GLU HA 4 -41.68 36.96 -37.92
C GLU HA 4 -42.05 36.22 -36.64
N VAL HA 5 -43.27 36.44 -36.15
CA VAL HA 5 -43.73 35.67 -34.99
C VAL HA 5 -44.06 34.24 -35.41
N TYR HA 6 -44.37 34.05 -36.69
CA TYR HA 6 -44.62 32.70 -37.21
C TYR HA 6 -43.33 31.91 -37.32
N ARG HA 7 -42.22 32.58 -37.67
CA ARG HA 7 -40.97 31.88 -37.94
C ARG HA 7 -40.34 31.34 -36.67
N GLN HA 8 -40.49 32.05 -35.56
CA GLN HA 8 -39.77 31.67 -34.35
C GLN HA 8 -40.38 30.45 -33.68
N LYS HA 9 -41.62 30.12 -34.02
CA LYS HA 9 -42.19 28.87 -33.56
C LYS HA 9 -41.88 27.72 -34.52
N ILE HA 10 -41.43 28.06 -35.73
CA ILE HA 10 -41.09 27.04 -36.72
C ILE HA 10 -39.71 26.47 -36.44
N GLU HA 11 -38.74 27.32 -36.09
CA GLU HA 11 -37.38 26.88 -35.81
C GLU HA 11 -37.27 26.04 -34.55
N LYS HA 12 -38.28 26.09 -33.69
CA LYS HA 12 -38.31 25.23 -32.51
C LYS HA 12 -38.67 23.79 -32.84
N GLY HA 13 -39.15 23.52 -34.06
CA GLY HA 13 -39.39 22.16 -34.51
C GLY HA 13 -40.51 21.44 -33.80
N GLY HA 14 -41.74 21.92 -33.98
CA GLY HA 14 -42.86 21.30 -33.30
C GLY HA 14 -43.36 20.03 -33.97
N TYR HA 15 -42.98 19.81 -35.22
CA TYR HA 15 -43.48 18.64 -35.95
C TYR HA 15 -42.79 17.38 -35.47
N SER HA 16 -41.45 17.41 -35.43
CA SER HA 16 -40.70 16.26 -34.98
C SER HA 16 -40.87 16.03 -33.49
N ALA HA 17 -40.97 17.11 -32.71
CA ALA HA 17 -41.09 16.99 -31.26
C ALA HA 17 -42.43 16.40 -30.86
N ALA HA 18 -43.48 16.69 -31.63
CA ALA HA 18 -44.76 16.06 -31.34
C ALA HA 18 -44.77 14.61 -31.81
N TYR HA 19 -43.93 14.30 -32.80
CA TYR HA 19 -43.84 12.92 -33.27
C TYR HA 19 -43.08 12.05 -32.28
N GLU HA 20 -42.03 12.59 -31.67
CA GLU HA 20 -41.25 11.80 -30.72
C GLU HA 20 -42.02 11.63 -29.41
N ALA HA 21 -42.81 12.62 -29.01
CA ALA HA 21 -43.59 12.48 -27.79
C ALA HA 21 -44.76 11.53 -28.01
N THR HA 22 -45.20 11.36 -29.26
CA THR HA 22 -46.24 10.41 -29.56
C THR HA 22 -45.71 8.98 -29.49
N ARG HA 23 -44.53 8.75 -30.07
CA ARG HA 23 -43.90 7.43 -30.04
C ARG HA 23 -43.52 7.03 -28.63
N ARG HA 24 -43.22 8.01 -27.77
CA ARG HA 24 -42.92 7.72 -26.38
C ARG HA 24 -44.16 7.22 -25.64
N TYR HA 25 -45.33 7.67 -26.06
CA TYR HA 25 -46.56 7.23 -25.40
C TYR HA 25 -46.85 5.77 -25.72
N GLU HA 26 -46.56 5.36 -26.96
CA GLU HA 26 -46.87 4.00 -27.37
C GLU HA 26 -45.89 3.00 -26.79
N ARG HA 27 -44.69 3.43 -26.41
CA ARG HA 27 -43.72 2.59 -25.72
C ARG HA 27 -43.72 2.85 -24.22
N GLU HA 28 -44.85 3.35 -23.70
CA GLU HA 28 -45.16 3.44 -22.27
C GLU HA 28 -44.17 4.29 -21.47
N GLU HA 29 -43.51 5.25 -22.10
CA GLU HA 29 -42.57 6.11 -21.39
C GLU HA 29 -43.22 7.39 -20.89
N ILE HA 30 -44.48 7.61 -21.19
CA ILE HA 30 -45.21 8.79 -20.74
C ILE HA 30 -46.53 8.33 -20.15
N GLU HA 31 -46.79 8.74 -18.91
CA GLU HA 31 -48.09 8.51 -18.31
C GLU HA 31 -48.92 9.78 -18.39
N VAL HA 32 -50.18 9.67 -17.98
CA VAL HA 32 -51.11 10.78 -18.00
C VAL HA 32 -50.73 11.76 -16.91
N LEU HA 33 -50.48 13.01 -17.30
CA LEU HA 33 -50.10 14.06 -16.36
C LEU HA 33 -51.26 14.36 -15.43
N SER HA 34 -50.93 14.80 -14.21
CA SER HA 34 -51.96 15.03 -13.21
C SER HA 34 -52.75 16.30 -13.49
N TRP HA 35 -52.24 17.16 -14.37
CA TRP HA 35 -53.02 18.33 -14.80
C TRP HA 35 -54.18 17.90 -15.68
N SER HA 36 -54.01 16.81 -16.43
CA SER HA 36 -55.03 16.36 -17.37
C SER HA 36 -56.21 15.75 -16.64
N SER HA 37 -55.96 15.08 -15.52
CA SER HA 37 -57.05 14.48 -14.75
C SER HA 37 -57.87 15.55 -14.05
N ARG HA 38 -57.22 16.65 -13.66
CA ARG HA 38 -57.94 17.78 -13.09
C ARG HA 38 -58.72 18.51 -14.18
N TRP HA 39 -58.25 18.42 -15.43
CA TRP HA 39 -58.92 19.10 -16.53
C TRP HA 39 -60.19 18.37 -16.93
N GLU HA 40 -60.10 17.05 -17.09
CA GLU HA 40 -61.23 16.31 -17.64
C GLU HA 40 -62.31 16.11 -16.59
N SER HA 41 -61.94 16.17 -15.31
CA SER HA 41 -62.95 16.09 -14.26
C SER HA 41 -63.79 17.36 -14.21
N ALA HA 42 -63.22 18.49 -14.62
CA ALA HA 42 -63.92 19.76 -14.49
C ALA HA 42 -64.55 20.22 -15.79
N TRP HA 43 -63.91 19.95 -16.93
CA TRP HA 43 -64.43 20.43 -18.19
C TRP HA 43 -65.64 19.65 -18.68
N SER HA 44 -65.80 18.40 -18.22
CA SER HA 44 -66.70 17.44 -18.87
C SER HA 44 -68.17 17.86 -18.80
N LYS HA 45 -68.53 18.72 -17.85
CA LYS HA 45 -69.89 19.22 -17.81
C LYS HA 45 -70.12 20.27 -18.89
N PHE HA 46 -69.04 20.91 -19.35
CA PHE HA 46 -69.19 21.95 -20.36
C PHE HA 46 -69.20 21.36 -21.75
N GLY HA 47 -68.75 20.11 -21.90
CA GLY HA 47 -68.72 19.51 -23.21
C GLY HA 47 -70.07 18.93 -23.60
N GLU HA 48 -70.72 18.24 -22.67
CA GLU HA 48 -71.98 17.57 -22.99
C GLU HA 48 -73.15 18.54 -22.92
N ALA HA 49 -72.96 19.68 -22.27
CA ALA HA 49 -74.04 20.66 -22.20
C ALA HA 49 -74.00 21.62 -23.38
N VAL HA 50 -72.86 21.73 -24.05
CA VAL HA 50 -72.80 22.57 -25.23
C VAL HA 50 -73.21 21.76 -26.45
N LYS HA 51 -73.28 20.44 -26.33
CA LYS HA 51 -73.81 19.62 -27.41
C LYS HA 51 -75.34 19.56 -27.35
N ALA HA 52 -75.93 20.04 -26.26
CA ALA HA 52 -77.39 20.11 -26.18
C ALA HA 52 -77.97 21.29 -26.92
N LEU HA 53 -77.14 22.11 -27.55
CA LEU HA 53 -77.58 23.19 -28.42
C LEU HA 53 -77.57 22.78 -29.88
N GLY HA 54 -77.84 21.51 -30.16
CA GLY HA 54 -77.72 21.02 -31.53
C GLY HA 54 -78.87 21.42 -32.41
N LYS HA 55 -80.06 21.58 -31.84
CA LYS HA 55 -81.26 21.86 -32.59
C LYS HA 55 -81.49 23.34 -32.82
N ILE HA 56 -80.50 24.18 -32.56
CA ILE HA 56 -80.54 25.58 -32.99
C ILE HA 56 -79.90 25.65 -34.37
N GLU HA 57 -80.63 26.17 -35.34
CA GLU HA 57 -80.15 26.20 -36.71
C GLU HA 57 -79.98 27.63 -37.20
N GLY HA 58 -79.12 27.79 -38.20
CA GLY HA 58 -78.98 29.06 -38.87
C GLY HA 58 -77.60 29.66 -38.87
N ALA HA 59 -77.49 30.84 -38.28
CA ALA HA 59 -76.40 31.80 -38.37
C ALA HA 59 -75.19 31.34 -37.57
N PRO HA 60 -74.09 32.14 -37.49
CA PRO HA 60 -73.11 31.91 -36.42
C PRO HA 60 -73.72 31.84 -35.03
N ARG HA 61 -73.70 30.64 -34.45
CA ARG HA 61 -74.27 30.39 -33.14
C ARG HA 61 -73.22 30.42 -32.05
N ALA HA 62 -72.14 31.16 -32.25
CA ALA HA 62 -71.09 31.24 -31.25
C ALA HA 62 -71.54 32.06 -30.05
N LEU HA 63 -72.46 32.99 -30.25
CA LEU HA 63 -72.91 33.83 -29.15
C LEU HA 63 -73.86 33.07 -28.22
N VAL HA 64 -74.64 32.16 -28.78
CA VAL HA 64 -75.49 31.32 -27.94
C VAL HA 64 -74.65 30.27 -27.23
N ILE HA 65 -73.57 29.83 -27.89
CA ILE HA 65 -72.70 28.80 -27.31
C ILE HA 65 -71.89 29.39 -26.16
N ALA HA 66 -71.44 30.63 -26.31
CA ALA HA 66 -70.58 31.23 -25.30
C ALA HA 66 -71.36 31.61 -24.04
N LYS HA 67 -72.53 32.23 -24.21
CA LYS HA 67 -73.26 32.71 -23.06
C LYS HA 67 -73.92 31.58 -22.29
N VAL HA 68 -74.17 30.45 -22.94
CA VAL HA 68 -74.59 29.27 -22.20
C VAL HA 68 -73.42 28.71 -21.40
N GLN HA 69 -72.21 28.74 -21.97
CA GLN HA 69 -71.03 28.31 -21.24
C GLN HA 69 -70.68 29.29 -20.13
N GLU HA 70 -70.98 30.57 -20.32
CA GLU HA 70 -70.77 31.56 -19.27
C GLU HA 70 -71.78 31.36 -18.15
N ALA HA 71 -72.98 30.90 -18.48
CA ALA HA 71 -74.03 30.73 -17.47
C ALA HA 71 -73.75 29.52 -16.60
N LEU HA 72 -73.13 28.49 -17.16
CA LEU HA 72 -72.79 27.30 -16.37
C LEU HA 72 -71.63 27.59 -15.43
N ALA HA 73 -70.83 28.60 -15.74
CA ALA HA 73 -69.67 28.92 -14.90
C ALA HA 73 -70.10 29.45 -13.55
N TYR HA 74 -71.19 30.20 -13.50
CA TYR HA 74 -71.61 30.80 -12.24
C TYR HA 74 -72.31 29.77 -11.35
N MET HA 75 -73.04 28.84 -11.95
CA MET HA 75 -73.73 27.82 -11.16
C MET HA 75 -72.76 26.80 -10.61
N SER HA 76 -71.57 26.70 -11.17
CA SER HA 76 -70.58 25.72 -10.77
C SER HA 76 -69.57 26.24 -9.78
N LYS HA 77 -69.74 27.46 -9.28
CA LYS HA 77 -68.84 28.01 -8.29
C LYS HA 77 -69.04 27.31 -6.95
N PRO HA 78 -68.06 27.40 -6.04
CA PRO HA 78 -68.30 26.93 -4.67
C PRO HA 78 -69.39 27.70 -3.94
N LEU HA 79 -69.62 28.95 -4.32
CA LEU HA 79 -70.77 29.73 -3.87
C LEU HA 79 -71.54 30.14 -5.13
N PRO HA 80 -72.54 29.36 -5.53
CA PRO HA 80 -73.20 29.62 -6.82
C PRO HA 80 -74.07 30.86 -6.80
N ASN HA 81 -74.06 31.58 -7.92
CA ASN HA 81 -74.79 32.83 -8.06
C ASN HA 81 -75.76 32.69 -9.22
N MET HA 82 -77.03 32.37 -8.89
CA MET HA 82 -78.03 32.24 -9.93
C MET HA 82 -78.50 33.59 -10.45
N LYS HA 83 -78.20 34.68 -9.75
CA LYS HA 83 -78.60 36.00 -10.24
C LYS HA 83 -77.73 36.44 -11.41
N LEU HA 84 -76.42 36.29 -11.29
CA LEU HA 84 -75.54 36.64 -12.40
C LEU HA 84 -75.55 35.59 -13.49
N ALA HA 85 -75.94 34.36 -13.16
CA ALA HA 85 -76.03 33.31 -14.17
C ALA HA 85 -77.21 33.55 -15.10
N MET HA 86 -78.27 34.17 -14.59
CA MET HA 86 -79.41 34.50 -15.45
C MET HA 86 -79.09 35.67 -16.36
N ALA HA 87 -78.15 36.52 -15.94
CA ALA HA 87 -77.75 37.67 -16.76
C ALA HA 87 -77.11 37.21 -18.07
N ALA HA 88 -76.33 36.14 -18.02
CA ALA HA 88 -75.76 35.61 -19.25
C ALA HA 88 -76.77 34.76 -20.00
N ALA HA 89 -77.79 34.26 -19.30
CA ALA HA 89 -78.76 33.38 -19.95
C ALA HA 89 -79.75 34.18 -20.78
N VAL HA 90 -80.14 35.37 -20.31
CA VAL HA 90 -81.07 36.17 -21.10
C VAL HA 90 -80.37 36.82 -22.28
N GLN HA 91 -79.04 36.89 -22.27
CA GLN HA 91 -78.33 37.34 -23.45
C GLN HA 91 -78.29 36.27 -24.52
N ALA HA 92 -78.16 35.01 -24.09
CA ALA HA 92 -78.17 33.90 -25.03
C ALA HA 92 -79.55 33.71 -25.65
N VAL HA 93 -80.61 34.02 -24.89
CA VAL HA 93 -81.97 33.91 -25.42
C VAL HA 93 -82.21 34.98 -26.48
N ARG HA 94 -81.78 36.21 -26.21
CA ARG HA 94 -81.94 37.29 -27.18
C ARG HA 94 -81.08 37.07 -28.43
N ALA HA 95 -79.89 36.50 -28.25
CA ALA HA 95 -79.04 36.20 -29.40
C ALA HA 95 -79.61 35.06 -30.24
N CYS HA 96 -80.28 34.11 -29.60
CA CYS HA 96 -80.88 33.00 -30.32
C CYS HA 96 -82.12 33.44 -31.08
N GLU HA 97 -82.78 34.51 -30.62
CA GLU HA 97 -84.07 34.91 -31.18
C GLU HA 97 -83.95 35.48 -32.58
N GLN HA 98 -82.81 36.12 -32.88
CA GLN HA 98 -82.64 36.80 -34.15
C GLN HA 98 -82.40 35.86 -35.31
N LEU HA 99 -82.14 34.58 -35.05
CA LEU HA 99 -81.74 33.65 -36.10
C LEU HA 99 -82.96 33.28 -36.96
N PRO HA 100 -82.76 33.08 -38.26
CA PRO HA 100 -83.89 32.71 -39.12
C PRO HA 100 -84.32 31.27 -38.88
N GLY HA 101 -85.56 31.11 -38.44
CA GLY HA 101 -86.11 29.82 -38.12
C GLY HA 101 -86.38 29.58 -36.65
N MET HA 102 -85.74 30.33 -35.76
CA MET HA 102 -85.90 30.11 -34.34
C MET HA 102 -86.91 31.07 -33.75
N ASN HA 103 -87.64 30.59 -32.76
CA ASN HA 103 -88.67 31.34 -32.05
C ASN HA 103 -88.15 31.74 -30.67
N ARG HA 104 -88.90 32.59 -29.97
CA ARG HA 104 -88.53 32.92 -28.60
C ARG HA 104 -88.77 31.73 -27.67
N GLU HA 105 -89.86 30.99 -27.90
CA GLU HA 105 -90.15 29.85 -27.06
C GLU HA 105 -89.25 28.66 -27.40
N ARG HA 106 -88.83 28.56 -28.65
CA ARG HA 106 -87.90 27.50 -29.03
C ARG HA 106 -86.49 27.80 -28.53
N CYS HA 107 -86.16 29.08 -28.35
CA CYS HA 107 -84.87 29.41 -27.76
C CYS HA 107 -84.91 29.35 -26.24
N LEU HA 108 -86.10 29.50 -25.66
CA LEU HA 108 -86.25 29.20 -24.24
C LEU HA 108 -86.22 27.70 -24.00
N ASP HA 109 -86.54 26.91 -25.01
CA ASP HA 109 -86.42 25.46 -24.90
C ASP HA 109 -84.96 25.03 -24.86
N ALA HA 110 -84.16 25.54 -25.79
CA ALA HA 110 -82.80 25.03 -25.97
C ALA HA 110 -81.88 25.52 -24.86
N VAL HA 111 -82.07 26.76 -24.41
CA VAL HA 111 -81.19 27.33 -23.40
C VAL HA 111 -81.45 26.70 -22.04
N ALA HA 112 -82.72 26.64 -21.64
CA ALA HA 112 -83.05 26.12 -20.31
C ALA HA 112 -82.88 24.61 -20.24
N GLY HA 113 -82.99 23.91 -21.37
CA GLY HA 113 -82.70 22.49 -21.38
C GLY HA 113 -81.22 22.20 -21.27
N ALA HA 114 -80.39 23.13 -21.75
CA ALA HA 114 -78.95 22.95 -21.68
C ALA HA 114 -78.43 23.19 -20.27
N LEU HA 115 -78.86 24.28 -19.65
CA LEU HA 115 -78.46 24.57 -18.28
C LEU HA 115 -79.11 23.63 -17.28
N GLY HA 116 -80.22 22.99 -17.64
CA GLY HA 116 -80.89 22.08 -16.73
C GLY HA 116 -81.76 22.76 -15.70
N VAL HA 117 -82.21 23.99 -15.97
CA VAL HA 117 -83.04 24.72 -15.03
C VAL HA 117 -84.44 24.86 -15.60
N ALA HA 118 -85.34 25.43 -14.82
CA ALA HA 118 -86.70 25.67 -15.29
C ALA HA 118 -86.72 26.80 -16.32
N LYS HA 119 -87.75 26.79 -17.17
CA LYS HA 119 -87.86 27.82 -18.20
C LYS HA 119 -88.26 29.16 -17.61
N ASP HA 120 -89.05 29.15 -16.54
CA ASP HA 120 -89.60 30.39 -16.00
C ASP HA 120 -88.56 31.25 -15.29
N TRP HA 121 -87.40 30.68 -14.94
CA TRP HA 121 -86.36 31.50 -14.34
C TRP HA 121 -85.78 32.48 -15.34
N ILE HA 122 -85.55 32.04 -16.56
CA ILE HA 122 -85.05 32.93 -17.60
C ILE HA 122 -86.11 33.91 -18.07
N ARG HA 123 -87.37 33.47 -18.14
CA ARG HA 123 -88.46 34.34 -18.55
C ARG HA 123 -88.73 35.45 -17.54
N ARG HA 124 -88.41 35.22 -16.26
CA ARG HA 124 -88.61 36.25 -15.25
C ARG HA 124 -87.65 37.41 -15.46
N GLU HA 125 -86.42 37.12 -15.89
CA GLU HA 125 -85.44 38.19 -16.08
C GLU HA 125 -85.56 38.84 -17.45
N MET HA 126 -86.38 38.28 -18.33
CA MET HA 126 -86.44 38.77 -19.71
C MET HA 126 -87.11 40.14 -19.77
N THR HA 127 -88.35 40.22 -19.30
CA THR HA 127 -89.17 41.45 -19.24
C THR HA 127 -89.30 42.20 -20.57
N SER IA 2 45.43 -13.01 26.76
CA SER IA 2 44.69 -11.96 26.08
C SER IA 2 43.21 -12.28 26.09
N VAL IA 3 42.38 -11.25 26.27
CA VAL IA 3 40.93 -11.45 26.26
C VAL IA 3 40.36 -11.52 24.85
N GLU IA 4 41.06 -10.96 23.87
CA GLU IA 4 40.51 -10.90 22.52
C GLU IA 4 40.54 -12.27 21.86
N VAL IA 5 41.59 -13.05 22.13
CA VAL IA 5 41.59 -14.43 21.66
C VAL IA 5 40.63 -15.27 22.49
N TYR IA 6 40.33 -14.83 23.72
CA TYR IA 6 39.35 -15.50 24.55
C TYR IA 6 37.94 -15.24 24.06
N ARG IA 7 37.63 -13.98 23.74
CA ARG IA 7 36.26 -13.59 23.42
C ARG IA 7 35.80 -14.17 22.09
N GLN IA 8 36.72 -14.39 21.15
CA GLN IA 8 36.32 -14.90 19.86
C GLN IA 8 35.93 -16.36 19.91
N LYS IA 9 36.49 -17.13 20.84
CA LYS IA 9 36.10 -18.51 20.98
C LYS IA 9 34.84 -18.66 21.82
N ILE IA 10 34.48 -17.63 22.58
CA ILE IA 10 33.27 -17.68 23.38
C ILE IA 10 32.04 -17.51 22.49
N GLU IA 11 32.12 -16.62 21.50
CA GLU IA 11 30.97 -16.33 20.66
C GLU IA 11 30.63 -17.43 19.67
N LYS IA 12 31.42 -18.49 19.60
CA LYS IA 12 31.12 -19.63 18.75
C LYS IA 12 30.08 -20.56 19.36
N GLY IA 13 29.67 -20.32 20.61
CA GLY IA 13 28.68 -21.15 21.25
C GLY IA 13 29.17 -22.55 21.56
N GLY IA 14 30.27 -22.65 22.31
CA GLY IA 14 30.85 -23.95 22.59
C GLY IA 14 30.10 -24.73 23.65
N TYR IA 15 29.48 -24.05 24.61
CA TYR IA 15 28.78 -24.73 25.70
C TYR IA 15 27.50 -25.35 25.21
N SER IA 16 26.78 -24.63 24.34
CA SER IA 16 25.51 -25.13 23.83
C SER IA 16 25.74 -26.24 22.82
N ALA IA 17 26.74 -26.10 21.96
CA ALA IA 17 26.94 -27.06 20.88
C ALA IA 17 27.61 -28.32 21.38
N ALA IA 18 28.30 -28.26 22.54
CA ALA IA 18 28.78 -29.48 23.14
C ALA IA 18 27.65 -30.25 23.80
N TYR IA 19 26.59 -29.54 24.17
CA TYR IA 19 25.44 -30.21 24.76
C TYR IA 19 24.61 -30.91 23.69
N GLU IA 20 24.52 -30.33 22.50
CA GLU IA 20 23.72 -30.93 21.44
C GLU IA 20 24.39 -32.18 20.87
N ALA IA 21 25.71 -32.16 20.75
CA ALA IA 21 26.40 -33.32 20.20
C ALA IA 21 26.40 -34.48 21.19
N THR IA 22 26.29 -34.18 22.47
CA THR IA 22 26.18 -35.23 23.47
C THR IA 22 24.81 -35.89 23.40
N ARG IA 23 23.77 -35.09 23.17
CA ARG IA 23 22.42 -35.62 23.06
C ARG IA 23 22.26 -36.47 21.81
N ARG IA 24 22.95 -36.10 20.73
CA ARG IA 24 22.90 -36.88 19.51
C ARG IA 24 23.57 -38.23 19.67
N TYR IA 25 24.55 -38.32 20.56
CA TYR IA 25 25.20 -39.60 20.80
C TYR IA 25 24.27 -40.54 21.55
N GLU IA 26 23.52 -40.02 22.52
CA GLU IA 26 22.62 -40.86 23.29
C GLU IA 26 21.42 -41.32 22.48
N ARG IA 27 21.04 -40.60 21.44
CA ARG IA 27 19.96 -40.99 20.56
C ARG IA 27 20.47 -41.69 19.30
N GLU IA 28 21.66 -42.29 19.39
CA GLU IA 28 22.26 -43.16 18.38
C GLU IA 28 22.43 -42.48 17.03
N GLU IA 29 22.62 -41.16 17.00
CA GLU IA 29 22.80 -40.45 15.74
C GLU IA 29 24.26 -40.24 15.40
N ILE IA 30 25.18 -40.54 16.31
CA ILE IA 30 26.60 -40.34 16.10
C ILE IA 30 27.32 -41.64 16.41
N GLU IA 31 28.08 -42.12 15.45
CA GLU IA 31 28.90 -43.30 15.64
C GLU IA 31 30.32 -42.87 15.97
N VAL IA 32 31.15 -43.83 16.32
CA VAL IA 32 32.54 -43.57 16.67
C VAL IA 32 33.31 -43.23 15.41
N LEU IA 33 33.95 -42.07 15.40
CA LEU IA 33 34.67 -41.59 14.23
C LEU IA 33 35.92 -42.45 14.01
N SER IA 34 36.34 -42.58 12.76
CA SER IA 34 37.43 -43.47 12.42
C SER IA 34 38.78 -42.92 12.89
N TRP IA 35 38.86 -41.62 13.16
CA TRP IA 35 40.07 -41.05 13.72
C TRP IA 35 40.26 -41.51 15.15
N SER IA 36 39.16 -41.80 15.85
CA SER IA 36 39.23 -42.22 17.24
C SER IA 36 39.68 -43.67 17.36
N SER IA 37 39.32 -44.50 16.39
CA SER IA 37 39.69 -45.92 16.45
C SER IA 37 41.17 -46.10 16.18
N ARG IA 38 41.74 -45.24 15.34
CA ARG IA 38 43.19 -45.28 15.13
C ARG IA 38 43.93 -44.67 16.30
N TRP IA 39 43.26 -43.81 17.06
CA TRP IA 39 43.94 -43.11 18.14
C TRP IA 39 44.13 -44.01 19.35
N GLU IA 40 43.07 -44.69 19.77
CA GLU IA 40 43.13 -45.46 21.01
C GLU IA 40 44.00 -46.70 20.85
N SER IA 41 44.11 -47.21 19.63
CA SER IA 41 44.98 -48.35 19.39
C SER IA 41 46.45 -47.99 19.50
N ALA IA 42 46.81 -46.78 19.05
CA ALA IA 42 48.22 -46.39 19.13
C ALA IA 42 48.59 -45.87 20.50
N TRP IA 43 47.66 -45.21 21.20
CA TRP IA 43 47.97 -44.52 22.44
C TRP IA 43 47.91 -45.43 23.66
N SER IA 44 47.32 -46.62 23.54
CA SER IA 44 47.11 -47.49 24.69
C SER IA 44 48.42 -47.96 25.32
N LYS IA 45 49.51 -47.96 24.55
CA LYS IA 45 50.80 -48.33 25.13
C LYS IA 45 51.41 -47.18 25.92
N PHE IA 46 51.02 -45.94 25.60
CA PHE IA 46 51.60 -44.80 26.30
C PHE IA 46 50.81 -44.48 27.55
N GLY IA 47 49.55 -44.89 27.60
CA GLY IA 47 48.73 -44.57 28.75
C GLY IA 47 49.06 -45.43 29.94
N GLU IA 48 49.40 -46.69 29.70
CA GLU IA 48 49.69 -47.59 30.81
C GLU IA 48 51.16 -47.53 31.21
N ALA IA 49 51.99 -46.88 30.41
CA ALA IA 49 53.40 -46.77 30.76
C ALA IA 49 53.63 -45.62 31.74
N VAL IA 50 52.82 -44.57 31.66
CA VAL IA 50 52.98 -43.45 32.57
C VAL IA 50 52.38 -43.77 33.94
N LYS IA 51 51.37 -44.64 33.97
CA LYS IA 51 50.77 -45.01 35.24
C LYS IA 51 51.66 -45.95 36.06
N ALA IA 52 52.71 -46.50 35.46
CA ALA IA 52 53.68 -47.28 36.20
C ALA IA 52 54.72 -46.42 36.90
N LEU IA 53 54.67 -45.10 36.74
CA LEU IA 53 55.54 -44.18 37.46
C LEU IA 53 54.84 -43.62 38.70
N GLY IA 54 53.97 -44.41 39.32
CA GLY IA 54 53.23 -43.91 40.46
C GLY IA 54 54.05 -43.86 41.73
N LYS IA 55 55.05 -44.72 41.83
CA LYS IA 55 55.86 -44.81 43.04
C LYS IA 55 56.97 -43.79 43.11
N ILE IA 56 57.19 -43.02 42.04
CA ILE IA 56 58.10 -41.88 42.10
C ILE IA 56 57.40 -40.76 42.84
N GLU IA 57 57.97 -40.30 43.94
CA GLU IA 57 57.30 -39.38 44.84
C GLU IA 57 57.96 -38.01 44.82
N GLY IA 58 57.21 -37.02 45.30
CA GLY IA 58 57.80 -35.74 45.59
C GLY IA 58 57.38 -34.58 44.70
N ALA IA 59 58.36 -34.03 44.02
CA ALA IA 59 58.37 -32.73 43.36
C ALA IA 59 57.54 -32.73 42.08
N PRO IA 60 57.49 -31.62 41.31
CA PRO IA 60 57.08 -31.73 39.91
C PRO IA 60 57.81 -32.82 39.13
N ARG IA 61 57.07 -33.86 38.77
CA ARG IA 61 57.62 -35.00 38.04
C ARG IA 61 57.26 -34.97 36.57
N ALA IA 62 57.04 -33.79 36.01
CA ALA IA 62 56.66 -33.69 34.61
C ALA IA 62 57.81 -34.05 33.69
N LEU IA 63 59.05 -33.83 34.14
CA LEU IA 63 60.21 -34.13 33.31
C LEU IA 63 60.51 -35.61 33.29
N VAL IA 64 60.28 -36.30 34.41
CA VAL IA 64 60.44 -37.75 34.44
C VAL IA 64 59.35 -38.41 33.61
N ILE IA 65 58.16 -37.81 33.60
CA ILE IA 65 57.03 -38.38 32.87
C ILE IA 65 57.22 -38.16 31.37
N ALA IA 66 57.64 -36.95 30.98
CA ALA IA 66 57.75 -36.63 29.57
C ALA IA 66 58.90 -37.36 28.90
N LYS IA 67 60.01 -37.56 29.61
CA LYS IA 67 61.16 -38.21 29.01
C LYS IA 67 60.95 -39.70 28.86
N VAL IA 68 60.08 -40.29 29.67
CA VAL IA 68 59.71 -41.68 29.47
C VAL IA 68 58.84 -41.85 28.24
N GLN IA 69 57.92 -40.89 28.02
CA GLN IA 69 57.06 -40.95 26.84
C GLN IA 69 57.85 -40.70 25.56
N GLU IA 70 58.88 -39.86 25.63
CA GLU IA 70 59.74 -39.67 24.47
C GLU IA 70 60.59 -40.90 24.22
N ALA IA 71 61.00 -41.58 25.29
CA ALA IA 71 61.84 -42.77 25.13
C ALA IA 71 61.05 -43.95 24.62
N LEU IA 72 59.76 -44.02 24.96
CA LEU IA 72 58.94 -45.12 24.48
C LEU IA 72 58.59 -44.93 23.01
N ALA IA 73 58.55 -43.68 22.55
CA ALA IA 73 58.15 -43.40 21.18
C ALA IA 73 59.23 -43.83 20.19
N TYR IA 74 60.48 -43.81 20.62
CA TYR IA 74 61.57 -44.22 19.73
C TYR IA 74 61.57 -45.72 19.51
N MET IA 75 61.09 -46.49 20.48
CA MET IA 75 61.10 -47.93 20.31
C MET IA 75 59.94 -48.41 19.45
N SER IA 76 58.91 -47.58 19.28
CA SER IA 76 57.70 -47.98 18.59
C SER IA 76 57.63 -47.51 17.15
N LYS IA 77 58.69 -46.92 16.62
CA LYS IA 77 58.77 -46.65 15.20
C LYS IA 77 58.90 -47.97 14.44
N PRO IA 78 58.58 -47.98 13.15
CA PRO IA 78 58.80 -49.20 12.36
C PRO IA 78 60.26 -49.59 12.22
N LEU IA 79 61.18 -48.64 12.36
CA LEU IA 79 62.61 -48.93 12.46
C LEU IA 79 63.07 -48.37 13.80
N PRO IA 80 63.08 -49.17 14.85
CA PRO IA 80 63.32 -48.63 16.19
C PRO IA 80 64.79 -48.28 16.40
N ASN IA 81 65.00 -47.18 17.11
CA ASN IA 81 66.33 -46.67 17.41
C ASN IA 81 66.52 -46.74 18.91
N MET IA 82 67.18 -47.80 19.37
CA MET IA 82 67.42 -47.94 20.80
C MET IA 82 68.49 -46.98 21.30
N LYS IA 83 69.32 -46.44 20.42
CA LYS IA 83 70.37 -45.52 20.85
C LYS IA 83 69.78 -44.17 21.25
N LEU IA 84 68.87 -43.64 20.42
CA LEU IA 84 68.20 -42.40 20.78
C LEU IA 84 67.13 -42.63 21.85
N ALA IA 85 66.67 -43.87 22.00
CA ALA IA 85 65.74 -44.16 23.08
C ALA IA 85 66.46 -44.14 24.42
N MET IA 86 67.72 -44.53 24.44
CA MET IA 86 68.51 -44.45 25.66
C MET IA 86 68.99 -43.04 25.93
N ALA IA 87 68.89 -42.16 24.93
CA ALA IA 87 69.33 -40.78 25.11
C ALA IA 87 68.39 -40.02 26.04
N ALA IA 88 67.09 -40.11 25.77
CA ALA IA 88 66.13 -39.41 26.63
C ALA IA 88 65.92 -40.16 27.93
N ALA IA 89 66.20 -41.47 27.94
CA ALA IA 89 65.98 -42.26 29.14
C ALA IA 89 66.99 -41.92 30.23
N VAL IA 90 68.25 -41.66 29.87
CA VAL IA 90 69.23 -41.28 30.88
C VAL IA 90 69.01 -39.85 31.34
N GLN IA 91 68.24 -39.06 30.59
CA GLN IA 91 67.79 -37.78 31.12
C GLN IA 91 66.69 -37.98 32.15
N ALA IA 92 65.88 -39.03 31.97
CA ALA IA 92 64.80 -39.30 32.91
C ALA IA 92 65.35 -39.84 34.23
N VAL IA 93 66.49 -40.54 34.18
CA VAL IA 93 67.10 -41.01 35.43
C VAL IA 93 67.74 -39.85 36.16
N ARG IA 94 68.34 -38.90 35.43
CA ARG IA 94 68.98 -37.77 36.08
C ARG IA 94 67.96 -36.79 36.64
N ALA IA 95 66.81 -36.64 35.98
CA ALA IA 95 65.79 -35.75 36.49
C ALA IA 95 65.08 -36.33 37.71
N CYS IA 96 64.99 -37.65 37.78
CA CYS IA 96 64.34 -38.30 38.92
C CYS IA 96 65.25 -38.27 40.14
N GLU IA 97 66.56 -38.22 39.92
CA GLU IA 97 67.54 -38.47 40.98
C GLU IA 97 67.59 -37.33 41.98
N GLN IA 98 67.19 -36.14 41.59
CA GLN IA 98 67.29 -34.95 42.42
C GLN IA 98 66.11 -34.76 43.34
N LEU IA 99 65.07 -35.58 43.22
CA LEU IA 99 63.88 -35.38 44.02
C LEU IA 99 64.13 -35.88 45.44
N PRO IA 100 63.51 -35.26 46.44
CA PRO IA 100 63.69 -35.70 47.82
C PRO IA 100 63.04 -37.06 48.06
N GLY IA 101 63.86 -38.02 48.46
CA GLY IA 101 63.41 -39.37 48.68
C GLY IA 101 63.78 -40.37 47.61
N MET IA 102 64.36 -39.92 46.51
CA MET IA 102 64.70 -40.82 45.41
C MET IA 102 66.20 -41.05 45.32
N ASN IA 103 66.57 -42.29 45.04
CA ASN IA 103 67.95 -42.70 44.86
C ASN IA 103 68.21 -42.94 43.38
N ARG IA 104 69.49 -43.13 43.04
CA ARG IA 104 69.83 -43.45 41.66
C ARG IA 104 69.39 -44.88 41.32
N GLU IA 105 69.34 -45.76 42.31
CA GLU IA 105 68.91 -47.13 42.04
C GLU IA 105 67.40 -47.22 41.94
N ARG IA 106 66.67 -46.40 42.70
CA ARG IA 106 65.22 -46.51 42.70
C ARG IA 106 64.62 -45.82 41.48
N CYS IA 107 65.28 -44.80 40.96
CA CYS IA 107 64.84 -44.22 39.69
C CYS IA 107 65.17 -45.15 38.54
N LEU IA 108 66.23 -45.94 38.66
CA LEU IA 108 66.55 -46.92 37.63
C LEU IA 108 65.54 -48.06 37.62
N ASP IA 109 64.84 -48.26 38.74
CA ASP IA 109 63.79 -49.27 38.78
C ASP IA 109 62.55 -48.81 38.03
N ALA IA 110 62.18 -47.55 38.20
CA ALA IA 110 60.91 -47.07 37.65
C ALA IA 110 61.00 -46.84 36.15
N VAL IA 111 62.13 -46.28 35.69
CA VAL IA 111 62.29 -45.99 34.27
C VAL IA 111 62.44 -47.27 33.48
N ALA IA 112 63.26 -48.21 33.96
CA ALA IA 112 63.45 -49.46 33.24
C ALA IA 112 62.23 -50.36 33.35
N GLY IA 113 61.42 -50.18 34.40
CA GLY IA 113 60.18 -50.93 34.50
C GLY IA 113 59.11 -50.41 33.57
N ALA IA 114 59.04 -49.08 33.41
CA ALA IA 114 58.03 -48.50 32.54
C ALA IA 114 58.35 -48.73 31.08
N LEU IA 115 59.62 -48.60 30.71
CA LEU IA 115 60.02 -48.90 29.34
C LEU IA 115 60.06 -50.40 29.07
N GLY IA 116 60.13 -51.21 30.10
CA GLY IA 116 60.14 -52.65 29.91
C GLY IA 116 61.45 -53.21 29.40
N VAL IA 117 62.56 -52.53 29.69
CA VAL IA 117 63.87 -53.00 29.26
C VAL IA 117 64.69 -53.36 30.48
N ALA IA 118 65.89 -53.90 30.25
CA ALA IA 118 66.78 -54.24 31.34
C ALA IA 118 67.38 -53.00 31.96
N LYS IA 119 67.76 -53.11 33.24
CA LYS IA 119 68.33 -51.97 33.94
C LYS IA 119 69.74 -51.66 33.46
N ASP IA 120 70.50 -52.69 33.07
CA ASP IA 120 71.90 -52.50 32.72
C ASP IA 120 72.06 -51.83 31.36
N TRP IA 121 70.97 -51.72 30.58
CA TRP IA 121 71.03 -50.93 29.35
C TRP IA 121 71.14 -49.45 29.63
N ILE IA 122 70.41 -48.96 30.63
CA ILE IA 122 70.45 -47.55 30.96
C ILE IA 122 71.72 -47.23 31.75
N ARG IA 123 72.24 -48.18 32.51
CA ARG IA 123 73.45 -47.94 33.29
C ARG IA 123 74.69 -47.81 32.39
N ARG IA 124 74.63 -48.36 31.17
CA ARG IA 124 75.73 -48.19 30.22
C ARG IA 124 75.89 -46.73 29.82
N GLU IA 125 74.78 -46.05 29.55
CA GLU IA 125 74.87 -44.70 29.02
C GLU IA 125 74.87 -43.64 30.13
N MET IA 126 74.87 -44.05 31.39
CA MET IA 126 74.82 -43.08 32.48
C MET IA 126 76.15 -42.35 32.61
N THR IA 127 77.21 -43.09 32.91
CA THR IA 127 78.58 -42.60 33.12
C THR IA 127 78.68 -41.47 34.14
N SER JA 2 -47.51 46.73 -15.00
CA SER JA 2 -46.20 46.91 -15.61
C SER JA 2 -45.74 45.59 -16.17
N VAL JA 3 -45.00 45.64 -17.29
CA VAL JA 3 -44.53 44.41 -17.90
C VAL JA 3 -43.12 44.03 -17.47
N GLU JA 4 -42.40 44.95 -16.82
CA GLU JA 4 -41.05 44.65 -16.38
C GLU JA 4 -41.09 43.75 -15.16
N VAL JA 5 -42.10 43.93 -14.31
CA VAL JA 5 -42.33 42.99 -13.22
C VAL JA 5 -42.92 41.70 -13.77
N TYR JA 6 -43.56 41.78 -14.94
CA TYR JA 6 -44.10 40.59 -15.58
C TYR JA 6 -43.00 39.78 -16.24
N ARG JA 7 -42.06 40.44 -16.90
CA ARG JA 7 -41.06 39.75 -17.71
C ARG JA 7 -40.07 38.97 -16.86
N GLN JA 8 -39.72 39.50 -15.68
CA GLN JA 8 -38.69 38.84 -14.89
C GLN JA 8 -39.20 37.56 -14.24
N LYS JA 9 -40.50 37.47 -14.00
CA LYS JA 9 -41.07 36.22 -13.51
C LYS JA 9 -41.28 35.23 -14.65
N ILE JA 10 -41.35 35.73 -15.88
CA ILE JA 10 -41.51 34.86 -17.04
C ILE JA 10 -40.21 34.15 -17.36
N GLU JA 11 -39.09 34.89 -17.31
CA GLU JA 11 -37.79 34.33 -17.69
C GLU JA 11 -37.26 33.34 -16.68
N LYS JA 12 -37.86 33.23 -15.51
CA LYS JA 12 -37.52 32.18 -14.57
C LYS JA 12 -38.08 30.82 -14.97
N GLY JA 13 -39.03 30.78 -15.90
CA GLY JA 13 -39.54 29.53 -16.43
C GLY JA 13 -40.37 28.73 -15.45
N GLY JA 14 -41.49 29.32 -15.01
CA GLY JA 14 -42.32 28.64 -14.02
C GLY JA 14 -43.22 27.58 -14.61
N TYR JA 15 -43.42 27.60 -15.92
CA TYR JA 15 -44.24 26.59 -16.58
C TYR JA 15 -43.55 25.24 -16.58
N SER JA 16 -42.30 25.23 -17.02
CA SER JA 16 -41.55 23.97 -17.12
C SER JA 16 -41.18 23.44 -15.74
N ALA JA 17 -40.82 24.35 -14.82
CA ALA JA 17 -40.40 23.92 -13.49
C ALA JA 17 -41.59 23.40 -12.68
N ALA JA 18 -42.80 23.81 -13.03
CA ALA JA 18 -43.97 23.22 -12.39
C ALA JA 18 -44.26 21.84 -12.95
N TYR JA 19 -43.89 21.62 -14.20
CA TYR JA 19 -44.12 20.32 -14.83
C TYR JA 19 -43.19 19.26 -14.26
N GLU JA 20 -41.95 19.64 -13.96
CA GLU JA 20 -41.02 18.68 -13.37
C GLU JA 20 -41.35 18.40 -11.92
N ALA JA 21 -41.98 19.35 -11.24
CA ALA JA 21 -42.33 19.14 -9.84
C ALA JA 21 -43.53 18.21 -9.71
N THR JA 22 -44.37 18.13 -10.74
CA THR JA 22 -45.48 17.20 -10.71
C THR JA 22 -45.04 15.80 -11.07
N ARG JA 23 -44.11 15.69 -12.03
CA ARG JA 23 -43.58 14.39 -12.42
C ARG JA 23 -42.76 13.78 -11.29
N ARG JA 24 -42.06 14.62 -10.53
CA ARG JA 24 -41.29 14.12 -9.39
C ARG JA 24 -42.20 13.63 -8.28
N TYR JA 25 -43.39 14.22 -8.16
CA TYR JA 25 -44.34 13.77 -7.16
C TYR JA 25 -44.90 12.41 -7.52
N GLU JA 26 -45.20 12.19 -8.80
CA GLU JA 26 -45.79 10.94 -9.24
C GLU JA 26 -44.81 9.78 -9.23
N ARG JA 27 -43.51 10.07 -9.20
CA ARG JA 27 -42.49 9.05 -9.05
C ARG JA 27 -41.96 8.98 -7.62
N GLU JA 28 -42.73 9.51 -6.67
CA GLU JA 28 -42.52 9.43 -5.23
C GLU JA 28 -41.19 10.03 -4.77
N GLU JA 29 -40.62 10.94 -5.54
CA GLU JA 29 -39.41 11.62 -5.11
C GLU JA 29 -39.68 12.84 -4.24
N ILE JA 30 -40.95 13.17 -4.03
CA ILE JA 30 -41.33 14.32 -3.23
C ILE JA 30 -42.45 13.88 -2.30
N GLU JA 31 -42.22 14.04 -1.00
CA GLU JA 31 -43.27 13.81 -0.03
C GLU JA 31 -43.93 15.13 0.33
N VAL JA 32 -44.93 15.05 1.21
CA VAL JA 32 -45.68 16.22 1.60
C VAL JA 32 -44.85 17.01 2.61
N LEU JA 33 -44.95 18.34 2.54
CA LEU JA 33 -44.16 19.19 3.41
C LEU JA 33 -44.86 19.36 4.75
N SER JA 34 -44.08 19.58 5.80
CA SER JA 34 -44.68 19.75 7.12
C SER JA 34 -45.31 21.13 7.27
N TRP JA 35 -44.96 22.07 6.39
CA TRP JA 35 -45.69 23.33 6.36
C TRP JA 35 -47.10 23.10 5.83
N SER JA 36 -47.26 22.16 4.90
CA SER JA 36 -48.57 21.88 4.32
C SER JA 36 -49.47 21.20 5.33
N SER JA 37 -48.91 20.39 6.22
CA SER JA 37 -49.71 19.68 7.21
C SER JA 37 -50.19 20.64 8.30
N ARG JA 38 -49.38 21.66 8.61
CA ARG JA 38 -49.82 22.68 9.55
C ARG JA 38 -50.83 23.62 8.92
N TRP JA 39 -50.85 23.67 7.58
CA TRP JA 39 -51.76 24.55 6.89
C TRP JA 39 -53.17 23.99 6.90
N GLU JA 40 -53.32 22.72 6.50
CA GLU JA 40 -54.66 22.14 6.38
C GLU JA 40 -55.26 21.84 7.74
N SER JA 41 -54.44 21.74 8.77
CA SER JA 41 -54.98 21.54 10.11
C SER JA 41 -55.60 22.82 10.64
N ALA JA 42 -55.09 23.97 10.22
CA ALA JA 42 -55.54 25.24 10.79
C ALA JA 42 -56.50 25.97 9.89
N TRP JA 43 -56.38 25.83 8.58
CA TRP JA 43 -57.23 26.55 7.65
C TRP JA 43 -58.61 25.93 7.49
N SER JA 44 -58.74 24.63 7.75
CA SER JA 44 -59.93 23.88 7.30
C SER JA 44 -61.20 24.30 8.03
N LYS JA 45 -61.07 24.96 9.18
CA LYS JA 45 -62.25 25.51 9.84
C LYS JA 45 -62.77 26.73 9.09
N PHE JA 46 -61.90 27.42 8.35
CA PHE JA 46 -62.32 28.60 7.61
C PHE JA 46 -62.93 28.21 6.27
N GLY JA 47 -62.59 27.03 5.77
CA GLY JA 47 -63.05 26.64 4.45
C GLY JA 47 -64.51 26.23 4.46
N GLU JA 48 -64.93 25.51 5.50
CA GLU JA 48 -66.30 25.03 5.53
C GLU JA 48 -67.24 26.06 6.14
N ALA JA 49 -66.70 27.03 6.88
CA ALA JA 49 -67.54 28.09 7.41
C ALA JA 49 -67.85 29.14 6.35
N VAL JA 50 -66.96 29.31 5.38
CA VAL JA 50 -67.20 30.29 4.33
C VAL JA 50 -68.09 29.68 3.26
N LYS JA 51 -68.27 28.37 3.27
CA LYS JA 51 -69.21 27.74 2.37
C LYS JA 51 -70.63 27.77 2.91
N ALA JA 52 -70.80 28.13 4.18
CA ALA JA 52 -72.14 28.22 4.77
C ALA JA 52 -72.85 29.51 4.41
N LEU JA 53 -72.20 30.42 3.70
CA LEU JA 53 -72.81 31.65 3.21
C LEU JA 53 -73.35 31.49 1.80
N GLY JA 54 -73.77 30.28 1.43
CA GLY JA 54 -74.17 30.04 0.05
C GLY JA 54 -75.55 30.60 -0.25
N LYS JA 55 -76.39 30.74 0.77
CA LYS JA 55 -77.75 31.23 0.59
C LYS JA 55 -77.85 32.74 0.70
N ILE JA 56 -76.74 33.46 0.60
CA ILE JA 56 -76.77 34.90 0.39
C ILE JA 56 -76.68 35.15 -1.11
N GLU JA 57 -77.61 35.93 -1.63
CA GLU JA 57 -77.76 36.08 -3.07
C GLU JA 57 -77.59 37.52 -3.49
N GLY JA 58 -77.16 37.70 -4.74
CA GLY JA 58 -77.14 39.02 -5.33
C GLY JA 58 -75.77 39.56 -5.71
N ALA JA 59 -75.39 40.63 -5.02
CA ALA JA 59 -74.33 41.57 -5.35
C ALA JA 59 -72.95 40.98 -5.11
N PRO JA 60 -71.85 41.76 -5.31
CA PRO JA 60 -70.56 41.38 -4.71
C PRO JA 60 -70.64 41.05 -3.23
N ARG JA 61 -70.45 39.77 -2.89
CA ARG JA 61 -70.56 39.28 -1.54
C ARG JA 61 -69.22 39.09 -0.87
N ALA JA 62 -68.19 39.79 -1.33
CA ALA JA 62 -66.87 39.63 -0.75
C ALA JA 62 -66.78 40.24 0.63
N LEU JA 63 -67.54 41.30 0.89
CA LEU JA 63 -67.49 41.96 2.19
C LEU JA 63 -68.18 41.13 3.26
N VAL JA 64 -69.20 40.37 2.88
CA VAL JA 64 -69.83 39.45 3.83
C VAL JA 64 -68.92 38.25 4.07
N ILE JA 65 -68.16 37.85 3.05
CA ILE JA 65 -67.26 36.72 3.17
C ILE JA 65 -66.05 37.08 4.01
N ALA JA 66 -65.55 38.31 3.84
CA ALA JA 66 -64.30 38.71 4.47
C ALA JA 66 -64.47 38.89 5.97
N LYS JA 67 -65.54 39.55 6.41
CA LYS JA 67 -65.68 39.83 7.83
C LYS JA 67 -66.11 38.61 8.62
N VAL JA 68 -66.74 37.63 7.97
CA VAL JA 68 -67.01 36.36 8.64
C VAL JA 68 -65.71 35.59 8.85
N GLN JA 69 -64.79 35.67 7.89
CA GLN JA 69 -63.46 35.13 8.11
C GLN JA 69 -62.69 35.94 9.15
N GLU JA 70 -62.98 37.23 9.26
CA GLU JA 70 -62.30 38.05 10.24
C GLU JA 70 -62.88 37.82 11.63
N ALA JA 71 -64.17 37.52 11.72
CA ALA JA 71 -64.78 37.29 13.04
C ALA JA 71 -64.45 35.91 13.56
N LEU JA 72 -64.25 34.94 12.67
CA LEU JA 72 -63.93 33.58 13.10
C LEU JA 72 -62.49 33.51 13.59
N ALA JA 73 -61.64 34.39 13.09
CA ALA JA 73 -60.24 34.40 13.51
C ALA JA 73 -60.11 34.88 14.95
N TYR JA 74 -60.99 35.77 15.38
CA TYR JA 74 -60.94 36.25 16.76
C TYR JA 74 -61.41 35.19 17.73
N MET JA 75 -62.31 34.31 17.31
CA MET JA 75 -62.80 33.29 18.22
C MET JA 75 -61.83 32.13 18.32
N SER JA 76 -60.88 32.03 17.39
CA SER JA 76 -59.96 30.91 17.33
C SER JA 76 -58.60 31.23 17.92
N LYS JA 77 -58.47 32.34 18.65
CA LYS JA 77 -57.22 32.69 19.28
C LYS JA 77 -56.95 31.79 20.47
N PRO JA 78 -55.69 31.70 20.93
CA PRO JA 78 -55.42 30.99 22.19
C PRO JA 78 -56.07 31.63 23.40
N LEU JA 79 -56.33 32.94 23.36
CA LEU JA 79 -57.14 33.65 24.34
C LEU JA 79 -58.25 34.32 23.57
N PRO JA 80 -59.44 33.72 23.50
CA PRO JA 80 -60.47 34.21 22.58
C PRO JA 80 -61.12 35.49 23.08
N ASN JA 81 -61.54 36.32 22.14
CA ASN JA 81 -62.07 37.64 22.43
C ASN JA 81 -63.38 37.81 21.66
N MET JA 82 -64.50 37.52 22.32
CA MET JA 82 -65.79 37.65 21.66
C MET JA 82 -66.26 39.10 21.59
N LYS JA 83 -65.55 40.02 22.24
CA LYS JA 83 -65.92 41.44 22.14
C LYS JA 83 -65.59 41.98 20.76
N LEU JA 84 -64.34 41.83 20.33
CA LEU JA 84 -63.96 42.32 18.99
C LEU JA 84 -64.47 41.40 17.90
N ALA JA 85 -64.83 40.16 18.24
CA ALA JA 85 -65.39 39.26 17.25
C ALA JA 85 -66.79 39.71 16.83
N MET JA 86 -67.52 40.34 17.75
CA MET JA 86 -68.82 40.89 17.41
C MET JA 86 -68.68 42.16 16.60
N ALA JA 87 -67.53 42.83 16.71
CA ALA JA 87 -67.31 44.06 15.96
C ALA JA 87 -67.21 43.77 14.47
N ALA JA 88 -66.54 42.68 14.11
CA ALA JA 88 -66.45 42.31 12.70
C ALA JA 88 -67.71 41.60 12.25
N ALA JA 89 -68.50 41.09 13.18
CA ALA JA 89 -69.72 40.38 12.82
C ALA JA 89 -70.83 41.32 12.42
N VAL JA 90 -71.01 42.42 13.17
CA VAL JA 90 -72.09 43.34 12.88
C VAL JA 90 -71.80 44.18 11.64
N GLN JA 91 -70.55 44.20 11.18
CA GLN JA 91 -70.25 44.82 9.91
C GLN JA 91 -70.68 43.93 8.75
N ALA JA 92 -70.45 42.61 8.90
CA ALA JA 92 -70.87 41.67 7.86
C ALA JA 92 -72.39 41.59 7.75
N VAL JA 93 -73.08 41.80 8.87
CA VAL JA 93 -74.54 41.83 8.84
C VAL JA 93 -75.04 43.07 8.11
N ARG JA 94 -74.41 44.22 8.37
CA ARG JA 94 -74.82 45.46 7.71
C ARG JA 94 -74.47 45.45 6.23
N ALA JA 95 -73.37 44.80 5.86
CA ALA JA 95 -73.03 44.67 4.44
C ALA JA 95 -73.96 43.68 3.75
N CYS JA 96 -74.47 42.70 4.48
CA CYS JA 96 -75.42 41.76 3.90
C CYS JA 96 -76.78 42.40 3.69
N GLU JA 97 -77.12 43.40 4.50
CA GLU JA 97 -78.47 43.94 4.53
C GLU JA 97 -78.78 44.75 3.28
N GLN JA 98 -77.77 45.36 2.68
CA GLN JA 98 -78.00 46.23 1.53
C GLN JA 98 -78.22 45.46 0.23
N LEU JA 99 -77.98 44.15 0.22
CA LEU JA 99 -78.07 43.39 -1.01
C LEU JA 99 -79.54 43.20 -1.40
N PRO JA 100 -79.85 43.20 -2.68
CA PRO JA 100 -81.25 43.07 -3.10
C PRO JA 100 -81.75 41.65 -2.88
N GLY JA 101 -82.84 41.53 -2.14
CA GLY JA 101 -83.42 40.25 -1.81
C GLY JA 101 -83.12 39.76 -0.41
N MET JA 102 -82.20 40.40 0.30
CA MET JA 102 -81.86 39.98 1.64
C MET JA 102 -82.53 40.86 2.68
N ASN JA 103 -82.98 40.25 3.76
CA ASN JA 103 -83.59 40.92 4.89
C ASN JA 103 -82.56 41.08 6.00
N ARG JA 104 -82.91 41.87 7.02
CA ARG JA 104 -82.03 41.97 8.17
C ARG JA 104 -82.08 40.69 8.99
N GLU JA 105 -83.24 40.06 9.06
CA GLU JA 105 -83.35 38.82 9.82
C GLU JA 105 -82.71 37.67 9.06
N ARG JA 106 -82.84 37.64 7.74
CA ARG JA 106 -82.24 36.57 6.95
C ARG JA 106 -80.72 36.69 6.91
N CYS JA 107 -80.20 37.90 7.09
CA CYS JA 107 -78.75 38.06 7.16
C CYS JA 107 -78.22 37.71 8.54
N LEU JA 108 -79.05 37.82 9.57
CA LEU JA 108 -78.62 37.35 10.89
C LEU JA 108 -78.59 35.83 10.95
N ASP JA 109 -79.40 35.16 10.13
CA ASP JA 109 -79.34 33.70 10.06
C ASP JA 109 -78.05 33.22 9.41
N ALA JA 110 -77.61 33.92 8.35
CA ALA JA 110 -76.48 33.43 7.57
C ALA JA 110 -75.17 33.62 8.32
N VAL JA 111 -75.04 34.73 9.05
CA VAL JA 111 -73.79 34.99 9.76
C VAL JA 111 -73.70 34.15 11.02
N ALA JA 112 -74.77 34.12 11.82
CA ALA JA 112 -74.72 33.39 13.08
C ALA JA 112 -74.71 31.88 12.87
N GLY JA 113 -75.23 31.43 11.72
CA GLY JA 113 -75.10 30.02 11.39
C GLY JA 113 -73.69 29.66 10.94
N ALA JA 114 -72.98 30.63 10.34
CA ALA JA 114 -71.61 30.39 9.92
C ALA JA 114 -70.67 30.38 11.12
N LEU JA 115 -70.77 31.40 11.97
CA LEU JA 115 -69.91 31.47 13.15
C LEU JA 115 -70.33 30.48 14.23
N GLY JA 116 -71.57 30.00 14.18
CA GLY JA 116 -72.02 29.03 15.17
C GLY JA 116 -72.36 29.62 16.52
N VAL JA 117 -72.79 30.87 16.55
CA VAL JA 117 -73.18 31.50 17.80
C VAL JA 117 -74.68 31.72 17.80
N ALA JA 118 -75.21 32.23 18.91
CA ALA JA 118 -76.61 32.58 18.98
C ALA JA 118 -76.89 33.84 18.18
N LYS JA 119 -78.13 33.97 17.69
CA LYS JA 119 -78.49 35.14 16.92
C LYS JA 119 -78.61 36.38 17.78
N ASP JA 120 -78.92 36.20 19.06
CA ASP JA 120 -79.05 37.32 19.99
C ASP JA 120 -77.72 38.00 20.29
N TRP JA 121 -76.60 37.30 20.09
CA TRP JA 121 -75.30 37.90 20.32
C TRP JA 121 -74.99 38.97 19.29
N ILE JA 122 -75.42 38.75 18.05
CA ILE JA 122 -75.18 39.74 17.00
C ILE JA 122 -76.16 40.90 17.11
N ARG JA 123 -77.40 40.63 17.52
CA ARG JA 123 -78.42 41.66 17.61
C ARG JA 123 -78.16 42.63 18.76
N ARG JA 124 -77.42 42.19 19.79
CA ARG JA 124 -77.14 43.04 20.93
C ARG JA 124 -76.25 44.21 20.55
N GLU JA 125 -75.28 43.98 19.66
CA GLU JA 125 -74.34 45.04 19.30
C GLU JA 125 -74.91 45.93 18.21
N MET JA 126 -76.00 45.52 17.56
CA MET JA 126 -76.49 46.25 16.40
C MET JA 126 -77.11 47.58 16.79
N THR JA 127 -77.93 47.58 17.85
CA THR JA 127 -78.63 48.74 18.41
C THR JA 127 -79.46 49.53 17.39
N SER KA 2 26.24 -5.82 41.54
CA SER KA 2 25.79 -4.64 40.81
C SER KA 2 24.44 -4.90 40.15
N VAL KA 3 23.74 -3.84 39.78
CA VAL KA 3 22.39 -3.98 39.25
C VAL KA 3 22.35 -4.29 37.75
N GLU KA 4 23.25 -3.69 36.96
CA GLU KA 4 23.21 -3.88 35.52
C GLU KA 4 23.62 -5.30 35.14
N VAL KA 5 24.46 -5.93 35.95
CA VAL KA 5 24.77 -7.34 35.73
C VAL KA 5 23.64 -8.20 36.25
N TYR KA 6 22.89 -7.69 37.23
CA TYR KA 6 21.74 -8.42 37.77
C TYR KA 6 20.58 -8.39 36.79
N ARG KA 7 20.33 -7.23 36.18
CA ARG KA 7 19.19 -7.06 35.29
C ARG KA 7 19.35 -7.86 34.00
N GLN KA 8 20.58 -8.13 33.60
CA GLN KA 8 20.79 -8.81 32.33
C GLN KA 8 20.51 -10.30 32.42
N LYS KA 9 20.58 -10.88 33.62
CA LYS KA 9 20.20 -12.27 33.79
C LYS KA 9 18.70 -12.42 34.06
N ILE KA 10 18.08 -11.38 34.62
CA ILE KA 10 16.66 -11.43 34.94
C ILE KA 10 15.81 -11.35 33.68
N GLU KA 11 16.24 -10.54 32.71
CA GLU KA 11 15.48 -10.40 31.47
C GLU KA 11 15.57 -11.63 30.58
N LYS KA 12 16.44 -12.58 30.89
CA LYS KA 12 16.50 -13.83 30.17
C LYS KA 12 15.38 -14.78 30.56
N GLY KA 13 14.64 -14.49 31.63
CA GLY KA 13 13.49 -15.28 32.01
C GLY KA 13 13.83 -16.67 32.53
N GLY KA 14 14.55 -16.74 33.64
CA GLY KA 14 14.98 -18.03 34.15
C GLY KA 14 13.95 -18.74 35.00
N TYR KA 15 12.97 -18.01 35.51
CA TYR KA 15 11.98 -18.61 36.40
C TYR KA 15 10.98 -19.46 35.63
N SER KA 16 10.53 -18.95 34.48
CA SER KA 16 9.64 -19.72 33.64
C SER KA 16 10.39 -20.87 32.96
N ALA KA 17 11.63 -20.61 32.54
CA ALA KA 17 12.40 -21.61 31.81
C ALA KA 17 12.82 -22.75 32.71
N ALA KA 18 12.96 -22.50 34.01
CA ALA KA 18 13.21 -23.59 34.93
C ALA KA 18 11.93 -24.36 35.22
N TYR KA 19 10.78 -23.67 35.21
CA TYR KA 19 9.52 -24.33 35.49
C TYR KA 19 9.10 -25.23 34.33
N GLU KA 20 9.34 -24.79 33.09
CA GLU KA 20 8.98 -25.62 31.96
C GLU KA 20 9.94 -26.79 31.79
N ALA KA 21 11.20 -26.61 32.19
CA ALA KA 21 12.17 -27.70 32.12
C ALA KA 21 11.88 -28.75 33.17
N THR KA 22 11.27 -28.36 34.28
CA THR KA 22 10.91 -29.31 35.32
C THR KA 22 9.74 -30.17 34.88
N ARG KA 23 8.76 -29.57 34.21
CA ARG KA 23 7.58 -30.29 33.77
C ARG KA 23 7.92 -31.29 32.67
N ARG KA 24 8.94 -30.98 31.87
CA ARG KA 24 9.36 -31.90 30.82
C ARG KA 24 10.01 -33.15 31.41
N TYR KA 25 10.68 -33.01 32.55
CA TYR KA 25 11.27 -34.17 33.19
C TYR KA 25 10.18 -35.08 33.77
N GLU KA 26 9.13 -34.49 34.32
CA GLU KA 26 8.06 -35.28 34.91
C GLU KA 26 7.22 -35.98 33.84
N ARG KA 27 7.21 -35.47 32.62
CA ARG KA 27 6.51 -36.10 31.51
C ARG KA 27 7.44 -36.93 30.65
N GLU KA 28 8.57 -37.37 31.23
CA GLU KA 28 9.52 -38.32 30.65
C GLU KA 28 10.10 -37.87 29.31
N GLU KA 29 10.24 -36.56 29.09
CA GLU KA 29 10.82 -36.06 27.86
C GLU KA 29 12.30 -35.71 27.98
N ILE KA 30 12.86 -35.78 29.18
CA ILE KA 30 14.26 -35.41 29.39
C ILE KA 30 14.93 -36.55 30.13
N GLU KA 31 16.03 -37.04 29.59
CA GLU KA 31 16.82 -38.08 30.21
C GLU KA 31 17.97 -37.44 30.97
N VAL KA 32 18.65 -38.26 31.77
CA VAL KA 32 19.78 -37.81 32.57
C VAL KA 32 20.97 -37.59 31.64
N LEU KA 33 21.56 -36.40 31.72
CA LEU KA 33 22.65 -36.03 30.83
C LEU KA 33 23.89 -36.85 31.13
N SER KA 34 24.70 -37.09 30.11
CA SER KA 34 25.92 -37.89 30.28
C SER KA 34 26.98 -37.14 31.07
N TRP KA 35 26.86 -35.81 31.15
CA TRP KA 35 27.77 -35.04 32.01
C TRP KA 35 27.44 -35.29 33.47
N SER KA 36 26.18 -35.60 33.77
CA SER KA 36 25.76 -35.81 35.15
C SER KA 36 26.25 -37.16 35.67
N SER KA 37 26.34 -38.16 34.79
CA SER KA 37 26.77 -39.48 35.21
C SER KA 37 28.25 -39.49 35.53
N ARG KA 38 29.03 -38.72 34.77
CA ARG KA 38 30.46 -38.59 35.07
C ARG KA 38 30.68 -37.72 36.30
N TRP KA 39 29.70 -36.89 36.62
CA TRP KA 39 29.83 -35.99 37.77
C TRP KA 39 29.71 -36.75 39.08
N GLU KA 40 28.64 -37.55 39.21
CA GLU KA 40 28.34 -38.17 40.50
C GLU KA 40 29.28 -39.33 40.79
N SER KA 41 29.92 -39.88 39.76
CA SER KA 41 30.90 -40.93 40.01
C SER KA 41 32.18 -40.36 40.62
N ALA KA 42 32.54 -39.14 40.24
CA ALA KA 42 33.76 -38.55 40.76
C ALA KA 42 33.52 -37.84 42.08
N TRP KA 43 32.35 -37.25 42.27
CA TRP KA 43 32.11 -36.38 43.41
C TRP KA 43 31.62 -37.14 44.65
N SER KA 44 31.12 -38.36 44.48
CA SER KA 44 30.53 -39.10 45.60
C SER KA 44 31.53 -39.39 46.72
N LYS KA 45 32.81 -39.47 46.37
CA LYS KA 45 33.83 -39.67 47.40
C LYS KA 45 34.15 -38.38 48.13
N PHE KA 46 33.80 -37.24 47.53
CA PHE KA 46 34.08 -35.96 48.18
C PHE KA 46 32.95 -35.54 49.10
N GLY KA 47 31.74 -36.02 48.82
CA GLY KA 47 30.59 -35.58 49.60
C GLY KA 47 30.55 -36.24 50.96
N GLU KA 48 30.86 -37.53 51.01
CA GLU KA 48 30.79 -38.22 52.29
C GLU KA 48 32.04 -37.97 53.12
N ALA KA 49 33.13 -37.55 52.48
CA ALA KA 49 34.36 -37.30 53.22
C ALA KA 49 34.29 -35.95 53.95
N VAL KA 50 33.38 -35.07 53.54
CA VAL KA 50 33.26 -33.79 54.20
C VAL KA 50 32.13 -33.83 55.23
N LYS KA 51 31.26 -34.84 55.14
CA LYS KA 51 30.23 -35.00 56.16
C LYS KA 51 30.79 -35.61 57.43
N ALA KA 52 32.01 -36.15 57.37
CA ALA KA 52 32.66 -36.72 58.54
C ALA KA 52 33.33 -35.67 59.41
N LEU KA 53 33.30 -34.39 59.04
CA LEU KA 53 33.79 -33.31 59.87
C LEU KA 53 32.67 -32.66 60.68
N GLY KA 54 31.63 -33.42 61.01
CA GLY KA 54 30.49 -32.85 61.70
C GLY KA 54 30.75 -32.62 63.17
N LYS KA 55 31.67 -33.38 63.76
CA LYS KA 55 31.96 -33.29 65.17
C LYS KA 55 32.93 -32.17 65.51
N ILE KA 56 33.51 -31.52 64.51
CA ILE KA 56 34.28 -30.30 64.74
C ILE KA 56 33.29 -29.17 64.99
N GLU KA 57 33.42 -28.53 66.15
CA GLU KA 57 32.45 -27.53 66.58
C GLU KA 57 33.10 -26.17 66.72
N GLY KA 58 32.28 -25.13 66.58
CA GLY KA 58 32.71 -23.79 66.89
C GLY KA 58 32.56 -22.76 65.78
N ALA KA 59 33.67 -22.21 65.36
CA ALA KA 59 33.84 -21.01 64.55
C ALA KA 59 33.49 -21.27 63.09
N PRO KA 60 33.64 -20.27 62.16
CA PRO KA 60 33.72 -20.61 60.73
C PRO KA 60 34.71 -21.72 60.41
N ARG KA 61 34.18 -22.86 60.01
CA ARG KA 61 34.97 -24.04 59.70
C ARG KA 61 35.21 -24.21 58.20
N ALA KA 62 35.18 -23.11 57.44
CA ALA KA 62 35.36 -23.20 56.00
C ALA KA 62 36.80 -23.55 55.65
N LEU KA 63 37.75 -23.12 56.47
CA LEU KA 63 39.16 -23.40 56.18
C LEU KA 63 39.50 -24.85 56.50
N VAL KA 64 38.84 -25.43 57.50
CA VAL KA 64 39.03 -26.85 57.78
C VAL KA 64 38.39 -27.68 56.68
N ILE KA 65 37.25 -27.22 56.17
CA ILE KA 65 36.50 -27.99 55.18
C ILE KA 65 37.20 -27.95 53.82
N ALA KA 66 37.69 -26.77 53.43
CA ALA KA 66 38.27 -26.62 52.10
C ALA KA 66 39.60 -27.33 51.98
N LYS KA 67 40.35 -27.45 53.07
CA LYS KA 67 41.67 -28.07 52.99
C LYS KA 67 41.58 -29.59 52.98
N VAL KA 68 40.55 -30.17 53.61
CA VAL KA 68 40.33 -31.60 53.51
C VAL KA 68 39.84 -31.99 52.13
N GLN KA 69 39.03 -31.13 51.50
CA GLN KA 69 38.66 -31.34 50.12
C GLN KA 69 39.86 -31.17 49.19
N GLU KA 70 40.78 -30.28 49.55
CA GLU KA 70 41.95 -30.05 48.72
C GLU KA 70 42.95 -31.19 48.85
N ALA KA 71 43.13 -31.70 50.07
CA ALA KA 71 44.15 -32.72 50.30
C ALA KA 71 43.71 -34.07 49.76
N LEU KA 72 42.40 -34.30 49.67
CA LEU KA 72 41.92 -35.58 49.16
C LEU KA 72 42.03 -35.63 47.64
N ALA KA 73 42.09 -34.47 47.00
CA ALA KA 73 42.16 -34.43 45.55
C ALA KA 73 43.52 -34.91 45.04
N TYR KA 74 44.57 -34.71 45.83
CA TYR KA 74 45.89 -35.16 45.41
C TYR KA 74 46.01 -36.67 45.54
N MET KA 75 45.28 -37.28 46.47
CA MET KA 75 45.33 -38.72 46.59
C MET KA 75 44.49 -39.39 45.51
N SER KA 76 43.59 -38.65 44.88
CA SER KA 76 42.70 -39.21 43.87
C SER KA 76 43.18 -38.97 42.45
N LYS KA 77 44.37 -38.39 42.27
CA LYS KA 77 44.94 -38.25 40.95
C LYS KA 77 45.38 -39.62 40.43
N PRO KA 78 45.50 -39.78 39.12
CA PRO KA 78 46.03 -41.06 38.59
C PRO KA 78 47.46 -41.35 38.98
N LEU KA 79 48.24 -40.33 39.32
CA LEU KA 79 49.56 -40.50 39.93
C LEU KA 79 49.51 -39.72 41.24
N PRO KA 80 49.17 -40.37 42.35
CA PRO KA 80 48.88 -39.64 43.58
C PRO KA 80 50.16 -39.13 44.25
N ASN KA 81 50.06 -37.94 44.82
CA ASN KA 81 51.19 -37.30 45.48
C ASN KA 81 50.82 -37.10 46.94
N MET KA 82 51.32 -37.99 47.80
CA MET KA 82 51.04 -37.86 49.22
C MET KA 82 51.83 -36.74 49.87
N LYS KA 83 52.90 -36.26 49.23
CA LYS KA 83 53.69 -35.19 49.81
C LYS KA 83 52.94 -33.87 49.77
N LEU KA 84 52.32 -33.56 48.64
CA LEU KA 84 51.49 -32.35 48.58
C LEU KA 84 50.15 -32.58 49.25
N ALA KA 85 49.75 -33.84 49.43
CA ALA KA 85 48.52 -34.12 50.14
C ALA KA 85 48.67 -33.84 51.62
N MET KA 86 49.84 -34.12 52.19
CA MET KA 86 50.08 -33.79 53.59
C MET KA 86 50.35 -32.30 53.76
N ALA KA 87 50.68 -31.60 52.67
CA ALA KA 87 50.95 -30.17 52.76
C ALA KA 87 49.68 -29.38 53.08
N ALA KA 88 48.59 -29.70 52.39
CA ALA KA 88 47.33 -29.04 52.69
C ALA KA 88 46.71 -29.61 53.96
N ALA KA 89 47.11 -30.82 54.34
CA ALA KA 89 46.52 -31.47 55.51
C ALA KA 89 47.01 -30.84 56.80
N VAL KA 90 48.27 -30.41 56.85
CA VAL KA 90 48.75 -29.73 58.06
C VAL KA 90 48.21 -28.31 58.14
N GLN KA 91 47.71 -27.77 57.02
CA GLN KA 91 46.99 -26.51 57.09
C GLN KA 91 45.62 -26.72 57.70
N ALA KA 92 45.03 -27.89 57.46
CA ALA KA 92 43.74 -28.20 58.06
C ALA KA 92 43.86 -28.43 59.57
N VAL KA 93 45.01 -28.95 60.02
CA VAL KA 93 45.17 -29.21 61.44
C VAL KA 93 45.44 -27.91 62.19
N ARG KA 94 46.30 -27.05 61.65
CA ARG KA 94 46.65 -25.81 62.34
C ARG KA 94 45.49 -24.84 62.37
N ALA KA 95 44.66 -24.83 61.32
CA ALA KA 95 43.47 -23.98 61.32
C ALA KA 95 42.41 -24.52 62.28
N CYS KA 96 42.45 -25.82 62.56
CA CYS KA 96 41.46 -26.41 63.44
C CYS KA 96 41.77 -26.15 64.91
N GLU KA 97 43.06 -25.93 65.23
CA GLU KA 97 43.49 -25.86 66.63
C GLU KA 97 42.96 -24.61 67.32
N GLN KA 98 42.80 -23.52 66.59
CA GLN KA 98 42.51 -22.23 67.17
C GLN KA 98 41.03 -22.02 67.45
N LEU KA 99 40.17 -22.93 67.03
CA LEU KA 99 38.76 -22.80 67.32
C LEU KA 99 38.51 -23.14 68.80
N PRO KA 100 37.54 -22.48 69.43
CA PRO KA 100 37.29 -22.75 70.85
C PRO KA 100 36.65 -24.11 71.06
N GLY KA 101 37.24 -24.90 71.94
CA GLY KA 101 36.78 -26.24 72.21
C GLY KA 101 37.56 -27.32 71.50
N MET KA 102 38.44 -26.98 70.56
CA MET KA 102 39.19 -27.96 69.82
C MET KA 102 40.61 -28.11 70.35
N ASN KA 103 41.05 -29.35 70.46
CA ASN KA 103 42.40 -29.72 70.86
C ASN KA 103 43.20 -30.11 69.63
N ARG KA 104 44.52 -30.15 69.79
CA ARG KA 104 45.38 -30.60 68.70
C ARG KA 104 45.19 -32.10 68.45
N GLU KA 105 44.91 -32.87 69.50
CA GLU KA 105 44.71 -34.30 69.31
C GLU KA 105 43.32 -34.61 68.75
N ARG KA 106 42.34 -33.75 69.03
CA ARG KA 106 41.00 -33.97 68.52
C ARG KA 106 40.89 -33.54 67.07
N CYS KA 107 41.69 -32.56 66.65
CA CYS KA 107 41.68 -32.16 65.25
C CYS KA 107 42.40 -33.18 64.39
N LEU KA 108 43.35 -33.91 64.96
CA LEU KA 108 44.00 -34.98 64.23
C LEU KA 108 43.06 -36.17 64.03
N ASP KA 109 42.09 -36.32 64.92
CA ASP KA 109 41.11 -37.39 64.76
C ASP KA 109 40.16 -37.10 63.60
N ALA KA 110 39.75 -35.86 63.45
CA ALA KA 110 38.75 -35.54 62.42
C ALA KA 110 39.40 -35.43 61.06
N VAL KA 111 40.60 -34.86 60.99
CA VAL KA 111 41.26 -34.66 59.70
C VAL KA 111 41.74 -35.99 59.14
N ALA KA 112 42.45 -36.79 59.94
CA ALA KA 112 42.94 -38.07 59.46
C ALA KA 112 41.82 -39.09 59.33
N GLY KA 113 40.71 -38.89 60.03
CA GLY KA 113 39.56 -39.77 59.85
C GLY KA 113 38.86 -39.52 58.53
N ALA KA 114 38.74 -38.26 58.14
CA ALA KA 114 38.05 -37.92 56.89
C ALA KA 114 38.91 -38.28 55.68
N LEU KA 115 40.21 -38.06 55.78
CA LEU KA 115 41.12 -38.48 54.70
C LEU KA 115 41.30 -39.99 54.66
N GLY KA 116 41.08 -40.68 55.76
CA GLY KA 116 41.26 -42.12 55.77
C GLY KA 116 42.70 -42.57 55.87
N VAL KA 117 43.57 -41.75 56.43
CA VAL KA 117 44.98 -42.10 56.56
C VAL KA 117 45.34 -42.25 58.03
N ALA KA 118 46.55 -42.70 58.30
CA ALA KA 118 47.02 -42.84 59.68
C ALA KA 118 47.32 -41.48 60.27
N LYS KA 119 47.16 -41.39 61.59
CA LYS KA 119 47.36 -40.11 62.27
C LYS KA 119 48.82 -39.72 62.32
N ASP KA 120 49.72 -40.70 62.37
CA ASP KA 120 51.15 -40.43 62.46
C ASP KA 120 51.72 -39.82 61.18
N TRP KA 121 51.02 -39.95 60.05
CA TRP KA 121 51.49 -39.35 58.82
C TRP KA 121 51.41 -37.84 58.86
N ILE KA 122 50.34 -37.30 59.44
CA ILE KA 122 50.18 -35.87 59.54
C ILE KA 122 51.08 -35.30 60.64
N ARG KA 123 51.33 -36.08 61.69
CA ARG KA 123 52.17 -35.62 62.78
C ARG KA 123 53.64 -35.52 62.37
N ARG KA 124 54.04 -36.27 61.34
CA ARG KA 124 55.40 -36.16 60.83
C ARG KA 124 55.64 -34.79 60.20
N GLU KA 125 54.64 -34.29 59.47
CA GLU KA 125 54.86 -33.06 58.70
C GLU KA 125 54.52 -31.82 59.53
N MET KA 126 54.01 -31.98 60.75
CA MET KA 126 53.52 -30.84 61.50
C MET KA 126 54.68 -30.00 62.03
N THR KA 127 55.57 -30.60 62.80
CA THR KA 127 56.72 -29.96 63.47
C THR KA 127 56.37 -28.70 64.26
N SER LA 2 -37.50 51.03 7.97
CA SER LA 2 -36.55 51.26 6.89
C SER LA 2 -36.49 50.04 6.00
N VAL LA 3 -36.28 50.27 4.70
CA VAL LA 3 -36.15 49.15 3.76
C VAL LA 3 -34.70 48.71 3.59
N GLU LA 4 -33.75 49.46 4.11
CA GLU LA 4 -32.35 49.07 4.00
C GLU LA 4 -32.06 47.90 4.92
N VAL LA 5 -32.65 47.93 6.12
CA VAL LA 5 -32.54 46.81 7.04
C VAL LA 5 -33.42 45.66 6.56
N TYR LA 6 -34.43 45.96 5.74
CA TYR LA 6 -35.27 44.92 5.16
C TYR LA 6 -34.52 44.13 4.10
N ARG LA 7 -33.78 44.84 3.24
CA ARG LA 7 -33.17 44.20 2.07
C ARG LA 7 -32.02 43.28 2.45
N GLN LA 8 -31.26 43.63 3.48
CA GLN LA 8 -30.07 42.85 3.80
C GLN LA 8 -30.41 41.53 4.47
N LYS LA 9 -31.62 41.39 4.99
CA LYS LA 9 -32.06 40.10 5.48
C LYS LA 9 -32.73 39.29 4.37
N ILE LA 10 -33.27 39.97 3.36
CA ILE LA 10 -33.86 39.29 2.21
C ILE LA 10 -32.79 38.56 1.41
N GLU LA 11 -31.66 39.22 1.17
CA GLU LA 11 -30.61 38.67 0.30
C GLU LA 11 -29.86 37.52 0.94
N LYS LA 12 -30.08 37.24 2.21
CA LYS LA 12 -29.56 36.03 2.83
C LYS LA 12 -30.35 34.78 2.45
N GLY LA 13 -31.51 34.94 1.81
CA GLY LA 13 -32.29 33.83 1.31
C GLY LA 13 -32.91 32.96 2.38
N GLY LA 14 -33.82 33.53 3.18
CA GLY LA 14 -34.35 32.80 4.30
C GLY LA 14 -35.52 31.89 3.97
N TYR LA 15 -36.18 32.12 2.83
CA TYR LA 15 -37.29 31.28 2.44
C TYR LA 15 -36.81 29.91 2.01
N SER LA 16 -35.79 29.88 1.16
CA SER LA 16 -35.25 28.61 0.68
C SER LA 16 -34.50 27.88 1.77
N ALA LA 17 -33.72 28.61 2.57
CA ALA LA 17 -32.87 27.99 3.58
C ALA LA 17 -33.68 27.39 4.72
N ALA LA 18 -34.91 27.88 4.92
CA ALA LA 18 -35.77 27.24 5.90
C ALA LA 18 -36.44 26.01 5.31
N TYR LA 19 -36.58 25.98 4.00
CA TYR LA 19 -37.16 24.80 3.35
C TYR LA 19 -36.18 23.63 3.38
N GLU LA 20 -34.89 23.90 3.25
CA GLU LA 20 -33.90 22.83 3.32
C GLU LA 20 -33.73 22.33 4.74
N ALA LA 21 -33.87 23.21 5.73
CA ALA LA 21 -33.79 22.77 7.11
C ALA LA 21 -35.00 21.95 7.51
N THR LA 22 -36.13 22.17 6.84
CA THR LA 22 -37.33 21.39 7.13
C THR LA 22 -37.21 20.00 6.53
N ARG LA 23 -36.72 19.91 5.30
CA ARG LA 23 -36.58 18.62 4.63
C ARG LA 23 -35.49 17.78 5.28
N ARG LA 24 -34.47 18.42 5.86
CA ARG LA 24 -33.43 17.70 6.56
C ARG LA 24 -33.97 17.07 7.84
N TYR LA 25 -34.92 17.73 8.49
CA TYR LA 25 -35.52 17.17 9.69
C TYR LA 25 -36.38 15.97 9.36
N GLU LA 26 -37.09 16.02 8.24
CA GLU LA 26 -37.98 14.93 7.86
C GLU LA 26 -37.21 13.70 7.41
N ARG LA 27 -35.94 13.83 7.03
CA ARG LA 27 -35.09 12.71 6.68
C ARG LA 27 -34.10 12.38 7.79
N GLU LA 28 -34.42 12.79 9.02
CA GLU LA 28 -33.73 12.40 10.27
C GLU LA 28 -32.26 12.80 10.29
N GLU LA 29 -31.85 13.80 9.51
CA GLU LA 29 -30.48 14.27 9.55
C GLU LA 29 -30.26 15.33 10.61
N ILE LA 30 -31.30 15.68 11.36
CA ILE LA 30 -31.22 16.71 12.38
C ILE LA 30 -31.99 16.21 13.60
N GLU LA 31 -31.33 16.17 14.74
CA GLU LA 31 -32.02 15.88 15.99
C GLU LA 31 -32.36 17.18 16.69
N VAL LA 32 -33.10 17.07 17.78
CA VAL LA 32 -33.53 18.23 18.54
C VAL LA 32 -32.33 18.84 19.25
N LEU LA 33 -32.30 20.17 19.31
CA LEU LA 33 -31.17 20.86 19.90
C LEU LA 33 -31.23 20.76 21.41
N SER LA 34 -30.05 20.81 22.05
CA SER LA 34 -30.01 20.77 23.51
C SER LA 34 -30.48 22.07 24.12
N TRP LA 35 -30.52 23.15 23.34
CA TRP LA 35 -31.05 24.41 23.85
C TRP LA 35 -32.56 24.37 23.94
N SER LA 36 -33.21 23.61 23.05
CA SER LA 36 -34.67 23.51 23.05
C SER LA 36 -35.17 22.75 24.26
N SER LA 37 -34.43 21.74 24.69
CA SER LA 37 -34.85 20.94 25.84
C SER LA 37 -34.74 21.74 27.13
N ARG LA 38 -33.77 22.66 27.20
CA ARG LA 38 -33.68 23.55 28.35
C ARG LA 38 -34.71 24.65 28.25
N TRP LA 39 -35.29 24.84 27.08
CA TRP LA 39 -36.25 25.91 26.88
C TRP LA 39 -37.66 25.49 27.29
N GLU LA 40 -38.15 24.38 26.73
CA GLU LA 40 -39.52 23.96 27.00
C GLU LA 40 -39.67 23.43 28.42
N SER LA 41 -38.58 23.04 29.04
CA SER LA 41 -38.65 22.67 30.45
C SER LA 41 -38.89 23.89 31.33
N ALA LA 42 -38.37 25.05 30.92
CA ALA LA 42 -38.44 26.23 31.76
C ALA LA 42 -39.54 27.19 31.34
N TRP LA 43 -40.00 27.10 30.10
CA TRP LA 43 -41.02 28.01 29.62
C TRP LA 43 -42.44 27.52 29.90
N SER LA 44 -42.65 26.21 30.06
CA SER LA 44 -43.99 25.64 30.00
C SER LA 44 -44.87 26.04 31.17
N LYS LA 45 -44.26 26.51 32.26
CA LYS LA 45 -45.06 27.04 33.36
C LYS LA 45 -45.64 28.41 33.00
N PHE LA 46 -44.94 29.14 32.13
CA PHE LA 46 -45.42 30.46 31.73
C PHE LA 46 -46.46 30.33 30.64
N GLY LA 47 -46.49 29.20 29.94
CA GLY LA 47 -47.41 29.07 28.83
C GLY LA 47 -48.83 28.84 29.28
N GLU LA 48 -49.03 27.94 30.23
CA GLU LA 48 -50.37 27.60 30.66
C GLU LA 48 -50.89 28.56 31.72
N ALA LA 49 -50.02 29.43 32.25
CA ALA LA 49 -50.49 30.44 33.17
C ALA LA 49 -51.12 31.62 32.44
N VAL LA 50 -50.67 31.88 31.21
CA VAL LA 50 -51.27 32.93 30.40
C VAL LA 50 -52.65 32.48 29.90
N LYS LA 51 -52.82 31.18 29.70
CA LYS LA 51 -54.11 30.67 29.24
C LYS LA 51 -55.14 30.67 30.36
N ALA LA 52 -54.73 30.85 31.60
CA ALA LA 52 -55.66 30.98 32.71
C ALA LA 52 -56.27 32.38 32.80
N LEU LA 53 -55.84 33.31 31.95
CA LEU LA 53 -56.44 34.64 31.89
C LEU LA 53 -57.48 34.73 30.78
N GLY LA 54 -58.21 33.65 30.52
CA GLY LA 54 -59.09 33.62 29.38
C GLY LA 54 -60.37 34.39 29.59
N LYS LA 55 -60.89 34.39 30.82
CA LYS LA 55 -62.17 35.01 31.12
C LYS LA 55 -62.07 36.50 31.38
N ILE LA 56 -60.94 37.13 31.08
CA ILE LA 56 -60.86 38.58 31.01
C ILE LA 56 -61.27 39.00 29.60
N GLU LA 57 -62.31 39.80 29.50
CA GLU LA 57 -62.85 40.17 28.20
C GLU LA 57 -62.68 41.65 27.94
N GLY LA 58 -62.70 42.02 26.67
CA GLY LA 58 -62.73 43.41 26.29
C GLY LA 58 -61.49 43.94 25.62
N ALA LA 59 -60.76 44.75 26.36
CA ALA LA 59 -59.78 45.73 25.88
C ALA LA 59 -58.51 45.07 25.37
N PRO LA 60 -57.51 45.84 24.88
CA PRO LA 60 -56.14 45.31 24.85
C PRO LA 60 -55.70 44.80 26.21
N ARG LA 61 -55.53 43.48 26.32
CA ARG LA 61 -55.18 42.86 27.59
C ARG LA 61 -53.72 42.49 27.65
N ALA LA 62 -52.85 43.23 26.97
CA ALA LA 62 -51.43 42.92 27.00
C ALA LA 62 -50.82 43.27 28.33
N LEU LA 63 -51.33 44.31 28.99
CA LEU LA 63 -50.77 44.74 30.27
C LEU LA 63 -51.12 43.77 31.39
N VAL LA 64 -52.30 43.14 31.30
CA VAL LA 64 -52.67 42.14 32.30
C VAL LA 64 -51.88 40.87 32.07
N ILE LA 65 -51.57 40.57 30.81
CA ILE LA 65 -50.82 39.36 30.48
C ILE LA 65 -49.36 39.52 30.87
N ALA LA 66 -48.81 40.72 30.66
CA ALA LA 66 -47.39 40.94 30.90
C ALA LA 66 -47.07 40.98 32.39
N LYS LA 67 -47.90 41.67 33.18
CA LYS LA 67 -47.58 41.81 34.60
C LYS LA 67 -47.85 40.53 35.38
N VAL LA 68 -48.74 39.67 34.88
CA VAL LA 68 -48.86 38.34 35.44
C VAL LA 68 -47.64 37.50 35.11
N GLN LA 69 -47.11 37.66 33.89
CA GLN LA 69 -45.88 36.97 33.51
C GLN LA 69 -44.69 37.51 34.26
N GLU LA 70 -44.68 38.81 34.56
CA GLU LA 70 -43.58 39.40 35.31
C GLU LA 70 -43.61 38.97 36.78
N ALA LA 71 -44.81 38.70 37.31
CA ALA LA 71 -44.93 38.31 38.70
C ALA LA 71 -44.59 36.84 38.89
N LEU LA 72 -44.87 36.00 37.90
CA LEU LA 72 -44.62 34.57 38.05
C LEU LA 72 -43.13 34.28 37.87
N ALA LA 73 -42.41 35.20 37.23
CA ALA LA 73 -40.97 35.03 37.09
C ALA LA 73 -40.26 35.25 38.42
N TYR LA 74 -40.81 36.13 39.26
CA TYR LA 74 -40.19 36.39 40.56
C TYR LA 74 -40.36 35.21 41.50
N MET LA 75 -41.46 34.49 41.38
CA MET LA 75 -41.71 33.37 42.29
C MET LA 75 -40.86 32.16 41.94
N SER LA 76 -40.28 32.14 40.75
CA SER LA 76 -39.57 30.97 40.25
C SER LA 76 -38.06 31.12 40.28
N LYS LA 77 -37.52 32.06 41.05
CA LYS LA 77 -36.10 32.17 41.19
C LYS LA 77 -35.59 31.07 42.13
N PRO LA 78 -34.28 30.83 42.16
CA PRO LA 78 -33.72 29.97 43.23
C PRO LA 78 -33.91 30.56 44.62
N LEU LA 79 -34.00 31.88 44.74
CA LEU LA 79 -34.38 32.55 45.98
C LEU LA 79 -35.62 33.37 45.67
N PRO LA 80 -36.82 32.85 45.93
CA PRO LA 80 -38.03 33.53 45.50
C PRO LA 80 -38.33 34.74 46.36
N ASN LA 81 -38.88 35.76 45.73
CA ASN LA 81 -39.19 37.03 46.40
C ASN LA 81 -40.66 37.31 46.21
N MET LA 82 -41.47 36.94 47.20
CA MET LA 82 -42.90 37.22 47.13
C MET LA 82 -43.23 38.68 47.40
N LYS LA 83 -42.25 39.48 47.83
CA LYS LA 83 -42.48 40.90 48.01
C LYS LA 83 -42.59 41.61 46.66
N LEU LA 84 -41.61 41.42 45.78
CA LEU LA 84 -41.63 42.08 44.48
C LEU LA 84 -42.60 41.41 43.52
N ALA LA 85 -42.96 40.15 43.79
CA ALA LA 85 -43.96 39.51 42.95
C ALA LA 85 -45.34 40.09 43.21
N MET LA 86 -45.60 40.55 44.45
CA MET LA 86 -46.86 41.22 44.74
C MET LA 86 -46.86 42.65 44.24
N ALA LA 87 -45.67 43.18 43.92
CA ALA LA 87 -45.61 44.51 43.34
C ALA LA 87 -46.15 44.51 41.92
N ALA LA 88 -45.80 43.48 41.14
CA ALA LA 88 -46.30 43.40 39.77
C ALA LA 88 -47.72 42.85 39.75
N ALA LA 89 -48.14 42.20 40.82
CA ALA LA 89 -49.48 41.62 40.87
C ALA LA 89 -50.54 42.70 41.02
N VAL LA 90 -50.29 43.70 41.87
CA VAL LA 90 -51.27 44.77 42.05
C VAL LA 90 -51.28 45.70 40.85
N GLN LA 91 -50.21 45.70 40.06
CA GLN LA 91 -50.22 46.45 38.81
C GLN LA 91 -51.12 45.78 37.79
N ALA LA 92 -51.14 44.45 37.79
CA ALA LA 92 -52.00 43.72 36.87
C ALA LA 92 -53.47 43.88 37.23
N VAL LA 93 -53.77 43.98 38.54
CA VAL LA 93 -55.16 44.08 38.97
C VAL LA 93 -55.72 45.46 38.64
N ARG LA 94 -54.94 46.52 38.86
CA ARG LA 94 -55.40 47.87 38.53
C ARG LA 94 -55.51 48.06 37.03
N ALA LA 95 -54.66 47.37 36.25
CA ALA LA 95 -54.82 47.39 34.80
C ALA LA 95 -56.05 46.61 34.36
N CYS LA 96 -56.39 45.55 35.10
CA CYS LA 96 -57.57 44.76 34.77
C CYS LA 96 -58.85 45.47 35.15
N GLU LA 97 -58.78 46.34 36.16
CA GLU LA 97 -59.99 46.89 36.78
C GLU LA 97 -60.71 47.86 35.85
N GLN LA 98 -59.99 48.61 35.06
CA GLN LA 98 -60.58 49.65 34.23
C GLN LA 98 -61.20 49.11 32.95
N LEU LA 99 -61.08 47.81 32.68
CA LEU LA 99 -61.63 47.25 31.45
C LEU LA 99 -63.15 47.20 31.55
N PRO LA 100 -63.85 47.38 30.43
CA PRO LA 100 -65.31 47.40 30.48
C PRO LA 100 -65.89 46.02 30.75
N GLY LA 101 -66.63 45.92 31.85
CA GLY LA 101 -67.24 44.68 32.26
C GLY LA 101 -66.53 43.96 33.38
N MET LA 102 -65.31 44.36 33.72
CA MET LA 102 -64.53 43.68 34.74
C MET LA 102 -64.64 44.40 36.06
N ASN LA 103 -64.80 43.63 37.13
CA ASN LA 103 -64.88 44.12 38.49
C ASN LA 103 -63.51 44.05 39.15
N ARG LA 104 -63.40 44.66 40.33
CA ARG LA 104 -62.15 44.53 41.09
C ARG LA 104 -62.04 43.16 41.72
N GLU LA 105 -63.18 42.56 42.08
CA GLU LA 105 -63.15 41.23 42.67
C GLU LA 105 -62.96 40.16 41.60
N ARG LA 106 -63.51 40.38 40.40
CA ARG LA 106 -63.31 39.42 39.32
C ARG LA 106 -61.90 39.49 38.76
N CYS LA 107 -61.26 40.66 38.87
CA CYS LA 107 -59.87 40.76 38.44
C CYS LA 107 -58.92 40.26 39.53
N LEU LA 108 -59.36 40.28 40.78
CA LEU LA 108 -58.62 39.60 41.83
C LEU LA 108 -58.76 38.10 41.70
N ASP LA 109 -59.86 37.63 41.09
CA ASP LA 109 -60.05 36.21 40.87
C ASP LA 109 -59.12 35.70 39.78
N ALA LA 110 -58.99 36.45 38.69
CA ALA LA 110 -58.26 35.95 37.52
C ALA LA 110 -56.76 35.97 37.75
N VAL LA 111 -56.27 36.95 38.50
CA VAL LA 111 -54.84 37.06 38.72
C VAL LA 111 -54.37 36.04 39.73
N ALA LA 112 -55.07 35.94 40.86
CA ALA LA 112 -54.66 35.01 41.92
C ALA LA 112 -54.89 33.56 41.54
N GLY LA 113 -55.81 33.31 40.59
CA GLY LA 113 -55.97 31.96 40.10
C GLY LA 113 -54.84 31.54 39.18
N ALA LA 114 -54.30 32.49 38.41
CA ALA LA 114 -53.22 32.18 37.48
C ALA LA 114 -51.90 31.99 38.20
N LEU LA 115 -51.59 32.86 39.16
CA LEU LA 115 -50.37 32.72 39.93
C LEU LA 115 -50.46 31.59 40.95
N GLY LA 116 -51.65 31.11 41.25
CA GLY LA 116 -51.80 30.00 42.17
C GLY LA 116 -51.61 30.36 43.61
N VAL LA 117 -51.82 31.63 43.97
CA VAL LA 117 -51.66 32.06 45.35
C VAL LA 117 -53.02 32.47 45.90
N ALA LA 118 -53.05 32.82 47.19
CA ALA LA 118 -54.29 33.25 47.81
C ALA LA 118 -54.67 34.65 47.36
N LYS LA 119 -55.96 34.96 47.46
CA LYS LA 119 -56.45 36.27 47.03
C LYS LA 119 -56.05 37.37 48.01
N ASP LA 120 -55.82 37.01 49.27
CA ASP LA 120 -55.50 38.01 50.28
C ASP LA 120 -54.08 38.55 50.17
N TRP LA 121 -53.19 37.82 49.46
CA TRP LA 121 -51.84 38.33 49.26
C TRP LA 121 -51.82 39.54 48.34
N ILE LA 122 -52.71 39.57 47.35
CA ILE LA 122 -52.77 40.70 46.45
C ILE LA 122 -53.65 41.81 47.01
N ARG LA 123 -54.69 41.45 47.76
CA ARG LA 123 -55.58 42.45 48.37
C ARG LA 123 -54.87 43.28 49.43
N ARG LA 124 -53.88 42.69 50.11
CA ARG LA 124 -53.16 43.40 51.17
C ARG LA 124 -52.36 44.57 50.60
N GLU LA 125 -51.82 44.41 49.39
CA GLU LA 125 -50.90 45.41 48.86
C GLU LA 125 -51.62 46.52 48.11
N MET LA 126 -52.92 46.37 47.85
CA MET LA 126 -53.63 47.39 47.07
C MET LA 126 -53.84 48.65 47.88
N THR LA 127 -54.26 48.50 49.15
CA THR LA 127 -54.55 49.56 50.12
C THR LA 127 -55.49 50.65 49.59
N SER MA 2 3.27 2.56 47.39
CA SER MA 2 3.16 3.24 46.11
C SER MA 2 2.04 2.62 45.29
N VAL MA 3 1.34 3.45 44.52
CA VAL MA 3 0.24 2.97 43.71
C VAL MA 3 0.71 2.52 42.33
N GLU MA 4 1.87 3.00 41.89
CA GLU MA 4 2.37 2.65 40.56
C GLU MA 4 2.81 1.20 40.50
N VAL MA 5 3.37 0.70 41.61
CA VAL MA 5 3.72 -0.72 41.67
C VAL MA 5 2.47 -1.57 41.84
N TYR MA 6 1.42 -0.97 42.40
CA TYR MA 6 0.15 -1.67 42.58
C TYR MA 6 -0.54 -1.89 41.24
N ARG MA 7 -0.57 -0.86 40.40
CA ARG MA 7 -1.34 -0.91 39.15
C ARG MA 7 -0.70 -1.85 38.14
N GLN MA 8 0.61 -2.05 38.21
CA GLN MA 8 1.26 -2.89 37.22
C GLN MA 8 1.03 -4.37 37.49
N LYS MA 9 0.68 -4.74 38.73
CA LYS MA 9 0.31 -6.12 38.99
C LYS MA 9 -1.19 -6.34 38.83
N ILE MA 10 -1.97 -5.27 38.85
CA ILE MA 10 -3.41 -5.39 38.67
C ILE MA 10 -3.73 -5.65 37.20
N GLU MA 11 -3.04 -4.96 36.29
CA GLU MA 11 -3.29 -5.12 34.86
C GLU MA 11 -2.83 -6.47 34.33
N LYS MA 12 -2.05 -7.22 35.10
CA LYS MA 12 -1.62 -8.54 34.68
C LYS MA 12 -2.70 -9.59 34.80
N GLY MA 13 -3.84 -9.27 35.40
CA GLY MA 13 -4.97 -10.17 35.46
C GLY MA 13 -4.74 -11.39 36.33
N GLY MA 14 -4.59 -11.19 37.64
CA GLY MA 14 -4.34 -12.31 38.52
C GLY MA 14 -5.58 -13.03 38.98
N TYR MA 15 -6.70 -12.31 39.12
CA TYR MA 15 -7.90 -12.90 39.70
C TYR MA 15 -8.53 -13.90 38.74
N SER MA 16 -8.49 -13.58 37.45
CA SER MA 16 -8.96 -14.54 36.46
C SER MA 16 -7.99 -15.69 36.32
N ALA MA 17 -6.68 -15.41 36.37
CA ALA MA 17 -5.68 -16.44 36.12
C ALA MA 17 -5.57 -17.41 37.29
N ALA MA 18 -5.88 -16.95 38.50
CA ALA MA 18 -5.89 -17.87 39.64
C ALA MA 18 -7.13 -18.76 39.59
N TYR MA 19 -8.18 -18.30 38.92
CA TYR MA 19 -9.39 -19.11 38.82
C TYR MA 19 -9.25 -20.17 37.72
N GLU MA 20 -8.45 -19.90 36.69
CA GLU MA 20 -8.22 -20.89 35.64
C GLU MA 20 -7.40 -22.06 36.15
N ALA MA 21 -6.32 -21.78 36.89
CA ALA MA 21 -5.45 -22.84 37.37
C ALA MA 21 -6.14 -23.66 38.45
N THR MA 22 -7.10 -23.05 39.15
CA THR MA 22 -7.90 -23.79 40.10
C THR MA 22 -8.82 -24.78 39.39
N ARG MA 23 -9.42 -24.34 38.28
CA ARG MA 23 -10.32 -25.21 37.53
C ARG MA 23 -9.55 -26.32 36.82
N ARG MA 24 -8.33 -26.01 36.37
CA ARG MA 24 -7.52 -27.01 35.68
C ARG MA 24 -7.06 -28.09 36.63
N TYR MA 25 -6.89 -27.76 37.91
CA TYR MA 25 -6.47 -28.78 38.87
C TYR MA 25 -7.58 -29.78 39.13
N GLU MA 26 -8.82 -29.31 39.18
CA GLU MA 26 -9.95 -30.19 39.44
C GLU MA 26 -10.27 -31.07 38.25
N ARG MA 27 -9.93 -30.65 37.05
CA ARG MA 27 -10.05 -31.47 35.85
C ARG MA 27 -8.77 -32.26 35.58
N GLU MA 28 -7.95 -32.46 36.61
CA GLU MA 28 -6.78 -33.34 36.63
C GLU MA 28 -5.73 -32.99 35.59
N GLU MA 29 -5.67 -31.75 35.14
CA GLU MA 29 -4.70 -31.35 34.14
C GLU MA 29 -3.39 -30.85 34.74
N ILE MA 30 -3.35 -30.64 36.05
CA ILE MA 30 -2.15 -30.15 36.71
C ILE MA 30 -1.78 -31.11 37.82
N GLU MA 31 -0.56 -31.61 37.78
CA GLU MA 31 -0.04 -32.49 38.81
C GLU MA 31 0.77 -31.66 39.80
N VAL MA 32 1.13 -32.30 40.91
CA VAL MA 32 1.93 -31.67 41.95
C VAL MA 32 3.34 -31.46 41.42
N LEU MA 33 3.79 -30.22 41.39
CA LEU MA 33 5.11 -29.89 40.87
C LEU MA 33 6.18 -30.41 41.81
N SER MA 34 7.36 -30.70 41.27
CA SER MA 34 8.42 -31.30 42.08
C SER MA 34 9.05 -30.29 43.03
N TRP MA 35 8.81 -29.00 42.81
CA TRP MA 35 9.28 -28.00 43.77
C TRP MA 35 8.48 -28.08 45.06
N SER MA 36 7.19 -28.42 44.95
CA SER MA 36 6.32 -28.47 46.13
C SER MA 36 6.59 -29.71 46.96
N SER MA 37 6.93 -30.83 46.31
CA SER MA 37 7.20 -32.05 47.05
C SER MA 37 8.53 -31.95 47.79
N ARG MA 38 9.47 -31.19 47.23
CA ARG MA 38 10.71 -30.92 47.95
C ARG MA 38 10.48 -29.93 49.08
N TRP MA 39 9.45 -29.09 48.95
CA TRP MA 39 9.21 -28.03 49.92
C TRP MA 39 8.62 -28.57 51.20
N GLU MA 40 7.64 -29.46 51.09
CA GLU MA 40 6.94 -29.92 52.29
C GLU MA 40 7.78 -30.89 53.09
N SER MA 41 8.78 -31.51 52.46
CA SER MA 41 9.67 -32.39 53.21
C SER MA 41 10.59 -31.59 54.12
N ALA MA 42 11.10 -30.47 53.64
CA ALA MA 42 12.01 -29.66 54.45
C ALA MA 42 11.28 -28.82 55.47
N TRP MA 43 10.11 -28.29 55.12
CA TRP MA 43 9.44 -27.31 55.96
C TRP MA 43 8.63 -27.93 57.09
N SER MA 44 8.29 -29.21 57.00
CA SER MA 44 7.35 -29.84 57.94
C SER MA 44 7.89 -29.84 59.36
N LYS MA 45 9.21 -29.81 59.53
CA LYS MA 45 9.76 -29.77 60.88
C LYS MA 45 9.70 -28.37 61.46
N PHE MA 46 9.60 -27.35 60.61
CA PHE MA 46 9.53 -25.98 61.12
C PHE MA 46 8.10 -25.60 61.48
N GLY MA 47 7.13 -26.26 60.87
CA GLY MA 47 5.75 -25.90 61.12
C GLY MA 47 5.23 -26.47 62.42
N GLU MA 48 5.62 -27.70 62.74
CA GLU MA 48 5.16 -28.31 63.98
C GLU MA 48 5.96 -27.80 65.17
N ALA MA 49 7.15 -27.26 64.93
CA ALA MA 49 7.94 -26.74 66.04
C ALA MA 49 7.50 -25.34 66.44
N VAL MA 50 6.87 -24.61 65.52
CA VAL MA 50 6.40 -23.28 65.86
C VAL MA 50 5.01 -23.35 66.47
N LYS MA 51 4.30 -24.45 66.28
CA LYS MA 51 3.01 -24.63 66.93
C LYS MA 51 3.16 -25.01 68.39
N ALA MA 52 4.36 -25.43 68.81
CA ALA MA 52 4.62 -25.77 70.19
C ALA MA 52 4.81 -24.56 71.09
N LEU MA 53 4.81 -23.35 70.54
CA LEU MA 53 4.89 -22.14 71.32
C LEU MA 53 3.52 -21.52 71.54
N GLY MA 54 2.49 -22.34 71.68
CA GLY MA 54 1.15 -21.80 71.86
C GLY MA 54 0.91 -21.27 73.26
N LYS MA 55 1.64 -21.80 74.23
CA LYS MA 55 1.44 -21.45 75.64
C LYS MA 55 2.19 -20.19 76.06
N ILE MA 56 2.85 -19.51 75.13
CA ILE MA 56 3.45 -18.21 75.41
C ILE MA 56 2.40 -17.15 75.16
N GLU MA 57 2.12 -16.33 76.16
CA GLU MA 57 1.00 -15.42 76.13
C GLU MA 57 1.46 -13.97 76.03
N GLY MA 58 0.58 -13.13 75.49
CA GLY MA 58 0.73 -11.69 75.64
C GLY MA 58 0.95 -10.89 74.37
N ALA MA 59 2.12 -10.29 74.30
CA ALA MA 59 2.56 -9.20 73.44
C ALA MA 59 2.79 -9.66 71.99
N PRO MA 60 3.27 -8.77 71.08
CA PRO MA 60 3.90 -9.28 69.85
C PRO MA 60 4.97 -10.34 70.11
N ARG MA 61 4.65 -11.57 69.71
CA ARG MA 61 5.53 -12.72 69.91
C ARG MA 61 6.30 -13.09 68.67
N ALA MA 62 6.56 -12.11 67.80
CA ALA MA 62 7.28 -12.40 66.56
C ALA MA 62 8.75 -12.69 66.81
N LEU MA 63 9.35 -12.03 67.78
CA LEU MA 63 10.78 -12.22 68.04
C LEU MA 63 11.03 -13.57 68.68
N VAL MA 64 10.10 -14.03 69.53
CA VAL MA 64 10.23 -15.35 70.12
C VAL MA 64 10.06 -16.42 69.05
N ILE MA 65 9.17 -16.16 68.09
CA ILE MA 65 8.87 -17.15 67.06
C ILE MA 65 10.01 -17.22 66.05
N ALA MA 66 10.59 -16.07 65.70
CA ALA MA 66 11.59 -16.02 64.63
C ALA MA 66 12.91 -16.63 65.09
N LYS MA 67 13.26 -16.47 66.36
CA LYS MA 67 14.54 -16.99 66.82
C LYS MA 67 14.49 -18.49 67.05
N VAL MA 68 13.31 -19.04 67.36
CA VAL MA 68 13.16 -20.50 67.40
C VAL MA 68 13.26 -21.08 66.01
N GLN MA 69 12.68 -20.40 65.01
CA GLN MA 69 12.82 -20.84 63.63
C GLN MA 69 14.25 -20.68 63.15
N GLU MA 70 14.97 -19.68 63.66
CA GLU MA 70 16.36 -19.48 63.25
C GLU MA 70 17.28 -20.50 63.88
N ALA MA 71 17.06 -20.81 65.16
CA ALA MA 71 17.95 -21.71 65.87
C ALA MA 71 17.76 -23.15 65.41
N LEU MA 72 16.56 -23.49 64.95
CA LEU MA 72 16.30 -24.83 64.43
C LEU MA 72 17.00 -25.04 63.10
N ALA MA 73 17.23 -23.96 62.36
CA ALA MA 73 17.83 -24.08 61.03
C ALA MA 73 19.30 -24.48 61.13
N TYR MA 74 19.97 -24.10 62.22
CA TYR MA 74 21.37 -24.47 62.38
C TYR MA 74 21.52 -25.93 62.77
N MET MA 75 20.59 -26.45 63.55
CA MET MA 75 20.67 -27.85 63.96
C MET MA 75 20.37 -28.79 62.80
N SER MA 76 19.60 -28.33 61.82
CA SER MA 76 19.21 -29.14 60.69
C SER MA 76 20.14 -29.02 59.51
N LYS MA 77 21.30 -28.38 59.68
CA LYS MA 77 22.28 -28.30 58.60
C LYS MA 77 22.93 -29.67 58.39
N PRO MA 78 23.54 -29.90 57.22
CA PRO MA 78 24.33 -31.12 57.05
C PRO MA 78 25.54 -31.21 57.95
N LEU MA 79 26.08 -30.08 58.37
CA LEU MA 79 27.08 -30.01 59.43
C LEU MA 79 26.50 -29.09 60.51
N PRO MA 80 25.87 -29.65 61.53
CA PRO MA 80 25.12 -28.81 62.48
C PRO MA 80 26.05 -28.05 63.41
N ASN MA 81 25.70 -26.79 63.64
CA ASN MA 81 26.49 -25.90 64.49
C ASN MA 81 25.64 -25.57 65.71
N MET MA 82 25.82 -26.33 66.78
CA MET MA 82 25.05 -26.09 67.99
C MET MA 82 25.51 -24.86 68.74
N LYS MA 83 26.72 -24.35 68.45
CA LYS MA 83 27.18 -23.13 69.11
C LYS MA 83 26.42 -21.92 68.58
N LEU MA 84 26.16 -21.89 67.28
CA LEU MA 84 25.34 -20.81 66.72
C LEU MA 84 23.86 -21.09 66.92
N ALA MA 85 23.49 -22.34 67.17
CA ALA MA 85 22.10 -22.66 67.45
C ALA MA 85 21.71 -22.18 68.84
N MET MA 86 22.65 -22.22 69.78
CA MET MA 86 22.36 -21.71 71.12
C MET MA 86 22.44 -20.19 71.17
N ALA MA 87 23.01 -19.58 70.14
CA ALA MA 87 23.13 -18.12 70.11
C ALA MA 87 21.78 -17.47 69.88
N ALA MA 88 21.01 -17.98 68.91
CA ALA MA 88 19.70 -17.40 68.66
C ALA MA 88 18.70 -17.84 69.71
N ALA MA 89 18.99 -18.93 70.42
CA ALA MA 89 18.05 -19.44 71.40
C ALA MA 89 17.99 -18.55 72.64
N VAL MA 90 19.14 -18.03 73.09
CA VAL MA 90 19.14 -17.16 74.26
C VAL MA 90 18.59 -15.78 73.92
N GLN MA 91 18.50 -15.46 72.63
CA GLN MA 91 17.77 -14.27 72.24
C GLN MA 91 16.27 -14.50 72.39
N ALA MA 92 15.82 -15.74 72.14
CA ALA MA 92 14.40 -16.04 72.29
C ALA MA 92 14.01 -16.13 73.75
N VAL MA 93 14.93 -16.56 74.62
CA VAL MA 93 14.62 -16.66 76.04
C VAL MA 93 14.55 -15.28 76.66
N ARG MA 94 15.47 -14.39 76.28
CA ARG MA 94 15.44 -13.03 76.81
C ARG MA 94 14.26 -12.23 76.28
N ALA MA 95 13.86 -12.48 75.03
CA ALA MA 95 12.71 -11.77 74.47
C ALA MA 95 11.40 -12.28 75.06
N CYS MA 96 11.35 -13.57 75.42
CA CYS MA 96 10.16 -14.12 76.04
C CYS MA 96 10.01 -13.64 77.48
N GLU MA 97 11.13 -13.34 78.13
CA GLU MA 97 11.15 -13.04 79.55
C GLU MA 97 10.47 -11.71 79.85
N GLN MA 98 10.44 -10.80 78.87
CA GLN MA 98 9.92 -9.46 79.07
C GLN MA 98 8.41 -9.38 78.94
N LEU MA 99 7.75 -10.42 78.46
CA LEU MA 99 6.32 -10.35 78.22
C LEU MA 99 5.56 -10.43 79.54
N PRO MA 100 4.41 -9.78 79.64
CA PRO MA 100 3.63 -9.87 80.88
C PRO MA 100 3.02 -11.24 81.07
N GLY MA 101 3.36 -11.87 82.19
CA GLY MA 101 2.90 -13.19 82.51
C GLY MA 101 3.93 -14.28 82.33
N MET MA 102 5.11 -13.96 81.79
CA MET MA 102 6.12 -14.97 81.53
C MET MA 102 7.26 -14.87 82.53
N ASN MA 103 7.72 -16.03 82.97
CA ASN MA 103 8.87 -16.18 83.85
C ASN MA 103 10.07 -16.66 83.03
N ARG MA 104 11.26 -16.48 83.59
CA ARG MA 104 12.46 -16.97 82.93
C ARG MA 104 12.48 -18.50 82.89
N GLU MA 105 11.86 -19.15 83.88
CA GLU MA 105 11.84 -20.60 83.90
C GLU MA 105 10.78 -21.14 82.94
N ARG MA 106 9.68 -20.42 82.76
CA ARG MA 106 8.63 -20.91 81.87
C ARG MA 106 8.98 -20.65 80.40
N CYS MA 107 9.77 -19.61 80.13
CA CYS MA 107 10.24 -19.41 78.77
C CYS MA 107 11.31 -20.41 78.40
N LEU MA 108 12.03 -20.93 79.40
CA LEU MA 108 12.95 -22.03 79.15
C LEU MA 108 12.20 -23.32 78.85
N ASP MA 109 10.95 -23.42 79.32
CA ASP MA 109 10.14 -24.60 79.01
C ASP MA 109 9.67 -24.59 77.57
N ALA MA 110 9.22 -23.43 77.09
CA ALA MA 110 8.65 -23.37 75.75
C ALA MA 110 9.74 -23.42 74.68
N VAL MA 111 10.86 -22.75 74.92
CA VAL MA 111 11.92 -22.70 73.92
C VAL MA 111 12.64 -24.03 73.80
N ALA MA 112 12.99 -24.64 74.94
CA ALA MA 112 13.70 -25.92 74.87
C ALA MA 112 12.77 -27.05 74.46
N GLY MA 113 11.47 -26.90 74.67
CA GLY MA 113 10.55 -27.91 74.17
C GLY MA 113 10.37 -27.84 72.67
N ALA MA 114 10.40 -26.64 72.11
CA ALA MA 114 10.24 -26.48 70.66
C ALA MA 114 11.48 -26.94 69.92
N LEU MA 115 12.66 -26.58 70.43
CA LEU MA 115 13.90 -27.06 69.83
C LEU MA 115 14.16 -28.53 70.13
N GLY MA 116 13.66 -29.04 71.26
CA GLY MA 116 13.89 -30.42 71.60
C GLY MA 116 15.23 -30.70 72.23
N VAL MA 117 15.78 -29.75 72.97
CA VAL MA 117 17.05 -29.95 73.65
C VAL MA 117 16.83 -29.85 75.16
N ALA MA 118 17.89 -30.06 75.93
CA ALA MA 118 17.79 -29.94 77.37
C ALA MA 118 17.64 -28.48 77.78
N LYS MA 119 17.09 -28.28 78.98
CA LYS MA 119 16.89 -26.92 79.46
C LYS MA 119 18.20 -26.27 79.86
N ASP MA 120 19.16 -27.07 80.33
CA ASP MA 120 20.42 -26.51 80.79
C ASP MA 120 21.32 -26.07 79.64
N TRP MA 121 21.06 -26.54 78.42
CA TRP MA 121 21.88 -26.15 77.29
C TRP MA 121 21.65 -24.70 76.90
N ILE MA 122 20.46 -24.18 77.17
CA ILE MA 122 20.21 -22.76 76.97
C ILE MA 122 20.59 -21.98 78.23
N ARG MA 123 20.56 -22.62 79.40
CA ARG MA 123 20.95 -21.95 80.62
C ARG MA 123 22.46 -21.74 80.70
N ARG MA 124 23.24 -22.54 79.96
CA ARG MA 124 24.69 -22.35 79.94
C ARG MA 124 25.06 -21.02 79.29
N GLU MA 125 24.42 -20.69 78.17
CA GLU MA 125 24.83 -19.52 77.41
C GLU MA 125 24.13 -18.25 77.89
N MET MA 126 23.23 -18.37 78.87
CA MET MA 126 22.47 -17.20 79.30
C MET MA 126 23.34 -16.22 80.07
N THR MA 127 23.99 -16.69 81.14
CA THR MA 127 24.86 -15.92 82.05
C THR MA 127 24.28 -14.59 82.54
N SER NA 2 -19.70 51.04 26.09
CA SER NA 2 -19.21 51.42 24.77
C SER NA 2 -19.61 50.37 23.76
N VAL NA 3 -19.84 50.79 22.52
CA VAL NA 3 -20.15 49.85 21.45
C VAL NA 3 -18.91 49.37 20.72
N GLU NA 4 -17.76 49.98 20.98
CA GLU NA 4 -16.54 49.55 20.32
C GLU NA 4 -16.07 48.22 20.88
N VAL NA 5 -16.26 48.02 22.18
CA VAL NA 5 -15.95 46.72 22.78
C VAL NA 5 -17.06 45.73 22.46
N TYR NA 6 -18.25 46.24 22.12
CA TYR NA 6 -19.36 45.37 21.73
C TYR NA 6 -19.11 44.74 20.37
N ARG NA 7 -18.66 45.55 19.40
CA ARG NA 7 -18.51 45.06 18.03
C ARG NA 7 -17.36 44.07 17.90
N GLN NA 8 -16.32 44.22 18.70
CA GLN NA 8 -15.15 43.36 18.54
C GLN NA 8 -15.40 41.97 19.11
N LYS NA 9 -16.40 41.84 19.99
CA LYS NA 9 -16.79 40.50 20.44
C LYS NA 9 -17.89 39.93 19.57
N ILE NA 10 -18.68 40.80 18.93
CA ILE NA 10 -19.75 40.36 18.04
C ILE NA 10 -19.17 39.72 16.78
N GLU NA 11 -18.17 40.37 16.19
CA GLU NA 11 -17.63 39.93 14.91
C GLU NA 11 -16.81 38.66 15.00
N LYS NA 12 -16.54 38.16 16.20
CA LYS NA 12 -15.92 36.86 16.37
C LYS NA 12 -16.87 35.71 16.12
N GLY NA 13 -18.18 35.96 16.06
CA GLY NA 13 -19.16 34.94 15.79
C GLY NA 13 -19.33 33.93 16.90
N GLY NA 14 -19.84 34.38 18.05
CA GLY NA 14 -20.01 33.50 19.18
C GLY NA 14 -21.31 32.72 19.17
N TYR NA 15 -22.30 33.20 18.45
CA TYR NA 15 -23.59 32.52 18.38
C TYR NA 15 -23.49 31.24 17.58
N SER NA 16 -22.77 31.30 16.47
CA SER NA 16 -22.55 30.11 15.65
C SER NA 16 -21.58 29.15 16.33
N ALA NA 17 -20.52 29.69 16.93
CA ALA NA 17 -19.47 28.85 17.50
C ALA NA 17 -19.96 28.12 18.74
N ALA NA 18 -20.91 28.70 19.46
CA ALA NA 18 -21.50 27.99 20.60
C ALA NA 18 -22.50 26.95 20.14
N TYR NA 19 -22.97 27.06 18.89
CA TYR NA 19 -23.88 26.06 18.37
C TYR NA 19 -23.13 24.84 17.86
N GLU NA 20 -21.95 25.05 17.27
CA GLU NA 20 -21.14 23.91 16.84
C GLU NA 20 -20.60 23.13 18.02
N ALA NA 21 -20.32 23.81 19.13
CA ALA NA 21 -19.78 23.13 20.30
C ALA NA 21 -20.83 22.26 20.97
N THR NA 22 -22.10 22.63 20.85
CA THR NA 22 -23.16 21.80 21.42
C THR NA 22 -23.40 20.57 20.57
N ARG NA 23 -23.32 20.72 19.25
CA ARG NA 23 -23.52 19.58 18.35
C ARG NA 23 -22.37 18.59 18.47
N ARG NA 24 -21.16 19.09 18.76
CA ARG NA 24 -20.02 18.21 18.94
C ARG NA 24 -20.13 17.42 20.23
N TYR NA 25 -20.77 18.01 21.24
CA TYR NA 25 -20.96 17.30 22.50
C TYR NA 25 -21.97 16.17 22.35
N GLU NA 26 -23.01 16.40 21.55
CA GLU NA 26 -24.04 15.39 21.34
C GLU NA 26 -23.53 14.21 20.51
N ARG NA 27 -22.56 14.44 19.63
CA ARG NA 27 -21.95 13.38 18.84
C ARG NA 27 -20.67 12.86 19.48
N GLU NA 28 -20.52 13.07 20.79
CA GLU NA 28 -19.48 12.49 21.65
C GLU NA 28 -18.07 12.86 21.24
N GLU NA 29 -17.87 13.93 20.49
CA GLU NA 29 -16.54 14.37 20.13
C GLU NA 29 -15.88 15.21 21.21
N ILE NA 30 -16.64 15.64 22.20
CA ILE NA 30 -16.11 16.48 23.27
C ILE NA 30 -16.50 15.84 24.58
N GLU NA 31 -15.51 15.58 25.42
CA GLU NA 31 -15.74 15.07 26.76
C GLU NA 31 -15.53 16.19 27.77
N VAL NA 32 -15.84 15.88 29.02
CA VAL NA 32 -15.88 16.89 30.08
C VAL NA 32 -14.46 17.28 30.46
N LEU NA 33 -14.21 18.59 30.55
CA LEU NA 33 -12.88 19.09 30.84
C LEU NA 33 -12.53 18.84 32.30
N SER NA 34 -11.24 18.68 32.58
CA SER NA 34 -10.82 18.43 33.95
C SER NA 34 -10.80 19.72 34.77
N TRP NA 35 -10.90 20.87 34.11
CA TRP NA 35 -11.13 22.11 34.85
C TRP NA 35 -12.53 22.13 35.44
N SER NA 36 -13.48 21.53 34.73
CA SER NA 36 -14.86 21.47 35.20
C SER NA 36 -14.99 20.54 36.38
N SER NA 37 -14.18 19.48 36.41
CA SER NA 37 -14.27 18.50 37.49
C SER NA 37 -13.72 19.07 38.78
N ARG NA 38 -12.71 19.94 38.68
CA ARG NA 38 -12.19 20.60 39.88
C ARG NA 38 -13.10 21.73 40.31
N TRP NA 39 -14.01 22.15 39.43
CA TRP NA 39 -14.90 23.26 39.75
C TRP NA 39 -16.05 22.81 40.63
N GLU NA 40 -16.76 21.75 40.22
CA GLU NA 40 -17.95 21.34 40.94
C GLU NA 40 -17.60 20.66 42.26
N SER NA 41 -16.36 20.20 42.41
CA SER NA 41 -15.96 19.68 43.71
C SER NA 41 -15.76 20.80 44.72
N ALA NA 42 -15.30 21.97 44.25
CA ALA NA 42 -14.94 23.05 45.16
C ALA NA 42 -16.04 24.09 45.29
N TRP NA 43 -16.96 24.16 44.34
CA TRP NA 43 -17.98 25.18 44.37
C TRP NA 43 -19.25 24.73 45.06
N SER NA 44 -19.52 23.43 45.12
CA SER NA 44 -20.86 22.93 45.44
C SER NA 44 -21.24 23.19 46.90
N LYS NA 45 -20.27 23.47 47.76
CA LYS NA 45 -20.60 23.86 49.12
C LYS NA 45 -21.14 25.28 49.16
N PHE NA 46 -20.72 26.12 48.21
CA PHE NA 46 -21.17 27.51 48.19
C PHE NA 46 -22.54 27.62 47.56
N GLY NA 47 -22.89 26.68 46.69
CA GLY NA 47 -24.14 26.81 45.97
C GLY NA 47 -25.34 26.41 46.80
N GLU NA 48 -25.16 25.41 47.66
CA GLU NA 48 -26.28 24.91 48.44
C GLU NA 48 -26.41 25.65 49.76
N ALA NA 49 -25.39 26.42 50.14
CA ALA NA 49 -25.47 27.19 51.38
C ALA NA 49 -26.01 28.58 51.13
N VAL NA 50 -25.95 29.06 49.89
CA VAL NA 50 -26.55 30.34 49.56
C VAL NA 50 -28.04 30.17 49.33
N LYS NA 51 -28.49 28.93 49.10
CA LYS NA 51 -29.92 28.66 48.99
C LYS NA 51 -30.58 28.55 50.35
N ALA NA 52 -29.81 28.52 51.44
CA ALA NA 52 -30.39 28.51 52.76
C ALA NA 52 -30.81 29.89 53.24
N LEU NA 53 -30.62 30.93 52.43
CA LEU NA 53 -31.08 32.27 52.72
C LEU NA 53 -32.41 32.58 52.07
N GLY NA 54 -33.23 31.55 51.83
CA GLY NA 54 -34.50 31.78 51.14
C GLY NA 54 -35.52 32.48 52.00
N LYS NA 55 -35.42 32.32 53.31
CA LYS NA 55 -36.38 32.90 54.25
C LYS NA 55 -36.02 34.32 54.66
N ILE NA 56 -35.07 34.95 53.99
CA ILE NA 56 -34.87 36.38 54.10
C ILE NA 56 -35.68 37.04 53.00
N GLU NA 57 -36.61 37.91 53.38
CA GLU NA 57 -37.50 38.53 52.42
C GLU NA 57 -37.28 40.04 52.39
N GLY NA 58 -37.71 40.64 51.28
CA GLY NA 58 -37.73 42.09 51.19
C GLY NA 58 -36.79 42.68 50.16
N ALA NA 59 -35.81 43.41 50.65
CA ALA NA 59 -35.00 44.37 49.91
C ALA NA 59 -33.98 43.67 49.01
N PRO NA 60 -33.14 44.42 48.26
CA PRO NA 60 -31.91 43.82 47.74
C PRO NA 60 -31.09 43.08 48.78
N ARG NA 61 -31.03 41.76 48.67
CA ARG NA 61 -30.33 40.91 49.62
C ARG NA 61 -28.97 40.49 49.12
N ALA NA 62 -28.37 41.26 48.21
CA ALA NA 62 -27.10 40.87 47.64
C ALA NA 62 -25.97 40.99 48.65
N LEU NA 63 -26.06 41.93 49.58
CA LEU NA 63 -25.01 42.09 50.58
C LEU NA 63 -25.05 40.97 51.60
N VAL NA 64 -26.24 40.45 51.90
CA VAL NA 64 -26.35 39.31 52.79
C VAL NA 64 -25.86 38.05 52.09
N ILE NA 65 -26.08 37.98 50.78
CA ILE NA 65 -25.61 36.84 50.00
C ILE NA 65 -24.10 36.87 49.86
N ALA NA 66 -23.53 38.07 49.71
CA ALA NA 66 -22.10 38.20 49.44
C ALA NA 66 -21.28 37.88 50.68
N LYS NA 67 -21.69 38.38 51.84
CA LYS NA 67 -20.86 38.24 53.02
C LYS NA 67 -20.98 36.86 53.64
N VAL NA 68 -22.02 36.11 53.31
CA VAL NA 68 -22.08 34.72 53.74
C VAL NA 68 -21.13 33.87 52.90
N GLN NA 69 -21.03 34.16 51.60
CA GLN NA 69 -20.06 33.48 50.76
C GLN NA 69 -18.63 33.85 51.14
N GLU NA 70 -18.42 35.10 51.56
CA GLU NA 70 -17.09 35.51 52.00
C GLU NA 70 -16.75 34.89 53.34
N ALA NA 71 -17.77 34.55 54.14
CA ALA NA 71 -17.52 33.89 55.41
C ALA NA 71 -17.17 32.42 55.21
N LEU NA 72 -17.80 31.77 54.23
CA LEU NA 72 -17.49 30.37 53.94
C LEU NA 72 -16.12 30.21 53.32
N ALA NA 73 -15.63 31.25 52.67
CA ALA NA 73 -14.31 31.19 52.04
C ALA NA 73 -13.21 31.09 53.09
N TYR NA 74 -13.44 31.69 54.26
CA TYR NA 74 -12.42 31.62 55.32
C TYR NA 74 -12.49 30.29 56.07
N MET NA 75 -13.69 29.75 56.23
CA MET NA 75 -13.82 28.48 56.94
C MET NA 75 -13.32 27.31 56.11
N SER NA 76 -13.33 27.46 54.79
CA SER NA 76 -12.92 26.39 53.88
C SER NA 76 -11.46 26.41 53.54
N LYS NA 77 -10.65 27.24 54.20
CA LYS NA 77 -9.24 27.34 53.90
C LYS NA 77 -8.51 26.09 54.41
N PRO NA 78 -7.31 25.82 53.88
CA PRO NA 78 -6.49 24.75 54.47
C PRO NA 78 -6.07 25.02 55.90
N LEU NA 79 -5.89 26.29 56.27
CA LEU NA 79 -5.75 26.71 57.66
C LEU NA 79 -6.90 27.65 57.94
N PRO NA 80 -8.02 27.15 58.47
CA PRO NA 80 -9.22 27.97 58.59
C PRO NA 80 -9.08 29.03 59.67
N ASN NA 81 -9.63 30.20 59.40
CA ASN NA 81 -9.52 31.35 60.29
C ASN NA 81 -10.92 31.74 60.73
N MET NA 82 -11.33 31.30 61.91
CA MET NA 82 -12.64 31.66 62.42
C MET NA 82 -12.71 33.09 62.92
N LYS NA 83 -11.56 33.74 63.11
CA LYS NA 83 -11.57 35.13 63.55
C LYS NA 83 -12.02 36.06 62.43
N LEU NA 84 -11.41 35.93 61.25
CA LEU NA 84 -11.80 36.79 60.13
C LEU NA 84 -13.08 36.32 59.49
N ALA NA 85 -13.48 35.07 59.72
CA ALA NA 85 -14.75 34.60 59.18
C ALA NA 85 -15.91 35.22 59.92
N MET NA 86 -15.74 35.48 61.22
CA MET NA 86 -16.79 36.13 61.98
C MET NA 86 -16.85 37.61 61.68
N ALA NA 87 -15.78 38.16 61.10
CA ALA NA 87 -15.78 39.56 60.69
C ALA NA 87 -16.71 39.79 59.51
N ALA NA 88 -16.72 38.87 58.56
CA ALA NA 88 -17.62 39.01 57.43
C ALA NA 88 -19.02 38.54 57.79
N ALA NA 89 -19.12 37.65 58.78
CA ALA NA 89 -20.44 37.14 59.17
C ALA NA 89 -21.24 38.19 59.91
N VAL NA 90 -20.58 39.01 60.74
CA VAL NA 90 -21.28 40.04 61.49
C VAL NA 90 -21.72 41.17 60.56
N GLN NA 91 -21.07 41.31 59.41
CA GLN NA 91 -21.49 42.30 58.44
C GLN NA 91 -22.80 41.90 57.76
N ALA NA 92 -22.99 40.61 57.53
CA ALA NA 92 -24.21 40.13 56.91
C ALA NA 92 -25.40 40.25 57.86
N VAL NA 93 -25.17 40.07 59.15
CA VAL NA 93 -26.24 40.24 60.13
C VAL NA 93 -26.68 41.70 60.22
N ARG NA 94 -25.72 42.62 60.13
CA ARG NA 94 -26.06 44.03 60.10
C ARG NA 94 -26.74 44.42 58.80
N ALA NA 95 -26.44 43.74 57.70
CA ALA NA 95 -27.10 44.03 56.44
C ALA NA 95 -28.52 43.48 56.42
N CYS NA 96 -28.73 42.30 57.01
CA CYS NA 96 -30.06 41.70 57.03
C CYS NA 96 -30.99 42.43 57.98
N GLU NA 97 -30.44 43.11 58.98
CA GLU NA 97 -31.22 43.66 60.07
C GLU NA 97 -32.09 44.82 59.64
N GLN NA 98 -31.62 45.62 58.69
CA GLN NA 98 -32.33 46.80 58.25
C GLN NA 98 -33.42 46.52 57.24
N LEU NA 99 -33.55 45.28 56.77
CA LEU NA 99 -34.56 44.95 55.78
C LEU NA 99 -35.95 44.95 56.44
N PRO NA 100 -36.99 45.34 55.70
CA PRO NA 100 -38.32 45.41 56.31
C PRO NA 100 -38.90 44.03 56.59
N GLY NA 101 -39.26 43.82 57.85
CA GLY NA 101 -39.82 42.57 58.29
C GLY NA 101 -38.83 41.65 58.97
N MET NA 102 -37.54 41.96 58.91
CA MET NA 102 -36.52 41.10 59.49
C MET NA 102 -36.06 41.62 60.85
N ASN NA 103 -35.93 40.71 61.79
CA ASN NA 103 -35.45 40.99 63.14
C ASN NA 103 -33.97 40.66 63.24
N ARG NA 104 -33.35 41.10 64.33
CA ARG NA 104 -31.95 40.72 64.56
C ARG NA 104 -31.86 39.25 64.94
N GLU NA 105 -32.87 38.74 65.64
CA GLU NA 105 -32.84 37.34 66.05
C GLU NA 105 -33.10 36.42 64.86
N ARG NA 106 -33.95 36.84 63.92
CA ARG NA 106 -34.21 36.01 62.75
C ARG NA 106 -33.05 36.09 61.76
N CYS NA 107 -32.38 37.23 61.69
CA CYS NA 107 -31.22 37.33 60.80
C CYS NA 107 -30.01 36.64 61.41
N LEU NA 108 -30.00 36.45 62.72
CA LEU NA 108 -28.97 35.61 63.32
C LEU NA 108 -29.23 34.15 63.04
N ASP NA 109 -30.49 33.79 62.81
CA ASP NA 109 -30.82 32.40 62.51
C ASP NA 109 -30.44 32.04 61.08
N ALA NA 110 -30.73 32.94 60.13
CA ALA NA 110 -30.51 32.63 58.73
C ALA NA 110 -29.03 32.58 58.39
N VAL NA 111 -28.23 33.39 59.08
CA VAL NA 111 -26.80 33.42 58.80
C VAL NA 111 -26.12 32.20 59.42
N ALA NA 112 -26.37 31.95 60.70
CA ALA NA 112 -25.70 30.84 61.37
C ALA NA 112 -26.23 29.49 60.91
N GLY NA 113 -27.45 29.45 60.37
CA GLY NA 113 -27.92 28.22 59.75
C GLY NA 113 -27.23 27.94 58.44
N ALA NA 114 -26.88 28.98 57.70
CA ALA NA 114 -26.22 28.80 56.41
C ALA NA 114 -24.75 28.47 56.58
N LEU NA 115 -24.07 29.15 57.50
CA LEU NA 115 -22.68 28.85 57.77
C LEU NA 115 -22.51 27.52 58.51
N GLY NA 116 -23.56 27.01 59.14
CA GLY NA 116 -23.46 25.77 59.87
C GLY NA 116 -22.73 25.89 61.19
N VAL NA 117 -22.74 27.08 61.79
CA VAL NA 117 -22.08 27.27 63.07
C VAL NA 117 -23.13 27.62 64.12
N ALA NA 118 -22.70 27.81 65.37
CA ALA NA 118 -23.60 28.14 66.44
C ALA NA 118 -24.01 29.62 66.35
N LYS NA 119 -25.12 29.95 67.03
CA LYS NA 119 -25.61 31.31 67.00
C LYS NA 119 -24.78 32.25 67.85
N ASP NA 120 -24.18 31.72 68.93
CA ASP NA 120 -23.47 32.57 69.87
C ASP NA 120 -22.09 32.98 69.38
N TRP NA 121 -21.58 32.35 68.32
CA TRP NA 121 -20.30 32.77 67.77
C TRP NA 121 -20.42 34.11 67.06
N ILE NA 122 -21.56 34.36 66.43
CA ILE NA 122 -21.76 35.62 65.74
C ILE NA 122 -22.23 36.71 66.70
N ARG NA 123 -23.00 36.34 67.73
CA ARG NA 123 -23.50 37.31 68.71
C ARG NA 123 -22.38 37.90 69.56
N ARG NA 124 -21.31 37.14 69.80
CA ARG NA 124 -20.22 37.63 70.64
C ARG NA 124 -19.44 38.74 69.93
N GLU NA 125 -19.40 38.71 68.60
CA GLU NA 125 -18.62 39.70 67.88
C GLU NA 125 -19.38 41.00 67.67
N MET NA 126 -20.69 41.01 67.92
CA MET NA 126 -21.50 42.17 67.60
C MET NA 126 -21.21 43.33 68.54
N THR NA 127 -21.07 43.03 69.83
CA THR NA 127 -20.85 44.00 70.94
C THR NA 127 -21.81 45.19 70.96
N SER OA 2 -20.80 8.56 43.44
CA SER OA 2 -20.60 9.00 42.06
C SER OA 2 -21.38 8.12 41.11
N VAL OA 3 -21.71 8.67 39.95
CA VAL OA 3 -22.47 7.92 38.95
C VAL OA 3 -21.54 7.36 37.87
N GLU OA 4 -20.34 7.92 37.71
CA GLU OA 4 -19.42 7.43 36.70
C GLU OA 4 -18.89 6.05 37.08
N VAL OA 5 -18.73 5.79 38.37
CA VAL OA 5 -18.37 4.46 38.82
C VAL OA 5 -19.57 3.52 38.67
N TYR OA 6 -20.78 4.07 38.76
CA TYR OA 6 -21.99 3.28 38.63
C TYR OA 6 -22.19 2.80 37.21
N ARG OA 7 -21.98 3.69 36.24
CA ARG OA 7 -22.24 3.37 34.84
C ARG OA 7 -21.21 2.40 34.29
N GLN OA 8 -20.00 2.41 34.82
CA GLN OA 8 -18.97 1.53 34.28
C GLN OA 8 -19.18 0.09 34.71
N LYS OA 9 -19.92 -0.15 35.77
CA LYS OA 9 -20.25 -1.52 36.15
C LYS OA 9 -21.51 -2.00 35.44
N ILE OA 10 -22.35 -1.07 34.98
CA ILE OA 10 -23.57 -1.45 34.29
C ILE OA 10 -23.27 -1.97 32.90
N GLU OA 11 -22.30 -1.36 32.22
CA GLU OA 11 -21.99 -1.71 30.85
C GLU OA 11 -21.30 -3.07 30.71
N LYS OA 12 -20.94 -3.71 31.80
CA LYS OA 12 -20.39 -5.05 31.74
C LYS OA 12 -21.45 -6.13 31.61
N GLY OA 13 -22.73 -5.77 31.75
CA GLY OA 13 -23.80 -6.73 31.62
C GLY OA 13 -23.85 -7.74 32.75
N GLY OA 14 -24.15 -7.27 33.96
CA GLY OA 14 -24.19 -8.18 35.09
C GLY OA 14 -25.49 -8.95 35.21
N TYR OA 15 -26.61 -8.36 34.79
CA TYR OA 15 -27.91 -9.00 34.96
C TYR OA 15 -28.06 -10.18 34.02
N SER OA 16 -27.54 -10.05 32.81
CA SER OA 16 -27.60 -11.16 31.87
C SER OA 16 -26.63 -12.27 32.28
N ALA OA 17 -25.39 -11.90 32.63
CA ALA OA 17 -24.35 -12.89 32.85
C ALA OA 17 -24.53 -13.60 34.19
N ALA OA 18 -25.26 -13.00 35.12
CA ALA OA 18 -25.60 -13.74 36.33
C ALA OA 18 -26.69 -14.75 36.04
N TYR OA 19 -27.56 -14.43 35.09
CA TYR OA 19 -28.62 -15.36 34.72
C TYR OA 19 -28.07 -16.53 33.92
N GLU OA 20 -27.00 -16.30 33.15
CA GLU OA 20 -26.37 -17.38 32.40
C GLU OA 20 -25.70 -18.38 33.34
N ALA OA 21 -24.96 -17.91 34.33
CA ALA OA 21 -24.20 -18.80 35.19
C ALA OA 21 -25.12 -19.59 36.12
N THR OA 22 -26.31 -19.06 36.39
CA THR OA 22 -27.31 -19.83 37.11
C THR OA 22 -27.83 -20.97 36.24
N ARG OA 23 -28.05 -20.69 34.95
CA ARG OA 23 -28.57 -21.70 34.03
C ARG OA 23 -27.56 -22.80 33.79
N ARG OA 24 -26.27 -22.47 33.82
CA ARG OA 24 -25.23 -23.48 33.61
C ARG OA 24 -25.09 -24.37 34.83
N TYR OA 25 -25.38 -23.83 36.02
CA TYR OA 25 -25.31 -24.65 37.22
C TYR OA 25 -26.43 -25.67 37.25
N GLU OA 26 -27.62 -25.28 36.79
CA GLU OA 26 -28.76 -26.18 36.79
C GLU OA 26 -28.62 -27.27 35.73
N ARG OA 27 -27.88 -27.01 34.65
CA ARG OA 27 -27.60 -28.00 33.63
C ARG OA 27 -26.28 -28.72 33.89
N GLU OA 28 -25.83 -28.71 35.14
CA GLU OA 28 -24.69 -29.48 35.65
C GLU OA 28 -23.38 -29.18 34.93
N GLU OA 29 -23.23 -27.98 34.38
CA GLU OA 29 -22.00 -27.63 33.69
C GLU OA 29 -20.97 -26.96 34.59
N ILE OA 30 -21.34 -26.64 35.82
CA ILE OA 30 -20.47 -25.92 36.73
C ILE OA 30 -20.44 -26.68 38.04
N GLU OA 31 -19.25 -27.01 38.49
CA GLU OA 31 -19.11 -27.65 39.79
C GLU OA 31 -18.61 -26.65 40.82
N VAL OA 32 -18.68 -27.05 42.08
CA VAL OA 32 -18.40 -26.16 43.21
C VAL OA 32 -16.90 -25.90 43.26
N LEU OA 33 -16.55 -24.62 43.22
CA LEU OA 33 -15.16 -24.20 43.22
C LEU OA 33 -14.52 -24.50 44.57
N SER OA 34 -13.21 -24.80 44.56
CA SER OA 34 -12.55 -25.18 45.80
C SER OA 34 -12.23 -23.96 46.65
N TRP OA 35 -12.41 -22.76 46.12
CA TRP OA 35 -12.38 -21.57 46.97
C TRP OA 35 -13.58 -21.56 47.91
N SER OA 36 -14.71 -22.11 47.45
CA SER OA 36 -15.94 -22.10 48.24
C SER OA 36 -15.89 -23.11 49.36
N SER OA 37 -15.30 -24.28 49.10
CA SER OA 37 -15.25 -25.31 50.14
C SER OA 37 -14.27 -24.94 51.23
N ARG OA 38 -13.22 -24.18 50.88
CA ARG OA 38 -12.35 -23.64 51.91
C ARG OA 38 -13.02 -22.53 52.69
N TRP OA 39 -14.03 -21.88 52.08
CA TRP OA 39 -14.67 -20.75 52.72
C TRP OA 39 -15.63 -21.20 53.81
N GLU OA 40 -16.50 -22.16 53.50
CA GLU OA 40 -17.53 -22.57 54.44
C GLU OA 40 -16.95 -23.35 55.60
N SER OA 41 -15.80 -24.00 55.40
CA SER OA 41 -15.17 -24.72 56.50
C SER OA 41 -14.58 -23.75 57.52
N ALA OA 42 -14.14 -22.58 57.07
CA ALA OA 42 -13.59 -21.61 58.01
C ALA OA 42 -14.66 -20.71 58.59
N TRP OA 43 -15.68 -20.37 57.82
CA TRP OA 43 -16.65 -19.35 58.22
C TRP OA 43 -17.78 -19.90 59.09
N SER OA 44 -17.99 -21.22 59.11
CA SER OA 44 -19.16 -21.79 59.77
C SER OA 44 -19.19 -21.53 61.27
N LYS OA 45 -18.01 -21.35 61.87
CA LYS OA 45 -17.97 -21.07 63.30
C LYS OA 45 -18.33 -19.61 63.58
N PHE OA 46 -18.13 -18.73 62.61
CA PHE OA 46 -18.52 -17.33 62.79
C PHE OA 46 -20.00 -17.14 62.50
N GLY OA 47 -20.58 -18.03 61.71
CA GLY OA 47 -21.93 -17.81 61.24
C GLY OA 47 -22.98 -18.13 62.28
N GLU OA 48 -22.73 -19.16 63.08
CA GLU OA 48 -23.73 -19.53 64.07
C GLU OA 48 -23.47 -18.84 65.40
N ALA OA 49 -22.25 -18.38 65.63
CA ALA OA 49 -21.93 -17.73 66.89
C ALA OA 49 -22.43 -16.30 66.93
N VAL OA 50 -22.68 -15.69 65.77
CA VAL OA 50 -23.28 -14.37 65.76
C VAL OA 50 -24.79 -14.48 65.97
N LYS OA 51 -25.37 -15.63 65.61
CA LYS OA 51 -26.82 -15.80 65.80
C LYS OA 51 -27.18 -16.06 67.25
N ALA OA 52 -26.18 -16.32 68.10
CA ALA OA 52 -26.39 -16.44 69.54
C ALA OA 52 -26.50 -15.10 70.24
N LEU OA 53 -26.44 -13.99 69.52
CA LEU OA 53 -26.69 -12.67 70.06
C LEU OA 53 -28.11 -12.22 69.80
N GLY OA 54 -29.06 -13.16 69.79
CA GLY OA 54 -30.41 -12.82 69.37
C GLY OA 54 -31.18 -12.03 70.42
N LYS OA 55 -30.91 -12.27 71.69
CA LYS OA 55 -31.67 -11.65 72.77
C LYS OA 55 -31.18 -10.28 73.16
N ILE OA 56 -30.17 -9.74 72.47
CA ILE OA 56 -29.76 -8.36 72.66
C ILE OA 56 -30.70 -7.47 71.84
N GLU OA 57 -31.34 -6.52 72.50
CA GLU OA 57 -32.42 -5.77 71.88
C GLU OA 57 -32.06 -4.29 71.74
N GLY OA 58 -32.74 -3.64 70.81
CA GLY OA 58 -32.72 -2.19 70.75
C GLY OA 58 -32.04 -1.51 69.59
N ALA OA 59 -30.90 -0.92 69.88
CA ALA OA 59 -30.21 0.11 69.12
C ALA OA 59 -29.53 -0.42 67.87
N PRO OA 60 -28.79 0.42 67.11
CA PRO OA 60 -27.73 -0.13 66.25
C PRO OA 60 -26.80 -1.05 67.01
N ARG OA 61 -26.88 -2.35 66.70
CA ARG OA 61 -26.11 -3.37 67.40
C ARG OA 61 -24.96 -3.89 66.58
N ALA OA 62 -24.42 -3.06 65.68
CA ALA OA 62 -23.28 -3.49 64.88
C ALA OA 62 -22.02 -3.55 65.71
N LEU OA 63 -21.92 -2.74 66.76
CA LEU OA 63 -20.69 -2.71 67.55
C LEU OA 63 -20.58 -3.94 68.43
N VAL OA 64 -21.71 -4.47 68.90
CA VAL OA 64 -21.66 -5.70 69.67
C VAL OA 64 -21.33 -6.87 68.76
N ILE OA 65 -21.85 -6.84 67.53
CA ILE OA 65 -21.69 -7.96 66.61
C ILE OA 65 -20.27 -8.01 66.08
N ALA OA 66 -19.70 -6.85 65.75
CA ALA OA 66 -18.37 -6.80 65.16
C ALA OA 66 -17.30 -7.18 66.16
N LYS OA 67 -17.49 -6.81 67.42
CA LYS OA 67 -16.46 -7.10 68.42
C LYS OA 67 -16.53 -8.53 68.90
N VAL OA 68 -17.65 -9.22 68.70
CA VAL OA 68 -17.71 -10.65 68.96
C VAL OA 68 -17.05 -11.42 67.83
N GLN OA 69 -17.26 -10.98 66.59
CA GLN OA 69 -16.59 -11.58 65.45
C GLN OA 69 -15.08 -11.32 65.50
N GLU OA 70 -14.68 -10.19 66.07
CA GLU OA 70 -13.25 -9.89 66.16
C GLU OA 70 -12.59 -10.72 67.26
N ALA OA 71 -13.33 -11.00 68.34
CA ALA OA 71 -12.74 -11.75 69.44
C ALA OA 71 -12.64 -13.23 69.11
N LEU OA 72 -13.52 -13.73 68.25
CA LEU OA 72 -13.44 -15.12 67.81
C LEU OA 72 -12.26 -15.35 66.88
N ALA OA 73 -11.85 -14.31 66.16
CA ALA OA 73 -10.75 -14.46 65.23
C ALA OA 73 -9.43 -14.64 65.96
N TYR OA 74 -9.32 -14.07 67.16
CA TYR OA 74 -8.08 -14.21 67.92
C TYR OA 74 -7.99 -15.57 68.59
N MET OA 75 -9.12 -16.14 69.00
CA MET OA 75 -9.09 -17.44 69.64
C MET OA 75 -8.87 -18.56 68.64
N SER OA 76 -9.16 -18.32 67.37
CA SER OA 76 -9.10 -19.36 66.35
C SER OA 76 -7.81 -19.37 65.56
N LYS OA 77 -6.79 -18.61 65.99
CA LYS OA 77 -5.52 -18.63 65.32
C LYS OA 77 -4.78 -19.92 65.64
N PRO OA 78 -3.77 -20.30 64.84
CA PRO OA 78 -2.92 -21.43 65.23
C PRO OA 78 -2.12 -21.19 66.48
N LEU OA 79 -1.86 -19.94 66.83
CA LEU OA 79 -1.29 -19.56 68.13
C LEU OA 79 -2.27 -18.55 68.72
N PRO OA 80 -3.27 -19.01 69.48
CA PRO OA 80 -4.35 -18.11 69.89
C PRO OA 80 -3.90 -17.19 71.01
N ASN OA 81 -4.33 -15.93 70.91
CA ASN OA 81 -3.95 -14.89 71.86
C ASN OA 81 -5.20 -14.53 72.65
N MET OA 82 -5.34 -15.13 73.83
CA MET OA 82 -6.52 -14.86 74.65
C MET OA 82 -6.46 -13.51 75.33
N LYS OA 83 -5.28 -12.89 75.42
CA LYS OA 83 -5.19 -11.55 76.00
C LYS OA 83 -5.78 -10.51 75.05
N LEU OA 84 -5.50 -10.64 73.75
CA LEU OA 84 -6.10 -9.75 72.78
C LEU OA 84 -7.53 -10.14 72.47
N ALA OA 85 -7.88 -11.41 72.71
CA ALA OA 85 -9.25 -11.84 72.49
C ALA OA 85 -10.20 -11.25 73.52
N MET OA 86 -9.71 -11.07 74.76
CA MET OA 86 -10.53 -10.44 75.79
C MET OA 86 -10.58 -8.93 75.60
N ALA OA 87 -9.66 -8.38 74.82
CA ALA OA 87 -9.60 -6.94 74.61
C ALA OA 87 -10.78 -6.46 73.78
N ALA OA 88 -11.16 -7.24 72.77
CA ALA OA 88 -12.33 -6.87 71.97
C ALA OA 88 -13.61 -7.20 72.70
N ALA OA 89 -13.57 -8.15 73.63
CA ALA OA 89 -14.77 -8.57 74.33
C ALA OA 89 -15.25 -7.50 75.30
N VAL OA 90 -14.33 -6.81 75.98
CA VAL OA 90 -14.74 -5.79 76.94
C VAL OA 90 -15.24 -4.55 76.21
N GLN OA 91 -14.89 -4.38 74.94
CA GLN OA 91 -15.55 -3.36 74.13
C GLN OA 91 -16.96 -3.80 73.76
N ALA OA 92 -17.17 -5.10 73.58
CA ALA OA 92 -18.49 -5.62 73.24
C ALA OA 92 -19.43 -5.56 74.43
N VAL OA 93 -18.91 -5.71 75.65
CA VAL OA 93 -19.75 -5.57 76.83
C VAL OA 93 -20.12 -4.11 77.05
N ARG OA 94 -19.14 -3.21 76.93
CA ARG OA 94 -19.39 -1.81 77.23
C ARG OA 94 -20.23 -1.14 76.15
N ALA OA 95 -20.21 -1.68 74.93
CA ALA OA 95 -21.12 -1.18 73.91
C ALA OA 95 -22.54 -1.70 74.14
N CYS OA 96 -22.67 -2.93 74.63
CA CYS OA 96 -23.98 -3.52 74.87
C CYS OA 96 -24.67 -2.87 76.06
N GLU OA 97 -23.89 -2.38 77.02
CA GLU OA 97 -24.43 -1.95 78.30
C GLU OA 97 -25.26 -0.68 78.19
N GLN OA 98 -24.93 0.17 77.23
CA GLN OA 98 -25.57 1.47 77.11
C GLN OA 98 -26.90 1.42 76.35
N LEU OA 99 -27.24 0.30 75.75
CA LEU OA 99 -28.50 0.20 75.03
C LEU OA 99 -29.65 0.11 76.02
N PRO OA 100 -30.81 0.68 75.68
CA PRO OA 100 -31.95 0.62 76.59
C PRO OA 100 -32.53 -0.79 76.65
N GLY OA 101 -32.65 -1.30 77.88
CA GLY OA 101 -33.13 -2.64 78.10
C GLY OA 101 -32.06 -3.64 78.48
N MET OA 102 -30.79 -3.25 78.45
CA MET OA 102 -29.71 -4.17 78.72
C MET OA 102 -29.02 -3.85 80.04
N ASN OA 103 -28.82 -4.89 80.83
CA ASN OA 103 -28.08 -4.85 82.08
C ASN OA 103 -26.63 -5.21 81.82
N ARG OA 104 -25.76 -4.88 82.77
CA ARG OA 104 -24.35 -5.25 82.66
C ARG OA 104 -24.17 -6.76 82.80
N GLU OA 105 -25.03 -7.40 83.58
CA GLU OA 105 -24.95 -8.85 83.72
C GLU OA 105 -25.57 -9.56 82.52
N ARG OA 106 -26.59 -8.96 81.91
CA ARG OA 106 -27.24 -9.60 80.78
C ARG OA 106 -26.41 -9.45 79.51
N CYS OA 107 -25.55 -8.44 79.45
CA CYS OA 107 -24.61 -8.36 78.34
C CYS OA 107 -23.48 -9.35 78.52
N LEU OA 108 -23.12 -9.66 79.77
CA LEU OA 108 -22.13 -10.71 80.00
C LEU OA 108 -22.69 -12.08 79.68
N ASP OA 109 -24.02 -12.23 79.71
CA ASP OA 109 -24.64 -13.51 79.37
C ASP OA 109 -24.57 -13.76 77.87
N ALA OA 110 -24.79 -12.71 77.07
CA ALA OA 110 -24.85 -12.90 75.62
C ALA OA 110 -23.46 -13.01 75.02
N VAL OA 111 -22.52 -12.22 75.52
CA VAL OA 111 -21.18 -12.20 74.94
C VAL OA 111 -20.40 -13.45 75.32
N ALA OA 112 -20.45 -13.85 76.60
CA ALA OA 112 -19.73 -15.04 77.02
C ALA OA 112 -20.40 -16.32 76.52
N GLY OA 113 -21.68 -16.24 76.16
CA GLY OA 113 -22.31 -17.38 75.51
C GLY OA 113 -21.89 -17.52 74.06
N ALA OA 114 -21.67 -16.40 73.38
CA ALA OA 114 -21.31 -16.45 71.96
C ALA OA 114 -19.86 -16.86 71.78
N LEU OA 115 -18.97 -16.33 72.62
CA LEU OA 115 -17.56 -16.71 72.54
C LEU OA 115 -17.31 -18.11 73.07
N GLY OA 116 -18.13 -18.59 73.99
CA GLY OA 116 -17.91 -19.91 74.55
C GLY OA 116 -16.89 -19.95 75.67
N VAL OA 117 -16.71 -18.83 76.37
CA VAL OA 117 -15.79 -18.78 77.50
C VAL OA 117 -16.58 -18.50 78.76
N ALA OA 118 -15.90 -18.58 79.90
CA ALA OA 118 -16.56 -18.33 81.18
C ALA OA 118 -16.79 -16.83 81.37
N LYS OA 119 -17.71 -16.51 82.27
CA LYS OA 119 -18.12 -15.12 82.41
C LYS OA 119 -17.10 -14.30 83.20
N ASP OA 120 -16.40 -14.94 84.13
CA ASP OA 120 -15.43 -14.22 84.95
C ASP OA 120 -14.17 -13.82 84.17
N TRP OA 121 -13.92 -14.46 83.02
CA TRP OA 121 -12.78 -14.08 82.20
C TRP OA 121 -12.97 -12.73 81.56
N ILE OA 122 -14.22 -12.37 81.24
CA ILE OA 122 -14.49 -11.06 80.70
C ILE OA 122 -14.64 -10.04 81.83
N ARG OA 123 -15.10 -10.48 83.01
CA ARG OA 123 -15.27 -9.59 84.14
C ARG OA 123 -13.94 -9.10 84.71
N ARG OA 124 -12.86 -9.84 84.45
CA ARG OA 124 -11.55 -9.46 84.96
C ARG OA 124 -11.04 -8.19 84.32
N GLU OA 125 -11.13 -8.08 82.99
CA GLU OA 125 -10.54 -6.94 82.31
C GLU OA 125 -11.45 -5.73 82.28
N MET OA 126 -12.64 -5.81 82.88
CA MET OA 126 -13.56 -4.69 82.85
C MET OA 126 -13.06 -3.55 83.74
N THR OA 127 -12.87 -3.84 85.03
CA THR OA 127 -12.38 -2.90 86.06
C THR OA 127 -13.17 -1.58 86.14
N SER PA 2 2.56 46.93 36.33
CA SER PA 2 2.71 47.66 35.08
C SER PA 2 1.97 46.92 33.96
N VAL PA 3 1.41 47.69 33.04
CA VAL PA 3 0.69 47.11 31.91
C VAL PA 3 1.63 46.54 30.87
N GLU PA 4 2.84 47.09 30.73
CA GLU PA 4 3.74 46.69 29.66
C GLU PA 4 4.26 45.28 29.89
N VAL PA 5 4.57 44.94 31.14
CA VAL PA 5 4.98 43.59 31.46
C VAL PA 5 3.78 42.66 31.42
N TYR PA 6 2.59 43.21 31.63
CA TYR PA 6 1.36 42.42 31.59
C TYR PA 6 1.01 42.03 30.16
N ARG PA 7 1.20 42.94 29.20
CA ARG PA 7 0.79 42.71 27.82
C ARG PA 7 1.64 41.65 27.14
N GLN PA 8 2.93 41.61 27.45
CA GLN PA 8 3.82 40.71 26.72
C GLN PA 8 3.63 39.26 27.13
N LYS PA 9 3.02 39.02 28.29
CA LYS PA 9 2.65 37.66 28.66
C LYS PA 9 1.25 37.32 28.21
N ILE PA 10 0.41 38.34 27.98
CA ILE PA 10 -0.95 38.12 27.50
C ILE PA 10 -0.93 37.60 26.07
N GLU PA 11 -0.11 38.23 25.21
CA GLU PA 11 -0.10 37.90 23.79
C GLU PA 11 0.56 36.58 23.48
N LYS PA 12 1.12 35.92 24.47
CA LYS PA 12 1.72 34.60 24.29
C LYS PA 12 0.67 33.49 24.19
N GLY PA 13 -0.59 33.78 24.49
CA GLY PA 13 -1.65 32.81 24.38
C GLY PA 13 -1.57 31.71 25.41
N GLY PA 14 -1.60 32.07 26.69
CA GLY PA 14 -1.45 31.07 27.73
C GLY PA 14 -2.74 30.39 28.12
N TYR PA 15 -3.87 31.08 27.95
CA TYR PA 15 -5.16 30.49 28.29
C TYR PA 15 -5.52 29.37 27.31
N SER PA 16 -5.16 29.55 26.04
CA SER PA 16 -5.39 28.50 25.06
C SER PA 16 -4.40 27.36 25.25
N ALA PA 17 -3.12 27.68 25.46
CA ALA PA 17 -2.09 26.66 25.51
C ALA PA 17 -2.18 25.83 26.78
N ALA PA 18 -2.80 26.36 27.83
CA ALA PA 18 -3.05 25.54 29.00
C ALA PA 18 -4.22 24.60 28.75
N TYR PA 19 -5.13 24.99 27.87
CA TYR PA 19 -6.27 24.14 27.56
C TYR PA 19 -5.86 22.96 26.68
N GLU PA 20 -5.00 23.21 25.68
CA GLU PA 20 -4.60 22.13 24.80
C GLU PA 20 -3.63 21.17 25.47
N ALA PA 21 -2.87 21.66 26.45
CA ALA PA 21 -1.96 20.77 27.17
C ALA PA 21 -2.73 19.86 28.11
N THR PA 22 -3.92 20.29 28.54
CA THR PA 22 -4.73 19.44 29.39
C THR PA 22 -5.42 18.35 28.58
N ARG PA 23 -5.83 18.69 27.36
CA ARG PA 23 -6.48 17.71 26.49
C ARG PA 23 -5.49 16.65 26.04
N ARG PA 24 -4.21 17.01 25.91
CA ARG PA 24 -3.18 16.03 25.61
C ARG PA 24 -2.97 15.08 26.78
N TYR PA 25 -3.21 15.54 27.99
CA TYR PA 25 -3.09 14.66 29.15
C TYR PA 25 -4.22 13.64 29.17
N GLU PA 26 -5.42 14.06 28.79
CA GLU PA 26 -6.56 13.17 28.77
C GLU PA 26 -6.52 12.19 27.60
N ARG PA 27 -5.77 12.50 26.54
CA ARG PA 27 -5.56 11.59 25.43
C ARG PA 27 -4.26 10.82 25.55
N GLU PA 28 -3.64 10.86 26.73
CA GLU PA 28 -2.47 10.08 27.13
C GLU PA 28 -1.25 10.36 26.27
N GLU PA 29 -1.14 11.56 25.70
CA GLU PA 29 0.05 11.93 24.96
C GLU PA 29 1.12 12.54 25.84
N ILE PA 30 0.85 12.68 27.13
CA ILE PA 30 1.78 13.27 28.08
C ILE PA 30 1.79 12.41 29.33
N GLU PA 31 2.96 11.93 29.71
CA GLU PA 31 3.18 11.30 30.99
C GLU PA 31 3.74 12.33 31.97
N VAL PA 32 3.83 11.93 33.24
CA VAL PA 32 4.30 12.83 34.28
C VAL PA 32 5.80 13.03 34.14
N LEU PA 33 6.27 14.23 34.46
CA LEU PA 33 7.66 14.58 34.28
C LEU PA 33 8.50 14.07 35.45
N SER PA 34 9.77 13.78 35.19
CA SER PA 34 10.65 13.33 36.27
C SER PA 34 11.08 14.48 37.16
N TRP PA 35 10.87 15.73 36.73
CA TRP PA 35 11.02 16.86 37.64
C TRP PA 35 9.91 16.88 38.67
N SER PA 36 8.71 16.41 38.28
CA SER PA 36 7.59 16.36 39.21
C SER PA 36 7.79 15.27 40.25
N SER PA 37 8.44 14.17 39.86
CA SER PA 37 8.61 13.07 40.80
C SER PA 37 9.64 13.42 41.88
N ARG PA 38 10.62 14.23 41.52
CA ARG PA 38 11.59 14.68 42.52
C ARG PA 38 11.01 15.80 43.38
N TRP PA 39 9.92 16.40 42.93
CA TRP PA 39 9.34 17.52 43.66
C TRP PA 39 8.52 17.02 44.84
N GLU PA 40 7.51 16.18 44.57
CA GLU PA 40 6.58 15.76 45.62
C GLU PA 40 7.24 14.82 46.62
N SER PA 41 8.33 14.17 46.22
CA SER PA 41 9.05 13.32 47.16
C SER PA 41 9.80 14.16 48.17
N ALA PA 42 10.21 15.37 47.79
CA ALA PA 42 11.01 16.20 48.68
C ALA PA 42 10.20 17.31 49.33
N TRP PA 43 9.08 17.69 48.73
CA TRP PA 43 8.29 18.78 49.28
C TRP PA 43 7.32 18.34 50.36
N SER PA 44 6.91 17.06 50.36
CA SER PA 44 5.73 16.65 51.11
C SER PA 44 5.95 16.69 52.62
N LYS PA 45 7.21 16.74 53.06
CA LYS PA 45 7.47 16.91 54.49
C LYS PA 45 7.18 18.33 54.93
N PHE PA 46 7.22 19.28 54.00
CA PHE PA 46 6.93 20.67 54.34
C PHE PA 46 5.44 20.94 54.25
N GLY PA 47 4.72 20.11 53.49
CA GLY PA 47 3.34 20.40 53.21
C GLY PA 47 2.42 20.12 54.38
N GLU PA 48 2.68 19.02 55.08
CA GLU PA 48 1.81 18.64 56.19
C GLU PA 48 2.32 19.21 57.50
N ALA PA 49 3.49 19.86 57.50
CA ALA PA 49 3.96 20.53 58.70
C ALA PA 49 3.28 21.88 58.88
N VAL PA 50 2.89 22.52 57.78
CA VAL PA 50 2.18 23.79 57.86
C VAL PA 50 0.75 23.56 58.33
N LYS PA 51 0.18 22.39 58.01
CA LYS PA 51 -1.17 22.10 58.44
C LYS PA 51 -1.24 21.76 59.93
N ALA PA 52 -0.10 21.56 60.57
CA ALA PA 52 -0.06 21.35 62.01
C ALA PA 52 -0.13 22.65 62.80
N LEU PA 53 -0.11 23.80 62.12
CA LEU PA 53 -0.28 25.09 62.78
C LEU PA 53 -1.71 25.59 62.67
N GLY PA 54 -2.67 24.69 62.48
CA GLY PA 54 -4.03 25.12 62.20
C GLY PA 54 -4.74 25.69 63.41
N LYS PA 55 -4.25 25.39 64.60
CA LYS PA 55 -4.85 25.88 65.83
C LYS PA 55 -4.25 27.19 66.32
N ILE PA 56 -3.33 27.79 65.54
CA ILE PA 56 -2.88 29.15 65.82
C ILE PA 56 -3.92 30.09 65.24
N GLU PA 57 -4.49 30.96 66.07
CA GLU PA 57 -5.61 31.78 65.67
C GLU PA 57 -5.24 33.24 65.61
N GLY PA 58 -5.96 33.99 64.78
CA GLY PA 58 -5.89 35.42 64.82
C GLY PA 58 -5.33 36.11 63.59
N ALA PA 59 -4.15 36.70 63.77
CA ALA PA 59 -3.58 37.73 62.94
C ALA PA 59 -3.04 37.18 61.61
N PRO PA 60 -2.43 38.03 60.75
CA PRO PA 60 -1.51 37.50 59.74
C PRO PA 60 -0.47 36.54 60.31
N ARG PA 61 -0.60 35.27 59.95
CA ARG PA 61 0.25 34.21 60.46
C ARG PA 61 1.29 33.77 59.45
N ALA PA 62 1.63 34.65 58.50
CA ALA PA 62 2.59 34.27 57.48
C ALA PA 62 4.01 34.20 58.03
N LEU PA 63 4.30 34.95 59.09
CA LEU PA 63 5.63 34.91 59.67
C LEU PA 63 5.83 33.64 60.49
N VAL PA 64 4.77 33.14 61.10
CA VAL PA 64 4.86 31.90 61.86
C VAL PA 64 5.00 30.72 60.90
N ILE PA 65 4.35 30.81 59.74
CA ILE PA 65 4.42 29.75 58.75
C ILE PA 65 5.78 29.73 58.08
N ALA PA 66 6.34 30.91 57.81
CA ALA PA 66 7.60 31.01 57.10
C ALA PA 66 8.77 30.52 57.93
N LYS PA 67 8.80 30.84 59.21
CA LYS PA 67 9.94 30.44 60.03
C LYS PA 67 9.84 29.00 60.49
N VAL PA 68 8.65 28.42 60.44
CA VAL PA 68 8.53 26.99 60.69
C VAL PA 68 9.04 26.20 59.49
N GLN PA 69 8.74 26.69 58.27
CA GLN PA 69 9.29 26.07 57.08
C GLN PA 69 10.80 26.25 57.00
N GLU PA 70 11.30 27.39 57.49
CA GLU PA 70 12.75 27.62 57.46
C GLU PA 70 13.46 26.75 58.47
N ALA PA 71 12.81 26.44 59.60
CA ALA PA 71 13.44 25.60 60.61
C ALA PA 71 13.46 24.15 60.18
N LEU PA 72 12.45 23.74 59.40
CA LEU PA 72 12.39 22.34 58.98
C LEU PA 72 13.38 22.07 57.85
N ALA PA 73 13.80 23.11 57.14
CA ALA PA 73 14.79 22.94 56.09
C ALA PA 73 16.17 22.65 56.67
N TYR PA 74 16.50 23.27 57.79
CA TYR PA 74 17.81 23.06 58.40
C TYR PA 74 17.93 21.67 59.01
N MET PA 75 16.83 21.14 59.53
CA MET PA 75 16.87 19.81 60.10
C MET PA 75 16.94 18.74 59.03
N SER PA 76 16.54 19.06 57.80
CA SER PA 76 16.44 18.09 56.72
C SER PA 76 17.61 18.15 55.75
N LYS PA 77 18.71 18.82 56.12
CA LYS PA 77 19.89 18.87 55.26
C LYS PA 77 20.59 17.53 55.27
N PRO PA 78 21.49 17.28 54.30
CA PRO PA 78 22.36 16.10 54.40
C PRO PA 78 23.29 16.13 55.60
N LEU PA 79 23.66 17.31 56.07
CA LEU PA 79 24.35 17.50 57.35
C LEU PA 79 23.47 18.43 58.18
N PRO PA 80 22.65 17.88 59.08
CA PRO PA 80 21.67 18.71 59.79
C PRO PA 80 22.34 19.61 60.82
N ASN PA 81 21.82 20.84 60.91
CA ASN PA 81 22.35 21.83 61.82
C ASN PA 81 21.24 22.24 62.77
N MET PA 82 21.23 21.65 63.96
CA MET PA 82 20.19 21.97 64.94
C MET PA 82 20.39 23.36 65.54
N LYS PA 83 21.60 23.91 65.49
CA LYS PA 83 21.84 25.21 66.10
C LYS PA 83 21.23 26.33 65.26
N LEU PA 84 21.41 26.27 63.95
CA LEU PA 84 20.79 27.28 63.09
C LEU PA 84 19.30 27.02 62.91
N ALA PA 85 18.85 25.78 63.15
CA ALA PA 85 17.43 25.48 63.12
C ALA PA 85 16.71 26.13 64.29
N MET PA 86 17.37 26.19 65.45
CA MET PA 86 16.76 26.81 66.62
C MET PA 86 16.80 28.33 66.52
N ALA PA 87 17.61 28.85 65.60
CA ALA PA 87 17.60 30.29 65.35
C ALA PA 87 16.30 30.72 64.69
N ALA PA 88 15.87 29.98 63.67
CA ALA PA 88 14.65 30.34 62.96
C ALA PA 88 13.42 29.87 63.72
N ALA PA 89 13.58 28.94 64.65
CA ALA PA 89 12.45 28.45 65.42
C ALA PA 89 11.99 29.49 66.44
N VAL PA 90 12.92 30.11 67.16
CA VAL PA 90 12.56 31.02 68.24
C VAL PA 90 12.02 32.33 67.69
N GLN PA 91 12.29 32.65 66.42
CA GLN PA 91 11.67 33.81 65.81
C GLN PA 91 10.19 33.54 65.54
N ALA PA 92 9.84 32.29 65.27
CA ALA PA 92 8.44 31.95 65.06
C ALA PA 92 7.66 31.97 66.36
N VAL PA 93 8.29 31.58 67.47
CA VAL PA 93 7.63 31.62 68.77
C VAL PA 93 7.41 33.05 69.21
N ARG PA 94 8.37 33.93 68.92
CA ARG PA 94 8.21 35.33 69.25
C ARG PA 94 7.16 35.99 68.35
N ALA PA 95 7.03 35.52 67.11
CA ALA PA 95 6.00 36.06 66.23
C ALA PA 95 4.62 35.56 66.63
N CYS PA 96 4.54 34.37 67.23
CA CYS PA 96 3.25 33.79 67.55
C CYS PA 96 2.65 34.39 68.81
N GLU PA 97 3.48 34.77 69.77
CA GLU PA 97 2.97 35.16 71.08
C GLU PA 97 2.38 36.56 71.06
N GLN PA 98 2.67 37.35 70.04
CA GLN PA 98 2.09 38.67 69.92
C GLN PA 98 0.64 38.65 69.46
N LEU PA 99 0.18 37.53 68.91
CA LEU PA 99 -1.17 37.47 68.38
C LEU PA 99 -2.17 37.43 69.53
N PRO PA 100 -3.40 37.88 69.29
CA PRO PA 100 -4.41 37.82 70.34
C PRO PA 100 -4.82 36.38 70.65
N GLY PA 101 -4.88 36.07 71.94
CA GLY PA 101 -5.29 34.77 72.40
C GLY PA 101 -4.18 33.77 72.55
N MET PA 102 -3.04 34.00 71.91
CA MET PA 102 -1.95 33.03 71.94
C MET PA 102 -1.02 33.31 73.11
N ASN PA 103 -0.85 32.29 73.94
CA ASN PA 103 0.07 32.33 75.06
C ASN PA 103 1.46 31.94 74.57
N ARG PA 104 2.47 32.20 75.41
CA ARG PA 104 3.82 31.80 75.04
C ARG PA 104 3.99 30.29 75.15
N GLU PA 105 3.23 29.66 76.05
CA GLU PA 105 3.34 28.22 76.20
C GLU PA 105 2.56 27.51 75.09
N ARG PA 106 1.44 28.08 74.65
CA ARG PA 106 0.68 27.48 73.57
C ARG PA 106 1.41 27.63 72.23
N CYS PA 107 2.19 28.70 72.07
CA CYS PA 107 2.96 28.85 70.85
C CYS PA 107 4.16 27.92 70.84
N LEU PA 108 4.65 27.54 72.01
CA LEU PA 108 5.69 26.53 72.08
C LEU PA 108 5.14 25.15 71.75
N ASP PA 109 3.84 24.95 71.99
CA ASP PA 109 3.21 23.68 71.64
C ASP PA 109 3.07 23.52 70.13
N ALA PA 110 2.61 24.58 69.46
CA ALA PA 110 2.28 24.47 68.04
C ALA PA 110 3.54 24.40 67.20
N VAL PA 111 4.61 25.06 67.62
CA VAL PA 111 5.83 25.06 66.84
C VAL PA 111 6.58 23.75 67.02
N ALA PA 112 6.77 23.31 68.27
CA ALA PA 112 7.48 22.06 68.51
C ALA PA 112 6.66 20.85 68.09
N GLY PA 113 5.34 20.98 68.01
CA GLY PA 113 4.53 19.91 67.46
C GLY PA 113 4.67 19.80 65.96
N ALA PA 114 4.88 20.94 65.30
CA ALA PA 114 5.02 20.94 63.84
C ALA PA 114 6.42 20.46 63.43
N LEU PA 115 7.45 21.01 64.08
CA LEU PA 115 8.81 20.57 63.80
C LEU PA 115 9.07 19.17 64.31
N GLY PA 116 8.30 18.70 65.29
CA GLY PA 116 8.49 17.36 65.79
C GLY PA 116 9.71 17.17 66.66
N VAL PA 117 10.06 18.17 67.45
CA VAL PA 117 11.18 18.06 68.38
C VAL PA 117 10.66 18.21 69.80
N ALA PA 118 11.55 18.07 70.77
CA ALA PA 118 11.19 18.33 72.15
C ALA PA 118 11.01 19.82 72.38
N LYS PA 119 10.12 20.17 73.29
CA LYS PA 119 9.78 21.57 73.52
C LYS PA 119 10.90 22.32 74.21
N ASP PA 120 11.70 21.62 75.01
CA ASP PA 120 12.75 22.27 75.79
C ASP PA 120 13.93 22.72 74.93
N TRP PA 121 14.03 22.25 73.70
CA TRP PA 121 15.09 22.75 72.81
C TRP PA 121 14.83 24.18 72.40
N ILE PA 122 13.56 24.52 72.18
CA ILE PA 122 13.22 25.90 71.84
C ILE PA 122 13.28 26.81 73.05
N ARG PA 123 12.95 26.29 74.24
CA ARG PA 123 12.94 27.11 75.44
C ARG PA 123 14.36 27.48 75.88
N ARG PA 124 15.34 26.63 75.56
CA ARG PA 124 16.73 26.93 75.92
C ARG PA 124 17.24 28.14 75.14
N GLU PA 125 16.78 28.30 73.91
CA GLU PA 125 17.29 29.38 73.06
C GLU PA 125 16.46 30.65 73.19
N MET PA 126 15.36 30.61 73.95
CA MET PA 126 14.45 31.75 73.98
C MET PA 126 15.04 32.92 74.76
N THR PA 127 15.55 32.65 75.97
CA THR PA 127 16.11 33.64 76.92
C THR PA 127 15.20 34.83 77.19
N SER QA 2 -42.46 11.04 30.49
CA SER QA 2 -41.82 11.41 29.25
C SER QA 2 -42.09 10.38 28.18
N VAL QA 3 -42.06 10.80 26.92
CA VAL QA 3 -42.37 9.91 25.81
C VAL QA 3 -41.12 9.28 25.22
N GLU QA 4 -39.97 9.96 25.30
CA GLU QA 4 -38.75 9.42 24.71
C GLU QA 4 -38.23 8.22 25.50
N VAL QA 5 -38.50 8.20 26.80
CA VAL QA 5 -38.20 7.01 27.59
C VAL QA 5 -39.21 5.92 27.29
N TYR QA 6 -40.41 6.29 26.88
CA TYR QA 6 -41.42 5.30 26.51
C TYR QA 6 -41.09 4.67 25.17
N ARG QA 7 -40.57 5.47 24.23
CA ARG QA 7 -40.30 4.98 22.88
C ARG QA 7 -39.13 4.02 22.85
N GLN QA 8 -38.15 4.19 23.74
CA GLN QA 8 -36.95 3.37 23.68
C GLN QA 8 -37.22 1.94 24.16
N LYS QA 9 -38.24 1.75 25.00
CA LYS QA 9 -38.61 0.41 25.42
C LYS QA 9 -39.53 -0.27 24.41
N ILE QA 10 -40.24 0.53 23.61
CA ILE QA 10 -41.19 -0.03 22.65
C ILE QA 10 -40.45 -0.63 21.46
N GLU QA 11 -39.37 0.04 21.01
CA GLU QA 11 -38.60 -0.48 19.89
C GLU QA 11 -37.79 -1.72 20.25
N LYS QA 12 -37.70 -2.07 21.53
CA LYS QA 12 -37.07 -3.30 21.96
C LYS QA 12 -37.93 -4.53 21.70
N GLY QA 13 -39.21 -4.35 21.37
CA GLY QA 13 -40.05 -5.48 21.03
C GLY QA 13 -40.40 -6.35 22.22
N GLY QA 14 -41.19 -5.84 23.15
CA GLY QA 14 -41.54 -6.61 24.33
C GLY QA 14 -42.72 -7.53 24.13
N TYR QA 15 -43.68 -7.13 23.29
CA TYR QA 15 -44.91 -7.90 23.11
C TYR QA 15 -44.63 -9.21 22.39
N SER QA 16 -43.73 -9.17 21.41
CA SER QA 16 -43.40 -10.39 20.68
C SER QA 16 -42.56 -11.32 21.52
N ALA QA 17 -41.57 -10.78 22.24
CA ALA QA 17 -40.65 -11.61 22.99
C ALA QA 17 -41.32 -12.21 24.22
N ALA QA 18 -42.33 -11.53 24.77
CA ALA QA 18 -43.09 -12.13 25.86
C ALA QA 18 -44.00 -13.22 25.35
N TYR QA 19 -44.41 -13.12 24.08
CA TYR QA 19 -45.21 -14.19 23.50
C TYR QA 19 -44.36 -15.41 23.19
N GLU QA 20 -43.12 -15.20 22.75
CA GLU QA 20 -42.26 -16.31 22.38
C GLU QA 20 -41.81 -17.11 23.59
N ALA QA 21 -41.53 -16.44 24.70
CA ALA QA 21 -41.09 -17.14 25.90
C ALA QA 21 -42.23 -17.92 26.54
N THR QA 22 -43.46 -17.48 26.30
CA THR QA 22 -44.62 -18.23 26.79
C THR QA 22 -44.78 -19.52 25.99
N ARG QA 23 -44.55 -19.44 24.68
CA ARG QA 23 -44.64 -20.62 23.82
C ARG QA 23 -43.54 -21.61 24.14
N ARG QA 24 -42.36 -21.12 24.54
CA ARG QA 24 -41.25 -22.01 24.88
C ARG QA 24 -41.51 -22.74 26.18
N TYR QA 25 -42.25 -22.12 27.10
CA TYR QA 25 -42.55 -22.78 28.36
C TYR QA 25 -43.52 -23.92 28.18
N GLU QA 26 -44.49 -23.74 27.28
CA GLU QA 26 -45.47 -24.80 27.02
C GLU QA 26 -44.86 -25.97 26.27
N ARG QA 27 -43.81 -25.73 25.48
CA ARG QA 27 -43.08 -26.79 24.80
C ARG QA 27 -41.91 -27.30 25.64
N GLU QA 28 -41.95 -27.03 26.95
CA GLU QA 28 -41.07 -27.61 27.98
C GLU QA 28 -39.59 -27.32 27.74
N GLU QA 29 -39.25 -26.24 27.05
CA GLU QA 29 -37.87 -25.88 26.81
C GLU QA 29 -37.28 -24.99 27.90
N ILE QA 30 -38.09 -24.58 28.87
CA ILE QA 30 -37.68 -23.60 29.87
C ILE QA 30 -38.09 -24.13 31.23
N GLU QA 31 -37.14 -24.18 32.17
CA GLU QA 31 -37.45 -24.60 33.52
C GLU QA 31 -37.51 -23.42 34.47
N VAL QA 32 -38.01 -23.68 35.67
CA VAL QA 32 -38.21 -22.67 36.69
C VAL QA 32 -36.86 -22.24 37.24
N LEU QA 33 -36.60 -20.94 37.22
CA LEU QA 33 -35.29 -20.41 37.54
C LEU QA 33 -35.01 -20.53 39.03
N SER QA 34 -33.72 -20.56 39.38
CA SER QA 34 -33.36 -20.66 40.80
C SER QA 34 -33.61 -19.37 41.54
N TRP QA 35 -33.68 -18.25 40.81
CA TRP QA 35 -34.11 -17.00 41.41
C TRP QA 35 -35.58 -17.06 41.77
N SER QA 36 -36.37 -17.81 40.99
CA SER QA 36 -37.80 -17.88 41.20
C SER QA 36 -38.16 -18.73 42.40
N SER QA 37 -37.46 -19.85 42.58
CA SER QA 37 -37.80 -20.76 43.68
C SER QA 37 -37.36 -20.18 45.01
N ARG QA 38 -36.29 -19.38 45.01
CA ARG QA 38 -35.88 -18.69 46.21
C ARG QA 38 -36.82 -17.56 46.56
N TRP QA 39 -37.56 -17.05 45.57
CA TRP QA 39 -38.41 -15.90 45.79
C TRP QA 39 -39.67 -16.26 46.56
N GLU QA 40 -40.33 -17.34 46.15
CA GLU QA 40 -41.61 -17.68 46.77
C GLU QA 40 -41.44 -18.19 48.19
N SER QA 41 -40.31 -18.87 48.46
CA SER QA 41 -40.05 -19.34 49.81
C SER QA 41 -39.82 -18.19 50.78
N ALA QA 42 -39.34 -17.06 50.28
CA ALA QA 42 -39.15 -15.89 51.16
C ALA QA 42 -40.39 -15.02 51.20
N TRP QA 43 -41.14 -14.91 50.10
CA TRP QA 43 -42.18 -13.89 49.99
C TRP QA 43 -43.53 -14.34 50.52
N SER QA 44 -43.82 -15.65 50.53
CA SER QA 44 -45.19 -16.13 50.72
C SER QA 44 -45.73 -15.82 52.11
N LYS QA 45 -44.85 -15.58 53.07
CA LYS QA 45 -45.31 -15.16 54.40
C LYS QA 45 -45.79 -13.71 54.38
N PHE QA 46 -45.30 -12.92 53.44
CA PHE QA 46 -45.80 -11.55 53.31
C PHE QA 46 -47.08 -11.52 52.50
N GLY QA 47 -47.30 -12.55 51.68
CA GLY QA 47 -48.46 -12.53 50.81
C GLY QA 47 -49.75 -12.87 51.53
N GLU QA 48 -49.65 -13.72 52.54
CA GLU QA 48 -50.86 -14.13 53.25
C GLU QA 48 -51.20 -13.17 54.38
N ALA QA 49 -50.22 -12.41 54.86
CA ALA QA 49 -50.47 -11.53 55.99
C ALA QA 49 -51.12 -10.23 55.55
N VAL QA 50 -50.90 -9.82 54.31
CA VAL QA 50 -51.59 -8.64 53.80
C VAL QA 50 -53.05 -8.99 53.48
N LYS QA 51 -53.33 -10.27 53.22
CA LYS QA 51 -54.70 -10.69 53.00
C LYS QA 51 -55.51 -10.74 54.29
N ALA QA 52 -54.84 -10.70 55.43
CA ALA QA 52 -55.51 -10.68 56.73
C ALA QA 52 -56.05 -9.30 57.10
N LEU QA 53 -55.81 -8.28 56.28
CA LEU QA 53 -56.35 -6.96 56.50
C LEU QA 53 -57.60 -6.71 55.66
N GLY QA 54 -58.41 -7.75 55.47
CA GLY QA 54 -59.55 -7.63 54.57
C GLY QA 54 -60.69 -6.82 55.15
N LYS QA 55 -60.83 -6.83 56.48
CA LYS QA 55 -61.95 -6.18 57.14
C LYS QA 55 -61.74 -4.70 57.37
N ILE QA 56 -60.58 -4.16 57.04
CA ILE QA 56 -60.36 -2.72 57.12
C ILE QA 56 -60.97 -2.08 55.89
N GLU QA 57 -61.86 -1.12 56.09
CA GLU QA 57 -62.67 -0.56 55.02
C GLU QA 57 -62.41 0.93 54.85
N GLY QA 58 -62.68 1.42 53.64
CA GLY QA 58 -62.74 2.85 53.43
C GLY QA 58 -61.75 3.45 52.44
N ALA QA 59 -60.83 4.22 52.98
CA ALA QA 59 -59.99 5.19 52.31
C ALA QA 59 -58.86 4.56 51.50
N PRO QA 60 -57.94 5.35 50.90
CA PRO QA 60 -56.62 4.81 50.59
C PRO QA 60 -55.99 4.09 51.76
N ARG QA 61 -55.89 2.77 51.65
CA ARG QA 61 -55.37 1.92 52.70
C ARG QA 61 -53.94 1.48 52.43
N ALA QA 62 -53.21 2.27 51.65
CA ALA QA 62 -51.84 1.92 51.31
C ALA QA 62 -50.90 2.06 52.49
N LEU QA 63 -51.21 2.96 53.43
CA LEU QA 63 -50.33 3.19 54.55
C LEU QA 63 -50.48 2.11 55.61
N VAL QA 64 -51.68 1.54 55.72
CA VAL QA 64 -51.89 0.44 56.65
C VAL QA 64 -51.21 -0.81 56.12
N ILE QA 65 -51.21 -0.98 54.80
CA ILE QA 65 -50.65 -2.18 54.20
C ILE QA 65 -49.13 -2.16 54.23
N ALA QA 66 -48.55 -1.00 53.93
CA ALA QA 66 -47.10 -0.90 53.79
C ALA QA 66 -46.40 -0.97 55.14
N LYS QA 67 -47.04 -0.49 56.19
CA LYS QA 67 -46.40 -0.48 57.49
C LYS QA 67 -46.54 -1.81 58.21
N VAL QA 68 -47.51 -2.63 57.82
CA VAL QA 68 -47.58 -3.99 58.34
C VAL QA 68 -46.54 -4.86 57.66
N GLN QA 69 -46.35 -4.69 56.36
CA GLN QA 69 -45.29 -5.39 55.63
C GLN QA 69 -43.92 -4.95 56.11
N GLU QA 70 -43.79 -3.69 56.52
CA GLU QA 70 -42.52 -3.22 57.07
C GLU QA 70 -42.27 -3.81 58.45
N ALA QA 71 -43.33 -4.07 59.20
CA ALA QA 71 -43.18 -4.59 60.56
C ALA QA 71 -42.82 -6.07 60.55
N LEU QA 72 -43.32 -6.82 59.56
CA LEU QA 72 -42.97 -8.23 59.45
C LEU QA 72 -41.51 -8.42 59.07
N ALA QA 73 -40.94 -7.44 58.35
CA ALA QA 73 -39.57 -7.57 57.89
C ALA QA 73 -38.59 -7.49 59.04
N TYR QA 74 -38.94 -6.77 60.09
CA TYR QA 74 -38.05 -6.68 61.25
C TYR QA 74 -38.15 -7.94 62.10
N MET QA 75 -39.34 -8.56 62.16
CA MET QA 75 -39.48 -9.76 62.97
C MET QA 75 -38.84 -10.96 62.29
N SER QA 76 -38.76 -10.95 60.97
CA SER QA 76 -38.27 -12.09 60.21
C SER QA 76 -36.77 -12.03 59.94
N LYS QA 77 -36.06 -11.11 60.56
CA LYS QA 77 -34.61 -11.04 60.41
C LYS QA 77 -33.94 -12.23 61.09
N PRO QA 78 -32.69 -12.53 60.73
CA PRO QA 78 -31.94 -13.54 61.50
C PRO QA 78 -31.68 -13.13 62.94
N LEU QA 79 -31.62 -11.83 63.22
CA LEU QA 79 -31.63 -11.30 64.58
C LEU QA 79 -32.82 -10.35 64.65
N PRO QA 80 -33.97 -10.81 65.13
CA PRO QA 80 -35.19 -9.99 65.05
C PRO QA 80 -35.16 -8.82 66.02
N ASN QA 81 -35.72 -7.71 65.57
CA ASN QA 81 -35.78 -6.48 66.35
C ASN QA 81 -37.25 -6.18 66.64
N MET QA 82 -37.72 -6.61 67.80
CA MET QA 82 -39.10 -6.32 68.18
C MET QA 82 -39.31 -4.86 68.55
N LYS QA 83 -38.24 -4.14 68.88
CA LYS QA 83 -38.39 -2.72 69.20
C LYS QA 83 -38.68 -1.91 67.95
N LEU QA 84 -37.96 -2.19 66.86
CA LEU QA 84 -38.22 -1.49 65.61
C LEU QA 84 -39.41 -2.07 64.87
N ALA QA 85 -39.86 -3.26 65.25
CA ALA QA 85 -41.04 -3.83 64.60
C ALA QA 85 -42.31 -3.21 65.17
N MET QA 86 -42.32 -2.89 66.46
CA MET QA 86 -43.46 -2.22 67.05
C MET QA 86 -43.49 -0.75 66.69
N ALA QA 87 -42.37 -0.22 66.18
CA ALA QA 87 -42.31 1.17 65.78
C ALA QA 87 -43.13 1.41 64.52
N ALA QA 88 -43.05 0.49 63.56
CA ALA QA 88 -43.83 0.64 62.34
C ALA QA 88 -45.28 0.27 62.58
N ALA QA 89 -45.55 -0.55 63.59
CA ALA QA 89 -46.91 -1.01 63.84
C ALA QA 89 -47.79 0.10 64.41
N VAL QA 90 -47.24 0.93 65.31
CA VAL QA 90 -48.03 2.01 65.88
C VAL QA 90 -48.24 3.12 64.86
N GLN QA 91 -47.43 3.17 63.82
CA GLN QA 91 -47.74 4.03 62.69
C GLN QA 91 -48.89 3.44 61.88
N ALA QA 92 -48.95 2.11 61.79
CA ALA QA 92 -50.03 1.47 61.05
C ALA QA 92 -51.35 1.55 61.82
N VAL QA 93 -51.28 1.53 63.15
CA VAL QA 93 -52.50 1.61 63.95
C VAL QA 93 -53.08 3.01 63.89
N ARG QA 94 -52.23 4.04 64.00
CA ARG QA 94 -52.71 5.41 63.95
C ARG QA 94 -53.16 5.80 62.56
N ALA QA 95 -52.57 5.22 61.51
CA ALA QA 95 -53.02 5.49 60.16
C ALA QA 95 -54.34 4.79 59.87
N CYS QA 96 -54.58 3.65 60.51
CA CYS QA 96 -55.85 2.96 60.37
C CYS QA 96 -56.97 3.71 61.08
N GLU QA 97 -56.62 4.44 62.14
CA GLU QA 97 -57.63 4.96 63.06
C GLU QA 97 -58.44 6.10 62.44
N GLN QA 98 -57.86 6.84 61.52
CA GLN QA 98 -58.50 8.04 60.97
C GLN QA 98 -59.53 7.74 59.91
N LEU QA 99 -59.62 6.49 59.43
CA LEU QA 99 -60.55 6.17 58.37
C LEU QA 99 -61.97 6.13 58.91
N PRO QA 100 -62.95 6.54 58.11
CA PRO QA 100 -64.34 6.53 58.59
C PRO QA 100 -64.86 5.12 58.71
N GLY QA 101 -65.27 4.76 59.93
CA GLY QA 101 -65.73 3.43 60.23
C GLY QA 101 -64.77 2.59 61.03
N MET QA 102 -63.62 3.13 61.42
CA MET QA 102 -62.63 2.37 62.14
C MET QA 102 -62.47 2.88 63.58
N ASN QA 103 -62.43 1.94 64.50
CA ASN QA 103 -62.21 2.18 65.92
C ASN QA 103 -60.74 1.98 66.23
N ARG QA 104 -60.31 2.48 67.39
CA ARG QA 104 -58.94 2.25 67.82
C ARG QA 104 -58.74 0.80 68.25
N GLU QA 105 -59.79 0.16 68.75
CA GLU QA 105 -59.68 -1.24 69.12
C GLU QA 105 -59.79 -2.15 67.88
N ARG QA 106 -60.58 -1.74 66.90
CA ARG QA 106 -60.76 -2.55 65.70
C ARG QA 106 -59.54 -2.47 64.80
N CYS QA 107 -58.83 -1.34 64.83
CA CYS QA 107 -57.56 -1.28 64.12
C CYS QA 107 -56.50 -2.05 64.85
N LEU QA 108 -56.59 -2.12 66.18
CA LEU QA 108 -55.65 -2.91 66.95
C LEU QA 108 -55.93 -4.40 66.78
N ASP QA 109 -57.13 -4.75 66.35
CA ASP QA 109 -57.46 -6.15 66.09
C ASP QA 109 -56.85 -6.64 64.79
N ALA QA 110 -56.99 -5.85 63.72
CA ALA QA 110 -56.57 -6.31 62.40
C ALA QA 110 -55.06 -6.27 62.25
N VAL QA 111 -54.42 -5.26 62.85
CA VAL QA 111 -52.98 -5.12 62.73
C VAL QA 111 -52.27 -6.21 63.52
N ALA QA 112 -52.72 -6.46 64.75
CA ALA QA 112 -52.11 -7.53 65.54
C ALA QA 112 -52.49 -8.91 65.02
N GLY QA 113 -53.55 -9.00 64.23
CA GLY QA 113 -53.87 -10.27 63.60
C GLY QA 113 -52.91 -10.62 62.47
N ALA QA 114 -52.44 -9.61 61.75
CA ALA QA 114 -51.52 -9.87 60.64
C ALA QA 114 -50.12 -10.15 61.15
N LEU QA 115 -49.66 -9.39 62.14
CA LEU QA 115 -48.33 -9.61 62.69
C LEU QA 115 -48.27 -10.85 63.58
N GLY QA 116 -49.40 -11.30 64.11
CA GLY QA 116 -49.40 -12.47 64.96
C GLY QA 116 -48.85 -12.23 66.35
N VAL QA 117 -49.08 -11.04 66.90
CA VAL QA 117 -48.60 -10.72 68.24
C VAL QA 117 -49.78 -10.34 69.12
N ALA QA 118 -49.52 -10.09 70.40
CA ALA QA 118 -50.56 -9.72 71.34
C ALA QA 118 -51.00 -8.28 71.10
N LYS QA 119 -52.20 -7.96 71.57
CA LYS QA 119 -52.72 -6.62 71.40
C LYS QA 119 -52.01 -5.63 72.30
N ASP QA 120 -51.53 -6.09 73.45
CA ASP QA 120 -50.87 -5.19 74.40
C ASP QA 120 -49.47 -4.81 73.95
N TRP QA 121 -48.83 -5.60 73.08
CA TRP QA 121 -47.51 -5.25 72.61
C TRP QA 121 -47.53 -4.04 71.70
N ILE QA 122 -48.65 -3.79 71.04
CA ILE QA 122 -48.80 -2.57 70.26
C ILE QA 122 -49.39 -1.45 71.12
N ARG QA 123 -50.21 -1.80 72.11
CA ARG QA 123 -50.81 -0.80 72.97
C ARG QA 123 -49.80 -0.18 73.93
N ARG QA 124 -48.70 -0.90 74.21
CA ARG QA 124 -47.65 -0.36 75.06
C ARG QA 124 -46.97 0.84 74.41
N GLU QA 125 -46.58 0.70 73.14
CA GLU QA 125 -45.71 1.69 72.52
C GLU QA 125 -46.49 2.88 71.97
N MET QA 126 -47.82 2.85 72.03
CA MET QA 126 -48.60 3.96 71.50
C MET QA 126 -48.50 5.19 72.40
N THR QA 127 -48.84 5.02 73.68
CA THR QA 127 -48.89 6.07 74.71
C THR QA 127 -49.72 7.28 74.30
N SER RA 2 27.33 40.10 37.04
CA SER RA 2 26.87 41.14 36.12
C SER RA 2 25.68 40.65 35.32
N VAL RA 3 25.00 41.58 34.66
CA VAL RA 3 23.80 41.26 33.89
C VAL RA 3 24.11 40.83 32.45
N GLU RA 4 25.18 41.36 31.86
CA GLU RA 4 25.48 41.03 30.48
C GLU RA 4 26.01 39.61 30.37
N VAL RA 5 26.73 39.14 31.38
CA VAL RA 5 27.14 37.75 31.41
C VAL RA 5 25.93 36.87 31.76
N TYR RA 6 24.96 37.44 32.47
CA TYR RA 6 23.73 36.72 32.80
C TYR RA 6 22.86 36.54 31.56
N ARG RA 7 22.81 37.56 30.71
CA ARG RA 7 21.91 37.54 29.56
C ARG RA 7 22.34 36.52 28.51
N GLN RA 8 23.64 36.44 28.22
CA GLN RA 8 24.08 35.62 27.10
C GLN RA 8 23.97 34.12 27.40
N LYS RA 9 23.77 33.74 28.66
CA LYS RA 9 23.40 32.37 28.96
C LYS RA 9 21.89 32.21 29.04
N ILE RA 10 21.16 33.31 29.26
CA ILE RA 10 19.70 33.25 29.29
C ILE RA 10 19.14 33.03 27.89
N GLU RA 11 19.72 33.69 26.89
CA GLU RA 11 19.21 33.59 25.53
C GLU RA 11 19.51 32.26 24.86
N LYS RA 12 20.27 31.40 25.52
CA LYS RA 12 20.54 30.07 25.00
C LYS RA 12 19.37 29.10 25.20
N GLY RA 13 18.41 29.45 26.05
CA GLY RA 13 17.25 28.61 26.25
C GLY RA 13 17.55 27.32 26.98
N GLY RA 14 18.15 27.42 28.16
CA GLY RA 14 18.49 26.23 28.92
C GLY RA 14 17.31 25.60 29.62
N TYR RA 15 16.23 26.36 29.79
CA TYR RA 15 15.03 25.82 30.41
C TYR RA 15 14.31 24.87 29.47
N SER RA 16 14.20 25.27 28.20
CA SER RA 16 13.54 24.42 27.22
C SER RA 16 14.42 23.24 26.84
N ALA RA 17 15.72 23.46 26.71
CA ALA RA 17 16.62 22.41 26.24
C ALA RA 17 16.82 21.34 27.30
N ALA RA 18 16.71 21.70 28.58
CA ALA RA 18 16.80 20.70 29.63
C ALA RA 18 15.50 19.92 29.73
N TYR RA 19 14.41 20.49 29.23
CA TYR RA 19 13.14 19.77 29.24
C TYR RA 19 13.14 18.67 28.19
N GLU RA 20 13.70 18.94 27.00
CA GLU RA 20 13.74 17.92 25.96
C GLU RA 20 14.75 16.83 26.29
N ALA RA 21 15.82 17.19 27.00
CA ALA RA 21 16.83 16.20 27.36
C ALA RA 21 16.31 15.24 28.42
N THR RA 22 15.34 15.70 29.23
CA THR RA 22 14.72 14.80 30.19
C THR RA 22 13.71 13.89 29.51
N ARG RA 23 12.97 14.42 28.53
CA ARG RA 23 11.98 13.61 27.83
C ARG RA 23 12.64 12.58 26.94
N ARG RA 24 13.81 12.90 26.39
CA ARG RA 24 14.52 11.94 25.55
C ARG RA 24 15.06 10.80 26.39
N TYR RA 25 15.38 11.06 27.65
CA TYR RA 25 15.79 9.98 28.54
C TYR RA 25 14.61 9.06 28.85
N GLU RA 26 13.42 9.64 28.99
CA GLU RA 26 12.24 8.84 29.28
C GLU RA 26 11.77 8.04 28.08
N ARG RA 27 12.07 8.48 26.86
CA ARG RA 27 11.77 7.73 25.65
C ARG RA 27 12.95 6.87 25.21
N GLU RA 28 13.97 6.75 26.07
CA GLU RA 28 15.12 5.85 25.92
C GLU RA 28 15.96 6.15 24.68
N GLU RA 29 15.92 7.37 24.16
CA GLU RA 29 16.80 7.75 23.08
C GLU RA 29 18.13 8.28 23.57
N ILE RA 30 18.35 8.29 24.88
CA ILE RA 30 19.63 8.71 25.45
C ILE RA 30 20.05 7.67 26.48
N GLU RA 31 21.24 7.12 26.31
CA GLU RA 31 21.85 6.25 27.29
C GLU RA 31 22.78 7.06 28.17
N VAL RA 32 23.22 6.47 29.27
CA VAL RA 32 24.08 7.13 30.23
C VAL RA 32 25.45 7.32 29.61
N LEU RA 33 26.10 8.44 29.93
CA LEU RA 33 27.40 8.74 29.36
C LEU RA 33 28.47 7.91 30.07
N SER RA 34 29.57 7.66 29.38
CA SER RA 34 30.65 6.91 30.02
C SER RA 34 31.52 7.81 30.87
N TRP RA 35 31.33 9.13 30.77
CA TRP RA 35 31.95 10.04 31.72
C TRP RA 35 31.26 9.93 33.08
N SER RA 36 29.97 9.65 33.07
CA SER RA 36 29.21 9.46 34.31
C SER RA 36 29.65 8.19 35.02
N SER RA 37 29.99 7.15 34.27
CA SER RA 37 30.41 5.89 34.88
C SER RA 37 31.79 6.03 35.51
N ARG RA 38 32.66 6.83 34.90
CA ARG RA 38 33.97 7.06 35.47
C ARG RA 38 33.90 8.05 36.62
N TRP RA 39 32.81 8.81 36.72
CA TRP RA 39 32.71 9.82 37.76
C TRP RA 39 32.26 9.20 39.07
N GLU RA 40 31.13 8.49 39.06
CA GLU RA 40 30.54 8.02 40.30
C GLU RA 40 31.32 6.87 40.90
N SER RA 41 32.16 6.20 40.11
CA SER RA 41 33.06 5.22 40.67
C SER RA 41 34.16 5.87 41.48
N ALA RA 42 34.61 7.05 41.06
CA ALA RA 42 35.74 7.70 41.71
C ALA RA 42 35.31 8.67 42.79
N TRP RA 43 34.09 9.18 42.72
CA TRP RA 43 33.65 10.21 43.65
C TRP RA 43 33.07 9.65 44.95
N SER RA 44 32.56 8.41 44.93
CA SER RA 44 31.69 7.93 46.00
C SER RA 44 32.43 7.74 47.32
N LYS RA 45 33.77 7.69 47.29
CA LYS RA 45 34.52 7.66 48.53
C LYS RA 45 34.52 9.04 49.20
N PHE RA 46 34.39 10.10 48.39
CA PHE RA 46 34.37 11.44 48.96
C PHE RA 46 32.97 11.82 49.40
N GLY RA 47 31.97 11.11 48.90
CA GLY RA 47 30.60 11.52 49.17
C GLY RA 47 30.15 11.14 50.56
N GLU RA 48 30.53 9.94 51.00
CA GLU RA 48 30.01 9.45 52.26
C GLU RA 48 30.92 9.82 53.43
N ALA RA 49 32.16 10.24 53.15
CA ALA RA 49 33.04 10.69 54.21
C ALA RA 49 32.67 12.10 54.67
N VAL RA 50 32.07 12.89 53.77
CA VAL RA 50 31.55 14.19 54.16
C VAL RA 50 30.33 14.02 55.04
N LYS RA 51 29.55 12.97 54.81
CA LYS RA 51 28.40 12.68 55.66
C LYS RA 51 28.80 12.15 57.02
N ALA RA 52 30.06 11.75 57.20
CA ALA RA 52 30.53 11.27 58.50
C ALA RA 52 30.87 12.41 59.46
N LEU RA 53 30.79 13.65 59.03
CA LEU RA 53 30.99 14.81 59.90
C LEU RA 53 29.68 15.38 60.41
N GLY RA 54 28.69 14.51 60.63
CA GLY RA 54 27.36 15.00 60.97
C GLY RA 54 27.27 15.51 62.40
N LYS RA 55 28.12 15.01 63.27
CA LYS RA 55 28.08 15.40 64.68
C LYS RA 55 29.01 16.55 65.01
N ILE RA 56 29.66 17.14 64.03
CA ILE RA 56 30.32 18.42 64.24
C ILE RA 56 29.24 19.49 64.21
N GLU RA 57 29.05 20.18 65.31
CA GLU RA 57 27.92 21.08 65.47
C GLU RA 57 28.38 22.52 65.57
N GLY RA 58 27.55 23.42 65.06
CA GLY RA 58 27.77 24.83 65.28
C GLY RA 58 27.87 25.70 64.04
N ALA RA 59 29.04 26.27 63.84
CA ALA RA 59 29.35 27.40 63.00
C ALA RA 59 29.34 27.03 61.51
N PRO RA 60 29.66 27.98 60.57
CA PRO RA 60 30.07 27.56 59.23
C PRO RA 60 31.16 26.50 59.22
N ARG RA 61 30.79 25.30 58.78
CA ARG RA 61 31.67 24.15 58.77
C ARG RA 61 32.25 23.88 57.40
N ALA RA 62 32.39 24.90 56.58
CA ALA RA 62 32.85 24.69 55.21
C ALA RA 62 34.34 24.41 55.17
N LEU RA 63 35.10 24.89 56.16
CA LEU RA 63 36.54 24.65 56.15
C LEU RA 63 36.87 23.25 56.63
N VAL RA 64 36.09 22.72 57.58
CA VAL RA 64 36.32 21.37 58.07
C VAL RA 64 35.95 20.35 57.00
N ILE RA 65 34.95 20.67 56.19
CA ILE RA 65 34.52 19.77 55.13
C ILE RA 65 35.53 19.80 53.99
N ALA RA 66 36.07 20.98 53.69
CA ALA RA 66 36.97 21.11 52.55
C ALA RA 66 38.33 20.53 52.87
N LYS RA 67 38.77 20.65 54.12
CA LYS RA 67 40.11 20.18 54.44
C LYS RA 67 40.15 18.68 54.71
N VAL RA 68 39.01 18.06 55.04
CA VAL RA 68 39.01 16.61 55.17
C VAL RA 68 38.89 15.96 53.79
N GLN RA 69 38.35 16.69 52.81
CA GLN RA 69 38.33 16.19 51.44
C GLN RA 69 39.70 16.27 50.81
N GLU RA 70 40.47 17.30 51.16
CA GLU RA 70 41.82 17.43 50.64
C GLU RA 70 42.74 16.36 51.23
N ALA RA 71 42.42 15.90 52.44
CA ALA RA 71 43.20 14.84 53.06
C ALA RA 71 42.93 13.49 52.39
N LEU RA 72 41.69 13.28 51.95
CA LEU RA 72 41.37 12.03 51.25
C LEU RA 72 41.97 12.00 49.85
N ALA RA 73 42.20 13.17 49.27
CA ALA RA 73 42.73 13.24 47.90
C ALA RA 73 44.17 12.75 47.85
N TYR RA 74 44.92 12.93 48.93
CA TYR RA 74 46.30 12.49 48.93
C TYR RA 74 46.40 11.00 49.21
N MET RA 75 45.54 10.48 50.07
CA MET RA 75 45.58 9.06 50.40
C MET RA 75 45.06 8.20 49.25
N SER RA 76 44.29 8.78 48.34
CA SER RA 76 43.71 8.06 47.22
C SER RA 76 44.55 8.13 45.96
N LYS RA 77 45.75 8.70 46.03
CA LYS RA 77 46.61 8.80 44.85
C LYS RA 77 47.16 7.42 44.50
N PRO RA 78 47.65 7.25 43.26
CA PRO RA 78 48.38 6.01 42.94
C PRO RA 78 49.65 5.82 43.74
N LEU RA 79 50.31 6.91 44.13
CA LEU RA 79 51.41 6.89 45.08
C LEU RA 79 50.97 7.75 46.26
N PRO RA 80 50.44 7.14 47.32
CA PRO RA 80 49.86 7.94 48.40
C PRO RA 80 50.93 8.60 49.25
N ASN RA 81 50.66 9.84 49.64
CA ASN RA 81 51.58 10.63 50.44
C ASN RA 81 50.87 10.94 51.76
N MET RA 82 51.16 10.14 52.79
CA MET RA 82 50.49 10.33 54.06
C MET RA 82 50.97 11.58 54.79
N LYS RA 83 52.16 12.07 54.48
CA LYS RA 83 52.69 13.23 55.18
C LYS RA 83 52.04 14.51 54.68
N LEU RA 84 51.85 14.63 53.36
CA LEU RA 84 51.07 15.74 52.83
C LEU RA 84 49.59 15.59 53.12
N ALA RA 85 49.13 14.35 53.36
CA ALA RA 85 47.75 14.15 53.78
C ALA RA 85 47.55 14.62 55.22
N MET RA 86 48.56 14.42 56.07
CA MET RA 86 48.45 14.83 57.46
C MET RA 86 48.60 16.34 57.61
N ALA RA 87 49.10 17.01 56.58
CA ALA RA 87 49.19 18.47 56.62
C ALA RA 87 47.81 19.09 56.55
N ALA RA 88 46.94 18.57 55.69
CA ALA RA 88 45.61 19.14 55.56
C ALA RA 88 44.69 18.64 56.66
N ALA RA 89 45.04 17.52 57.29
CA ALA RA 89 44.19 16.97 58.34
C ALA RA 89 44.28 17.79 59.62
N VAL RA 90 45.49 18.23 59.99
CA VAL RA 90 45.63 19.01 61.21
C VAL RA 90 45.12 20.43 61.01
N GLN RA 91 44.96 20.86 59.77
CA GLN RA 91 44.34 22.17 59.53
C GLN RA 91 42.85 22.10 59.80
N ALA RA 92 42.22 20.96 59.51
CA ALA RA 92 40.80 20.80 59.79
C ALA RA 92 40.54 20.66 61.28
N VAL RA 93 41.48 20.05 62.01
CA VAL RA 93 41.32 19.88 63.45
C VAL RA 93 41.42 21.23 64.15
N ARG RA 94 42.34 22.08 63.71
CA ARG RA 94 42.41 23.43 64.25
C ARG RA 94 41.22 24.26 63.85
N ALA RA 95 40.64 24.00 62.68
CA ALA RA 95 39.45 24.73 62.26
C ALA RA 95 38.21 24.26 63.03
N CYS RA 96 38.20 22.99 63.43
CA CYS RA 96 37.04 22.44 64.12
C CYS RA 96 36.98 22.89 65.57
N GLU RA 97 38.15 23.07 66.21
CA GLU RA 97 38.17 23.25 67.65
C GLU RA 97 37.77 24.66 68.07
N GLN RA 98 37.73 25.60 67.13
CA GLN RA 98 37.28 26.94 67.44
C GLN RA 98 35.77 27.05 67.53
N LEU RA 99 35.04 26.04 67.07
CA LEU RA 99 33.60 26.11 67.03
C LEU RA 99 33.04 25.96 68.45
N PRO RA 100 31.87 26.55 68.72
CA PRO RA 100 31.30 26.42 70.06
C PRO RA 100 30.83 25.01 70.35
N GLY RA 101 31.24 24.49 71.50
CA GLY RA 101 30.86 23.17 71.94
C GLY RA 101 31.83 22.08 71.53
N MET RA 102 32.67 22.30 70.53
CA MET RA 102 33.59 21.28 70.07
C MET RA 102 34.88 21.31 70.86
N ASN RA 103 35.27 20.14 71.36
CA ASN RA 103 36.52 19.94 72.07
C ASN RA 103 37.60 19.56 71.08
N ARG RA 104 38.86 19.72 71.49
CA ARG RA 104 39.96 19.30 70.64
C ARG RA 104 40.03 17.79 70.52
N GLU RA 105 39.56 17.08 71.55
CA GLU RA 105 39.50 15.63 71.46
C GLU RA 105 38.34 15.17 70.61
N ARG RA 106 37.21 15.88 70.67
CA ARG RA 106 36.05 15.49 69.88
C ARG RA 106 36.27 15.80 68.40
N CYS RA 107 37.13 16.77 68.10
CA CYS RA 107 37.45 17.04 66.70
C CYS RA 107 38.39 15.99 66.14
N LEU RA 108 39.21 15.37 67.00
CA LEU RA 108 40.07 14.29 66.53
C LEU RA 108 39.27 13.02 66.30
N ASP RA 109 38.10 12.89 66.93
CA ASP RA 109 37.25 11.75 66.68
C ASP RA 109 36.60 11.84 65.30
N ALA RA 110 36.06 13.02 64.96
CA ALA RA 110 35.29 13.15 63.74
C ALA RA 110 36.18 13.17 62.51
N VAL RA 111 37.39 13.71 62.64
CA VAL RA 111 38.29 13.79 61.49
C VAL RA 111 38.90 12.43 61.20
N ALA RA 112 39.41 11.75 62.23
CA ALA RA 112 39.97 10.41 62.02
C ALA RA 112 38.89 9.38 61.72
N GLY RA 113 37.66 9.64 62.16
CA GLY RA 113 36.57 8.75 61.79
C GLY RA 113 36.19 8.89 60.33
N ALA RA 114 36.34 10.09 59.77
CA ALA RA 114 36.00 10.32 58.38
C ALA RA 114 37.09 9.79 57.45
N LEU RA 115 38.35 10.07 57.78
CA LEU RA 115 39.46 9.57 56.97
C LEU RA 115 39.68 8.08 57.17
N GLY RA 116 39.23 7.52 58.29
CA GLY RA 116 39.45 6.12 58.55
C GLY RA 116 40.86 5.79 58.97
N VAL RA 117 41.50 6.67 59.73
CA VAL RA 117 42.87 6.42 60.18
C VAL RA 117 42.90 6.40 61.70
N ALA RA 118 44.06 6.03 62.26
CA ALA RA 118 44.24 6.09 63.70
C ALA RA 118 44.33 7.54 64.16
N LYS RA 119 43.93 7.77 65.40
CA LYS RA 119 43.89 9.12 65.94
C LYS RA 119 45.28 9.67 66.22
N ASP RA 120 46.25 8.78 66.44
CA ASP RA 120 47.60 9.22 66.78
C ASP RA 120 48.34 9.84 65.61
N TRP RA 121 47.94 9.54 64.36
CA TRP RA 121 48.62 10.12 63.21
C TRP RA 121 48.31 11.61 63.07
N ILE RA 122 47.14 12.04 63.52
CA ILE RA 122 46.82 13.46 63.48
C ILE RA 122 47.30 14.16 64.75
N ARG RA 123 47.36 13.46 65.88
CA ARG RA 123 47.84 14.05 67.12
C ARG RA 123 49.34 14.35 67.06
N ARG RA 124 50.11 13.53 66.32
CA ARG RA 124 51.55 13.72 66.26
C ARG RA 124 51.91 15.00 65.53
N GLU RA 125 51.18 15.34 64.48
CA GLU RA 125 51.52 16.52 63.69
C GLU RA 125 50.94 17.79 64.28
N MET RA 126 50.12 17.68 65.34
CA MET RA 126 49.50 18.87 65.91
C MET RA 126 50.52 19.73 66.64
N THR RA 127 51.28 19.12 67.54
CA THR RA 127 52.35 19.76 68.35
C THR RA 127 51.91 21.01 69.11
N SER SA 2 -58.01 9.64 10.73
CA SER SA 2 -56.93 9.90 9.79
C SER SA 2 -56.79 8.75 8.82
N VAL SA 3 -56.42 9.05 7.57
CA VAL SA 3 -56.29 8.02 6.55
C VAL SA 3 -54.89 7.41 6.56
N GLU SA 4 -53.89 8.14 7.04
CA GLU SA 4 -52.52 7.63 6.98
C GLU SA 4 -52.31 6.51 7.99
N VAL SA 5 -52.93 6.62 9.17
CA VAL SA 5 -52.84 5.54 10.14
C VAL SA 5 -53.64 4.32 9.65
N TYR SA 6 -54.65 4.57 8.82
CA TYR SA 6 -55.38 3.48 8.18
C TYR SA 6 -54.50 2.78 7.16
N ARG SA 7 -53.77 3.54 6.35
CA ARG SA 7 -52.96 2.98 5.27
C ARG SA 7 -51.78 2.19 5.79
N GLN SA 8 -51.24 2.56 6.95
CA GLN SA 8 -50.04 1.91 7.44
C GLN SA 8 -50.32 0.51 7.97
N LYS SA 9 -51.55 0.25 8.39
CA LYS SA 9 -51.87 -1.09 8.88
C LYS SA 9 -52.55 -1.94 7.82
N ILE SA 10 -52.96 -1.34 6.71
CA ILE SA 10 -53.41 -2.13 5.57
C ILE SA 10 -52.23 -2.83 4.92
N GLU SA 11 -51.07 -2.18 4.88
CA GLU SA 11 -49.89 -2.74 4.24
C GLU SA 11 -49.26 -3.88 5.04
N LYS SA 12 -49.73 -4.15 6.25
CA LYS SA 12 -49.22 -5.27 7.02
C LYS SA 12 -49.79 -6.61 6.59
N GLY SA 13 -50.82 -6.61 5.73
CA GLY SA 13 -51.42 -7.84 5.28
C GLY SA 13 -52.21 -8.54 6.36
N GLY SA 14 -53.20 -7.85 6.93
CA GLY SA 14 -53.94 -8.43 8.02
C GLY SA 14 -54.98 -9.44 7.60
N TYR SA 15 -55.63 -9.21 6.46
CA TYR SA 15 -56.68 -10.11 5.98
C TYR SA 15 -56.08 -11.43 5.52
N SER SA 16 -54.89 -11.37 4.92
CA SER SA 16 -54.23 -12.59 4.48
C SER SA 16 -53.71 -13.38 5.67
N ALA SA 17 -53.03 -12.72 6.60
CA ALA SA 17 -52.37 -13.44 7.70
C ALA SA 17 -53.37 -13.96 8.71
N ALA SA 18 -54.55 -13.34 8.79
CA ALA SA 18 -55.60 -13.90 9.63
C ALA SA 18 -56.17 -15.16 9.01
N TYR SA 19 -56.09 -15.28 7.69
CA TYR SA 19 -56.58 -16.48 7.03
C TYR SA 19 -55.62 -17.65 7.26
N GLU SA 20 -54.32 -17.38 7.21
CA GLU SA 20 -53.35 -18.46 7.37
C GLU SA 20 -53.25 -18.89 8.83
N ALA SA 21 -53.50 -17.98 9.76
CA ALA SA 21 -53.46 -18.35 11.17
C ALA SA 21 -54.66 -19.20 11.54
N THR SA 22 -55.80 -18.98 10.87
CA THR SA 22 -56.99 -19.78 11.13
C THR SA 22 -56.84 -21.16 10.53
N ARG SA 23 -56.16 -21.25 9.38
CA ARG SA 23 -55.94 -22.53 8.73
C ARG SA 23 -54.99 -23.40 9.54
N ARG SA 24 -54.03 -22.77 10.22
CA ARG SA 24 -53.07 -23.53 11.03
C ARG SA 24 -53.74 -24.10 12.27
N TYR SA 25 -54.78 -23.44 12.76
CA TYR SA 25 -55.47 -23.92 13.95
C TYR SA 25 -56.25 -25.19 13.64
N GLU SA 26 -56.85 -25.26 12.45
CA GLU SA 26 -57.63 -26.42 12.08
C GLU SA 26 -56.76 -27.64 11.77
N ARG SA 27 -55.49 -27.43 11.42
CA ARG SA 27 -54.56 -28.53 11.19
C ARG SA 27 -53.75 -28.86 12.44
N GLU SA 28 -54.29 -28.49 13.61
CA GLU SA 28 -53.74 -28.77 14.94
C GLU SA 28 -52.29 -28.31 15.11
N GLU SA 29 -51.89 -27.24 14.44
CA GLU SA 29 -50.55 -26.72 14.56
C GLU SA 29 -50.41 -25.65 15.63
N ILE SA 30 -51.51 -25.28 16.28
CA ILE SA 30 -51.52 -24.18 17.23
C ILE SA 30 -52.31 -24.61 18.45
N GLU SA 31 -51.70 -24.47 19.61
CA GLU SA 31 -52.38 -24.76 20.87
C GLU SA 31 -52.89 -23.47 21.49
N VAL SA 32 -53.76 -23.62 22.48
CA VAL SA 32 -54.36 -22.49 23.16
C VAL SA 32 -53.32 -21.82 24.04
N LEU SA 33 -53.13 -20.52 23.82
CA LEU SA 33 -52.11 -19.75 24.51
C LEU SA 33 -52.41 -19.64 26.00
N SER SA 34 -51.36 -19.45 26.80
CA SER SA 34 -51.54 -19.38 28.25
C SER SA 34 -52.18 -18.06 28.66
N TRP SA 35 -52.11 -17.04 27.80
CA TRP SA 35 -52.78 -15.78 28.10
C TRP SA 35 -54.28 -15.93 27.97
N SER SA 36 -54.73 -16.74 27.01
CA SER SA 36 -56.16 -16.86 26.74
C SER SA 36 -56.85 -17.70 27.81
N SER SA 37 -56.15 -18.69 28.37
CA SER SA 37 -56.75 -19.49 29.41
C SER SA 37 -56.84 -18.72 30.71
N ARG SA 38 -55.89 -17.82 30.95
CA ARG SA 38 -55.97 -16.95 32.11
C ARG SA 38 -57.03 -15.88 31.93
N TRP SA 39 -57.38 -15.58 30.68
CA TRP SA 39 -58.29 -14.48 30.41
C TRP SA 39 -59.73 -14.86 30.73
N GLU SA 40 -60.18 -16.01 30.21
CA GLU SA 40 -61.58 -16.39 30.36
C GLU SA 40 -61.89 -16.83 31.77
N SER SA 41 -60.88 -17.23 32.54
CA SER SA 41 -61.12 -17.56 33.94
C SER SA 41 -61.41 -16.32 34.75
N ALA SA 42 -60.81 -15.18 34.40
CA ALA SA 42 -61.03 -13.96 35.15
C ALA SA 42 -62.19 -13.16 34.61
N TRP SA 43 -62.49 -13.26 33.32
CA TRP SA 43 -63.48 -12.41 32.71
C TRP SA 43 -64.90 -12.96 32.80
N SER SA 44 -65.06 -14.27 33.02
CA SER SA 44 -66.37 -14.91 32.89
C SER SA 44 -67.38 -14.42 33.90
N LYS SA 45 -66.92 -13.90 35.04
CA LYS SA 45 -67.84 -13.32 36.00
C LYS SA 45 -68.34 -11.95 35.52
N PHE SA 46 -67.55 -11.26 34.71
CA PHE SA 46 -67.99 -9.99 34.15
C PHE SA 46 -68.89 -10.22 32.94
N GLY SA 47 -68.82 -11.42 32.35
CA GLY SA 47 -69.58 -11.67 31.15
C GLY SA 47 -71.03 -12.01 31.43
N GLU SA 48 -71.28 -12.78 32.50
CA GLU SA 48 -72.64 -13.20 32.77
C GLU SA 48 -73.41 -12.11 33.49
N ALA SA 49 -72.72 -11.17 34.14
CA ALA SA 49 -73.41 -10.20 34.97
C ALA SA 49 -73.88 -8.99 34.17
N VAL SA 50 -73.27 -8.76 33.00
CA VAL SA 50 -73.77 -7.71 32.14
C VAL SA 50 -75.02 -8.19 31.41
N LYS SA 51 -75.16 -9.50 31.23
CA LYS SA 51 -76.34 -10.05 30.59
C LYS SA 51 -77.55 -10.08 31.51
N ALA SA 52 -77.36 -9.82 32.80
CA ALA SA 52 -78.48 -9.71 33.73
C ALA SA 52 -79.17 -8.36 33.68
N LEU SA 53 -78.70 -7.43 32.84
CA LEU SA 53 -79.37 -6.16 32.62
C LEU SA 53 -80.23 -6.18 31.37
N GLY SA 54 -80.81 -7.34 31.04
CA GLY SA 54 -81.57 -7.44 29.82
C GLY SA 54 -82.92 -6.75 29.90
N LYS SA 55 -83.45 -6.61 31.11
CA LYS SA 55 -84.77 -6.05 31.31
C LYS SA 55 -84.76 -4.53 31.43
N ILE SA 56 -83.61 -3.89 31.30
CA ILE SA 56 -83.55 -2.44 31.23
C ILE SA 56 -83.81 -2.04 29.78
N GLU SA 57 -84.74 -1.12 29.58
CA GLU SA 57 -85.21 -0.78 28.25
C GLU SA 57 -84.88 0.66 27.89
N GLY SA 58 -84.73 0.91 26.59
CA GLY SA 58 -84.77 2.26 26.09
C GLY SA 58 -83.50 2.82 25.46
N ALA SA 59 -82.93 3.79 26.14
CA ALA SA 59 -81.94 4.73 25.66
C ALA SA 59 -80.56 4.10 25.49
N PRO SA 60 -79.51 4.87 25.08
CA PRO SA 60 -78.15 4.41 25.30
C PRO SA 60 -77.88 3.98 26.74
N ARG SA 61 -77.68 2.68 26.92
CA ARG SA 61 -77.46 2.09 28.23
C ARG SA 61 -76.00 1.81 28.49
N ALA SA 62 -75.10 2.60 27.88
CA ALA SA 62 -73.68 2.37 28.07
C ALA SA 62 -73.22 2.76 29.46
N LEU SA 63 -73.91 3.69 30.10
CA LEU SA 63 -73.47 4.14 31.42
C LEU SA 63 -73.94 3.20 32.51
N VAL SA 64 -75.09 2.56 32.31
CA VAL SA 64 -75.56 1.56 33.27
C VAL SA 64 -74.68 0.32 33.21
N ILE SA 65 -74.21 -0.02 32.01
CA ILE SA 65 -73.41 -1.22 31.81
C ILE SA 65 -72.00 -1.00 32.37
N ALA SA 66 -71.45 0.20 32.18
CA ALA SA 66 -70.05 0.45 32.52
C ALA SA 66 -69.86 0.52 34.03
N LYS SA 67 -70.80 1.13 34.74
CA LYS SA 67 -70.63 1.29 36.18
C LYS SA 67 -70.94 0.01 36.94
N VAL SA 68 -71.65 -0.92 36.31
CA VAL SA 68 -71.82 -2.23 36.93
C VAL SA 68 -70.54 -3.03 36.83
N GLN SA 69 -69.88 -2.98 35.67
CA GLN SA 69 -68.61 -3.66 35.50
C GLN SA 69 -67.52 -3.02 36.37
N GLU SA 70 -67.63 -1.72 36.63
CA GLU SA 70 -66.68 -1.09 37.53
C GLU SA 70 -66.95 -1.48 38.98
N ALA SA 71 -68.22 -1.65 39.35
CA ALA SA 71 -68.55 -2.00 40.72
C ALA SA 71 -68.20 -3.45 41.01
N LEU SA 72 -68.23 -4.31 40.00
CA LEU SA 72 -67.82 -5.69 40.19
C LEU SA 72 -66.32 -5.80 40.36
N ALA SA 73 -65.56 -4.95 39.67
CA ALA SA 73 -64.10 -5.00 39.75
C ALA SA 73 -63.62 -4.60 41.13
N TYR SA 74 -64.35 -3.72 41.80
CA TYR SA 74 -63.97 -3.34 43.16
C TYR SA 74 -64.25 -4.46 44.15
N MET SA 75 -65.28 -5.27 43.90
CA MET SA 75 -65.61 -6.35 44.82
C MET SA 75 -64.70 -7.55 44.62
N SER SA 76 -64.04 -7.64 43.47
CA SER SA 76 -63.28 -8.82 43.09
C SER SA 76 -61.80 -8.70 43.41
N LYS SA 77 -61.39 -7.64 44.09
CA LYS SA 77 -59.99 -7.47 44.45
C LYS SA 77 -59.63 -8.46 45.56
N PRO SA 78 -58.32 -8.71 45.77
CA PRO SA 78 -57.92 -9.49 46.95
C PRO SA 78 -58.24 -8.83 48.27
N LEU SA 79 -58.36 -7.50 48.29
CA LEU SA 79 -58.94 -6.78 49.42
C LEU SA 79 -60.12 -5.98 48.85
N PRO SA 80 -61.34 -6.49 48.98
CA PRO SA 80 -62.47 -5.82 48.33
C PRO SA 80 -62.86 -4.55 49.06
N ASN SA 81 -63.29 -3.56 48.28
CA ASN SA 81 -63.69 -2.26 48.81
C ASN SA 81 -65.17 -2.08 48.53
N MET SA 82 -66.00 -2.39 49.54
CA MET SA 82 -67.43 -2.22 49.37
C MET SA 82 -67.86 -0.76 49.49
N LYS SA 83 -66.99 0.11 50.00
CA LYS SA 83 -67.32 1.53 50.07
C LYS SA 83 -67.22 2.18 48.70
N LEU SA 84 -66.20 1.83 47.93
CA LEU SA 84 -66.06 2.37 46.58
C LEU SA 84 -66.89 1.58 45.58
N ALA SA 85 -67.27 0.34 45.91
CA ALA SA 85 -68.12 -0.42 45.00
C ALA SA 85 -69.54 0.10 45.04
N MET SA 86 -69.97 0.67 46.17
CA MET SA 86 -71.27 1.30 46.26
C MET SA 86 -71.27 2.65 45.58
N ALA SA 87 -70.09 3.24 45.39
CA ALA SA 87 -70.00 4.57 44.78
C ALA SA 87 -70.33 4.51 43.31
N ALA SA 88 -69.86 3.47 42.62
CA ALA SA 88 -70.17 3.32 41.20
C ALA SA 88 -71.59 2.82 41.00
N ALA SA 89 -72.14 2.11 41.98
CA ALA SA 89 -73.47 1.55 41.83
C ALA SA 89 -74.55 2.61 41.90
N VAL SA 90 -74.39 3.59 42.79
CA VAL SA 90 -75.40 4.65 42.89
C VAL SA 90 -75.29 5.62 41.71
N GLN SA 91 -74.18 5.58 40.98
CA GLN SA 91 -74.16 6.30 39.71
C GLN SA 91 -74.92 5.52 38.64
N ALA SA 92 -74.82 4.20 38.66
CA ALA SA 92 -75.56 3.39 37.68
C ALA SA 92 -77.05 3.37 37.97
N VAL SA 93 -77.43 3.54 39.24
CA VAL SA 93 -78.86 3.60 39.58
C VAL SA 93 -79.47 4.90 39.07
N ARG SA 94 -78.77 6.02 39.26
CA ARG SA 94 -79.29 7.29 38.78
C ARG SA 94 -79.19 7.39 37.26
N ALA SA 95 -78.23 6.70 36.65
CA ALA SA 95 -78.15 6.70 35.20
C ALA SA 95 -79.25 5.84 34.58
N CYS SA 96 -79.65 4.79 35.27
CA CYS SA 96 -80.75 3.95 34.79
C CYS SA 96 -82.08 4.66 34.94
N GLU SA 97 -82.20 5.52 35.97
CA GLU SA 97 -83.49 6.05 36.39
C GLU SA 97 -84.05 7.04 35.38
N GLN SA 98 -83.19 7.73 34.64
CA GLN SA 98 -83.62 8.79 33.77
C GLN SA 98 -84.17 8.31 32.44
N LEU SA 99 -84.02 7.03 32.12
CA LEU SA 99 -84.49 6.53 30.83
C LEU SA 99 -86.00 6.40 30.84
N PRO SA 100 -86.66 6.64 29.70
CA PRO SA 100 -88.12 6.51 29.66
C PRO SA 100 -88.53 5.05 29.74
N GLY SA 101 -89.34 4.74 30.74
CA GLY SA 101 -89.77 3.39 30.99
C GLY SA 101 -89.14 2.75 32.19
N MET SA 102 -88.35 3.49 32.96
CA MET SA 102 -87.67 2.94 34.13
C MET SA 102 -88.09 3.68 35.40
N ASN SA 103 -88.30 2.90 36.45
CA ASN SA 103 -88.61 3.40 37.77
C ASN SA 103 -87.33 3.46 38.60
N ARG SA 104 -87.39 4.16 39.73
CA ARG SA 104 -86.27 4.11 40.66
C ARG SA 104 -86.20 2.75 41.34
N GLU SA 105 -87.35 2.12 41.55
CA GLU SA 105 -87.37 0.80 42.17
C GLU SA 105 -87.00 -0.28 41.17
N ARG SA 106 -87.36 -0.09 39.90
CA ARG SA 106 -87.07 -1.10 38.90
C ARG SA 106 -85.61 -1.06 38.46
N CYS SA 107 -84.93 0.06 38.70
CA CYS SA 107 -83.49 0.10 38.46
C CYS SA 107 -82.72 -0.50 39.61
N LEU SA 108 -83.26 -0.40 40.83
CA LEU SA 108 -82.65 -1.10 41.96
C LEU SA 108 -82.84 -2.61 41.84
N ASP SA 109 -83.84 -3.03 41.08
CA ASP SA 109 -84.02 -4.46 40.81
C ASP SA 109 -82.91 -4.97 39.91
N ALA SA 110 -82.56 -4.18 38.89
CA ALA SA 110 -81.64 -4.68 37.87
C ALA SA 110 -80.19 -4.62 38.35
N VAL SA 111 -79.81 -3.52 39.00
CA VAL SA 111 -78.41 -3.33 39.39
C VAL SA 111 -78.05 -4.25 40.54
N ALA SA 112 -78.93 -4.37 41.54
CA ALA SA 112 -78.63 -5.25 42.66
C ALA SA 112 -78.74 -6.71 42.27
N GLY SA 113 -79.47 -7.01 41.19
CA GLY SA 113 -79.48 -8.38 40.69
C GLY SA 113 -78.19 -8.74 39.96
N ALA SA 114 -77.59 -7.75 39.30
CA ALA SA 114 -76.35 -8.02 38.56
C ALA SA 114 -75.16 -8.09 39.51
N LEU SA 115 -75.10 -7.16 40.47
CA LEU SA 115 -74.03 -7.17 41.46
C LEU SA 115 -74.18 -8.30 42.47
N GLY SA 116 -75.39 -8.80 42.68
CA GLY SA 116 -75.59 -9.87 43.64
C GLY SA 116 -75.53 -9.44 45.08
N VAL SA 117 -75.91 -8.20 45.38
CA VAL SA 117 -75.97 -7.74 46.75
C VAL SA 117 -77.41 -7.32 47.08
N ALA SA 118 -77.63 -6.94 48.33
CA ALA SA 118 -78.96 -6.56 48.78
C ALA SA 118 -79.32 -5.18 48.26
N LYS SA 119 -80.63 -4.93 48.15
CA LYS SA 119 -81.11 -3.65 47.65
C LYS SA 119 -80.86 -2.53 48.64
N ASP SA 120 -80.86 -2.84 49.94
CA ASP SA 120 -80.69 -1.81 50.95
C ASP SA 120 -79.28 -1.25 51.00
N TRP SA 121 -78.29 -1.99 50.49
CA TRP SA 121 -76.92 -1.49 50.48
C TRP SA 121 -76.76 -0.37 49.47
N ILE SA 122 -77.51 -0.40 48.37
CA ILE SA 122 -77.46 0.68 47.40
C ILE SA 122 -78.38 1.82 47.79
N ARG SA 123 -79.45 1.53 48.54
CA ARG SA 123 -80.38 2.58 48.94
C ARG SA 123 -79.79 3.47 50.03
N ARG SA 124 -78.82 2.96 50.77
CA ARG SA 124 -78.19 3.77 51.82
C ARG SA 124 -77.39 4.92 51.24
N GLU SA 125 -76.59 4.64 50.21
CA GLU SA 125 -75.71 5.68 49.68
C GLU SA 125 -76.41 6.59 48.69
N MET SA 126 -77.69 6.32 48.38
CA MET SA 126 -78.39 7.14 47.40
C MET SA 126 -78.67 8.53 47.92
N THR SA 127 -79.43 8.62 49.02
CA THR SA 127 -79.85 9.86 49.69
C THR SA 127 -80.51 10.88 48.77
N SER TA 2 49.47 32.71 28.42
CA SER TA 2 48.91 33.67 27.48
C SER TA 2 47.50 33.25 27.10
N VAL TA 3 46.57 34.21 27.11
CA VAL TA 3 45.19 33.88 26.76
C VAL TA 3 44.96 33.85 25.27
N GLU TA 4 45.94 34.29 24.46
CA GLU TA 4 45.79 34.24 23.02
C GLU TA 4 45.82 32.80 22.54
N VAL TA 5 46.81 32.04 23.00
CA VAL TA 5 46.91 30.62 22.63
C VAL TA 5 45.83 29.82 23.33
N TYR TA 6 45.32 30.33 24.46
CA TYR TA 6 44.20 29.70 25.14
C TYR TA 6 42.93 29.83 24.33
N ARG TA 7 42.71 31.00 23.70
CA ARG TA 7 41.49 31.23 22.93
C ARG TA 7 41.44 30.38 21.67
N GLN TA 8 42.59 30.17 21.03
CA GLN TA 8 42.58 29.49 19.74
C GLN TA 8 42.38 27.98 19.89
N LYS TA 9 42.50 27.46 21.10
CA LYS TA 9 42.09 26.09 21.35
C LYS TA 9 40.64 26.02 21.83
N ILE TA 10 40.10 27.14 22.30
CA ILE TA 10 38.70 27.17 22.75
C ILE TA 10 37.77 27.12 21.56
N GLU TA 11 38.04 27.92 20.52
CA GLU TA 11 37.14 28.02 19.37
C GLU TA 11 37.15 26.77 18.50
N LYS TA 12 38.02 25.81 18.77
CA LYS TA 12 37.99 24.54 18.07
C LYS TA 12 36.90 23.62 18.58
N GLY TA 13 36.29 23.93 19.72
CA GLY TA 13 35.15 23.19 20.23
C GLY TA 13 35.48 21.77 20.66
N GLY TA 14 36.47 21.62 21.55
CA GLY TA 14 36.89 20.30 21.95
C GLY TA 14 35.98 19.64 22.96
N TYR TA 15 35.15 20.42 23.64
CA TYR TA 15 34.21 19.84 24.60
C TYR TA 15 33.09 19.10 23.88
N SER TA 16 32.58 19.69 22.80
CA SER TA 16 31.55 19.03 22.02
C SER TA 16 32.11 17.87 21.21
N ALA TA 17 33.35 18.01 20.74
CA ALA TA 17 33.94 16.98 19.90
C ALA TA 17 34.30 15.74 20.70
N ALA TA 18 34.77 15.92 21.93
CA ALA TA 18 35.11 14.77 22.75
C ALA TA 18 33.87 14.08 23.29
N TYR TA 19 32.76 14.83 23.37
CA TYR TA 19 31.49 14.20 23.73
C TYR TA 19 30.97 13.34 22.59
N GLU TA 20 31.10 13.84 21.35
CA GLU TA 20 30.52 13.12 20.21
C GLU TA 20 31.33 11.88 19.88
N ALA TA 21 32.65 11.95 19.99
CA ALA TA 21 33.49 10.79 19.72
C ALA TA 21 33.34 9.73 20.81
N THR TA 22 32.89 10.14 21.99
CA THR TA 22 32.55 9.18 23.04
C THR TA 22 31.30 8.41 22.66
N ARG TA 23 30.32 9.10 22.07
CA ARG TA 23 29.05 8.46 21.70
C ARG TA 23 29.25 7.52 20.52
N ARG TA 24 30.22 7.81 19.66
CA ARG TA 24 30.52 6.92 18.54
C ARG TA 24 31.13 5.62 19.03
N TYR TA 25 31.94 5.69 20.09
CA TYR TA 25 32.55 4.48 20.63
C TYR TA 25 31.51 3.59 21.29
N GLU TA 26 30.50 4.19 21.91
CA GLU TA 26 29.43 3.40 22.51
C GLU TA 26 28.52 2.78 21.46
N ARG TA 27 28.38 3.41 20.30
CA ARG TA 27 27.56 2.89 19.21
C ARG TA 27 28.39 2.06 18.22
N GLU TA 28 29.57 1.62 18.64
CA GLU TA 28 30.42 0.65 17.95
C GLU TA 28 30.90 1.13 16.59
N GLU TA 29 30.92 2.44 16.36
CA GLU TA 29 31.39 2.99 15.09
C GLU TA 29 32.86 3.34 15.12
N ILE TA 30 33.56 3.12 16.23
CA ILE TA 30 34.98 3.38 16.33
C ILE TA 30 35.61 2.19 17.03
N GLU TA 31 36.64 1.64 16.42
CA GLU TA 31 37.42 0.57 17.03
C GLU TA 31 38.72 1.14 17.57
N VAL TA 32 39.49 0.28 18.23
CA VAL TA 32 40.74 0.69 18.86
C VAL TA 32 41.78 0.92 17.79
N LEU TA 33 42.38 2.12 17.79
CA LEU TA 33 43.42 2.47 16.84
C LEU TA 33 44.65 1.60 17.06
N SER TA 34 45.35 1.29 15.97
CA SER TA 34 46.49 0.39 16.08
C SER TA 34 47.72 1.10 16.63
N TRP TA 35 47.68 2.43 16.75
CA TRP TA 35 48.72 3.13 17.50
C TRP TA 35 48.59 2.85 18.98
N SER TA 36 47.36 2.61 19.45
CA SER TA 36 47.15 2.33 20.87
C SER TA 36 47.68 0.95 21.25
N SER TA 37 47.58 0.00 20.33
CA SER TA 37 48.03 -1.36 20.62
C SER TA 37 49.54 -1.43 20.75
N ARG TA 38 50.25 -0.56 20.02
CA ARG TA 38 51.70 -0.50 20.15
C ARG TA 38 52.10 0.28 21.39
N TRP TA 39 51.18 1.08 21.93
CA TRP TA 39 51.51 1.91 23.08
C TRP TA 39 51.49 1.11 24.36
N GLU TA 40 50.36 0.47 24.67
CA GLU TA 40 50.21 -0.19 25.97
C GLU TA 40 51.01 -1.47 26.04
N SER TA 41 51.41 -2.02 24.89
CA SER TA 41 52.32 -3.16 24.92
C SER TA 41 53.72 -2.71 25.30
N ALA TA 42 54.07 -1.45 25.06
CA ALA TA 42 55.42 -0.97 25.32
C ALA TA 42 55.50 -0.15 26.59
N TRP TA 43 54.41 0.50 27.00
CA TRP TA 43 54.44 1.37 28.16
C TRP TA 43 54.25 0.62 29.46
N SER TA 44 53.64 -0.57 29.45
CA SER TA 44 53.13 -1.19 30.66
C SER TA 44 54.23 -1.64 31.61
N LYS TA 45 55.46 -1.75 31.12
CA LYS TA 45 56.57 -2.04 32.02
C LYS TA 45 56.99 -0.80 32.79
N PHE TA 46 56.66 0.38 32.25
CA PHE TA 46 57.04 1.62 32.93
C PHE TA 46 55.99 2.02 33.94
N GLY TA 47 54.74 1.62 33.71
CA GLY TA 47 53.68 2.03 34.61
C GLY TA 47 53.71 1.28 35.92
N GLU TA 48 54.05 -0.01 35.86
CA GLU TA 48 53.99 -0.83 37.05
C GLU TA 48 55.29 -0.76 37.84
N ALA TA 49 56.31 -0.11 37.30
CA ALA TA 49 57.54 0.08 38.05
C ALA TA 49 57.50 1.38 38.85
N VAL TA 50 56.76 2.37 38.37
CA VAL TA 50 56.58 3.61 39.12
C VAL TA 50 55.73 3.35 40.36
N LYS TA 51 54.80 2.41 40.28
CA LYS TA 51 53.98 2.05 41.42
C LYS TA 51 54.75 1.29 42.49
N ALA TA 52 55.96 0.82 42.19
CA ALA TA 52 56.79 0.14 43.17
C ALA TA 52 57.53 1.10 44.08
N LEU TA 53 57.37 2.41 43.90
CA LEU TA 53 57.97 3.41 44.78
C LEU TA 53 56.97 3.97 45.77
N GLY TA 54 56.01 3.16 46.21
CA GLY TA 54 55.00 3.66 47.12
C GLY TA 54 55.51 3.86 48.53
N LYS TA 55 56.63 3.21 48.87
CA LYS TA 55 57.19 3.30 50.20
C LYS TA 55 58.27 4.35 50.32
N ILE TA 56 58.48 5.17 49.29
CA ILE TA 56 59.30 6.36 49.42
C ILE TA 56 58.40 7.48 49.90
N GLU TA 57 58.72 8.05 51.06
CA GLU TA 57 57.83 8.99 51.71
C GLU TA 57 58.44 10.39 51.76
N GLY TA 58 57.57 11.38 51.77
CA GLY TA 58 57.98 12.75 52.02
C GLY TA 58 57.76 13.76 50.91
N ALA TA 59 58.85 14.32 50.43
CA ALA TA 59 58.95 15.54 49.65
C ALA TA 59 58.50 15.34 48.20
N PRO TA 60 58.62 16.37 47.31
CA PRO TA 60 58.54 16.09 45.87
C PRO TA 60 59.45 14.95 45.40
N ARG TA 61 58.81 13.84 45.01
CA ARG TA 61 59.51 12.64 44.58
C ARG TA 61 59.56 12.53 43.06
N ALA TA 62 59.48 13.65 42.35
CA ALA TA 62 59.44 13.60 40.90
C ALA TA 62 60.80 13.28 40.31
N LEU TA 63 61.87 13.65 41.00
CA LEU TA 63 63.21 13.33 40.51
C LEU TA 63 63.55 11.87 40.74
N VAL TA 64 63.02 11.29 41.82
CA VAL TA 64 63.21 9.86 42.06
C VAL TA 64 62.42 9.06 41.03
N ILE TA 65 61.26 9.58 40.63
CA ILE TA 65 60.41 8.89 39.67
C ILE TA 65 60.99 9.01 38.26
N ALA TA 66 61.55 10.17 37.94
CA ALA TA 66 62.03 10.41 36.58
C ALA TA 66 63.32 9.64 36.31
N LYS TA 67 64.18 9.50 37.32
CA LYS TA 67 65.44 8.82 37.07
C LYS TA 67 65.30 7.31 37.11
N VAL TA 68 64.30 6.79 37.83
CA VAL TA 68 64.05 5.36 37.78
C VAL TA 68 63.29 5.01 36.51
N GLN TA 69 62.63 5.98 35.89
CA GLN TA 69 62.06 5.77 34.56
C GLN TA 69 63.13 5.87 33.50
N GLU TA 70 64.12 6.74 33.70
CA GLU TA 70 65.20 6.90 32.74
C GLU TA 70 66.14 5.70 32.79
N ALA TA 71 66.21 5.02 33.95
CA ALA TA 71 67.09 3.87 34.07
C ALA TA 71 66.52 2.66 33.36
N LEU TA 72 65.19 2.52 33.33
CA LEU TA 72 64.57 1.41 32.63
C LEU TA 72 64.67 1.60 31.12
N ALA TA 73 64.77 2.84 30.66
CA ALA TA 73 64.79 3.11 29.23
C ALA TA 73 66.07 2.62 28.59
N TYR TA 74 67.16 2.54 29.36
CA TYR TA 74 68.41 2.03 28.81
C TYR TA 74 68.44 0.51 28.86
N MET TA 75 67.75 -0.10 29.83
CA MET TA 75 67.71 -1.54 29.89
C MET TA 75 66.74 -2.13 28.88
N SER TA 76 65.85 -1.31 28.34
CA SER TA 76 64.81 -1.78 27.44
C SER TA 76 65.17 -1.60 25.97
N LYS TA 77 66.36 -1.08 25.66
CA LYS TA 77 66.78 -0.91 24.28
C LYS TA 77 67.05 -2.26 23.64
N PRO TA 78 67.07 -2.32 22.30
CA PRO TA 78 67.50 -3.56 21.63
C PRO TA 78 68.93 -3.95 21.92
N LEU TA 79 69.79 -2.98 22.20
CA LEU TA 79 71.16 -3.20 22.67
C LEU TA 79 71.30 -2.47 23.99
N PRO TA 80 71.05 -3.13 25.12
CA PRO TA 80 70.95 -2.41 26.38
C PRO TA 80 72.32 -1.98 26.89
N ASN TA 81 72.36 -0.80 27.51
CA ASN TA 81 73.58 -0.23 28.06
C ASN TA 81 73.43 -0.21 29.58
N MET TA 82 74.08 -1.16 30.24
CA MET TA 82 74.00 -1.23 31.69
C MET TA 82 74.75 -0.10 32.37
N LYS TA 83 75.78 0.45 31.74
CA LYS TA 83 76.57 1.51 32.36
C LYS TA 83 75.81 2.83 32.36
N LEU TA 84 75.20 3.19 31.23
CA LEU TA 84 74.42 4.42 31.16
C LEU TA 84 73.12 4.30 31.94
N ALA TA 85 72.65 3.08 32.18
CA ALA TA 85 71.50 2.88 33.05
C ALA TA 85 71.85 3.15 34.49
N MET TA 86 73.06 2.76 34.90
CA MET TA 86 73.49 2.99 36.27
C MET TA 86 73.84 4.44 36.53
N ALA TA 87 74.09 5.21 35.47
CA ALA TA 87 74.32 6.65 35.63
C ALA TA 87 73.04 7.35 36.07
N ALA TA 88 71.91 6.97 35.49
CA ALA TA 88 70.63 7.57 35.89
C ALA TA 88 70.12 6.94 37.17
N ALA TA 89 70.58 5.73 37.48
CA ALA TA 89 70.10 5.04 38.67
C ALA TA 89 70.67 5.64 39.94
N VAL TA 90 71.97 5.94 39.96
CA VAL TA 90 72.59 6.50 41.15
C VAL TA 90 72.22 7.96 41.34
N GLN TA 91 71.66 8.59 40.31
CA GLN TA 91 71.10 9.92 40.49
C GLN TA 91 69.80 9.87 41.28
N ALA TA 92 69.02 8.81 41.09
CA ALA TA 92 67.79 8.64 41.85
C ALA TA 92 68.06 8.34 43.31
N VAL TA 93 69.17 7.64 43.58
CA VAL TA 93 69.52 7.31 44.96
C VAL TA 93 69.93 8.57 45.73
N ARG TA 94 70.70 9.44 45.08
CA ARG TA 94 71.12 10.68 45.72
C ARG TA 94 69.95 11.63 45.92
N ALA TA 95 68.96 11.59 45.02
CA ALA TA 95 67.77 12.41 45.20
C ALA TA 95 66.87 11.86 46.30
N CYS TA 96 66.97 10.56 46.58
CA CYS TA 96 66.09 9.94 47.55
C CYS TA 96 66.61 10.10 48.98
N GLU TA 97 67.93 10.10 49.15
CA GLU TA 97 68.48 10.03 50.49
C GLU TA 97 68.40 11.37 51.22
N GLN TA 98 68.24 12.46 50.50
CA GLN TA 98 68.07 13.76 51.13
C GLN TA 98 66.66 13.99 51.64
N LEU TA 99 65.72 13.12 51.31
CA LEU TA 99 64.35 13.28 51.78
C LEU TA 99 64.28 12.98 53.27
N PRO TA 100 63.34 13.60 53.99
CA PRO TA 100 63.23 13.34 55.43
C PRO TA 100 62.71 11.94 55.71
N GLY TA 101 63.38 11.25 56.63
CA GLY TA 101 63.02 9.92 57.02
C GLY TA 101 63.62 8.82 56.17
N MET TA 102 64.22 9.16 55.04
CA MET TA 102 64.78 8.17 54.15
C MET TA 102 66.27 8.00 54.40
N ASN TA 103 66.69 6.74 54.51
CA ASN TA 103 68.09 6.38 54.66
C ASN TA 103 68.69 6.12 53.29
N ARG TA 104 70.02 6.08 53.24
CA ARG TA 104 70.69 5.71 51.99
C ARG TA 104 70.49 4.24 51.70
N GLU TA 105 70.36 3.42 52.74
CA GLU TA 105 70.15 2.00 52.52
C GLU TA 105 68.72 1.69 52.13
N ARG TA 106 67.76 2.46 52.64
CA ARG TA 106 66.36 2.23 52.29
C ARG TA 106 66.06 2.71 50.87
N CYS TA 107 66.82 3.69 50.39
CA CYS TA 107 66.61 4.16 49.02
C CYS TA 107 67.25 3.21 48.02
N LEU TA 108 68.24 2.43 48.46
CA LEU TA 108 68.81 1.41 47.58
C LEU TA 108 67.88 0.22 47.44
N ASP TA 109 66.97 0.04 48.39
CA ASP TA 109 65.98 -1.02 48.27
C ASP TA 109 64.92 -0.66 47.24
N ALA TA 110 64.44 0.58 47.27
CA ALA TA 110 63.30 0.95 46.45
C ALA TA 110 63.69 1.12 44.98
N VAL TA 111 64.91 1.57 44.73
CA VAL TA 111 65.36 1.75 43.36
C VAL TA 111 65.68 0.40 42.73
N ALA TA 112 66.44 -0.44 43.44
CA ALA TA 112 66.74 -1.77 42.92
C ALA TA 112 65.52 -2.67 42.94
N GLY TA 113 64.55 -2.38 43.80
CA GLY TA 113 63.29 -3.11 43.73
C GLY TA 113 62.47 -2.73 42.52
N ALA TA 114 62.53 -1.46 42.11
CA ALA TA 114 61.78 -1.01 40.94
C ALA TA 114 62.47 -1.45 39.66
N LEU TA 115 63.80 -1.30 39.59
CA LEU TA 115 64.54 -1.76 38.43
C LEU TA 115 64.62 -3.27 38.36
N GLY TA 116 64.49 -3.97 39.48
CA GLY TA 116 64.61 -5.41 39.48
C GLY TA 116 66.01 -5.91 39.26
N VAL TA 117 67.01 -5.22 39.80
CA VAL TA 117 68.41 -5.60 39.62
C VAL TA 117 69.01 -5.95 40.96
N ALA TA 118 70.26 -6.41 40.95
CA ALA TA 118 71.00 -6.60 42.18
C ALA TA 118 71.38 -5.25 42.78
N LYS TA 119 71.37 -5.18 44.10
CA LYS TA 119 71.60 -3.92 44.80
C LYS TA 119 73.04 -3.45 44.68
N ASP TA 120 73.98 -4.39 44.63
CA ASP TA 120 75.40 -4.04 44.59
C ASP TA 120 75.83 -3.36 43.30
N TRP TA 121 75.05 -3.46 42.23
CA TRP TA 121 75.38 -2.73 41.01
C TRP TA 121 75.19 -1.23 41.19
N ILE TA 122 74.18 -0.83 41.96
CA ILE TA 122 73.98 0.57 42.23
C ILE TA 122 74.96 1.08 43.29
N ARG TA 123 75.34 0.24 44.24
CA ARG TA 123 76.28 0.66 45.27
C ARG TA 123 77.70 0.81 44.73
N ARG TA 124 78.03 0.07 43.68
CA ARG TA 124 79.37 0.16 43.10
C ARG TA 124 79.60 1.51 42.44
N GLU TA 125 78.56 2.05 41.78
CA GLU TA 125 78.73 3.32 41.09
C GLU TA 125 78.51 4.51 42.02
N MET TA 126 78.01 4.28 43.24
CA MET TA 126 77.67 5.38 44.13
C MET TA 126 78.92 6.06 44.67
N THR TA 127 79.92 5.26 45.06
CA THR TA 127 81.21 5.71 45.62
C THR TA 127 81.08 6.65 46.81
N SER UA 2 -65.17 4.36 -12.48
CA SER UA 2 -63.88 4.54 -13.15
C SER UA 2 -63.50 3.30 -13.90
N VAL UA 3 -62.84 3.49 -15.04
CA VAL UA 3 -62.41 2.36 -15.85
C VAL UA 3 -61.04 1.85 -15.42
N GLU UA 4 -60.24 2.69 -14.78
CA GLU UA 4 -58.89 2.28 -14.40
C GLU UA 4 -58.91 1.31 -13.22
N VAL UA 5 -59.88 1.47 -12.32
CA VAL UA 5 -59.99 0.54 -11.20
C VAL UA 5 -60.53 -0.80 -11.69
N TYR UA 6 -61.26 -0.78 -12.81
CA TYR UA 6 -61.67 -2.03 -13.47
C TYR UA 6 -60.45 -2.77 -14.01
N ARG UA 7 -59.49 -2.02 -14.55
CA ARG UA 7 -58.32 -2.65 -15.18
C ARG UA 7 -57.38 -3.24 -14.14
N GLN UA 8 -57.35 -2.69 -12.94
CA GLN UA 8 -56.38 -3.15 -11.95
C GLN UA 8 -56.79 -4.48 -11.34
N LYS UA 9 -58.09 -4.77 -11.30
CA LYS UA 9 -58.54 -6.04 -10.73
C LYS UA 9 -58.54 -7.15 -11.75
N ILE UA 10 -58.53 -6.83 -13.04
CA ILE UA 10 -58.50 -7.85 -14.08
C ILE UA 10 -57.11 -8.46 -14.19
N GLU UA 11 -56.07 -7.67 -13.98
CA GLU UA 11 -54.70 -8.15 -14.10
C GLU UA 11 -54.31 -9.14 -13.03
N LYS UA 12 -55.09 -9.27 -11.96
CA LYS UA 12 -54.83 -10.28 -10.93
C LYS UA 12 -55.28 -11.66 -11.34
N GLY UA 13 -56.05 -11.79 -12.43
CA GLY UA 13 -56.50 -13.07 -12.90
C GLY UA 13 -57.51 -13.73 -11.99
N GLY UA 14 -58.65 -13.08 -11.79
CA GLY UA 14 -59.68 -13.67 -10.94
C GLY UA 14 -60.39 -14.83 -11.58
N TYR UA 15 -60.44 -14.87 -12.92
CA TYR UA 15 -61.19 -15.90 -13.61
C TYR UA 15 -60.50 -17.25 -13.50
N SER UA 16 -59.19 -17.28 -13.72
CA SER UA 16 -58.47 -18.54 -13.66
C SER UA 16 -58.28 -19.00 -12.23
N ALA UA 17 -58.10 -18.06 -11.30
CA ALA UA 17 -57.87 -18.43 -9.91
C ALA UA 17 -59.13 -18.94 -9.25
N ALA UA 18 -60.29 -18.49 -9.70
CA ALA UA 18 -61.54 -19.07 -9.23
C ALA UA 18 -61.78 -20.42 -9.88
N TYR UA 19 -61.19 -20.65 -11.05
CA TYR UA 19 -61.31 -21.96 -11.68
C TYR UA 19 -60.44 -22.98 -10.96
N GLU UA 20 -59.23 -22.57 -10.56
CA GLU UA 20 -58.32 -23.51 -9.91
C GLU UA 20 -58.75 -23.81 -8.48
N ALA UA 21 -59.32 -22.82 -7.79
CA ALA UA 21 -59.76 -23.05 -6.42
C ALA UA 21 -60.99 -23.95 -6.38
N THR UA 22 -61.79 -23.94 -7.44
CA THR UA 22 -62.94 -24.84 -7.52
C THR UA 22 -62.47 -26.26 -7.77
N ARG UA 23 -61.44 -26.41 -8.60
CA ARG UA 23 -60.89 -27.74 -8.89
C ARG UA 23 -60.21 -28.32 -7.68
N ARG UA 24 -59.63 -27.47 -6.83
CA ARG UA 24 -58.97 -27.95 -5.61
C ARG UA 24 -60.00 -28.43 -4.60
N TYR UA 25 -61.21 -27.88 -4.65
CA TYR UA 25 -62.23 -28.30 -3.71
C TYR UA 25 -62.71 -29.70 -4.00
N GLU UA 26 -62.93 -30.02 -5.28
CA GLU UA 26 -63.48 -31.32 -5.66
C GLU UA 26 -62.48 -32.44 -5.48
N ARG UA 27 -61.19 -32.14 -5.43
CA ARG UA 27 -60.16 -33.14 -5.17
C ARG UA 27 -59.80 -33.25 -3.70
N GLU UA 28 -60.72 -32.81 -2.82
CA GLU UA 28 -60.62 -32.86 -1.36
C GLU UA 28 -59.36 -32.21 -0.81
N GLU UA 29 -58.85 -31.17 -1.47
CA GLU UA 29 -57.66 -30.48 -0.97
C GLU UA 29 -58.01 -29.31 -0.05
N ILE UA 30 -59.27 -28.92 0.03
CA ILE UA 30 -59.67 -27.70 0.71
C ILE UA 30 -60.86 -28.04 1.61
N GLU UA 31 -60.75 -27.68 2.88
CA GLU UA 31 -61.85 -27.89 3.81
C GLU UA 31 -62.54 -26.56 4.11
N VAL UA 32 -63.74 -26.66 4.67
CA VAL UA 32 -64.61 -25.52 4.95
C VAL UA 32 -63.98 -24.68 6.06
N LEU UA 33 -63.77 -23.40 5.77
CA LEU UA 33 -63.15 -22.49 6.70
C LEU UA 33 -64.08 -22.19 7.87
N SER UA 34 -63.50 -21.93 9.05
CA SER UA 34 -64.33 -21.70 10.22
C SER UA 34 -64.94 -20.31 10.23
N TRP UA 35 -64.51 -19.43 9.32
CA TRP UA 35 -65.22 -18.19 9.10
C TRP UA 35 -66.58 -18.46 8.47
N SER UA 36 -66.64 -19.51 7.64
CA SER UA 36 -67.87 -19.81 6.92
C SER UA 36 -68.91 -20.43 7.83
N SER UA 37 -68.48 -21.28 8.75
CA SER UA 37 -69.42 -21.97 9.64
C SER UA 37 -69.99 -21.00 10.66
N ARG UA 38 -69.20 -20.00 11.07
CA ARG UA 38 -69.73 -18.97 11.95
C ARG UA 38 -70.67 -18.04 11.19
N TRP UA 39 -70.46 -17.90 9.89
CA TRP UA 39 -71.31 -17.03 9.08
C TRP UA 39 -72.68 -17.64 8.92
N GLU UA 40 -72.74 -18.94 8.62
CA GLU UA 40 -73.99 -19.57 8.23
C GLU UA 40 -74.92 -19.74 9.43
N SER UA 41 -74.36 -19.91 10.63
CA SER UA 41 -75.20 -20.05 11.80
C SER UA 41 -75.86 -18.74 12.18
N ALA UA 42 -75.16 -17.62 12.03
CA ALA UA 42 -75.71 -16.34 12.45
C ALA UA 42 -76.61 -15.73 11.39
N TRP UA 43 -76.36 -16.03 10.11
CA TRP UA 43 -77.11 -15.41 9.05
C TRP UA 43 -78.43 -16.12 8.73
N SER UA 44 -78.54 -17.41 9.09
CA SER UA 44 -79.66 -18.23 8.62
C SER UA 44 -81.01 -17.74 9.13
N LYS UA 45 -81.02 -17.03 10.25
CA LYS UA 45 -82.27 -16.47 10.74
C LYS UA 45 -82.66 -15.23 9.93
N PHE UA 46 -81.69 -14.55 9.33
CA PHE UA 46 -82.01 -13.38 8.51
C PHE UA 46 -82.45 -13.80 7.12
N GLY UA 47 -82.16 -15.04 6.73
CA GLY UA 47 -82.44 -15.45 5.37
C GLY UA 47 -83.91 -15.78 5.16
N GLU UA 48 -84.49 -16.56 6.06
CA GLU UA 48 -85.85 -17.02 5.86
C GLU UA 48 -86.86 -15.95 6.23
N ALA UA 49 -86.45 -14.95 7.02
CA ALA UA 49 -87.38 -13.90 7.40
C ALA UA 49 -87.57 -12.89 6.29
N VAL UA 50 -86.62 -12.81 5.37
CA VAL UA 50 -86.82 -12.02 4.16
C VAL UA 50 -87.76 -12.75 3.22
N LYS UA 51 -87.69 -14.09 3.22
CA LYS UA 51 -88.54 -14.88 2.35
C LYS UA 51 -89.99 -14.90 2.82
N ALA UA 52 -90.26 -14.43 4.04
CA ALA UA 52 -91.62 -14.29 4.53
C ALA UA 52 -92.29 -13.02 4.04
N LEU UA 53 -91.62 -12.21 3.22
CA LEU UA 53 -92.25 -11.06 2.56
C LEU UA 53 -92.62 -11.37 1.12
N GLY UA 54 -93.04 -12.60 0.84
CA GLY UA 54 -93.34 -12.97 -0.53
C GLY UA 54 -94.65 -12.39 -1.02
N LYS UA 55 -95.57 -12.09 -0.11
CA LYS UA 55 -96.89 -11.60 -0.46
C LYS UA 55 -96.95 -10.09 -0.64
N ILE UA 56 -95.82 -9.40 -0.61
CA ILE UA 56 -95.80 -7.97 -0.89
C ILE UA 56 -95.50 -7.78 -2.37
N GLU UA 57 -96.29 -6.96 -3.04
CA GLU UA 57 -96.18 -6.77 -4.48
C GLU UA 57 -95.97 -5.31 -4.83
N GLY UA 58 -95.46 -5.07 -6.03
CA GLY UA 58 -95.45 -3.74 -6.58
C GLY UA 58 -94.11 -3.14 -6.97
N ALA UA 59 -93.81 -2.00 -6.39
CA ALA UA 59 -92.71 -1.09 -6.71
C ALA UA 59 -91.39 -1.66 -6.19
N PRO UA 60 -90.23 -0.94 -6.33
CA PRO UA 60 -89.04 -1.32 -5.56
C PRO UA 60 -89.28 -1.53 -4.07
N ARG UA 61 -89.18 -2.79 -3.65
CA ARG UA 61 -89.35 -3.18 -2.26
C ARG UA 61 -88.02 -3.29 -1.53
N ALA UA 62 -87.03 -2.50 -1.94
CA ALA UA 62 -85.75 -2.56 -1.27
C ALA UA 62 -85.81 -1.93 0.11
N LEU UA 63 -86.74 -1.00 0.33
CA LEU UA 63 -86.82 -0.34 1.62
C LEU UA 63 -87.59 -1.19 2.62
N VAL UA 64 -88.53 -1.99 2.15
CA VAL UA 64 -89.28 -2.87 3.05
C VAL UA 64 -88.37 -3.99 3.54
N ILE UA 65 -87.52 -4.50 2.65
CA ILE UA 65 -86.65 -5.63 2.97
C ILE UA 65 -85.52 -5.18 3.89
N ALA UA 66 -85.00 -3.98 3.65
CA ALA UA 66 -83.84 -3.51 4.40
C ALA UA 66 -84.19 -3.19 5.84
N LYS UA 67 -85.36 -2.60 6.07
CA LYS UA 67 -85.72 -2.21 7.43
C LYS UA 67 -86.18 -3.40 8.25
N VAL UA 68 -86.69 -4.46 7.61
CA VAL UA 68 -87.05 -5.67 8.34
C VAL UA 68 -85.79 -6.38 8.82
N GLN UA 69 -84.73 -6.39 8.00
CA GLN UA 69 -83.46 -6.95 8.43
C GLN UA 69 -82.82 -6.12 9.53
N GLU UA 70 -83.10 -4.82 9.57
CA GLU UA 70 -82.56 -3.98 10.63
C GLU UA 70 -83.33 -4.18 11.93
N ALA UA 71 -84.60 -4.58 11.83
CA ALA UA 71 -85.39 -4.77 13.04
C ALA UA 71 -85.01 -6.06 13.76
N LEU UA 72 -84.67 -7.10 13.01
CA LEU UA 72 -84.24 -8.35 13.62
C LEU UA 72 -82.87 -8.22 14.26
N ALA UA 73 -82.03 -7.35 13.71
CA ALA UA 73 -80.70 -7.14 14.26
C ALA UA 73 -80.77 -6.50 15.63
N TYR UA 74 -81.80 -5.70 15.87
CA TYR UA 74 -81.96 -5.07 17.18
C TYR UA 74 -82.54 -6.04 18.20
N MET UA 75 -83.26 -7.07 17.73
CA MET UA 75 -83.82 -8.03 18.67
C MET UA 75 -82.85 -9.14 19.00
N SER UA 76 -81.85 -9.35 18.14
CA SER UA 76 -80.97 -10.51 18.26
C SER UA 76 -79.66 -10.20 18.97
N LYS UA 77 -79.53 -9.02 19.56
CA LYS UA 77 -78.35 -8.68 20.32
C LYS UA 77 -78.34 -9.45 21.64
N PRO UA 78 -77.19 -9.52 22.32
CA PRO UA 78 -77.19 -10.08 23.68
C PRO UA 78 -78.00 -9.28 24.67
N LEU UA 79 -78.20 -7.99 24.42
CA LEU UA 79 -79.14 -7.16 25.19
C LEU UA 79 -80.12 -6.60 24.17
N PRO UA 80 -81.28 -7.24 24.01
CA PRO UA 80 -82.20 -6.84 22.92
C PRO UA 80 -82.89 -5.53 23.23
N ASN UA 81 -83.09 -4.74 22.18
CA ASN UA 81 -83.69 -3.42 22.27
C ASN UA 81 -84.99 -3.45 21.49
N MET UA 82 -86.11 -3.70 22.17
CA MET UA 82 -87.39 -3.69 21.49
C MET UA 82 -87.87 -2.28 21.19
N LYS UA 83 -87.32 -1.27 21.87
CA LYS UA 83 -87.70 0.11 21.57
C LYS UA 83 -87.10 0.56 20.23
N LEU UA 84 -85.83 0.21 19.99
CA LEU UA 84 -85.21 0.59 18.73
C LEU UA 84 -85.57 -0.38 17.61
N ALA UA 85 -86.04 -1.58 17.95
CA ALA UA 85 -86.50 -2.50 16.92
C ALA UA 85 -87.85 -2.08 16.39
N MET UA 86 -88.66 -1.43 17.23
CA MET UA 86 -89.95 -0.93 16.77
C MET UA 86 -89.77 0.29 15.87
N ALA UA 87 -88.68 1.02 16.05
CA ALA UA 87 -88.44 2.22 15.24
C ALA UA 87 -88.16 1.85 13.79
N ALA UA 88 -87.51 0.72 13.56
CA ALA UA 88 -87.25 0.28 12.20
C ALA UA 88 -88.50 -0.31 11.57
N ALA UA 89 -89.37 -0.90 12.40
CA ALA UA 89 -90.55 -1.58 11.87
C ALA UA 89 -91.59 -0.59 11.36
N VAL UA 90 -91.79 0.52 12.08
CA VAL UA 90 -92.80 1.49 11.67
C VAL UA 90 -92.36 2.28 10.46
N GLN UA 91 -91.07 2.24 10.11
CA GLN UA 91 -90.66 2.78 8.82
C GLN UA 91 -91.01 1.81 7.70
N ALA UA 92 -90.81 0.52 7.93
CA ALA UA 92 -91.10 -0.48 6.90
C ALA UA 92 -92.59 -0.67 6.69
N VAL UA 93 -93.39 -0.39 7.72
CA VAL UA 93 -94.84 -0.42 7.54
C VAL UA 93 -95.27 0.76 6.67
N ARG UA 94 -94.70 1.93 6.92
CA ARG UA 94 -95.02 3.10 6.09
C ARG UA 94 -94.41 2.98 4.71
N ALA UA 95 -93.31 2.25 4.57
CA ALA UA 95 -92.70 2.08 3.25
C ALA UA 95 -93.50 1.09 2.41
N CYS UA 96 -94.06 0.06 3.04
CA CYS UA 96 -94.89 -0.90 2.31
C CYS UA 96 -96.22 -0.30 1.92
N GLU UA 97 -96.71 0.67 2.71
CA GLU UA 97 -98.07 1.16 2.57
C GLU UA 97 -98.26 1.96 1.30
N GLN UA 98 -97.21 2.62 0.82
CA GLN UA 98 -97.32 3.52 -0.32
C GLN UA 98 -97.33 2.79 -1.65
N LEU UA 99 -97.11 1.48 -1.66
CA LEU UA 99 -97.05 0.74 -2.92
C LEU UA 99 -98.45 0.56 -3.49
N PRO UA 100 -98.58 0.54 -4.81
CA PRO UA 100 -99.90 0.29 -5.41
C PRO UA 100 -100.31 -1.16 -5.21
N GLY UA 101 -101.40 -1.36 -4.47
CA GLY UA 101 -101.90 -2.68 -4.19
C GLY UA 101 -101.74 -3.12 -2.76
N MET UA 102 -101.19 -2.29 -1.89
CA MET UA 102 -100.99 -2.66 -0.50
C MET UA 102 -101.84 -1.81 0.43
N ASN UA 103 -102.45 -2.48 1.39
CA ASN UA 103 -103.25 -1.86 2.44
C ASN UA 103 -102.35 -1.55 3.64
N ARG UA 104 -102.87 -0.78 4.59
CA ARG UA 104 -102.16 -0.60 5.84
C ARG UA 104 -102.23 -1.87 6.69
N GLU UA 105 -103.33 -2.60 6.58
CA GLU UA 105 -103.46 -3.84 7.34
C GLU UA 105 -102.69 -4.98 6.70
N ARG UA 106 -102.58 -4.98 5.37
CA ARG UA 106 -101.87 -6.06 4.69
C ARG UA 106 -100.37 -5.90 4.81
N CYS UA 107 -99.89 -4.68 5.11
CA CYS UA 107 -98.48 -4.52 5.39
C CYS UA 107 -98.16 -4.85 6.85
N LEU UA 108 -99.14 -4.68 7.73
CA LEU UA 108 -98.96 -5.13 9.11
C LEU UA 108 -99.00 -6.64 9.20
N ASP UA 109 -99.60 -7.31 8.22
CA ASP UA 109 -99.57 -8.76 8.19
C ASP UA 109 -98.17 -9.28 7.87
N ALA UA 110 -97.53 -8.69 6.87
CA ALA UA 110 -96.27 -9.25 6.38
C ALA UA 110 -95.11 -8.89 7.28
N VAL UA 111 -95.08 -7.65 7.77
CA VAL UA 111 -93.94 -7.18 8.55
C VAL UA 111 -93.95 -7.83 9.94
N ALA UA 112 -95.11 -7.87 10.59
CA ALA UA 112 -95.20 -8.53 11.89
C ALA UA 112 -95.11 -10.05 11.75
N GLY UA 113 -95.38 -10.58 10.56
CA GLY UA 113 -95.16 -12.00 10.34
C GLY UA 113 -93.69 -12.34 10.18
N ALA UA 114 -92.91 -11.43 9.62
CA ALA UA 114 -91.48 -11.70 9.41
C ALA UA 114 -90.70 -11.54 10.70
N LEU UA 115 -91.00 -10.50 11.48
CA LEU UA 115 -90.32 -10.31 12.75
C LEU UA 115 -90.74 -11.33 13.79
N GLY UA 116 -91.95 -11.89 13.67
CA GLY UA 116 -92.40 -12.86 14.64
C GLY UA 116 -92.92 -12.24 15.92
N VAL UA 117 -93.40 -11.01 15.87
CA VAL UA 117 -94.02 -10.38 17.04
C VAL UA 117 -95.48 -10.09 16.73
N ALA UA 118 -96.21 -9.61 17.73
CA ALA UA 118 -97.62 -9.35 17.57
C ALA UA 118 -97.87 -8.08 16.77
N LYS UA 119 -99.07 -7.98 16.20
CA LYS UA 119 -99.37 -6.84 15.32
C LYS UA 119 -99.61 -5.57 16.11
N ASP UA 120 -100.08 -5.68 17.35
CA ASP UA 120 -100.44 -4.50 18.11
C ASP UA 120 -99.23 -3.71 18.59
N TRP UA 121 -98.05 -4.34 18.65
CA TRP UA 121 -96.85 -3.63 19.06
C TRP UA 121 -96.42 -2.62 18.01
N ILE UA 122 -96.57 -2.97 16.74
CA ILE UA 122 -96.24 -2.04 15.67
C ILE UA 122 -97.34 -1.01 15.47
N ARG UA 123 -98.58 -1.34 15.84
CA ARG UA 123 -99.66 -0.36 15.74
C ARG UA 123 -99.56 0.71 16.81
N ARG UA 124 -98.85 0.43 17.90
CA ARG UA 124 -98.71 1.42 18.97
C ARG UA 124 -97.83 2.58 18.54
N GLU UA 125 -96.67 2.29 17.97
CA GLU UA 125 -95.72 3.37 17.66
C GLU UA 125 -96.03 4.05 16.34
N MET UA 126 -97.03 3.58 15.60
CA MET UA 126 -97.34 4.20 14.31
C MET UA 126 -98.00 5.56 14.49
N THR UA 127 -99.10 5.59 15.26
CA THR UA 127 -99.91 6.79 15.56
C THR UA 127 -100.34 7.57 14.31
N SER VA 2 66.21 24.82 11.03
CA SER VA 2 65.48 26.03 10.66
C SER VA 2 63.99 25.81 10.87
N VAL VA 3 63.27 26.90 11.09
CA VAL VA 3 61.83 26.84 11.31
C VAL VA 3 61.07 26.85 9.98
N GLU VA 4 61.65 27.42 8.93
CA GLU VA 4 60.95 27.48 7.65
C GLU VA 4 60.86 26.12 7.01
N VAL VA 5 61.93 25.33 7.10
CA VAL VA 5 61.89 23.96 6.61
C VAL VA 5 61.04 23.10 7.54
N TYR VA 6 60.91 23.52 8.80
CA TYR VA 6 60.00 22.85 9.72
C TYR VA 6 58.56 23.16 9.36
N ARG VA 7 58.27 24.42 9.03
CA ARG VA 7 56.90 24.86 8.79
C ARG VA 7 56.31 24.24 7.52
N GLN VA 8 57.14 24.07 6.50
CA GLN VA 8 56.60 23.63 5.21
C GLN VA 8 56.26 22.15 5.21
N LYS VA 9 56.71 21.40 6.21
CA LYS VA 9 56.24 20.03 6.39
C LYS VA 9 55.10 19.96 7.40
N ILE VA 10 54.94 21.00 8.22
CA ILE VA 10 53.85 21.04 9.19
C ILE VA 10 52.52 21.27 8.49
N GLU VA 11 52.49 22.22 7.54
CA GLU VA 11 51.24 22.58 6.87
C GLU VA 11 50.76 21.53 5.88
N LYS VA 12 51.53 20.47 5.67
CA LYS VA 12 51.10 19.37 4.81
C LYS VA 12 50.14 18.42 5.50
N GLY VA 13 49.98 18.52 6.82
CA GLY VA 13 49.03 17.72 7.55
C GLY VA 13 49.38 16.25 7.61
N GLY VA 14 50.61 15.94 8.01
CA GLY VA 14 51.04 14.55 8.05
C GLY VA 14 50.50 13.78 9.23
N TYR VA 15 50.09 14.47 10.29
CA TYR VA 15 49.56 13.79 11.46
C TYR VA 15 48.18 13.23 11.18
N SER VA 16 47.37 13.98 10.44
CA SER VA 16 46.06 13.48 10.05
C SER VA 16 46.18 12.44 8.94
N ALA VA 17 47.12 12.64 8.01
CA ALA VA 17 47.24 11.76 6.86
C ALA VA 17 47.78 10.39 7.26
N ALA VA 18 48.58 10.35 8.33
CA ALA VA 18 49.03 9.06 8.85
C ALA VA 18 47.91 8.36 9.61
N TYR VA 19 46.93 9.12 10.08
CA TYR VA 19 45.81 8.53 10.78
C TYR VA 19 44.83 7.88 9.82
N GLU VA 20 44.58 8.52 8.68
CA GLU VA 20 43.65 7.94 7.71
C GLU VA 20 44.24 6.74 7.01
N ALA VA 21 45.56 6.74 6.80
CA ALA VA 21 46.20 5.60 6.15
C ALA VA 21 46.22 4.39 7.07
N THR VA 22 46.23 4.64 8.39
CA THR VA 22 46.19 3.52 9.34
C THR VA 22 44.79 2.94 9.42
N ARG VA 23 43.76 3.80 9.30
CA ARG VA 23 42.40 3.32 9.33
C ARG VA 23 42.06 2.54 8.07
N ARG VA 24 42.67 2.92 6.94
CA ARG VA 24 42.45 2.19 5.70
C ARG VA 24 43.09 0.82 5.75
N TYR VA 25 44.21 0.69 6.45
CA TYR VA 25 44.85 -0.60 6.59
C TYR VA 25 44.03 -1.53 7.46
N GLU VA 26 43.36 -0.99 8.48
CA GLU VA 26 42.50 -1.80 9.33
C GLU VA 26 41.23 -2.23 8.62
N ARG VA 27 40.74 -1.43 7.66
CA ARG VA 27 39.56 -1.77 6.87
C ARG VA 27 39.91 -2.49 5.58
N GLU VA 28 41.13 -3.04 5.52
CA GLU VA 28 41.63 -3.89 4.43
C GLU VA 28 41.60 -3.22 3.06
N GLU VA 29 41.73 -1.91 3.01
CA GLU VA 29 41.75 -1.18 1.75
C GLU VA 29 43.15 -0.87 1.26
N ILE VA 30 44.16 -1.33 1.98
CA ILE VA 30 45.56 -1.09 1.62
C ILE VA 30 46.30 -2.41 1.83
N GLU VA 31 47.02 -2.83 0.81
CA GLU VA 31 47.80 -4.06 0.90
C GLU VA 31 49.27 -3.72 1.01
N VAL VA 32 50.09 -4.75 1.22
CA VAL VA 32 51.53 -4.59 1.40
C VAL VA 32 52.15 -4.26 0.06
N LEU VA 33 52.89 -3.15 0.01
CA LEU VA 33 53.55 -2.71 -1.21
C LEU VA 33 54.64 -3.69 -1.61
N SER VA 34 54.94 -3.75 -2.90
CA SER VA 34 55.97 -4.67 -3.37
C SER VA 34 57.37 -4.16 -3.08
N TRP VA 35 57.49 -2.88 -2.74
CA TRP VA 35 58.79 -2.37 -2.31
C TRP VA 35 59.12 -2.85 -0.91
N SER VA 36 58.11 -3.03 -0.07
CA SER VA 36 58.33 -3.44 1.32
C SER VA 36 58.77 -4.90 1.39
N SER VA 37 58.30 -5.72 0.46
CA SER VA 37 58.65 -7.14 0.49
C SER VA 37 60.09 -7.36 0.06
N ARG VA 38 60.58 -6.54 -0.87
CA ARG VA 38 61.98 -6.62 -1.25
C ARG VA 38 62.88 -5.98 -0.20
N TRP VA 39 62.30 -5.16 0.67
CA TRP VA 39 63.08 -4.53 1.72
C TRP VA 39 63.41 -5.54 2.82
N GLU VA 40 62.38 -6.20 3.36
CA GLU VA 40 62.61 -7.09 4.51
C GLU VA 40 63.30 -8.38 4.10
N SER VA 41 63.24 -8.74 2.82
CA SER VA 41 64.00 -9.89 2.37
C SER VA 41 65.49 -9.58 2.33
N ALA VA 42 65.85 -8.31 2.13
CA ALA VA 42 67.25 -7.95 2.00
C ALA VA 42 67.83 -7.35 3.27
N TRP VA 43 67.02 -6.71 4.09
CA TRP VA 43 67.52 -6.05 5.27
C TRP VA 43 67.70 -6.99 6.46
N SER VA 44 67.03 -8.15 6.47
CA SER VA 44 66.92 -8.95 7.68
C SER VA 44 68.24 -9.56 8.12
N LYS VA 45 69.20 -9.68 7.21
CA LYS VA 45 70.52 -10.16 7.60
C LYS VA 45 71.30 -9.06 8.32
N PHE VA 46 70.94 -7.80 8.09
CA PHE VA 46 71.60 -6.71 8.78
C PHE VA 46 70.93 -6.42 10.11
N GLY VA 47 69.69 -6.86 10.27
CA GLY VA 47 68.97 -6.55 11.49
C GLY VA 47 69.40 -7.43 12.64
N GLU VA 48 69.62 -8.71 12.35
CA GLU VA 48 69.94 -9.66 13.42
C GLU VA 48 71.42 -9.68 13.72
N ALA VA 49 72.25 -9.21 12.78
CA ALA VA 49 73.69 -9.18 13.03
C ALA VA 49 74.08 -8.03 13.94
N VAL VA 50 73.34 -6.92 13.88
CA VAL VA 50 73.58 -5.80 14.78
C VAL VA 50 73.15 -6.17 16.19
N LYS VA 51 72.16 -7.06 16.31
CA LYS VA 51 71.71 -7.51 17.62
C LYS VA 51 72.73 -8.41 18.30
N ALA VA 52 73.70 -8.93 17.56
CA ALA VA 52 74.76 -9.76 18.12
C ALA VA 52 75.84 -8.96 18.82
N LEU VA 53 75.75 -7.64 18.84
CA LEU VA 53 76.69 -6.79 19.56
C LEU VA 53 76.14 -6.34 20.91
N GLY VA 54 75.39 -7.21 21.58
CA GLY VA 54 74.80 -6.82 22.85
C GLY VA 54 75.81 -6.83 23.99
N LYS VA 55 76.90 -7.58 23.83
CA LYS VA 55 77.88 -7.74 24.89
C LYS VA 55 79.06 -6.78 24.77
N ILE VA 56 79.01 -5.82 23.85
CA ILE VA 56 79.97 -4.73 23.85
C ILE VA 56 79.40 -3.62 24.73
N GLU VA 57 80.17 -3.19 25.72
CA GLU VA 57 79.67 -2.29 26.73
C GLU VA 57 80.48 -1.01 26.79
N GLY VA 58 79.80 0.08 27.14
CA GLY VA 58 80.48 1.33 27.42
C GLY VA 58 79.99 2.54 26.66
N ALA VA 59 80.85 3.06 25.81
CA ALA VA 59 80.80 4.37 25.18
C ALA VA 59 79.76 4.44 24.08
N PRO VA 60 79.64 5.56 23.33
CA PRO VA 60 79.02 5.48 22.01
C PRO VA 60 79.58 4.38 21.14
N ARG VA 61 78.77 3.36 20.88
CA ARG VA 61 79.18 2.19 20.11
C ARG VA 61 78.69 2.27 18.67
N ALA VA 62 78.46 3.48 18.16
CA ALA VA 62 77.92 3.62 16.82
C ALA VA 62 78.97 3.31 15.76
N LEU VA 63 80.24 3.57 16.05
CA LEU VA 63 81.30 3.28 15.08
C LEU VA 63 81.56 1.79 15.00
N VAL VA 64 81.37 1.08 16.11
CA VAL VA 64 81.51 -0.37 16.09
C VAL VA 64 80.35 -0.99 15.32
N ILE VA 65 79.18 -0.37 15.40
CA ILE VA 65 77.99 -0.88 14.72
C ILE VA 65 78.07 -0.60 13.23
N ALA VA 66 78.47 0.62 12.87
CA ALA VA 66 78.39 1.05 11.47
C ALA VA 66 79.44 0.38 10.62
N LYS VA 67 80.62 0.10 11.19
CA LYS VA 67 81.67 -0.54 10.41
C LYS VA 67 81.41 -2.03 10.27
N VAL VA 68 80.61 -2.62 11.15
CA VAL VA 68 80.21 -4.01 10.97
C VAL VA 68 79.23 -4.12 9.81
N GLN VA 69 78.27 -3.19 9.72
CA GLN VA 69 77.31 -3.19 8.62
C GLN VA 69 77.98 -2.90 7.29
N GLU VA 70 79.05 -2.10 7.30
CA GLU VA 70 79.80 -1.85 6.08
C GLU VA 70 80.54 -3.11 5.63
N ALA VA 71 80.96 -3.94 6.59
CA ALA VA 71 81.65 -5.17 6.25
C ALA VA 71 80.68 -6.23 5.73
N LEU VA 72 79.44 -6.22 6.23
CA LEU VA 72 78.43 -7.15 5.73
C LEU VA 72 77.97 -6.78 4.34
N ALA VA 73 78.05 -5.48 4.00
CA ALA VA 73 77.60 -5.03 2.70
C ALA VA 73 78.54 -5.51 1.59
N TYR VA 74 79.80 -5.75 1.93
CA TYR VA 74 80.74 -6.24 0.93
C TYR VA 74 80.64 -7.74 0.75
N MET VA 75 80.36 -8.47 1.82
CA MET VA 75 80.22 -9.91 1.71
C MET VA 75 78.93 -10.31 1.02
N SER VA 76 77.95 -9.41 0.99
CA SER VA 76 76.63 -9.73 0.47
C SER VA 76 76.43 -9.28 -0.98
N LYS VA 77 77.49 -8.83 -1.65
CA LYS VA 77 77.39 -8.45 -3.04
C LYS VA 77 77.23 -9.68 -3.92
N PRO VA 78 76.79 -9.52 -5.17
CA PRO VA 78 76.82 -10.65 -6.10
C PRO VA 78 78.22 -11.16 -6.38
N LEU VA 79 79.23 -10.31 -6.30
CA LEU VA 79 80.64 -10.70 -6.38
C LEU VA 79 81.29 -10.22 -5.08
N PRO VA 80 81.49 -11.12 -4.11
CA PRO VA 80 81.98 -10.69 -2.80
C PRO VA 80 83.45 -10.32 -2.85
N ASN VA 81 83.79 -9.28 -2.11
CA ASN VA 81 85.17 -8.82 -2.00
C ASN VA 81 85.58 -8.94 -0.55
N MET VA 82 86.26 -10.03 -0.20
CA MET VA 82 86.69 -10.25 1.17
C MET VA 82 87.86 -9.36 1.56
N LYS VA 83 88.58 -8.78 0.59
CA LYS VA 83 89.66 -7.88 0.92
C LYS VA 83 89.12 -6.55 1.43
N LEU VA 84 88.15 -5.97 0.72
CA LEU VA 84 87.57 -4.71 1.16
C LEU VA 84 86.63 -4.90 2.34
N ALA VA 85 86.09 -6.11 2.51
CA ALA VA 85 85.27 -6.38 3.68
C ALA VA 85 86.12 -6.42 4.94
N MET VA 86 87.34 -6.93 4.83
CA MET VA 86 88.23 -6.98 5.98
C MET VA 86 88.84 -5.63 6.28
N ALA VA 87 88.75 -4.70 5.33
CA ALA VA 87 89.19 -3.34 5.58
C ALA VA 87 88.29 -2.66 6.61
N ALA VA 88 86.98 -2.83 6.47
CA ALA VA 88 86.05 -2.20 7.39
C ALA VA 88 85.94 -2.97 8.69
N ALA VA 89 86.34 -4.25 8.68
CA ALA VA 89 86.23 -5.06 9.88
C ALA VA 89 87.31 -4.67 10.89
N VAL VA 90 88.55 -4.45 10.44
CA VAL VA 90 89.61 -4.10 11.36
C VAL VA 90 89.49 -2.66 11.83
N GLN VA 91 88.65 -1.87 11.17
CA GLN VA 91 88.35 -0.53 11.68
C GLN VA 91 87.48 -0.62 12.92
N ALA VA 92 86.51 -1.53 12.92
CA ALA VA 92 85.61 -1.67 14.06
C ALA VA 92 86.30 -2.29 15.25
N VAL VA 93 87.32 -3.12 15.00
CA VAL VA 93 88.08 -3.73 16.09
C VAL VA 93 88.88 -2.68 16.83
N ARG VA 94 89.45 -1.72 16.10
CA ARG VA 94 90.19 -0.64 16.74
C ARG VA 94 89.26 0.31 17.47
N ALA VA 95 88.06 0.54 16.93
CA ALA VA 95 87.10 1.42 17.61
C ALA VA 95 86.53 0.76 18.85
N CYS VA 96 86.47 -0.56 18.87
CA CYS VA 96 86.01 -1.29 20.05
C CYS VA 96 87.06 -1.29 21.14
N GLU VA 97 88.32 -1.07 20.79
CA GLU VA 97 89.43 -1.30 21.71
C GLU VA 97 89.47 -0.27 22.83
N GLN VA 98 89.18 0.99 22.53
CA GLN VA 98 89.37 2.05 23.50
C GLN VA 98 88.27 2.11 24.55
N LEU VA 99 87.20 1.34 24.38
CA LEU VA 99 86.09 1.40 25.32
C LEU VA 99 86.50 0.80 26.65
N PRO VA 100 85.98 1.31 27.76
CA PRO VA 100 86.30 0.74 29.06
C PRO VA 100 85.72 -0.66 29.22
N GLY VA 101 86.57 -1.58 29.67
CA GLY VA 101 86.17 -2.96 29.85
C GLY VA 101 86.36 -3.84 28.62
N MET VA 102 86.67 -3.25 27.47
CA MET VA 102 86.83 -4.04 26.25
C MET VA 102 88.31 -4.31 25.99
N ASN VA 103 88.64 -5.58 25.84
CA ASN VA 103 89.96 -6.04 25.48
C ASN VA 103 89.96 -6.35 23.99
N ARG VA 104 91.15 -6.37 23.38
CA ARG VA 104 91.28 -6.67 21.96
C ARG VA 104 90.83 -8.09 21.65
N GLU VA 105 91.02 -9.02 22.59
CA GLU VA 105 90.54 -10.37 22.37
C GLU VA 105 89.03 -10.45 22.47
N ARG VA 106 88.42 -9.63 23.34
CA ARG VA 106 86.97 -9.62 23.44
C ARG VA 106 86.34 -8.88 22.26
N CYS VA 107 87.10 -7.97 21.64
CA CYS VA 107 86.57 -7.28 20.47
C CYS VA 107 86.69 -8.14 19.22
N LEU VA 108 87.65 -9.05 19.19
CA LEU VA 108 87.76 -9.97 18.06
C LEU VA 108 86.72 -11.06 18.12
N ASP VA 109 86.13 -11.29 19.29
CA ASP VA 109 85.04 -12.26 19.40
C ASP VA 109 83.72 -11.66 18.90
N ALA VA 110 83.43 -10.43 19.31
CA ALA VA 110 82.11 -9.87 19.06
C ALA VA 110 81.96 -9.44 17.61
N VAL VA 111 83.05 -9.00 16.98
CA VAL VA 111 82.97 -8.60 15.59
C VAL VA 111 82.92 -9.82 14.68
N ALA VA 112 83.79 -10.81 14.92
CA ALA VA 112 83.79 -12.00 14.09
C ALA VA 112 82.57 -12.87 14.32
N GLY VA 113 81.97 -12.78 15.51
CA GLY VA 113 80.70 -13.45 15.73
C GLY VA 113 79.56 -12.77 14.99
N ALA VA 114 79.65 -11.45 14.82
CA ALA VA 114 78.63 -10.72 14.10
C ALA VA 114 78.71 -10.98 12.60
N LEU VA 115 79.92 -10.93 12.04
CA LEU VA 115 80.10 -11.23 10.63
C LEU VA 115 79.97 -12.71 10.34
N GLY VA 116 80.14 -13.58 11.34
CA GLY VA 116 80.10 -15.00 11.11
C GLY VA 116 81.29 -15.54 10.36
N VAL VA 117 82.46 -14.93 10.54
CA VAL VA 117 83.67 -15.37 9.86
C VAL VA 117 84.65 -15.92 10.88
N ALA VA 118 85.77 -16.44 10.39
CA ALA VA 118 86.83 -16.92 11.28
C ALA VA 118 87.54 -15.75 11.94
N LYS VA 119 88.14 -16.02 13.10
CA LYS VA 119 88.77 -14.96 13.87
C LYS VA 119 90.11 -14.54 13.27
N ASP VA 120 90.82 -15.47 12.65
CA ASP VA 120 92.15 -15.16 12.14
C ASP VA 120 92.15 -14.28 10.89
N TRP VA 121 91.00 -14.16 10.22
CA TRP VA 121 90.92 -13.25 9.08
C TRP VA 121 91.02 -11.80 9.51
N ILE VA 122 90.39 -11.44 10.62
CA ILE VA 122 90.49 -10.09 11.13
C ILE VA 122 91.81 -9.88 11.87
N ARG VA 123 92.40 -10.94 12.42
CA ARG VA 123 93.67 -10.80 13.11
C ARG VA 123 94.83 -10.61 12.13
N ARG VA 124 94.73 -11.18 10.93
CA ARG VA 124 95.81 -11.09 9.96
C ARG VA 124 95.96 -9.68 9.43
N GLU VA 125 94.84 -8.97 9.25
CA GLU VA 125 94.91 -7.64 8.67
C GLU VA 125 95.25 -6.58 9.72
N MET VA 126 95.14 -6.93 11.00
CA MET VA 126 95.32 -5.93 12.06
C MET VA 126 96.77 -5.52 12.19
N THR VA 127 97.69 -6.45 11.92
CA THR VA 127 99.16 -6.32 12.08
C THR VA 127 99.58 -5.74 13.42
#